data_2XQ1
#
_entry.id   2XQ1
#
_cell.length_a   132.520
_cell.length_b   196.680
_cell.length_c   170.850
_cell.angle_alpha   90.00
_cell.angle_beta   92.85
_cell.angle_gamma   90.00
#
_symmetry.space_group_name_H-M   'P 1 21 1'
#
loop_
_entity.id
_entity.type
_entity.pdbx_description
1 polymer 'PEROXISOMAL CATALASE'
2 non-polymer 'PROTOPORPHYRIN IX CONTAINING FE'
3 water water
#
_entity_poly.entity_id   1
_entity_poly.type   'polypeptide(L)'
_entity_poly.pdbx_seq_one_letter_code
;GAMANPPVFTTSQGCPVSDPFTTQRIPLDSTGYKYAPPIGPLLLQDFKLIDTLSHFDRERIPERVVHAKGAGAYGVFEVT
DDITDVCSAKFLDTVGKKTRIFTRFSTVGGEKGSADTARDPRGFATKFYTEDGNLDLVYNNTPIFFIRDPIKFPHFIHTQ
KRNPATNLKDPNMFWDYLTANDESLHQVMYLFSNRGTPASYRTMNGYSGHTYKWYNSKGEWVYVQVHFIANQGVHNLLDE
EAGRLAGEDPDHSTRDLWEAIEKGDYPSWECYIQTMTLEQSKKLPFSVFDLTKVWPHKDFPLRHFGRFTLNENPKNYYAE
TEQIAFSPSHTVPGMEPSNDPVLQSRLFSYPDTHRHRLGPNYHQIPVNCPLKSGSFNPINRDGPMCVDGNLGGTPNYANA
YNCPIQYAVSPKASGNKPDEKYTGEVVPYHWEHTDYDYFQPKMFWKVLGRTPGEQESLVKNVANHVSAADEFIQDRVYEY
FSKAEPIIGDLIRKKVQELKRKASSPSKI
;
_entity_poly.pdbx_strand_id   A,B,C,D,E,F,G,H,I,J,K,L,M,N,O,P
#
loop_
_chem_comp.id
_chem_comp.type
_chem_comp.name
_chem_comp.formula
HEM non-polymer 'PROTOPORPHYRIN IX CONTAINING FE' 'C34 H32 Fe N4 O4'
#
# COMPACT_ATOMS: atom_id res chain seq x y z
N PRO A 6 -39.00 -4.89 -17.70
CA PRO A 6 -38.86 -4.69 -16.25
C PRO A 6 -38.12 -3.36 -15.89
N PRO A 7 -38.38 -2.83 -14.66
CA PRO A 7 -37.72 -1.61 -14.13
C PRO A 7 -36.84 -1.95 -12.93
N VAL A 8 -35.90 -1.08 -12.58
CA VAL A 8 -34.98 -1.40 -11.47
C VAL A 8 -35.48 -0.76 -10.18
N PHE A 9 -35.81 -1.58 -9.18
CA PHE A 9 -36.27 -1.08 -7.88
C PHE A 9 -35.14 -0.31 -7.18
N THR A 10 -35.43 0.92 -6.73
CA THR A 10 -34.40 1.84 -6.19
C THR A 10 -34.89 2.63 -4.97
N THR A 11 -33.98 3.32 -4.27
CA THR A 11 -34.30 4.33 -3.22
C THR A 11 -34.81 5.59 -3.93
N SER A 12 -35.16 6.61 -3.17
CA SER A 12 -35.61 7.90 -3.75
C SER A 12 -34.53 8.58 -4.55
N GLN A 13 -33.27 8.20 -4.28
CA GLN A 13 -32.10 8.79 -4.92
C GLN A 13 -31.56 7.94 -6.06
N GLY A 14 -32.26 6.83 -6.34
CA GLY A 14 -32.00 6.01 -7.51
C GLY A 14 -31.02 4.89 -7.30
N CYS A 15 -30.64 4.67 -6.05
CA CYS A 15 -29.68 3.63 -5.71
C CYS A 15 -30.46 2.34 -5.75
N PRO A 16 -29.93 1.33 -6.45
CA PRO A 16 -30.54 0.01 -6.54
C PRO A 16 -30.64 -0.65 -5.16
N VAL A 17 -31.69 -1.44 -5.00
CA VAL A 17 -32.02 -2.10 -3.77
C VAL A 17 -32.12 -3.58 -4.09
N SER A 18 -31.41 -4.44 -3.35
CA SER A 18 -31.43 -5.90 -3.65
C SER A 18 -32.67 -6.62 -3.11
N ASP A 19 -33.11 -6.23 -1.92
CA ASP A 19 -34.17 -6.93 -1.22
C ASP A 19 -35.01 -5.88 -0.56
N PRO A 20 -36.32 -5.84 -0.90
CA PRO A 20 -37.23 -4.83 -0.38
C PRO A 20 -37.55 -4.96 1.11
N PHE A 21 -37.21 -6.11 1.73
CA PHE A 21 -37.72 -6.44 3.06
C PHE A 21 -36.72 -6.59 4.18
N THR A 22 -35.43 -6.52 3.86
CA THR A 22 -34.43 -6.76 4.89
C THR A 22 -34.20 -5.49 5.66
N THR A 23 -33.70 -5.62 6.89
CA THR A 23 -33.16 -4.47 7.62
C THR A 23 -31.89 -4.86 8.35
N GLN A 24 -30.96 -3.92 8.50
CA GLN A 24 -29.69 -4.17 9.21
C GLN A 24 -29.78 -4.30 10.73
N ARG A 25 -29.12 -5.30 11.28
CA ARG A 25 -28.93 -5.40 12.72
C ARG A 25 -27.62 -6.09 13.06
N ILE A 26 -27.10 -5.82 14.26
CA ILE A 26 -26.04 -6.63 14.85
C ILE A 26 -26.71 -7.63 15.78
N PRO A 27 -26.54 -8.95 15.54
CA PRO A 27 -27.31 -9.94 16.28
C PRO A 27 -26.83 -10.20 17.70
N LEU A 28 -27.77 -10.57 18.56
CA LEU A 28 -27.46 -11.02 19.89
C LEU A 28 -26.71 -12.35 19.83
N ASP A 29 -25.84 -12.58 20.82
CA ASP A 29 -25.16 -13.85 20.99
C ASP A 29 -26.20 -14.96 21.08
N SER A 30 -26.06 -15.96 20.21
CA SER A 30 -27.00 -17.08 20.10
C SER A 30 -26.70 -18.32 20.96
N THR A 31 -25.64 -18.28 21.77
CA THR A 31 -25.33 -19.40 22.66
C THR A 31 -26.37 -19.51 23.78
N GLY A 32 -27.04 -20.66 23.82
CA GLY A 32 -28.03 -20.90 24.86
C GLY A 32 -29.43 -21.02 24.31
N TYR A 33 -29.71 -20.39 23.18
CA TYR A 33 -31.07 -20.35 22.63
C TYR A 33 -31.50 -21.63 21.91
N LYS A 34 -32.69 -22.13 22.23
CA LYS A 34 -33.29 -23.22 21.46
C LYS A 34 -33.62 -22.70 20.08
N TYR A 35 -34.01 -21.43 20.03
CA TYR A 35 -34.35 -20.73 18.80
C TYR A 35 -33.57 -19.41 18.74
N ALA A 36 -32.76 -19.24 17.69
CA ALA A 36 -31.85 -18.10 17.60
C ALA A 36 -31.81 -17.45 16.22
N PRO A 37 -32.87 -16.71 15.87
CA PRO A 37 -32.77 -15.86 14.69
C PRO A 37 -31.89 -14.66 15.00
N PRO A 38 -31.23 -14.10 13.97
CA PRO A 38 -30.36 -12.95 14.23
C PRO A 38 -31.14 -11.65 14.51
N ILE A 39 -31.30 -11.31 15.78
CA ILE A 39 -32.04 -10.12 16.18
C ILE A 39 -31.19 -9.16 17.02
N GLY A 40 -31.38 -7.87 16.78
CA GLY A 40 -30.72 -6.84 17.55
C GLY A 40 -31.31 -5.49 17.22
N PRO A 41 -30.77 -4.42 17.80
CA PRO A 41 -31.26 -3.11 17.56
C PRO A 41 -31.05 -2.70 16.12
N LEU A 42 -31.97 -1.91 15.61
CA LEU A 42 -31.89 -1.32 14.29
C LEU A 42 -30.90 -0.13 14.21
N LEU A 43 -30.32 0.07 13.03
CA LEU A 43 -29.23 1.03 12.89
C LEU A 43 -29.63 2.31 12.20
N LEU A 44 -29.06 3.43 12.64
CA LEU A 44 -29.24 4.70 11.97
C LEU A 44 -28.75 4.71 10.53
N GLN A 45 -27.78 3.86 10.20
CA GLN A 45 -27.17 3.89 8.88
C GLN A 45 -28.01 3.16 7.86
N ASP A 46 -29.02 2.44 8.32
CA ASP A 46 -29.88 1.68 7.43
C ASP A 46 -30.73 2.63 6.59
N PHE A 47 -30.14 3.15 5.52
CA PHE A 47 -30.82 4.17 4.74
C PHE A 47 -32.13 3.72 4.14
N LYS A 48 -32.18 2.50 3.61
CA LYS A 48 -33.41 1.97 3.04
C LYS A 48 -34.59 1.98 4.01
N LEU A 49 -34.32 1.66 5.28
CA LEU A 49 -35.31 1.75 6.34
C LEU A 49 -35.77 3.21 6.55
N ILE A 50 -34.84 4.09 6.93
CA ILE A 50 -35.19 5.47 7.23
C ILE A 50 -35.88 6.15 6.06
N ASP A 51 -35.35 5.94 4.85
CA ASP A 51 -35.86 6.62 3.68
C ASP A 51 -37.27 6.18 3.41
N THR A 52 -37.57 4.89 3.58
CA THR A 52 -38.93 4.50 3.24
C THR A 52 -39.94 4.76 4.35
N LEU A 53 -39.54 4.59 5.62
CA LEU A 53 -40.41 4.96 6.75
C LEU A 53 -40.70 6.46 6.84
N SER A 54 -39.70 7.31 6.64
CA SER A 54 -39.90 8.73 6.85
C SER A 54 -40.71 9.28 5.70
N HIS A 55 -40.80 8.54 4.58
CA HIS A 55 -41.71 8.97 3.55
C HIS A 55 -43.12 8.57 3.90
N PHE A 56 -43.27 7.33 4.34
CA PHE A 56 -44.55 6.86 4.82
C PHE A 56 -45.16 7.78 5.88
N ASP A 57 -44.34 8.23 6.84
CA ASP A 57 -44.76 9.21 7.85
C ASP A 57 -45.34 10.49 7.27
N ARG A 58 -45.06 10.79 6.00
CA ARG A 58 -45.43 12.08 5.39
C ARG A 58 -46.37 11.96 4.20
N GLU A 59 -47.08 10.82 4.09
CA GLU A 59 -47.98 10.64 2.96
C GLU A 59 -49.17 11.56 2.95
N ARG A 60 -49.56 12.11 4.10
CA ARG A 60 -50.87 12.79 4.20
C ARG A 60 -50.76 14.29 4.11
N ILE A 61 -51.77 14.88 3.47
CA ILE A 61 -51.87 16.35 3.39
C ILE A 61 -53.26 16.73 3.87
N PRO A 62 -53.48 18.00 4.21
CA PRO A 62 -54.79 18.29 4.77
C PRO A 62 -55.88 18.08 3.74
N GLU A 63 -56.99 17.48 4.12
CA GLU A 63 -58.16 17.42 3.22
C GLU A 63 -58.73 18.84 3.09
N ARG A 64 -59.50 19.05 2.01
CA ARG A 64 -60.23 20.31 1.75
C ARG A 64 -61.19 20.62 2.92
N VAL A 65 -61.24 21.89 3.40
CA VAL A 65 -62.08 22.20 4.57
C VAL A 65 -63.49 21.69 4.35
N VAL A 66 -63.91 21.76 3.07
CA VAL A 66 -65.21 21.32 2.59
C VAL A 66 -65.02 20.58 1.27
N HIS A 67 -66.01 19.78 0.89
CA HIS A 67 -65.94 18.97 -0.31
C HIS A 67 -64.72 18.08 -0.29
N ALA A 68 -64.39 17.54 0.85
CA ALA A 68 -63.22 16.69 0.95
C ALA A 68 -63.35 15.38 0.15
N LYS A 69 -64.56 14.82 0.09
CA LYS A 69 -64.77 13.47 -0.43
C LYS A 69 -65.22 13.63 -1.86
N GLY A 70 -64.47 13.00 -2.78
CA GLY A 70 -64.60 13.38 -4.20
C GLY A 70 -64.09 12.33 -5.15
N ALA A 71 -64.39 12.53 -6.44
CA ALA A 71 -63.91 11.68 -7.55
C ALA A 71 -63.92 12.47 -8.83
N GLY A 72 -63.00 12.15 -9.72
CA GLY A 72 -62.81 13.01 -10.87
C GLY A 72 -62.42 12.26 -12.10
N ALA A 73 -62.47 12.96 -13.22
CA ALA A 73 -62.05 12.38 -14.52
C ALA A 73 -61.77 13.45 -15.51
N TYR A 74 -61.02 13.06 -16.52
CA TYR A 74 -60.70 13.93 -17.61
C TYR A 74 -61.79 13.76 -18.68
N GLY A 75 -61.91 14.78 -19.53
CA GLY A 75 -62.91 14.79 -20.62
C GLY A 75 -62.61 15.78 -21.73
N VAL A 76 -63.62 16.00 -22.56
CA VAL A 76 -63.50 16.94 -23.70
C VAL A 76 -64.71 17.83 -23.74
N PHE A 77 -64.50 19.13 -23.81
CA PHE A 77 -65.61 20.01 -24.04
C PHE A 77 -65.59 20.42 -25.50
N GLU A 78 -66.77 20.49 -26.11
CA GLU A 78 -66.93 20.89 -27.52
C GLU A 78 -67.89 22.05 -27.68
N VAL A 79 -67.49 23.10 -28.39
CA VAL A 79 -68.40 24.20 -28.74
C VAL A 79 -69.38 23.72 -29.81
N THR A 80 -70.67 23.94 -29.61
CA THR A 80 -71.62 23.42 -30.58
C THR A 80 -72.48 24.47 -31.27
N ASP A 81 -72.49 25.68 -30.72
CA ASP A 81 -73.25 26.80 -31.28
C ASP A 81 -72.41 28.07 -31.20
N ASP A 82 -72.62 29.00 -32.12
CA ASP A 82 -71.90 30.27 -32.07
C ASP A 82 -72.51 31.18 -31.00
N ILE A 83 -71.73 31.46 -29.95
CA ILE A 83 -72.17 32.44 -28.95
C ILE A 83 -71.25 33.66 -28.80
N THR A 84 -70.47 33.91 -29.85
CA THR A 84 -69.51 34.98 -29.84
C THR A 84 -70.15 36.35 -29.74
N ASP A 85 -71.48 36.41 -29.86
CA ASP A 85 -72.22 37.68 -29.73
C ASP A 85 -72.41 38.00 -28.26
N VAL A 86 -72.25 36.95 -27.46
CA VAL A 86 -72.39 37.03 -26.02
C VAL A 86 -71.00 37.04 -25.35
N CYS A 87 -70.09 36.17 -25.82
CA CYS A 87 -68.83 35.88 -25.12
C CYS A 87 -67.55 35.70 -25.97
N SER A 88 -66.53 36.51 -25.69
CA SER A 88 -65.34 36.57 -26.51
C SER A 88 -64.27 35.55 -26.17
N ALA A 89 -64.58 34.57 -25.33
CA ALA A 89 -63.58 33.61 -24.86
C ALA A 89 -63.06 32.75 -25.98
N LYS A 90 -61.74 32.78 -26.13
CA LYS A 90 -61.05 31.94 -27.08
C LYS A 90 -61.54 30.51 -27.14
N PHE A 91 -61.85 29.87 -26.02
CA PHE A 91 -62.18 28.45 -26.12
C PHE A 91 -63.57 28.26 -26.68
N LEU A 92 -64.28 29.39 -26.84
CA LEU A 92 -65.60 29.40 -27.50
C LEU A 92 -65.56 30.07 -28.90
N ASP A 93 -64.36 30.48 -29.32
CA ASP A 93 -64.01 31.02 -30.65
C ASP A 93 -64.78 30.65 -31.91
N THR A 94 -64.76 29.35 -32.21
CA THR A 94 -65.28 28.81 -33.45
C THR A 94 -65.97 27.50 -33.13
N VAL A 95 -67.09 27.20 -33.80
CA VAL A 95 -67.86 26.00 -33.52
C VAL A 95 -67.01 24.74 -33.75
N GLY A 96 -67.21 23.72 -32.92
CA GLY A 96 -66.49 22.45 -33.06
C GLY A 96 -65.14 22.39 -32.35
N LYS A 97 -64.69 23.53 -31.78
CA LYS A 97 -63.45 23.60 -31.00
C LYS A 97 -63.49 22.75 -29.72
N LYS A 98 -62.45 21.95 -29.53
CA LYS A 98 -62.42 21.02 -28.43
C LYS A 98 -61.37 21.45 -27.41
N THR A 99 -61.74 21.32 -26.13
CA THR A 99 -60.92 21.75 -25.00
C THR A 99 -60.90 20.63 -24.01
N ARG A 100 -59.69 20.28 -23.53
CA ARG A 100 -59.51 19.24 -22.51
C ARG A 100 -59.99 19.75 -21.16
N ILE A 101 -60.69 18.89 -20.41
CA ILE A 101 -61.21 19.29 -19.10
C ILE A 101 -60.96 18.25 -18.01
N PHE A 102 -60.97 18.70 -16.77
CA PHE A 102 -61.00 17.78 -15.64
C PHE A 102 -62.11 18.20 -14.69
N THR A 103 -62.94 17.23 -14.31
CA THR A 103 -64.09 17.48 -13.46
C THR A 103 -63.98 16.65 -12.20
N ARG A 104 -64.16 17.34 -11.08
CA ARG A 104 -64.21 16.67 -9.79
C ARG A 104 -65.55 16.84 -9.14
N PHE A 105 -66.17 15.71 -8.85
CA PHE A 105 -67.42 15.68 -8.13
C PHE A 105 -67.17 15.40 -6.67
N SER A 106 -68.03 15.93 -5.81
CA SER A 106 -67.81 15.88 -4.35
C SER A 106 -69.15 16.04 -3.64
N THR A 107 -69.21 15.60 -2.37
CA THR A 107 -70.27 15.97 -1.40
C THR A 107 -69.72 17.17 -0.63
N VAL A 108 -70.44 17.72 0.35
CA VAL A 108 -69.93 18.96 0.97
C VAL A 108 -69.28 18.79 2.34
N GLY A 109 -70.04 18.35 3.34
CA GLY A 109 -69.57 18.37 4.73
C GLY A 109 -68.82 17.13 5.16
N GLY A 110 -69.13 16.00 4.54
CA GLY A 110 -68.45 14.74 4.84
C GLY A 110 -66.96 14.84 4.68
N GLU A 111 -66.24 14.26 5.62
CA GLU A 111 -64.79 14.19 5.54
C GLU A 111 -64.38 13.07 4.59
N LYS A 112 -63.10 12.80 4.57
CA LYS A 112 -62.49 11.91 3.58
C LYS A 112 -62.97 10.44 3.54
N GLY A 113 -63.25 9.85 4.70
CA GLY A 113 -63.68 8.45 4.72
C GLY A 113 -65.20 8.27 4.71
N SER A 114 -65.92 9.37 4.57
CA SER A 114 -67.36 9.40 4.67
C SER A 114 -68.02 8.83 3.43
N ALA A 115 -69.35 8.73 3.46
CA ALA A 115 -70.12 8.07 2.42
C ALA A 115 -70.48 8.98 1.27
N ASP A 116 -70.36 8.40 0.08
CA ASP A 116 -70.76 9.03 -1.17
C ASP A 116 -72.26 9.34 -1.25
N THR A 117 -73.09 8.61 -0.51
CA THR A 117 -74.54 8.81 -0.62
C THR A 117 -75.15 9.58 0.56
N ALA A 118 -74.30 10.29 1.31
CA ALA A 118 -74.76 11.10 2.43
C ALA A 118 -75.57 12.22 1.87
N ARG A 119 -76.56 12.67 2.64
CA ARG A 119 -77.38 13.80 2.26
C ARG A 119 -76.52 15.09 2.25
N ASP A 120 -76.41 15.71 1.08
CA ASP A 120 -75.62 16.93 0.94
C ASP A 120 -75.85 17.49 -0.46
N PRO A 121 -75.49 18.78 -0.70
CA PRO A 121 -75.37 19.23 -2.08
C PRO A 121 -74.25 18.43 -2.75
N ARG A 122 -74.07 18.54 -4.05
CA ARG A 122 -72.93 17.90 -4.69
C ARG A 122 -72.13 18.91 -5.49
N GLY A 123 -70.81 18.87 -5.34
CA GLY A 123 -69.94 19.85 -5.98
C GLY A 123 -69.62 19.35 -7.38
N PHE A 124 -69.50 20.27 -8.34
CA PHE A 124 -69.35 19.87 -9.73
C PHE A 124 -68.36 20.87 -10.31
N ALA A 125 -67.06 20.57 -10.15
CA ALA A 125 -66.03 21.51 -10.55
C ALA A 125 -65.33 21.04 -11.81
N THR A 126 -65.11 21.98 -12.75
CA THR A 126 -64.50 21.60 -13.99
C THR A 126 -63.42 22.57 -14.32
N LYS A 127 -62.23 22.06 -14.66
CA LYS A 127 -61.14 22.87 -15.10
C LYS A 127 -61.01 22.80 -16.62
N PHE A 128 -60.95 23.94 -17.27
CA PHE A 128 -60.76 23.98 -18.71
C PHE A 128 -59.37 24.55 -19.05
N TYR A 129 -58.56 23.76 -19.73
CA TYR A 129 -57.28 24.19 -20.18
C TYR A 129 -57.38 24.89 -21.52
N THR A 130 -57.54 26.21 -21.49
CA THR A 130 -57.74 26.97 -22.71
C THR A 130 -56.46 27.65 -23.15
N GLU A 131 -56.51 28.22 -24.36
CA GLU A 131 -55.36 28.90 -24.94
C GLU A 131 -55.12 30.16 -24.18
N ASP A 132 -56.12 30.61 -23.41
CA ASP A 132 -55.99 31.86 -22.67
C ASP A 132 -55.87 31.63 -21.17
N GLY A 133 -55.53 30.41 -20.79
CA GLY A 133 -55.28 30.12 -19.39
C GLY A 133 -56.22 29.03 -18.92
N ASN A 134 -56.12 28.65 -17.65
CA ASN A 134 -57.06 27.70 -17.11
C ASN A 134 -58.28 28.43 -16.60
N LEU A 135 -59.45 27.87 -16.93
CA LEU A 135 -60.74 28.39 -16.49
C LEU A 135 -61.35 27.41 -15.54
N ASP A 136 -61.68 27.87 -14.34
CA ASP A 136 -62.34 27.00 -13.38
C ASP A 136 -63.79 27.36 -13.31
N LEU A 137 -64.62 26.38 -13.60
CA LEU A 137 -66.05 26.53 -13.38
C LEU A 137 -66.41 25.67 -12.16
N VAL A 138 -66.52 26.36 -11.02
CA VAL A 138 -66.71 25.66 -9.76
C VAL A 138 -68.19 25.73 -9.40
N TYR A 139 -68.90 24.68 -9.80
CA TYR A 139 -70.33 24.67 -9.71
C TYR A 139 -70.85 23.68 -8.67
N ASN A 140 -72.07 23.94 -8.22
CA ASN A 140 -72.84 22.98 -7.44
C ASN A 140 -73.92 22.26 -8.25
N ASN A 141 -74.50 21.20 -7.69
CA ASN A 141 -75.58 20.47 -8.37
C ASN A 141 -76.94 21.08 -8.16
N THR A 142 -76.96 22.30 -7.60
CA THR A 142 -78.17 23.09 -7.36
C THR A 142 -77.95 24.52 -7.85
N PRO A 143 -79.02 25.16 -8.34
CA PRO A 143 -78.91 26.53 -8.85
C PRO A 143 -78.85 27.58 -7.76
N ILE A 144 -78.93 27.13 -6.51
CA ILE A 144 -78.99 28.07 -5.40
C ILE A 144 -78.22 27.52 -4.21
N PHE A 145 -78.19 28.27 -3.11
CA PHE A 145 -77.39 27.87 -1.95
C PHE A 145 -77.97 28.38 -0.64
N PHE A 146 -77.46 27.87 0.47
CA PHE A 146 -77.94 28.23 1.78
C PHE A 146 -77.66 29.67 2.19
N ILE A 147 -76.74 30.39 1.51
CA ILE A 147 -76.38 31.73 1.99
C ILE A 147 -76.22 32.82 0.94
N ARG A 148 -76.26 34.08 1.37
CA ARG A 148 -76.07 35.18 0.42
C ARG A 148 -75.21 36.28 1.03
N ASP A 149 -74.75 36.03 2.24
CA ASP A 149 -73.79 36.89 2.88
C ASP A 149 -72.53 36.08 3.07
N PRO A 150 -71.40 36.48 2.45
CA PRO A 150 -70.22 35.60 2.33
C PRO A 150 -69.68 35.12 3.68
N ILE A 151 -69.45 36.04 4.60
CA ILE A 151 -68.89 35.72 5.90
C ILE A 151 -69.71 34.74 6.72
N LYS A 152 -70.92 34.43 6.28
CA LYS A 152 -71.74 33.48 6.99
C LYS A 152 -71.26 32.05 6.73
N PHE A 153 -70.41 31.90 5.72
CA PHE A 153 -70.00 30.59 5.28
C PHE A 153 -69.35 29.70 6.37
N PRO A 154 -68.35 30.21 7.10
CA PRO A 154 -67.78 29.34 8.14
C PRO A 154 -68.80 29.00 9.24
N HIS A 155 -69.71 29.92 9.53
CA HIS A 155 -70.79 29.67 10.49
C HIS A 155 -71.64 28.52 9.99
N PHE A 156 -72.13 28.67 8.78
CA PHE A 156 -73.00 27.64 8.21
C PHE A 156 -72.30 26.26 8.18
N ILE A 157 -71.08 26.21 7.61
CA ILE A 157 -70.32 24.97 7.53
C ILE A 157 -69.97 24.40 8.93
N HIS A 158 -69.66 25.26 9.88
CA HIS A 158 -69.43 24.72 11.20
C HIS A 158 -70.60 23.86 11.67
N THR A 159 -71.81 24.43 11.60
CA THR A 159 -72.97 23.77 12.12
C THR A 159 -73.35 22.55 11.26
N GLN A 160 -72.84 22.50 10.03
CA GLN A 160 -73.07 21.33 9.19
C GLN A 160 -72.21 20.15 9.61
N LYS A 161 -71.16 20.42 10.40
CA LYS A 161 -70.15 19.40 10.71
C LYS A 161 -70.23 18.91 12.17
N ARG A 162 -69.12 18.98 12.92
CA ARG A 162 -69.05 18.31 14.22
C ARG A 162 -69.02 19.26 15.39
N ASN A 163 -69.56 18.82 16.52
CA ASN A 163 -69.52 19.58 17.76
C ASN A 163 -68.09 19.74 18.24
N PRO A 164 -67.70 20.95 18.66
CA PRO A 164 -66.34 21.21 19.13
C PRO A 164 -65.89 20.32 20.28
N ALA A 165 -66.84 19.88 21.12
CA ALA A 165 -66.48 18.96 22.20
C ALA A 165 -66.58 17.50 21.82
N THR A 166 -67.71 17.07 21.27
CA THR A 166 -67.97 15.65 21.13
C THR A 166 -67.36 15.04 19.90
N ASN A 167 -67.20 15.88 18.88
CA ASN A 167 -66.88 15.48 17.51
C ASN A 167 -68.00 14.74 16.82
N LEU A 168 -69.18 14.75 17.41
CA LEU A 168 -70.38 14.16 16.79
C LEU A 168 -71.17 15.19 15.99
N LYS A 169 -72.00 14.74 15.06
CA LYS A 169 -72.90 15.71 14.43
C LYS A 169 -73.95 16.11 15.47
N ASP A 170 -74.28 17.40 15.48
CA ASP A 170 -75.23 17.94 16.47
C ASP A 170 -76.47 18.49 15.75
N PRO A 171 -77.62 17.80 15.89
CA PRO A 171 -78.83 18.22 15.18
C PRO A 171 -79.27 19.59 15.67
N ASN A 172 -78.95 19.88 16.91
CA ASN A 172 -79.29 21.19 17.45
C ASN A 172 -78.59 22.30 16.66
N MET A 173 -77.27 22.30 16.64
CA MET A 173 -76.54 23.32 15.87
C MET A 173 -77.14 23.47 14.49
N PHE A 174 -77.28 22.32 13.81
CA PHE A 174 -77.70 22.19 12.43
C PHE A 174 -78.93 23.00 12.15
N TRP A 175 -79.98 22.79 12.95
CA TRP A 175 -81.25 23.46 12.79
C TRP A 175 -81.31 24.85 13.40
N ASP A 176 -80.54 25.06 14.46
CA ASP A 176 -80.41 26.37 15.12
C ASP A 176 -79.88 27.40 14.13
N TYR A 177 -78.89 27.01 13.32
CA TYR A 177 -78.33 27.94 12.36
C TYR A 177 -79.30 28.24 11.24
N LEU A 178 -79.80 27.18 10.62
CA LEU A 178 -80.71 27.31 9.50
C LEU A 178 -81.94 28.12 9.86
N THR A 179 -82.60 27.79 10.97
CA THR A 179 -83.83 28.50 11.37
C THR A 179 -83.60 29.96 11.79
N ALA A 180 -82.42 30.30 12.27
CA ALA A 180 -82.15 31.70 12.59
C ALA A 180 -81.86 32.50 11.34
N ASN A 181 -81.52 31.84 10.24
CA ASN A 181 -81.23 32.53 8.96
C ASN A 181 -82.13 32.07 7.80
N ASP A 182 -83.34 32.62 7.81
CA ASP A 182 -84.39 32.41 6.80
C ASP A 182 -83.96 32.04 5.39
N GLU A 183 -82.93 32.68 4.87
CA GLU A 183 -82.67 32.68 3.45
C GLU A 183 -82.23 31.31 3.02
N SER A 184 -81.92 30.50 4.02
CA SER A 184 -81.50 29.14 3.80
C SER A 184 -82.63 28.19 3.42
N LEU A 185 -83.87 28.67 3.61
CA LEU A 185 -85.06 27.84 3.43
C LEU A 185 -85.13 27.23 2.05
N HIS A 186 -84.99 28.07 1.04
CA HIS A 186 -84.98 27.59 -0.33
C HIS A 186 -84.06 26.37 -0.52
N GLN A 187 -82.76 26.56 -0.26
CA GLN A 187 -81.76 25.47 -0.43
C GLN A 187 -81.93 24.26 0.50
N VAL A 188 -82.53 24.49 1.67
CA VAL A 188 -82.79 23.41 2.61
C VAL A 188 -83.91 22.50 2.09
N MET A 189 -84.94 23.11 1.51
CA MET A 189 -85.97 22.29 0.90
C MET A 189 -85.39 21.42 -0.22
N TYR A 190 -84.53 21.98 -1.08
CA TYR A 190 -83.80 21.13 -2.02
C TYR A 190 -83.10 20.02 -1.24
N LEU A 191 -82.34 20.39 -0.21
CA LEU A 191 -81.56 19.44 0.59
C LEU A 191 -82.37 18.32 1.23
N PHE A 192 -83.63 18.59 1.55
CA PHE A 192 -84.41 17.52 2.17
C PHE A 192 -85.40 16.81 1.26
N SER A 193 -85.65 17.39 0.08
CA SER A 193 -86.33 16.71 -1.00
C SER A 193 -85.42 15.57 -1.35
N ASN A 194 -85.80 14.75 -2.32
CA ASN A 194 -84.91 13.63 -2.68
C ASN A 194 -83.67 14.05 -3.45
N ARG A 195 -83.66 15.29 -3.93
CA ARG A 195 -82.54 15.84 -4.68
C ARG A 195 -81.23 15.90 -3.88
N GLY A 196 -81.35 15.96 -2.56
CA GLY A 196 -80.19 15.89 -1.68
C GLY A 196 -79.47 14.55 -1.69
N THR A 197 -80.01 13.56 -2.40
CA THR A 197 -79.45 12.22 -2.41
C THR A 197 -79.33 11.66 -3.84
N PRO A 198 -78.45 12.22 -4.65
CA PRO A 198 -78.35 11.75 -6.02
C PRO A 198 -77.95 10.28 -6.14
N ALA A 199 -78.44 9.62 -7.17
CA ALA A 199 -78.05 8.24 -7.44
C ALA A 199 -76.54 8.14 -7.69
N SER A 200 -76.05 8.92 -8.64
CA SER A 200 -74.66 8.87 -9.03
C SER A 200 -74.33 10.24 -9.47
N TYR A 201 -73.05 10.49 -9.75
CA TYR A 201 -72.62 11.79 -10.27
C TYR A 201 -73.08 11.94 -11.71
N ARG A 202 -73.23 10.82 -12.38
CA ARG A 202 -73.56 10.80 -13.78
C ARG A 202 -74.95 11.38 -14.01
N THR A 203 -75.82 11.21 -13.02
CA THR A 203 -77.21 11.61 -13.13
C THR A 203 -77.57 12.89 -12.35
N MET A 204 -76.69 13.91 -12.39
CA MET A 204 -76.97 15.20 -11.74
C MET A 204 -76.62 16.37 -12.63
N ASN A 205 -77.27 17.50 -12.40
CA ASN A 205 -77.01 18.70 -13.21
C ASN A 205 -76.00 19.62 -12.56
N GLY A 206 -75.42 20.51 -13.34
CA GLY A 206 -74.48 21.49 -12.82
C GLY A 206 -75.07 22.87 -13.04
N TYR A 207 -74.90 23.75 -12.08
CA TYR A 207 -75.40 25.08 -12.22
C TYR A 207 -74.35 26.01 -11.71
N SER A 208 -74.24 27.19 -12.29
CA SER A 208 -73.23 28.14 -11.84
C SER A 208 -73.61 28.73 -10.48
N GLY A 209 -74.89 28.66 -10.17
CA GLY A 209 -75.38 29.22 -8.94
C GLY A 209 -75.43 30.72 -9.04
N HIS A 210 -74.24 31.33 -9.04
CA HIS A 210 -74.10 32.78 -9.09
C HIS A 210 -74.36 33.29 -10.49
N THR A 211 -74.50 34.60 -10.57
CA THR A 211 -74.52 35.32 -11.83
C THR A 211 -73.10 35.75 -12.17
N TYR A 212 -72.66 35.49 -13.40
CA TYR A 212 -71.34 35.92 -13.88
C TYR A 212 -71.59 36.98 -14.94
N LYS A 213 -70.54 37.60 -15.47
CA LYS A 213 -70.72 38.51 -16.59
C LYS A 213 -69.88 38.12 -17.80
N TRP A 214 -70.53 37.82 -18.93
CA TRP A 214 -69.79 37.56 -20.16
C TRP A 214 -69.69 38.78 -21.12
N TYR A 215 -68.53 38.94 -21.76
CA TYR A 215 -68.29 40.07 -22.64
C TYR A 215 -68.02 39.54 -24.05
N ASN A 216 -68.67 40.14 -25.05
CA ASN A 216 -68.31 39.88 -26.46
C ASN A 216 -67.15 40.74 -26.88
N SER A 217 -66.72 40.60 -28.12
CA SER A 217 -65.49 41.26 -28.53
C SER A 217 -65.65 42.77 -28.71
N LYS A 218 -66.88 43.27 -28.76
CA LYS A 218 -67.15 44.72 -28.83
C LYS A 218 -67.14 45.36 -27.42
N GLY A 219 -67.16 44.52 -26.39
CA GLY A 219 -67.11 44.96 -25.00
C GLY A 219 -68.49 45.01 -24.40
N GLU A 220 -69.46 44.47 -25.12
CA GLU A 220 -70.84 44.49 -24.66
C GLU A 220 -71.06 43.31 -23.74
N TRP A 221 -71.57 43.60 -22.56
CA TRP A 221 -71.68 42.55 -21.56
C TRP A 221 -73.11 42.24 -21.14
N VAL A 222 -73.29 41.04 -20.61
CA VAL A 222 -74.60 40.56 -20.29
C VAL A 222 -74.39 39.70 -19.03
N TYR A 223 -75.37 39.69 -18.12
CA TYR A 223 -75.34 38.80 -16.95
C TYR A 223 -75.70 37.40 -17.42
N VAL A 224 -75.03 36.38 -16.90
CA VAL A 224 -75.34 35.03 -17.33
C VAL A 224 -75.52 34.04 -16.18
N GLN A 225 -76.22 32.93 -16.45
CA GLN A 225 -76.30 31.78 -15.54
C GLN A 225 -76.06 30.52 -16.36
N VAL A 226 -75.23 29.62 -15.89
CA VAL A 226 -74.87 28.51 -16.73
C VAL A 226 -75.60 27.27 -16.22
N HIS A 227 -76.04 26.40 -17.13
CA HIS A 227 -76.65 25.14 -16.73
C HIS A 227 -76.00 23.99 -17.47
N PHE A 228 -75.60 22.95 -16.76
CA PHE A 228 -75.08 21.77 -17.42
C PHE A 228 -76.12 20.68 -17.15
N ILE A 229 -76.67 20.11 -18.20
CA ILE A 229 -77.73 19.13 -18.00
C ILE A 229 -77.35 17.70 -18.41
N ALA A 230 -77.50 16.79 -17.47
CA ALA A 230 -77.07 15.43 -17.72
C ALA A 230 -77.86 14.70 -18.81
N ASN A 231 -77.17 14.28 -19.86
CA ASN A 231 -77.78 13.37 -20.84
C ASN A 231 -78.24 12.03 -20.23
N GLN A 232 -77.74 11.69 -19.06
CA GLN A 232 -78.12 10.45 -18.39
C GLN A 232 -79.37 10.65 -17.55
N GLY A 233 -79.82 11.92 -17.49
CA GLY A 233 -81.06 12.34 -16.79
C GLY A 233 -80.89 12.47 -15.28
N VAL A 234 -81.83 13.14 -14.62
CA VAL A 234 -81.80 13.32 -13.17
C VAL A 234 -82.46 12.13 -12.39
N HIS A 235 -81.65 11.25 -11.78
CA HIS A 235 -82.18 10.13 -10.96
C HIS A 235 -81.73 10.20 -9.52
N ASN A 236 -82.69 10.22 -8.59
CA ASN A 236 -82.37 10.35 -7.17
C ASN A 236 -82.57 9.08 -6.39
N LEU A 237 -82.09 9.05 -5.15
CA LEU A 237 -82.29 7.92 -4.28
C LEU A 237 -83.18 8.31 -3.12
N LEU A 238 -83.83 7.30 -2.53
CA LEU A 238 -84.66 7.51 -1.34
C LEU A 238 -83.77 7.35 -0.12
N ASP A 239 -84.12 8.04 0.96
CA ASP A 239 -83.33 8.03 2.20
C ASP A 239 -82.89 6.66 2.64
N GLU A 240 -83.84 5.74 2.80
CA GLU A 240 -83.56 4.35 3.22
C GLU A 240 -82.45 3.76 2.36
N GLU A 241 -82.55 4.00 1.05
CA GLU A 241 -81.62 3.48 0.03
C GLU A 241 -80.22 4.13 0.16
N ALA A 242 -80.19 5.47 0.28
CA ALA A 242 -78.96 6.20 0.56
C ALA A 242 -78.27 5.65 1.82
N GLY A 243 -79.06 5.49 2.88
CA GLY A 243 -78.60 5.05 4.18
C GLY A 243 -78.06 3.64 4.14
N ARG A 244 -78.63 2.79 3.29
CA ARG A 244 -78.13 1.41 3.15
C ARG A 244 -76.82 1.33 2.39
N LEU A 245 -76.73 2.07 1.29
CA LEU A 245 -75.48 2.18 0.52
C LEU A 245 -74.33 2.78 1.34
N ALA A 246 -74.60 3.86 2.08
CA ALA A 246 -73.62 4.44 3.00
C ALA A 246 -72.90 3.38 3.85
N GLY A 247 -73.62 2.30 4.21
CA GLY A 247 -73.04 1.22 4.98
C GLY A 247 -72.44 0.16 4.09
N GLU A 248 -73.21 -0.27 3.08
CA GLU A 248 -72.76 -1.34 2.16
C GLU A 248 -71.58 -0.89 1.27
N ASP A 249 -71.67 0.33 0.72
CA ASP A 249 -70.61 0.89 -0.13
C ASP A 249 -70.42 2.40 0.02
N PRO A 250 -69.46 2.80 0.86
CA PRO A 250 -69.20 4.21 1.09
C PRO A 250 -68.61 4.88 -0.14
N ASP A 251 -68.10 4.06 -1.05
CA ASP A 251 -67.50 4.59 -2.24
C ASP A 251 -68.34 4.35 -3.48
N HIS A 252 -69.65 4.34 -3.28
CA HIS A 252 -70.58 3.99 -4.34
C HIS A 252 -70.52 4.90 -5.57
N SER A 253 -70.54 6.22 -5.39
CA SER A 253 -70.49 7.17 -6.52
C SER A 253 -69.14 7.20 -7.27
N THR A 254 -68.06 7.10 -6.50
CA THR A 254 -66.72 6.93 -7.01
C THR A 254 -66.66 5.69 -7.93
N ARG A 255 -67.13 4.54 -7.39
CA ARG A 255 -67.15 3.28 -8.12
C ARG A 255 -67.91 3.47 -9.40
N ASP A 256 -69.09 4.05 -9.27
CA ASP A 256 -69.98 4.22 -10.40
C ASP A 256 -69.32 4.92 -11.55
N LEU A 257 -68.60 6.00 -11.28
CA LEU A 257 -68.02 6.83 -12.34
C LEU A 257 -66.81 6.17 -12.97
N TRP A 258 -65.95 5.59 -12.14
CA TRP A 258 -64.77 4.93 -12.63
C TRP A 258 -65.15 3.79 -13.60
N GLU A 259 -66.13 2.98 -13.20
CA GLU A 259 -66.56 1.82 -13.99
C GLU A 259 -67.31 2.18 -15.27
N ALA A 260 -68.15 3.20 -15.21
CA ALA A 260 -68.85 3.64 -16.38
C ALA A 260 -67.81 3.98 -17.44
N ILE A 261 -66.79 4.72 -17.02
CA ILE A 261 -65.81 5.20 -17.97
C ILE A 261 -64.99 4.05 -18.49
N GLU A 262 -64.58 3.15 -17.60
CA GLU A 262 -63.76 2.01 -18.02
C GLU A 262 -64.49 1.11 -19.03
N LYS A 263 -65.81 1.03 -18.93
CA LYS A 263 -66.68 0.34 -19.91
C LYS A 263 -66.88 1.08 -21.24
N GLY A 264 -66.73 2.40 -21.24
CA GLY A 264 -67.04 3.19 -22.44
C GLY A 264 -68.43 3.85 -22.39
N ASP A 265 -69.09 3.75 -21.23
CA ASP A 265 -70.41 4.35 -21.06
C ASP A 265 -70.24 5.80 -20.56
N TYR A 266 -69.60 6.61 -21.41
CA TYR A 266 -69.16 7.95 -21.03
C TYR A 266 -70.31 8.90 -20.73
N PRO A 267 -70.41 9.45 -19.49
CA PRO A 267 -71.48 10.41 -19.23
C PRO A 267 -71.21 11.68 -19.99
N SER A 268 -72.26 12.41 -20.29
CA SER A 268 -72.11 13.70 -20.94
C SER A 268 -73.19 14.68 -20.52
N TRP A 269 -72.91 15.97 -20.67
CA TRP A 269 -73.78 17.02 -20.19
C TRP A 269 -73.84 17.99 -21.34
N GLU A 270 -74.99 18.66 -21.49
CA GLU A 270 -75.19 19.66 -22.52
C GLU A 270 -75.23 20.98 -21.80
N CYS A 271 -74.62 22.01 -22.39
CA CYS A 271 -74.47 23.29 -21.70
C CYS A 271 -75.29 24.41 -22.32
N TYR A 272 -76.03 25.11 -21.45
CA TYR A 272 -76.85 26.30 -21.80
C TYR A 272 -76.58 27.49 -20.88
N ILE A 273 -76.91 28.69 -21.36
CA ILE A 273 -76.82 29.90 -20.56
C ILE A 273 -78.14 30.65 -20.60
N GLN A 274 -78.51 31.30 -19.51
CA GLN A 274 -79.56 32.31 -19.50
C GLN A 274 -78.82 33.62 -19.53
N THR A 275 -79.33 34.57 -20.28
CA THR A 275 -78.68 35.86 -20.36
C THR A 275 -79.71 36.93 -20.06
N MET A 276 -79.25 38.08 -19.61
CA MET A 276 -80.13 39.14 -19.11
C MET A 276 -79.36 40.44 -19.19
N THR A 277 -80.03 41.50 -19.63
CA THR A 277 -79.32 42.75 -19.79
C THR A 277 -79.35 43.52 -18.48
N LEU A 278 -78.53 44.55 -18.40
CA LEU A 278 -78.52 45.45 -17.26
C LEU A 278 -79.90 46.00 -17.03
N GLU A 279 -80.52 46.53 -18.08
CA GLU A 279 -81.87 47.13 -18.00
C GLU A 279 -82.88 46.11 -17.54
N GLN A 280 -82.76 44.88 -18.03
CA GLN A 280 -83.70 43.85 -17.65
C GLN A 280 -83.59 43.60 -16.17
N SER A 281 -82.35 43.65 -15.63
CA SER A 281 -82.13 43.43 -14.20
C SER A 281 -82.87 44.46 -13.34
N LYS A 282 -82.90 45.73 -13.78
CA LYS A 282 -83.56 46.82 -13.03
C LYS A 282 -85.02 46.57 -12.70
N LYS A 283 -85.64 45.65 -13.42
CA LYS A 283 -87.09 45.44 -13.37
C LYS A 283 -87.52 44.25 -12.52
N LEU A 284 -86.56 43.57 -11.90
CA LEU A 284 -86.86 42.36 -11.14
C LEU A 284 -87.12 42.62 -9.66
N PRO A 285 -88.03 41.81 -9.05
CA PRO A 285 -88.36 41.82 -7.62
C PRO A 285 -87.27 41.18 -6.73
N PHE A 286 -86.29 40.51 -7.35
CA PHE A 286 -85.11 40.00 -6.65
C PHE A 286 -83.82 40.48 -7.34
N SER A 287 -82.68 40.23 -6.68
CA SER A 287 -81.35 40.59 -7.20
C SER A 287 -80.66 39.51 -8.02
N VAL A 288 -79.97 39.91 -9.08
CA VAL A 288 -79.15 38.99 -9.84
C VAL A 288 -77.98 38.58 -8.99
N PHE A 289 -77.80 39.27 -7.88
CA PHE A 289 -76.69 39.04 -6.97
C PHE A 289 -77.05 38.18 -5.76
N ASP A 290 -78.25 37.60 -5.83
CA ASP A 290 -78.76 36.75 -4.76
C ASP A 290 -78.65 35.28 -5.06
N LEU A 291 -77.74 34.62 -4.37
CA LEU A 291 -77.47 33.23 -4.62
C LEU A 291 -78.64 32.32 -4.19
N THR A 292 -79.61 32.90 -3.47
CA THR A 292 -80.76 32.10 -2.99
C THR A 292 -81.93 32.13 -3.97
N LYS A 293 -81.71 32.79 -5.11
CA LYS A 293 -82.72 32.96 -6.13
C LYS A 293 -82.32 32.27 -7.43
N VAL A 294 -83.32 31.88 -8.24
CA VAL A 294 -83.13 31.38 -9.62
C VAL A 294 -83.79 32.31 -10.61
N TRP A 295 -83.43 32.15 -11.87
CA TRP A 295 -84.07 32.91 -12.94
C TRP A 295 -85.19 32.06 -13.56
N PRO A 296 -86.44 32.56 -13.49
CA PRO A 296 -87.52 31.73 -14.03
C PRO A 296 -87.34 31.47 -15.54
N HIS A 297 -87.51 30.22 -15.93
CA HIS A 297 -87.26 29.78 -17.31
C HIS A 297 -88.20 30.42 -18.35
N LYS A 298 -89.40 30.79 -17.90
CA LYS A 298 -90.37 31.47 -18.73
C LYS A 298 -89.78 32.79 -19.25
N ASP A 299 -89.19 33.59 -18.37
CA ASP A 299 -88.76 34.94 -18.71
C ASP A 299 -87.33 35.01 -19.24
N PHE A 300 -86.53 33.99 -18.93
CA PHE A 300 -85.19 33.93 -19.49
C PHE A 300 -84.88 32.52 -19.89
N PRO A 301 -85.12 32.22 -21.18
CA PRO A 301 -84.95 30.87 -21.71
C PRO A 301 -83.49 30.48 -21.91
N LEU A 302 -83.24 29.18 -21.91
CA LEU A 302 -81.90 28.69 -22.04
C LEU A 302 -81.48 28.73 -23.50
N ARG A 303 -80.22 29.07 -23.75
CA ARG A 303 -79.62 29.01 -25.08
C ARG A 303 -78.47 28.00 -25.11
N HIS A 304 -78.52 27.04 -26.05
CA HIS A 304 -77.54 25.94 -26.14
C HIS A 304 -76.24 26.49 -26.72
N PHE A 305 -75.09 26.04 -26.20
CA PHE A 305 -73.77 26.48 -26.71
C PHE A 305 -72.71 25.41 -26.75
N GLY A 306 -72.87 24.35 -25.97
CA GLY A 306 -71.90 23.28 -26.01
C GLY A 306 -72.27 22.00 -25.28
N ARG A 307 -71.29 21.10 -25.19
CA ARG A 307 -71.40 19.86 -24.44
C ARG A 307 -70.00 19.38 -24.03
N PHE A 308 -69.95 18.61 -22.95
CA PHE A 308 -68.75 17.94 -22.59
C PHE A 308 -69.04 16.53 -22.20
N THR A 309 -68.02 15.70 -22.36
CA THR A 309 -68.08 14.28 -22.13
C THR A 309 -66.89 13.90 -21.27
N LEU A 310 -67.11 13.06 -20.25
CA LEU A 310 -66.00 12.61 -19.40
C LEU A 310 -65.61 11.21 -19.83
N ASN A 311 -64.44 11.09 -20.46
CA ASN A 311 -64.06 9.82 -21.08
C ASN A 311 -62.74 9.22 -20.63
N GLU A 312 -62.14 9.72 -19.55
CA GLU A 312 -60.78 9.28 -19.20
C GLU A 312 -60.56 9.36 -17.68
N ASN A 313 -60.33 8.21 -17.05
CA ASN A 313 -59.96 8.14 -15.64
C ASN A 313 -58.53 8.64 -15.41
N PRO A 314 -58.26 9.22 -14.23
CA PRO A 314 -56.93 9.75 -14.00
C PRO A 314 -55.95 8.56 -13.85
N LYS A 315 -54.65 8.80 -13.89
CA LYS A 315 -53.73 7.66 -13.78
C LYS A 315 -53.35 7.34 -12.35
N ASN A 316 -53.18 8.38 -11.52
CA ASN A 316 -53.00 8.27 -10.09
C ASN A 316 -54.04 9.13 -9.37
N TYR A 317 -54.74 8.57 -8.39
CA TYR A 317 -55.83 9.30 -7.74
C TYR A 317 -55.37 10.49 -6.89
N TYR A 318 -54.39 10.24 -6.02
CA TYR A 318 -53.82 11.28 -5.19
C TYR A 318 -53.20 12.41 -6.00
N ALA A 319 -52.36 12.05 -6.96
CA ALA A 319 -51.62 13.06 -7.76
C ALA A 319 -52.52 14.02 -8.53
N GLU A 320 -53.64 13.50 -9.00
CA GLU A 320 -54.49 14.23 -9.91
C GLU A 320 -55.77 14.64 -9.27
N THR A 321 -56.57 13.69 -8.81
CA THR A 321 -57.86 14.05 -8.19
C THR A 321 -57.72 14.76 -6.83
N GLU A 322 -56.87 14.23 -5.95
CA GLU A 322 -56.72 14.83 -4.66
C GLU A 322 -56.00 16.18 -4.68
N GLN A 323 -55.04 16.39 -5.58
CA GLN A 323 -54.20 17.59 -5.52
C GLN A 323 -54.70 18.74 -6.39
N ILE A 324 -55.66 18.44 -7.26
CA ILE A 324 -56.16 19.48 -8.18
C ILE A 324 -56.80 20.64 -7.43
N ALA A 325 -56.66 21.86 -7.91
CA ALA A 325 -57.16 23.01 -7.21
C ALA A 325 -57.99 23.84 -8.15
N PHE A 326 -59.26 24.11 -7.81
CA PHE A 326 -60.11 25.02 -8.58
C PHE A 326 -60.24 26.36 -7.89
N SER A 327 -60.41 27.42 -8.65
CA SER A 327 -60.86 28.66 -8.05
C SER A 327 -61.71 29.41 -9.02
N PRO A 328 -62.84 29.99 -8.56
CA PRO A 328 -63.69 30.88 -9.39
C PRO A 328 -62.94 32.08 -9.93
N SER A 329 -61.92 32.54 -9.21
CA SER A 329 -61.06 33.62 -9.74
C SER A 329 -60.16 33.22 -10.93
N HIS A 330 -60.02 31.91 -11.20
CA HIS A 330 -59.24 31.47 -12.34
C HIS A 330 -60.12 31.57 -13.54
N THR A 331 -60.07 32.70 -14.22
CA THR A 331 -60.96 32.92 -15.35
C THR A 331 -60.25 33.35 -16.63
N VAL A 332 -60.97 33.50 -17.74
CA VAL A 332 -60.31 33.93 -18.99
C VAL A 332 -60.89 35.23 -19.50
N PRO A 333 -60.22 35.91 -20.49
CA PRO A 333 -60.78 37.13 -21.03
C PRO A 333 -62.11 36.80 -21.71
N GLY A 334 -63.14 37.61 -21.46
CA GLY A 334 -64.48 37.27 -21.89
C GLY A 334 -65.42 36.94 -20.75
N MET A 335 -64.89 36.46 -19.63
CA MET A 335 -65.73 36.09 -18.49
C MET A 335 -65.23 36.71 -17.18
N GLU A 336 -66.02 37.61 -16.60
CA GLU A 336 -65.72 38.19 -15.31
C GLU A 336 -66.72 37.72 -14.25
N PRO A 337 -66.38 37.83 -12.96
CA PRO A 337 -67.40 37.60 -11.92
C PRO A 337 -68.31 38.81 -11.68
N SER A 338 -69.54 38.55 -11.23
CA SER A 338 -70.48 39.61 -10.85
C SER A 338 -70.27 40.15 -9.44
N ASN A 339 -71.08 41.09 -9.02
CA ASN A 339 -71.02 41.58 -7.65
C ASN A 339 -71.68 40.71 -6.56
N ASP A 340 -72.20 39.54 -6.95
CA ASP A 340 -72.78 38.59 -6.00
C ASP A 340 -71.73 38.37 -4.88
N PRO A 341 -72.05 38.82 -3.62
CA PRO A 341 -71.04 38.93 -2.54
C PRO A 341 -70.43 37.58 -2.06
N VAL A 342 -71.23 36.53 -2.07
CA VAL A 342 -70.73 35.19 -1.83
C VAL A 342 -69.62 34.81 -2.83
N LEU A 343 -69.88 35.00 -4.13
CA LEU A 343 -68.90 34.77 -5.20
C LEU A 343 -67.66 35.65 -5.02
N GLN A 344 -67.87 36.94 -4.71
CA GLN A 344 -66.75 37.85 -4.51
C GLN A 344 -65.80 37.27 -3.47
N SER A 345 -66.33 36.89 -2.32
CA SER A 345 -65.47 36.33 -1.31
C SER A 345 -64.80 35.02 -1.77
N ARG A 346 -65.46 34.24 -2.62
CA ARG A 346 -64.87 32.99 -3.09
C ARG A 346 -63.62 33.26 -3.93
N LEU A 347 -63.57 34.41 -4.59
CA LEU A 347 -62.40 34.79 -5.40
C LEU A 347 -61.11 34.77 -4.58
N PHE A 348 -61.21 35.25 -3.34
CA PHE A 348 -60.08 35.25 -2.43
C PHE A 348 -59.86 33.87 -1.75
N SER A 349 -60.92 33.20 -1.32
CA SER A 349 -60.82 31.98 -0.55
C SER A 349 -60.06 30.87 -1.19
N TYR A 350 -60.39 30.57 -2.44
CA TYR A 350 -59.89 29.33 -2.98
C TYR A 350 -58.36 29.36 -3.12
N PRO A 351 -57.81 30.39 -3.77
CA PRO A 351 -56.36 30.50 -3.82
C PRO A 351 -55.71 30.52 -2.43
N ASP A 352 -56.30 31.27 -1.49
CA ASP A 352 -55.82 31.25 -0.12
C ASP A 352 -55.76 29.83 0.46
N THR A 353 -56.80 29.03 0.29
CA THR A 353 -56.83 27.72 0.87
C THR A 353 -55.87 26.80 0.12
N HIS A 354 -55.74 27.03 -1.18
CA HIS A 354 -54.78 26.26 -1.97
C HIS A 354 -53.38 26.37 -1.41
N ARG A 355 -52.97 27.61 -1.16
CA ARG A 355 -51.69 27.88 -0.57
C ARG A 355 -51.43 27.12 0.74
N HIS A 356 -52.47 26.81 1.51
CA HIS A 356 -52.30 26.04 2.75
C HIS A 356 -52.42 24.53 2.56
N ARG A 357 -53.46 24.09 1.86
CA ARG A 357 -53.64 22.65 1.59
C ARG A 357 -52.50 22.04 0.78
N LEU A 358 -52.09 22.71 -0.30
CA LEU A 358 -51.16 22.13 -1.23
C LEU A 358 -49.78 22.74 -1.07
N GLY A 359 -49.72 24.08 -1.09
CA GLY A 359 -48.51 24.84 -0.78
C GLY A 359 -48.37 26.04 -1.70
N PRO A 360 -47.49 27.00 -1.34
CA PRO A 360 -47.24 28.21 -2.14
C PRO A 360 -47.13 28.02 -3.65
N ASN A 361 -46.55 26.94 -4.14
CA ASN A 361 -46.38 26.80 -5.57
C ASN A 361 -47.20 25.68 -6.15
N TYR A 362 -48.43 25.58 -5.70
CA TYR A 362 -49.27 24.45 -6.05
C TYR A 362 -49.62 24.43 -7.52
N HIS A 363 -49.57 25.58 -8.19
CA HIS A 363 -49.85 25.66 -9.60
C HIS A 363 -48.77 24.94 -10.39
N GLN A 364 -47.69 24.55 -9.73
CA GLN A 364 -46.63 23.78 -10.38
C GLN A 364 -46.87 22.28 -10.36
N ILE A 365 -47.87 21.81 -9.62
CA ILE A 365 -48.34 20.42 -9.75
C ILE A 365 -48.94 20.21 -11.14
N PRO A 366 -48.56 19.12 -11.85
CA PRO A 366 -49.10 18.85 -13.21
C PRO A 366 -50.59 19.11 -13.49
N VAL A 367 -51.56 18.58 -12.72
CA VAL A 367 -52.99 18.93 -13.00
C VAL A 367 -53.32 20.41 -12.95
N ASN A 368 -52.51 21.19 -12.25
CA ASN A 368 -52.89 22.58 -12.04
C ASN A 368 -52.20 23.50 -13.00
N CYS A 369 -51.33 22.93 -13.83
CA CYS A 369 -50.57 23.70 -14.82
C CYS A 369 -51.42 24.23 -15.95
N PRO A 370 -51.14 25.45 -16.40
CA PRO A 370 -51.78 25.87 -17.62
C PRO A 370 -51.20 25.09 -18.80
N LEU A 371 -51.73 23.90 -19.07
CA LEU A 371 -51.14 23.04 -20.08
C LEU A 371 -51.25 23.61 -21.49
N LYS A 372 -52.42 24.09 -21.88
CA LYS A 372 -52.63 24.45 -23.29
C LYS A 372 -52.04 25.81 -23.61
N SER A 373 -52.06 26.77 -22.70
CA SER A 373 -51.28 28.02 -22.84
C SER A 373 -50.12 27.95 -21.86
N GLY A 374 -48.97 28.53 -22.17
CA GLY A 374 -47.94 28.46 -21.13
C GLY A 374 -48.32 29.42 -20.00
N SER A 375 -47.33 29.81 -19.23
CA SER A 375 -47.46 31.00 -18.45
C SER A 375 -46.14 31.69 -18.58
N PHE A 376 -46.14 32.99 -18.34
CA PHE A 376 -44.91 33.73 -18.24
C PHE A 376 -45.20 34.81 -17.24
N ASN A 377 -44.77 34.57 -16.01
CA ASN A 377 -44.97 35.53 -14.94
C ASN A 377 -43.66 35.82 -14.19
N PRO A 378 -42.77 36.63 -14.80
CA PRO A 378 -41.45 36.90 -14.25
C PRO A 378 -41.46 37.56 -12.89
N ILE A 379 -42.59 38.11 -12.45
CA ILE A 379 -42.61 38.67 -11.11
C ILE A 379 -42.76 37.63 -10.00
N ASN A 380 -43.32 36.47 -10.31
CA ASN A 380 -43.60 35.51 -9.29
C ASN A 380 -42.51 34.50 -9.31
N ARG A 381 -41.62 34.56 -8.31
CA ARG A 381 -40.44 33.69 -8.28
C ARG A 381 -40.18 33.01 -6.91
N ASP A 382 -39.32 32.00 -6.87
CA ASP A 382 -38.94 31.32 -5.63
C ASP A 382 -40.12 30.71 -4.90
N GLY A 383 -40.08 30.69 -3.59
CA GLY A 383 -41.07 30.02 -2.78
C GLY A 383 -40.76 28.54 -2.71
N PRO A 384 -41.26 27.85 -1.69
CA PRO A 384 -41.08 26.42 -1.49
C PRO A 384 -41.32 25.56 -2.69
N MET A 385 -40.53 24.48 -2.80
CA MET A 385 -40.81 23.45 -3.77
C MET A 385 -40.99 24.07 -5.16
N CYS A 386 -40.09 24.98 -5.51
CA CYS A 386 -40.04 25.53 -6.84
C CYS A 386 -39.44 24.52 -7.80
N VAL A 387 -40.26 23.86 -8.64
CA VAL A 387 -39.80 22.75 -9.53
C VAL A 387 -39.82 23.04 -11.03
N ASP A 388 -40.31 24.21 -11.40
CA ASP A 388 -40.53 24.52 -12.81
C ASP A 388 -39.36 25.24 -13.51
N GLY A 389 -38.22 25.35 -12.82
CA GLY A 389 -37.06 26.08 -13.32
C GLY A 389 -36.91 27.52 -12.85
N ASN A 390 -37.95 28.08 -12.24
CA ASN A 390 -37.96 29.42 -11.76
C ASN A 390 -37.52 30.42 -12.84
N LEU A 391 -37.82 30.08 -14.11
CA LEU A 391 -37.54 30.93 -15.25
C LEU A 391 -36.06 31.26 -15.44
N GLY A 392 -35.17 30.41 -14.94
CA GLY A 392 -33.75 30.68 -15.00
C GLY A 392 -33.43 32.13 -14.73
N GLY A 393 -32.72 32.77 -15.65
CA GLY A 393 -32.17 34.07 -15.37
C GLY A 393 -32.93 35.25 -15.91
N THR A 394 -34.20 35.02 -16.22
CA THR A 394 -35.12 36.04 -16.68
C THR A 394 -35.30 37.06 -15.57
N PRO A 395 -35.10 38.35 -15.88
CA PRO A 395 -35.20 39.44 -14.93
C PRO A 395 -36.52 39.40 -14.23
N ASN A 396 -36.55 39.74 -12.95
CA ASN A 396 -37.79 39.63 -12.18
C ASN A 396 -38.56 40.93 -11.90
N TYR A 397 -38.50 41.88 -12.82
CA TYR A 397 -39.33 43.09 -12.77
C TYR A 397 -39.76 43.53 -14.17
N ALA A 398 -40.87 44.26 -14.27
CA ALA A 398 -41.41 44.63 -15.57
C ALA A 398 -40.72 45.86 -16.13
N ASN A 399 -40.52 45.85 -17.45
CA ASN A 399 -39.74 46.83 -18.21
C ASN A 399 -38.28 46.80 -17.80
N ALA A 400 -37.75 45.59 -17.70
CA ALA A 400 -36.34 45.43 -17.53
C ALA A 400 -35.73 45.74 -18.89
N TYR A 401 -34.65 46.51 -18.91
CA TYR A 401 -34.01 46.91 -20.18
C TYR A 401 -33.63 45.72 -21.03
N ASN A 402 -33.33 44.61 -20.38
CA ASN A 402 -32.84 43.43 -21.08
C ASN A 402 -33.80 42.28 -21.17
N CYS A 403 -35.09 42.59 -21.13
CA CYS A 403 -36.12 41.60 -21.29
C CYS A 403 -37.33 42.25 -21.89
N PRO A 404 -37.47 42.21 -23.22
CA PRO A 404 -38.71 42.72 -23.83
C PRO A 404 -39.92 41.77 -23.62
N ILE A 405 -41.09 42.32 -23.31
CA ILE A 405 -42.28 41.50 -23.09
C ILE A 405 -43.47 42.02 -23.88
N GLN A 406 -44.36 41.12 -24.27
CA GLN A 406 -45.59 41.53 -24.91
C GLN A 406 -46.75 41.44 -23.94
N TYR A 407 -47.50 42.53 -23.85
CA TYR A 407 -48.74 42.58 -23.09
C TYR A 407 -49.92 42.52 -24.04
N ALA A 408 -51.06 41.95 -23.59
CA ALA A 408 -52.26 41.88 -24.45
C ALA A 408 -52.84 43.28 -24.75
N VAL A 409 -53.53 43.41 -25.88
CA VAL A 409 -54.26 44.65 -26.19
C VAL A 409 -55.47 44.73 -25.23
N SER A 410 -55.61 45.88 -24.55
CA SER A 410 -56.63 46.05 -23.48
C SER A 410 -58.10 45.71 -23.83
N LYS A 417 -66.83 50.97 -24.00
CA LYS A 417 -68.26 50.69 -23.72
C LYS A 417 -68.62 50.70 -22.22
N PRO A 418 -69.77 51.27 -21.86
CA PRO A 418 -70.16 51.46 -20.44
C PRO A 418 -70.17 50.17 -19.57
N ASP A 419 -70.13 50.36 -18.24
CA ASP A 419 -70.14 49.25 -17.28
C ASP A 419 -70.92 49.70 -16.03
N GLU A 420 -71.17 48.79 -15.09
CA GLU A 420 -71.89 49.11 -13.85
C GLU A 420 -71.35 50.37 -13.19
N LYS A 421 -72.23 51.20 -12.63
CA LYS A 421 -71.79 52.40 -11.93
C LYS A 421 -72.19 52.41 -10.45
N TYR A 422 -71.37 53.10 -9.67
CA TYR A 422 -71.41 53.09 -8.22
C TYR A 422 -71.60 54.50 -7.65
N THR A 423 -72.27 54.59 -6.50
CA THR A 423 -72.48 55.86 -5.80
C THR A 423 -72.63 55.62 -4.33
N GLY A 424 -72.08 56.53 -3.53
CA GLY A 424 -72.24 56.44 -2.09
C GLY A 424 -70.97 56.30 -1.28
N GLU A 425 -71.15 55.96 -0.01
CA GLU A 425 -70.04 55.80 0.90
C GLU A 425 -69.71 54.32 0.98
N VAL A 426 -68.65 53.98 1.70
CA VAL A 426 -68.40 52.60 2.08
C VAL A 426 -69.40 52.20 3.17
N VAL A 427 -70.11 51.11 2.90
CA VAL A 427 -71.22 50.68 3.75
C VAL A 427 -71.05 49.23 4.15
N PRO A 428 -71.18 48.97 5.46
CA PRO A 428 -71.31 47.62 5.98
C PRO A 428 -72.74 47.13 5.79
N TYR A 429 -72.89 45.96 5.17
CA TYR A 429 -74.23 45.45 4.91
C TYR A 429 -74.39 43.97 5.20
N HIS A 430 -75.54 43.67 5.76
CA HIS A 430 -76.00 42.32 6.01
C HIS A 430 -77.35 42.31 5.29
N TRP A 431 -77.56 41.35 4.37
CA TRP A 431 -78.78 41.27 3.58
C TRP A 431 -80.01 41.14 4.47
N GLU A 432 -80.93 42.11 4.35
CA GLU A 432 -82.18 42.20 5.15
C GLU A 432 -83.36 41.55 4.42
N HIS A 433 -84.08 40.74 5.17
CA HIS A 433 -85.19 39.96 4.68
C HIS A 433 -86.31 40.88 4.23
N THR A 434 -86.81 40.62 3.02
CA THR A 434 -88.03 41.25 2.52
C THR A 434 -89.01 40.15 2.12
N ASP A 435 -90.28 40.50 1.98
CA ASP A 435 -91.32 39.48 1.79
C ASP A 435 -91.04 38.51 0.64
N TYR A 436 -90.40 38.99 -0.41
CA TYR A 436 -90.17 38.15 -1.58
C TYR A 436 -89.30 36.91 -1.29
N ASP A 437 -88.45 37.01 -0.28
CA ASP A 437 -87.56 35.91 0.09
C ASP A 437 -88.28 34.56 0.34
N TYR A 438 -89.49 34.63 0.88
CA TYR A 438 -90.31 33.42 1.07
C TYR A 438 -91.07 32.96 -0.18
N PHE A 439 -91.22 33.81 -1.19
CA PHE A 439 -92.02 33.44 -2.36
C PHE A 439 -91.46 32.26 -3.15
N GLN A 440 -90.16 32.25 -3.38
CA GLN A 440 -89.59 31.20 -4.18
C GLN A 440 -89.57 29.83 -3.50
N PRO A 441 -89.35 29.77 -2.17
CA PRO A 441 -89.54 28.47 -1.53
C PRO A 441 -90.96 27.97 -1.69
N LYS A 442 -91.93 28.89 -1.75
CA LYS A 442 -93.33 28.51 -1.82
C LYS A 442 -93.52 27.71 -3.10
N MET A 443 -93.03 28.27 -4.20
CA MET A 443 -93.10 27.67 -5.54
C MET A 443 -92.46 26.28 -5.61
N PHE A 444 -91.39 26.08 -4.86
CA PHE A 444 -90.69 24.82 -4.88
C PHE A 444 -91.55 23.76 -4.22
N TRP A 445 -92.38 24.20 -3.28
CA TRP A 445 -93.31 23.28 -2.63
C TRP A 445 -94.32 22.78 -3.67
N LYS A 446 -94.90 23.70 -4.44
CA LYS A 446 -95.77 23.37 -5.55
C LYS A 446 -95.07 22.50 -6.61
N VAL A 447 -93.79 22.76 -6.88
CA VAL A 447 -93.07 22.02 -7.93
C VAL A 447 -92.89 20.56 -7.54
N LEU A 448 -92.57 20.32 -6.26
CA LEU A 448 -92.69 18.98 -5.69
C LEU A 448 -94.18 18.74 -5.62
N GLY A 449 -94.62 17.50 -5.50
CA GLY A 449 -96.07 17.26 -5.47
C GLY A 449 -96.78 17.68 -6.75
N ARG A 450 -95.98 17.93 -7.80
CA ARG A 450 -96.38 17.69 -9.17
C ARG A 450 -95.89 16.29 -9.45
N THR A 451 -95.19 15.73 -8.47
CA THR A 451 -94.73 14.35 -8.51
C THR A 451 -95.13 13.66 -7.19
N PRO A 452 -95.93 12.58 -7.29
CA PRO A 452 -96.32 11.75 -6.14
C PRO A 452 -95.13 11.29 -5.30
N GLY A 453 -95.22 11.50 -4.00
CA GLY A 453 -94.21 10.98 -3.08
C GLY A 453 -93.06 11.93 -2.75
N GLU A 454 -93.02 13.07 -3.45
CA GLU A 454 -91.93 14.02 -3.36
C GLU A 454 -92.07 14.97 -2.17
N GLN A 455 -93.27 15.54 -2.02
CA GLN A 455 -93.58 16.34 -0.86
C GLN A 455 -93.54 15.49 0.41
N GLU A 456 -94.07 14.29 0.32
CA GLU A 456 -94.06 13.35 1.45
C GLU A 456 -92.67 12.86 1.84
N SER A 457 -91.74 12.80 0.89
CA SER A 457 -90.34 12.53 1.21
C SER A 457 -89.65 13.70 1.92
N LEU A 458 -89.88 14.94 1.47
CA LEU A 458 -89.32 16.11 2.12
C LEU A 458 -89.68 16.05 3.59
N VAL A 459 -90.96 15.87 3.85
CA VAL A 459 -91.46 15.80 5.20
C VAL A 459 -90.81 14.66 6.03
N LYS A 460 -90.78 13.45 5.51
CA LYS A 460 -90.22 12.28 6.22
C LYS A 460 -88.73 12.43 6.48
N ASN A 461 -88.03 13.10 5.57
CA ASN A 461 -86.58 13.37 5.70
C ASN A 461 -86.23 14.46 6.72
N VAL A 462 -86.99 15.56 6.70
CA VAL A 462 -86.79 16.58 7.69
C VAL A 462 -87.16 16.03 9.05
N ALA A 463 -88.12 15.11 9.09
CA ALA A 463 -88.60 14.64 10.38
C ALA A 463 -87.64 13.66 11.07
N ASN A 464 -87.04 12.74 10.32
CA ASN A 464 -86.11 11.83 10.93
C ASN A 464 -84.86 12.52 11.41
N HIS A 465 -84.39 13.49 10.63
CA HIS A 465 -83.24 14.27 11.04
C HIS A 465 -83.54 15.06 12.29
N VAL A 466 -84.66 15.79 12.31
CA VAL A 466 -84.98 16.65 13.45
C VAL A 466 -85.50 15.93 14.72
N SER A 467 -85.91 14.69 14.60
CA SER A 467 -86.40 13.95 15.76
C SER A 467 -85.36 13.70 16.87
N ALA A 468 -84.11 14.04 16.60
CA ALA A 468 -83.07 13.87 17.58
C ALA A 468 -82.64 15.23 18.19
N ALA A 469 -83.25 16.30 17.70
CA ALA A 469 -83.06 17.62 18.25
C ALA A 469 -83.98 17.78 19.44
N ASP A 470 -83.65 18.71 20.34
CA ASP A 470 -84.46 18.95 21.54
C ASP A 470 -85.79 19.58 21.16
N GLU A 471 -86.82 19.43 22.00
CA GLU A 471 -88.15 19.86 21.60
C GLU A 471 -88.21 21.35 21.23
N PHE A 472 -87.56 22.20 22.02
CA PHE A 472 -87.68 23.65 21.81
C PHE A 472 -87.17 24.07 20.44
N ILE A 473 -86.24 23.26 19.91
CA ILE A 473 -85.62 23.54 18.64
C ILE A 473 -86.42 22.88 17.51
N GLN A 474 -86.97 21.70 17.78
CA GLN A 474 -87.98 21.15 16.89
C GLN A 474 -89.03 22.19 16.58
N ASP A 475 -89.55 22.86 17.61
CA ASP A 475 -90.58 23.89 17.43
C ASP A 475 -90.17 24.94 16.45
N ARG A 476 -88.92 25.40 16.53
CA ARG A 476 -88.41 26.47 15.66
C ARG A 476 -88.32 26.01 14.21
N VAL A 477 -88.07 24.71 14.04
CA VAL A 477 -88.01 24.08 12.72
C VAL A 477 -89.37 24.07 12.08
N TYR A 478 -90.43 23.81 12.86
CA TYR A 478 -91.80 23.83 12.33
C TYR A 478 -92.11 25.19 11.79
N GLU A 479 -91.94 26.21 12.63
CA GLU A 479 -92.13 27.61 12.27
C GLU A 479 -91.46 28.00 10.94
N TYR A 480 -90.25 27.47 10.74
CA TYR A 480 -89.35 27.80 9.61
C TYR A 480 -89.87 27.28 8.28
N PHE A 481 -90.15 25.99 8.22
CA PHE A 481 -90.69 25.42 7.01
C PHE A 481 -92.11 25.94 6.72
N SER A 482 -92.76 26.47 7.76
CA SER A 482 -94.12 26.98 7.65
C SER A 482 -94.11 28.42 7.11
N LYS A 483 -92.92 29.00 7.02
CA LYS A 483 -92.79 30.32 6.39
C LYS A 483 -92.89 30.16 4.87
N ALA A 484 -92.73 28.92 4.40
CA ALA A 484 -92.87 28.60 3.00
C ALA A 484 -94.34 28.24 2.65
N GLU A 485 -94.81 27.11 3.22
CA GLU A 485 -96.23 26.72 3.26
C GLU A 485 -96.58 26.23 4.65
N PRO A 486 -97.57 26.86 5.30
CA PRO A 486 -97.88 26.47 6.67
C PRO A 486 -98.18 24.98 6.88
N ILE A 487 -98.74 24.28 5.89
CA ILE A 487 -98.97 22.82 6.00
C ILE A 487 -97.70 22.05 6.38
N ILE A 488 -96.55 22.58 5.98
CA ILE A 488 -95.29 21.84 6.09
C ILE A 488 -94.81 21.75 7.53
N GLY A 489 -94.90 22.85 8.28
CA GLY A 489 -94.54 22.82 9.68
C GLY A 489 -95.42 21.80 10.37
N ASP A 490 -96.69 21.84 10.02
CA ASP A 490 -97.72 20.96 10.58
C ASP A 490 -97.57 19.46 10.24
N LEU A 491 -97.18 19.17 9.00
CA LEU A 491 -96.98 17.77 8.59
C LEU A 491 -95.70 17.22 9.17
N ILE A 492 -94.68 18.06 9.30
CA ILE A 492 -93.44 17.64 9.95
C ILE A 492 -93.70 17.38 11.43
N ARG A 493 -94.39 18.31 12.08
CA ARG A 493 -94.73 18.14 13.49
C ARG A 493 -95.48 16.83 13.71
N LYS A 494 -96.38 16.51 12.79
CA LYS A 494 -97.12 15.26 12.85
C LYS A 494 -96.22 14.03 12.90
N LYS A 495 -95.23 13.94 12.00
CA LYS A 495 -94.36 12.75 11.96
C LYS A 495 -93.33 12.69 13.10
N VAL A 496 -92.91 13.85 13.61
CA VAL A 496 -92.06 13.90 14.80
C VAL A 496 -92.82 13.27 15.96
N GLN A 497 -94.03 13.75 16.21
CA GLN A 497 -94.89 13.19 17.25
C GLN A 497 -95.21 11.71 17.00
N GLU A 498 -95.57 11.33 15.76
CA GLU A 498 -95.86 9.92 15.38
C GLU A 498 -94.67 8.99 15.52
N LEU A 499 -93.48 9.51 15.22
CA LEU A 499 -92.27 8.72 15.33
C LEU A 499 -91.90 8.53 16.80
N LYS A 500 -92.21 9.53 17.63
CA LYS A 500 -91.89 9.49 19.06
C LYS A 500 -92.69 8.43 19.83
N ARG A 501 -93.96 8.28 19.48
CA ARG A 501 -94.86 7.30 20.09
C ARG A 501 -94.26 5.89 20.03
N LYS A 502 -93.82 5.49 18.83
CA LYS A 502 -93.27 4.15 18.56
C LYS A 502 -92.17 3.69 19.53
N ALA B 4 -45.45 33.57 -28.59
CA ALA B 4 -44.28 33.01 -27.84
C ALA B 4 -42.98 33.89 -27.89
N ASN B 5 -42.78 34.72 -28.93
CA ASN B 5 -41.53 35.52 -29.01
C ASN B 5 -41.62 36.93 -29.63
N PRO B 6 -41.59 38.01 -28.79
CA PRO B 6 -41.44 38.06 -27.34
C PRO B 6 -42.61 37.43 -26.60
N PRO B 7 -42.37 36.95 -25.36
CA PRO B 7 -43.41 36.15 -24.72
C PRO B 7 -44.52 37.03 -24.10
N VAL B 8 -45.75 36.51 -24.06
CA VAL B 8 -46.93 37.20 -23.47
C VAL B 8 -46.95 37.08 -21.95
N PHE B 9 -47.07 38.22 -21.28
CA PHE B 9 -47.15 38.31 -19.84
C PHE B 9 -48.48 37.76 -19.33
N THR B 10 -48.43 36.83 -18.38
CA THR B 10 -49.63 36.18 -17.84
C THR B 10 -49.67 36.08 -16.32
N THR B 11 -50.81 35.62 -15.81
CA THR B 11 -50.97 35.36 -14.39
C THR B 11 -50.37 34.01 -14.19
N SER B 12 -50.25 33.62 -12.93
CA SER B 12 -49.80 32.28 -12.60
C SER B 12 -50.60 31.19 -13.32
N GLN B 13 -51.83 31.49 -13.72
CA GLN B 13 -52.73 30.52 -14.33
C GLN B 13 -52.77 30.54 -15.88
N GLY B 14 -52.03 31.45 -16.49
CA GLY B 14 -51.98 31.55 -17.95
C GLY B 14 -52.86 32.59 -18.66
N CYS B 15 -53.61 33.37 -17.89
CA CYS B 15 -54.45 34.44 -18.44
C CYS B 15 -53.55 35.65 -18.69
N PRO B 16 -53.62 36.22 -19.90
CA PRO B 16 -52.88 37.37 -20.38
C PRO B 16 -53.14 38.66 -19.61
N VAL B 17 -52.10 39.46 -19.39
CA VAL B 17 -52.22 40.67 -18.58
C VAL B 17 -51.81 41.84 -19.47
N SER B 18 -52.64 42.89 -19.48
CA SER B 18 -52.41 44.07 -20.35
C SER B 18 -51.48 45.14 -19.78
N ASP B 19 -51.43 45.24 -18.45
CA ASP B 19 -50.63 46.25 -17.82
C ASP B 19 -50.09 45.63 -16.54
N PRO B 20 -48.79 45.72 -16.32
CA PRO B 20 -48.26 45.14 -15.13
C PRO B 20 -48.58 45.95 -13.87
N PHE B 21 -48.89 47.22 -14.03
CA PHE B 21 -48.82 48.15 -12.90
C PHE B 21 -50.14 48.73 -12.39
N THR B 22 -51.25 48.34 -13.01
CA THR B 22 -52.54 48.93 -12.65
C THR B 22 -53.20 48.13 -11.57
N THR B 23 -54.00 48.81 -10.76
CA THR B 23 -54.89 48.12 -9.83
C THR B 23 -56.31 48.71 -9.92
N GLN B 24 -57.30 47.89 -9.66
CA GLN B 24 -58.69 48.34 -9.68
C GLN B 24 -59.12 49.19 -8.47
N ARG B 25 -59.80 50.30 -8.74
CA ARG B 25 -60.52 50.96 -7.67
C ARG B 25 -61.86 51.54 -8.16
N ILE B 26 -62.75 51.89 -7.24
CA ILE B 26 -63.84 52.77 -7.56
C ILE B 26 -63.35 54.08 -6.96
N PRO B 27 -63.28 55.12 -7.77
CA PRO B 27 -62.68 56.37 -7.33
C PRO B 27 -63.60 57.23 -6.48
N LEU B 28 -63.02 58.13 -5.69
CA LEU B 28 -63.79 59.14 -4.99
C LEU B 28 -64.38 60.10 -6.00
N ASP B 29 -65.55 60.64 -5.67
CA ASP B 29 -66.09 61.77 -6.37
C ASP B 29 -65.07 62.92 -6.28
N SER B 30 -64.80 63.53 -7.45
CA SER B 30 -63.71 64.50 -7.59
C SER B 30 -64.10 66.01 -7.61
N THR B 31 -65.40 66.33 -7.56
CA THR B 31 -65.86 67.70 -7.50
C THR B 31 -65.28 68.46 -6.30
N GLY B 32 -64.66 69.61 -6.57
CA GLY B 32 -64.05 70.42 -5.54
C GLY B 32 -62.54 70.32 -5.52
N TYR B 33 -62.01 69.18 -5.98
CA TYR B 33 -60.57 68.85 -5.94
C TYR B 33 -59.72 69.66 -6.93
N LYS B 34 -58.73 70.42 -6.44
CA LYS B 34 -57.77 71.07 -7.33
C LYS B 34 -57.08 69.98 -8.15
N TYR B 35 -56.77 68.86 -7.50
CA TYR B 35 -56.09 67.71 -8.12
C TYR B 35 -56.88 66.47 -7.80
N ALA B 36 -57.35 65.78 -8.82
CA ALA B 36 -58.30 64.68 -8.62
C ALA B 36 -57.97 63.41 -9.38
N PRO B 37 -56.88 62.72 -9.00
CA PRO B 37 -56.60 61.44 -9.60
C PRO B 37 -57.56 60.40 -9.03
N PRO B 38 -57.85 59.34 -9.80
CA PRO B 38 -58.86 58.35 -9.42
C PRO B 38 -58.43 57.38 -8.32
N ILE B 39 -58.68 57.74 -7.07
CA ILE B 39 -58.22 56.96 -5.92
C ILE B 39 -59.41 56.41 -5.17
N GLY B 40 -59.32 55.14 -4.81
CA GLY B 40 -60.33 54.51 -3.98
C GLY B 40 -59.81 53.25 -3.33
N PRO B 41 -60.64 52.58 -2.53
CA PRO B 41 -60.21 51.37 -1.87
C PRO B 41 -59.92 50.27 -2.90
N LEU B 42 -58.98 49.38 -2.58
CA LEU B 42 -58.59 48.30 -3.47
C LEU B 42 -59.53 47.13 -3.33
N LEU B 43 -59.75 46.39 -4.40
CA LEU B 43 -60.79 45.37 -4.41
C LEU B 43 -60.36 43.91 -4.32
N LEU B 44 -61.11 43.12 -3.55
CA LEU B 44 -60.86 41.69 -3.41
C LEU B 44 -60.80 41.00 -4.72
N GLN B 45 -61.52 41.51 -5.72
CA GLN B 45 -61.62 40.83 -7.01
C GLN B 45 -60.42 41.10 -7.89
N ASP B 46 -59.56 42.04 -7.49
CA ASP B 46 -58.34 42.35 -8.25
C ASP B 46 -57.38 41.18 -8.23
N PHE B 47 -57.62 40.17 -9.06
CA PHE B 47 -56.82 38.93 -9.04
C PHE B 47 -55.32 39.10 -9.28
N LYS B 48 -54.94 39.95 -10.23
CA LYS B 48 -53.53 40.24 -10.49
C LYS B 48 -52.84 40.77 -9.25
N LEU B 49 -53.52 41.64 -8.53
CA LEU B 49 -53.01 42.18 -7.28
C LEU B 49 -52.70 41.06 -6.29
N ILE B 50 -53.76 40.37 -5.84
CA ILE B 50 -53.67 39.33 -4.82
C ILE B 50 -52.68 38.25 -5.22
N ASP B 51 -52.80 37.80 -6.47
CA ASP B 51 -51.90 36.79 -7.00
C ASP B 51 -50.43 37.20 -6.98
N THR B 52 -50.08 38.43 -7.39
CA THR B 52 -48.66 38.72 -7.34
C THR B 52 -48.20 39.07 -5.95
N LEU B 53 -49.05 39.74 -5.15
CA LEU B 53 -48.65 40.02 -3.76
C LEU B 53 -48.56 38.78 -2.88
N SER B 54 -49.46 37.85 -3.04
CA SER B 54 -49.44 36.70 -2.15
C SER B 54 -48.32 35.75 -2.48
N HIS B 55 -47.82 35.80 -3.72
CA HIS B 55 -46.64 35.03 -4.05
C HIS B 55 -45.38 35.69 -3.53
N PHE B 56 -45.25 37.00 -3.71
CA PHE B 56 -44.17 37.78 -3.05
C PHE B 56 -44.15 37.44 -1.56
N ASP B 57 -45.34 37.35 -0.95
CA ASP B 57 -45.41 37.11 0.47
C ASP B 57 -44.76 35.80 0.84
N ARG B 58 -44.56 34.92 -0.13
CA ARG B 58 -44.11 33.56 0.16
C ARG B 58 -42.78 33.18 -0.51
N GLU B 59 -41.97 34.17 -0.84
CA GLU B 59 -40.73 33.88 -1.54
C GLU B 59 -39.67 33.15 -0.71
N ARG B 60 -39.72 33.27 0.63
CA ARG B 60 -38.58 32.81 1.47
C ARG B 60 -38.77 31.47 2.10
N ILE B 61 -37.70 30.68 2.09
CA ILE B 61 -37.71 29.39 2.80
C ILE B 61 -36.63 29.41 3.88
N PRO B 62 -36.68 28.49 4.86
CA PRO B 62 -35.64 28.58 5.89
C PRO B 62 -34.27 28.43 5.29
N GLU B 63 -33.30 29.23 5.75
CA GLU B 63 -31.89 28.94 5.38
C GLU B 63 -31.36 27.65 6.08
N ARG B 64 -30.30 27.06 5.53
CA ARG B 64 -29.70 25.88 6.11
C ARG B 64 -29.24 26.17 7.53
N VAL B 65 -29.57 25.31 8.50
CA VAL B 65 -29.11 25.56 9.90
C VAL B 65 -27.62 25.94 9.96
N VAL B 66 -26.82 25.28 9.11
CA VAL B 66 -25.42 25.59 8.93
C VAL B 66 -25.05 25.69 7.44
N HIS B 67 -23.93 26.33 7.13
CA HIS B 67 -23.52 26.51 5.75
C HIS B 67 -24.57 27.28 4.94
N ALA B 68 -25.17 28.29 5.57
CA ALA B 68 -26.28 29.03 4.90
C ALA B 68 -25.81 29.86 3.71
N LYS B 69 -24.62 30.42 3.80
CA LYS B 69 -24.08 31.31 2.78
C LYS B 69 -23.21 30.50 1.81
N GLY B 70 -23.48 30.57 0.50
CA GLY B 70 -22.85 29.63 -0.43
C GLY B 70 -22.97 29.98 -1.89
N ALA B 71 -22.17 29.33 -2.72
CA ALA B 71 -22.24 29.51 -4.17
C ALA B 71 -22.02 28.16 -4.83
N GLY B 72 -22.59 27.94 -6.03
CA GLY B 72 -22.53 26.65 -6.69
C GLY B 72 -22.21 26.72 -8.17
N ALA B 73 -21.84 25.59 -8.74
CA ALA B 73 -21.65 25.49 -10.18
C ALA B 73 -21.83 24.05 -10.58
N TYR B 74 -22.10 23.84 -11.87
CA TYR B 74 -22.06 22.52 -12.46
C TYR B 74 -20.68 22.20 -13.05
N GLY B 75 -20.41 20.93 -13.27
CA GLY B 75 -19.13 20.55 -13.87
C GLY B 75 -19.09 19.11 -14.30
N VAL B 76 -17.89 18.62 -14.55
CA VAL B 76 -17.68 17.27 -15.06
C VAL B 76 -16.57 16.58 -14.27
N PHE B 77 -16.84 15.35 -13.84
CA PHE B 77 -15.84 14.50 -13.25
C PHE B 77 -15.42 13.44 -14.28
N GLU B 78 -14.12 13.17 -14.33
CA GLU B 78 -13.59 12.21 -15.26
C GLU B 78 -12.75 11.17 -14.51
N VAL B 79 -12.97 9.90 -14.78
CA VAL B 79 -12.10 8.86 -14.22
C VAL B 79 -10.80 8.75 -14.99
N THR B 80 -9.68 8.96 -14.32
CA THR B 80 -8.37 8.95 -15.01
C THR B 80 -7.45 7.73 -14.76
N ASP B 81 -7.73 6.93 -13.74
CA ASP B 81 -6.95 5.73 -13.46
C ASP B 81 -7.88 4.58 -13.12
N ASP B 82 -7.44 3.36 -13.34
CA ASP B 82 -8.26 2.21 -12.99
C ASP B 82 -8.15 1.94 -11.50
N ILE B 83 -9.24 2.16 -10.73
CA ILE B 83 -9.27 1.80 -9.29
C ILE B 83 -10.33 0.76 -8.97
N THR B 84 -10.70 -0.02 -9.96
CA THR B 84 -11.72 -1.04 -9.79
C THR B 84 -11.31 -2.13 -8.79
N ASP B 85 -10.04 -2.18 -8.41
CA ASP B 85 -9.56 -3.16 -7.44
C ASP B 85 -9.89 -2.67 -6.03
N VAL B 86 -10.16 -1.38 -5.94
CA VAL B 86 -10.59 -0.73 -4.68
C VAL B 86 -12.11 -0.54 -4.66
N CYS B 87 -12.68 -0.01 -5.76
CA CYS B 87 -14.10 0.38 -5.78
C CYS B 87 -14.97 0.01 -6.97
N SER B 88 -16.06 -0.69 -6.68
CA SER B 88 -16.90 -1.27 -7.72
C SER B 88 -17.94 -0.30 -8.27
N ALA B 89 -17.82 0.98 -7.91
CA ALA B 89 -18.87 1.92 -8.22
C ALA B 89 -18.92 2.20 -9.72
N LYS B 90 -20.14 2.20 -10.28
CA LYS B 90 -20.38 2.32 -11.70
C LYS B 90 -19.79 3.54 -12.38
N PHE B 91 -19.77 4.67 -11.70
CA PHE B 91 -19.25 5.88 -12.30
C PHE B 91 -17.74 5.87 -12.36
N LEU B 92 -17.11 4.92 -11.67
CA LEU B 92 -15.65 4.70 -11.77
C LEU B 92 -15.28 3.49 -12.65
N ASP B 93 -16.31 2.91 -13.25
CA ASP B 93 -16.27 1.77 -14.15
C ASP B 93 -15.06 1.63 -15.02
N THR B 94 -14.93 2.58 -15.93
CA THR B 94 -13.95 2.47 -17.00
C THR B 94 -13.23 3.80 -17.14
N VAL B 95 -11.94 3.77 -17.45
CA VAL B 95 -11.17 5.01 -17.58
C VAL B 95 -11.77 5.92 -18.66
N GLY B 96 -11.82 7.22 -18.40
CA GLY B 96 -12.35 8.21 -19.34
C GLY B 96 -13.86 8.42 -19.29
N LYS B 97 -14.54 7.73 -18.37
CA LYS B 97 -15.95 7.96 -18.10
C LYS B 97 -16.19 9.28 -17.34
N LYS B 98 -17.11 10.10 -17.86
CA LYS B 98 -17.42 11.45 -17.30
C LYS B 98 -18.79 11.50 -16.64
N THR B 99 -18.85 12.20 -15.53
CA THR B 99 -20.07 12.25 -14.76
C THR B 99 -20.42 13.70 -14.49
N ARG B 100 -21.68 14.06 -14.71
CA ARG B 100 -22.09 15.42 -14.44
C ARG B 100 -22.21 15.62 -12.94
N ILE B 101 -21.72 16.76 -12.48
CA ILE B 101 -21.72 17.07 -11.05
C ILE B 101 -22.22 18.46 -10.79
N PHE B 102 -22.64 18.67 -9.56
CA PHE B 102 -22.89 20.03 -9.03
C PHE B 102 -22.16 20.19 -7.70
N THR B 103 -21.50 21.33 -7.54
CA THR B 103 -20.77 21.62 -6.32
C THR B 103 -21.24 22.92 -5.70
N ARG B 104 -21.46 22.87 -4.39
CA ARG B 104 -21.82 24.03 -3.60
C ARG B 104 -20.79 24.29 -2.52
N PHE B 105 -20.22 25.47 -2.53
CA PHE B 105 -19.19 25.87 -1.59
C PHE B 105 -19.90 26.76 -0.62
N SER B 106 -19.46 26.83 0.64
CA SER B 106 -20.17 27.54 1.71
C SER B 106 -19.25 27.89 2.86
N THR B 107 -19.62 28.91 3.63
CA THR B 107 -19.03 29.11 4.96
C THR B 107 -19.89 28.34 6.00
N VAL B 108 -19.56 28.36 7.29
CA VAL B 108 -20.28 27.48 8.18
C VAL B 108 -21.29 28.19 9.07
N GLY B 109 -20.84 29.12 9.90
CA GLY B 109 -21.73 29.71 10.89
C GLY B 109 -22.53 30.91 10.41
N GLY B 110 -21.93 31.68 9.52
CA GLY B 110 -22.62 32.86 8.99
C GLY B 110 -23.95 32.54 8.34
N GLU B 111 -24.87 33.48 8.52
CA GLU B 111 -26.19 33.42 7.91
C GLU B 111 -26.14 34.04 6.49
N LYS B 112 -27.30 34.03 5.84
CA LYS B 112 -27.42 34.27 4.42
C LYS B 112 -26.94 35.61 3.93
N GLY B 113 -26.93 36.64 4.79
CA GLY B 113 -26.41 37.95 4.39
C GLY B 113 -24.96 38.25 4.77
N SER B 114 -24.33 37.29 5.46
CA SER B 114 -23.00 37.49 6.01
C SER B 114 -21.87 37.37 4.98
N ALA B 115 -20.65 37.59 5.43
CA ALA B 115 -19.54 37.80 4.55
C ALA B 115 -18.90 36.51 4.08
N ASP B 116 -18.52 36.48 2.79
CA ASP B 116 -17.86 35.34 2.19
C ASP B 116 -16.47 35.09 2.79
N THR B 117 -15.85 36.16 3.28
CA THR B 117 -14.48 36.07 3.75
C THR B 117 -14.40 36.03 5.26
N ALA B 118 -15.49 35.65 5.90
CA ALA B 118 -15.52 35.37 7.33
C ALA B 118 -14.53 34.26 7.69
N ARG B 119 -14.09 34.27 8.93
CA ARG B 119 -13.24 33.19 9.40
C ARG B 119 -14.14 31.99 9.69
N ASP B 120 -13.90 30.87 9.02
CA ASP B 120 -14.69 29.64 9.18
C ASP B 120 -14.04 28.56 8.38
N PRO B 121 -14.46 27.31 8.59
CA PRO B 121 -14.17 26.26 7.63
C PRO B 121 -14.96 26.58 6.36
N ARG B 122 -14.67 25.89 5.27
CA ARG B 122 -15.51 26.02 4.11
C ARG B 122 -16.06 24.66 3.75
N GLY B 123 -17.33 24.62 3.39
CA GLY B 123 -17.94 23.41 2.90
C GLY B 123 -17.70 23.26 1.41
N PHE B 124 -17.66 22.01 0.96
CA PHE B 124 -17.30 21.67 -0.39
C PHE B 124 -18.13 20.42 -0.71
N ALA B 125 -19.37 20.64 -1.13
CA ALA B 125 -20.27 19.52 -1.40
C ALA B 125 -20.47 19.26 -2.88
N THR B 126 -20.41 18.00 -3.28
CA THR B 126 -20.59 17.68 -4.67
C THR B 126 -21.65 16.59 -4.86
N LYS B 127 -22.54 16.82 -5.82
CA LYS B 127 -23.53 15.83 -6.19
C LYS B 127 -23.09 15.22 -7.50
N PHE B 128 -22.98 13.89 -7.55
CA PHE B 128 -22.61 13.15 -8.76
C PHE B 128 -23.80 12.40 -9.28
N TYR B 129 -24.22 12.72 -10.48
CA TYR B 129 -25.36 12.02 -11.05
C TYR B 129 -24.96 10.72 -11.79
N THR B 130 -24.93 9.58 -11.11
CA THR B 130 -24.40 8.37 -11.69
C THR B 130 -25.52 7.53 -12.23
N GLU B 131 -25.14 6.43 -12.89
CA GLU B 131 -26.10 5.45 -13.41
C GLU B 131 -26.72 4.65 -12.29
N ASP B 132 -26.09 4.69 -11.13
CA ASP B 132 -26.46 3.91 -10.02
C ASP B 132 -27.00 4.84 -8.93
N GLY B 133 -27.39 6.06 -9.30
CA GLY B 133 -28.07 6.93 -8.36
C GLY B 133 -27.23 8.16 -8.12
N ASN B 134 -27.70 9.08 -7.28
CA ASN B 134 -26.95 10.29 -6.99
C ASN B 134 -26.05 10.06 -5.82
N LEU B 135 -24.79 10.41 -5.96
CA LEU B 135 -23.85 10.26 -4.86
C LEU B 135 -23.46 11.63 -4.36
N ASP B 136 -23.53 11.84 -3.04
CA ASP B 136 -23.18 13.15 -2.49
C ASP B 136 -21.89 13.04 -1.70
N LEU B 137 -20.90 13.82 -2.06
CA LEU B 137 -19.65 13.78 -1.31
C LEU B 137 -19.60 15.08 -0.57
N VAL B 138 -20.04 15.04 0.69
CA VAL B 138 -20.28 16.25 1.46
C VAL B 138 -19.08 16.51 2.32
N TYR B 139 -18.18 17.32 1.81
CA TYR B 139 -16.81 17.41 2.33
C TYR B 139 -16.59 18.79 2.91
N ASN B 140 -15.54 18.96 3.71
CA ASN B 140 -15.05 20.27 4.10
C ASN B 140 -13.69 20.58 3.47
N ASN B 141 -13.19 21.81 3.66
CA ASN B 141 -11.87 22.20 3.16
C ASN B 141 -10.77 21.91 4.17
N THR B 142 -11.12 21.10 5.15
CA THR B 142 -10.15 20.59 6.08
C THR B 142 -10.34 19.09 6.32
N PRO B 143 -9.26 18.37 6.68
CA PRO B 143 -9.34 16.91 6.76
C PRO B 143 -9.79 16.43 8.12
N ILE B 144 -10.04 17.39 8.99
CA ILE B 144 -10.42 17.09 10.36
C ILE B 144 -11.52 18.05 10.80
N PHE B 145 -12.05 17.86 12.02
CA PHE B 145 -13.18 18.68 12.51
C PHE B 145 -13.15 18.92 14.01
N PHE B 146 -13.97 19.85 14.51
CA PHE B 146 -14.01 20.26 15.93
C PHE B 146 -14.48 19.19 16.93
N ILE B 147 -15.12 18.12 16.46
CA ILE B 147 -15.77 17.16 17.34
C ILE B 147 -15.67 15.74 16.86
N ARG B 148 -15.79 14.79 17.77
CA ARG B 148 -15.77 13.39 17.38
C ARG B 148 -16.90 12.65 18.11
N ASP B 149 -17.67 13.40 18.88
CA ASP B 149 -18.91 12.90 19.47
C ASP B 149 -20.06 13.59 18.77
N PRO B 150 -20.94 12.82 18.10
CA PRO B 150 -21.91 13.43 17.20
C PRO B 150 -22.83 14.44 17.90
N ILE B 151 -23.35 14.09 19.07
CA ILE B 151 -24.35 14.92 19.75
C ILE B 151 -23.80 16.22 20.31
N LYS B 152 -22.50 16.43 20.19
CA LYS B 152 -21.94 17.72 20.54
C LYS B 152 -22.23 18.75 19.48
N PHE B 153 -22.58 18.31 18.29
CA PHE B 153 -22.66 19.25 17.20
C PHE B 153 -23.53 20.47 17.56
N PRO B 154 -24.76 20.24 18.04
CA PRO B 154 -25.60 21.43 18.26
C PRO B 154 -25.01 22.35 19.30
N HIS B 155 -24.34 21.77 20.30
CA HIS B 155 -23.64 22.57 21.32
C HIS B 155 -22.52 23.38 20.69
N PHE B 156 -21.66 22.72 19.91
CA PHE B 156 -20.60 23.43 19.24
C PHE B 156 -21.16 24.54 18.34
N ILE B 157 -22.12 24.21 17.48
CA ILE B 157 -22.66 25.20 16.53
C ILE B 157 -23.32 26.40 17.25
N HIS B 158 -24.00 26.12 18.36
CA HIS B 158 -24.70 27.18 19.07
C HIS B 158 -23.73 28.22 19.53
N THR B 159 -22.57 27.78 20.04
CA THR B 159 -21.61 28.70 20.60
C THR B 159 -20.88 29.39 19.50
N GLN B 160 -20.93 28.85 18.28
CA GLN B 160 -20.34 29.51 17.11
C GLN B 160 -21.20 30.67 16.61
N LYS B 161 -22.46 30.66 17.01
CA LYS B 161 -23.40 31.61 16.44
C LYS B 161 -23.73 32.70 17.45
N ARG B 162 -25.02 32.97 17.64
CA ARG B 162 -25.43 34.14 18.40
C ARG B 162 -25.95 33.82 19.76
N ASN B 163 -25.89 34.86 20.61
CA ASN B 163 -26.43 34.80 21.97
C ASN B 163 -27.94 34.76 22.04
N PRO B 164 -28.53 33.77 22.74
CA PRO B 164 -29.99 33.59 22.81
C PRO B 164 -30.76 34.84 23.18
N ALA B 165 -30.16 35.72 23.96
CA ALA B 165 -30.82 36.96 24.34
C ALA B 165 -30.48 38.12 23.42
N THR B 166 -29.19 38.36 23.15
CA THR B 166 -28.75 39.54 22.42
C THR B 166 -28.82 39.36 20.91
N ASN B 167 -28.60 38.14 20.42
CA ASN B 167 -28.42 37.92 18.99
C ASN B 167 -27.08 38.47 18.54
N LEU B 168 -26.18 38.69 19.51
CA LEU B 168 -24.80 39.06 19.21
C LEU B 168 -23.88 37.84 19.32
N LYS B 169 -22.77 37.87 18.59
CA LYS B 169 -21.75 36.83 18.74
C LYS B 169 -21.12 37.04 20.11
N ASP B 170 -20.81 35.95 20.77
CA ASP B 170 -20.32 36.01 22.14
C ASP B 170 -18.99 35.26 22.27
N PRO B 171 -17.85 36.00 22.21
CA PRO B 171 -16.51 35.41 22.32
C PRO B 171 -16.39 34.54 23.54
N ASN B 172 -17.04 34.91 24.64
CA ASN B 172 -17.09 34.02 25.78
C ASN B 172 -17.57 32.60 25.45
N MET B 173 -18.80 32.47 24.89
CA MET B 173 -19.39 31.17 24.53
C MET B 173 -18.39 30.38 23.66
N PHE B 174 -17.86 31.07 22.66
CA PHE B 174 -17.04 30.51 21.61
C PHE B 174 -15.95 29.69 22.28
N TRP B 175 -15.19 30.35 23.14
CA TRP B 175 -14.01 29.76 23.74
C TRP B 175 -14.32 28.92 24.96
N ASP B 176 -15.38 29.28 25.68
CA ASP B 176 -15.83 28.42 26.76
C ASP B 176 -16.05 27.01 26.20
N TYR B 177 -16.67 26.86 25.04
CA TYR B 177 -16.96 25.51 24.56
C TYR B 177 -15.67 24.85 24.09
N LEU B 178 -14.89 25.59 23.31
CA LEU B 178 -13.74 24.96 22.68
C LEU B 178 -12.77 24.47 23.73
N THR B 179 -12.45 25.30 24.70
CA THR B 179 -11.48 24.95 25.73
C THR B 179 -11.99 23.82 26.62
N ALA B 180 -13.29 23.75 26.88
CA ALA B 180 -13.85 22.66 27.68
C ALA B 180 -13.83 21.32 26.94
N ASN B 181 -13.65 21.37 25.62
CA ASN B 181 -13.60 20.15 24.79
C ASN B 181 -12.32 20.15 23.96
N ASP B 182 -11.29 19.59 24.60
CA ASP B 182 -9.93 19.43 24.11
C ASP B 182 -9.78 19.02 22.68
N GLU B 183 -10.59 18.06 22.25
CA GLU B 183 -10.38 17.44 20.98
C GLU B 183 -10.55 18.44 19.82
N SER B 184 -11.14 19.57 20.13
CA SER B 184 -11.30 20.61 19.14
C SER B 184 -9.99 21.30 18.76
N LEU B 185 -8.94 21.09 19.55
CA LEU B 185 -7.68 21.84 19.42
C LEU B 185 -7.02 21.79 18.01
N HIS B 186 -6.92 20.57 17.49
CA HIS B 186 -6.42 20.34 16.14
C HIS B 186 -7.14 21.24 15.11
N GLN B 187 -8.47 21.10 14.99
CA GLN B 187 -9.25 21.90 14.04
C GLN B 187 -9.21 23.42 14.31
N VAL B 188 -9.13 23.81 15.59
CA VAL B 188 -9.08 25.22 15.97
C VAL B 188 -7.83 25.86 15.43
N MET B 189 -6.75 25.09 15.47
CA MET B 189 -5.45 25.53 14.98
C MET B 189 -5.46 25.81 13.47
N TYR B 190 -6.06 24.91 12.72
CA TYR B 190 -6.38 25.20 11.33
C TYR B 190 -7.17 26.50 11.22
N LEU B 191 -8.26 26.58 11.98
CA LEU B 191 -9.20 27.66 11.83
C LEU B 191 -8.53 28.98 12.10
N PHE B 192 -7.57 29.02 13.01
CA PHE B 192 -6.96 30.30 13.36
C PHE B 192 -5.65 30.57 12.67
N SER B 193 -5.09 29.53 12.04
CA SER B 193 -4.04 29.75 11.03
C SER B 193 -4.64 30.56 9.89
N ASN B 194 -3.85 30.86 8.87
CA ASN B 194 -4.42 31.58 7.73
C ASN B 194 -5.38 30.74 6.88
N ARG B 195 -5.36 29.43 7.07
CA ARG B 195 -6.26 28.54 6.31
C ARG B 195 -7.75 28.72 6.63
N GLY B 196 -8.04 29.43 7.71
CA GLY B 196 -9.41 29.78 8.05
C GLY B 196 -9.94 30.94 7.25
N THR B 197 -9.14 31.46 6.33
CA THR B 197 -9.55 32.61 5.54
C THR B 197 -9.15 32.47 4.06
N PRO B 198 -9.79 31.54 3.32
CA PRO B 198 -9.25 31.30 1.98
C PRO B 198 -9.53 32.47 1.03
N ALA B 199 -8.67 32.65 0.03
CA ALA B 199 -8.85 33.72 -0.96
C ALA B 199 -10.13 33.55 -1.77
N SER B 200 -10.34 32.35 -2.30
CA SER B 200 -11.52 32.10 -3.07
C SER B 200 -11.84 30.63 -2.92
N TYR B 201 -12.97 30.18 -3.46
CA TYR B 201 -13.24 28.76 -3.38
C TYR B 201 -12.37 28.02 -4.36
N ARG B 202 -11.83 28.74 -5.33
CA ARG B 202 -11.04 28.10 -6.37
C ARG B 202 -9.71 27.55 -5.85
N THR B 203 -9.26 28.10 -4.72
CA THR B 203 -7.93 27.86 -4.16
C THR B 203 -8.02 27.25 -2.77
N MET B 204 -8.83 26.20 -2.64
CA MET B 204 -8.88 25.41 -1.42
C MET B 204 -9.06 23.98 -1.80
N ASN B 205 -8.71 23.07 -0.90
CA ASN B 205 -8.88 21.66 -1.13
C ASN B 205 -10.15 21.14 -0.49
N GLY B 206 -10.52 19.92 -0.81
CA GLY B 206 -11.68 19.32 -0.21
C GLY B 206 -11.22 17.99 0.32
N TYR B 207 -11.75 17.60 1.47
CA TYR B 207 -11.32 16.36 2.11
C TYR B 207 -12.55 15.66 2.63
N SER B 208 -12.55 14.34 2.66
CA SER B 208 -13.68 13.62 3.13
C SER B 208 -13.83 13.77 4.62
N GLY B 209 -12.73 14.09 5.28
CA GLY B 209 -12.71 14.21 6.73
C GLY B 209 -12.85 12.89 7.43
N HIS B 210 -14.01 12.26 7.27
CA HIS B 210 -14.25 10.94 7.82
C HIS B 210 -13.59 9.87 7.00
N THR B 211 -13.61 8.65 7.53
CA THR B 211 -13.19 7.49 6.79
C THR B 211 -14.39 6.82 6.19
N TYR B 212 -14.31 6.42 4.92
CA TYR B 212 -15.41 5.68 4.30
C TYR B 212 -14.97 4.23 4.01
N LYS B 213 -15.85 3.39 3.48
CA LYS B 213 -15.47 2.05 3.13
C LYS B 213 -15.81 1.77 1.70
N TRP B 214 -14.83 1.47 0.85
CA TRP B 214 -15.16 1.15 -0.54
C TRP B 214 -14.99 -0.34 -0.80
N TYR B 215 -15.80 -0.87 -1.71
CA TYR B 215 -15.90 -2.30 -1.95
C TYR B 215 -15.63 -2.58 -3.42
N ASN B 216 -14.70 -3.49 -3.73
CA ASN B 216 -14.51 -3.90 -5.13
C ASN B 216 -15.50 -4.98 -5.46
N SER B 217 -15.53 -5.44 -6.71
CA SER B 217 -16.59 -6.35 -7.15
C SER B 217 -16.52 -7.74 -6.52
N LYS B 218 -15.41 -8.07 -5.86
CA LYS B 218 -15.27 -9.36 -5.18
C LYS B 218 -15.79 -9.26 -3.75
N GLY B 219 -16.04 -8.03 -3.30
CA GLY B 219 -16.56 -7.79 -1.97
C GLY B 219 -15.45 -7.51 -0.97
N GLU B 220 -14.25 -7.27 -1.47
CA GLU B 220 -13.14 -6.93 -0.60
C GLU B 220 -13.18 -5.45 -0.36
N TRP B 221 -13.20 -5.07 0.91
CA TRP B 221 -13.30 -3.67 1.24
C TRP B 221 -12.05 -3.10 1.88
N VAL B 222 -11.92 -1.78 1.82
CA VAL B 222 -10.77 -1.11 2.34
C VAL B 222 -11.24 0.22 2.88
N TYR B 223 -10.71 0.68 4.01
CA TYR B 223 -11.03 2.02 4.51
C TYR B 223 -10.39 3.05 3.59
N VAL B 224 -11.11 4.13 3.27
CA VAL B 224 -10.57 5.21 2.41
C VAL B 224 -10.73 6.60 3.00
N GLN B 225 -9.93 7.53 2.50
CA GLN B 225 -10.06 8.95 2.79
C GLN B 225 -9.84 9.64 1.48
N VAL B 226 -10.68 10.62 1.16
CA VAL B 226 -10.66 11.22 -0.17
C VAL B 226 -9.98 12.60 -0.14
N HIS B 227 -9.18 12.94 -1.15
CA HIS B 227 -8.56 14.25 -1.19
C HIS B 227 -8.84 14.86 -2.54
N PHE B 228 -9.28 16.11 -2.55
CA PHE B 228 -9.51 16.82 -3.77
C PHE B 228 -8.55 17.99 -3.78
N ILE B 229 -7.63 18.03 -4.72
CA ILE B 229 -6.61 19.06 -4.61
C ILE B 229 -6.64 20.06 -5.76
N ALA B 230 -6.75 21.33 -5.37
CA ALA B 230 -6.93 22.44 -6.32
C ALA B 230 -5.75 22.64 -7.27
N ASN B 231 -6.00 22.55 -8.57
CA ASN B 231 -5.00 22.88 -9.55
C ASN B 231 -4.70 24.35 -9.53
N GLN B 232 -5.52 25.10 -8.81
CA GLN B 232 -5.31 26.53 -8.69
C GLN B 232 -4.42 26.81 -7.49
N GLY B 233 -4.07 25.74 -6.78
CA GLY B 233 -3.21 25.79 -5.60
C GLY B 233 -3.93 26.32 -4.36
N VAL B 234 -3.31 26.18 -3.19
CA VAL B 234 -3.88 26.72 -1.95
C VAL B 234 -3.41 28.16 -1.64
N HIS B 235 -4.29 29.14 -1.82
CA HIS B 235 -4.01 30.54 -1.46
C HIS B 235 -4.95 31.04 -0.37
N ASN B 236 -4.38 31.73 0.63
CA ASN B 236 -5.13 32.24 1.77
C ASN B 236 -5.00 33.73 1.94
N LEU B 237 -5.85 34.31 2.77
CA LEU B 237 -5.79 35.73 3.08
C LEU B 237 -5.30 35.93 4.50
N LEU B 238 -4.74 37.09 4.81
CA LEU B 238 -4.47 37.45 6.21
C LEU B 238 -5.72 38.09 6.79
N ASP B 239 -5.84 38.08 8.12
CA ASP B 239 -7.04 38.60 8.80
C ASP B 239 -7.47 40.01 8.36
N GLU B 240 -6.51 40.96 8.32
CA GLU B 240 -6.78 42.36 7.97
C GLU B 240 -7.43 42.47 6.61
N GLU B 241 -6.98 41.61 5.69
CA GLU B 241 -7.45 41.56 4.29
C GLU B 241 -8.85 40.91 4.21
N ALA B 242 -9.02 39.81 4.92
CA ALA B 242 -10.30 39.16 5.07
C ALA B 242 -11.37 40.16 5.53
N GLY B 243 -11.06 40.90 6.59
CA GLY B 243 -12.01 41.81 7.24
C GLY B 243 -12.36 43.06 6.45
N ARG B 244 -11.44 43.49 5.60
CA ARG B 244 -11.74 44.61 4.72
C ARG B 244 -12.73 44.13 3.68
N LEU B 245 -12.45 42.96 3.09
CA LEU B 245 -13.31 42.43 2.04
C LEU B 245 -14.73 42.24 2.57
N ALA B 246 -14.82 41.72 3.79
CA ALA B 246 -16.09 41.54 4.48
C ALA B 246 -16.95 42.80 4.41
N GLY B 247 -16.30 43.96 4.58
CA GLY B 247 -16.96 45.25 4.46
C GLY B 247 -17.14 45.71 3.02
N GLU B 248 -16.10 45.60 2.19
CA GLU B 248 -16.17 46.09 0.79
C GLU B 248 -17.11 45.22 -0.04
N ASP B 249 -16.90 43.90 0.00
CA ASP B 249 -17.62 42.96 -0.85
C ASP B 249 -17.96 41.68 -0.09
N PRO B 250 -19.14 41.64 0.57
CA PRO B 250 -19.55 40.45 1.30
C PRO B 250 -19.71 39.23 0.40
N ASP B 251 -19.72 39.44 -0.91
CA ASP B 251 -20.02 38.38 -1.84
C ASP B 251 -18.80 38.04 -2.70
N HIS B 252 -17.64 38.29 -2.12
CA HIS B 252 -16.36 38.22 -2.81
C HIS B 252 -16.09 36.88 -3.47
N SER B 253 -16.38 35.81 -2.75
CA SER B 253 -16.10 34.49 -3.23
C SER B 253 -17.13 34.03 -4.23
N THR B 254 -18.38 34.49 -4.08
CA THR B 254 -19.45 34.17 -5.02
C THR B 254 -19.12 34.80 -6.37
N ARG B 255 -18.79 36.09 -6.33
CA ARG B 255 -18.41 36.84 -7.51
C ARG B 255 -17.22 36.22 -8.24
N ASP B 256 -16.16 35.95 -7.49
CA ASP B 256 -14.97 35.31 -7.99
C ASP B 256 -15.24 34.03 -8.77
N LEU B 257 -16.08 33.15 -8.22
CA LEU B 257 -16.39 31.87 -8.84
C LEU B 257 -17.25 32.04 -10.08
N TRP B 258 -18.23 32.96 -9.99
CA TRP B 258 -19.15 33.23 -11.09
C TRP B 258 -18.38 33.78 -12.26
N GLU B 259 -17.49 34.71 -11.96
CA GLU B 259 -16.68 35.38 -12.97
C GLU B 259 -15.64 34.49 -13.66
N ALA B 260 -14.90 33.73 -12.86
CA ALA B 260 -14.01 32.77 -13.41
C ALA B 260 -14.75 31.87 -14.41
N ILE B 261 -15.86 31.28 -13.99
CA ILE B 261 -16.59 30.39 -14.89
C ILE B 261 -17.08 31.08 -16.15
N GLU B 262 -17.49 32.34 -16.02
CA GLU B 262 -17.97 33.08 -17.16
C GLU B 262 -16.86 33.45 -18.12
N LYS B 263 -15.65 33.64 -17.61
CA LYS B 263 -14.47 33.86 -18.43
C LYS B 263 -14.01 32.62 -19.16
N GLY B 264 -14.28 31.45 -18.60
CA GLY B 264 -13.69 30.23 -19.10
C GLY B 264 -12.52 29.75 -18.24
N ASP B 265 -12.20 30.52 -17.21
CA ASP B 265 -11.12 30.14 -16.32
C ASP B 265 -11.63 29.08 -15.36
N TYR B 266 -12.00 27.92 -15.90
CA TYR B 266 -12.62 26.90 -15.07
C TYR B 266 -11.66 26.35 -14.05
N PRO B 267 -12.03 26.38 -12.78
CA PRO B 267 -11.28 25.76 -11.74
C PRO B 267 -11.46 24.25 -11.75
N SER B 268 -10.39 23.54 -11.42
CA SER B 268 -10.42 22.09 -11.37
C SER B 268 -9.67 21.55 -10.15
N TRP B 269 -9.98 20.31 -9.78
CA TRP B 269 -9.35 19.64 -8.67
C TRP B 269 -8.91 18.26 -9.14
N GLU B 270 -7.78 17.75 -8.64
CA GLU B 270 -7.37 16.37 -8.88
C GLU B 270 -7.77 15.53 -7.68
N CYS B 271 -8.22 14.30 -7.93
CA CYS B 271 -8.81 13.46 -6.89
C CYS B 271 -7.97 12.26 -6.50
N TYR B 272 -7.72 12.11 -5.20
CA TYR B 272 -6.88 11.05 -4.69
C TYR B 272 -7.57 10.31 -3.58
N ILE B 273 -7.21 9.05 -3.36
CA ILE B 273 -7.56 8.32 -2.13
C ILE B 273 -6.36 7.74 -1.36
N GLN B 274 -6.47 7.77 -0.03
CA GLN B 274 -5.62 6.99 0.84
C GLN B 274 -6.46 5.75 1.16
N THR B 275 -5.82 4.59 1.26
CA THR B 275 -6.53 3.36 1.61
C THR B 275 -5.78 2.66 2.71
N MET B 276 -6.48 1.77 3.40
CA MET B 276 -5.96 1.11 4.59
C MET B 276 -6.78 -0.17 4.81
N THR B 277 -6.10 -1.27 5.08
CA THR B 277 -6.83 -2.48 5.33
C THR B 277 -7.26 -2.54 6.81
N LEU B 278 -8.16 -3.47 7.11
CA LEU B 278 -8.62 -3.63 8.46
C LEU B 278 -7.45 -3.97 9.36
N GLU B 279 -6.55 -4.84 8.90
CA GLU B 279 -5.42 -5.26 9.72
C GLU B 279 -4.40 -4.15 9.93
N GLN B 280 -4.21 -3.29 8.95
CA GLN B 280 -3.33 -2.20 9.17
C GLN B 280 -3.89 -1.30 10.25
N SER B 281 -5.22 -1.19 10.32
CA SER B 281 -5.86 -0.26 11.24
C SER B 281 -5.67 -0.64 12.69
N LYS B 282 -5.53 -1.94 12.92
CA LYS B 282 -5.33 -2.49 14.24
C LYS B 282 -4.00 -2.09 14.86
N LYS B 283 -3.11 -1.54 14.05
CA LYS B 283 -1.76 -1.24 14.53
C LYS B 283 -1.55 0.21 14.94
N LEU B 284 -2.56 1.05 14.71
CA LEU B 284 -2.42 2.50 14.83
C LEU B 284 -2.66 3.02 16.24
N PRO B 285 -1.98 4.10 16.62
CA PRO B 285 -2.18 4.72 17.92
C PRO B 285 -3.45 5.57 17.99
N PHE B 286 -4.14 5.68 16.85
CA PHE B 286 -5.40 6.41 16.75
C PHE B 286 -6.43 5.60 15.97
N SER B 287 -7.68 6.07 15.96
CA SER B 287 -8.74 5.34 15.31
C SER B 287 -9.03 5.91 13.96
N VAL B 288 -9.39 5.04 13.03
CA VAL B 288 -9.88 5.49 11.74
C VAL B 288 -11.25 6.18 11.86
N PHE B 289 -11.87 6.04 13.02
CA PHE B 289 -13.20 6.57 13.22
C PHE B 289 -13.17 7.90 13.93
N ASP B 290 -11.98 8.44 14.14
CA ASP B 290 -11.84 9.68 14.83
C ASP B 290 -11.61 10.80 13.81
N LEU B 291 -12.58 11.69 13.74
CA LEU B 291 -12.58 12.78 12.79
C LEU B 291 -11.58 13.90 13.20
N THR B 292 -10.99 13.79 14.37
CA THR B 292 -10.02 14.82 14.76
C THR B 292 -8.59 14.45 14.33
N LYS B 293 -8.48 13.38 13.54
CA LYS B 293 -7.20 12.83 13.12
C LYS B 293 -7.04 12.78 11.60
N VAL B 294 -5.80 12.89 11.12
CA VAL B 294 -5.43 12.60 9.71
C VAL B 294 -4.60 11.33 9.59
N TRP B 295 -4.53 10.79 8.38
CA TRP B 295 -3.61 9.69 8.09
C TRP B 295 -2.28 10.26 7.56
N PRO B 296 -1.17 10.03 8.28
CA PRO B 296 0.09 10.57 7.77
C PRO B 296 0.43 10.05 6.37
N HIS B 297 0.83 10.97 5.50
CA HIS B 297 1.09 10.72 4.08
C HIS B 297 2.25 9.76 3.82
N LYS B 298 3.32 9.88 4.61
CA LYS B 298 4.45 8.96 4.61
C LYS B 298 3.94 7.51 4.63
N ASP B 299 3.09 7.15 5.60
CA ASP B 299 2.66 5.75 5.78
C ASP B 299 1.53 5.27 4.84
N PHE B 300 0.66 6.18 4.38
CA PHE B 300 -0.51 5.83 3.54
C PHE B 300 -0.64 6.81 2.42
N PRO B 301 -0.06 6.47 1.26
CA PRO B 301 0.22 7.43 0.19
C PRO B 301 -1.04 7.78 -0.60
N LEU B 302 -1.02 8.91 -1.32
CA LEU B 302 -2.17 9.29 -2.15
C LEU B 302 -2.09 8.61 -3.48
N ARG B 303 -3.18 7.97 -3.88
CA ARG B 303 -3.30 7.33 -5.18
C ARG B 303 -4.29 8.11 -6.03
N HIS B 304 -3.82 8.62 -7.18
CA HIS B 304 -4.66 9.43 -8.06
C HIS B 304 -5.72 8.55 -8.70
N PHE B 305 -6.95 9.06 -8.84
CA PHE B 305 -8.03 8.30 -9.51
C PHE B 305 -8.91 9.12 -10.47
N GLY B 306 -8.86 10.44 -10.36
CA GLY B 306 -9.61 11.26 -11.28
C GLY B 306 -9.46 12.75 -11.11
N ARG B 307 -10.25 13.49 -11.86
CA ARG B 307 -10.33 14.93 -11.67
C ARG B 307 -11.72 15.43 -11.96
N PHE B 308 -12.02 16.61 -11.46
CA PHE B 308 -13.23 17.31 -11.86
C PHE B 308 -12.97 18.79 -12.09
N THR B 309 -13.77 19.35 -12.99
CA THR B 309 -13.68 20.74 -13.41
C THR B 309 -15.08 21.29 -13.26
N LEU B 310 -15.19 22.51 -12.73
CA LEU B 310 -16.48 23.21 -12.67
C LEU B 310 -16.57 24.25 -13.79
N ASN B 311 -17.49 24.05 -14.73
CA ASN B 311 -17.48 24.83 -15.98
C ASN B 311 -18.79 25.50 -16.38
N GLU B 312 -19.79 25.47 -15.50
CA GLU B 312 -21.14 25.90 -15.86
C GLU B 312 -21.87 26.51 -14.69
N ASN B 313 -22.08 27.82 -14.74
CA ASN B 313 -22.92 28.52 -13.76
C ASN B 313 -24.38 28.10 -13.83
N PRO B 314 -25.09 28.16 -12.70
CA PRO B 314 -26.49 27.72 -12.70
C PRO B 314 -27.37 28.71 -13.46
N LYS B 315 -28.57 28.32 -13.90
CA LYS B 315 -29.44 29.26 -14.62
C LYS B 315 -30.23 30.16 -13.66
N ASN B 316 -30.74 29.57 -12.59
CA ASN B 316 -31.40 30.31 -11.53
C ASN B 316 -30.82 29.94 -10.15
N TYR B 317 -30.33 30.94 -9.43
CA TYR B 317 -29.60 30.64 -8.20
C TYR B 317 -30.48 29.99 -7.16
N TYR B 318 -31.65 30.56 -6.92
CA TYR B 318 -32.53 29.97 -5.95
C TYR B 318 -32.89 28.56 -6.39
N ALA B 319 -33.32 28.38 -7.62
CA ALA B 319 -33.94 27.08 -8.00
C ALA B 319 -32.95 25.98 -7.86
N GLU B 320 -31.68 26.35 -8.04
CA GLU B 320 -30.59 25.42 -8.12
C GLU B 320 -29.66 25.48 -6.95
N THR B 321 -28.93 26.58 -6.80
CA THR B 321 -27.94 26.62 -5.72
C THR B 321 -28.58 26.58 -4.34
N GLU B 322 -29.64 27.33 -4.15
CA GLU B 322 -30.29 27.36 -2.84
C GLU B 322 -31.09 26.10 -2.46
N GLN B 323 -31.78 25.45 -3.41
CA GLN B 323 -32.65 24.33 -3.10
C GLN B 323 -31.93 22.98 -3.19
N ILE B 324 -30.69 22.96 -3.66
CA ILE B 324 -30.04 21.66 -3.77
C ILE B 324 -29.85 21.07 -2.39
N ALA B 325 -29.95 19.74 -2.28
CA ALA B 325 -29.83 19.06 -1.00
C ALA B 325 -28.81 17.91 -1.05
N PHE B 326 -27.79 17.96 -0.21
CA PHE B 326 -26.79 16.90 -0.18
C PHE B 326 -26.97 16.07 1.07
N SER B 327 -26.62 14.80 0.98
CA SER B 327 -26.57 13.95 2.17
C SER B 327 -25.49 12.87 2.02
N PRO B 328 -24.63 12.70 3.05
CA PRO B 328 -23.68 11.62 3.07
C PRO B 328 -24.37 10.27 2.97
N SER B 329 -25.65 10.17 3.32
CA SER B 329 -26.33 8.87 3.18
C SER B 329 -26.82 8.59 1.77
N HIS B 330 -26.64 9.57 0.88
CA HIS B 330 -26.87 9.35 -0.57
C HIS B 330 -25.62 8.75 -1.17
N THR B 331 -25.58 7.43 -1.26
CA THR B 331 -24.38 6.78 -1.79
C THR B 331 -24.70 5.77 -2.91
N VAL B 332 -23.70 5.12 -3.46
CA VAL B 332 -23.94 4.17 -4.52
C VAL B 332 -23.29 2.86 -4.17
N PRO B 333 -23.69 1.76 -4.86
CA PRO B 333 -23.00 0.48 -4.66
C PRO B 333 -21.51 0.68 -4.82
N GLY B 334 -20.73 0.12 -3.91
CA GLY B 334 -19.30 0.29 -3.97
C GLY B 334 -18.80 1.17 -2.86
N MET B 335 -19.67 2.05 -2.34
CA MET B 335 -19.29 3.00 -1.29
C MET B 335 -20.23 3.01 -0.08
N GLU B 336 -19.73 2.62 1.09
CA GLU B 336 -20.51 2.66 2.33
C GLU B 336 -19.86 3.61 3.33
N PRO B 337 -20.61 4.07 4.34
CA PRO B 337 -20.02 4.89 5.41
C PRO B 337 -19.32 4.02 6.45
N SER B 338 -18.39 4.59 7.20
CA SER B 338 -17.70 3.87 8.24
C SER B 338 -18.41 4.07 9.58
N ASN B 339 -17.91 3.43 10.63
CA ASN B 339 -18.45 3.64 11.97
C ASN B 339 -18.07 4.95 12.65
N ASP B 340 -17.37 5.87 11.97
CA ASP B 340 -17.10 7.21 12.52
C ASP B 340 -18.40 7.83 13.04
N PRO B 341 -18.51 8.00 14.37
CA PRO B 341 -19.82 8.33 14.90
C PRO B 341 -20.42 9.67 14.41
N VAL B 342 -19.57 10.67 14.16
CA VAL B 342 -20.04 11.96 13.58
C VAL B 342 -20.64 11.70 12.21
N LEU B 343 -19.96 10.88 11.40
CA LEU B 343 -20.51 10.49 10.12
C LEU B 343 -21.81 9.72 10.32
N GLN B 344 -21.88 8.89 11.35
CA GLN B 344 -23.05 8.03 11.53
C GLN B 344 -24.27 8.89 11.75
N SER B 345 -24.14 9.90 12.58
CA SER B 345 -25.28 10.75 12.88
C SER B 345 -25.67 11.63 11.70
N ARG B 346 -24.69 12.01 10.86
CA ARG B 346 -24.95 12.83 9.68
C ARG B 346 -25.84 12.08 8.71
N LEU B 347 -25.71 10.76 8.66
CA LEU B 347 -26.54 9.94 7.81
C LEU B 347 -28.03 10.20 7.99
N PHE B 348 -28.42 10.48 9.23
CA PHE B 348 -29.82 10.75 9.54
C PHE B 348 -30.19 12.23 9.43
N SER B 349 -29.30 13.11 9.92
CA SER B 349 -29.54 14.55 9.94
C SER B 349 -29.90 15.20 8.65
N TYR B 350 -29.14 14.94 7.57
CA TYR B 350 -29.28 15.74 6.37
C TYR B 350 -30.66 15.49 5.69
N PRO B 351 -31.04 14.21 5.49
CA PRO B 351 -32.40 13.98 4.99
C PRO B 351 -33.49 14.55 5.90
N ASP B 352 -33.30 14.41 7.21
CA ASP B 352 -34.20 14.99 8.19
C ASP B 352 -34.35 16.51 8.05
N THR B 353 -33.26 17.25 7.97
CA THR B 353 -33.36 18.68 7.77
C THR B 353 -33.89 19.01 6.35
N HIS B 354 -33.55 18.23 5.32
CA HIS B 354 -34.11 18.50 4.00
C HIS B 354 -35.63 18.51 4.02
N ARG B 355 -36.20 17.49 4.64
CA ARG B 355 -37.63 17.37 4.80
C ARG B 355 -38.28 18.59 5.45
N HIS B 356 -37.48 19.37 6.19
CA HIS B 356 -37.96 20.60 6.86
C HIS B 356 -37.70 21.86 6.04
N ARG B 357 -36.47 21.99 5.58
CA ARG B 357 -36.03 23.15 4.81
C ARG B 357 -36.69 23.21 3.44
N LEU B 358 -36.87 22.08 2.77
CA LEU B 358 -37.44 22.10 1.40
C LEU B 358 -38.83 21.48 1.33
N GLY B 359 -39.00 20.32 1.96
CA GLY B 359 -40.29 19.71 2.08
C GLY B 359 -40.24 18.22 1.86
N PRO B 360 -41.27 17.50 2.28
CA PRO B 360 -41.28 16.05 2.17
C PRO B 360 -40.87 15.46 0.83
N ASN B 361 -41.18 16.12 -0.27
CA ASN B 361 -40.87 15.53 -1.57
C ASN B 361 -39.73 16.24 -2.31
N TYR B 362 -38.68 16.60 -1.58
CA TYR B 362 -37.68 17.53 -2.09
C TYR B 362 -36.83 16.92 -3.20
N HIS B 363 -36.81 15.60 -3.26
CA HIS B 363 -36.04 14.93 -4.29
C HIS B 363 -36.67 15.09 -5.66
N GLN B 364 -37.87 15.66 -5.73
CA GLN B 364 -38.54 15.88 -7.01
C GLN B 364 -38.19 17.26 -7.57
N ILE B 365 -37.53 18.09 -6.75
CA ILE B 365 -36.97 19.35 -7.26
C ILE B 365 -35.86 19.00 -8.24
N PRO B 366 -35.86 19.60 -9.44
CA PRO B 366 -34.91 19.24 -10.47
C PRO B 366 -33.44 19.01 -10.07
N VAL B 367 -32.74 19.97 -9.44
CA VAL B 367 -31.34 19.68 -9.08
C VAL B 367 -31.19 18.43 -8.23
N ASN B 368 -32.25 18.01 -7.52
CA ASN B 368 -32.17 16.88 -6.60
C ASN B 368 -32.55 15.51 -7.17
N CYS B 369 -33.12 15.50 -8.38
CA CYS B 369 -33.51 14.23 -9.04
C CYS B 369 -32.33 13.36 -9.38
N PRO B 370 -32.52 12.05 -9.36
CA PRO B 370 -31.56 11.17 -10.01
C PRO B 370 -31.68 11.28 -11.56
N LEU B 371 -31.09 12.31 -12.17
CA LEU B 371 -31.21 12.55 -13.60
C LEU B 371 -30.61 11.46 -14.51
N LYS B 372 -29.43 10.95 -14.17
CA LYS B 372 -28.80 9.94 -15.04
C LYS B 372 -29.48 8.56 -14.91
N SER B 373 -29.80 8.13 -13.70
CA SER B 373 -30.57 6.89 -13.50
C SER B 373 -31.92 7.31 -13.08
N GLY B 374 -32.94 6.56 -13.43
CA GLY B 374 -34.26 7.01 -13.00
C GLY B 374 -34.37 6.77 -11.51
N SER B 375 -35.60 6.63 -11.06
CA SER B 375 -35.85 5.94 -9.82
C SER B 375 -37.09 5.16 -10.08
N PHE B 376 -37.24 4.10 -9.32
CA PHE B 376 -38.48 3.39 -9.30
C PHE B 376 -38.60 2.94 -7.86
N ASN B 377 -39.46 3.63 -7.11
CA ASN B 377 -39.71 3.31 -5.69
C ASN B 377 -41.20 3.34 -5.37
N PRO B 378 -41.95 2.29 -5.81
CA PRO B 378 -43.41 2.17 -5.66
C PRO B 378 -43.96 2.29 -4.23
N ILE B 379 -43.10 2.11 -3.23
CA ILE B 379 -43.50 2.22 -1.82
C ILE B 379 -43.61 3.63 -1.29
N ASN B 380 -42.90 4.56 -1.93
CA ASN B 380 -42.99 5.93 -1.49
C ASN B 380 -43.97 6.68 -2.35
N ARG B 381 -45.12 7.04 -1.78
CA ARG B 381 -46.13 7.75 -2.58
C ARG B 381 -46.84 8.88 -1.85
N ASP B 382 -47.50 9.72 -2.63
CA ASP B 382 -48.16 10.89 -2.12
C ASP B 382 -47.20 11.84 -1.40
N GLY B 383 -47.71 12.51 -0.37
CA GLY B 383 -46.99 13.59 0.31
C GLY B 383 -47.21 14.93 -0.39
N PRO B 384 -46.89 16.03 0.32
CA PRO B 384 -47.01 17.39 -0.22
C PRO B 384 -46.32 17.59 -1.55
N MET B 385 -46.91 18.44 -2.40
CA MET B 385 -46.23 18.91 -3.62
C MET B 385 -45.71 17.75 -4.44
N CYS B 386 -46.51 16.71 -4.57
CA CYS B 386 -46.14 15.58 -5.37
C CYS B 386 -46.28 15.90 -6.87
N VAL B 387 -45.18 16.19 -7.54
CA VAL B 387 -45.23 16.71 -8.91
C VAL B 387 -44.72 15.77 -10.00
N ASP B 388 -44.27 14.58 -9.62
CA ASP B 388 -43.60 13.68 -10.58
C ASP B 388 -44.52 12.62 -11.13
N GLY B 389 -45.84 12.78 -10.91
CA GLY B 389 -46.83 11.86 -11.45
C GLY B 389 -47.16 10.66 -10.55
N ASN B 390 -46.37 10.52 -9.47
CA ASN B 390 -46.73 9.58 -8.41
C ASN B 390 -46.86 8.15 -8.95
N LEU B 391 -46.16 7.90 -10.06
CA LEU B 391 -46.13 6.57 -10.67
C LEU B 391 -47.51 6.10 -11.13
N GLY B 392 -48.40 7.01 -11.48
CA GLY B 392 -49.70 6.57 -11.97
C GLY B 392 -50.23 5.38 -11.18
N GLY B 393 -50.70 4.36 -11.89
CA GLY B 393 -51.47 3.27 -11.29
C GLY B 393 -50.65 2.10 -10.80
N THR B 394 -49.34 2.29 -10.70
CA THR B 394 -48.43 1.24 -10.24
C THR B 394 -48.71 0.86 -8.79
N PRO B 395 -48.81 -0.44 -8.51
CA PRO B 395 -49.10 -0.96 -7.18
C PRO B 395 -48.10 -0.41 -6.18
N ASN B 396 -48.55 -0.21 -4.94
CA ASN B 396 -47.70 0.41 -3.95
C ASN B 396 -47.25 -0.53 -2.86
N TYR B 397 -47.04 -1.79 -3.21
CA TYR B 397 -46.43 -2.76 -2.30
C TYR B 397 -45.59 -3.72 -3.11
N ALA B 398 -44.55 -4.28 -2.50
CA ALA B 398 -43.69 -5.23 -3.20
C ALA B 398 -44.33 -6.60 -3.51
N ASN B 399 -43.99 -7.16 -4.65
CA ASN B 399 -44.47 -8.49 -5.08
C ASN B 399 -45.96 -8.43 -5.29
N ALA B 400 -46.39 -7.38 -5.99
CA ALA B 400 -47.77 -7.31 -6.42
C ALA B 400 -47.92 -8.39 -7.48
N TYR B 401 -49.08 -9.05 -7.50
CA TYR B 401 -49.35 -10.07 -8.50
C TYR B 401 -49.33 -9.49 -9.91
N ASN B 402 -49.70 -8.23 -10.06
CA ASN B 402 -49.85 -7.61 -11.38
C ASN B 402 -48.78 -6.57 -11.71
N CYS B 403 -47.57 -6.78 -11.20
CA CYS B 403 -46.45 -5.86 -11.45
C CYS B 403 -45.10 -6.49 -11.15
N PRO B 404 -44.40 -6.95 -12.21
CA PRO B 404 -43.10 -7.64 -12.11
C PRO B 404 -41.90 -6.68 -11.86
N ILE B 405 -41.36 -6.76 -10.64
CA ILE B 405 -40.25 -5.90 -10.21
C ILE B 405 -38.92 -6.68 -10.24
N GLN B 406 -37.88 -5.99 -10.70
CA GLN B 406 -36.50 -6.49 -10.76
C GLN B 406 -35.70 -5.95 -9.55
N TYR B 407 -34.98 -6.85 -8.88
CA TYR B 407 -34.08 -6.43 -7.78
C TYR B 407 -32.63 -6.73 -8.17
N ALA B 408 -31.75 -5.74 -8.00
CA ALA B 408 -30.33 -5.84 -8.38
C ALA B 408 -29.49 -6.85 -7.54
N VAL B 409 -28.65 -7.63 -8.25
CA VAL B 409 -27.73 -8.64 -7.67
C VAL B 409 -26.98 -8.21 -6.39
N ASN B 416 -19.68 -11.50 -1.00
CA ASN B 416 -19.45 -11.59 0.45
C ASN B 416 -18.04 -12.11 0.81
N LYS B 417 -17.48 -11.50 1.85
CA LYS B 417 -16.19 -11.85 2.45
C LYS B 417 -16.26 -11.37 3.90
N PRO B 418 -15.16 -11.51 4.68
CA PRO B 418 -15.23 -11.06 6.09
C PRO B 418 -15.40 -9.54 6.25
N ASP B 419 -16.36 -9.12 7.09
CA ASP B 419 -16.51 -7.72 7.43
C ASP B 419 -16.02 -7.51 8.87
N GLU B 420 -16.34 -6.35 9.45
CA GLU B 420 -15.94 -6.02 10.82
C GLU B 420 -16.80 -6.84 11.76
N LYS B 421 -16.30 -7.12 12.96
CA LYS B 421 -17.05 -7.96 13.90
C LYS B 421 -17.30 -7.27 15.22
N TYR B 422 -18.48 -7.52 15.80
CA TYR B 422 -18.93 -6.84 17.02
C TYR B 422 -19.09 -7.77 18.23
N THR B 423 -18.62 -7.31 19.40
CA THR B 423 -18.84 -8.00 20.68
C THR B 423 -19.15 -7.06 21.82
N GLY B 424 -20.13 -7.42 22.64
CA GLY B 424 -20.41 -6.65 23.86
C GLY B 424 -21.87 -6.35 24.12
N GLU B 425 -22.11 -5.45 25.07
CA GLU B 425 -23.46 -5.00 25.35
C GLU B 425 -23.65 -3.67 24.63
N VAL B 426 -24.89 -3.17 24.61
CA VAL B 426 -25.16 -1.82 24.15
C VAL B 426 -24.55 -0.86 25.15
N VAL B 427 -23.67 0.04 24.69
CA VAL B 427 -22.89 0.86 25.61
C VAL B 427 -23.04 2.33 25.27
N PRO B 428 -23.24 3.19 26.28
CA PRO B 428 -23.22 4.64 26.10
C PRO B 428 -21.80 5.17 26.15
N TYR B 429 -21.42 6.03 25.21
CA TYR B 429 -20.03 6.43 25.14
C TYR B 429 -19.80 7.85 24.69
N HIS B 430 -18.94 8.50 25.46
CA HIS B 430 -18.44 9.79 25.18
C HIS B 430 -16.92 9.58 25.09
N TRP B 431 -16.35 9.90 23.94
CA TRP B 431 -14.95 9.61 23.62
C TRP B 431 -14.00 10.23 24.65
N GLU B 432 -13.14 9.38 25.22
CA GLU B 432 -12.25 9.77 26.35
C GLU B 432 -10.82 10.09 25.92
N HIS B 433 -10.31 11.21 26.45
CA HIS B 433 -9.02 11.74 26.07
C HIS B 433 -7.90 10.82 26.46
N THR B 434 -6.99 10.61 25.53
CA THR B 434 -5.71 9.95 25.80
C THR B 434 -4.57 10.86 25.36
N ASP B 435 -3.34 10.42 25.65
CA ASP B 435 -2.15 11.21 25.45
C ASP B 435 -1.87 11.54 23.98
N TYR B 436 -2.34 10.66 23.12
CA TYR B 436 -2.13 10.83 21.69
C TYR B 436 -2.90 12.01 21.10
N ASP B 437 -4.06 12.33 21.69
CA ASP B 437 -4.93 13.39 21.20
C ASP B 437 -4.26 14.78 21.08
N TYR B 438 -3.20 15.01 21.83
CA TYR B 438 -2.53 16.29 21.77
C TYR B 438 -1.39 16.21 20.78
N PHE B 439 -1.08 15.00 20.32
CA PHE B 439 0.12 14.75 19.51
C PHE B 439 0.06 15.42 18.16
N GLN B 440 -1.06 15.21 17.48
CA GLN B 440 -1.21 15.68 16.13
C GLN B 440 -1.35 17.20 16.04
N PRO B 441 -1.97 17.86 17.03
CA PRO B 441 -1.86 19.30 17.08
C PRO B 441 -0.44 19.78 17.28
N LYS B 442 0.37 18.99 17.99
CA LYS B 442 1.79 19.32 18.22
C LYS B 442 2.53 19.40 16.88
N MET B 443 2.35 18.36 16.06
CA MET B 443 2.90 18.33 14.69
C MET B 443 2.41 19.44 13.78
N PHE B 444 1.17 19.87 13.93
CA PHE B 444 0.66 20.92 13.08
C PHE B 444 1.34 22.24 13.41
N TRP B 445 1.75 22.43 14.66
CA TRP B 445 2.49 23.62 15.01
C TRP B 445 3.86 23.61 14.31
N LYS B 446 4.44 22.42 14.16
CA LYS B 446 5.69 22.26 13.42
C LYS B 446 5.51 22.49 11.93
N VAL B 447 4.36 22.11 11.39
CA VAL B 447 4.13 22.25 9.96
C VAL B 447 3.92 23.69 9.62
N LEU B 448 3.29 24.44 10.51
CA LEU B 448 3.30 25.89 10.36
C LEU B 448 4.73 26.28 10.72
N GLY B 449 5.18 27.49 10.39
CA GLY B 449 6.55 27.85 10.75
C GLY B 449 7.60 26.97 10.07
N ARG B 450 7.15 26.10 9.16
CA ARG B 450 7.98 25.72 8.01
C ARG B 450 7.66 26.71 6.94
N THR B 451 6.72 27.61 7.26
CA THR B 451 6.46 28.80 6.45
C THR B 451 6.54 30.05 7.35
N PRO B 452 7.47 30.97 7.00
CA PRO B 452 7.59 32.23 7.74
C PRO B 452 6.23 32.94 7.82
N GLY B 453 5.92 33.49 8.98
CA GLY B 453 4.68 34.25 9.18
C GLY B 453 3.46 33.41 9.58
N GLU B 454 3.51 32.11 9.30
CA GLU B 454 2.35 31.28 9.52
C GLU B 454 2.05 31.13 11.01
N GLN B 455 3.10 30.90 11.80
CA GLN B 455 2.96 30.77 13.23
C GLN B 455 2.55 32.09 13.88
N GLU B 456 3.18 33.19 13.49
CA GLU B 456 2.86 34.46 14.14
C GLU B 456 1.47 34.91 13.74
N SER B 457 0.98 34.41 12.61
CA SER B 457 -0.39 34.68 12.17
C SER B 457 -1.42 34.02 13.09
N LEU B 458 -1.28 32.69 13.28
CA LEU B 458 -2.16 31.99 14.22
C LEU B 458 -2.27 32.75 15.54
N VAL B 459 -1.12 33.16 16.08
CA VAL B 459 -1.07 33.86 17.34
C VAL B 459 -1.84 35.19 17.27
N LYS B 460 -1.48 36.01 16.29
CA LYS B 460 -2.14 37.29 16.02
C LYS B 460 -3.67 37.11 15.86
N ASN B 461 -4.06 36.06 15.15
CA ASN B 461 -5.47 35.81 14.90
C ASN B 461 -6.21 35.39 16.16
N VAL B 462 -5.64 34.45 16.91
CA VAL B 462 -6.21 34.00 18.18
C VAL B 462 -6.29 35.16 19.16
N ALA B 463 -5.37 36.10 19.05
CA ALA B 463 -5.28 37.17 20.03
C ALA B 463 -6.37 38.21 19.84
N ASN B 464 -6.56 38.66 18.60
CA ASN B 464 -7.59 39.65 18.31
C ASN B 464 -9.00 39.14 18.60
N HIS B 465 -9.24 37.86 18.31
CA HIS B 465 -10.53 37.26 18.57
C HIS B 465 -10.81 37.23 20.06
N VAL B 466 -9.82 36.80 20.86
CA VAL B 466 -10.02 36.51 22.30
C VAL B 466 -9.83 37.70 23.25
N SER B 467 -9.33 38.81 22.72
CA SER B 467 -9.15 40.04 23.51
C SER B 467 -10.48 40.63 24.00
N ALA B 468 -11.57 40.27 23.32
CA ALA B 468 -12.87 40.75 23.71
C ALA B 468 -13.50 39.91 24.83
N ALA B 469 -12.87 38.76 25.11
CA ALA B 469 -13.38 37.82 26.09
C ALA B 469 -13.01 38.32 27.47
N ASP B 470 -13.74 37.87 28.49
CA ASP B 470 -13.39 38.16 29.88
C ASP B 470 -12.06 37.51 30.26
N GLU B 471 -11.31 38.15 31.14
CA GLU B 471 -9.99 37.64 31.57
C GLU B 471 -9.99 36.12 31.91
N PHE B 472 -10.96 35.70 32.73
CA PHE B 472 -10.95 34.34 33.25
C PHE B 472 -11.04 33.36 32.10
N ILE B 473 -11.56 33.84 30.99
CA ILE B 473 -11.74 32.97 29.84
C ILE B 473 -10.60 33.11 28.81
N GLN B 474 -9.94 34.27 28.78
CA GLN B 474 -8.64 34.37 28.10
C GLN B 474 -7.64 33.38 28.72
N ASP B 475 -7.65 33.25 30.05
CA ASP B 475 -6.75 32.34 30.77
C ASP B 475 -6.89 30.91 30.34
N ARG B 476 -8.11 30.42 30.25
CA ARG B 476 -8.32 29.02 29.85
C ARG B 476 -7.82 28.80 28.42
N VAL B 477 -7.88 29.85 27.61
CA VAL B 477 -7.46 29.78 26.20
C VAL B 477 -5.95 29.62 26.05
N TYR B 478 -5.17 30.37 26.84
CA TYR B 478 -3.71 30.14 26.96
C TYR B 478 -3.34 28.71 27.35
N GLU B 479 -3.88 28.24 28.47
CA GLU B 479 -3.83 26.82 28.82
C GLU B 479 -4.15 25.88 27.63
N TYR B 480 -5.23 26.21 26.90
CA TYR B 480 -5.77 25.35 25.84
C TYR B 480 -4.80 25.17 24.71
N PHE B 481 -4.30 26.27 24.17
CA PHE B 481 -3.31 26.16 23.11
C PHE B 481 -1.98 25.60 23.61
N SER B 482 -1.65 25.89 24.86
CA SER B 482 -0.42 25.36 25.42
C SER B 482 -0.43 23.84 25.59
N LYS B 483 -1.58 23.21 25.30
CA LYS B 483 -1.69 21.73 25.32
C LYS B 483 -1.11 21.11 24.06
N ALA B 484 -0.79 21.95 23.08
CA ALA B 484 -0.15 21.50 21.81
C ALA B 484 1.34 21.78 21.81
N GLU B 485 1.68 23.01 22.23
CA GLU B 485 3.06 23.43 22.52
C GLU B 485 3.05 24.59 23.51
N PRO B 486 3.74 24.44 24.66
CA PRO B 486 3.63 25.45 25.70
C PRO B 486 3.88 26.91 25.29
N ILE B 487 4.70 27.14 24.24
CA ILE B 487 5.01 28.52 23.86
C ILE B 487 3.77 29.26 23.37
N ILE B 488 2.84 28.51 22.77
CA ILE B 488 1.63 29.06 22.17
C ILE B 488 0.74 29.85 23.15
N GLY B 489 0.44 29.28 24.31
CA GLY B 489 -0.30 30.01 25.35
C GLY B 489 0.39 31.31 25.72
N ASP B 490 1.73 31.25 25.80
CA ASP B 490 2.57 32.37 26.24
C ASP B 490 2.74 33.49 25.23
N LEU B 491 2.89 33.11 23.96
CA LEU B 491 2.90 34.05 22.84
C LEU B 491 1.57 34.77 22.61
N ILE B 492 0.46 34.03 22.75
CA ILE B 492 -0.88 34.60 22.68
C ILE B 492 -1.12 35.56 23.85
N ARG B 493 -0.75 35.14 25.06
CA ARG B 493 -0.84 36.02 26.27
C ARG B 493 0.00 37.26 26.09
N LYS B 494 1.19 37.07 25.50
CA LYS B 494 2.07 38.17 25.23
C LYS B 494 1.36 39.19 24.32
N LYS B 495 0.67 38.72 23.28
CA LYS B 495 0.03 39.63 22.32
C LYS B 495 -1.30 40.20 22.80
N VAL B 496 -2.05 39.43 23.60
CA VAL B 496 -3.26 39.96 24.21
C VAL B 496 -2.94 41.18 25.06
N GLN B 497 -1.86 41.08 25.84
CA GLN B 497 -1.43 42.17 26.72
C GLN B 497 -0.63 43.28 26.01
N GLU B 498 -0.28 43.04 24.75
CA GLU B 498 0.23 44.10 23.89
C GLU B 498 -0.90 44.89 23.24
N LEU B 499 -1.96 44.18 22.84
CA LEU B 499 -3.14 44.81 22.25
C LEU B 499 -3.84 45.68 23.29
N LYS B 500 -3.81 45.24 24.55
CA LYS B 500 -4.29 46.05 25.67
C LYS B 500 -3.50 47.34 25.86
N ARG B 501 -2.19 47.30 25.59
CA ARG B 501 -1.32 48.48 25.78
C ARG B 501 -1.78 49.70 24.99
N LYS B 502 -2.34 49.50 23.79
CA LYS B 502 -2.97 50.61 23.05
C LYS B 502 -4.27 51.10 23.74
N ALA B 503 -4.15 52.20 24.50
CA ALA B 503 -5.25 52.78 25.27
N PRO C 6 -30.76 24.87 41.10
CA PRO C 6 -30.43 23.71 40.26
C PRO C 6 -31.67 23.05 39.60
N PRO C 7 -31.69 22.97 38.25
CA PRO C 7 -32.78 22.27 37.55
C PRO C 7 -32.33 20.93 36.91
N VAL C 8 -33.28 20.00 36.72
CA VAL C 8 -32.99 18.67 36.16
C VAL C 8 -32.97 18.71 34.63
N PHE C 9 -31.84 18.36 34.00
CA PHE C 9 -31.75 18.31 32.54
C PHE C 9 -32.58 17.13 32.00
N THR C 10 -33.50 17.43 31.07
CA THR C 10 -34.47 16.46 30.51
C THR C 10 -34.54 16.40 28.98
N THR C 11 -35.26 15.41 28.46
CA THR C 11 -35.63 15.37 27.05
C THR C 11 -36.79 16.30 26.87
N SER C 12 -37.28 16.44 25.63
CA SER C 12 -38.46 17.31 25.32
C SER C 12 -39.74 16.85 26.02
N GLN C 13 -39.79 15.57 26.36
CA GLN C 13 -40.92 14.96 27.05
C GLN C 13 -40.80 14.90 28.61
N GLY C 14 -39.77 15.52 29.19
CA GLY C 14 -39.60 15.54 30.66
C GLY C 14 -38.81 14.42 31.32
N CYS C 15 -38.34 13.43 30.55
CA CYS C 15 -37.50 12.33 31.06
C CYS C 15 -36.08 12.83 31.38
N PRO C 16 -35.58 12.53 32.59
CA PRO C 16 -34.27 13.00 33.06
C PRO C 16 -33.12 12.44 32.22
N VAL C 17 -32.02 13.18 32.15
CA VAL C 17 -30.89 12.75 31.33
C VAL C 17 -29.65 12.76 32.23
N SER C 18 -28.91 11.64 32.25
CA SER C 18 -27.70 11.56 33.10
C SER C 18 -26.48 12.26 32.52
N ASP C 19 -26.28 12.14 31.20
CA ASP C 19 -25.08 12.65 30.52
C ASP C 19 -25.45 13.34 29.22
N PRO C 20 -25.05 14.61 29.07
CA PRO C 20 -25.44 15.35 27.88
C PRO C 20 -24.73 14.92 26.63
N PHE C 21 -23.59 14.23 26.76
CA PHE C 21 -22.74 13.95 25.61
C PHE C 21 -22.62 12.51 25.11
N THR C 22 -23.24 11.55 25.77
CA THR C 22 -23.06 10.15 25.37
C THR C 22 -24.00 9.74 24.24
N THR C 23 -23.59 8.75 23.44
CA THR C 23 -24.47 8.09 22.48
C THR C 23 -24.26 6.59 22.50
N GLN C 24 -25.33 5.84 22.22
CA GLN C 24 -25.35 4.38 22.29
C GLN C 24 -24.71 3.69 21.11
N ARG C 25 -23.86 2.71 21.38
CA ARG C 25 -23.29 1.87 20.34
C ARG C 25 -22.97 0.49 20.88
N ILE C 26 -22.90 -0.49 19.96
CA ILE C 26 -22.40 -1.81 20.27
C ILE C 26 -20.98 -1.80 19.73
N PRO C 27 -19.95 -1.92 20.60
CA PRO C 27 -18.57 -1.68 20.19
C PRO C 27 -18.02 -2.77 19.30
N LEU C 28 -17.05 -2.44 18.46
CA LEU C 28 -16.32 -3.48 17.72
C LEU C 28 -15.50 -4.32 18.69
N ASP C 29 -15.26 -5.57 18.31
CA ASP C 29 -14.29 -6.43 19.00
C ASP C 29 -12.89 -5.83 19.01
N SER C 30 -12.35 -5.67 20.21
CA SER C 30 -11.11 -4.94 20.42
C SER C 30 -9.84 -5.78 20.33
N THR C 31 -9.94 -7.04 19.87
CA THR C 31 -8.73 -7.91 19.83
C THR C 31 -7.86 -7.61 18.61
N GLY C 32 -6.61 -7.29 18.89
CA GLY C 32 -5.68 -6.82 17.88
C GLY C 32 -5.28 -5.36 18.01
N TYR C 33 -6.20 -4.51 18.45
CA TYR C 33 -5.98 -3.08 18.37
C TYR C 33 -4.97 -2.55 19.36
N LYS C 34 -4.06 -1.68 18.91
CA LYS C 34 -3.20 -0.96 19.84
C LYS C 34 -4.05 0.06 20.64
N TYR C 35 -5.12 0.54 20.00
CA TYR C 35 -6.04 1.53 20.57
C TYR C 35 -7.43 1.04 20.27
N ALA C 36 -8.25 0.89 21.30
CA ALA C 36 -9.55 0.27 21.12
C ALA C 36 -10.64 0.96 21.91
N PRO C 37 -11.06 2.14 21.44
CA PRO C 37 -12.19 2.78 22.08
C PRO C 37 -13.42 2.01 21.65
N PRO C 38 -14.48 2.00 22.46
CA PRO C 38 -15.67 1.24 22.07
C PRO C 38 -16.47 2.00 21.01
N ILE C 39 -16.24 1.67 19.75
CA ILE C 39 -16.88 2.36 18.64
C ILE C 39 -17.71 1.40 17.87
N GLY C 40 -18.81 1.88 17.32
CA GLY C 40 -19.74 1.09 16.55
C GLY C 40 -20.88 1.91 15.99
N PRO C 41 -21.76 1.28 15.19
CA PRO C 41 -22.86 1.98 14.53
C PRO C 41 -23.85 2.54 15.53
N LEU C 42 -24.36 3.74 15.24
CA LEU C 42 -25.32 4.44 16.08
C LEU C 42 -26.70 3.82 15.94
N LEU C 43 -27.52 3.92 16.99
CA LEU C 43 -28.77 3.14 17.06
C LEU C 43 -30.07 3.96 17.00
N LEU C 44 -31.08 3.41 16.34
CA LEU C 44 -32.37 4.06 16.26
C LEU C 44 -32.98 4.26 17.62
N GLN C 45 -32.65 3.41 18.57
CA GLN C 45 -33.30 3.50 19.87
C GLN C 45 -32.74 4.60 20.74
N ASP C 46 -31.63 5.22 20.31
CA ASP C 46 -31.02 6.32 21.04
C ASP C 46 -31.85 7.58 21.02
N PHE C 47 -32.89 7.63 21.84
CA PHE C 47 -33.84 8.72 21.75
C PHE C 47 -33.20 10.11 22.02
N LYS C 48 -32.27 10.16 22.96
CA LYS C 48 -31.69 11.47 23.27
C LYS C 48 -30.99 12.01 22.02
N LEU C 49 -30.41 11.09 21.24
CA LEU C 49 -29.69 11.47 20.05
C LEU C 49 -30.67 12.01 19.06
N ILE C 50 -31.64 11.18 18.67
CA ILE C 50 -32.62 11.57 17.63
C ILE C 50 -33.40 12.84 18.01
N ASP C 51 -33.71 12.94 19.30
CA ASP C 51 -34.56 14.00 19.78
C ASP C 51 -33.82 15.33 19.73
N THR C 52 -32.52 15.34 20.03
CA THR C 52 -31.85 16.65 20.03
C THR C 52 -31.40 16.98 18.62
N LEU C 53 -31.11 15.98 17.81
CA LEU C 53 -30.66 16.29 16.47
C LEU C 53 -31.81 16.80 15.64
N SER C 54 -32.95 16.15 15.78
CA SER C 54 -34.04 16.46 14.86
C SER C 54 -34.61 17.78 15.22
N HIS C 55 -34.45 18.18 16.46
CA HIS C 55 -34.84 19.52 16.79
C HIS C 55 -33.89 20.58 16.17
N PHE C 56 -32.60 20.27 16.19
CA PHE C 56 -31.56 21.13 15.67
C PHE C 56 -31.79 21.33 14.17
N ASP C 57 -32.06 20.22 13.49
CA ASP C 57 -32.47 20.19 12.11
C ASP C 57 -33.59 21.20 11.72
N ARG C 58 -34.45 21.53 12.71
CA ARG C 58 -35.64 22.34 12.48
C ARG C 58 -35.62 23.71 13.17
N GLU C 59 -34.44 24.24 13.48
CA GLU C 59 -34.37 25.53 14.19
C GLU C 59 -34.79 26.70 13.33
N ARG C 60 -34.61 26.63 12.01
CA ARG C 60 -34.84 27.83 11.19
C ARG C 60 -36.21 27.97 10.59
N ILE C 61 -36.68 29.21 10.54
CA ILE C 61 -37.92 29.58 9.86
C ILE C 61 -37.58 30.70 8.85
N PRO C 62 -38.48 30.95 7.90
CA PRO C 62 -38.10 31.88 6.84
C PRO C 62 -37.90 33.23 7.42
N GLU C 63 -36.90 33.95 6.95
CA GLU C 63 -36.69 35.32 7.39
C GLU C 63 -37.73 36.21 6.68
N ARG C 64 -37.99 37.42 7.15
CA ARG C 64 -38.98 38.30 6.53
C ARG C 64 -38.58 38.63 5.10
N VAL C 65 -39.52 38.66 4.15
CA VAL C 65 -39.16 38.89 2.75
C VAL C 65 -38.40 40.17 2.63
N VAL C 66 -38.71 41.15 3.49
CA VAL C 66 -38.01 42.44 3.54
C VAL C 66 -37.87 42.73 5.01
N HIS C 67 -37.03 43.70 5.38
CA HIS C 67 -36.78 44.03 6.80
C HIS C 67 -36.35 42.82 7.65
N ALA C 68 -35.68 41.86 7.04
CA ALA C 68 -35.28 40.67 7.77
C ALA C 68 -34.35 41.01 8.94
N LYS C 69 -33.51 42.04 8.81
CA LYS C 69 -32.49 42.27 9.80
C LYS C 69 -32.94 43.30 10.79
N GLY C 70 -32.97 42.96 12.06
CA GLY C 70 -33.54 43.86 13.06
C GLY C 70 -33.25 43.67 14.53
N ALA C 71 -33.63 44.70 15.31
CA ALA C 71 -33.49 44.71 16.78
C ALA C 71 -34.70 45.32 17.44
N GLY C 72 -35.11 44.73 18.58
CA GLY C 72 -36.33 45.14 19.26
C GLY C 72 -36.19 45.34 20.74
N ALA C 73 -37.20 45.98 21.34
CA ALA C 73 -37.26 46.15 22.80
C ALA C 73 -38.68 46.49 23.23
N TYR C 74 -39.00 46.21 24.48
CA TYR C 74 -40.25 46.66 25.07
C TYR C 74 -40.14 48.11 25.59
N GLY C 75 -41.26 48.80 25.71
CA GLY C 75 -41.27 50.10 26.37
C GLY C 75 -42.62 50.46 26.96
N VAL C 76 -42.80 51.76 27.16
CA VAL C 76 -44.03 52.34 27.66
C VAL C 76 -44.37 53.54 26.82
N PHE C 77 -45.62 53.61 26.40
CA PHE C 77 -46.19 54.83 25.82
C PHE C 77 -47.18 55.51 26.80
N GLU C 78 -47.04 56.83 26.93
CA GLU C 78 -47.86 57.63 27.83
C GLU C 78 -48.56 58.70 27.02
N VAL C 79 -49.85 58.91 27.27
CA VAL C 79 -50.61 60.02 26.65
C VAL C 79 -50.32 61.30 27.43
N THR C 80 -49.89 62.36 26.75
CA THR C 80 -49.50 63.59 27.45
C THR C 80 -50.33 64.82 27.12
N ASP C 81 -51.19 64.71 26.11
CA ASP C 81 -52.14 65.77 25.80
C ASP C 81 -53.50 65.19 25.55
N ASP C 82 -54.52 66.04 25.63
CA ASP C 82 -55.87 65.61 25.32
C ASP C 82 -56.09 65.78 23.82
N ILE C 83 -56.30 64.66 23.11
CA ILE C 83 -56.64 64.70 21.69
C ILE C 83 -57.92 63.92 21.40
N THR C 84 -58.77 63.77 22.41
CA THR C 84 -60.03 63.07 22.23
C THR C 84 -60.99 63.82 21.28
N ASP C 85 -60.69 65.07 20.97
CA ASP C 85 -61.44 65.77 19.92
C ASP C 85 -61.08 65.22 18.53
N VAL C 86 -59.89 64.63 18.42
CA VAL C 86 -59.46 64.06 17.17
C VAL C 86 -59.77 62.55 17.14
N CYS C 87 -59.38 61.85 18.21
CA CYS C 87 -59.41 60.40 18.23
C CYS C 87 -60.02 59.78 19.48
N SER C 88 -60.91 58.81 19.27
CA SER C 88 -61.60 58.16 20.36
C SER C 88 -60.99 56.85 20.80
N ALA C 89 -59.75 56.58 20.42
CA ALA C 89 -59.12 55.29 20.74
C ALA C 89 -58.87 55.19 22.22
N LYS C 90 -59.32 54.11 22.84
CA LYS C 90 -59.21 53.94 24.29
C LYS C 90 -57.83 54.16 24.92
N PHE C 91 -56.74 53.82 24.24
CA PHE C 91 -55.41 54.01 24.85
C PHE C 91 -55.00 55.49 24.92
N LEU C 92 -55.78 56.34 24.26
CA LEU C 92 -55.57 57.78 24.29
C LEU C 92 -56.66 58.50 25.12
N ASP C 93 -57.63 57.71 25.62
CA ASP C 93 -58.69 58.10 26.59
C ASP C 93 -58.44 59.32 27.45
N THR C 94 -57.45 59.20 28.33
CA THR C 94 -57.24 60.17 29.39
C THR C 94 -55.74 60.45 29.52
N VAL C 95 -55.40 61.71 29.82
CA VAL C 95 -54.00 62.09 30.01
C VAL C 95 -53.31 61.21 31.05
N GLY C 96 -52.11 60.73 30.70
CA GLY C 96 -51.23 60.02 31.61
C GLY C 96 -51.40 58.51 31.62
N LYS C 97 -52.32 58.01 30.78
CA LYS C 97 -52.55 56.58 30.66
C LYS C 97 -51.37 55.91 29.99
N LYS C 98 -50.98 54.77 30.51
CA LYS C 98 -49.76 54.17 30.04
C LYS C 98 -50.07 52.87 29.31
N THR C 99 -49.37 52.66 28.18
CA THR C 99 -49.55 51.44 27.36
C THR C 99 -48.24 50.71 27.08
N ARG C 100 -48.23 49.40 27.34
CA ARG C 100 -47.07 48.55 27.03
C ARG C 100 -46.85 48.40 25.49
N ILE C 101 -45.62 48.64 25.03
CA ILE C 101 -45.34 48.54 23.60
C ILE C 101 -44.14 47.65 23.31
N PHE C 102 -44.06 47.16 22.08
CA PHE C 102 -42.83 46.58 21.59
C PHE C 102 -42.45 47.23 20.26
N THR C 103 -41.19 47.62 20.14
CA THR C 103 -40.73 48.20 18.91
C THR C 103 -39.64 47.33 18.30
N ARG C 104 -39.71 47.14 16.98
CA ARG C 104 -38.63 46.52 16.23
C ARG C 104 -38.13 47.46 15.18
N PHE C 105 -36.83 47.66 15.19
CA PHE C 105 -36.20 48.47 14.17
C PHE C 105 -35.50 47.54 13.19
N SER C 106 -35.30 47.98 11.95
CA SER C 106 -34.82 47.09 10.88
C SER C 106 -34.23 47.89 9.75
N THR C 107 -33.41 47.23 8.94
CA THR C 107 -33.05 47.74 7.61
C THR C 107 -34.06 47.18 6.62
N VAL C 108 -33.94 47.49 5.32
CA VAL C 108 -34.95 46.99 4.35
C VAL C 108 -34.56 45.74 3.57
N GLY C 109 -33.66 45.91 2.61
CA GLY C 109 -33.33 44.84 1.68
C GLY C 109 -32.34 43.80 2.17
N GLY C 110 -31.44 44.19 3.09
CA GLY C 110 -30.49 43.21 3.60
C GLY C 110 -31.16 42.00 4.22
N GLU C 111 -30.54 40.84 4.03
CA GLU C 111 -30.97 39.62 4.70
C GLU C 111 -30.41 39.53 6.12
N LYS C 112 -30.67 38.40 6.74
CA LYS C 112 -30.38 38.16 8.15
C LYS C 112 -28.93 38.32 8.65
N GLY C 113 -27.95 38.08 7.76
CA GLY C 113 -26.56 38.18 8.18
C GLY C 113 -25.94 39.52 7.84
N SER C 114 -26.68 40.34 7.10
CA SER C 114 -26.14 41.57 6.53
C SER C 114 -25.87 42.65 7.57
N ALA C 115 -25.26 43.74 7.11
CA ALA C 115 -24.81 44.80 8.00
C ALA C 115 -25.89 45.80 8.45
N ASP C 116 -25.92 46.06 9.75
CA ASP C 116 -26.79 47.08 10.32
C ASP C 116 -26.64 48.44 9.68
N THR C 117 -25.43 48.80 9.26
CA THR C 117 -25.13 50.13 8.76
C THR C 117 -25.14 50.18 7.25
N ALA C 118 -25.85 49.25 6.64
CA ALA C 118 -26.05 49.28 5.20
C ALA C 118 -26.97 50.44 4.83
N ARG C 119 -26.75 51.05 3.66
CA ARG C 119 -27.55 52.18 3.26
C ARG C 119 -28.92 51.68 2.85
N ASP C 120 -29.96 52.24 3.45
CA ASP C 120 -31.32 51.71 3.31
C ASP C 120 -32.22 52.61 4.13
N PRO C 121 -33.52 52.53 3.91
CA PRO C 121 -34.44 53.14 4.87
C PRO C 121 -34.32 52.34 6.16
N ARG C 122 -35.00 52.75 7.22
CA ARG C 122 -35.03 51.94 8.42
C ARG C 122 -36.47 51.77 8.89
N GLY C 123 -36.82 50.56 9.30
CA GLY C 123 -38.16 50.27 9.73
C GLY C 123 -38.33 50.58 11.18
N PHE C 124 -39.51 51.06 11.56
CA PHE C 124 -39.78 51.48 12.93
C PHE C 124 -41.17 50.98 13.26
N ALA C 125 -41.31 49.72 13.70
CA ALA C 125 -42.65 49.14 13.95
C ALA C 125 -42.91 49.02 15.41
N THR C 126 -44.08 49.46 15.85
CA THR C 126 -44.41 49.40 17.26
C THR C 126 -45.78 48.74 17.47
N LYS C 127 -45.85 47.80 18.41
CA LYS C 127 -47.09 47.13 18.71
C LYS C 127 -47.57 47.72 20.05
N PHE C 128 -48.80 48.25 20.07
CA PHE C 128 -49.48 48.78 21.28
C PHE C 128 -50.55 47.83 21.84
N TYR C 129 -50.33 47.36 23.06
CA TYR C 129 -51.24 46.41 23.70
C TYR C 129 -52.37 47.11 24.46
N THR C 130 -53.40 47.54 23.72
CA THR C 130 -54.45 48.34 24.30
C THR C 130 -55.59 47.48 24.83
N GLU C 131 -56.55 48.15 25.49
CA GLU C 131 -57.78 47.56 26.02
C GLU C 131 -58.74 47.22 24.87
N ASP C 132 -58.52 47.84 23.72
CA ASP C 132 -59.32 47.53 22.53
C ASP C 132 -58.59 46.66 21.49
N GLY C 133 -57.54 45.95 21.92
CA GLY C 133 -56.81 45.06 21.03
C GLY C 133 -55.42 45.58 20.69
N ASN C 134 -54.68 44.82 19.89
CA ASN C 134 -53.34 45.24 19.55
C ASN C 134 -53.37 46.17 18.36
N LEU C 135 -52.61 47.27 18.46
CA LEU C 135 -52.53 48.25 17.37
C LEU C 135 -51.11 48.23 16.86
N ASP C 136 -50.93 48.08 15.56
CA ASP C 136 -49.59 48.09 15.02
C ASP C 136 -49.37 49.39 14.29
N LEU C 137 -48.29 50.10 14.63
CA LEU C 137 -47.94 51.28 13.90
C LEU C 137 -46.67 50.94 13.17
N VAL C 138 -46.83 50.58 11.90
CA VAL C 138 -45.75 50.01 11.12
C VAL C 138 -45.16 51.09 10.24
N TYR C 139 -44.19 51.77 10.80
CA TYR C 139 -43.65 53.01 10.25
C TYR C 139 -42.24 52.84 9.67
N ASN C 140 -41.83 53.78 8.83
CA ASN C 140 -40.42 53.91 8.41
C ASN C 140 -39.79 55.14 9.02
N ASN C 141 -38.49 55.32 8.77
CA ASN C 141 -37.75 56.47 9.30
C ASN C 141 -37.68 57.59 8.28
N THR C 142 -38.60 57.56 7.33
CA THR C 142 -38.72 58.62 6.36
C THR C 142 -40.22 58.84 6.10
N PRO C 143 -40.63 60.10 5.86
CA PRO C 143 -42.05 60.43 5.73
C PRO C 143 -42.64 60.05 4.38
N ILE C 144 -41.79 59.56 3.49
CA ILE C 144 -42.19 59.19 2.12
C ILE C 144 -41.67 57.81 1.73
N PHE C 145 -41.90 57.39 0.48
CA PHE C 145 -41.39 56.09 0.00
C PHE C 145 -41.16 56.06 -1.49
N PHE C 146 -40.68 54.93 -2.01
CA PHE C 146 -40.21 54.86 -3.39
C PHE C 146 -41.35 54.72 -4.35
N ILE C 147 -42.53 54.41 -3.82
CA ILE C 147 -43.66 54.04 -4.68
C ILE C 147 -45.02 54.59 -4.22
N ARG C 148 -45.95 54.68 -5.16
CA ARG C 148 -47.34 55.02 -4.86
C ARG C 148 -48.34 54.12 -5.61
N ASP C 149 -47.84 53.11 -6.30
CA ASP C 149 -48.70 52.09 -6.86
C ASP C 149 -48.35 50.79 -6.16
N PRO C 150 -49.31 50.22 -5.43
CA PRO C 150 -49.01 49.09 -4.59
C PRO C 150 -48.30 47.92 -5.34
N ILE C 151 -48.87 47.43 -6.44
CA ILE C 151 -48.32 46.27 -7.16
C ILE C 151 -46.92 46.53 -7.75
N LYS C 152 -46.41 47.74 -7.69
CA LYS C 152 -45.00 47.91 -7.93
C LYS C 152 -44.04 47.41 -6.81
N PHE C 153 -44.52 47.21 -5.59
CA PHE C 153 -43.63 46.80 -4.54
C PHE C 153 -42.67 45.64 -4.85
N PRO C 154 -43.19 44.51 -5.37
CA PRO C 154 -42.25 43.41 -5.57
C PRO C 154 -41.26 43.72 -6.66
N HIS C 155 -41.67 44.54 -7.62
CA HIS C 155 -40.76 44.94 -8.68
C HIS C 155 -39.60 45.72 -8.11
N PHE C 156 -39.95 46.73 -7.31
CA PHE C 156 -38.97 47.58 -6.69
C PHE C 156 -38.04 46.76 -5.79
N ILE C 157 -38.63 45.91 -4.93
CA ILE C 157 -37.87 45.17 -3.95
C ILE C 157 -36.94 44.19 -4.64
N HIS C 158 -37.44 43.54 -5.69
CA HIS C 158 -36.59 42.64 -6.41
C HIS C 158 -35.30 43.31 -6.86
N THR C 159 -35.41 44.50 -7.45
CA THR C 159 -34.26 45.19 -7.97
C THR C 159 -33.37 45.74 -6.92
N GLN C 160 -33.88 45.90 -5.69
CA GLN C 160 -33.04 46.28 -4.53
C GLN C 160 -32.24 45.11 -3.99
N LYS C 161 -32.58 43.91 -4.43
CA LYS C 161 -31.93 42.70 -3.90
C LYS C 161 -30.93 42.04 -4.88
N ARG C 162 -31.09 40.75 -5.13
CA ARG C 162 -30.06 40.01 -5.84
C ARG C 162 -30.49 39.54 -7.18
N ASN C 163 -29.53 39.47 -8.11
CA ASN C 163 -29.74 38.91 -9.46
C ASN C 163 -30.15 37.45 -9.47
N PRO C 164 -31.25 37.12 -10.18
CA PRO C 164 -31.77 35.76 -10.15
C PRO C 164 -30.75 34.73 -10.53
N ALA C 165 -29.80 35.07 -11.38
CA ALA C 165 -28.79 34.09 -11.74
C ALA C 165 -27.56 34.11 -10.81
N THR C 166 -26.92 35.28 -10.64
CA THR C 166 -25.67 35.38 -9.88
C THR C 166 -25.81 35.32 -8.37
N ASN C 167 -26.94 35.83 -7.85
CA ASN C 167 -27.16 36.12 -6.43
C ASN C 167 -26.33 37.30 -5.94
N LEU C 168 -25.83 38.10 -6.88
CA LEU C 168 -25.11 39.30 -6.55
C LEU C 168 -26.03 40.50 -6.66
N LYS C 169 -25.72 41.58 -5.93
CA LYS C 169 -26.42 42.84 -6.15
C LYS C 169 -26.08 43.31 -7.54
N ASP C 170 -27.06 43.84 -8.26
CA ASP C 170 -26.82 44.33 -9.63
C ASP C 170 -27.20 45.83 -9.81
N PRO C 171 -26.20 46.73 -9.97
CA PRO C 171 -26.39 48.18 -10.05
C PRO C 171 -27.23 48.59 -11.23
N ASN C 172 -27.11 47.86 -12.32
CA ASN C 172 -27.97 48.01 -13.48
C ASN C 172 -29.47 47.89 -13.18
N MET C 173 -29.87 46.75 -12.59
CA MET C 173 -31.22 46.53 -12.04
C MET C 173 -31.65 47.75 -11.22
N PHE C 174 -30.88 47.98 -10.15
CA PHE C 174 -31.14 48.95 -9.14
C PHE C 174 -31.58 50.26 -9.78
N TRP C 175 -30.78 50.76 -10.72
CA TRP C 175 -31.04 52.05 -11.31
C TRP C 175 -32.02 51.93 -12.45
N ASP C 176 -32.00 50.81 -13.15
CA ASP C 176 -32.90 50.62 -14.27
C ASP C 176 -34.36 50.76 -13.81
N TYR C 177 -34.69 50.17 -12.66
CA TYR C 177 -36.02 50.36 -12.07
C TYR C 177 -36.23 51.80 -11.63
N LEU C 178 -35.35 52.34 -10.79
CA LEU C 178 -35.55 53.66 -10.22
C LEU C 178 -35.74 54.77 -11.27
N THR C 179 -34.90 54.79 -12.29
CA THR C 179 -34.97 55.81 -13.34
C THR C 179 -36.12 55.59 -14.30
N ALA C 180 -36.68 54.39 -14.32
CA ALA C 180 -37.87 54.12 -15.16
C ALA C 180 -39.11 54.56 -14.44
N ASN C 181 -39.04 54.66 -13.11
CA ASN C 181 -40.16 55.10 -12.32
C ASN C 181 -39.87 56.38 -11.52
N ASP C 182 -40.02 57.51 -12.21
CA ASP C 182 -39.87 58.89 -11.66
C ASP C 182 -40.25 59.13 -10.22
N GLU C 183 -41.40 58.62 -9.81
CA GLU C 183 -41.98 58.97 -8.52
C GLU C 183 -41.07 58.59 -7.34
N SER C 184 -40.13 57.68 -7.62
CA SER C 184 -39.10 57.24 -6.68
C SER C 184 -38.03 58.31 -6.35
N LEU C 185 -37.93 59.34 -7.18
CA LEU C 185 -36.87 60.35 -7.05
C LEU C 185 -36.77 61.04 -5.67
N HIS C 186 -37.89 61.54 -5.15
CA HIS C 186 -37.94 62.07 -3.80
C HIS C 186 -37.25 61.13 -2.79
N GLN C 187 -37.72 59.88 -2.68
CA GLN C 187 -37.21 58.97 -1.65
C GLN C 187 -35.78 58.53 -1.90
N VAL C 188 -35.37 58.52 -3.16
CA VAL C 188 -34.02 58.13 -3.53
C VAL C 188 -33.04 59.20 -3.08
N MET C 189 -33.49 60.45 -3.13
CA MET C 189 -32.66 61.53 -2.60
C MET C 189 -32.45 61.40 -1.09
N TYR C 190 -33.49 61.07 -0.35
CA TYR C 190 -33.30 60.75 1.05
C TYR C 190 -32.29 59.64 1.18
N LEU C 191 -32.49 58.54 0.45
CA LEU C 191 -31.66 57.34 0.58
C LEU C 191 -30.21 57.57 0.27
N PHE C 192 -29.89 58.47 -0.63
CA PHE C 192 -28.50 58.79 -0.92
C PHE C 192 -27.93 60.01 -0.21
N SER C 193 -28.78 60.80 0.43
CA SER C 193 -28.31 61.78 1.37
C SER C 193 -27.70 60.97 2.48
N ASN C 194 -27.14 61.62 3.49
CA ASN C 194 -26.61 60.85 4.59
C ASN C 194 -27.70 60.25 5.48
N ARG C 195 -28.96 60.56 5.21
CA ARG C 195 -30.08 60.01 5.99
C ARG C 195 -30.34 58.53 5.72
N GLY C 196 -29.77 58.02 4.61
CA GLY C 196 -29.75 56.59 4.34
C GLY C 196 -28.83 55.79 5.24
N THR C 197 -28.05 56.48 6.06
CA THR C 197 -27.07 55.84 6.90
C THR C 197 -27.16 56.31 8.37
N PRO C 198 -28.23 55.94 9.11
CA PRO C 198 -28.31 56.41 10.51
C PRO C 198 -27.18 55.86 11.44
N ALA C 199 -26.78 56.64 12.44
CA ALA C 199 -25.74 56.16 13.38
C ALA C 199 -26.28 55.04 14.26
N SER C 200 -27.48 55.23 14.79
CA SER C 200 -28.15 54.17 15.54
C SER C 200 -29.67 54.23 15.36
N TYR C 201 -30.38 53.22 15.90
CA TYR C 201 -31.83 53.28 15.93
C TYR C 201 -32.35 54.36 16.85
N ARG C 202 -31.58 54.70 17.89
CA ARG C 202 -31.99 55.70 18.89
C ARG C 202 -32.00 57.09 18.27
N THR C 203 -31.24 57.27 17.19
CA THR C 203 -31.11 58.59 16.62
C THR C 203 -31.74 58.70 15.24
N MET C 204 -33.01 58.28 15.14
CA MET C 204 -33.80 58.43 13.90
C MET C 204 -35.27 58.64 14.25
N ASN C 205 -35.98 59.32 13.37
CA ASN C 205 -37.38 59.57 13.61
C ASN C 205 -38.27 58.46 13.08
N GLY C 206 -39.56 58.57 13.36
CA GLY C 206 -40.55 57.61 12.88
C GLY C 206 -41.66 58.37 12.19
N TYR C 207 -42.11 57.90 11.05
CA TYR C 207 -43.19 58.57 10.34
C TYR C 207 -44.22 57.56 9.86
N SER C 208 -45.49 57.94 9.89
CA SER C 208 -46.51 57.06 9.39
C SER C 208 -46.36 56.88 7.87
N GLY C 209 -45.84 57.89 7.20
CA GLY C 209 -45.65 57.80 5.77
C GLY C 209 -46.97 58.05 5.06
N HIS C 210 -47.89 57.09 5.20
CA HIS C 210 -49.27 57.23 4.72
C HIS C 210 -50.10 58.20 5.55
N THR C 211 -51.23 58.59 4.97
CA THR C 211 -52.26 59.28 5.70
C THR C 211 -53.20 58.25 6.24
N TYR C 212 -53.49 58.35 7.53
CA TYR C 212 -54.54 57.58 8.18
C TYR C 212 -55.78 58.47 8.49
N LYS C 213 -56.88 57.87 8.95
CA LYS C 213 -58.06 58.65 9.35
C LYS C 213 -58.40 58.34 10.77
N TRP C 214 -58.48 59.39 11.59
CA TRP C 214 -58.89 59.23 12.99
C TRP C 214 -60.28 59.81 13.20
N TYR C 215 -61.06 59.16 14.06
CA TYR C 215 -62.44 59.55 14.36
C TYR C 215 -62.55 59.80 15.85
N ASN C 216 -63.14 60.96 16.20
CA ASN C 216 -63.50 61.23 17.59
C ASN C 216 -64.77 60.48 17.96
N SER C 217 -65.17 60.53 19.23
CA SER C 217 -66.37 59.82 19.66
C SER C 217 -67.74 60.29 19.05
N LYS C 218 -67.82 61.52 18.53
CA LYS C 218 -69.03 62.04 17.82
C LYS C 218 -69.17 61.58 16.36
N GLY C 219 -68.11 60.98 15.81
CA GLY C 219 -68.15 60.44 14.48
C GLY C 219 -67.44 61.35 13.50
N GLU C 220 -66.82 62.42 14.00
CA GLU C 220 -66.08 63.36 13.15
C GLU C 220 -64.63 62.93 12.91
N TRP C 221 -64.26 62.90 11.64
CA TRP C 221 -62.97 62.36 11.24
C TRP C 221 -62.13 63.35 10.51
N VAL C 222 -60.83 63.14 10.61
CA VAL C 222 -59.85 64.04 10.09
C VAL C 222 -58.73 63.14 9.53
N TYR C 223 -58.12 63.55 8.41
CA TYR C 223 -56.92 62.88 7.89
C TYR C 223 -55.75 63.16 8.82
N VAL C 224 -54.90 62.16 9.09
CA VAL C 224 -53.76 62.36 10.00
C VAL C 224 -52.45 61.84 9.44
N GLN C 225 -51.34 62.44 9.90
CA GLN C 225 -49.95 61.99 9.64
C GLN C 225 -49.21 61.97 10.98
N VAL C 226 -48.62 60.85 11.34
CA VAL C 226 -48.03 60.75 12.66
C VAL C 226 -46.54 61.01 12.55
N HIS C 227 -45.95 61.68 13.55
CA HIS C 227 -44.48 61.84 13.63
C HIS C 227 -43.95 61.40 15.00
N PHE C 228 -42.94 60.54 15.02
CA PHE C 228 -42.22 60.23 16.26
C PHE C 228 -40.84 60.84 16.18
N ILE C 229 -40.54 61.77 17.07
CA ILE C 229 -39.29 62.51 17.00
C ILE C 229 -38.37 62.18 18.16
N ALA C 230 -37.16 61.73 17.82
CA ALA C 230 -36.24 61.20 18.81
C ALA C 230 -35.72 62.30 19.70
N ASN C 231 -35.78 62.04 21.00
CA ASN C 231 -35.17 62.92 21.98
C ASN C 231 -33.66 62.87 21.90
N GLN C 232 -33.14 61.89 21.17
CA GLN C 232 -31.72 61.66 21.12
C GLN C 232 -31.15 62.41 19.95
N GLY C 233 -32.01 63.14 19.26
CA GLY C 233 -31.60 63.96 18.11
C GLY C 233 -31.29 63.16 16.86
N VAL C 234 -31.41 63.78 15.70
CA VAL C 234 -31.15 63.09 14.44
C VAL C 234 -29.66 63.08 14.10
N HIS C 235 -29.00 61.93 14.29
CA HIS C 235 -27.58 61.79 13.91
C HIS C 235 -27.38 60.72 12.81
N ASN C 236 -26.61 61.06 11.78
CA ASN C 236 -26.33 60.16 10.65
C ASN C 236 -24.86 59.83 10.50
N LEU C 237 -24.53 58.80 9.73
CA LEU C 237 -23.14 58.51 9.43
C LEU C 237 -22.79 58.90 7.99
N LEU C 238 -21.51 59.15 7.71
CA LEU C 238 -21.03 59.34 6.33
C LEU C 238 -20.83 57.96 5.72
N ASP C 239 -20.78 57.87 4.39
CA ASP C 239 -20.63 56.57 3.70
C ASP C 239 -19.40 55.71 4.09
N GLU C 240 -18.22 56.32 4.15
CA GLU C 240 -16.97 55.61 4.51
C GLU C 240 -17.04 55.01 5.92
N GLU C 241 -17.59 55.77 6.85
CA GLU C 241 -17.81 55.29 8.21
C GLU C 241 -18.83 54.14 8.27
N ALA C 242 -19.96 54.28 7.57
CA ALA C 242 -20.98 53.22 7.52
C ALA C 242 -20.42 51.96 6.89
N GLY C 243 -19.57 52.13 5.89
CA GLY C 243 -18.88 51.03 5.23
C GLY C 243 -17.85 50.32 6.10
N ARG C 244 -17.13 51.06 6.94
CA ARG C 244 -16.13 50.44 7.80
C ARG C 244 -16.81 49.67 8.91
N LEU C 245 -17.87 50.26 9.46
CA LEU C 245 -18.63 49.61 10.52
C LEU C 245 -19.30 48.33 10.03
N ALA C 246 -19.61 48.28 8.73
CA ALA C 246 -20.17 47.08 8.10
C ALA C 246 -19.18 45.93 8.12
N GLY C 247 -17.90 46.26 8.09
CA GLY C 247 -16.83 45.27 8.19
C GLY C 247 -16.44 44.94 9.62
N GLU C 248 -16.22 45.97 10.43
CA GLU C 248 -15.86 45.76 11.84
C GLU C 248 -17.00 45.21 12.71
N ASP C 249 -18.22 45.76 12.60
CA ASP C 249 -19.36 45.31 13.40
C ASP C 249 -20.67 45.32 12.63
N PRO C 250 -21.07 44.16 12.08
CA PRO C 250 -22.33 44.04 11.33
C PRO C 250 -23.54 44.16 12.23
N ASP C 251 -23.32 44.06 13.54
CA ASP C 251 -24.40 44.16 14.48
C ASP C 251 -24.32 45.42 15.29
N HIS C 252 -23.75 46.46 14.72
CA HIS C 252 -23.56 47.73 15.40
C HIS C 252 -24.79 48.36 16.05
N SER C 253 -25.86 48.51 15.27
CA SER C 253 -27.08 49.12 15.72
C SER C 253 -27.82 48.28 16.74
N THR C 254 -27.70 46.97 16.60
CA THR C 254 -28.27 46.02 17.56
C THR C 254 -27.61 46.18 18.93
N ARG C 255 -26.29 46.17 18.94
CA ARG C 255 -25.47 46.32 20.15
C ARG C 255 -25.74 47.67 20.82
N ASP C 256 -25.65 48.72 20.02
CA ASP C 256 -26.00 50.05 20.46
C ASP C 256 -27.29 50.07 21.25
N LEU C 257 -28.36 49.46 20.75
CA LEU C 257 -29.67 49.54 21.37
C LEU C 257 -29.71 48.69 22.62
N TRP C 258 -29.18 47.47 22.54
CA TRP C 258 -29.21 46.58 23.68
C TRP C 258 -28.42 47.15 24.87
N GLU C 259 -27.25 47.72 24.59
CA GLU C 259 -26.39 48.24 25.64
C GLU C 259 -26.94 49.51 26.30
N ALA C 260 -27.46 50.44 25.48
CA ALA C 260 -28.07 51.65 25.98
C ALA C 260 -29.13 51.31 27.01
N ILE C 261 -30.02 50.37 26.72
CA ILE C 261 -31.08 49.98 27.64
C ILE C 261 -30.55 49.25 28.87
N GLU C 262 -29.48 48.46 28.69
CA GLU C 262 -28.91 47.74 29.82
C GLU C 262 -28.13 48.67 30.74
N LYS C 263 -27.64 49.81 30.22
CA LYS C 263 -27.13 50.91 31.07
C LYS C 263 -28.19 51.72 31.84
N GLY C 264 -29.39 51.88 31.28
CA GLY C 264 -30.38 52.81 31.82
C GLY C 264 -30.60 54.05 30.95
N ASP C 265 -29.76 54.20 29.93
CA ASP C 265 -29.83 55.30 29.00
C ASP C 265 -30.98 55.11 27.99
N TYR C 266 -32.20 55.05 28.52
CA TYR C 266 -33.36 54.66 27.72
C TYR C 266 -33.73 55.65 26.61
N PRO C 267 -33.78 55.19 25.35
CA PRO C 267 -34.15 56.14 24.29
C PRO C 267 -35.66 56.47 24.35
N SER C 268 -36.03 57.66 23.91
CA SER C 268 -37.45 58.05 23.89
C SER C 268 -37.83 58.94 22.73
N TRP C 269 -39.12 58.94 22.39
CA TRP C 269 -39.63 59.68 21.22
C TRP C 269 -40.81 60.53 21.67
N GLU C 270 -40.92 61.74 21.12
CA GLU C 270 -42.11 62.58 21.33
C GLU C 270 -43.03 62.43 20.14
N CYS C 271 -44.32 62.22 20.39
CA CYS C 271 -45.27 61.89 19.30
C CYS C 271 -46.21 63.04 18.96
N TYR C 272 -46.30 63.35 17.67
CA TYR C 272 -47.10 64.47 17.16
C TYR C 272 -48.02 63.97 16.07
N ILE C 273 -49.08 64.72 15.79
CA ILE C 273 -49.84 64.48 14.57
C ILE C 273 -50.00 65.75 13.74
N GLN C 274 -50.15 65.60 12.43
CA GLN C 274 -50.64 66.66 11.59
C GLN C 274 -52.03 66.24 11.19
N THR C 275 -52.97 67.17 11.22
CA THR C 275 -54.35 66.87 10.84
C THR C 275 -54.79 67.72 9.67
N MET C 276 -55.80 67.24 8.97
CA MET C 276 -56.31 67.92 7.79
C MET C 276 -57.72 67.44 7.52
N THR C 277 -58.62 68.38 7.21
CA THR C 277 -60.03 68.04 7.06
C THR C 277 -60.26 67.66 5.61
N LEU C 278 -61.42 67.07 5.34
CA LEU C 278 -61.78 66.71 3.98
C LEU C 278 -61.69 67.91 3.03
N GLU C 279 -62.28 69.03 3.43
CA GLU C 279 -62.34 70.22 2.57
C GLU C 279 -60.95 70.85 2.31
N GLN C 280 -60.06 70.71 3.30
CA GLN C 280 -58.74 71.27 3.16
C GLN C 280 -58.02 70.49 2.09
N SER C 281 -58.29 69.18 2.01
CA SER C 281 -57.57 68.28 1.10
C SER C 281 -57.90 68.51 -0.36
N LYS C 282 -59.13 68.94 -0.62
CA LYS C 282 -59.60 69.25 -1.99
C LYS C 282 -58.92 70.49 -2.54
N LYS C 283 -58.15 71.18 -1.72
CA LYS C 283 -57.53 72.39 -2.17
C LYS C 283 -56.09 72.21 -2.55
N LEU C 284 -55.57 71.00 -2.35
CA LEU C 284 -54.14 70.75 -2.52
C LEU C 284 -53.70 70.49 -3.97
N PRO C 285 -52.45 70.86 -4.32
CA PRO C 285 -51.92 70.46 -5.64
C PRO C 285 -51.52 68.95 -5.72
N PHE C 286 -51.42 68.28 -4.57
CA PHE C 286 -51.11 66.84 -4.49
C PHE C 286 -52.18 66.04 -3.73
N SER C 287 -52.03 64.71 -3.66
CA SER C 287 -52.98 63.85 -2.94
C SER C 287 -52.55 63.46 -1.53
N VAL C 288 -53.50 63.40 -0.59
CA VAL C 288 -53.22 62.88 0.74
C VAL C 288 -52.96 61.39 0.66
N PHE C 289 -53.22 60.82 -0.52
CA PHE C 289 -53.10 59.38 -0.77
C PHE C 289 -51.79 59.05 -1.51
N ASP C 290 -51.00 60.09 -1.75
CA ASP C 290 -49.75 59.88 -2.41
C ASP C 290 -48.67 59.68 -1.32
N LEU C 291 -48.06 58.49 -1.30
CA LEU C 291 -47.02 58.20 -0.32
C LEU C 291 -45.68 58.91 -0.62
N THR C 292 -45.50 59.37 -1.86
CA THR C 292 -44.28 60.08 -2.25
C THR C 292 -44.29 61.56 -1.88
N LYS C 293 -45.25 61.93 -1.03
CA LYS C 293 -45.53 63.32 -0.68
C LYS C 293 -45.58 63.60 0.83
N VAL C 294 -45.11 64.80 1.20
CA VAL C 294 -45.18 65.29 2.58
C VAL C 294 -46.12 66.47 2.66
N TRP C 295 -46.67 66.67 3.85
CA TRP C 295 -47.48 67.81 4.19
C TRP C 295 -46.55 68.91 4.75
N PRO C 296 -46.39 70.04 4.00
CA PRO C 296 -45.52 71.15 4.45
C PRO C 296 -45.91 71.70 5.83
N HIS C 297 -44.89 71.82 6.70
CA HIS C 297 -45.04 72.14 8.12
C HIS C 297 -45.80 73.46 8.34
N LYS C 298 -45.46 74.44 7.48
CA LYS C 298 -46.11 75.75 7.44
C LYS C 298 -47.66 75.60 7.48
N ASP C 299 -48.21 74.85 6.54
CA ASP C 299 -49.66 74.76 6.38
C ASP C 299 -50.33 73.79 7.33
N PHE C 300 -49.56 72.81 7.84
CA PHE C 300 -50.16 71.81 8.73
C PHE C 300 -49.24 71.51 9.89
N PRO C 301 -49.37 72.29 10.96
CA PRO C 301 -48.42 72.25 12.05
C PRO C 301 -48.53 70.93 12.80
N LEU C 302 -47.51 70.61 13.59
CA LEU C 302 -47.54 69.43 14.42
C LEU C 302 -48.24 69.68 15.76
N ARG C 303 -48.99 68.69 16.22
CA ARG C 303 -49.67 68.75 17.49
C ARG C 303 -49.19 67.58 18.36
N HIS C 304 -48.58 67.89 19.49
CA HIS C 304 -48.05 66.89 20.41
C HIS C 304 -49.18 66.14 21.07
N PHE C 305 -49.00 64.86 21.36
CA PHE C 305 -50.04 64.09 22.06
C PHE C 305 -49.54 63.02 23.00
N GLY C 306 -48.25 62.71 22.91
CA GLY C 306 -47.65 61.77 23.85
C GLY C 306 -46.18 61.49 23.63
N ARG C 307 -45.71 60.45 24.31
CA ARG C 307 -44.33 60.05 24.18
C ARG C 307 -44.20 58.55 24.46
N PHE C 308 -43.13 57.95 23.97
CA PHE C 308 -42.77 56.61 24.43
C PHE C 308 -41.30 56.47 24.70
N THR C 309 -40.99 55.56 25.61
CA THR C 309 -39.61 55.26 25.98
C THR C 309 -39.36 53.75 25.86
N LEU C 310 -38.23 53.34 25.31
CA LEU C 310 -37.90 51.91 25.25
C LEU C 310 -36.92 51.51 26.37
N ASN C 311 -37.41 50.72 27.32
CA ASN C 311 -36.73 50.51 28.59
C ASN C 311 -36.49 49.06 29.03
N GLU C 312 -36.73 48.10 28.14
CA GLU C 312 -36.69 46.70 28.56
C GLU C 312 -36.31 45.77 27.40
N ASN C 313 -35.17 45.10 27.51
CA ASN C 313 -34.72 44.15 26.46
C ASN C 313 -35.49 42.85 26.54
N PRO C 314 -35.77 42.20 25.38
CA PRO C 314 -36.55 40.96 25.41
C PRO C 314 -35.79 39.90 26.18
N LYS C 315 -36.44 38.80 26.50
CA LYS C 315 -35.74 37.79 27.26
C LYS C 315 -35.02 36.81 26.36
N ASN C 316 -35.69 36.39 25.28
CA ASN C 316 -35.13 35.51 24.23
C ASN C 316 -35.36 36.12 22.85
N TYR C 317 -34.30 36.38 22.12
CA TYR C 317 -34.47 37.14 20.85
C TYR C 317 -35.37 36.43 19.84
N TYR C 318 -35.04 35.20 19.52
CA TYR C 318 -35.85 34.46 18.58
C TYR C 318 -37.35 34.55 18.91
N ALA C 319 -37.70 34.16 20.13
CA ALA C 319 -39.10 33.98 20.53
C ALA C 319 -39.90 35.26 20.50
N GLU C 320 -39.21 36.34 20.84
CA GLU C 320 -39.80 37.66 20.89
C GLU C 320 -39.45 38.53 19.71
N THR C 321 -38.19 38.87 19.50
CA THR C 321 -37.90 39.79 18.38
C THR C 321 -38.13 39.17 16.99
N GLU C 322 -37.82 37.90 16.81
CA GLU C 322 -37.86 37.36 15.47
C GLU C 322 -39.26 37.01 15.09
N GLN C 323 -40.03 36.52 16.06
CA GLN C 323 -41.33 35.94 15.81
C GLN C 323 -42.43 37.01 15.82
N ILE C 324 -42.10 38.23 16.19
CA ILE C 324 -43.17 39.22 16.36
C ILE C 324 -43.77 39.53 14.99
N ALA C 325 -45.08 39.73 14.93
CA ALA C 325 -45.77 40.03 13.66
C ALA C 325 -46.56 41.33 13.72
N PHE C 326 -46.19 42.30 12.88
CA PHE C 326 -46.94 43.53 12.79
C PHE C 326 -47.77 43.54 11.53
N SER C 327 -48.90 44.23 11.58
CA SER C 327 -49.70 44.50 10.39
C SER C 327 -50.41 45.81 10.52
N PRO C 328 -50.31 46.69 9.49
CA PRO C 328 -51.08 47.93 9.48
C PRO C 328 -52.57 47.70 9.72
N SER C 329 -53.12 46.59 9.23
CA SER C 329 -54.53 46.31 9.43
C SER C 329 -54.88 45.87 10.86
N HIS C 330 -53.90 45.82 11.74
CA HIS C 330 -54.18 45.59 13.15
C HIS C 330 -54.43 46.95 13.74
N THR C 331 -55.68 47.33 13.83
CA THR C 331 -55.98 48.63 14.38
C THR C 331 -57.00 48.59 15.53
N VAL C 332 -57.39 49.78 16.00
CA VAL C 332 -58.37 49.87 17.05
C VAL C 332 -59.52 50.84 16.68
N PRO C 333 -60.66 50.75 17.42
CA PRO C 333 -61.73 51.70 17.10
C PRO C 333 -61.17 53.10 17.32
N GLY C 334 -61.37 53.95 16.32
CA GLY C 334 -60.92 55.32 16.40
C GLY C 334 -59.87 55.61 15.37
N MET C 335 -59.30 54.53 14.82
CA MET C 335 -58.26 54.67 13.84
C MET C 335 -58.54 53.77 12.66
N GLU C 336 -58.65 54.37 11.48
CA GLU C 336 -58.90 53.63 10.24
C GLU C 336 -57.81 53.95 9.19
N PRO C 337 -57.63 53.05 8.19
CA PRO C 337 -56.69 53.33 7.08
C PRO C 337 -57.29 54.28 6.04
N SER C 338 -56.48 55.08 5.37
CA SER C 338 -56.99 55.92 4.28
C SER C 338 -57.03 55.16 2.95
N ASN C 339 -57.32 55.85 1.85
CA ASN C 339 -57.40 55.20 0.56
C ASN C 339 -56.06 55.09 -0.14
N ASP C 340 -55.00 55.55 0.54
CA ASP C 340 -53.65 55.44 0.02
C ASP C 340 -53.43 54.01 -0.50
N PRO C 341 -53.31 53.84 -1.83
CA PRO C 341 -53.31 52.46 -2.40
C PRO C 341 -52.18 51.51 -1.92
N VAL C 342 -50.99 52.07 -1.71
CA VAL C 342 -49.90 51.34 -1.07
C VAL C 342 -50.40 50.80 0.29
N LEU C 343 -50.88 51.70 1.16
CA LEU C 343 -51.39 51.29 2.46
C LEU C 343 -52.48 50.25 2.30
N GLN C 344 -53.41 50.48 1.38
CA GLN C 344 -54.52 49.55 1.13
C GLN C 344 -53.98 48.09 0.92
N SER C 345 -52.91 47.95 0.12
CA SER C 345 -52.38 46.63 -0.18
C SER C 345 -51.61 46.02 1.00
N ARG C 346 -51.04 46.90 1.82
CA ARG C 346 -50.36 46.47 3.03
C ARG C 346 -51.33 45.79 3.98
N LEU C 347 -52.54 46.31 4.08
CA LEU C 347 -53.58 45.68 4.89
C LEU C 347 -53.72 44.18 4.63
N PHE C 348 -53.58 43.76 3.37
CA PHE C 348 -53.65 42.33 3.04
C PHE C 348 -52.32 41.54 3.19
N SER C 349 -51.22 42.10 2.67
CA SER C 349 -49.86 41.46 2.76
C SER C 349 -49.41 40.97 4.10
N TYR C 350 -49.45 41.84 5.11
CA TYR C 350 -48.76 41.48 6.32
C TYR C 350 -49.39 40.23 6.91
N PRO C 351 -50.70 40.22 7.16
CA PRO C 351 -51.25 38.98 7.69
C PRO C 351 -51.04 37.76 6.78
N ASP C 352 -51.03 37.98 5.46
CA ASP C 352 -50.79 36.91 4.48
C ASP C 352 -49.37 36.33 4.62
N THR C 353 -48.39 37.21 4.75
CA THR C 353 -47.04 36.76 4.95
C THR C 353 -46.85 36.12 6.35
N HIS C 354 -47.51 36.66 7.36
CA HIS C 354 -47.41 36.08 8.69
C HIS C 354 -47.77 34.61 8.68
N ARG C 355 -48.87 34.29 8.00
CA ARG C 355 -49.37 32.91 7.92
C ARG C 355 -48.35 32.02 7.23
N HIS C 356 -47.49 32.59 6.39
CA HIS C 356 -46.41 31.81 5.80
C HIS C 356 -45.12 31.74 6.64
N ARG C 357 -44.62 32.90 7.06
CA ARG C 357 -43.39 32.97 7.86
C ARG C 357 -43.48 32.30 9.22
N LEU C 358 -44.61 32.39 9.89
CA LEU C 358 -44.74 31.96 11.26
C LEU C 358 -45.73 30.83 11.39
N GLY C 359 -46.94 31.01 10.84
CA GLY C 359 -47.90 29.90 10.70
C GLY C 359 -49.33 30.33 10.82
N PRO C 360 -50.29 29.49 10.42
CA PRO C 360 -51.69 29.87 10.49
C PRO C 360 -52.12 30.47 11.84
N ASN C 361 -51.58 29.94 12.94
CA ASN C 361 -51.98 30.39 14.27
C ASN C 361 -50.92 31.24 14.99
N TYR C 362 -50.32 32.18 14.26
CA TYR C 362 -49.18 32.93 14.77
C TYR C 362 -49.52 33.90 15.87
N HIS C 363 -50.79 34.28 15.90
CA HIS C 363 -51.30 35.20 16.90
C HIS C 363 -51.34 34.52 18.25
N GLN C 364 -51.21 33.20 18.28
CA GLN C 364 -51.11 32.50 19.55
C GLN C 364 -49.69 32.52 20.18
N ILE C 365 -48.68 32.89 19.39
CA ILE C 365 -47.32 33.12 19.93
C ILE C 365 -47.33 34.28 20.94
N PRO C 366 -46.72 34.11 22.13
CA PRO C 366 -46.83 35.15 23.15
C PRO C 366 -46.72 36.66 22.73
N VAL C 367 -45.65 37.09 22.04
CA VAL C 367 -45.55 38.55 21.75
C VAL C 367 -46.67 39.01 20.87
N ASN C 368 -47.34 38.11 20.14
CA ASN C 368 -48.38 38.54 19.22
C ASN C 368 -49.78 38.53 19.81
N CYS C 369 -49.89 38.01 21.03
CA CYS C 369 -51.15 37.92 21.74
C CYS C 369 -51.71 39.31 22.06
N PRO C 370 -53.05 39.43 22.05
CA PRO C 370 -53.65 40.61 22.66
C PRO C 370 -53.56 40.46 24.18
N LEU C 371 -52.45 40.86 24.80
CA LEU C 371 -52.29 40.67 26.27
C LEU C 371 -53.18 41.58 27.13
N LYS C 372 -53.29 42.86 26.78
CA LYS C 372 -54.12 43.78 27.59
C LYS C 372 -55.62 43.49 27.50
N SER C 373 -56.14 43.35 26.28
CA SER C 373 -57.50 42.85 26.12
C SER C 373 -57.39 41.39 25.81
N GLY C 374 -58.40 40.59 26.13
CA GLY C 374 -58.33 39.20 25.65
C GLY C 374 -58.78 39.16 24.19
N SER C 375 -59.20 37.99 23.77
CA SER C 375 -59.91 37.90 22.56
C SER C 375 -60.97 36.90 22.84
N PHE C 376 -62.06 37.02 22.10
CA PHE C 376 -63.08 36.02 22.05
C PHE C 376 -63.59 35.98 20.61
N ASN C 377 -63.09 35.02 19.83
CA ASN C 377 -63.47 34.89 18.42
C ASN C 377 -63.89 33.45 18.15
N PRO C 378 -65.09 33.07 18.57
CA PRO C 378 -65.50 31.67 18.45
C PRO C 378 -65.52 31.12 17.02
N ILE C 379 -65.46 31.97 16.00
CA ILE C 379 -65.56 31.49 14.60
C ILE C 379 -64.24 30.96 14.11
N ASN C 380 -63.17 31.43 14.72
CA ASN C 380 -61.84 31.05 14.33
C ASN C 380 -61.33 29.90 15.19
N ARG C 381 -61.26 28.70 14.62
CA ARG C 381 -60.94 27.52 15.40
C ARG C 381 -60.00 26.57 14.67
N ASP C 382 -59.39 25.65 15.43
CA ASP C 382 -58.52 24.63 14.88
C ASP C 382 -57.31 25.28 14.20
N GLY C 383 -56.83 24.67 13.11
CA GLY C 383 -55.55 25.09 12.49
C GLY C 383 -54.35 24.39 13.13
N PRO C 384 -53.21 24.41 12.43
CA PRO C 384 -51.98 23.81 12.97
C PRO C 384 -51.52 24.47 14.25
N MET C 385 -50.95 23.67 15.14
CA MET C 385 -50.30 24.22 16.33
C MET C 385 -51.23 25.11 17.11
N CYS C 386 -52.42 24.60 17.38
CA CYS C 386 -53.37 25.33 18.14
C CYS C 386 -53.09 25.09 19.62
N VAL C 387 -52.56 26.12 20.28
CA VAL C 387 -52.02 26.00 21.64
C VAL C 387 -52.84 26.67 22.77
N ASP C 388 -53.83 27.47 22.39
CA ASP C 388 -54.52 28.34 23.33
C ASP C 388 -55.83 27.74 23.86
N GLY C 389 -56.01 26.42 23.67
CA GLY C 389 -57.17 25.73 24.22
C GLY C 389 -58.34 25.70 23.26
N ASN C 390 -58.28 26.48 22.18
CA ASN C 390 -59.26 26.43 21.08
C ASN C 390 -60.67 26.68 21.61
N LEU C 391 -60.75 27.45 22.71
CA LEU C 391 -62.00 27.80 23.37
C LEU C 391 -62.85 26.61 23.87
N GLY C 392 -62.23 25.49 24.21
CA GLY C 392 -63.00 24.38 24.78
C GLY C 392 -64.29 24.13 24.02
N GLY C 393 -65.41 24.03 24.73
CA GLY C 393 -66.68 23.64 24.11
C GLY C 393 -67.57 24.79 23.64
N THR C 394 -67.03 26.00 23.58
CA THR C 394 -67.77 27.17 23.08
C THR C 394 -68.15 26.91 21.64
N PRO C 395 -69.47 27.05 21.32
CA PRO C 395 -70.01 26.86 19.96
C PRO C 395 -69.26 27.74 18.95
N ASN C 396 -69.16 27.25 17.73
CA ASN C 396 -68.32 27.92 16.77
C ASN C 396 -69.03 28.75 15.72
N TYR C 397 -70.26 29.21 16.00
CA TYR C 397 -71.01 30.10 15.09
C TYR C 397 -71.67 31.17 15.97
N ALA C 398 -71.98 32.34 15.43
CA ALA C 398 -72.54 33.45 16.19
C ALA C 398 -74.05 33.28 16.38
N ASN C 399 -74.54 33.74 17.55
CA ASN C 399 -75.94 33.59 17.98
C ASN C 399 -76.32 32.12 18.11
N ALA C 400 -75.43 31.38 18.77
CA ALA C 400 -75.71 30.00 19.09
C ALA C 400 -76.72 30.01 20.20
N TYR C 401 -77.69 29.11 20.14
CA TYR C 401 -78.78 29.18 21.10
C TYR C 401 -78.24 29.07 22.50
N ASN C 402 -77.12 28.37 22.66
CA ASN C 402 -76.56 28.11 23.97
C ASN C 402 -75.27 28.81 24.30
N CYS C 403 -75.08 30.02 23.76
CA CYS C 403 -73.91 30.76 24.07
C CYS C 403 -74.16 32.24 23.92
N PRO C 404 -74.59 32.88 25.00
CA PRO C 404 -74.94 34.29 24.95
C PRO C 404 -73.68 35.13 24.72
N ILE C 405 -73.73 36.06 23.76
CA ILE C 405 -72.57 36.87 23.43
C ILE C 405 -72.92 38.36 23.47
N GLN C 406 -71.91 39.20 23.68
CA GLN C 406 -72.06 40.64 23.63
C GLN C 406 -71.31 41.18 22.42
N TYR C 407 -71.82 42.23 21.80
CA TYR C 407 -71.11 42.94 20.72
C TYR C 407 -70.86 44.37 21.19
N ALA C 408 -69.93 45.10 20.59
CA ALA C 408 -69.73 46.48 21.01
C ALA C 408 -70.83 47.37 20.42
N VAL C 409 -70.98 48.59 20.96
CA VAL C 409 -72.13 49.49 20.70
C VAL C 409 -72.61 49.70 19.22
N ASN C 416 -73.17 57.94 13.03
CA ASN C 416 -73.78 58.43 11.79
C ASN C 416 -73.39 59.89 11.49
N LYS C 417 -72.38 60.05 10.62
CA LYS C 417 -71.96 61.36 10.08
C LYS C 417 -71.33 61.18 8.67
N PRO C 418 -71.59 62.14 7.73
CA PRO C 418 -70.93 62.29 6.40
C PRO C 418 -69.44 61.88 6.28
N ASP C 419 -69.19 61.02 5.28
CA ASP C 419 -67.87 60.43 5.00
C ASP C 419 -67.51 60.65 3.51
N GLU C 420 -66.44 60.01 3.04
CA GLU C 420 -66.00 60.10 1.64
C GLU C 420 -67.07 59.49 0.76
N LYS C 421 -67.32 60.09 -0.39
CA LYS C 421 -68.30 59.49 -1.31
C LYS C 421 -67.68 59.10 -2.65
N TYR C 422 -68.21 58.05 -3.25
CA TYR C 422 -67.64 57.45 -4.46
C TYR C 422 -68.59 57.56 -5.65
N THR C 423 -68.04 57.62 -6.86
CA THR C 423 -68.82 57.71 -8.11
C THR C 423 -68.02 57.17 -9.26
N GLY C 424 -68.67 56.41 -10.14
CA GLY C 424 -68.00 55.93 -11.35
C GLY C 424 -68.02 54.41 -11.50
N GLU C 425 -67.30 53.94 -12.52
CA GLU C 425 -67.13 52.50 -12.79
C GLU C 425 -65.89 51.99 -12.07
N VAL C 426 -65.74 50.67 -12.01
CA VAL C 426 -64.51 50.06 -11.53
C VAL C 426 -63.46 50.46 -12.54
N VAL C 427 -62.33 50.96 -12.08
CA VAL C 427 -61.34 51.49 -12.98
C VAL C 427 -59.96 50.91 -12.70
N PRO C 428 -59.23 50.52 -13.77
CA PRO C 428 -57.81 50.18 -13.63
C PRO C 428 -56.93 51.43 -13.69
N TYR C 429 -56.07 51.62 -12.70
CA TYR C 429 -55.29 52.83 -12.64
C TYR C 429 -53.84 52.62 -12.23
N HIS C 430 -52.98 53.28 -13.00
CA HIS C 430 -51.56 53.39 -12.73
C HIS C 430 -51.31 54.88 -12.67
N TRP C 431 -50.99 55.39 -11.47
CA TRP C 431 -50.83 56.82 -11.23
C TRP C 431 -49.95 57.48 -12.28
N GLU C 432 -50.51 58.47 -12.96
CA GLU C 432 -49.80 59.12 -14.07
C GLU C 432 -49.09 60.40 -13.61
N HIS C 433 -47.89 60.59 -14.13
CA HIS C 433 -47.07 61.70 -13.76
C HIS C 433 -47.69 63.04 -14.15
N THR C 434 -47.67 64.02 -13.25
CA THR C 434 -47.91 65.45 -13.60
C THR C 434 -46.71 66.28 -13.18
N ASP C 435 -46.68 67.54 -13.57
CA ASP C 435 -45.53 68.38 -13.27
C ASP C 435 -45.15 68.52 -11.80
N TYR C 436 -46.16 68.47 -10.92
CA TYR C 436 -45.91 68.69 -9.50
C TYR C 436 -45.03 67.60 -8.86
N ASP C 437 -44.99 66.42 -9.47
CA ASP C 437 -44.25 65.29 -8.93
C ASP C 437 -42.76 65.58 -8.79
N TYR C 438 -42.24 66.48 -9.62
CA TYR C 438 -40.85 66.91 -9.51
C TYR C 438 -40.63 68.03 -8.51
N PHE C 439 -41.71 68.72 -8.10
CA PHE C 439 -41.59 69.93 -7.30
C PHE C 439 -40.97 69.70 -5.92
N GLN C 440 -41.49 68.70 -5.22
CA GLN C 440 -41.08 68.43 -3.87
C GLN C 440 -39.62 67.89 -3.81
N PRO C 441 -39.19 67.09 -4.82
CA PRO C 441 -37.77 66.77 -4.86
C PRO C 441 -36.90 67.99 -4.99
N LYS C 442 -37.32 68.95 -5.80
CA LYS C 442 -36.61 70.22 -5.98
C LYS C 442 -36.40 70.94 -4.64
N MET C 443 -37.45 70.97 -3.84
CA MET C 443 -37.39 71.50 -2.49
C MET C 443 -36.41 70.75 -1.60
N PHE C 444 -36.39 69.43 -1.70
CA PHE C 444 -35.50 68.66 -0.84
C PHE C 444 -34.02 68.84 -1.20
N TRP C 445 -33.70 69.19 -2.45
CA TRP C 445 -32.35 69.62 -2.76
C TRP C 445 -32.01 70.91 -2.03
N LYS C 446 -32.98 71.83 -2.01
CA LYS C 446 -32.87 73.08 -1.28
C LYS C 446 -32.71 72.88 0.22
N VAL C 447 -33.42 71.91 0.79
CA VAL C 447 -33.34 71.59 2.23
C VAL C 447 -31.97 71.04 2.65
N LEU C 448 -31.41 70.16 1.83
CA LEU C 448 -29.98 69.87 1.98
C LEU C 448 -29.28 71.16 1.55
N GLY C 449 -27.98 71.27 1.79
CA GLY C 449 -27.30 72.48 1.36
C GLY C 449 -27.78 73.65 2.20
N ARG C 450 -28.78 73.38 3.04
CA ARG C 450 -28.97 74.16 4.26
C ARG C 450 -27.97 73.66 5.30
N THR C 451 -27.42 72.48 5.03
CA THR C 451 -26.35 71.88 5.85
C THR C 451 -25.08 71.68 5.00
N PRO C 452 -23.96 72.28 5.45
CA PRO C 452 -22.72 72.10 4.68
C PRO C 452 -22.43 70.63 4.55
N GLY C 453 -21.91 70.22 3.38
CA GLY C 453 -21.56 68.82 3.14
C GLY C 453 -22.68 67.86 2.74
N GLU C 454 -23.94 68.26 2.91
CA GLU C 454 -25.07 67.36 2.61
C GLU C 454 -25.36 67.18 1.13
N GLN C 455 -25.33 68.26 0.37
CA GLN C 455 -25.51 68.15 -1.07
C GLN C 455 -24.35 67.43 -1.73
N GLU C 456 -23.11 67.75 -1.33
CA GLU C 456 -21.96 67.08 -1.92
C GLU C 456 -21.85 65.62 -1.46
N SER C 457 -22.49 65.29 -0.34
CA SER C 457 -22.61 63.91 0.08
C SER C 457 -23.56 63.10 -0.79
N LEU C 458 -24.76 63.64 -1.07
CA LEU C 458 -25.69 62.94 -1.95
C LEU C 458 -24.97 62.67 -3.28
N VAL C 459 -24.30 63.67 -3.84
CA VAL C 459 -23.58 63.50 -5.09
C VAL C 459 -22.53 62.40 -5.02
N LYS C 460 -21.71 62.41 -3.99
CA LYS C 460 -20.63 61.44 -3.88
C LYS C 460 -21.20 60.02 -3.70
N ASN C 461 -22.26 59.91 -2.90
CA ASN C 461 -22.87 58.64 -2.61
C ASN C 461 -23.51 58.01 -3.83
N VAL C 462 -24.22 58.80 -4.61
CA VAL C 462 -24.83 58.33 -5.83
C VAL C 462 -23.73 57.99 -6.84
N ALA C 463 -22.58 58.65 -6.75
CA ALA C 463 -21.57 58.42 -7.77
C ALA C 463 -20.87 57.11 -7.52
N ASN C 464 -20.56 56.82 -6.27
CA ASN C 464 -19.88 55.60 -5.94
C ASN C 464 -20.70 54.40 -6.25
N HIS C 465 -22.02 54.53 -6.10
CA HIS C 465 -22.93 53.42 -6.32
C HIS C 465 -23.08 53.19 -7.81
N VAL C 466 -23.24 54.26 -8.56
CA VAL C 466 -23.49 54.16 -10.00
C VAL C 466 -22.28 53.92 -10.90
N SER C 467 -21.09 54.08 -10.36
CA SER C 467 -19.88 53.90 -11.13
C SER C 467 -19.62 52.44 -11.48
N ALA C 468 -20.34 51.51 -10.85
CA ALA C 468 -20.21 50.12 -11.22
C ALA C 468 -21.26 49.71 -12.28
N ALA C 469 -22.16 50.63 -12.61
CA ALA C 469 -23.14 50.36 -13.64
C ALA C 469 -22.51 50.62 -15.01
N ASP C 470 -23.12 50.07 -16.06
CA ASP C 470 -22.66 50.31 -17.41
C ASP C 470 -23.00 51.73 -17.79
N GLU C 471 -22.24 52.29 -18.73
CA GLU C 471 -22.44 53.68 -19.16
C GLU C 471 -23.86 54.06 -19.51
N PHE C 472 -24.53 53.23 -20.33
CA PHE C 472 -25.83 53.59 -20.86
C PHE C 472 -26.81 53.84 -19.73
N ILE C 473 -26.54 53.20 -18.62
CA ILE C 473 -27.41 53.26 -17.47
C ILE C 473 -26.98 54.37 -16.50
N GLN C 474 -25.69 54.66 -16.48
CA GLN C 474 -25.19 55.90 -15.85
C GLN C 474 -25.86 57.12 -16.44
N ASP C 475 -25.88 57.20 -17.76
CA ASP C 475 -26.54 58.31 -18.48
C ASP C 475 -28.00 58.54 -18.04
N ARG C 476 -28.79 57.47 -17.93
CA ARG C 476 -30.18 57.58 -17.49
C ARG C 476 -30.27 58.09 -16.05
N VAL C 477 -29.28 57.71 -15.24
CA VAL C 477 -29.25 58.14 -13.85
C VAL C 477 -28.96 59.64 -13.73
N TYR C 478 -28.09 60.20 -14.57
CA TYR C 478 -27.91 61.67 -14.58
C TYR C 478 -29.19 62.40 -14.95
N GLU C 479 -29.86 61.99 -16.04
CA GLU C 479 -31.15 62.57 -16.46
C GLU C 479 -32.19 62.56 -15.35
N TYR C 480 -32.18 61.49 -14.55
CA TYR C 480 -33.14 61.22 -13.47
C TYR C 480 -32.98 62.23 -12.35
N PHE C 481 -31.75 62.40 -11.87
CA PHE C 481 -31.51 63.37 -10.82
C PHE C 481 -31.70 64.78 -11.36
N SER C 482 -31.47 64.96 -12.66
CA SER C 482 -31.63 66.28 -13.29
C SER C 482 -33.08 66.72 -13.42
N LYS C 483 -34.00 65.80 -13.14
CA LYS C 483 -35.42 66.11 -13.13
C LYS C 483 -35.80 66.90 -11.87
N ALA C 484 -34.98 66.82 -10.83
CA ALA C 484 -35.18 67.64 -9.63
C ALA C 484 -34.56 69.04 -9.74
N GLU C 485 -33.27 69.06 -10.13
CA GLU C 485 -32.48 70.27 -10.34
C GLU C 485 -31.42 69.92 -11.34
N PRO C 486 -31.44 70.56 -12.52
CA PRO C 486 -30.48 70.17 -13.54
C PRO C 486 -29.02 69.99 -13.09
N ILE C 487 -28.62 70.60 -11.97
CA ILE C 487 -27.21 70.63 -11.56
C ILE C 487 -26.73 69.30 -11.02
N ILE C 488 -27.66 68.57 -10.43
CA ILE C 488 -27.36 67.34 -9.76
C ILE C 488 -26.86 66.27 -10.72
N GLY C 489 -27.48 66.17 -11.89
CA GLY C 489 -26.96 65.30 -12.93
C GLY C 489 -25.52 65.63 -13.30
N ASP C 490 -25.27 66.91 -13.54
CA ASP C 490 -23.98 67.34 -14.04
C ASP C 490 -22.90 67.13 -12.99
N LEU C 491 -23.28 67.27 -11.73
CA LEU C 491 -22.37 67.06 -10.59
C LEU C 491 -22.02 65.60 -10.35
N ILE C 492 -23.03 64.74 -10.47
CA ILE C 492 -22.81 63.30 -10.41
C ILE C 492 -21.98 62.83 -11.62
N ARG C 493 -22.30 63.32 -12.83
CA ARG C 493 -21.51 62.98 -14.01
C ARG C 493 -20.08 63.40 -13.79
N LYS C 494 -19.89 64.61 -13.28
CA LYS C 494 -18.58 65.14 -13.08
C LYS C 494 -17.81 64.30 -12.08
N LYS C 495 -18.48 63.78 -11.07
CA LYS C 495 -17.82 62.92 -10.09
C LYS C 495 -17.58 61.49 -10.58
N VAL C 496 -18.38 61.01 -11.53
CA VAL C 496 -18.11 59.70 -12.13
C VAL C 496 -16.88 59.72 -13.06
N GLN C 497 -16.71 60.81 -13.80
CA GLN C 497 -15.50 61.03 -14.61
C GLN C 497 -14.23 61.05 -13.76
N GLU C 498 -14.32 61.60 -12.54
CA GLU C 498 -13.20 61.67 -11.62
C GLU C 498 -12.85 60.34 -11.00
N LEU C 499 -13.86 59.54 -10.69
CA LEU C 499 -13.61 58.24 -10.09
C LEU C 499 -12.98 57.30 -11.11
N LYS C 500 -13.50 57.34 -12.33
CA LYS C 500 -12.96 56.57 -13.44
C LYS C 500 -11.47 56.86 -13.62
N ARG C 501 -11.11 58.15 -13.65
CA ARG C 501 -9.73 58.61 -13.79
C ARG C 501 -8.73 57.79 -12.94
N LYS C 502 -9.01 57.62 -11.65
CA LYS C 502 -8.11 56.87 -10.76
C LYS C 502 -8.26 55.35 -10.92
N ALA C 503 -8.27 54.85 -12.16
CA ALA C 503 -8.38 53.41 -12.43
N ALA D 4 -66.08 41.49 30.29
CA ALA D 4 -66.81 40.31 29.74
C ALA D 4 -68.02 40.00 30.64
N ASN D 5 -68.52 38.77 30.51
CA ASN D 5 -69.77 38.34 31.17
C ASN D 5 -71.01 39.16 30.76
N PRO D 6 -71.62 38.84 29.59
CA PRO D 6 -71.11 37.87 28.61
C PRO D 6 -69.87 38.45 27.91
N PRO D 7 -69.03 37.58 27.33
CA PRO D 7 -67.83 38.11 26.61
C PRO D 7 -68.13 38.92 25.35
N VAL D 8 -67.25 39.88 25.06
CA VAL D 8 -67.31 40.70 23.86
C VAL D 8 -66.69 39.93 22.73
N PHE D 9 -67.33 39.99 21.58
CA PHE D 9 -66.88 39.34 20.37
C PHE D 9 -65.76 40.18 19.74
N THR D 10 -64.66 39.53 19.35
CA THR D 10 -63.47 40.26 18.83
C THR D 10 -62.79 39.62 17.63
N THR D 11 -61.95 40.41 16.95
CA THR D 11 -61.03 39.87 15.94
C THR D 11 -59.97 38.99 16.62
N SER D 12 -59.13 38.33 15.83
CA SER D 12 -58.05 37.53 16.39
C SER D 12 -57.09 38.43 17.21
N GLN D 13 -57.05 39.72 16.87
CA GLN D 13 -56.16 40.70 17.51
C GLN D 13 -56.80 41.45 18.68
N GLY D 14 -58.05 41.13 19.00
CA GLY D 14 -58.72 41.63 20.21
C GLY D 14 -59.53 42.89 20.02
N CYS D 15 -59.61 43.37 18.80
CA CYS D 15 -60.47 44.50 18.44
C CYS D 15 -61.91 44.03 18.41
N PRO D 16 -62.80 44.71 19.15
CA PRO D 16 -64.22 44.41 19.28
C PRO D 16 -65.03 44.64 17.98
N VAL D 17 -66.04 43.79 17.80
CA VAL D 17 -66.72 43.67 16.53
C VAL D 17 -68.19 43.94 16.80
N SER D 18 -68.83 44.74 15.95
CA SER D 18 -70.22 45.17 16.21
C SER D 18 -71.26 44.25 15.60
N ASP D 19 -70.99 43.78 14.38
CA ASP D 19 -71.85 42.81 13.73
C ASP D 19 -71.04 41.65 13.20
N PRO D 20 -71.43 40.41 13.54
CA PRO D 20 -70.74 39.22 13.02
C PRO D 20 -70.93 38.97 11.51
N PHE D 21 -71.92 39.62 10.91
CA PHE D 21 -72.39 39.23 9.60
C PHE D 21 -72.27 40.27 8.48
N THR D 22 -71.85 41.49 8.79
CA THR D 22 -71.75 42.49 7.76
C THR D 22 -70.43 42.44 7.01
N THR D 23 -70.46 42.79 5.73
CA THR D 23 -69.22 43.05 4.96
C THR D 23 -69.26 44.38 4.24
N GLN D 24 -68.14 45.08 4.22
CA GLN D 24 -68.07 46.37 3.58
C GLN D 24 -68.23 46.32 2.09
N ARG D 25 -68.93 47.31 1.52
CA ARG D 25 -69.01 47.49 0.06
C ARG D 25 -69.34 48.90 -0.32
N ILE D 26 -69.01 49.27 -1.55
CA ILE D 26 -69.49 50.51 -2.19
C ILE D 26 -70.68 50.11 -3.12
N PRO D 27 -71.86 50.72 -2.91
CA PRO D 27 -72.99 50.18 -3.63
C PRO D 27 -73.09 50.71 -5.04
N LEU D 28 -73.68 49.89 -5.89
CA LEU D 28 -74.10 50.33 -7.19
C LEU D 28 -75.17 51.42 -7.06
N ASP D 29 -75.19 52.34 -8.02
CA ASP D 29 -76.25 53.32 -8.10
C ASP D 29 -77.56 52.55 -8.23
N SER D 30 -78.55 53.01 -7.46
CA SER D 30 -79.87 52.38 -7.38
C SER D 30 -81.00 53.00 -8.25
N THR D 31 -80.74 54.11 -8.92
CA THR D 31 -81.73 54.70 -9.83
C THR D 31 -82.17 53.71 -10.93
N GLY D 32 -83.45 53.36 -10.89
CA GLY D 32 -84.04 52.48 -11.88
C GLY D 32 -84.40 51.10 -11.39
N TYR D 33 -83.88 50.72 -10.23
CA TYR D 33 -84.04 49.36 -9.71
C TYR D 33 -85.36 49.18 -8.97
N LYS D 34 -86.12 48.14 -9.34
CA LYS D 34 -87.34 47.84 -8.58
C LYS D 34 -86.89 47.43 -7.20
N TYR D 35 -85.82 46.63 -7.15
CA TYR D 35 -85.25 46.12 -5.91
C TYR D 35 -83.78 46.58 -5.75
N ALA D 36 -83.51 47.43 -4.75
CA ALA D 36 -82.19 48.04 -4.65
C ALA D 36 -81.51 47.92 -3.30
N PRO D 37 -81.11 46.67 -2.94
CA PRO D 37 -80.20 46.45 -1.82
C PRO D 37 -78.79 46.97 -2.17
N PRO D 38 -78.03 47.40 -1.17
CA PRO D 38 -76.74 47.98 -1.48
C PRO D 38 -75.68 46.91 -1.76
N ILE D 39 -75.44 46.61 -3.03
CA ILE D 39 -74.51 45.56 -3.45
C ILE D 39 -73.33 46.20 -4.17
N GLY D 40 -72.14 45.70 -3.91
CA GLY D 40 -70.93 46.18 -4.58
C GLY D 40 -69.79 45.19 -4.42
N PRO D 41 -68.61 45.54 -4.97
CA PRO D 41 -67.46 44.62 -4.84
C PRO D 41 -66.92 44.65 -3.42
N LEU D 42 -66.45 43.52 -2.94
CA LEU D 42 -65.89 43.42 -1.61
C LEU D 42 -64.50 44.05 -1.53
N LEU D 43 -64.16 44.63 -0.37
CA LEU D 43 -62.90 45.41 -0.21
C LEU D 43 -61.76 44.76 0.57
N LEU D 44 -60.54 44.95 0.06
CA LEU D 44 -59.35 44.45 0.73
C LEU D 44 -59.28 44.92 2.15
N GLN D 45 -59.84 46.08 2.44
CA GLN D 45 -59.65 46.67 3.76
C GLN D 45 -60.58 46.06 4.84
N ASP D 46 -61.54 45.25 4.40
CA ASP D 46 -62.48 44.57 5.30
C ASP D 46 -61.78 43.46 6.10
N PHE D 47 -61.09 43.89 7.15
CA PHE D 47 -60.27 42.99 7.95
C PHE D 47 -61.03 41.82 8.57
N LYS D 48 -62.13 42.10 9.25
CA LYS D 48 -62.95 41.03 9.77
C LYS D 48 -63.23 39.92 8.71
N LEU D 49 -63.50 40.34 7.46
CA LEU D 49 -63.83 39.40 6.39
C LEU D 49 -62.62 38.53 6.12
N ILE D 50 -61.49 39.13 5.70
CA ILE D 50 -60.24 38.42 5.42
C ILE D 50 -59.72 37.61 6.60
N ASP D 51 -59.74 38.25 7.77
CA ASP D 51 -59.29 37.58 8.95
C ASP D 51 -60.09 36.32 9.23
N THR D 52 -61.39 36.32 8.96
CA THR D 52 -62.15 35.12 9.37
C THR D 52 -62.15 34.07 8.28
N LEU D 53 -62.16 34.50 7.02
CA LEU D 53 -62.02 33.54 5.93
C LEU D 53 -60.66 32.85 5.86
N SER D 54 -59.60 33.63 5.98
CA SER D 54 -58.32 33.02 5.85
C SER D 54 -58.02 32.01 6.96
N HIS D 55 -58.64 32.21 8.13
CA HIS D 55 -58.50 31.18 9.18
C HIS D 55 -59.31 29.91 8.91
N PHE D 56 -60.59 30.09 8.56
CA PHE D 56 -61.39 29.03 8.03
C PHE D 56 -60.65 28.26 6.92
N ASP D 57 -59.97 28.96 6.00
CA ASP D 57 -59.16 28.33 4.94
C ASP D 57 -58.03 27.44 5.47
N ARG D 58 -57.64 27.62 6.73
CA ARG D 58 -56.56 26.84 7.33
C ARG D 58 -56.90 25.93 8.52
N GLU D 59 -58.18 25.60 8.68
CA GLU D 59 -58.62 24.77 9.79
C GLU D 59 -58.05 23.37 9.77
N ARG D 60 -57.71 22.86 8.61
CA ARG D 60 -57.41 21.41 8.56
C ARG D 60 -55.94 21.06 8.61
N ILE D 61 -55.62 19.99 9.33
CA ILE D 61 -54.25 19.46 9.38
C ILE D 61 -54.23 18.01 8.91
N PRO D 62 -53.07 17.50 8.50
CA PRO D 62 -53.17 16.13 7.95
C PRO D 62 -53.69 15.16 8.99
N GLU D 63 -54.52 14.20 8.59
CA GLU D 63 -54.89 13.08 9.48
C GLU D 63 -53.72 12.10 9.69
N ARG D 64 -53.72 11.37 10.81
CA ARG D 64 -52.69 10.37 11.07
C ARG D 64 -52.58 9.38 9.91
N VAL D 65 -51.38 8.95 9.49
CA VAL D 65 -51.30 8.05 8.32
C VAL D 65 -52.15 6.84 8.56
N VAL D 66 -52.15 6.38 9.82
CA VAL D 66 -52.94 5.24 10.29
C VAL D 66 -53.64 5.64 11.60
N HIS D 67 -54.64 4.88 12.02
CA HIS D 67 -55.42 5.23 13.20
C HIS D 67 -56.01 6.66 13.11
N ALA D 68 -56.42 7.08 11.91
CA ALA D 68 -57.03 8.41 11.72
C ALA D 68 -58.32 8.71 12.54
N LYS D 69 -59.21 7.73 12.58
CA LYS D 69 -60.52 7.89 13.17
C LYS D 69 -60.43 7.47 14.63
N GLY D 70 -60.73 8.39 15.55
CA GLY D 70 -60.61 8.09 16.99
C GLY D 70 -61.44 8.80 18.05
N ALA D 71 -61.32 8.32 19.29
CA ALA D 71 -61.97 8.98 20.43
C ALA D 71 -61.10 8.93 21.67
N GLY D 72 -61.05 10.05 22.43
CA GLY D 72 -60.22 10.13 23.62
C GLY D 72 -60.88 10.60 24.92
N ALA D 73 -60.27 10.31 26.06
CA ALA D 73 -60.78 10.77 27.33
C ALA D 73 -59.64 10.86 28.33
N TYR D 74 -59.82 11.67 29.37
CA TYR D 74 -58.88 11.71 30.48
C TYR D 74 -59.31 10.71 31.56
N GLY D 75 -58.34 10.27 32.38
CA GLY D 75 -58.65 9.37 33.48
C GLY D 75 -57.62 9.38 34.56
N VAL D 76 -57.67 8.34 35.38
CA VAL D 76 -56.72 8.18 36.46
C VAL D 76 -56.21 6.75 36.47
N PHE D 77 -54.90 6.61 36.57
CA PHE D 77 -54.30 5.31 36.82
C PHE D 77 -53.97 5.25 38.30
N GLU D 78 -54.23 4.09 38.91
CA GLU D 78 -53.82 3.85 40.30
C GLU D 78 -52.90 2.62 40.42
N VAL D 79 -51.81 2.76 41.18
CA VAL D 79 -50.95 1.64 41.52
C VAL D 79 -51.63 0.85 42.64
N THR D 80 -51.82 -0.46 42.42
CA THR D 80 -52.53 -1.25 43.42
C THR D 80 -51.70 -2.31 44.12
N ASP D 81 -50.56 -2.66 43.56
CA ASP D 81 -49.69 -3.66 44.18
C ASP D 81 -48.27 -3.18 44.14
N ASP D 82 -47.45 -3.77 44.98
CA ASP D 82 -46.03 -3.50 44.95
C ASP D 82 -45.41 -4.40 43.88
N ILE D 83 -44.80 -3.74 42.87
CA ILE D 83 -44.02 -4.44 41.86
C ILE D 83 -42.64 -3.82 41.69
N THR D 84 -42.21 -3.04 42.68
CA THR D 84 -40.90 -2.38 42.64
C THR D 84 -39.71 -3.37 42.53
N ASP D 85 -39.99 -4.63 42.80
CA ASP D 85 -39.02 -5.70 42.60
C ASP D 85 -38.81 -5.94 41.09
N VAL D 86 -39.79 -5.51 40.28
CA VAL D 86 -39.75 -5.61 38.81
C VAL D 86 -39.46 -4.28 38.13
N CYS D 87 -40.03 -3.18 38.61
CA CYS D 87 -39.88 -1.90 37.95
C CYS D 87 -39.66 -0.67 38.83
N SER D 88 -38.60 0.10 38.56
CA SER D 88 -38.22 1.24 39.40
C SER D 88 -38.96 2.54 39.11
N ALA D 89 -39.88 2.49 38.15
CA ALA D 89 -40.48 3.70 37.64
C ALA D 89 -41.19 4.47 38.73
N LYS D 90 -40.90 5.75 38.82
CA LYS D 90 -41.50 6.66 39.80
C LYS D 90 -43.02 6.62 39.94
N PHE D 91 -43.76 6.40 38.86
CA PHE D 91 -45.22 6.43 38.95
C PHE D 91 -45.78 5.10 39.47
N LEU D 92 -44.90 4.12 39.59
CA LEU D 92 -45.24 2.86 40.22
C LEU D 92 -44.63 2.77 41.63
N ASP D 93 -43.95 3.86 42.02
CA ASP D 93 -43.28 4.12 43.29
C ASP D 93 -43.77 3.39 44.53
N THR D 94 -45.01 3.70 44.91
CA THR D 94 -45.60 3.27 46.16
C THR D 94 -47.05 2.96 45.88
N VAL D 95 -47.62 2.04 46.65
CA VAL D 95 -49.01 1.62 46.43
C VAL D 95 -50.02 2.75 46.68
N GLY D 96 -51.08 2.76 45.85
CA GLY D 96 -52.15 3.76 45.87
C GLY D 96 -51.84 5.08 45.19
N LYS D 97 -50.67 5.19 44.53
CA LYS D 97 -50.23 6.46 43.87
C LYS D 97 -51.00 6.66 42.56
N LYS D 98 -51.45 7.89 42.32
CA LYS D 98 -52.35 8.18 41.21
C LYS D 98 -51.70 9.06 40.18
N THR D 99 -51.97 8.74 38.91
CA THR D 99 -51.36 9.42 37.80
C THR D 99 -52.46 9.80 36.82
N ARG D 100 -52.50 11.05 36.38
CA ARG D 100 -53.44 11.48 35.33
C ARG D 100 -53.01 10.94 33.93
N ILE D 101 -53.97 10.47 33.16
CA ILE D 101 -53.69 9.84 31.87
C ILE D 101 -54.64 10.35 30.84
N PHE D 102 -54.25 10.26 29.58
CA PHE D 102 -55.17 10.46 28.49
C PHE D 102 -55.14 9.26 27.55
N THR D 103 -56.31 8.81 27.12
CA THR D 103 -56.40 7.61 26.31
C THR D 103 -57.08 7.87 25.01
N ARG D 104 -56.44 7.55 23.89
CA ARG D 104 -57.12 7.64 22.62
C ARG D 104 -57.36 6.27 21.99
N PHE D 105 -58.62 5.98 21.70
CA PHE D 105 -58.99 4.77 21.01
C PHE D 105 -59.18 5.07 19.52
N SER D 106 -58.96 4.07 18.66
CA SER D 106 -58.95 4.24 17.21
C SER D 106 -59.20 2.94 16.51
N THR D 107 -59.56 3.03 15.21
CA THR D 107 -59.46 1.90 14.25
C THR D 107 -58.14 2.09 13.52
N VAL D 108 -57.85 1.27 12.51
CA VAL D 108 -56.53 1.36 11.86
C VAL D 108 -56.52 1.97 10.45
N GLY D 109 -57.21 1.34 9.51
CA GLY D 109 -57.11 1.73 8.10
C GLY D 109 -58.07 2.82 7.66
N GLY D 110 -59.24 2.92 8.28
CA GLY D 110 -60.20 3.96 7.92
C GLY D 110 -59.68 5.38 8.12
N GLU D 111 -60.11 6.25 7.25
CA GLU D 111 -59.77 7.66 7.29
C GLU D 111 -60.77 8.30 8.22
N LYS D 112 -60.70 9.62 8.26
CA LYS D 112 -61.37 10.43 9.24
C LYS D 112 -62.90 10.32 9.25
N GLY D 113 -63.52 10.21 8.10
CA GLY D 113 -64.98 10.15 8.10
C GLY D 113 -65.54 8.75 8.17
N SER D 114 -64.67 7.76 8.30
CA SER D 114 -65.08 6.38 8.17
C SER D 114 -65.84 5.85 9.39
N ALA D 115 -66.30 4.59 9.31
CA ALA D 115 -67.14 3.99 10.34
C ALA D 115 -66.40 3.43 11.58
N ASP D 116 -66.88 3.77 12.78
CA ASP D 116 -66.28 3.22 14.00
C ASP D 116 -66.30 1.69 14.01
N THR D 117 -67.34 1.14 13.40
CA THR D 117 -67.60 -0.28 13.47
C THR D 117 -67.09 -1.03 12.24
N ALA D 118 -66.14 -0.43 11.51
CA ALA D 118 -65.42 -1.19 10.48
C ALA D 118 -64.55 -2.28 11.12
N ARG D 119 -64.36 -3.37 10.37
CA ARG D 119 -63.50 -4.48 10.79
C ARG D 119 -62.05 -4.03 10.73
N ASP D 120 -61.35 -4.14 11.85
CA ASP D 120 -60.02 -3.63 11.98
C ASP D 120 -59.55 -3.95 13.39
N PRO D 121 -58.23 -3.86 13.65
CA PRO D 121 -57.78 -3.85 15.02
C PRO D 121 -58.30 -2.58 15.65
N ARG D 122 -58.12 -2.42 16.96
CA ARG D 122 -58.35 -1.14 17.57
C ARG D 122 -57.11 -0.69 18.32
N GLY D 123 -56.79 0.60 18.22
CA GLY D 123 -55.60 1.15 18.86
C GLY D 123 -56.07 1.65 20.20
N PHE D 124 -55.18 1.61 21.18
CA PHE D 124 -55.52 1.84 22.57
C PHE D 124 -54.27 2.48 23.12
N ALA D 125 -54.18 3.79 22.95
CA ALA D 125 -52.98 4.53 23.31
C ALA D 125 -53.24 5.31 24.57
N THR D 126 -52.28 5.28 25.51
CA THR D 126 -52.41 5.98 26.77
C THR D 126 -51.18 6.80 27.11
N LYS D 127 -51.39 8.06 27.46
CA LYS D 127 -50.29 8.90 27.85
C LYS D 127 -50.34 9.02 29.36
N PHE D 128 -49.23 8.77 30.03
CA PHE D 128 -49.13 8.96 31.48
C PHE D 128 -48.25 10.15 31.84
N TYR D 129 -48.78 11.11 32.57
CA TYR D 129 -48.03 12.29 32.95
C TYR D 129 -47.38 12.03 34.28
N THR D 130 -46.16 11.53 34.26
CA THR D 130 -45.47 11.19 35.51
C THR D 130 -44.50 12.27 35.93
N GLU D 131 -43.91 12.06 37.10
CA GLU D 131 -42.94 12.98 37.67
C GLU D 131 -41.64 12.83 36.88
N ASP D 132 -41.49 11.70 36.19
CA ASP D 132 -40.30 11.43 35.44
C ASP D 132 -40.50 11.57 33.91
N GLY D 133 -41.56 12.26 33.51
CA GLY D 133 -41.79 12.58 32.11
C GLY D 133 -43.03 11.91 31.60
N ASN D 134 -43.38 12.14 30.33
CA ASN D 134 -44.56 11.50 29.77
C ASN D 134 -44.25 10.14 29.24
N LEU D 135 -45.06 9.18 29.66
CA LEU D 135 -44.86 7.83 29.22
C LEU D 135 -46.02 7.49 28.31
N ASP D 136 -45.71 7.03 27.10
CA ASP D 136 -46.77 6.61 26.21
C ASP D 136 -46.85 5.09 26.13
N LEU D 137 -47.99 4.53 26.45
CA LEU D 137 -48.14 3.12 26.18
C LEU D 137 -49.07 3.02 24.99
N VAL D 138 -48.47 2.84 23.84
CA VAL D 138 -49.17 2.84 22.58
C VAL D 138 -49.45 1.36 22.25
N TYR D 139 -50.64 0.90 22.67
CA TYR D 139 -51.04 -0.52 22.56
C TYR D 139 -52.13 -0.71 21.50
N ASN D 140 -52.28 -1.96 21.05
CA ASN D 140 -53.47 -2.41 20.29
C ASN D 140 -54.43 -3.24 21.15
N ASN D 141 -55.63 -3.52 20.63
CA ASN D 141 -56.58 -4.38 21.32
C ASN D 141 -56.34 -5.87 21.00
N THR D 142 -55.17 -6.19 20.47
CA THR D 142 -54.79 -7.57 20.24
C THR D 142 -53.33 -7.78 20.68
N PRO D 143 -52.99 -8.96 21.22
CA PRO D 143 -51.64 -9.14 21.79
C PRO D 143 -50.62 -9.44 20.73
N ILE D 144 -51.05 -9.45 19.48
CA ILE D 144 -50.18 -9.76 18.36
C ILE D 144 -50.37 -8.82 17.16
N PHE D 145 -49.64 -9.04 16.07
CA PHE D 145 -49.80 -8.20 14.89
C PHE D 145 -49.55 -8.93 13.58
N PHE D 146 -49.87 -8.25 12.46
CA PHE D 146 -49.74 -8.81 11.11
C PHE D 146 -48.28 -9.01 10.69
N ILE D 147 -47.35 -8.25 11.29
CA ILE D 147 -45.96 -8.29 10.80
C ILE D 147 -44.91 -8.45 11.90
N ARG D 148 -43.74 -8.92 11.52
CA ARG D 148 -42.62 -8.96 12.46
C ARG D 148 -41.34 -8.40 11.82
N ASP D 149 -41.49 -7.88 10.61
CA ASP D 149 -40.44 -7.22 9.90
C ASP D 149 -40.88 -5.77 9.76
N PRO D 150 -40.12 -4.84 10.34
CA PRO D 150 -40.58 -3.47 10.42
C PRO D 150 -40.91 -2.84 9.07
N ILE D 151 -39.99 -2.94 8.12
CA ILE D 151 -40.14 -2.25 6.85
C ILE D 151 -41.35 -2.71 6.04
N LYS D 152 -42.01 -3.78 6.50
CA LYS D 152 -43.17 -4.30 5.76
C LYS D 152 -44.40 -3.47 6.04
N PHE D 153 -44.35 -2.67 7.09
CA PHE D 153 -45.53 -1.92 7.51
C PHE D 153 -46.18 -1.09 6.38
N PRO D 154 -45.36 -0.33 5.61
CA PRO D 154 -45.99 0.48 4.57
C PRO D 154 -46.61 -0.38 3.48
N HIS D 155 -45.97 -1.49 3.16
CA HIS D 155 -46.55 -2.45 2.23
C HIS D 155 -47.90 -2.96 2.79
N PHE D 156 -47.87 -3.50 4.01
CA PHE D 156 -49.10 -3.98 4.62
C PHE D 156 -50.19 -2.88 4.63
N ILE D 157 -49.86 -1.72 5.20
CA ILE D 157 -50.86 -0.66 5.34
C ILE D 157 -51.42 -0.25 3.98
N HIS D 158 -50.55 -0.15 2.98
CA HIS D 158 -50.98 0.28 1.67
C HIS D 158 -52.08 -0.65 1.16
N THR D 159 -51.87 -1.97 1.29
CA THR D 159 -52.84 -2.94 0.80
C THR D 159 -54.10 -2.95 1.63
N GLN D 160 -54.02 -2.47 2.87
CA GLN D 160 -55.21 -2.32 3.74
C GLN D 160 -56.12 -1.15 3.32
N LYS D 161 -55.63 -0.31 2.42
CA LYS D 161 -56.33 0.95 2.16
C LYS D 161 -56.81 0.97 0.72
N ARG D 162 -56.46 2.01 -0.02
CA ARG D 162 -57.09 2.25 -1.31
C ARG D 162 -56.13 2.06 -2.48
N ASN D 163 -56.68 1.74 -3.64
CA ASN D 163 -55.93 1.53 -4.85
C ASN D 163 -55.42 2.86 -5.36
N PRO D 164 -54.16 2.92 -5.83
CA PRO D 164 -53.54 4.19 -6.27
C PRO D 164 -54.28 4.85 -7.42
N ALA D 165 -54.90 4.05 -8.27
CA ALA D 165 -55.63 4.61 -9.39
C ALA D 165 -57.07 4.98 -9.03
N THR D 166 -57.82 4.00 -8.54
CA THR D 166 -59.26 4.14 -8.31
C THR D 166 -59.61 4.93 -7.05
N ASN D 167 -58.83 4.73 -5.99
CA ASN D 167 -59.16 5.19 -4.65
C ASN D 167 -60.23 4.33 -3.96
N LEU D 168 -60.47 3.13 -4.51
CA LEU D 168 -61.35 2.15 -3.90
C LEU D 168 -60.59 1.11 -3.11
N LYS D 169 -61.22 0.43 -2.15
CA LYS D 169 -60.54 -0.71 -1.51
C LYS D 169 -60.43 -1.83 -2.54
N ASP D 170 -59.41 -2.66 -2.41
CA ASP D 170 -59.17 -3.65 -3.43
C ASP D 170 -58.87 -4.97 -2.74
N PRO D 171 -59.92 -5.81 -2.64
CA PRO D 171 -59.79 -7.09 -1.98
C PRO D 171 -58.63 -7.87 -2.56
N ASN D 172 -58.34 -7.74 -3.85
CA ASN D 172 -57.17 -8.42 -4.45
C ASN D 172 -55.84 -8.05 -3.78
N MET D 173 -55.60 -6.74 -3.57
CA MET D 173 -54.41 -6.25 -2.84
C MET D 173 -54.32 -6.86 -1.44
N PHE D 174 -55.47 -6.71 -0.78
CA PHE D 174 -55.71 -7.06 0.60
C PHE D 174 -55.18 -8.47 0.84
N TRP D 175 -55.71 -9.43 0.09
CA TRP D 175 -55.32 -10.82 0.25
C TRP D 175 -53.97 -11.18 -0.40
N ASP D 176 -53.62 -10.50 -1.50
CA ASP D 176 -52.39 -10.75 -2.21
C ASP D 176 -51.25 -10.54 -1.25
N TYR D 177 -51.32 -9.47 -0.47
CA TYR D 177 -50.30 -9.24 0.58
C TYR D 177 -50.31 -10.33 1.65
N LEU D 178 -51.46 -10.51 2.28
CA LEU D 178 -51.57 -11.37 3.44
C LEU D 178 -51.10 -12.79 3.15
N THR D 179 -51.61 -13.37 2.08
CA THR D 179 -51.24 -14.73 1.68
C THR D 179 -49.77 -14.87 1.23
N ALA D 180 -49.17 -13.79 0.74
CA ALA D 180 -47.76 -13.83 0.37
C ALA D 180 -46.91 -13.79 1.63
N ASN D 181 -47.50 -13.29 2.71
CA ASN D 181 -46.74 -13.18 3.97
C ASN D 181 -47.36 -13.94 5.16
N ASP D 182 -47.09 -15.25 5.16
CA ASP D 182 -47.55 -16.21 6.15
C ASP D 182 -47.71 -15.71 7.55
N GLU D 183 -46.72 -14.99 8.05
CA GLU D 183 -46.67 -14.70 9.48
C GLU D 183 -47.89 -13.89 9.93
N SER D 184 -48.57 -13.27 8.96
CA SER D 184 -49.77 -12.53 9.25
C SER D 184 -50.93 -13.41 9.73
N LEU D 185 -50.87 -14.71 9.44
CA LEU D 185 -51.99 -15.63 9.67
C LEU D 185 -52.62 -15.50 11.03
N HIS D 186 -51.77 -15.57 12.07
CA HIS D 186 -52.25 -15.43 13.42
C HIS D 186 -53.20 -14.22 13.58
N GLN D 187 -52.70 -13.02 13.29
CA GLN D 187 -53.49 -11.81 13.50
C GLN D 187 -54.71 -11.73 12.61
N VAL D 188 -54.63 -12.32 11.41
CA VAL D 188 -55.73 -12.21 10.44
C VAL D 188 -56.90 -13.05 10.94
N MET D 189 -56.56 -14.13 11.64
CA MET D 189 -57.58 -14.94 12.27
C MET D 189 -58.31 -14.13 13.32
N TYR D 190 -57.56 -13.42 14.16
CA TYR D 190 -58.18 -12.50 15.11
C TYR D 190 -59.09 -11.51 14.41
N LEU D 191 -58.57 -10.89 13.34
CA LEU D 191 -59.28 -9.87 12.58
C LEU D 191 -60.59 -10.38 11.98
N PHE D 192 -60.61 -11.62 11.49
CA PHE D 192 -61.84 -12.16 10.88
C PHE D 192 -62.76 -12.92 11.85
N SER D 193 -62.22 -13.24 13.04
CA SER D 193 -63.05 -13.64 14.18
C SER D 193 -63.92 -12.46 14.56
N ASN D 194 -64.81 -12.66 15.50
CA ASN D 194 -65.71 -11.56 15.82
C ASN D 194 -64.98 -10.49 16.60
N ARG D 195 -63.75 -10.79 16.98
CA ARG D 195 -62.94 -9.84 17.74
C ARG D 195 -62.49 -8.64 16.87
N GLY D 196 -62.58 -8.81 15.55
CA GLY D 196 -62.39 -7.74 14.59
C GLY D 196 -63.50 -6.71 14.59
N THR D 197 -64.55 -6.96 15.34
CA THR D 197 -65.67 -6.03 15.41
C THR D 197 -66.17 -5.77 16.85
N PRO D 198 -65.40 -4.99 17.64
CA PRO D 198 -65.83 -4.77 19.03
C PRO D 198 -67.13 -3.98 19.12
N ALA D 199 -67.88 -4.21 20.19
CA ALA D 199 -69.12 -3.48 20.41
C ALA D 199 -68.84 -2.00 20.70
N SER D 200 -67.90 -1.75 21.61
CA SER D 200 -67.46 -0.41 21.92
C SER D 200 -66.01 -0.44 22.39
N TYR D 201 -65.37 0.72 22.56
CA TYR D 201 -64.03 0.77 23.13
C TYR D 201 -64.03 0.37 24.58
N ARG D 202 -65.20 0.42 25.22
CA ARG D 202 -65.34 0.13 26.63
C ARG D 202 -65.26 -1.36 26.89
N THR D 203 -65.51 -2.13 25.84
CA THR D 203 -65.54 -3.59 25.96
C THR D 203 -64.42 -4.29 25.19
N MET D 204 -63.21 -3.75 25.23
CA MET D 204 -62.05 -4.40 24.62
C MET D 204 -60.84 -4.32 25.51
N ASN D 205 -59.87 -5.18 25.28
CA ASN D 205 -58.66 -5.23 26.09
C ASN D 205 -57.55 -4.47 25.39
N GLY D 206 -56.49 -4.14 26.10
CA GLY D 206 -55.31 -3.59 25.49
C GLY D 206 -54.16 -4.51 25.78
N TYR D 207 -53.27 -4.68 24.81
CA TYR D 207 -52.08 -5.51 25.00
C TYR D 207 -50.86 -4.71 24.51
N SER D 208 -49.74 -4.81 25.21
CA SER D 208 -48.51 -4.19 24.75
C SER D 208 -48.10 -4.70 23.37
N GLY D 209 -48.52 -5.92 23.07
CA GLY D 209 -48.13 -6.57 21.84
C GLY D 209 -46.66 -6.94 21.91
N HIS D 210 -45.77 -5.94 21.90
CA HIS D 210 -44.33 -6.19 21.97
C HIS D 210 -43.93 -6.59 23.39
N THR D 211 -42.73 -7.14 23.50
CA THR D 211 -42.09 -7.32 24.74
C THR D 211 -41.36 -6.03 25.03
N TYR D 212 -41.38 -5.58 26.27
CA TYR D 212 -40.57 -4.46 26.71
C TYR D 212 -39.56 -4.96 27.76
N LYS D 213 -38.70 -4.08 28.27
CA LYS D 213 -37.78 -4.45 29.35
C LYS D 213 -37.92 -3.56 30.54
N TRP D 214 -38.27 -4.14 31.69
CA TRP D 214 -38.43 -3.35 32.91
C TRP D 214 -37.25 -3.57 33.87
N TYR D 215 -36.82 -2.50 34.52
CA TYR D 215 -35.66 -2.55 35.42
C TYR D 215 -36.10 -2.14 36.84
N ASN D 216 -35.71 -2.92 37.85
CA ASN D 216 -35.83 -2.50 39.25
C ASN D 216 -34.64 -1.64 39.68
N SER D 217 -34.67 -1.13 40.93
CA SER D 217 -33.65 -0.14 41.36
C SER D 217 -32.26 -0.72 41.52
N LYS D 218 -32.18 -2.06 41.54
CA LYS D 218 -30.91 -2.80 41.55
C LYS D 218 -30.31 -2.87 40.15
N GLY D 219 -31.13 -2.58 39.15
CA GLY D 219 -30.71 -2.65 37.76
C GLY D 219 -30.94 -4.04 37.20
N GLU D 220 -31.74 -4.85 37.90
CA GLU D 220 -32.08 -6.18 37.41
C GLU D 220 -33.26 -6.05 36.45
N TRP D 221 -33.19 -6.66 35.29
CA TRP D 221 -34.25 -6.47 34.33
C TRP D 221 -34.90 -7.77 33.98
N VAL D 222 -36.10 -7.69 33.42
CA VAL D 222 -36.88 -8.85 33.06
C VAL D 222 -37.72 -8.43 31.85
N TYR D 223 -37.96 -9.34 30.92
CA TYR D 223 -38.83 -9.05 29.77
C TYR D 223 -40.24 -9.01 30.25
N VAL D 224 -41.04 -8.06 29.78
CA VAL D 224 -42.46 -7.94 30.18
C VAL D 224 -43.47 -7.86 29.04
N GLN D 225 -44.71 -8.21 29.31
CA GLN D 225 -45.79 -8.08 28.37
C GLN D 225 -46.94 -7.58 29.20
N VAL D 226 -47.59 -6.51 28.76
CA VAL D 226 -48.60 -5.81 29.57
C VAL D 226 -50.00 -6.17 29.10
N HIS D 227 -50.91 -6.37 30.05
CA HIS D 227 -52.30 -6.64 29.70
C HIS D 227 -53.20 -5.64 30.41
N PHE D 228 -54.09 -5.04 29.62
CA PHE D 228 -55.11 -4.17 30.14
C PHE D 228 -56.46 -4.87 29.95
N ILE D 229 -57.12 -5.29 31.04
CA ILE D 229 -58.36 -6.05 30.89
C ILE D 229 -59.61 -5.31 31.32
N ALA D 230 -60.52 -5.18 30.35
CA ALA D 230 -61.78 -4.48 30.51
C ALA D 230 -62.63 -4.98 31.69
N ASN D 231 -62.92 -4.11 32.65
CA ASN D 231 -63.86 -4.43 33.71
C ASN D 231 -65.28 -4.54 33.18
N GLN D 232 -65.48 -4.06 31.94
CA GLN D 232 -66.78 -4.07 31.28
C GLN D 232 -66.97 -5.35 30.46
N GLY D 233 -65.93 -6.18 30.44
CA GLY D 233 -65.92 -7.45 29.71
C GLY D 233 -65.61 -7.29 28.23
N VAL D 234 -65.26 -8.40 27.58
CA VAL D 234 -65.01 -8.39 26.16
C VAL D 234 -66.30 -8.74 25.42
N HIS D 235 -66.96 -7.74 24.83
CA HIS D 235 -68.13 -8.01 24.00
C HIS D 235 -67.92 -7.53 22.56
N ASN D 236 -68.20 -8.42 21.60
CA ASN D 236 -68.03 -8.14 20.17
C ASN D 236 -69.37 -8.05 19.44
N LEU D 237 -69.32 -7.59 18.20
CA LEU D 237 -70.48 -7.59 17.30
C LEU D 237 -70.37 -8.65 16.21
N LEU D 238 -71.50 -9.08 15.68
CA LEU D 238 -71.48 -9.90 14.48
C LEU D 238 -71.41 -9.00 13.26
N ASP D 239 -70.95 -9.54 12.13
CA ASP D 239 -70.68 -8.74 10.93
C ASP D 239 -71.90 -8.02 10.31
N GLU D 240 -73.06 -8.66 10.27
CA GLU D 240 -74.27 -7.98 9.80
C GLU D 240 -74.56 -6.75 10.67
N GLU D 241 -74.31 -6.87 11.98
CA GLU D 241 -74.61 -5.81 12.95
C GLU D 241 -73.61 -4.68 12.82
N ALA D 242 -72.33 -5.03 12.65
CA ALA D 242 -71.28 -4.06 12.35
C ALA D 242 -71.61 -3.24 11.10
N GLY D 243 -71.98 -3.94 10.03
CA GLY D 243 -72.37 -3.32 8.77
C GLY D 243 -73.56 -2.38 8.85
N ARG D 244 -74.58 -2.71 9.65
CA ARG D 244 -75.73 -1.83 9.78
C ARG D 244 -75.43 -0.54 10.57
N LEU D 245 -74.63 -0.66 11.63
CA LEU D 245 -74.24 0.49 12.45
C LEU D 245 -73.34 1.43 11.65
N ALA D 246 -72.50 0.85 10.78
CA ALA D 246 -71.69 1.62 9.83
C ALA D 246 -72.51 2.58 8.99
N GLY D 247 -73.68 2.16 8.54
CA GLY D 247 -74.59 3.06 7.82
C GLY D 247 -75.38 3.99 8.74
N GLU D 248 -75.94 3.44 9.83
CA GLU D 248 -76.82 4.20 10.71
C GLU D 248 -76.03 5.20 11.57
N ASP D 249 -74.92 4.74 12.15
CA ASP D 249 -74.11 5.59 13.02
C ASP D 249 -72.61 5.31 12.86
N PRO D 250 -71.94 6.09 12.02
CA PRO D 250 -70.52 5.86 11.77
C PRO D 250 -69.67 6.29 12.95
N ASP D 251 -70.30 6.96 13.91
CA ASP D 251 -69.60 7.46 15.09
C ASP D 251 -70.02 6.70 16.33
N HIS D 252 -70.52 5.48 16.13
CA HIS D 252 -71.09 4.71 17.21
C HIS D 252 -70.22 4.61 18.45
N SER D 253 -68.94 4.29 18.25
CA SER D 253 -67.98 4.09 19.33
C SER D 253 -67.61 5.36 20.05
N THR D 254 -67.62 6.46 19.30
CA THR D 254 -67.28 7.76 19.81
C THR D 254 -68.37 8.22 20.75
N ARG D 255 -69.62 8.02 20.34
CA ARG D 255 -70.80 8.48 21.07
C ARG D 255 -71.00 7.64 22.34
N ASP D 256 -70.75 6.35 22.20
CA ASP D 256 -70.79 5.40 23.29
C ASP D 256 -69.85 5.79 24.43
N LEU D 257 -68.61 6.13 24.10
CA LEU D 257 -67.65 6.51 25.11
C LEU D 257 -67.96 7.87 25.72
N TRP D 258 -68.37 8.83 24.87
CA TRP D 258 -68.71 10.18 25.32
C TRP D 258 -69.87 10.17 26.28
N GLU D 259 -70.91 9.44 25.92
CA GLU D 259 -72.07 9.33 26.77
C GLU D 259 -71.83 8.53 28.05
N ALA D 260 -71.14 7.41 27.96
CA ALA D 260 -70.78 6.69 29.16
C ALA D 260 -70.19 7.63 30.19
N ILE D 261 -69.22 8.41 29.78
CA ILE D 261 -68.52 9.30 30.69
C ILE D 261 -69.41 10.43 31.22
N GLU D 262 -70.28 10.94 30.37
CA GLU D 262 -71.15 11.99 30.83
C GLU D 262 -72.18 11.49 31.82
N LYS D 263 -72.63 10.24 31.66
CA LYS D 263 -73.53 9.57 32.59
C LYS D 263 -72.91 9.20 33.90
N GLY D 264 -71.59 9.16 33.95
CA GLY D 264 -70.92 8.65 35.11
C GLY D 264 -70.73 7.17 34.96
N ASP D 265 -70.98 6.57 33.81
CA ASP D 265 -70.66 5.15 33.73
C ASP D 265 -69.21 4.90 33.34
N TYR D 266 -68.28 5.24 34.22
CA TYR D 266 -66.87 5.25 33.87
C TYR D 266 -66.27 3.86 33.60
N PRO D 267 -65.73 3.66 32.38
CA PRO D 267 -65.07 2.41 32.07
C PRO D 267 -63.74 2.31 32.78
N SER D 268 -63.34 1.08 33.12
CA SER D 268 -62.06 0.86 33.77
C SER D 268 -61.41 -0.47 33.37
N TRP D 269 -60.09 -0.51 33.48
CA TRP D 269 -59.30 -1.66 33.08
C TRP D 269 -58.39 -2.05 34.22
N GLU D 270 -58.24 -3.34 34.45
CA GLU D 270 -57.25 -3.83 35.39
C GLU D 270 -55.94 -4.16 34.64
N CYS D 271 -54.81 -3.83 35.25
CA CYS D 271 -53.53 -3.99 34.59
C CYS D 271 -52.70 -5.12 35.15
N TYR D 272 -52.25 -6.00 34.25
CA TYR D 272 -51.36 -7.10 34.59
C TYR D 272 -50.05 -7.09 33.79
N ILE D 273 -49.02 -7.77 34.28
CA ILE D 273 -47.84 -8.06 33.45
C ILE D 273 -47.49 -9.54 33.50
N GLN D 274 -46.94 -10.07 32.40
CA GLN D 274 -46.28 -11.36 32.46
C GLN D 274 -44.82 -10.97 32.47
N THR D 275 -44.00 -11.68 33.23
CA THR D 275 -42.58 -11.41 33.17
C THR D 275 -41.85 -12.69 32.85
N MET D 276 -40.62 -12.53 32.36
CA MET D 276 -39.78 -13.65 31.92
C MET D 276 -38.29 -13.24 32.11
N THR D 277 -37.44 -14.17 32.54
CA THR D 277 -36.01 -13.81 32.65
C THR D 277 -35.29 -14.12 31.36
N LEU D 278 -34.10 -13.56 31.22
CA LEU D 278 -33.29 -13.82 30.05
C LEU D 278 -33.12 -15.31 29.87
N GLU D 279 -32.80 -16.01 30.96
CA GLU D 279 -32.55 -17.44 30.91
C GLU D 279 -33.76 -18.20 30.38
N GLN D 280 -34.95 -17.82 30.82
CA GLN D 280 -36.19 -18.48 30.42
C GLN D 280 -36.39 -18.33 28.92
N SER D 281 -36.04 -17.17 28.40
CA SER D 281 -36.28 -16.86 27.00
C SER D 281 -35.54 -17.79 26.08
N LYS D 282 -34.36 -18.21 26.52
CA LYS D 282 -33.48 -19.08 25.75
C LYS D 282 -34.11 -20.44 25.52
N LYS D 283 -35.11 -20.77 26.31
CA LYS D 283 -35.72 -22.09 26.31
C LYS D 283 -36.99 -22.17 25.51
N LEU D 284 -37.37 -21.07 24.88
CA LEU D 284 -38.59 -21.05 24.11
C LEU D 284 -38.42 -21.49 22.66
N PRO D 285 -39.46 -22.16 22.12
CA PRO D 285 -39.53 -22.52 20.69
C PRO D 285 -39.75 -21.34 19.75
N PHE D 286 -40.03 -20.16 20.34
CA PHE D 286 -40.19 -18.90 19.62
C PHE D 286 -39.39 -17.75 20.25
N SER D 287 -39.39 -16.57 19.61
CA SER D 287 -38.63 -15.44 20.12
C SER D 287 -39.52 -14.46 20.90
N VAL D 288 -38.97 -13.85 21.94
CA VAL D 288 -39.69 -12.83 22.69
C VAL D 288 -39.84 -11.56 21.84
N PHE D 289 -39.07 -11.54 20.75
CA PHE D 289 -39.02 -10.41 19.86
C PHE D 289 -39.97 -10.55 18.69
N ASP D 290 -40.82 -11.57 18.76
CA ASP D 290 -41.71 -11.90 17.67
C ASP D 290 -43.13 -11.43 17.95
N LEU D 291 -43.52 -10.38 17.24
CA LEU D 291 -44.79 -9.74 17.52
C LEU D 291 -45.97 -10.64 17.08
N THR D 292 -45.68 -11.67 16.31
CA THR D 292 -46.75 -12.56 15.86
C THR D 292 -47.07 -13.69 16.89
N LYS D 293 -46.43 -13.61 18.07
CA LYS D 293 -46.47 -14.63 19.11
C LYS D 293 -46.97 -14.10 20.44
N VAL D 294 -47.63 -14.96 21.22
CA VAL D 294 -48.08 -14.67 22.58
C VAL D 294 -47.30 -15.54 23.56
N TRP D 295 -47.30 -15.16 24.83
CA TRP D 295 -46.74 -16.01 25.89
C TRP D 295 -47.92 -16.74 26.51
N PRO D 296 -47.94 -18.08 26.41
CA PRO D 296 -49.07 -18.83 26.95
C PRO D 296 -49.21 -18.59 28.46
N HIS D 297 -50.45 -18.38 28.91
CA HIS D 297 -50.76 -17.97 30.29
C HIS D 297 -50.29 -18.96 31.35
N LYS D 298 -50.46 -20.24 31.03
CA LYS D 298 -50.04 -21.34 31.87
C LYS D 298 -48.54 -21.31 32.30
N ASP D 299 -47.61 -21.09 31.38
CA ASP D 299 -46.16 -21.04 31.71
C ASP D 299 -45.75 -19.69 32.26
N PHE D 300 -46.50 -18.64 31.92
CA PHE D 300 -46.22 -17.27 32.38
C PHE D 300 -47.50 -16.58 32.84
N PRO D 301 -47.82 -16.71 34.14
CA PRO D 301 -49.05 -16.19 34.71
C PRO D 301 -49.01 -14.67 34.88
N LEU D 302 -50.19 -14.05 34.75
CA LEU D 302 -50.32 -12.61 34.89
C LEU D 302 -50.18 -12.22 36.35
N ARG D 303 -49.64 -11.03 36.59
CA ARG D 303 -49.46 -10.48 37.93
C ARG D 303 -50.09 -9.11 37.89
N HIS D 304 -51.04 -8.87 38.79
CA HIS D 304 -51.80 -7.64 38.83
C HIS D 304 -50.86 -6.54 39.33
N PHE D 305 -51.01 -5.30 38.85
CA PHE D 305 -50.20 -4.20 39.40
C PHE D 305 -50.90 -2.84 39.56
N GLY D 306 -52.04 -2.67 38.88
CA GLY D 306 -52.79 -1.42 38.96
C GLY D 306 -54.08 -1.41 38.17
N ARG D 307 -54.70 -0.25 38.12
CA ARG D 307 -55.91 -0.10 37.35
C ARG D 307 -56.04 1.34 36.90
N PHE D 308 -56.78 1.56 35.82
CA PHE D 308 -57.10 2.92 35.39
C PHE D 308 -58.56 3.03 34.95
N THR D 309 -59.10 4.23 35.15
CA THR D 309 -60.50 4.52 34.90
C THR D 309 -60.54 5.80 34.07
N LEU D 310 -61.44 5.81 33.07
CA LEU D 310 -61.60 6.99 32.20
C LEU D 310 -62.84 7.74 32.55
N ASN D 311 -62.69 8.96 33.02
CA ASN D 311 -63.73 9.62 33.75
C ASN D 311 -63.98 11.06 33.32
N GLU D 312 -63.23 11.53 32.34
CA GLU D 312 -63.37 12.94 32.00
C GLU D 312 -63.24 13.18 30.51
N ASN D 313 -64.31 13.69 29.87
CA ASN D 313 -64.29 14.10 28.45
C ASN D 313 -63.42 15.33 28.21
N PRO D 314 -62.79 15.42 27.02
CA PRO D 314 -61.94 16.56 26.76
C PRO D 314 -62.75 17.83 26.66
N LYS D 315 -62.15 18.98 26.83
CA LYS D 315 -62.92 20.19 26.63
C LYS D 315 -63.15 20.54 25.15
N ASN D 316 -62.11 20.39 24.32
CA ASN D 316 -62.19 20.65 22.89
C ASN D 316 -61.62 19.47 22.09
N TYR D 317 -62.39 18.89 21.18
CA TYR D 317 -61.96 17.65 20.57
C TYR D 317 -60.72 17.81 19.73
N TYR D 318 -60.73 18.78 18.83
CA TYR D 318 -59.54 19.00 17.99
C TYR D 318 -58.25 19.34 18.76
N ALA D 319 -58.34 20.23 19.74
CA ALA D 319 -57.16 20.67 20.44
C ALA D 319 -56.57 19.59 21.34
N GLU D 320 -57.38 18.62 21.74
CA GLU D 320 -56.81 17.57 22.58
C GLU D 320 -56.82 16.21 21.95
N THR D 321 -57.97 15.72 21.53
CA THR D 321 -57.96 14.38 20.96
C THR D 321 -57.27 14.34 19.61
N GLU D 322 -57.55 15.31 18.76
CA GLU D 322 -56.92 15.27 17.46
C GLU D 322 -55.40 15.55 17.49
N GLN D 323 -54.98 16.56 18.27
CA GLN D 323 -53.56 16.96 18.33
C GLN D 323 -52.64 16.08 19.23
N ILE D 324 -53.20 15.13 19.97
CA ILE D 324 -52.37 14.49 20.99
C ILE D 324 -51.42 13.60 20.24
N ALA D 325 -50.20 13.45 20.75
CA ALA D 325 -49.18 12.68 20.05
C ALA D 325 -48.49 11.69 20.98
N PHE D 326 -48.61 10.41 20.65
CA PHE D 326 -48.00 9.34 21.41
C PHE D 326 -46.79 8.79 20.64
N SER D 327 -45.79 8.32 21.39
CA SER D 327 -44.70 7.56 20.79
C SER D 327 -44.15 6.54 21.77
N PRO D 328 -43.92 5.29 21.34
CA PRO D 328 -43.32 4.27 22.16
C PRO D 328 -41.96 4.69 22.66
N SER D 329 -41.32 5.65 22.02
CA SER D 329 -40.02 6.05 22.51
C SER D 329 -40.15 7.08 23.62
N HIS D 330 -41.39 7.52 23.89
CA HIS D 330 -41.64 8.32 25.10
C HIS D 330 -41.76 7.40 26.29
N THR D 331 -40.64 7.24 26.99
CA THR D 331 -40.56 6.34 28.13
C THR D 331 -39.97 6.97 29.38
N VAL D 332 -39.98 6.22 30.47
CA VAL D 332 -39.49 6.73 31.77
C VAL D 332 -38.42 5.83 32.34
N PRO D 333 -37.62 6.35 33.29
CA PRO D 333 -36.60 5.47 33.85
C PRO D 333 -37.28 4.25 34.44
N GLY D 334 -36.77 3.06 34.11
CA GLY D 334 -37.37 1.84 34.61
C GLY D 334 -37.94 1.02 33.47
N MET D 335 -38.32 1.73 32.41
CA MET D 335 -38.93 1.09 31.25
C MET D 335 -38.17 1.30 29.92
N GLU D 336 -37.59 0.24 29.37
CA GLU D 336 -36.85 0.32 28.10
C GLU D 336 -37.46 -0.58 27.00
N PRO D 337 -37.22 -0.24 25.72
CA PRO D 337 -37.78 -1.07 24.65
C PRO D 337 -36.89 -2.26 24.32
N SER D 338 -37.50 -3.36 23.88
CA SER D 338 -36.75 -4.56 23.59
C SER D 338 -36.27 -4.53 22.17
N ASN D 339 -35.58 -5.61 21.77
CA ASN D 339 -35.06 -5.69 20.41
C ASN D 339 -36.09 -6.07 19.35
N ASP D 340 -37.36 -6.24 19.75
CA ASP D 340 -38.45 -6.48 18.78
C ASP D 340 -38.31 -5.46 17.64
N PRO D 341 -38.01 -5.94 16.41
CA PRO D 341 -37.70 -5.02 15.31
C PRO D 341 -38.84 -4.08 14.91
N VAL D 342 -40.07 -4.59 14.85
CA VAL D 342 -41.22 -3.68 14.65
C VAL D 342 -41.28 -2.53 15.67
N LEU D 343 -41.16 -2.85 16.97
CA LEU D 343 -41.09 -1.85 18.03
C LEU D 343 -39.92 -0.90 17.81
N GLN D 344 -38.76 -1.45 17.40
CA GLN D 344 -37.53 -0.66 17.28
C GLN D 344 -37.75 0.44 16.28
N SER D 345 -38.30 0.05 15.14
CA SER D 345 -38.63 1.01 14.10
C SER D 345 -39.68 2.02 14.60
N ARG D 346 -40.62 1.58 15.44
CA ARG D 346 -41.65 2.49 15.93
C ARG D 346 -41.04 3.66 16.69
N LEU D 347 -39.90 3.40 17.33
CA LEU D 347 -39.24 4.40 18.15
C LEU D 347 -38.84 5.60 17.33
N PHE D 348 -38.66 5.37 16.03
CA PHE D 348 -38.28 6.46 15.12
C PHE D 348 -39.51 7.13 14.44
N SER D 349 -40.39 6.30 13.86
CA SER D 349 -41.55 6.78 13.11
C SER D 349 -42.45 7.76 13.77
N TYR D 350 -42.79 7.49 15.05
CA TYR D 350 -43.85 8.26 15.71
C TYR D 350 -43.43 9.75 15.87
N PRO D 351 -42.31 10.02 16.56
CA PRO D 351 -41.82 11.39 16.59
C PRO D 351 -41.60 11.96 15.20
N ASP D 352 -41.10 11.14 14.26
CA ASP D 352 -40.98 11.60 12.89
C ASP D 352 -42.34 12.07 12.31
N THR D 353 -43.36 11.23 12.42
CA THR D 353 -44.64 11.64 11.84
C THR D 353 -45.20 12.83 12.54
N HIS D 354 -44.98 12.93 13.85
CA HIS D 354 -45.49 14.04 14.63
C HIS D 354 -44.95 15.34 14.05
N ARG D 355 -43.67 15.36 13.73
CA ARG D 355 -43.12 16.60 13.29
C ARG D 355 -43.74 17.01 11.97
N HIS D 356 -44.30 16.06 11.24
CA HIS D 356 -45.01 16.41 10.02
C HIS D 356 -46.48 16.78 10.30
N ARG D 357 -47.20 15.90 10.99
CA ARG D 357 -48.62 16.07 11.21
C ARG D 357 -48.91 17.37 11.98
N LEU D 358 -48.10 17.67 13.00
CA LEU D 358 -48.45 18.74 13.93
C LEU D 358 -47.50 19.90 13.79
N GLY D 359 -46.21 19.63 13.83
CA GLY D 359 -45.23 20.68 13.63
C GLY D 359 -43.98 20.39 14.46
N PRO D 360 -42.85 21.00 14.09
CA PRO D 360 -41.60 20.85 14.81
C PRO D 360 -41.75 20.94 16.32
N ASN D 361 -42.59 21.84 16.78
CA ASN D 361 -42.67 22.08 18.21
C ASN D 361 -43.92 21.50 18.87
N TYR D 362 -44.36 20.35 18.41
CA TYR D 362 -45.65 19.82 18.82
C TYR D 362 -45.74 19.47 20.32
N HIS D 363 -44.58 19.35 20.96
CA HIS D 363 -44.56 19.02 22.39
C HIS D 363 -44.96 20.22 23.21
N GLN D 364 -44.93 21.39 22.56
CA GLN D 364 -45.52 22.59 23.17
C GLN D 364 -47.09 22.66 23.11
N ILE D 365 -47.75 21.80 22.34
CA ILE D 365 -49.18 21.78 22.42
C ILE D 365 -49.60 21.24 23.80
N PRO D 366 -50.55 21.92 24.48
CA PRO D 366 -50.85 21.51 25.85
C PRO D 366 -50.98 20.00 26.12
N VAL D 367 -51.83 19.23 25.42
CA VAL D 367 -51.95 17.78 25.77
C VAL D 367 -50.65 17.07 25.72
N ASN D 368 -49.69 17.63 24.96
CA ASN D 368 -48.43 16.93 24.68
C ASN D 368 -47.32 17.28 25.66
N CYS D 369 -47.50 18.40 26.37
CA CYS D 369 -46.60 18.87 27.40
C CYS D 369 -46.36 17.82 28.47
N PRO D 370 -45.15 17.79 29.01
CA PRO D 370 -44.98 17.02 30.22
C PRO D 370 -45.54 17.87 31.37
N LEU D 371 -46.84 17.73 31.68
CA LEU D 371 -47.49 18.57 32.70
C LEU D 371 -47.01 18.29 34.14
N LYS D 372 -46.88 17.01 34.53
CA LYS D 372 -46.54 16.73 35.91
C LYS D 372 -45.07 17.08 36.26
N SER D 373 -44.13 16.74 35.37
CA SER D 373 -42.71 17.14 35.57
C SER D 373 -42.45 18.24 34.58
N GLY D 374 -41.63 19.22 34.89
CA GLY D 374 -41.44 20.22 33.84
C GLY D 374 -40.66 19.57 32.70
N SER D 375 -39.97 20.42 31.95
CA SER D 375 -38.83 19.98 31.16
C SER D 375 -37.81 21.08 31.23
N PHE D 376 -36.56 20.70 31.10
CA PHE D 376 -35.50 21.67 30.95
C PHE D 376 -34.54 21.05 29.95
N ASN D 377 -34.68 21.49 28.70
CA ASN D 377 -33.82 21.02 27.60
C ASN D 377 -33.24 22.20 26.84
N PRO D 378 -32.27 22.91 27.45
CA PRO D 378 -31.69 24.13 26.86
C PRO D 378 -31.06 23.93 25.48
N ILE D 379 -30.85 22.68 25.02
CA ILE D 379 -30.21 22.47 23.70
C ILE D 379 -31.20 22.55 22.56
N ASN D 380 -32.46 22.28 22.84
CA ASN D 380 -33.46 22.36 21.83
C ASN D 380 -34.11 23.71 21.93
N ARG D 381 -33.84 24.58 20.96
CA ARG D 381 -34.36 25.95 20.95
C ARG D 381 -34.94 26.34 19.59
N ASP D 382 -35.66 27.46 19.55
CA ASP D 382 -36.24 28.03 18.32
C ASP D 382 -37.19 27.07 17.62
N GLY D 383 -37.22 27.16 16.30
CA GLY D 383 -38.14 26.35 15.52
C GLY D 383 -39.48 27.07 15.40
N PRO D 384 -40.33 26.66 14.41
CA PRO D 384 -41.62 27.31 14.17
C PRO D 384 -42.57 27.30 15.39
N MET D 385 -43.36 28.36 15.52
CA MET D 385 -44.43 28.35 16.53
C MET D 385 -43.86 28.02 17.86
N CYS D 386 -42.83 28.75 18.23
CA CYS D 386 -42.21 28.59 19.53
C CYS D 386 -42.94 29.41 20.55
N VAL D 387 -43.79 28.74 21.31
CA VAL D 387 -44.74 29.45 22.17
C VAL D 387 -44.43 29.36 23.67
N ASP D 388 -43.43 28.58 24.06
CA ASP D 388 -43.26 28.32 25.49
C ASP D 388 -42.26 29.24 26.15
N GLY D 389 -41.77 30.24 25.43
CA GLY D 389 -40.81 31.15 26.02
C GLY D 389 -39.37 30.93 25.60
N ASN D 390 -39.09 29.72 25.09
CA ASN D 390 -37.79 29.38 24.50
C ASN D 390 -36.66 29.53 25.49
N LEU D 391 -37.00 29.32 26.76
CA LEU D 391 -36.09 29.47 27.90
C LEU D 391 -35.38 30.82 28.00
N GLY D 392 -35.96 31.88 27.47
CA GLY D 392 -35.35 33.19 27.69
C GLY D 392 -33.85 33.09 27.45
N GLY D 393 -33.06 33.78 28.27
CA GLY D 393 -31.60 33.89 28.04
C GLY D 393 -30.69 32.72 28.46
N THR D 394 -31.30 31.64 28.94
CA THR D 394 -30.55 30.43 29.29
C THR D 394 -29.65 29.96 28.14
N PRO D 395 -28.35 29.79 28.44
CA PRO D 395 -27.34 29.38 27.46
C PRO D 395 -27.74 28.07 26.79
N ASN D 396 -27.36 27.88 25.53
CA ASN D 396 -27.89 26.77 24.76
C ASN D 396 -26.85 25.74 24.50
N TYR D 397 -25.90 25.60 25.42
CA TYR D 397 -24.98 24.46 25.39
C TYR D 397 -24.72 23.96 26.80
N ALA D 398 -24.30 22.69 26.91
CA ALA D 398 -24.04 22.06 28.21
C ALA D 398 -22.71 22.48 28.82
N ASN D 399 -22.67 22.55 30.16
CA ASN D 399 -21.54 23.07 30.96
C ASN D 399 -21.14 24.48 30.59
N ALA D 400 -22.15 25.31 30.41
CA ALA D 400 -21.92 26.71 30.22
C ALA D 400 -21.36 27.19 31.54
N TYR D 401 -20.39 28.10 31.47
CA TYR D 401 -19.76 28.66 32.67
C TYR D 401 -20.73 29.40 33.60
N ASN D 402 -21.74 30.04 33.01
CA ASN D 402 -22.72 30.83 33.76
C ASN D 402 -24.08 30.14 33.83
N CYS D 403 -24.11 28.81 33.73
CA CYS D 403 -25.34 28.04 33.91
C CYS D 403 -25.11 26.70 34.60
N PRO D 404 -25.24 26.65 35.96
CA PRO D 404 -25.17 25.37 36.71
C PRO D 404 -26.42 24.44 36.54
N ILE D 405 -26.17 23.18 36.12
CA ILE D 405 -27.23 22.18 35.83
C ILE D 405 -26.94 20.82 36.51
N GLN D 406 -28.00 20.19 37.05
CA GLN D 406 -27.93 18.87 37.73
C GLN D 406 -28.36 17.72 36.82
N TYR D 407 -27.52 16.68 36.74
CA TYR D 407 -27.83 15.49 35.94
C TYR D 407 -28.34 14.35 36.83
N ALA D 408 -29.08 13.40 36.25
CA ALA D 408 -29.60 12.24 37.00
C ALA D 408 -28.49 11.24 37.42
N VAL D 409 -28.68 10.58 38.57
CA VAL D 409 -27.69 9.63 39.13
C VAL D 409 -27.21 8.54 38.14
N ASN D 416 -26.12 -1.21 37.04
CA ASN D 416 -24.82 -1.81 36.72
C ASN D 416 -24.76 -3.34 36.90
N LYS D 417 -25.53 -4.06 36.08
CA LYS D 417 -25.51 -5.53 36.04
C LYS D 417 -25.51 -6.03 34.59
N PRO D 418 -25.19 -7.34 34.36
CA PRO D 418 -25.17 -8.00 33.03
C PRO D 418 -26.44 -7.87 32.16
N ASP D 419 -26.27 -7.41 30.90
CA ASP D 419 -27.38 -7.24 29.96
C ASP D 419 -27.33 -8.30 28.84
N GLU D 420 -28.04 -8.02 27.74
CA GLU D 420 -27.96 -8.82 26.51
C GLU D 420 -26.60 -8.59 25.80
N LYS D 421 -26.06 -9.65 25.18
CA LYS D 421 -24.74 -9.57 24.58
C LYS D 421 -24.82 -9.86 23.10
N TYR D 422 -24.05 -9.10 22.32
CA TYR D 422 -24.05 -9.20 20.85
C TYR D 422 -22.71 -9.72 20.29
N THR D 423 -22.78 -10.47 19.19
CA THR D 423 -21.62 -11.02 18.50
C THR D 423 -21.95 -11.15 17.04
N GLY D 424 -21.07 -10.61 16.20
CA GLY D 424 -21.14 -10.90 14.78
C GLY D 424 -20.90 -9.71 13.89
N GLU D 425 -21.22 -9.91 12.60
CA GLU D 425 -21.17 -8.85 11.58
C GLU D 425 -22.53 -8.16 11.44
N VAL D 426 -22.52 -6.95 10.85
CA VAL D 426 -23.76 -6.26 10.57
C VAL D 426 -24.45 -7.13 9.54
N VAL D 427 -25.70 -7.46 9.78
CA VAL D 427 -26.37 -8.47 8.97
C VAL D 427 -27.72 -7.97 8.51
N PRO D 428 -28.05 -8.12 7.22
CA PRO D 428 -29.40 -7.87 6.70
C PRO D 428 -30.36 -9.06 6.89
N TYR D 429 -31.49 -8.84 7.51
CA TYR D 429 -32.37 -9.94 7.80
C TYR D 429 -33.82 -9.70 7.51
N HIS D 430 -34.42 -10.72 6.93
CA HIS D 430 -35.85 -10.78 6.75
C HIS D 430 -36.31 -12.08 7.45
N TRP D 431 -37.18 -11.97 8.45
CA TRP D 431 -37.54 -13.10 9.30
C TRP D 431 -38.00 -14.31 8.48
N GLU D 432 -37.30 -15.44 8.66
CA GLU D 432 -37.55 -16.66 7.86
C GLU D 432 -38.49 -17.63 8.58
N HIS D 433 -39.51 -18.06 7.84
CA HIS D 433 -40.51 -18.96 8.35
C HIS D 433 -39.96 -20.32 8.80
N THR D 434 -40.35 -20.74 10.01
CA THR D 434 -40.11 -22.11 10.51
C THR D 434 -41.45 -22.79 10.76
N ASP D 435 -41.42 -24.10 11.06
CA ASP D 435 -42.63 -24.90 11.29
C ASP D 435 -43.51 -24.43 12.43
N TYR D 436 -42.86 -23.85 13.45
CA TYR D 436 -43.54 -23.31 14.63
C TYR D 436 -44.45 -22.10 14.34
N ASP D 437 -44.24 -21.43 13.20
CA ASP D 437 -45.03 -20.27 12.87
C ASP D 437 -46.50 -20.58 12.60
N TYR D 438 -46.79 -21.82 12.22
CA TYR D 438 -48.17 -22.25 12.01
C TYR D 438 -48.88 -22.84 13.25
N PHE D 439 -48.09 -23.10 14.30
CA PHE D 439 -48.57 -23.73 15.51
C PHE D 439 -49.54 -22.85 16.29
N GLN D 440 -49.22 -21.57 16.41
CA GLN D 440 -50.01 -20.74 17.30
C GLN D 440 -51.36 -20.31 16.68
N PRO D 441 -51.40 -20.13 15.34
CA PRO D 441 -52.71 -20.01 14.68
C PRO D 441 -53.59 -21.24 14.86
N LYS D 442 -52.97 -22.42 14.84
CA LYS D 442 -53.67 -23.71 14.98
C LYS D 442 -54.35 -23.80 16.35
N MET D 443 -53.66 -23.39 17.41
CA MET D 443 -54.25 -23.30 18.75
C MET D 443 -55.39 -22.28 18.83
N PHE D 444 -55.28 -21.19 18.07
CA PHE D 444 -56.32 -20.18 18.13
C PHE D 444 -57.62 -20.69 17.52
N TRP D 445 -57.51 -21.48 16.46
CA TRP D 445 -58.67 -22.13 15.88
C TRP D 445 -59.32 -23.05 16.93
N LYS D 446 -58.50 -23.70 17.74
CA LYS D 446 -58.99 -24.48 18.86
C LYS D 446 -59.61 -23.59 19.94
N VAL D 447 -59.07 -22.39 20.18
CA VAL D 447 -59.66 -21.49 21.18
C VAL D 447 -61.05 -20.95 20.78
N LEU D 448 -61.20 -20.63 19.50
CA LEU D 448 -62.52 -20.48 18.95
C LEU D 448 -63.14 -21.88 18.94
N GLY D 449 -64.44 -21.99 18.73
CA GLY D 449 -64.99 -23.34 18.77
C GLY D 449 -64.83 -23.92 20.18
N ARG D 450 -64.29 -23.08 21.07
CA ARG D 450 -64.57 -23.20 22.49
C ARG D 450 -65.81 -22.39 22.81
N THR D 451 -66.37 -21.77 21.77
CA THR D 451 -67.64 -21.08 21.84
C THR D 451 -68.40 -21.38 20.57
N PRO D 452 -69.61 -21.92 20.70
CA PRO D 452 -70.49 -22.05 19.54
C PRO D 452 -70.50 -20.77 18.70
N GLY D 453 -70.53 -20.93 17.37
CA GLY D 453 -70.63 -19.80 16.43
C GLY D 453 -69.35 -19.11 15.99
N GLU D 454 -68.35 -19.09 16.89
CA GLU D 454 -67.14 -18.30 16.67
C GLU D 454 -66.37 -18.76 15.45
N GLN D 455 -66.23 -20.08 15.32
CA GLN D 455 -65.55 -20.65 14.19
C GLN D 455 -66.33 -20.39 12.93
N GLU D 456 -67.63 -20.64 12.93
CA GLU D 456 -68.42 -20.47 11.70
C GLU D 456 -68.53 -18.99 11.37
N SER D 457 -68.35 -18.15 12.38
CA SER D 457 -68.23 -16.70 12.21
C SER D 457 -67.01 -16.28 11.36
N LEU D 458 -65.81 -16.68 11.84
CA LEU D 458 -64.57 -16.45 11.10
C LEU D 458 -64.73 -16.82 9.62
N VAL D 459 -65.16 -18.06 9.35
CA VAL D 459 -65.37 -18.55 7.98
C VAL D 459 -66.36 -17.67 7.20
N LYS D 460 -67.48 -17.34 7.85
CA LYS D 460 -68.55 -16.52 7.27
C LYS D 460 -67.97 -15.14 6.93
N ASN D 461 -67.10 -14.66 7.79
CA ASN D 461 -66.53 -13.35 7.64
C ASN D 461 -65.46 -13.26 6.57
N VAL D 462 -64.59 -14.26 6.56
CA VAL D 462 -63.58 -14.40 5.52
C VAL D 462 -64.22 -14.59 4.16
N ALA D 463 -65.39 -15.20 4.13
CA ALA D 463 -66.00 -15.56 2.87
C ALA D 463 -66.68 -14.39 2.16
N ASN D 464 -67.34 -13.52 2.94
CA ASN D 464 -67.98 -12.31 2.41
C ASN D 464 -67.01 -11.26 1.91
N HIS D 465 -65.90 -11.10 2.63
CA HIS D 465 -64.82 -10.26 2.17
C HIS D 465 -64.26 -10.82 0.85
N VAL D 466 -63.85 -12.08 0.85
CA VAL D 466 -63.07 -12.66 -0.24
C VAL D 466 -63.82 -12.91 -1.56
N SER D 467 -65.16 -12.84 -1.53
CA SER D 467 -65.97 -13.20 -2.69
C SER D 467 -65.91 -12.17 -3.82
N ALA D 468 -65.42 -10.98 -3.48
CA ALA D 468 -65.26 -9.96 -4.48
C ALA D 468 -63.93 -10.14 -5.21
N ALA D 469 -63.03 -10.91 -4.62
CA ALA D 469 -61.71 -11.14 -5.21
C ALA D 469 -61.80 -12.02 -6.47
N ASP D 470 -60.77 -11.94 -7.31
CA ASP D 470 -60.65 -12.84 -8.47
C ASP D 470 -60.44 -14.32 -8.04
N GLU D 471 -60.83 -15.26 -8.91
CA GLU D 471 -60.72 -16.68 -8.58
C GLU D 471 -59.32 -17.14 -8.16
N PHE D 472 -58.32 -16.76 -8.96
CA PHE D 472 -56.94 -17.20 -8.66
C PHE D 472 -56.50 -16.83 -7.24
N ILE D 473 -57.11 -15.81 -6.66
CA ILE D 473 -56.66 -15.22 -5.41
C ILE D 473 -57.49 -15.75 -4.26
N GLN D 474 -58.75 -16.01 -4.54
CA GLN D 474 -59.59 -16.81 -3.62
C GLN D 474 -58.86 -18.10 -3.30
N ASP D 475 -58.39 -18.79 -4.35
CA ASP D 475 -57.63 -20.04 -4.23
C ASP D 475 -56.48 -19.91 -3.23
N ARG D 476 -55.67 -18.85 -3.33
CA ARG D 476 -54.48 -18.66 -2.45
C ARG D 476 -54.90 -18.37 -1.03
N VAL D 477 -56.10 -17.79 -0.87
CA VAL D 477 -56.60 -17.55 0.45
C VAL D 477 -56.97 -18.88 1.14
N TYR D 478 -57.64 -19.79 0.41
CA TYR D 478 -57.97 -21.09 0.98
C TYR D 478 -56.73 -21.82 1.50
N GLU D 479 -55.69 -21.92 0.66
CA GLU D 479 -54.39 -22.49 1.03
C GLU D 479 -53.84 -21.89 2.30
N TYR D 480 -54.01 -20.57 2.41
CA TYR D 480 -53.48 -19.76 3.49
C TYR D 480 -54.08 -20.16 4.85
N PHE D 481 -55.40 -20.07 4.96
CA PHE D 481 -56.10 -20.48 6.19
C PHE D 481 -55.89 -21.95 6.52
N SER D 482 -55.77 -22.76 5.47
CA SER D 482 -55.51 -24.19 5.60
C SER D 482 -54.13 -24.47 6.19
N LYS D 483 -53.22 -23.51 6.12
CA LYS D 483 -51.90 -23.67 6.77
C LYS D 483 -52.03 -23.70 8.28
N ALA D 484 -53.16 -23.17 8.81
CA ALA D 484 -53.48 -23.21 10.24
C ALA D 484 -54.15 -24.54 10.62
N GLU D 485 -55.25 -24.83 9.94
CA GLU D 485 -55.95 -26.10 10.03
C GLU D 485 -56.62 -26.39 8.68
N PRO D 486 -56.38 -27.58 8.11
CA PRO D 486 -56.83 -27.79 6.76
C PRO D 486 -58.34 -27.61 6.50
N ILE D 487 -59.19 -27.77 7.53
CA ILE D 487 -60.63 -27.70 7.27
C ILE D 487 -61.08 -26.28 6.93
N ILE D 488 -60.35 -25.31 7.48
CA ILE D 488 -60.68 -23.91 7.31
C ILE D 488 -60.78 -23.49 5.85
N GLY D 489 -59.73 -23.78 5.08
CA GLY D 489 -59.69 -23.46 3.66
C GLY D 489 -60.89 -24.07 2.97
N ASP D 490 -61.11 -25.36 3.25
CA ASP D 490 -62.24 -26.12 2.68
C ASP D 490 -63.58 -25.53 3.07
N LEU D 491 -63.71 -25.15 4.35
CA LEU D 491 -64.92 -24.52 4.83
C LEU D 491 -65.17 -23.19 4.13
N ILE D 492 -64.11 -22.40 3.99
CA ILE D 492 -64.23 -21.10 3.39
C ILE D 492 -64.62 -21.26 1.93
N ARG D 493 -63.94 -22.17 1.23
CA ARG D 493 -64.27 -22.45 -0.19
C ARG D 493 -65.71 -22.85 -0.32
N LYS D 494 -66.14 -23.69 0.62
CA LYS D 494 -67.48 -24.23 0.63
C LYS D 494 -68.49 -23.11 0.83
N LYS D 495 -68.18 -22.14 1.71
CA LYS D 495 -69.09 -21.00 1.93
C LYS D 495 -69.00 -19.89 0.87
N VAL D 496 -67.85 -19.81 0.18
CA VAL D 496 -67.73 -18.87 -0.96
C VAL D 496 -68.66 -19.29 -2.09
N GLN D 497 -68.76 -20.59 -2.32
CA GLN D 497 -69.60 -21.12 -3.40
C GLN D 497 -71.10 -21.05 -3.11
N GLU D 498 -71.48 -21.13 -1.82
CA GLU D 498 -72.86 -20.86 -1.37
C GLU D 498 -73.27 -19.44 -1.67
N LEU D 499 -72.39 -18.48 -1.38
CA LEU D 499 -72.66 -17.09 -1.64
C LEU D 499 -72.79 -16.85 -3.15
N LYS D 500 -72.10 -17.68 -3.94
CA LYS D 500 -72.11 -17.59 -5.41
C LYS D 500 -73.40 -18.11 -6.02
N ARG D 501 -73.98 -19.13 -5.40
CA ARG D 501 -75.27 -19.72 -5.79
C ARG D 501 -76.41 -18.69 -5.87
N LYS D 502 -76.56 -17.87 -4.83
CA LYS D 502 -77.56 -16.78 -4.80
C LYS D 502 -77.23 -15.62 -5.77
N ALA D 503 -77.90 -15.57 -6.92
CA ALA D 503 -77.68 -14.52 -7.93
N PRO E 7 -57.60 26.13 -43.99
CA PRO E 7 -56.23 26.66 -43.77
C PRO E 7 -55.96 27.85 -44.72
N VAL E 8 -54.97 28.70 -44.43
CA VAL E 8 -54.79 29.91 -45.27
C VAL E 8 -53.78 29.78 -46.43
N PHE E 9 -54.23 30.05 -47.65
CA PHE E 9 -53.41 29.86 -48.86
C PHE E 9 -52.42 31.01 -49.05
N THR E 10 -51.12 30.68 -49.13
CA THR E 10 -50.04 31.69 -49.08
C THR E 10 -48.92 31.50 -50.12
N THR E 11 -48.06 32.52 -50.24
CA THR E 11 -46.80 32.39 -50.93
C THR E 11 -45.83 31.65 -50.03
N SER E 12 -44.66 31.30 -50.56
CA SER E 12 -43.62 30.56 -49.83
C SER E 12 -43.15 31.27 -48.56
N GLN E 13 -43.36 32.59 -48.54
CA GLN E 13 -42.97 33.47 -47.44
C GLN E 13 -44.12 33.85 -46.48
N GLY E 14 -45.32 33.32 -46.71
CA GLY E 14 -46.40 33.47 -45.71
C GLY E 14 -47.43 34.56 -45.96
N CYS E 15 -47.25 35.30 -47.03
CA CYS E 15 -48.23 36.30 -47.47
C CYS E 15 -49.45 35.64 -48.09
N PRO E 16 -50.65 35.93 -47.56
CA PRO E 16 -51.91 35.32 -48.02
C PRO E 16 -52.24 35.66 -49.48
N VAL E 17 -52.82 34.70 -50.21
CA VAL E 17 -53.14 34.89 -51.63
C VAL E 17 -54.65 34.88 -51.81
N SER E 18 -55.19 35.82 -52.58
CA SER E 18 -56.65 35.82 -52.83
C SER E 18 -57.13 34.83 -53.93
N ASP E 19 -56.42 34.77 -55.06
CA ASP E 19 -56.83 33.94 -56.19
C ASP E 19 -55.64 33.15 -56.71
N PRO E 20 -55.76 31.82 -56.73
CA PRO E 20 -54.63 31.03 -57.16
C PRO E 20 -54.32 31.19 -58.65
N PHE E 21 -55.25 31.78 -59.40
CA PHE E 21 -55.15 31.64 -60.85
C PHE E 21 -54.88 32.93 -61.62
N THR E 22 -54.83 34.06 -60.93
CA THR E 22 -54.66 35.37 -61.62
C THR E 22 -53.23 35.86 -61.81
N THR E 23 -53.01 36.58 -62.88
CA THR E 23 -51.72 37.13 -63.13
C THR E 23 -51.94 38.55 -63.56
N GLN E 24 -51.02 39.42 -63.15
CA GLN E 24 -51.01 40.83 -63.53
C GLN E 24 -50.62 41.11 -64.96
N ARG E 25 -51.32 42.07 -65.55
CA ARG E 25 -50.96 42.66 -66.85
C ARG E 25 -51.51 44.07 -66.94
N ILE E 26 -50.98 44.87 -67.85
CA ILE E 26 -51.64 46.10 -68.26
C ILE E 26 -52.26 45.84 -69.61
N PRO E 27 -53.58 46.05 -69.75
CA PRO E 27 -54.30 45.56 -70.92
C PRO E 27 -54.12 46.44 -72.14
N LEU E 28 -54.25 45.82 -73.31
CA LEU E 28 -54.33 46.54 -74.57
C LEU E 28 -55.64 47.33 -74.60
N ASP E 29 -55.57 48.53 -75.19
CA ASP E 29 -56.76 49.33 -75.55
C ASP E 29 -57.73 48.53 -76.41
N SER E 30 -58.99 48.50 -75.95
CA SER E 30 -60.03 47.62 -76.47
C SER E 30 -60.94 48.19 -77.58
N THR E 31 -60.63 49.39 -78.06
CA THR E 31 -61.46 50.06 -79.04
C THR E 31 -61.27 49.47 -80.43
N GLY E 32 -62.36 48.96 -80.99
CA GLY E 32 -62.31 48.26 -82.27
C GLY E 32 -62.56 46.76 -82.16
N TYR E 33 -62.39 46.17 -80.97
CA TYR E 33 -62.44 44.72 -80.80
C TYR E 33 -63.86 44.17 -80.64
N LYS E 34 -64.21 43.13 -81.40
CA LYS E 34 -65.46 42.38 -81.20
C LYS E 34 -65.35 41.62 -79.86
N TYR E 35 -64.14 41.14 -79.57
CA TYR E 35 -63.81 40.45 -78.31
C TYR E 35 -62.58 41.08 -77.66
N ALA E 36 -62.77 41.54 -76.43
CA ALA E 36 -61.76 42.35 -75.76
C ALA E 36 -61.48 41.90 -74.33
N PRO E 37 -60.88 40.71 -74.16
CA PRO E 37 -60.49 40.38 -72.79
C PRO E 37 -59.25 41.19 -72.47
N PRO E 38 -59.01 41.54 -71.19
CA PRO E 38 -57.82 42.34 -70.84
C PRO E 38 -56.48 41.56 -70.92
N ILE E 39 -55.80 41.65 -72.07
CA ILE E 39 -54.57 40.91 -72.26
C ILE E 39 -53.43 41.88 -72.45
N GLY E 40 -52.30 41.57 -71.84
CA GLY E 40 -51.09 42.39 -71.96
C GLY E 40 -49.89 41.63 -71.45
N PRO E 41 -48.70 42.22 -71.56
CA PRO E 41 -47.44 41.60 -71.14
C PRO E 41 -47.43 41.34 -69.65
N LEU E 42 -46.96 40.15 -69.27
CA LEU E 42 -46.77 39.80 -67.87
C LEU E 42 -45.68 40.69 -67.24
N LEU E 43 -45.83 40.90 -65.93
CA LEU E 43 -44.99 41.83 -65.21
C LEU E 43 -44.02 41.20 -64.27
N LEU E 44 -42.84 41.81 -64.14
CA LEU E 44 -41.79 41.33 -63.24
C LEU E 44 -42.22 41.30 -61.79
N GLN E 45 -43.07 42.24 -61.42
CA GLN E 45 -43.46 42.37 -60.02
C GLN E 45 -44.50 41.34 -59.62
N ASP E 46 -44.93 40.49 -60.54
CA ASP E 46 -45.96 39.53 -60.21
C ASP E 46 -45.35 38.39 -59.39
N PHE E 47 -45.07 38.69 -58.11
CA PHE E 47 -44.41 37.75 -57.22
C PHE E 47 -45.02 36.33 -57.15
N LYS E 48 -46.34 36.25 -57.01
CA LYS E 48 -47.03 34.97 -56.98
C LYS E 48 -46.65 34.13 -58.21
N LEU E 49 -46.63 34.79 -59.38
CA LEU E 49 -46.31 34.15 -60.65
C LEU E 49 -44.88 33.61 -60.67
N ILE E 50 -43.89 34.50 -60.51
CA ILE E 50 -42.48 34.10 -60.44
C ILE E 50 -42.17 33.09 -59.32
N ASP E 51 -42.80 33.29 -58.16
CA ASP E 51 -42.55 32.42 -57.03
C ASP E 51 -43.05 31.01 -57.31
N THR E 52 -44.25 30.83 -57.87
CA THR E 52 -44.68 29.45 -58.12
C THR E 52 -44.01 28.82 -59.36
N LEU E 53 -43.74 29.62 -60.38
CA LEU E 53 -43.11 29.08 -61.57
C LEU E 53 -41.70 28.63 -61.30
N SER E 54 -40.95 29.46 -60.59
CA SER E 54 -39.54 29.20 -60.39
C SER E 54 -39.33 28.02 -59.45
N HIS E 55 -40.33 27.76 -58.61
CA HIS E 55 -40.27 26.56 -57.82
C HIS E 55 -40.55 25.36 -58.70
N PHE E 56 -41.62 25.43 -59.49
CA PHE E 56 -41.98 24.37 -60.43
C PHE E 56 -40.74 23.99 -61.31
N ASP E 57 -40.01 25.00 -61.77
CA ASP E 57 -38.80 24.81 -62.55
C ASP E 57 -37.75 23.99 -61.80
N ARG E 58 -37.86 23.92 -60.48
CA ARG E 58 -36.83 23.22 -59.72
C ARG E 58 -37.27 21.98 -58.98
N GLU E 59 -38.32 21.32 -59.46
CA GLU E 59 -38.90 20.17 -58.75
C GLU E 59 -38.02 18.92 -58.77
N ARG E 60 -37.14 18.83 -59.76
CA ARG E 60 -36.44 17.58 -60.03
C ARG E 60 -35.03 17.52 -59.49
N ILE E 61 -34.70 16.35 -58.92
CA ILE E 61 -33.32 16.06 -58.49
C ILE E 61 -32.85 14.83 -59.24
N PRO E 62 -31.54 14.61 -59.29
CA PRO E 62 -31.12 13.46 -60.09
C PRO E 62 -31.72 12.20 -59.52
N GLU E 63 -32.01 11.23 -60.38
CA GLU E 63 -32.42 9.92 -59.87
C GLU E 63 -31.15 9.18 -59.40
N ARG E 64 -31.34 8.06 -58.71
CA ARG E 64 -30.19 7.27 -58.23
C ARG E 64 -29.45 6.68 -59.45
N VAL E 65 -28.10 6.65 -59.48
CA VAL E 65 -27.39 6.07 -60.64
C VAL E 65 -27.88 4.67 -60.92
N VAL E 66 -28.12 3.89 -59.86
CA VAL E 66 -28.76 2.59 -59.99
C VAL E 66 -29.89 2.50 -58.97
N HIS E 67 -30.73 1.48 -59.10
CA HIS E 67 -31.93 1.35 -58.26
C HIS E 67 -32.87 2.57 -58.24
N ALA E 68 -32.93 3.30 -59.35
CA ALA E 68 -33.80 4.49 -59.44
C ALA E 68 -35.28 4.25 -59.14
N LYS E 69 -35.82 3.15 -59.64
CA LYS E 69 -37.24 2.88 -59.53
C LYS E 69 -37.53 2.10 -58.27
N GLY E 70 -38.49 2.54 -57.46
CA GLY E 70 -38.70 1.85 -56.20
C GLY E 70 -39.88 2.29 -55.38
N ALA E 71 -40.10 1.57 -54.27
CA ALA E 71 -41.18 1.85 -53.36
C ALA E 71 -40.74 1.54 -51.94
N GLY E 72 -41.31 2.28 -50.98
CA GLY E 72 -40.94 2.14 -49.57
C GLY E 72 -42.06 2.16 -48.54
N ALA E 73 -41.73 1.79 -47.30
CA ALA E 73 -42.68 1.79 -46.20
C ALA E 73 -41.96 1.71 -44.88
N TYR E 74 -42.60 2.22 -43.83
CA TYR E 74 -42.11 2.13 -42.46
C TYR E 74 -42.56 0.83 -41.83
N GLY E 75 -41.87 0.42 -40.78
CA GLY E 75 -42.22 -0.79 -40.08
C GLY E 75 -41.58 -0.96 -38.71
N VAL E 76 -41.63 -2.18 -38.19
CA VAL E 76 -41.12 -2.48 -36.88
C VAL E 76 -40.33 -3.77 -36.95
N PHE E 77 -39.14 -3.76 -36.35
CA PHE E 77 -38.31 -4.92 -36.24
C PHE E 77 -38.34 -5.28 -34.79
N GLU E 78 -38.47 -6.57 -34.53
CA GLU E 78 -38.47 -7.11 -33.18
C GLU E 78 -37.31 -8.11 -33.03
N VAL E 79 -36.59 -8.04 -31.92
CA VAL E 79 -35.62 -9.08 -31.56
C VAL E 79 -36.38 -10.24 -30.90
N THR E 80 -36.16 -11.46 -31.39
CA THR E 80 -36.96 -12.61 -30.94
C THR E 80 -36.15 -13.74 -30.31
N ASP E 81 -34.86 -13.77 -30.50
CA ASP E 81 -34.03 -14.72 -29.79
C ASP E 81 -32.84 -13.98 -29.19
N ASP E 82 -32.14 -14.59 -28.26
CA ASP E 82 -30.99 -13.90 -27.72
C ASP E 82 -29.79 -14.29 -28.54
N ILE E 83 -29.18 -13.30 -29.21
CA ILE E 83 -27.94 -13.54 -29.96
C ILE E 83 -26.80 -12.67 -29.49
N THR E 84 -26.84 -12.27 -28.23
CA THR E 84 -25.85 -11.37 -27.67
C THR E 84 -24.48 -12.05 -27.54
N ASP E 85 -24.45 -13.36 -27.78
CA ASP E 85 -23.20 -14.14 -27.81
C ASP E 85 -22.47 -13.92 -29.13
N VAL E 86 -23.22 -13.52 -30.13
CA VAL E 86 -22.67 -13.24 -31.42
C VAL E 86 -22.46 -11.73 -31.60
N CYS E 87 -23.43 -10.92 -31.17
CA CYS E 87 -23.46 -9.49 -31.48
C CYS E 87 -23.89 -8.53 -30.36
N SER E 88 -23.04 -7.57 -30.03
CA SER E 88 -23.30 -6.64 -28.94
C SER E 88 -24.18 -5.43 -29.29
N ALA E 89 -24.85 -5.45 -30.44
CA ALA E 89 -25.57 -4.29 -30.94
C ALA E 89 -26.73 -3.97 -30.03
N LYS E 90 -26.82 -2.71 -29.63
CA LYS E 90 -27.87 -2.25 -28.73
C LYS E 90 -29.29 -2.59 -29.15
N PHE E 91 -29.58 -2.58 -30.44
CA PHE E 91 -30.98 -2.79 -30.85
C PHE E 91 -31.41 -4.25 -30.71
N LEU E 92 -30.40 -5.11 -30.53
CA LEU E 92 -30.54 -6.54 -30.30
C LEU E 92 -30.31 -6.94 -28.81
N ASP E 93 -29.96 -5.94 -27.98
CA ASP E 93 -29.86 -5.96 -26.50
C ASP E 93 -30.58 -7.03 -25.72
N THR E 94 -31.91 -6.99 -25.80
CA THR E 94 -32.79 -7.81 -24.97
C THR E 94 -34.00 -8.27 -25.78
N VAL E 95 -34.43 -9.52 -25.54
CA VAL E 95 -35.52 -10.09 -26.33
C VAL E 95 -36.77 -9.20 -26.31
N GLY E 96 -37.44 -9.03 -27.45
CA GLY E 96 -38.69 -8.27 -27.49
C GLY E 96 -38.56 -6.76 -27.75
N LYS E 97 -37.32 -6.26 -27.77
CA LYS E 97 -37.08 -4.85 -28.11
C LYS E 97 -37.47 -4.54 -29.55
N LYS E 98 -38.15 -3.42 -29.71
CA LYS E 98 -38.61 -3.00 -31.04
C LYS E 98 -37.88 -1.77 -31.61
N THR E 99 -37.66 -1.79 -32.91
CA THR E 99 -36.96 -0.70 -33.60
C THR E 99 -37.74 -0.26 -34.84
N ARG E 100 -37.90 1.06 -34.99
CA ARG E 100 -38.57 1.60 -36.15
C ARG E 100 -37.63 1.49 -37.36
N ILE E 101 -38.20 1.07 -38.49
CA ILE E 101 -37.42 0.85 -39.70
C ILE E 101 -38.10 1.48 -40.90
N PHE E 102 -37.33 1.74 -41.94
CA PHE E 102 -37.90 2.05 -43.24
C PHE E 102 -37.20 1.23 -44.31
N THR E 103 -38.00 0.64 -45.20
CA THR E 103 -37.47 -0.26 -46.21
C THR E 103 -37.86 0.24 -47.57
N ARG E 104 -36.87 0.36 -48.43
CA ARG E 104 -37.12 0.68 -49.83
C ARG E 104 -36.72 -0.50 -50.74
N PHE E 105 -37.68 -0.92 -51.57
CA PHE E 105 -37.48 -1.97 -52.56
C PHE E 105 -37.30 -1.30 -53.94
N SER E 106 -36.59 -1.96 -54.83
CA SER E 106 -36.21 -1.33 -56.09
C SER E 106 -35.78 -2.38 -57.10
N THR E 107 -35.83 -2.03 -58.38
CA THR E 107 -35.18 -2.78 -59.44
C THR E 107 -33.78 -2.20 -59.61
N VAL E 108 -33.01 -2.65 -60.61
CA VAL E 108 -31.64 -2.18 -60.66
C VAL E 108 -31.34 -1.18 -61.74
N GLY E 109 -31.54 -1.57 -62.99
CA GLY E 109 -31.02 -0.79 -64.13
C GLY E 109 -31.97 0.22 -64.73
N GLY E 110 -33.26 -0.09 -64.64
CA GLY E 110 -34.30 0.80 -65.13
C GLY E 110 -34.31 2.18 -64.48
N GLU E 111 -34.60 3.16 -65.32
CA GLU E 111 -34.82 4.53 -64.91
C GLU E 111 -36.21 4.73 -64.32
N LYS E 112 -36.49 5.96 -63.93
CA LYS E 112 -37.57 6.33 -63.01
C LYS E 112 -38.96 6.02 -63.52
N GLY E 113 -39.11 5.99 -64.83
CA GLY E 113 -40.42 5.67 -65.37
C GLY E 113 -40.60 4.25 -65.87
N SER E 114 -39.57 3.43 -65.69
CA SER E 114 -39.54 2.07 -66.22
C SER E 114 -40.48 1.14 -65.47
N ALA E 115 -40.48 -0.13 -65.89
CA ALA E 115 -41.41 -1.16 -65.37
C ALA E 115 -40.97 -1.85 -64.07
N ASP E 116 -41.90 -1.95 -63.11
CA ASP E 116 -41.67 -2.66 -61.86
C ASP E 116 -41.37 -4.15 -62.11
N THR E 117 -41.91 -4.71 -63.19
CA THR E 117 -41.76 -6.15 -63.47
C THR E 117 -40.66 -6.49 -64.49
N ALA E 118 -39.71 -5.59 -64.69
CA ALA E 118 -38.58 -5.83 -65.57
C ALA E 118 -37.74 -6.91 -64.96
N ARG E 119 -37.04 -7.64 -65.80
CA ARG E 119 -36.12 -8.64 -65.31
C ARG E 119 -34.89 -7.94 -64.72
N ASP E 120 -34.69 -8.08 -63.42
CA ASP E 120 -33.56 -7.47 -62.71
C ASP E 120 -33.45 -8.11 -61.32
N PRO E 121 -32.29 -7.91 -60.66
CA PRO E 121 -32.24 -8.23 -59.26
C PRO E 121 -33.21 -7.26 -58.61
N ARG E 122 -33.47 -7.41 -57.31
CA ARG E 122 -34.28 -6.43 -56.59
C ARG E 122 -33.54 -5.94 -55.37
N GLY E 123 -33.50 -4.62 -55.18
CA GLY E 123 -32.95 -4.02 -53.98
C GLY E 123 -33.87 -4.13 -52.77
N PHE E 124 -33.26 -4.35 -51.60
CA PHE E 124 -34.00 -4.56 -50.35
C PHE E 124 -33.20 -3.87 -49.25
N ALA E 125 -33.49 -2.57 -49.06
CA ALA E 125 -32.70 -1.71 -48.18
C ALA E 125 -33.55 -1.26 -46.98
N THR E 126 -32.92 -1.26 -45.81
CA THR E 126 -33.70 -1.05 -44.60
C THR E 126 -32.87 -0.20 -43.72
N LYS E 127 -33.51 0.85 -43.21
CA LYS E 127 -32.87 1.74 -42.27
C LYS E 127 -33.45 1.44 -40.90
N PHE E 128 -32.58 1.13 -39.94
CA PHE E 128 -33.01 0.90 -38.57
C PHE E 128 -32.59 2.10 -37.75
N TYR E 129 -33.56 2.69 -37.05
CA TYR E 129 -33.29 3.80 -36.12
C TYR E 129 -32.96 3.34 -34.70
N THR E 130 -31.68 3.09 -34.41
CA THR E 130 -31.30 2.58 -33.12
C THR E 130 -30.85 3.68 -32.13
N GLU E 131 -30.72 3.30 -30.85
CA GLU E 131 -30.07 4.13 -29.83
C GLU E 131 -28.57 4.37 -30.08
N ASP E 132 -27.94 3.57 -30.93
CA ASP E 132 -26.54 3.77 -31.19
C ASP E 132 -26.31 4.33 -32.59
N GLY E 133 -27.35 4.85 -33.25
CA GLY E 133 -27.14 5.42 -34.58
C GLY E 133 -28.00 4.73 -35.61
N ASN E 134 -28.04 5.25 -36.83
CA ASN E 134 -28.76 4.58 -37.88
C ASN E 134 -27.94 3.47 -38.50
N LEU E 135 -28.55 2.28 -38.61
CA LEU E 135 -27.94 1.14 -39.28
C LEU E 135 -28.66 0.90 -40.58
N ASP E 136 -27.90 0.91 -41.68
CA ASP E 136 -28.45 0.59 -42.99
C ASP E 136 -28.05 -0.82 -43.37
N LEU E 137 -29.04 -1.68 -43.58
CA LEU E 137 -28.77 -2.97 -44.15
C LEU E 137 -29.17 -2.88 -45.62
N VAL E 138 -28.16 -2.69 -46.48
CA VAL E 138 -28.43 -2.45 -47.91
C VAL E 138 -28.27 -3.74 -48.66
N TYR E 139 -29.39 -4.46 -48.81
CA TYR E 139 -29.40 -5.84 -49.27
C TYR E 139 -30.03 -5.95 -50.65
N ASN E 140 -29.68 -7.03 -51.38
CA ASN E 140 -30.41 -7.53 -52.58
C ASN E 140 -31.29 -8.78 -52.34
N ASN E 141 -32.20 -9.07 -53.27
CA ASN E 141 -33.06 -10.26 -53.20
C ASN E 141 -32.39 -11.52 -53.73
N THR E 142 -31.06 -11.48 -53.80
CA THR E 142 -30.21 -12.63 -54.11
C THR E 142 -28.99 -12.68 -53.18
N PRO E 143 -28.53 -13.90 -52.85
CA PRO E 143 -27.45 -14.03 -51.91
C PRO E 143 -26.09 -13.75 -52.55
N ILE E 144 -26.10 -13.59 -53.87
CA ILE E 144 -24.87 -13.38 -54.64
C ILE E 144 -25.00 -12.21 -55.61
N PHE E 145 -23.96 -11.99 -56.44
CA PHE E 145 -23.95 -10.87 -57.41
C PHE E 145 -23.03 -11.11 -58.59
N PHE E 146 -23.17 -10.23 -59.58
CA PHE E 146 -22.47 -10.31 -60.86
C PHE E 146 -20.98 -10.18 -60.74
N ILE E 147 -20.52 -9.53 -59.66
CA ILE E 147 -19.09 -9.15 -59.58
C ILE E 147 -18.42 -9.42 -58.23
N ARG E 148 -17.10 -9.48 -58.24
CA ARG E 148 -16.34 -9.58 -57.02
C ARG E 148 -15.11 -8.69 -57.11
N ASP E 149 -15.00 -7.94 -58.20
CA ASP E 149 -13.98 -6.89 -58.30
C ASP E 149 -14.67 -5.49 -58.30
N PRO E 150 -14.42 -4.69 -57.26
CA PRO E 150 -15.30 -3.53 -57.04
C PRO E 150 -15.33 -2.63 -58.27
N ILE E 151 -14.17 -2.34 -58.84
CA ILE E 151 -14.07 -1.39 -59.96
C ILE E 151 -14.76 -1.86 -61.22
N LYS E 152 -15.18 -3.11 -61.28
CA LYS E 152 -15.93 -3.54 -62.44
C LYS E 152 -17.34 -2.97 -62.42
N PHE E 153 -17.79 -2.48 -61.26
CA PHE E 153 -19.21 -2.10 -61.13
C PHE E 153 -19.73 -1.09 -62.18
N PRO E 154 -18.93 -0.04 -62.51
CA PRO E 154 -19.45 0.90 -63.52
C PRO E 154 -19.46 0.25 -64.90
N HIS E 155 -18.49 -0.61 -65.17
CA HIS E 155 -18.47 -1.37 -66.42
C HIS E 155 -19.74 -2.18 -66.52
N PHE E 156 -20.01 -2.95 -65.48
CA PHE E 156 -21.11 -3.87 -65.53
C PHE E 156 -22.37 -3.06 -65.72
N ILE E 157 -22.51 -2.01 -64.92
CA ILE E 157 -23.74 -1.23 -64.89
C ILE E 157 -23.99 -0.57 -66.25
N HIS E 158 -22.91 -0.02 -66.81
CA HIS E 158 -23.02 0.62 -68.10
C HIS E 158 -23.66 -0.29 -69.13
N THR E 159 -23.13 -1.50 -69.21
CA THR E 159 -23.62 -2.49 -70.18
C THR E 159 -25.06 -2.93 -69.92
N GLN E 160 -25.50 -2.79 -68.66
CA GLN E 160 -26.88 -3.11 -68.27
C GLN E 160 -27.82 -2.02 -68.69
N LYS E 161 -27.27 -0.87 -69.05
CA LYS E 161 -28.11 0.24 -69.38
C LYS E 161 -28.21 0.50 -70.89
N ARG E 162 -27.93 1.75 -71.29
CA ARG E 162 -28.16 2.22 -72.66
C ARG E 162 -26.89 2.54 -73.41
N ASN E 163 -26.96 2.42 -74.72
CA ASN E 163 -25.84 2.71 -75.57
C ASN E 163 -25.53 4.19 -75.60
N PRO E 164 -24.26 4.56 -75.45
CA PRO E 164 -23.85 5.97 -75.41
C PRO E 164 -24.33 6.79 -76.56
N ALA E 165 -24.51 6.19 -77.72
CA ALA E 165 -25.01 6.96 -78.88
C ALA E 165 -26.55 6.89 -79.02
N THR E 166 -27.09 5.68 -79.08
CA THR E 166 -28.46 5.49 -79.42
C THR E 166 -29.39 5.82 -78.26
N ASN E 167 -28.89 5.61 -77.04
CA ASN E 167 -29.75 5.57 -75.86
C ASN E 167 -30.72 4.40 -75.88
N LEU E 168 -30.37 3.34 -76.61
CA LEU E 168 -31.17 2.12 -76.62
C LEU E 168 -30.46 1.05 -75.81
N LYS E 169 -31.19 0.07 -75.27
CA LYS E 169 -30.51 -1.10 -74.63
C LYS E 169 -29.83 -1.89 -75.72
N ASP E 170 -28.60 -2.31 -75.46
CA ASP E 170 -27.81 -3.02 -76.44
C ASP E 170 -27.50 -4.43 -75.93
N PRO E 171 -28.21 -5.44 -76.49
CA PRO E 171 -27.99 -6.82 -76.11
C PRO E 171 -26.55 -7.24 -76.37
N ASN E 172 -25.89 -6.62 -77.33
CA ASN E 172 -24.48 -6.93 -77.57
C ASN E 172 -23.55 -6.61 -76.39
N MET E 173 -23.58 -5.35 -75.96
CA MET E 173 -22.94 -4.88 -74.72
C MET E 173 -23.23 -5.85 -73.60
N PHE E 174 -24.54 -6.02 -73.32
CA PHE E 174 -25.05 -6.84 -72.23
C PHE E 174 -24.27 -8.15 -72.06
N TRP E 175 -24.24 -8.95 -73.11
CA TRP E 175 -23.61 -10.25 -73.05
C TRP E 175 -22.11 -10.17 -73.26
N ASP E 176 -21.66 -9.16 -74.01
CA ASP E 176 -20.23 -8.96 -74.23
C ASP E 176 -19.53 -8.87 -72.89
N TYR E 177 -20.04 -8.06 -71.99
CA TYR E 177 -19.44 -7.94 -70.67
C TYR E 177 -19.58 -9.21 -69.85
N LEU E 178 -20.81 -9.68 -69.68
CA LEU E 178 -21.04 -10.88 -68.88
C LEU E 178 -20.17 -12.08 -69.29
N THR E 179 -20.14 -12.42 -70.58
CA THR E 179 -19.41 -13.60 -71.03
C THR E 179 -17.92 -13.38 -70.85
N ALA E 180 -17.45 -12.14 -70.98
CA ALA E 180 -16.03 -11.85 -70.82
C ALA E 180 -15.59 -11.92 -69.37
N ASN E 181 -16.54 -11.94 -68.46
CA ASN E 181 -16.24 -12.00 -67.03
C ASN E 181 -17.00 -13.15 -66.37
N ASP E 182 -16.42 -14.35 -66.52
CA ASP E 182 -16.90 -15.63 -66.00
C ASP E 182 -17.64 -15.66 -64.68
N GLU E 183 -17.11 -14.93 -63.71
CA GLU E 183 -17.63 -14.99 -62.36
C GLU E 183 -19.09 -14.53 -62.25
N SER E 184 -19.59 -13.85 -63.28
CA SER E 184 -20.98 -13.41 -63.34
C SER E 184 -21.97 -14.55 -63.54
N LEU E 185 -21.46 -15.67 -64.02
CA LEU E 185 -22.32 -16.79 -64.40
C LEU E 185 -23.33 -17.23 -63.32
N HIS E 186 -22.85 -17.37 -62.07
CA HIS E 186 -23.76 -17.69 -60.98
C HIS E 186 -24.97 -16.75 -60.94
N GLN E 187 -24.71 -15.46 -60.75
CA GLN E 187 -25.78 -14.46 -60.64
C GLN E 187 -26.63 -14.36 -61.92
N VAL E 188 -26.01 -14.60 -63.08
CA VAL E 188 -26.73 -14.51 -64.35
C VAL E 188 -27.78 -15.61 -64.41
N MET E 189 -27.43 -16.76 -63.85
CA MET E 189 -28.36 -17.88 -63.80
C MET E 189 -29.57 -17.59 -62.93
N TYR E 190 -29.36 -16.89 -61.82
CA TYR E 190 -30.49 -16.41 -61.00
C TYR E 190 -31.34 -15.45 -61.78
N LEU E 191 -30.67 -14.46 -62.37
CA LEU E 191 -31.34 -13.44 -63.12
C LEU E 191 -32.19 -14.02 -64.26
N PHE E 192 -31.72 -15.09 -64.92
CA PHE E 192 -32.47 -15.61 -66.08
C PHE E 192 -33.46 -16.71 -65.79
N SER E 193 -33.27 -17.38 -64.64
CA SER E 193 -34.32 -18.14 -63.97
C SER E 193 -35.55 -17.25 -63.74
N ASN E 194 -36.67 -17.84 -63.32
CA ASN E 194 -37.82 -17.01 -63.03
C ASN E 194 -37.70 -16.10 -61.80
N ARG E 195 -36.63 -16.29 -61.02
CA ARG E 195 -36.39 -15.48 -59.83
C ARG E 195 -36.02 -14.04 -60.21
N GLY E 196 -35.62 -13.86 -61.46
CA GLY E 196 -35.35 -12.54 -62.01
C GLY E 196 -36.61 -11.73 -62.19
N THR E 197 -37.76 -12.36 -62.00
CA THR E 197 -39.02 -11.66 -62.15
C THR E 197 -40.01 -11.96 -60.99
N PRO E 198 -39.74 -11.38 -59.79
CA PRO E 198 -40.66 -11.56 -58.65
C PRO E 198 -42.06 -11.01 -58.90
N ALA E 199 -43.04 -11.62 -58.24
CA ALA E 199 -44.46 -11.23 -58.39
C ALA E 199 -44.79 -9.90 -57.69
N SER E 200 -44.26 -9.76 -56.48
CA SER E 200 -44.33 -8.52 -55.72
C SER E 200 -43.08 -8.40 -54.84
N TYR E 201 -42.95 -7.28 -54.12
CA TYR E 201 -41.86 -7.12 -53.19
C TYR E 201 -42.15 -7.97 -51.98
N ARG E 202 -43.43 -8.18 -51.72
CA ARG E 202 -43.90 -8.91 -50.58
C ARG E 202 -43.50 -10.36 -50.61
N THR E 203 -43.16 -10.85 -51.80
CA THR E 203 -42.87 -12.27 -52.02
C THR E 203 -41.43 -12.54 -52.47
N MET E 204 -40.47 -11.79 -51.92
CA MET E 204 -39.04 -12.04 -52.16
C MET E 204 -38.27 -12.06 -50.86
N ASN E 205 -37.12 -12.71 -50.85
CA ASN E 205 -36.25 -12.68 -49.67
C ASN E 205 -35.24 -11.52 -49.72
N GLY E 206 -34.57 -11.26 -48.61
CA GLY E 206 -33.46 -10.35 -48.64
C GLY E 206 -32.23 -11.08 -48.14
N TYR E 207 -31.09 -10.76 -48.73
CA TYR E 207 -29.83 -11.38 -48.35
C TYR E 207 -28.74 -10.30 -48.21
N SER E 208 -27.88 -10.45 -47.21
CA SER E 208 -26.77 -9.53 -47.08
C SER E 208 -25.82 -9.62 -48.28
N GLY E 209 -25.78 -10.78 -48.93
CA GLY E 209 -24.86 -10.98 -50.06
C GLY E 209 -23.42 -11.10 -49.60
N HIS E 210 -22.86 -9.99 -49.13
CA HIS E 210 -21.52 -10.00 -48.51
C HIS E 210 -21.50 -10.71 -47.15
N THR E 211 -20.29 -11.01 -46.70
CA THR E 211 -20.05 -11.46 -45.34
C THR E 211 -19.73 -10.22 -44.54
N TYR E 212 -20.29 -10.11 -43.33
CA TYR E 212 -19.96 -9.02 -42.44
C TYR E 212 -19.28 -9.62 -41.22
N LYS E 213 -18.89 -8.78 -40.26
CA LYS E 213 -18.31 -9.25 -39.00
C LYS E 213 -19.10 -8.69 -37.83
N TRP E 214 -19.65 -9.57 -37.01
CA TRP E 214 -20.36 -9.16 -35.81
C TRP E 214 -19.51 -9.47 -34.58
N TYR E 215 -19.59 -8.58 -33.59
CA TYR E 215 -18.80 -8.69 -32.36
C TYR E 215 -19.74 -8.76 -31.15
N ASN E 216 -19.47 -9.70 -30.24
CA ASN E 216 -20.14 -9.72 -28.93
C ASN E 216 -19.42 -8.80 -27.95
N SER E 217 -20.03 -8.56 -26.79
CA SER E 217 -19.46 -7.62 -25.82
C SER E 217 -18.09 -7.99 -25.22
N LYS E 218 -17.67 -9.25 -25.37
CA LYS E 218 -16.29 -9.67 -25.03
C LYS E 218 -15.26 -9.26 -26.09
N GLY E 219 -15.74 -8.93 -27.30
CA GLY E 219 -14.86 -8.54 -28.40
C GLY E 219 -14.58 -9.72 -29.31
N GLU E 220 -15.34 -10.78 -29.12
CA GLU E 220 -15.22 -11.97 -29.95
C GLU E 220 -16.07 -11.79 -31.23
N TRP E 221 -15.46 -12.04 -32.37
CA TRP E 221 -16.14 -11.82 -33.63
C TRP E 221 -16.30 -13.10 -34.44
N VAL E 222 -17.29 -13.06 -35.30
CA VAL E 222 -17.62 -14.18 -36.12
C VAL E 222 -18.04 -13.61 -37.48
N TYR E 223 -17.64 -14.22 -38.60
CA TYR E 223 -18.20 -13.85 -39.91
C TYR E 223 -19.68 -14.19 -39.96
N VAL E 224 -20.51 -13.30 -40.51
CA VAL E 224 -21.94 -13.59 -40.63
C VAL E 224 -22.53 -13.40 -42.04
N GLN E 225 -23.68 -14.01 -42.30
CA GLN E 225 -24.49 -13.77 -43.48
C GLN E 225 -25.93 -13.59 -43.02
N VAL E 226 -26.63 -12.60 -43.50
CA VAL E 226 -27.96 -12.37 -42.99
C VAL E 226 -29.02 -12.83 -44.02
N HIS E 227 -30.10 -13.45 -43.55
CA HIS E 227 -31.19 -13.87 -44.45
C HIS E 227 -32.54 -13.31 -43.96
N PHE E 228 -33.29 -12.67 -44.84
CA PHE E 228 -34.62 -12.20 -44.48
C PHE E 228 -35.63 -12.97 -45.31
N ILE E 229 -36.41 -13.83 -44.67
CA ILE E 229 -37.26 -14.73 -45.43
C ILE E 229 -38.73 -14.37 -45.36
N ALA E 230 -39.34 -14.18 -46.52
CA ALA E 230 -40.69 -13.68 -46.59
C ALA E 230 -41.68 -14.67 -46.03
N ASN E 231 -42.46 -14.22 -45.06
CA ASN E 231 -43.60 -15.01 -44.58
C ASN E 231 -44.72 -15.16 -45.61
N GLN E 232 -44.66 -14.38 -46.70
CA GLN E 232 -45.64 -14.49 -47.77
C GLN E 232 -45.17 -15.48 -48.85
N GLY E 233 -44.00 -16.07 -48.64
CA GLY E 233 -43.44 -17.13 -49.52
C GLY E 233 -42.79 -16.61 -50.79
N VAL E 234 -41.89 -17.37 -51.40
CA VAL E 234 -41.26 -16.90 -52.62
C VAL E 234 -42.12 -17.16 -53.86
N HIS E 235 -42.69 -16.13 -54.46
CA HIS E 235 -43.49 -16.30 -55.68
C HIS E 235 -42.93 -15.48 -56.83
N ASN E 236 -42.83 -16.13 -57.98
CA ASN E 236 -42.25 -15.54 -59.19
C ASN E 236 -43.22 -15.47 -60.37
N LEU E 237 -42.90 -14.61 -61.32
CA LEU E 237 -43.65 -14.52 -62.57
C LEU E 237 -42.92 -15.20 -63.73
N LEU E 238 -43.66 -15.68 -64.71
CA LEU E 238 -43.07 -16.13 -65.96
C LEU E 238 -42.89 -14.93 -66.90
N ASP E 239 -41.86 -15.01 -67.75
CA ASP E 239 -41.46 -13.91 -68.63
C ASP E 239 -42.61 -13.24 -69.37
N GLU E 240 -43.59 -14.04 -69.81
CA GLU E 240 -44.77 -13.54 -70.52
C GLU E 240 -45.66 -12.68 -69.63
N GLU E 241 -45.81 -13.08 -68.36
CA GLU E 241 -46.61 -12.32 -67.41
C GLU E 241 -45.96 -10.99 -67.00
N ALA E 242 -44.64 -11.03 -66.73
CA ALA E 242 -43.79 -9.84 -66.52
C ALA E 242 -43.80 -8.87 -67.71
N GLY E 243 -43.62 -9.40 -68.92
CA GLY E 243 -43.72 -8.63 -70.15
C GLY E 243 -45.07 -7.95 -70.30
N ARG E 244 -46.14 -8.60 -69.87
CA ARG E 244 -47.49 -8.04 -70.05
C ARG E 244 -47.83 -6.97 -69.01
N LEU E 245 -47.38 -7.20 -67.76
CA LEU E 245 -47.62 -6.24 -66.70
C LEU E 245 -46.85 -4.94 -66.95
N ALA E 246 -45.66 -5.08 -67.51
CA ALA E 246 -44.83 -3.96 -67.97
C ALA E 246 -45.59 -2.96 -68.88
N GLY E 247 -46.54 -3.48 -69.67
CA GLY E 247 -47.32 -2.64 -70.57
C GLY E 247 -48.65 -2.21 -69.97
N GLU E 248 -49.27 -3.09 -69.18
CA GLU E 248 -50.56 -2.80 -68.55
C GLU E 248 -50.42 -1.96 -67.27
N ASP E 249 -49.39 -2.25 -66.44
CA ASP E 249 -49.11 -1.52 -65.18
C ASP E 249 -47.60 -1.47 -64.87
N PRO E 250 -46.93 -0.38 -65.26
CA PRO E 250 -45.51 -0.26 -64.96
C PRO E 250 -45.24 -0.09 -63.47
N ASP E 251 -46.27 0.24 -62.71
CA ASP E 251 -46.11 0.48 -61.28
C ASP E 251 -46.68 -0.64 -60.41
N HIS E 252 -46.72 -1.84 -60.98
CA HIS E 252 -47.44 -2.95 -60.38
C HIS E 252 -47.02 -3.24 -58.93
N SER E 253 -45.71 -3.28 -58.69
CA SER E 253 -45.14 -3.62 -57.37
C SER E 253 -45.32 -2.55 -56.33
N THR E 254 -45.23 -1.29 -56.78
CA THR E 254 -45.53 -0.11 -55.95
C THR E 254 -46.96 -0.16 -55.42
N ARG E 255 -47.91 -0.30 -56.33
CA ARG E 255 -49.32 -0.45 -56.06
C ARG E 255 -49.57 -1.65 -55.18
N ASP E 256 -48.98 -2.78 -55.52
CA ASP E 256 -49.10 -3.96 -54.70
C ASP E 256 -48.75 -3.72 -53.22
N LEU E 257 -47.65 -3.00 -52.98
CA LEU E 257 -47.16 -2.77 -51.63
C LEU E 257 -48.07 -1.79 -50.92
N TRP E 258 -48.43 -0.73 -51.63
CA TRP E 258 -49.19 0.34 -51.00
C TRP E 258 -50.53 -0.19 -50.50
N GLU E 259 -51.24 -0.87 -51.40
CA GLU E 259 -52.57 -1.38 -51.12
C GLU E 259 -52.56 -2.46 -50.06
N ALA E 260 -51.53 -3.32 -50.09
CA ALA E 260 -51.39 -4.35 -49.08
C ALA E 260 -51.39 -3.71 -47.70
N ILE E 261 -50.55 -2.70 -47.51
CA ILE E 261 -50.42 -2.03 -46.22
C ILE E 261 -51.68 -1.28 -45.80
N GLU E 262 -52.35 -0.64 -46.77
CA GLU E 262 -53.59 0.08 -46.52
C GLU E 262 -54.76 -0.87 -46.17
N LYS E 263 -54.67 -2.12 -46.59
CA LYS E 263 -55.63 -3.14 -46.19
C LYS E 263 -55.39 -3.66 -44.77
N GLY E 264 -54.17 -3.57 -44.27
CA GLY E 264 -53.82 -4.21 -43.03
C GLY E 264 -53.21 -5.58 -43.25
N ASP E 265 -52.95 -5.91 -44.53
CA ASP E 265 -52.28 -7.17 -44.89
C ASP E 265 -50.75 -7.03 -44.89
N TYR E 266 -50.22 -6.76 -43.70
CA TYR E 266 -48.86 -6.34 -43.52
C TYR E 266 -47.87 -7.45 -43.85
N PRO E 267 -46.96 -7.19 -44.80
CA PRO E 267 -45.95 -8.17 -45.11
C PRO E 267 -44.90 -8.24 -44.03
N SER E 268 -44.38 -9.43 -43.75
CA SER E 268 -43.32 -9.60 -42.76
C SER E 268 -42.24 -10.56 -43.18
N TRP E 269 -41.07 -10.44 -42.56
CA TRP E 269 -39.91 -11.25 -42.89
C TRP E 269 -39.34 -11.78 -41.61
N GLU E 270 -38.78 -12.99 -41.67
CA GLU E 270 -38.13 -13.63 -40.53
C GLU E 270 -36.63 -13.53 -40.76
N CYS E 271 -35.85 -13.29 -39.70
CA CYS E 271 -34.45 -12.93 -39.87
C CYS E 271 -33.53 -13.99 -39.32
N TYR E 272 -32.65 -14.52 -40.18
CA TYR E 272 -31.66 -15.51 -39.76
C TYR E 272 -30.22 -15.06 -40.05
N ILE E 273 -29.26 -15.65 -39.34
CA ILE E 273 -27.86 -15.49 -39.65
C ILE E 273 -27.18 -16.85 -39.77
N GLN E 274 -26.21 -16.97 -40.66
CA GLN E 274 -25.30 -18.10 -40.65
C GLN E 274 -24.07 -17.53 -40.03
N THR E 275 -23.33 -18.32 -39.27
CA THR E 275 -22.10 -17.82 -38.68
C THR E 275 -20.97 -18.79 -38.93
N MET E 276 -19.75 -18.29 -38.82
CA MET E 276 -18.56 -19.03 -39.18
C MET E 276 -17.35 -18.37 -38.55
N THR E 277 -16.51 -19.19 -37.93
CA THR E 277 -15.35 -18.69 -37.23
C THR E 277 -14.18 -18.51 -38.21
N LEU E 278 -13.21 -17.70 -37.81
CA LEU E 278 -11.99 -17.51 -38.61
C LEU E 278 -11.40 -18.86 -39.02
N GLU E 279 -11.29 -19.76 -38.06
CA GLU E 279 -10.68 -21.07 -38.32
C GLU E 279 -11.48 -21.91 -39.27
N GLN E 280 -12.81 -21.82 -39.20
CA GLN E 280 -13.63 -22.56 -40.12
C GLN E 280 -13.43 -22.03 -41.52
N SER E 281 -13.14 -20.73 -41.62
CA SER E 281 -12.97 -20.08 -42.94
C SER E 281 -11.79 -20.59 -43.71
N LYS E 282 -10.71 -20.87 -43.00
CA LYS E 282 -9.47 -21.32 -43.59
C LYS E 282 -9.56 -22.66 -44.29
N LYS E 283 -10.61 -23.43 -44.00
CA LYS E 283 -10.77 -24.79 -44.55
C LYS E 283 -11.68 -24.88 -45.78
N LEU E 284 -12.13 -23.74 -46.27
CA LEU E 284 -13.07 -23.70 -47.38
C LEU E 284 -12.39 -23.69 -48.75
N PRO E 285 -13.05 -24.26 -49.75
CA PRO E 285 -12.58 -24.17 -51.12
C PRO E 285 -12.79 -22.78 -51.78
N PHE E 286 -13.62 -21.94 -51.17
CA PHE E 286 -13.85 -20.55 -51.64
C PHE E 286 -13.56 -19.53 -50.52
N SER E 287 -13.69 -18.23 -50.84
CA SER E 287 -13.47 -17.16 -49.85
C SER E 287 -14.76 -16.57 -49.30
N VAL E 288 -14.75 -16.31 -48.01
CA VAL E 288 -15.86 -15.60 -47.37
C VAL E 288 -16.00 -14.20 -47.97
N PHE E 289 -14.98 -13.78 -48.71
CA PHE E 289 -14.91 -12.45 -49.28
C PHE E 289 -15.36 -12.42 -50.74
N ASP E 290 -15.97 -13.50 -51.19
CA ASP E 290 -16.36 -13.61 -52.58
C ASP E 290 -17.87 -13.43 -52.66
N LEU E 291 -18.28 -12.36 -53.32
CA LEU E 291 -19.69 -12.07 -53.45
C LEU E 291 -20.42 -13.00 -54.44
N THR E 292 -19.65 -13.80 -55.17
CA THR E 292 -20.24 -14.75 -56.14
C THR E 292 -20.54 -16.15 -55.55
N LYS E 293 -20.32 -16.26 -54.23
CA LYS E 293 -20.49 -17.49 -53.48
C LYS E 293 -21.54 -17.33 -52.37
N VAL E 294 -22.24 -18.44 -52.10
CA VAL E 294 -23.12 -18.58 -50.96
C VAL E 294 -22.51 -19.61 -50.04
N TRP E 295 -22.97 -19.60 -48.80
CA TRP E 295 -22.58 -20.59 -47.83
C TRP E 295 -23.61 -21.71 -47.91
N PRO E 296 -23.18 -22.97 -48.19
CA PRO E 296 -24.14 -24.11 -48.24
C PRO E 296 -24.82 -24.38 -46.89
N HIS E 297 -26.13 -24.60 -46.90
CA HIS E 297 -26.95 -24.66 -45.67
C HIS E 297 -26.66 -25.87 -44.77
N LYS E 298 -26.38 -27.00 -45.42
CA LYS E 298 -25.90 -28.20 -44.72
C LYS E 298 -24.79 -27.84 -43.70
N ASP E 299 -23.71 -27.18 -44.15
CA ASP E 299 -22.53 -26.90 -43.34
C ASP E 299 -22.64 -25.71 -42.39
N PHE E 300 -23.51 -24.76 -42.73
CA PHE E 300 -23.72 -23.57 -41.90
C PHE E 300 -25.22 -23.31 -41.78
N PRO E 301 -25.81 -23.77 -40.65
CA PRO E 301 -27.26 -23.70 -40.48
C PRO E 301 -27.72 -22.32 -40.03
N LEU E 302 -28.95 -21.98 -40.40
CA LEU E 302 -29.52 -20.70 -40.05
C LEU E 302 -29.89 -20.67 -38.57
N ARG E 303 -29.54 -19.58 -37.92
CA ARG E 303 -30.00 -19.27 -36.58
C ARG E 303 -31.01 -18.11 -36.63
N HIS E 304 -32.23 -18.31 -36.10
CA HIS E 304 -33.29 -17.26 -36.02
C HIS E 304 -32.99 -16.19 -34.98
N PHE E 305 -33.23 -14.92 -35.27
CA PHE E 305 -32.96 -13.87 -34.28
C PHE E 305 -33.98 -12.75 -34.24
N GLY E 306 -34.74 -12.56 -35.30
CA GLY E 306 -35.77 -11.54 -35.26
C GLY E 306 -36.78 -11.60 -36.38
N ARG E 307 -37.67 -10.62 -36.41
CA ARG E 307 -38.57 -10.50 -37.53
C ARG E 307 -38.89 -9.05 -37.67
N PHE E 308 -39.29 -8.64 -38.86
CA PHE E 308 -39.80 -7.28 -39.05
C PHE E 308 -41.03 -7.30 -39.90
N THR E 309 -41.88 -6.30 -39.69
CA THR E 309 -43.14 -6.15 -40.40
C THR E 309 -43.16 -4.73 -40.96
N LEU E 310 -43.72 -4.56 -42.16
CA LEU E 310 -43.89 -3.25 -42.78
C LEU E 310 -45.35 -2.87 -42.71
N ASN E 311 -45.71 -1.84 -41.96
CA ASN E 311 -47.12 -1.57 -41.63
C ASN E 311 -47.55 -0.13 -41.75
N GLU E 312 -46.75 0.70 -42.41
CA GLU E 312 -47.05 2.13 -42.44
C GLU E 312 -46.52 2.77 -43.72
N ASN E 313 -47.43 3.32 -44.52
CA ASN E 313 -47.05 4.02 -45.76
C ASN E 313 -46.50 5.39 -45.45
N PRO E 314 -45.57 5.90 -46.28
CA PRO E 314 -45.02 7.22 -45.98
C PRO E 314 -46.15 8.22 -46.10
N LYS E 315 -45.92 9.48 -45.72
CA LYS E 315 -46.94 10.53 -45.93
C LYS E 315 -46.76 11.27 -47.25
N ASN E 316 -45.49 11.48 -47.62
CA ASN E 316 -45.13 12.07 -48.90
C ASN E 316 -44.10 11.21 -49.60
N TYR E 317 -44.33 10.85 -50.86
CA TYR E 317 -43.42 9.89 -51.52
C TYR E 317 -42.07 10.53 -51.79
N TYR E 318 -42.09 11.70 -52.41
CA TYR E 318 -40.81 12.37 -52.67
C TYR E 318 -39.97 12.67 -51.42
N ALA E 319 -40.61 13.29 -50.41
CA ALA E 319 -39.96 13.72 -49.18
C ALA E 319 -39.32 12.57 -48.45
N GLU E 320 -39.93 11.40 -48.57
CA GLU E 320 -39.49 10.23 -47.82
C GLU E 320 -38.87 9.12 -48.66
N THR E 321 -39.65 8.55 -49.57
CA THR E 321 -39.13 7.43 -50.36
C THR E 321 -38.02 7.87 -51.31
N GLU E 322 -38.22 9.02 -51.94
CA GLU E 322 -37.29 9.45 -52.93
C GLU E 322 -36.01 9.99 -52.33
N GLN E 323 -36.10 10.68 -51.20
CA GLN E 323 -34.94 11.36 -50.64
C GLN E 323 -34.14 10.46 -49.68
N ILE E 324 -34.67 9.29 -49.34
CA ILE E 324 -34.01 8.53 -48.29
C ILE E 324 -32.67 8.05 -48.83
N ALA E 325 -31.64 8.04 -47.98
CA ALA E 325 -30.32 7.57 -48.37
C ALA E 325 -29.80 6.43 -47.46
N PHE E 326 -29.38 5.31 -48.08
CA PHE E 326 -28.79 4.21 -47.35
C PHE E 326 -27.34 4.09 -47.68
N SER E 327 -26.58 3.51 -46.77
CA SER E 327 -25.18 3.26 -47.00
C SER E 327 -24.74 2.12 -46.13
N PRO E 328 -23.98 1.16 -46.69
CA PRO E 328 -23.52 0.05 -45.91
C PRO E 328 -22.57 0.53 -44.83
N SER E 329 -21.93 1.68 -45.04
CA SER E 329 -20.99 2.22 -44.05
C SER E 329 -21.68 2.88 -42.86
N HIS E 330 -22.99 3.06 -42.97
CA HIS E 330 -23.84 3.42 -41.83
C HIS E 330 -24.04 2.18 -40.95
N THR E 331 -23.18 2.00 -39.96
CA THR E 331 -23.29 0.84 -39.07
C THR E 331 -23.35 1.23 -37.59
N VAL E 332 -23.48 0.23 -36.71
CA VAL E 332 -23.53 0.46 -35.25
C VAL E 332 -22.46 -0.36 -34.50
N PRO E 333 -22.18 -0.03 -33.22
CA PRO E 333 -21.17 -0.83 -32.56
C PRO E 333 -21.64 -2.24 -32.47
N GLY E 334 -20.76 -3.15 -32.84
CA GLY E 334 -21.15 -4.54 -32.87
C GLY E 334 -21.24 -5.12 -34.26
N MET E 335 -21.34 -4.27 -35.27
CA MET E 335 -21.42 -4.72 -36.66
C MET E 335 -20.40 -3.98 -37.53
N GLU E 336 -19.45 -4.72 -38.10
CA GLU E 336 -18.40 -4.14 -38.94
C GLU E 336 -18.47 -4.77 -40.34
N PRO E 337 -17.87 -4.13 -41.35
CA PRO E 337 -17.84 -4.72 -42.66
C PRO E 337 -16.61 -5.60 -42.84
N SER E 338 -16.72 -6.63 -43.69
CA SER E 338 -15.62 -7.54 -43.98
C SER E 338 -14.71 -7.02 -45.09
N ASN E 339 -13.64 -7.77 -45.40
CA ASN E 339 -12.69 -7.42 -46.47
C ASN E 339 -13.21 -7.76 -47.89
N ASP E 340 -14.45 -8.25 -48.01
CA ASP E 340 -15.09 -8.37 -49.29
C ASP E 340 -14.86 -7.07 -50.05
N PRO E 341 -14.05 -7.10 -51.15
CA PRO E 341 -13.67 -5.85 -51.85
C PRO E 341 -14.83 -5.08 -52.54
N VAL E 342 -15.88 -5.78 -52.94
CA VAL E 342 -17.06 -5.10 -53.43
C VAL E 342 -17.70 -4.27 -52.32
N LEU E 343 -17.98 -4.90 -51.17
CA LEU E 343 -18.50 -4.18 -50.00
C LEU E 343 -17.56 -3.07 -49.59
N GLN E 344 -16.26 -3.34 -49.53
CA GLN E 344 -15.33 -2.31 -49.15
C GLN E 344 -15.54 -1.04 -49.99
N SER E 345 -15.71 -1.18 -51.30
CA SER E 345 -15.83 0.02 -52.12
C SER E 345 -17.21 0.67 -51.97
N ARG E 346 -18.21 -0.12 -51.61
CA ARG E 346 -19.54 0.43 -51.35
C ARG E 346 -19.53 1.39 -50.12
N LEU E 347 -18.68 1.09 -49.14
CA LEU E 347 -18.51 1.98 -47.99
C LEU E 347 -18.22 3.42 -48.41
N PHE E 348 -17.42 3.57 -49.47
CA PHE E 348 -17.14 4.88 -49.98
C PHE E 348 -18.23 5.47 -50.90
N SER E 349 -18.71 4.68 -51.87
CA SER E 349 -19.66 5.16 -52.87
C SER E 349 -20.93 5.76 -52.36
N TYR E 350 -21.59 5.09 -51.43
CA TYR E 350 -22.96 5.49 -51.13
C TYR E 350 -22.97 6.92 -50.52
N PRO E 351 -22.19 7.16 -49.45
CA PRO E 351 -22.11 8.55 -48.99
C PRO E 351 -21.67 9.51 -50.11
N ASP E 352 -20.75 9.05 -50.96
CA ASP E 352 -20.24 9.92 -52.00
C ASP E 352 -21.38 10.37 -52.95
N THR E 353 -22.21 9.42 -53.34
CA THR E 353 -23.31 9.67 -54.23
C THR E 353 -24.43 10.47 -53.52
N HIS E 354 -24.69 10.20 -52.25
CA HIS E 354 -25.66 11.00 -51.50
C HIS E 354 -25.36 12.49 -51.60
N ARG E 355 -24.10 12.85 -51.36
CA ARG E 355 -23.69 14.24 -51.37
C ARG E 355 -23.95 14.88 -52.73
N HIS E 356 -24.05 14.08 -53.80
CA HIS E 356 -24.37 14.62 -55.13
C HIS E 356 -25.88 14.60 -55.38
N ARG E 357 -26.50 13.47 -55.13
CA ARG E 357 -27.92 13.29 -55.45
C ARG E 357 -28.78 14.20 -54.60
N LEU E 358 -28.44 14.31 -53.30
CA LEU E 358 -29.28 15.00 -52.32
C LEU E 358 -28.68 16.32 -51.86
N GLY E 359 -27.43 16.27 -51.40
CA GLY E 359 -26.67 17.48 -51.10
C GLY E 359 -25.74 17.26 -49.92
N PRO E 360 -24.74 18.14 -49.76
CA PRO E 360 -23.83 18.00 -48.65
C PRO E 360 -24.48 17.68 -47.32
N ASN E 361 -25.66 18.21 -47.04
CA ASN E 361 -26.20 18.06 -45.68
C ASN E 361 -27.40 17.10 -45.63
N TYR E 362 -27.36 16.08 -46.46
CA TYR E 362 -28.53 15.27 -46.73
C TYR E 362 -28.98 14.55 -45.49
N HIS E 363 -28.11 14.39 -44.50
CA HIS E 363 -28.49 13.68 -43.28
C HIS E 363 -29.45 14.53 -42.43
N GLN E 364 -29.56 15.81 -42.77
CA GLN E 364 -30.53 16.70 -42.13
C GLN E 364 -31.96 16.56 -42.69
N ILE E 365 -32.14 15.88 -43.82
CA ILE E 365 -33.48 15.56 -44.29
C ILE E 365 -34.13 14.60 -43.30
N PRO E 366 -35.37 14.91 -42.82
CA PRO E 366 -36.05 14.07 -41.80
C PRO E 366 -35.92 12.53 -41.92
N VAL E 367 -36.19 11.89 -43.08
CA VAL E 367 -36.01 10.42 -43.15
C VAL E 367 -34.60 9.93 -42.90
N ASN E 368 -33.64 10.84 -43.09
CA ASN E 368 -32.25 10.48 -42.95
C ASN E 368 -31.66 10.75 -41.59
N CYS E 369 -32.42 11.42 -40.71
CA CYS E 369 -31.99 11.78 -39.35
C CYS E 369 -31.78 10.59 -38.43
N PRO E 370 -30.78 10.69 -37.53
CA PRO E 370 -30.75 9.70 -36.48
C PRO E 370 -31.86 10.03 -35.51
N LEU E 371 -33.08 9.51 -35.73
CA LEU E 371 -34.23 9.91 -34.90
C LEU E 371 -34.20 9.38 -33.45
N LYS E 372 -33.81 8.13 -33.23
CA LYS E 372 -33.86 7.56 -31.88
C LYS E 372 -32.62 7.88 -31.03
N SER E 373 -31.47 8.07 -31.66
CA SER E 373 -30.34 8.61 -30.95
C SER E 373 -30.19 9.97 -31.54
N GLY E 374 -29.88 11.00 -30.78
CA GLY E 374 -29.55 12.26 -31.46
C GLY E 374 -28.24 12.11 -32.25
N SER E 375 -27.58 13.22 -32.52
CA SER E 375 -26.18 13.17 -32.91
C SER E 375 -25.57 14.36 -32.29
N PHE E 376 -24.28 14.25 -32.02
CA PHE E 376 -23.48 15.33 -31.56
C PHE E 376 -22.16 15.17 -32.28
N ASN E 377 -22.01 15.93 -33.36
CA ASN E 377 -20.76 15.95 -34.14
C ASN E 377 -20.22 17.36 -34.31
N PRO E 378 -19.56 17.92 -33.28
CA PRO E 378 -19.18 19.34 -33.33
C PRO E 378 -18.21 19.71 -34.44
N ILE E 379 -17.57 18.73 -35.04
CA ILE E 379 -16.59 19.04 -36.08
C ILE E 379 -17.20 19.31 -37.41
N ASN E 380 -18.37 18.79 -37.68
CA ASN E 380 -18.95 18.92 -38.99
C ASN E 380 -19.95 20.01 -38.93
N ARG E 381 -19.62 21.15 -39.54
CA ARG E 381 -20.47 22.37 -39.47
C ARG E 381 -20.65 23.07 -40.83
N ASP E 382 -21.62 23.96 -40.89
CA ASP E 382 -21.84 24.74 -42.11
C ASP E 382 -22.23 23.86 -43.32
N GLY E 383 -21.82 24.27 -44.51
CA GLY E 383 -22.23 23.60 -45.74
C GLY E 383 -23.60 24.08 -46.20
N PRO E 384 -23.92 23.85 -47.46
CA PRO E 384 -25.19 24.25 -48.05
C PRO E 384 -26.40 23.84 -47.21
N MET E 385 -27.48 24.63 -47.30
CA MET E 385 -28.75 24.20 -46.78
C MET E 385 -28.63 23.62 -45.38
N CYS E 386 -27.93 24.33 -44.53
CA CYS E 386 -27.84 23.94 -43.14
C CYS E 386 -29.13 24.30 -42.34
N VAL E 387 -29.93 23.31 -41.96
CA VAL E 387 -31.24 23.59 -41.34
C VAL E 387 -31.45 23.13 -39.90
N ASP E 388 -30.45 22.48 -39.33
CA ASP E 388 -30.57 21.85 -38.02
C ASP E 388 -30.01 22.70 -36.90
N GLY E 389 -29.70 23.96 -37.19
CA GLY E 389 -29.26 24.90 -36.17
C GLY E 389 -27.76 25.04 -36.10
N ASN E 390 -27.03 24.09 -36.71
CA ASN E 390 -25.58 24.16 -36.82
C ASN E 390 -24.94 24.21 -35.43
N LEU E 391 -25.63 23.59 -34.48
CA LEU E 391 -25.15 23.47 -33.11
C LEU E 391 -24.92 24.85 -32.42
N GLY E 392 -25.55 25.91 -32.90
CA GLY E 392 -25.35 27.19 -32.25
C GLY E 392 -23.87 27.44 -32.07
N GLY E 393 -23.47 27.88 -30.88
CA GLY E 393 -22.08 28.32 -30.65
C GLY E 393 -21.11 27.28 -30.08
N THR E 394 -21.54 26.02 -30.08
CA THR E 394 -20.73 24.89 -29.63
C THR E 394 -19.41 24.89 -30.37
N PRO E 395 -18.32 24.74 -29.65
CA PRO E 395 -17.02 24.90 -30.25
C PRO E 395 -16.85 23.86 -31.30
N ASN E 396 -16.14 24.13 -32.37
CA ASN E 396 -16.06 23.14 -33.44
C ASN E 396 -14.74 22.41 -33.56
N TYR E 397 -14.07 22.17 -32.45
CA TYR E 397 -12.87 21.33 -32.39
C TYR E 397 -12.95 20.46 -31.13
N ALA E 398 -12.20 19.36 -31.11
CA ALA E 398 -12.24 18.40 -30.01
C ALA E 398 -11.27 18.77 -28.90
N ASN E 399 -11.75 18.64 -27.65
CA ASN E 399 -11.02 19.02 -26.44
C ASN E 399 -10.95 20.51 -26.28
N ALA E 400 -12.06 21.14 -26.58
CA ALA E 400 -12.21 22.51 -26.39
C ALA E 400 -12.22 22.70 -24.87
N TYR E 401 -11.49 23.70 -24.36
CA TYR E 401 -11.53 23.99 -22.93
C TYR E 401 -12.97 24.10 -22.43
N ASN E 402 -13.84 24.67 -23.28
CA ASN E 402 -15.18 25.10 -22.91
C ASN E 402 -16.27 24.29 -23.54
N CYS E 403 -15.95 23.05 -23.80
CA CYS E 403 -16.97 22.09 -24.18
C CYS E 403 -16.45 20.68 -23.91
N PRO E 404 -16.83 20.09 -22.77
CA PRO E 404 -16.42 18.71 -22.44
C PRO E 404 -17.35 17.61 -23.01
N ILE E 405 -16.79 16.70 -23.80
CA ILE E 405 -17.54 15.67 -24.51
C ILE E 405 -17.25 14.28 -23.97
N GLN E 406 -18.24 13.40 -24.04
CA GLN E 406 -18.05 12.01 -23.66
C GLN E 406 -17.84 11.15 -24.88
N TYR E 407 -16.80 10.32 -24.82
CA TYR E 407 -16.49 9.36 -25.88
C TYR E 407 -16.81 7.95 -25.37
N ALA E 408 -17.07 7.00 -26.27
CA ALA E 408 -17.45 5.66 -25.83
C ALA E 408 -16.25 4.76 -25.46
N VAL E 409 -16.52 3.69 -24.70
CA VAL E 409 -15.50 2.71 -24.29
C VAL E 409 -14.86 1.96 -25.48
N LYS E 417 -8.45 -8.32 -28.05
CA LYS E 417 -8.34 -9.72 -28.51
C LYS E 417 -7.80 -9.87 -29.98
N PRO E 418 -7.41 -11.11 -30.40
CA PRO E 418 -6.90 -11.31 -31.80
C PRO E 418 -7.96 -11.07 -32.90
N ASP E 419 -7.49 -10.57 -34.04
CA ASP E 419 -8.34 -10.26 -35.17
C ASP E 419 -7.62 -10.86 -36.40
N GLU E 420 -8.04 -10.45 -37.60
CA GLU E 420 -7.41 -10.83 -38.86
C GLU E 420 -6.01 -10.23 -38.90
N LYS E 421 -5.04 -10.98 -39.42
CA LYS E 421 -3.64 -10.53 -39.55
C LYS E 421 -3.18 -10.42 -41.00
N TYR E 422 -2.29 -9.45 -41.26
CA TYR E 422 -1.88 -9.09 -42.60
C TYR E 422 -0.37 -9.17 -42.78
N THR E 423 0.06 -9.75 -43.92
CA THR E 423 1.49 -9.84 -44.29
C THR E 423 1.73 -9.52 -45.75
N GLY E 424 2.79 -8.78 -46.04
CA GLY E 424 3.20 -8.59 -47.42
C GLY E 424 3.38 -7.15 -47.87
N GLU E 425 3.36 -6.96 -49.19
CA GLU E 425 3.45 -5.64 -49.84
C GLU E 425 2.06 -5.18 -50.29
N VAL E 426 1.97 -3.90 -50.69
CA VAL E 426 0.76 -3.40 -51.31
C VAL E 426 0.72 -3.96 -52.72
N VAL E 427 -0.34 -4.69 -53.00
CA VAL E 427 -0.43 -5.55 -54.15
C VAL E 427 -1.70 -5.21 -54.92
N PRO E 428 -1.56 -5.01 -56.25
CA PRO E 428 -2.68 -4.78 -57.15
C PRO E 428 -3.30 -6.10 -57.55
N TYR E 429 -4.60 -6.26 -57.43
CA TYR E 429 -5.14 -7.57 -57.67
C TYR E 429 -6.44 -7.52 -58.38
N HIS E 430 -6.56 -8.43 -59.34
CA HIS E 430 -7.78 -8.73 -60.05
C HIS E 430 -8.06 -10.21 -59.77
N TRP E 431 -9.23 -10.51 -59.17
CA TRP E 431 -9.55 -11.87 -58.73
C TRP E 431 -9.43 -12.83 -59.87
N GLU E 432 -8.55 -13.82 -59.73
CA GLU E 432 -8.32 -14.76 -60.82
C GLU E 432 -9.11 -16.06 -60.68
N HIS E 433 -9.61 -16.51 -61.82
CA HIS E 433 -10.45 -17.69 -61.93
C HIS E 433 -9.71 -18.98 -61.52
N THR E 434 -10.39 -19.79 -60.71
CA THR E 434 -9.94 -21.16 -60.41
C THR E 434 -11.08 -22.11 -60.75
N ASP E 435 -10.83 -23.42 -60.64
CA ASP E 435 -11.81 -24.38 -61.11
C ASP E 435 -13.10 -24.33 -60.35
N TYR E 436 -12.98 -23.99 -59.06
CA TYR E 436 -14.12 -24.00 -58.18
C TYR E 436 -15.24 -23.02 -58.59
N ASP E 437 -14.85 -21.88 -59.14
CA ASP E 437 -15.81 -20.86 -59.54
C ASP E 437 -16.95 -21.43 -60.37
N TYR E 438 -16.70 -22.52 -61.11
CA TYR E 438 -17.76 -23.09 -61.93
C TYR E 438 -18.67 -24.03 -61.13
N PHE E 439 -18.22 -24.42 -59.95
CA PHE E 439 -18.90 -25.48 -59.20
C PHE E 439 -20.29 -25.09 -58.71
N GLN E 440 -20.40 -23.89 -58.19
CA GLN E 440 -21.63 -23.46 -57.57
C GLN E 440 -22.71 -23.13 -58.61
N PRO E 441 -22.31 -22.58 -59.78
CA PRO E 441 -23.34 -22.49 -60.80
C PRO E 441 -23.84 -23.87 -61.21
N LYS E 442 -22.94 -24.85 -61.21
CA LYS E 442 -23.28 -26.23 -61.55
C LYS E 442 -24.40 -26.68 -60.62
N MET E 443 -24.19 -26.46 -59.32
CA MET E 443 -25.13 -26.88 -58.33
C MET E 443 -26.44 -26.18 -58.50
N PHE E 444 -26.39 -24.92 -58.93
CA PHE E 444 -27.61 -24.17 -59.09
C PHE E 444 -28.45 -24.68 -60.26
N TRP E 445 -27.80 -25.31 -61.25
CA TRP E 445 -28.54 -25.93 -62.33
C TRP E 445 -29.27 -27.18 -61.83
N LYS E 446 -28.60 -27.93 -60.96
CA LYS E 446 -29.23 -29.06 -60.27
C LYS E 446 -30.44 -28.63 -59.40
N VAL E 447 -30.31 -27.50 -58.70
CA VAL E 447 -31.37 -27.01 -57.80
C VAL E 447 -32.62 -26.60 -58.54
N LEU E 448 -32.47 -25.94 -59.68
CA LEU E 448 -33.57 -25.80 -60.61
C LEU E 448 -33.77 -27.20 -61.17
N GLY E 449 -34.93 -27.48 -61.75
CA GLY E 449 -35.12 -28.83 -62.31
C GLY E 449 -35.22 -29.93 -61.25
N ARG E 450 -35.25 -29.50 -59.98
CA ARG E 450 -35.99 -30.22 -58.93
C ARG E 450 -37.43 -29.70 -58.98
N THR E 451 -37.66 -28.69 -59.83
CA THR E 451 -39.00 -28.16 -60.09
C THR E 451 -39.18 -28.12 -61.60
N PRO E 452 -40.21 -28.80 -62.08
CA PRO E 452 -40.61 -28.73 -63.48
C PRO E 452 -40.76 -27.28 -63.97
N GLY E 453 -40.46 -27.04 -65.25
CA GLY E 453 -40.62 -25.70 -65.81
C GLY E 453 -39.42 -24.78 -65.57
N GLU E 454 -38.67 -25.03 -64.50
CA GLU E 454 -37.63 -24.08 -64.06
C GLU E 454 -36.43 -24.00 -65.00
N GLN E 455 -35.89 -25.15 -65.35
CA GLN E 455 -34.78 -25.21 -66.28
C GLN E 455 -35.21 -24.73 -67.68
N GLU E 456 -36.36 -25.19 -68.15
CA GLU E 456 -36.85 -24.76 -69.47
C GLU E 456 -37.17 -23.27 -69.53
N SER E 457 -37.43 -22.69 -68.36
CA SER E 457 -37.62 -21.24 -68.24
C SER E 457 -36.31 -20.49 -68.40
N LEU E 458 -35.27 -20.92 -67.68
CA LEU E 458 -33.97 -20.31 -67.82
C LEU E 458 -33.51 -20.31 -69.27
N VAL E 459 -33.61 -21.46 -69.93
CA VAL E 459 -33.28 -21.56 -71.34
C VAL E 459 -34.14 -20.66 -72.22
N LYS E 460 -35.46 -20.71 -72.06
CA LYS E 460 -36.34 -19.88 -72.88
C LYS E 460 -36.03 -18.38 -72.70
N ASN E 461 -35.78 -17.97 -71.46
CA ASN E 461 -35.53 -16.59 -71.09
C ASN E 461 -34.19 -16.09 -71.59
N VAL E 462 -33.15 -16.91 -71.43
CA VAL E 462 -31.83 -16.60 -71.98
C VAL E 462 -31.83 -16.57 -73.51
N ALA E 463 -32.76 -17.26 -74.14
CA ALA E 463 -32.80 -17.30 -75.60
C ALA E 463 -33.46 -16.06 -76.19
N ASN E 464 -34.62 -15.70 -75.64
CA ASN E 464 -35.39 -14.57 -76.12
C ASN E 464 -34.63 -13.28 -75.99
N HIS E 465 -33.80 -13.20 -74.95
CA HIS E 465 -32.99 -12.01 -74.78
C HIS E 465 -31.89 -11.97 -75.83
N VAL E 466 -31.25 -13.11 -76.05
CA VAL E 466 -30.02 -13.18 -76.84
C VAL E 466 -30.25 -13.26 -78.37
N SER E 467 -31.49 -13.57 -78.78
CA SER E 467 -31.82 -13.67 -80.19
C SER E 467 -31.70 -12.34 -80.93
N ALA E 468 -31.63 -11.24 -80.20
CA ALA E 468 -31.42 -9.95 -80.83
C ALA E 468 -29.91 -9.62 -80.98
N ALA E 469 -29.06 -10.45 -80.38
CA ALA E 469 -27.62 -10.28 -80.42
C ALA E 469 -26.99 -10.82 -81.70
N ASP E 470 -25.79 -10.34 -81.98
CA ASP E 470 -25.06 -10.70 -83.18
C ASP E 470 -24.57 -12.14 -83.03
N GLU E 471 -24.47 -12.88 -84.14
CA GLU E 471 -24.16 -14.33 -84.09
C GLU E 471 -22.86 -14.62 -83.38
N PHE E 472 -21.86 -13.77 -83.53
CA PHE E 472 -20.58 -14.11 -82.91
C PHE E 472 -20.71 -14.06 -81.43
N ILE E 473 -21.68 -13.29 -80.98
CA ILE E 473 -21.85 -13.05 -79.57
C ILE E 473 -22.83 -14.06 -78.95
N GLN E 474 -23.94 -14.36 -79.63
CA GLN E 474 -24.73 -15.55 -79.31
C GLN E 474 -23.76 -16.71 -79.09
N ASP E 475 -22.77 -16.89 -79.98
CA ASP E 475 -21.82 -18.03 -79.89
C ASP E 475 -21.09 -18.06 -78.57
N ARG E 476 -20.68 -16.88 -78.07
CA ARG E 476 -19.94 -16.76 -76.79
C ARG E 476 -20.85 -17.05 -75.62
N VAL E 477 -22.15 -16.78 -75.82
CA VAL E 477 -23.14 -16.98 -74.77
C VAL E 477 -23.32 -18.46 -74.52
N TYR E 478 -23.42 -19.25 -75.59
CA TYR E 478 -23.56 -20.70 -75.46
C TYR E 478 -22.39 -21.28 -74.68
N GLU E 479 -21.16 -20.97 -75.09
CA GLU E 479 -19.98 -21.41 -74.36
C GLU E 479 -20.05 -21.05 -72.90
N TYR E 480 -20.62 -19.88 -72.62
CA TYR E 480 -20.62 -19.31 -71.28
C TYR E 480 -21.53 -20.12 -70.35
N PHE E 481 -22.79 -20.30 -70.73
CA PHE E 481 -23.68 -21.13 -69.93
C PHE E 481 -23.19 -22.57 -69.84
N SER E 482 -22.56 -23.04 -70.91
CA SER E 482 -22.02 -24.39 -70.95
C SER E 482 -20.80 -24.59 -70.01
N LYS E 483 -20.28 -23.50 -69.44
CA LYS E 483 -19.23 -23.59 -68.42
C LYS E 483 -19.82 -24.03 -67.09
N ALA E 484 -21.16 -23.98 -66.98
CA ALA E 484 -21.84 -24.54 -65.80
C ALA E 484 -22.25 -26.01 -66.03
N GLU E 485 -23.13 -26.23 -67.00
CA GLU E 485 -23.48 -27.55 -67.49
C GLU E 485 -23.53 -27.55 -69.00
N PRO E 486 -22.79 -28.47 -69.63
CA PRO E 486 -22.69 -28.34 -71.08
C PRO E 486 -24.03 -28.33 -71.84
N ILE E 487 -25.09 -28.88 -71.24
CA ILE E 487 -26.42 -28.96 -71.91
C ILE E 487 -27.06 -27.59 -72.16
N ILE E 488 -26.68 -26.64 -71.31
CA ILE E 488 -27.28 -25.30 -71.29
C ILE E 488 -26.97 -24.49 -72.54
N GLY E 489 -25.69 -24.40 -72.90
CA GLY E 489 -25.30 -23.80 -74.18
C GLY E 489 -26.15 -24.41 -75.28
N ASP E 490 -26.11 -25.74 -75.35
CA ASP E 490 -26.76 -26.50 -76.42
C ASP E 490 -28.26 -26.32 -76.49
N LEU E 491 -28.92 -26.30 -75.34
CA LEU E 491 -30.36 -26.05 -75.24
C LEU E 491 -30.74 -24.62 -75.57
N ILE E 492 -29.86 -23.70 -75.20
CA ILE E 492 -30.00 -22.32 -75.61
C ILE E 492 -29.85 -22.20 -77.14
N ARG E 493 -28.77 -22.74 -77.70
CA ARG E 493 -28.57 -22.70 -79.17
C ARG E 493 -29.76 -23.26 -79.92
N LYS E 494 -30.34 -24.30 -79.35
CA LYS E 494 -31.47 -24.96 -79.96
C LYS E 494 -32.70 -24.06 -80.04
N LYS E 495 -33.00 -23.34 -78.96
CA LYS E 495 -34.18 -22.48 -78.93
C LYS E 495 -33.98 -21.22 -79.76
N VAL E 496 -32.72 -20.76 -79.82
CA VAL E 496 -32.35 -19.59 -80.61
C VAL E 496 -32.53 -19.87 -82.09
N GLN E 497 -32.24 -21.10 -82.49
CA GLN E 497 -32.43 -21.51 -83.88
C GLN E 497 -33.90 -21.76 -84.16
N GLU E 498 -34.67 -22.15 -83.15
CA GLU E 498 -36.12 -22.24 -83.28
C GLU E 498 -36.78 -20.89 -83.54
N LEU E 499 -36.37 -19.86 -82.78
CA LEU E 499 -36.96 -18.53 -82.93
C LEU E 499 -36.68 -17.95 -84.33
N LYS E 500 -35.46 -18.18 -84.81
CA LYS E 500 -35.05 -17.77 -86.15
C LYS E 500 -35.85 -18.52 -87.23
N ARG E 501 -36.22 -19.77 -86.93
CA ARG E 501 -37.04 -20.64 -87.79
C ARG E 501 -38.35 -19.93 -88.07
N LYS E 502 -39.06 -19.53 -87.02
CA LYS E 502 -40.30 -18.75 -87.13
C LYS E 502 -40.09 -17.33 -87.71
N ALA E 503 -39.50 -17.27 -88.90
CA ALA E 503 -39.28 -16.02 -89.64
N ALA F 4 -27.11 12.05 -23.39
CA ALA F 4 -27.38 12.84 -22.17
C ALA F 4 -26.50 14.13 -22.07
N ASN F 5 -25.96 14.39 -20.88
CA ASN F 5 -25.04 15.48 -20.65
C ASN F 5 -24.03 14.98 -19.61
N PRO F 6 -22.71 14.99 -19.96
CA PRO F 6 -22.08 15.48 -21.22
C PRO F 6 -22.52 14.71 -22.47
N PRO F 7 -22.62 15.41 -23.63
CA PRO F 7 -23.09 14.81 -24.88
C PRO F 7 -22.17 13.72 -25.36
N VAL F 8 -22.74 12.64 -25.91
CA VAL F 8 -21.94 11.56 -26.54
C VAL F 8 -21.52 11.95 -27.96
N PHE F 9 -20.23 11.81 -28.26
CA PHE F 9 -19.68 12.21 -29.54
C PHE F 9 -20.05 11.18 -30.59
N THR F 10 -20.61 11.63 -31.71
CA THR F 10 -21.07 10.67 -32.72
C THR F 10 -20.66 11.02 -34.11
N THR F 11 -20.93 10.12 -35.06
CA THR F 11 -20.85 10.43 -36.48
C THR F 11 -22.13 11.14 -36.85
N SER F 12 -22.18 11.67 -38.08
CA SER F 12 -23.34 12.41 -38.61
C SER F 12 -24.60 11.56 -38.56
N GLN F 13 -24.39 10.24 -38.52
CA GLN F 13 -25.47 9.28 -38.50
C GLN F 13 -25.80 8.80 -37.08
N GLY F 14 -25.06 9.30 -36.09
CA GLY F 14 -25.39 9.05 -34.71
C GLY F 14 -24.76 7.84 -34.06
N CYS F 15 -23.72 7.28 -34.67
CA CYS F 15 -23.00 6.16 -34.05
C CYS F 15 -21.86 6.70 -33.22
N PRO F 16 -21.70 6.20 -31.98
CA PRO F 16 -20.75 6.66 -31.00
C PRO F 16 -19.33 6.55 -31.50
N VAL F 17 -18.46 7.47 -31.12
CA VAL F 17 -17.08 7.47 -31.56
C VAL F 17 -16.23 7.45 -30.31
N SER F 18 -15.17 6.65 -30.30
CA SER F 18 -14.33 6.47 -29.10
C SER F 18 -13.13 7.37 -28.99
N ASP F 19 -12.58 7.74 -30.13
CA ASP F 19 -11.49 8.69 -30.14
C ASP F 19 -11.68 9.68 -31.30
N PRO F 20 -11.53 11.00 -31.04
CA PRO F 20 -11.73 11.94 -32.14
C PRO F 20 -10.57 11.97 -33.13
N PHE F 21 -9.38 11.50 -32.71
CA PHE F 21 -8.14 11.72 -33.50
C PHE F 21 -7.51 10.49 -34.14
N THR F 22 -8.03 9.31 -33.87
CA THR F 22 -7.41 8.11 -34.41
C THR F 22 -7.86 7.83 -35.84
N THR F 23 -7.00 7.20 -36.63
CA THR F 23 -7.37 6.73 -37.98
C THR F 23 -6.82 5.35 -38.20
N GLN F 24 -7.52 4.52 -38.95
CA GLN F 24 -7.16 3.12 -39.19
C GLN F 24 -5.99 2.93 -40.13
N ARG F 25 -5.15 1.95 -39.87
CA ARG F 25 -4.10 1.58 -40.79
C ARG F 25 -3.65 0.18 -40.50
N ILE F 26 -2.97 -0.44 -41.47
CA ILE F 26 -2.19 -1.67 -41.25
C ILE F 26 -0.72 -1.25 -41.24
N PRO F 27 0.03 -1.54 -40.16
CA PRO F 27 1.36 -0.94 -40.00
C PRO F 27 2.42 -1.62 -40.83
N LEU F 28 3.50 -0.90 -41.09
CA LEU F 28 4.67 -1.46 -41.72
C LEU F 28 5.36 -2.37 -40.73
N ASP F 29 5.96 -3.45 -41.24
CA ASP F 29 6.84 -4.29 -40.42
C ASP F 29 7.91 -3.44 -39.73
N SER F 30 7.99 -3.56 -38.41
CA SER F 30 8.88 -2.69 -37.59
C SER F 30 10.32 -3.20 -37.40
N THR F 31 10.63 -4.36 -37.96
CA THR F 31 11.90 -4.99 -37.69
C THR F 31 13.00 -4.28 -38.42
N GLY F 32 13.91 -3.75 -37.61
CA GLY F 32 15.06 -2.99 -38.09
C GLY F 32 15.02 -1.55 -37.63
N TYR F 33 13.84 -1.06 -37.23
CA TYR F 33 13.61 0.35 -37.00
C TYR F 33 14.06 0.80 -35.62
N LYS F 34 14.81 1.90 -35.54
CA LYS F 34 15.21 2.45 -34.24
C LYS F 34 14.00 3.08 -33.56
N TYR F 35 13.09 3.60 -34.38
CA TYR F 35 11.85 4.23 -33.95
C TYR F 35 10.73 3.72 -34.84
N ALA F 36 9.76 3.04 -34.23
CA ALA F 36 8.75 2.31 -34.99
C ALA F 36 7.29 2.53 -34.56
N PRO F 37 6.75 3.72 -34.83
CA PRO F 37 5.34 3.91 -34.65
C PRO F 37 4.60 3.17 -35.76
N PRO F 38 3.33 2.79 -35.51
CA PRO F 38 2.55 2.02 -36.50
C PRO F 38 1.94 2.85 -37.63
N ILE F 39 2.67 2.94 -38.74
CA ILE F 39 2.28 3.76 -39.90
C ILE F 39 2.01 2.88 -41.10
N GLY F 40 0.99 3.24 -41.86
CA GLY F 40 0.64 2.47 -43.03
C GLY F 40 -0.36 3.29 -43.78
N PRO F 41 -0.84 2.77 -44.90
CA PRO F 41 -1.78 3.46 -45.73
C PRO F 41 -3.17 3.54 -45.06
N LEU F 42 -3.83 4.70 -45.21
CA LEU F 42 -5.19 4.94 -44.72
C LEU F 42 -6.23 4.20 -45.54
N LEU F 43 -7.33 3.80 -44.89
CA LEU F 43 -8.27 2.84 -45.49
C LEU F 43 -9.63 3.39 -45.86
N LEU F 44 -10.21 2.87 -46.94
CA LEU F 44 -11.55 3.27 -47.35
C LEU F 44 -12.61 3.07 -46.29
N GLN F 45 -12.46 2.01 -45.49
CA GLN F 45 -13.48 1.63 -44.54
C GLN F 45 -13.43 2.50 -43.30
N ASP F 46 -12.42 3.36 -43.19
CA ASP F 46 -12.38 4.34 -42.12
C ASP F 46 -13.48 5.43 -42.22
N PHE F 47 -14.71 5.08 -41.85
CA PHE F 47 -15.82 5.99 -42.00
C PHE F 47 -15.67 7.35 -41.25
N LYS F 48 -15.12 7.30 -40.04
CA LYS F 48 -15.02 8.52 -39.28
C LYS F 48 -14.10 9.49 -40.02
N LEU F 49 -13.08 8.96 -40.66
CA LEU F 49 -12.16 9.77 -41.41
C LEU F 49 -12.84 10.38 -42.64
N ILE F 50 -13.41 9.56 -43.51
CA ILE F 50 -14.08 10.06 -44.72
C ILE F 50 -15.26 11.01 -44.39
N ASP F 51 -16.06 10.63 -43.40
CA ASP F 51 -17.24 11.39 -42.98
C ASP F 51 -16.83 12.78 -42.51
N THR F 52 -15.72 12.90 -41.80
CA THR F 52 -15.40 14.23 -41.31
C THR F 52 -14.65 15.05 -42.31
N LEU F 53 -13.75 14.43 -43.05
CA LEU F 53 -13.07 15.13 -44.14
C LEU F 53 -14.01 15.58 -45.24
N SER F 54 -14.96 14.74 -45.61
CA SER F 54 -15.79 15.07 -46.74
C SER F 54 -16.74 16.19 -46.43
N HIS F 55 -17.05 16.36 -45.15
CA HIS F 55 -17.95 17.44 -44.76
C HIS F 55 -17.12 18.70 -44.73
N PHE F 56 -15.91 18.60 -44.19
CA PHE F 56 -15.02 19.73 -44.14
C PHE F 56 -14.90 20.24 -45.57
N ASP F 57 -14.72 19.30 -46.49
CA ASP F 57 -14.57 19.63 -47.90
C ASP F 57 -15.69 20.53 -48.43
N ARG F 58 -16.85 20.50 -47.77
CA ARG F 58 -18.02 21.18 -48.32
C ARG F 58 -18.58 22.30 -47.43
N GLU F 59 -17.79 22.77 -46.45
CA GLU F 59 -18.24 23.88 -45.58
C GLU F 59 -18.63 25.16 -46.33
N ARG F 60 -18.04 25.44 -47.48
CA ARG F 60 -18.27 26.76 -48.09
C ARG F 60 -19.41 26.85 -49.09
N ILE F 61 -20.18 27.94 -48.99
CA ILE F 61 -21.15 28.29 -50.04
C ILE F 61 -20.72 29.59 -50.71
N PRO F 62 -21.36 29.94 -51.83
CA PRO F 62 -20.89 31.20 -52.43
C PRO F 62 -21.23 32.42 -51.57
N GLU F 63 -20.40 33.46 -51.57
CA GLU F 63 -20.79 34.68 -50.86
C GLU F 63 -21.80 35.43 -51.71
N ARG F 64 -22.46 36.41 -51.10
CA ARG F 64 -23.41 37.24 -51.80
C ARG F 64 -22.62 38.02 -52.88
N VAL F 65 -23.18 38.19 -54.08
CA VAL F 65 -22.45 38.93 -55.16
C VAL F 65 -22.03 40.31 -54.70
N VAL F 66 -22.91 40.90 -53.89
CA VAL F 66 -22.67 42.19 -53.26
C VAL F 66 -23.13 42.07 -51.83
N HIS F 67 -22.71 43.01 -50.99
CA HIS F 67 -22.91 42.99 -49.53
C HIS F 67 -22.46 41.66 -48.90
N ALA F 68 -21.32 41.13 -49.33
CA ALA F 68 -20.82 39.85 -48.79
C ALA F 68 -20.38 39.94 -47.34
N LYS F 69 -19.76 41.02 -46.93
CA LYS F 69 -19.29 41.14 -45.58
C LYS F 69 -20.34 41.82 -44.70
N GLY F 70 -20.71 41.21 -43.57
CA GLY F 70 -21.69 41.84 -42.68
C GLY F 70 -21.93 41.20 -41.33
N ALA F 71 -22.86 41.78 -40.60
CA ALA F 71 -23.14 41.31 -39.25
C ALA F 71 -24.60 41.48 -38.96
N GLY F 72 -25.18 40.58 -38.18
CA GLY F 72 -26.59 40.65 -37.88
C GLY F 72 -26.94 40.51 -36.41
N ALA F 73 -28.21 40.81 -36.09
CA ALA F 73 -28.78 40.54 -34.75
C ALA F 73 -30.30 40.52 -34.77
N TYR F 74 -30.89 39.88 -33.77
CA TYR F 74 -32.33 39.83 -33.63
C TYR F 74 -32.76 40.98 -32.77
N GLY F 75 -34.03 41.37 -32.87
CA GLY F 75 -34.56 42.49 -32.10
C GLY F 75 -36.05 42.59 -32.13
N VAL F 76 -36.56 43.72 -31.67
CA VAL F 76 -37.99 43.97 -31.56
C VAL F 76 -38.41 45.30 -32.22
N PHE F 77 -39.50 45.27 -32.98
CA PHE F 77 -40.06 46.49 -33.51
C PHE F 77 -41.40 46.66 -32.85
N GLU F 78 -41.68 47.91 -32.46
CA GLU F 78 -42.90 48.30 -31.75
C GLU F 78 -43.61 49.44 -32.48
N VAL F 79 -44.91 49.30 -32.71
CA VAL F 79 -45.70 50.36 -33.31
C VAL F 79 -45.96 51.36 -32.20
N THR F 80 -45.70 52.64 -32.44
CA THR F 80 -45.89 53.63 -31.37
C THR F 80 -46.97 54.67 -31.67
N ASP F 81 -47.35 54.80 -32.95
CA ASP F 81 -48.35 55.76 -33.36
C ASP F 81 -49.32 55.02 -34.25
N ASP F 82 -50.53 55.55 -34.40
CA ASP F 82 -51.48 54.93 -35.30
C ASP F 82 -51.31 55.51 -36.69
N ILE F 83 -50.94 54.66 -37.66
CA ILE F 83 -50.87 55.10 -39.07
C ILE F 83 -51.83 54.33 -39.98
N THR F 84 -52.81 53.70 -39.37
CA THR F 84 -53.79 52.88 -40.09
C THR F 84 -54.51 53.63 -41.22
N ASP F 85 -54.45 54.95 -41.19
CA ASP F 85 -55.04 55.82 -42.24
C ASP F 85 -54.14 55.86 -43.48
N VAL F 86 -52.89 55.43 -43.30
CA VAL F 86 -51.91 55.36 -44.38
C VAL F 86 -51.70 53.91 -44.82
N CYS F 87 -51.62 52.98 -43.87
CA CYS F 87 -51.25 51.58 -44.17
C CYS F 87 -51.98 50.48 -43.35
N SER F 88 -52.60 49.53 -44.05
CA SER F 88 -53.43 48.50 -43.44
C SER F 88 -52.68 47.30 -42.85
N ALA F 89 -51.35 47.30 -42.98
CA ALA F 89 -50.53 46.14 -42.60
C ALA F 89 -50.76 45.66 -41.18
N LYS F 90 -51.09 44.38 -41.08
CA LYS F 90 -51.35 43.79 -39.80
C LYS F 90 -50.34 44.12 -38.70
N PHE F 91 -49.06 44.16 -39.02
CA PHE F 91 -48.05 44.27 -37.94
C PHE F 91 -48.02 45.70 -37.39
N LEU F 92 -48.71 46.60 -38.08
CA LEU F 92 -48.88 48.01 -37.69
C LEU F 92 -50.31 48.26 -37.19
N ASP F 93 -51.10 47.18 -37.20
CA ASP F 93 -52.48 47.07 -36.71
C ASP F 93 -52.89 48.07 -35.62
N THR F 94 -52.19 47.97 -34.50
CA THR F 94 -52.61 48.57 -33.26
C THR F 94 -51.36 48.98 -32.47
N VAL F 95 -51.44 50.13 -31.80
CA VAL F 95 -50.32 50.69 -31.04
C VAL F 95 -49.83 49.70 -30.00
N GLY F 96 -48.52 49.70 -29.75
CA GLY F 96 -47.94 48.82 -28.74
C GLY F 96 -47.65 47.38 -29.18
N LYS F 97 -48.11 46.99 -30.38
CA LYS F 97 -47.85 45.65 -30.96
C LYS F 97 -46.35 45.42 -31.27
N LYS F 98 -45.84 44.28 -30.87
CA LYS F 98 -44.43 43.98 -31.09
C LYS F 98 -44.15 42.81 -32.05
N THR F 99 -43.12 42.98 -32.87
CA THR F 99 -42.86 42.06 -33.96
C THR F 99 -41.39 41.74 -33.92
N ARG F 100 -41.07 40.46 -34.00
CA ARG F 100 -39.67 40.06 -34.00
C ARG F 100 -39.01 40.42 -35.37
N ILE F 101 -37.76 40.87 -35.32
CA ILE F 101 -37.04 41.21 -36.54
C ILE F 101 -35.63 40.67 -36.51
N PHE F 102 -35.06 40.48 -37.69
CA PHE F 102 -33.61 40.28 -37.81
C PHE F 102 -33.01 41.32 -38.73
N THR F 103 -31.93 41.94 -38.30
CA THR F 103 -31.27 42.92 -39.13
C THR F 103 -29.85 42.51 -39.51
N ARG F 104 -29.54 42.63 -40.79
CA ARG F 104 -28.20 42.42 -41.27
C ARG F 104 -27.63 43.71 -41.82
N PHE F 105 -26.48 44.10 -41.27
CA PHE F 105 -25.71 45.24 -41.77
C PHE F 105 -24.52 44.72 -42.58
N SER F 106 -24.13 45.46 -43.61
CA SER F 106 -23.12 45.04 -44.58
C SER F 106 -22.43 46.22 -45.23
N THR F 107 -21.24 45.97 -45.76
CA THR F 107 -20.63 46.87 -46.73
C THR F 107 -21.12 46.41 -48.14
N VAL F 108 -20.68 47.02 -49.23
CA VAL F 108 -21.22 46.65 -50.53
C VAL F 108 -20.24 45.84 -51.38
N GLY F 109 -19.11 46.41 -51.76
CA GLY F 109 -18.31 45.70 -52.73
C GLY F 109 -17.28 44.77 -52.16
N GLY F 110 -16.86 45.00 -50.93
CA GLY F 110 -15.85 44.16 -50.34
C GLY F 110 -16.29 42.72 -50.19
N GLU F 111 -15.35 41.82 -50.45
CA GLU F 111 -15.61 40.41 -50.26
C GLU F 111 -15.48 40.03 -48.79
N LYS F 112 -15.53 38.73 -48.53
CA LYS F 112 -15.84 38.16 -47.23
C LYS F 112 -14.76 38.35 -46.19
N GLY F 113 -13.52 38.48 -46.58
CA GLY F 113 -12.54 38.79 -45.56
C GLY F 113 -12.20 40.25 -45.46
N SER F 114 -12.89 41.11 -46.21
CA SER F 114 -12.50 42.52 -46.33
C SER F 114 -12.80 43.34 -45.08
N ALA F 115 -12.38 44.61 -45.07
CA ALA F 115 -12.49 45.48 -43.88
C ALA F 115 -13.86 46.08 -43.64
N ASP F 116 -14.28 46.10 -42.38
CA ASP F 116 -15.56 46.66 -41.98
C ASP F 116 -15.58 48.16 -42.21
N THR F 117 -14.41 48.77 -42.23
CA THR F 117 -14.31 50.23 -42.29
C THR F 117 -13.89 50.72 -43.67
N ALA F 118 -14.02 49.85 -44.66
CA ALA F 118 -13.85 50.26 -46.05
C ALA F 118 -14.87 51.33 -46.43
N ARG F 119 -14.48 52.19 -47.36
CA ARG F 119 -15.33 53.26 -47.82
C ARG F 119 -16.40 52.64 -48.71
N ASP F 120 -17.66 52.71 -48.27
CA ASP F 120 -18.75 52.11 -49.04
C ASP F 120 -20.03 52.62 -48.47
N PRO F 121 -21.14 52.46 -49.21
CA PRO F 121 -22.43 52.60 -48.57
C PRO F 121 -22.53 51.48 -47.53
N ARG F 122 -23.59 51.41 -46.75
CA ARG F 122 -23.74 50.30 -45.84
C ARG F 122 -25.13 49.80 -46.03
N GLY F 123 -25.27 48.48 -46.02
CA GLY F 123 -26.57 47.87 -46.19
C GLY F 123 -27.26 47.79 -44.86
N PHE F 124 -28.59 47.89 -44.87
CA PHE F 124 -29.38 47.91 -43.65
C PHE F 124 -30.67 47.08 -43.88
N ALA F 125 -30.53 45.74 -43.79
CA ALA F 125 -31.61 44.86 -44.19
C ALA F 125 -32.31 44.33 -42.96
N THR F 126 -33.65 44.37 -42.96
CA THR F 126 -34.43 43.93 -41.81
C THR F 126 -35.58 43.04 -42.24
N LYS F 127 -35.72 41.90 -41.60
CA LYS F 127 -36.78 40.94 -41.88
C LYS F 127 -37.78 41.01 -40.73
N PHE F 128 -39.06 41.18 -41.04
CA PHE F 128 -40.11 41.29 -40.01
C PHE F 128 -40.96 40.05 -40.08
N TYR F 129 -41.04 39.32 -38.98
CA TYR F 129 -41.85 38.14 -38.96
C TYR F 129 -43.27 38.45 -38.56
N THR F 130 -44.11 38.85 -39.53
CA THR F 130 -45.49 39.27 -39.25
C THR F 130 -46.50 38.13 -39.36
N GLU F 131 -47.74 38.43 -38.93
CA GLU F 131 -48.87 37.51 -39.03
C GLU F 131 -49.28 37.34 -40.46
N ASP F 132 -48.87 38.25 -41.33
CA ASP F 132 -49.22 38.15 -42.73
C ASP F 132 -48.04 37.71 -43.60
N GLY F 133 -46.99 37.18 -42.99
CA GLY F 133 -45.83 36.76 -43.77
C GLY F 133 -44.59 37.53 -43.39
N ASN F 134 -43.46 37.15 -43.96
CA ASN F 134 -42.22 37.86 -43.74
C ASN F 134 -42.12 39.07 -44.66
N LEU F 135 -41.87 40.24 -44.08
CA LEU F 135 -41.70 41.44 -44.85
C LEU F 135 -40.22 41.77 -44.79
N ASP F 136 -39.60 41.97 -45.94
CA ASP F 136 -38.21 42.36 -45.97
C ASP F 136 -38.06 43.82 -46.31
N LEU F 137 -37.47 44.60 -45.40
CA LEU F 137 -37.13 45.98 -45.70
C LEU F 137 -35.63 46.03 -45.96
N VAL F 138 -35.29 46.06 -47.24
CA VAL F 138 -33.89 45.97 -47.66
C VAL F 138 -33.39 47.35 -48.04
N TYR F 139 -32.86 48.02 -47.03
CA TYR F 139 -32.47 49.44 -47.10
C TYR F 139 -30.94 49.67 -47.13
N ASN F 140 -30.56 50.84 -47.62
CA ASN F 140 -29.22 51.35 -47.46
C ASN F 140 -29.12 52.47 -46.41
N ASN F 141 -27.87 52.85 -46.09
CA ASN F 141 -27.60 53.91 -45.14
C ASN F 141 -27.56 55.28 -45.80
N THR F 142 -28.10 55.35 -47.01
CA THR F 142 -28.23 56.59 -47.74
C THR F 142 -29.63 56.64 -48.42
N PRO F 143 -30.21 57.86 -48.61
CA PRO F 143 -31.56 57.95 -49.14
C PRO F 143 -31.61 57.86 -50.67
N ILE F 144 -30.43 57.70 -51.27
CA ILE F 144 -30.30 57.67 -52.72
C ILE F 144 -29.30 56.60 -53.18
N PHE F 145 -29.05 56.52 -54.48
CA PHE F 145 -28.14 55.50 -55.01
C PHE F 145 -27.40 55.94 -56.30
N PHE F 146 -26.46 55.12 -56.76
CA PHE F 146 -25.57 55.48 -57.87
C PHE F 146 -26.29 55.45 -59.22
N ILE F 147 -27.40 54.75 -59.27
CA ILE F 147 -28.09 54.49 -60.55
C ILE F 147 -29.60 54.68 -60.50
N ARG F 148 -30.19 54.82 -61.68
CA ARG F 148 -31.64 54.82 -61.80
C ARG F 148 -32.07 54.00 -62.99
N ASP F 149 -31.10 53.30 -63.58
CA ASP F 149 -31.36 52.39 -64.71
C ASP F 149 -30.98 50.99 -64.28
N PRO F 150 -31.98 50.11 -64.11
CA PRO F 150 -31.70 48.89 -63.39
C PRO F 150 -30.55 48.10 -64.01
N ILE F 151 -30.52 48.01 -65.32
CA ILE F 151 -29.54 47.15 -65.95
C ILE F 151 -28.11 47.70 -65.82
N LYS F 152 -27.95 48.90 -65.31
CA LYS F 152 -26.62 49.39 -65.13
C LYS F 152 -25.98 48.76 -63.90
N PHE F 153 -26.74 48.04 -63.09
CA PHE F 153 -26.18 47.62 -61.83
C PHE F 153 -24.93 46.73 -61.97
N PRO F 154 -24.94 45.77 -62.91
CA PRO F 154 -23.75 44.93 -63.01
C PRO F 154 -22.58 45.70 -63.55
N HIS F 155 -22.86 46.71 -64.37
CA HIS F 155 -21.76 47.54 -64.85
C HIS F 155 -21.15 48.30 -63.70
N PHE F 156 -22.00 48.92 -62.91
CA PHE F 156 -21.53 49.73 -61.79
C PHE F 156 -20.74 48.84 -60.82
N ILE F 157 -21.37 47.74 -60.39
CA ILE F 157 -20.74 46.86 -59.40
C ILE F 157 -19.41 46.32 -59.91
N HIS F 158 -19.38 45.84 -61.16
CA HIS F 158 -18.12 45.38 -61.72
C HIS F 158 -16.97 46.40 -61.56
N THR F 159 -17.23 47.68 -61.87
CA THR F 159 -16.19 48.69 -61.80
C THR F 159 -15.84 48.99 -60.34
N GLN F 160 -16.79 48.76 -59.41
CA GLN F 160 -16.49 48.87 -57.96
C GLN F 160 -15.57 47.75 -57.42
N LYS F 161 -15.48 46.65 -58.17
CA LYS F 161 -14.69 45.52 -57.72
C LYS F 161 -13.39 45.39 -58.50
N ARG F 162 -13.11 44.20 -59.03
CA ARG F 162 -11.73 43.87 -59.38
C ARG F 162 -11.59 43.74 -60.85
N ASN F 163 -10.38 44.03 -61.33
CA ASN F 163 -10.01 43.91 -62.71
C ASN F 163 -9.97 42.45 -63.21
N PRO F 164 -10.72 42.14 -64.29
CA PRO F 164 -10.86 40.78 -64.76
C PRO F 164 -9.53 40.06 -64.98
N ALA F 165 -8.46 40.81 -65.27
CA ALA F 165 -7.16 40.19 -65.45
C ALA F 165 -6.39 40.08 -64.13
N THR F 166 -6.25 41.19 -63.42
CA THR F 166 -5.29 41.25 -62.33
C THR F 166 -5.88 40.82 -61.03
N ASN F 167 -7.20 40.89 -60.92
CA ASN F 167 -7.87 40.77 -59.62
C ASN F 167 -7.51 41.86 -58.59
N LEU F 168 -7.01 43.01 -59.07
CA LEU F 168 -6.78 44.18 -58.26
C LEU F 168 -7.91 45.18 -58.46
N LYS F 169 -8.13 46.05 -57.47
CA LYS F 169 -9.02 47.19 -57.70
C LYS F 169 -8.37 48.08 -58.75
N ASP F 170 -9.19 48.69 -59.60
CA ASP F 170 -8.67 49.54 -60.66
C ASP F 170 -9.36 50.91 -60.60
N PRO F 171 -8.63 51.94 -60.12
CA PRO F 171 -9.08 53.36 -60.08
C PRO F 171 -9.61 53.83 -61.43
N ASN F 172 -8.94 53.43 -62.49
CA ASN F 172 -9.43 53.77 -63.81
C ASN F 172 -10.87 53.33 -64.09
N MET F 173 -11.16 52.04 -64.03
CA MET F 173 -12.55 51.53 -64.07
C MET F 173 -13.54 52.33 -63.21
N PHE F 174 -13.15 52.50 -61.94
CA PHE F 174 -13.95 53.09 -60.89
C PHE F 174 -14.47 54.43 -61.36
N TRP F 175 -13.57 55.31 -61.78
CA TRP F 175 -13.93 56.65 -62.24
C TRP F 175 -14.43 56.75 -63.66
N ASP F 176 -13.94 55.86 -64.52
CA ASP F 176 -14.40 55.78 -65.87
C ASP F 176 -15.91 55.57 -65.93
N TYR F 177 -16.45 54.69 -65.07
CA TYR F 177 -17.88 54.43 -65.10
C TYR F 177 -18.61 55.58 -64.48
N LEU F 178 -18.25 55.97 -63.27
CA LEU F 178 -18.95 57.03 -62.59
C LEU F 178 -19.05 58.30 -63.45
N THR F 179 -17.94 58.76 -64.02
CA THR F 179 -17.96 60.03 -64.77
C THR F 179 -18.73 59.91 -66.05
N ALA F 180 -18.83 58.73 -66.63
CA ALA F 180 -19.61 58.55 -67.85
C ALA F 180 -21.11 58.54 -67.56
N ASN F 181 -21.46 58.38 -66.28
CA ASN F 181 -22.86 58.34 -65.89
C ASN F 181 -23.14 59.34 -64.77
N ASP F 182 -23.35 60.57 -65.20
CA ASP F 182 -23.65 61.73 -64.38
C ASP F 182 -24.45 61.50 -63.17
N GLU F 183 -25.52 60.72 -63.32
CA GLU F 183 -26.55 60.64 -62.32
C GLU F 183 -26.02 60.09 -61.00
N SER F 184 -24.84 59.45 -61.06
CA SER F 184 -24.16 58.93 -59.88
C SER F 184 -23.56 60.02 -58.98
N LEU F 185 -23.44 61.22 -59.53
CA LEU F 185 -22.77 62.29 -58.84
C LEU F 185 -23.34 62.47 -57.44
N HIS F 186 -24.67 62.54 -57.33
CA HIS F 186 -25.28 62.71 -56.03
C HIS F 186 -24.75 61.68 -55.01
N GLN F 187 -24.94 60.41 -55.30
CA GLN F 187 -24.49 59.38 -54.39
C GLN F 187 -22.97 59.40 -54.19
N VAL F 188 -22.22 59.78 -55.22
CA VAL F 188 -20.77 59.73 -55.12
C VAL F 188 -20.29 60.70 -54.05
N MET F 189 -20.92 61.86 -54.04
CA MET F 189 -20.62 62.87 -53.06
C MET F 189 -20.86 62.38 -51.62
N TYR F 190 -21.98 61.73 -51.35
CA TYR F 190 -22.18 61.04 -50.07
C TYR F 190 -21.02 60.08 -49.79
N LEU F 191 -20.72 59.21 -50.76
CA LEU F 191 -19.66 58.22 -50.63
C LEU F 191 -18.32 58.83 -50.30
N PHE F 192 -17.99 59.99 -50.87
CA PHE F 192 -16.69 60.56 -50.58
C PHE F 192 -16.66 61.61 -49.47
N SER F 193 -17.86 62.04 -49.04
CA SER F 193 -17.99 62.71 -47.77
C SER F 193 -17.68 61.71 -46.66
N ASN F 194 -17.52 62.19 -45.43
CA ASN F 194 -17.22 61.29 -44.32
C ASN F 194 -18.34 60.29 -44.02
N ARG F 195 -19.50 60.46 -44.66
CA ARG F 195 -20.60 59.53 -44.48
C ARG F 195 -20.31 58.20 -45.15
N GLY F 196 -19.35 58.18 -46.08
CA GLY F 196 -18.95 56.91 -46.68
C GLY F 196 -18.15 56.02 -45.75
N THR F 197 -17.94 56.45 -44.51
CA THR F 197 -17.07 55.77 -43.54
C THR F 197 -17.67 55.83 -42.14
N PRO F 198 -18.77 55.10 -41.88
CA PRO F 198 -19.39 55.14 -40.53
C PRO F 198 -18.51 54.57 -39.42
N ALA F 199 -18.68 55.07 -38.20
CA ALA F 199 -17.96 54.56 -37.01
C ALA F 199 -18.38 53.12 -36.65
N SER F 200 -19.68 52.89 -36.67
CA SER F 200 -20.22 51.57 -36.42
C SER F 200 -21.58 51.50 -37.07
N TYR F 201 -22.19 50.31 -37.12
CA TYR F 201 -23.52 50.18 -37.66
C TYR F 201 -24.48 50.87 -36.73
N ARG F 202 -24.09 51.05 -35.47
CA ARG F 202 -24.98 51.59 -34.43
C ARG F 202 -25.30 53.05 -34.63
N THR F 203 -24.45 53.72 -35.40
CA THR F 203 -24.49 55.15 -35.59
C THR F 203 -24.66 55.50 -37.06
N MET F 204 -25.62 54.85 -37.71
CA MET F 204 -26.01 55.22 -39.07
C MET F 204 -27.51 55.11 -39.20
N ASN F 205 -28.07 55.82 -40.16
CA ASN F 205 -29.48 55.73 -40.43
C ASN F 205 -29.77 54.72 -41.53
N GLY F 206 -31.04 54.37 -41.73
CA GLY F 206 -31.41 53.52 -42.83
C GLY F 206 -32.51 54.18 -43.58
N TYR F 207 -32.43 54.15 -44.91
CA TYR F 207 -33.45 54.78 -45.71
C TYR F 207 -33.98 53.77 -46.71
N SER F 208 -35.22 53.95 -47.15
CA SER F 208 -35.80 52.99 -48.07
C SER F 208 -35.22 53.22 -49.44
N GLY F 209 -34.66 54.42 -49.66
CA GLY F 209 -34.07 54.78 -50.94
C GLY F 209 -35.17 55.04 -51.95
N HIS F 210 -35.82 53.95 -52.40
CA HIS F 210 -36.96 54.00 -53.32
C HIS F 210 -38.20 54.54 -52.66
N THR F 211 -39.15 54.91 -53.50
CA THR F 211 -40.53 55.13 -53.09
C THR F 211 -41.32 53.85 -53.12
N TYR F 212 -42.07 53.55 -52.07
CA TYR F 212 -42.98 52.40 -52.06
C TYR F 212 -44.43 52.91 -52.07
N LYS F 213 -45.40 52.01 -52.13
CA LYS F 213 -46.80 52.43 -52.04
C LYS F 213 -47.50 51.77 -50.88
N TRP F 214 -48.00 52.56 -49.95
CA TRP F 214 -48.77 51.97 -48.85
C TRP F 214 -50.28 52.15 -49.08
N TYR F 215 -51.06 51.18 -48.65
CA TYR F 215 -52.48 51.20 -48.87
C TYR F 215 -53.19 51.08 -47.53
N ASN F 216 -54.21 51.92 -47.29
CA ASN F 216 -55.05 51.78 -46.09
C ASN F 216 -56.21 50.77 -46.32
N SER F 217 -56.96 50.43 -45.28
CA SER F 217 -58.03 49.43 -45.43
C SER F 217 -59.15 49.80 -46.43
N LYS F 218 -59.29 51.09 -46.73
CA LYS F 218 -60.24 51.57 -47.74
C LYS F 218 -59.70 51.39 -49.18
N GLY F 219 -58.42 51.06 -49.31
CA GLY F 219 -57.78 50.92 -50.61
C GLY F 219 -57.15 52.21 -51.10
N GLU F 220 -57.10 53.22 -50.22
CA GLU F 220 -56.46 54.51 -50.56
C GLU F 220 -54.94 54.37 -50.42
N TRP F 221 -54.22 54.69 -51.49
CA TRP F 221 -52.77 54.55 -51.44
C TRP F 221 -52.06 55.87 -51.54
N VAL F 222 -50.83 55.84 -51.05
CA VAL F 222 -50.04 57.02 -50.93
C VAL F 222 -48.57 56.59 -51.21
N TYR F 223 -47.78 57.41 -51.91
CA TYR F 223 -46.34 57.16 -52.08
C TYR F 223 -45.60 57.38 -50.78
N VAL F 224 -44.69 56.49 -50.39
CA VAL F 224 -43.95 56.69 -49.12
C VAL F 224 -42.44 56.58 -49.24
N GLN F 225 -41.73 57.13 -48.25
CA GLN F 225 -40.28 56.96 -48.14
C GLN F 225 -40.06 56.73 -46.68
N VAL F 226 -39.30 55.69 -46.34
CA VAL F 226 -39.09 55.32 -44.95
C VAL F 226 -37.75 55.83 -44.44
N HIS F 227 -37.71 56.33 -43.21
CA HIS F 227 -36.46 56.71 -42.55
C HIS F 227 -36.27 55.98 -41.20
N PHE F 228 -35.10 55.39 -40.98
CA PHE F 228 -34.80 54.82 -39.71
C PHE F 228 -33.65 55.63 -39.11
N ILE F 229 -33.90 56.30 -38.00
CA ILE F 229 -32.92 57.22 -37.45
C ILE F 229 -32.38 56.74 -36.13
N ALA F 230 -31.06 56.61 -36.07
CA ALA F 230 -30.37 56.05 -34.92
C ALA F 230 -30.50 56.94 -33.70
N ASN F 231 -30.97 56.36 -32.60
CA ASN F 231 -30.99 57.06 -31.34
C ASN F 231 -29.58 57.26 -30.86
N GLN F 232 -28.61 56.59 -31.48
CA GLN F 232 -27.21 56.68 -31.07
C GLN F 232 -26.52 57.82 -31.81
N GLY F 233 -27.28 58.51 -32.65
CA GLY F 233 -26.76 59.61 -33.49
C GLY F 233 -25.90 59.17 -34.66
N VAL F 234 -25.73 60.02 -35.66
CA VAL F 234 -24.90 59.71 -36.82
C VAL F 234 -23.45 60.11 -36.58
N HIS F 235 -22.54 59.14 -36.46
CA HIS F 235 -21.11 59.42 -36.19
C HIS F 235 -20.19 58.77 -37.23
N ASN F 236 -19.33 59.59 -37.84
CA ASN F 236 -18.47 59.13 -38.92
C ASN F 236 -16.98 59.12 -38.55
N LEU F 237 -16.18 58.44 -39.35
CA LEU F 237 -14.74 58.39 -39.15
C LEU F 237 -14.09 59.20 -40.25
N LEU F 238 -12.90 59.70 -39.99
CA LEU F 238 -12.10 60.33 -41.04
C LEU F 238 -11.35 59.25 -41.81
N ASP F 239 -11.02 59.52 -43.07
CA ASP F 239 -10.33 58.56 -43.92
C ASP F 239 -9.10 57.91 -43.28
N GLU F 240 -8.26 58.73 -42.64
CA GLU F 240 -7.04 58.28 -41.93
C GLU F 240 -7.33 57.14 -40.91
N GLU F 241 -8.37 57.34 -40.11
CA GLU F 241 -8.76 56.43 -39.06
C GLU F 241 -9.33 55.14 -39.64
N ALA F 242 -10.18 55.27 -40.66
CA ALA F 242 -10.80 54.14 -41.33
C ALA F 242 -9.74 53.23 -41.92
N GLY F 243 -8.72 53.86 -42.48
CA GLY F 243 -7.59 53.15 -43.04
C GLY F 243 -6.76 52.44 -42.01
N ARG F 244 -6.65 53.01 -40.80
CA ARG F 244 -5.89 52.36 -39.74
C ARG F 244 -6.60 51.13 -39.19
N LEU F 245 -7.88 51.29 -38.90
CA LEU F 245 -8.70 50.22 -38.34
C LEU F 245 -8.76 49.08 -39.34
N ALA F 246 -8.87 49.43 -40.61
CA ALA F 246 -8.84 48.45 -41.70
C ALA F 246 -7.73 47.41 -41.50
N GLY F 247 -6.55 47.86 -41.08
CA GLY F 247 -5.42 46.96 -40.82
C GLY F 247 -5.42 46.42 -39.40
N GLU F 248 -5.70 47.29 -38.44
CA GLU F 248 -5.64 46.89 -37.05
C GLU F 248 -6.78 45.94 -36.70
N ASP F 249 -8.00 46.24 -37.16
CA ASP F 249 -9.18 45.38 -36.91
C ASP F 249 -10.17 45.35 -38.09
N PRO F 250 -10.06 44.35 -38.97
CA PRO F 250 -10.95 44.31 -40.14
C PRO F 250 -12.37 43.98 -39.77
N ASP F 251 -12.62 43.54 -38.54
CA ASP F 251 -13.94 43.13 -38.08
C ASP F 251 -14.50 44.09 -37.07
N HIS F 252 -14.09 45.35 -37.15
CA HIS F 252 -14.39 46.35 -36.14
C HIS F 252 -15.87 46.55 -35.87
N SER F 253 -16.67 46.67 -36.93
CA SER F 253 -18.11 46.93 -36.81
C SER F 253 -18.88 45.72 -36.32
N THR F 254 -18.42 44.54 -36.71
CA THR F 254 -19.03 43.30 -36.28
C THR F 254 -18.82 43.16 -34.77
N ARG F 255 -17.60 43.48 -34.32
CA ARG F 255 -17.24 43.35 -32.92
C ARG F 255 -18.04 44.36 -32.12
N ASP F 256 -18.03 45.59 -32.59
CA ASP F 256 -18.71 46.69 -31.95
C ASP F 256 -20.17 46.36 -31.67
N LEU F 257 -20.88 45.80 -32.65
CA LEU F 257 -22.30 45.43 -32.52
C LEU F 257 -22.52 44.25 -31.58
N TRP F 258 -21.67 43.23 -31.70
CA TRP F 258 -21.80 42.05 -30.87
C TRP F 258 -21.68 42.48 -29.44
N GLU F 259 -20.68 43.31 -29.17
CA GLU F 259 -20.27 43.67 -27.83
C GLU F 259 -21.25 44.60 -27.17
N ALA F 260 -21.76 45.56 -27.91
CA ALA F 260 -22.81 46.40 -27.37
C ALA F 260 -23.96 45.56 -26.91
N ILE F 261 -24.37 44.57 -27.71
CA ILE F 261 -25.52 43.76 -27.38
C ILE F 261 -25.24 42.86 -26.16
N GLU F 262 -24.01 42.35 -26.06
CA GLU F 262 -23.69 41.50 -24.93
C GLU F 262 -23.75 42.27 -23.63
N LYS F 263 -23.30 43.52 -23.64
CA LYS F 263 -23.38 44.38 -22.47
C LYS F 263 -24.81 44.76 -22.09
N GLY F 264 -25.72 44.77 -23.06
CA GLY F 264 -27.02 45.38 -22.82
C GLY F 264 -27.17 46.79 -23.38
N ASP F 265 -26.10 47.32 -23.97
CA ASP F 265 -26.18 48.65 -24.61
C ASP F 265 -26.90 48.61 -25.97
N TYR F 266 -28.17 48.22 -25.94
CA TYR F 266 -28.91 47.93 -27.14
C TYR F 266 -29.06 49.16 -28.01
N PRO F 267 -28.60 49.08 -29.28
CA PRO F 267 -28.81 50.19 -30.20
C PRO F 267 -30.28 50.19 -30.67
N SER F 268 -30.82 51.37 -30.94
CA SER F 268 -32.20 51.48 -31.43
C SER F 268 -32.42 52.54 -32.51
N TRP F 269 -33.51 52.39 -33.25
CA TRP F 269 -33.84 53.32 -34.33
C TRP F 269 -35.28 53.81 -34.24
N GLU F 270 -35.51 55.10 -34.56
CA GLU F 270 -36.87 55.61 -34.57
C GLU F 270 -37.36 55.62 -36.02
N CYS F 271 -38.61 55.27 -36.25
CA CYS F 271 -39.08 55.08 -37.60
C CYS F 271 -40.04 56.15 -38.05
N TYR F 272 -39.73 56.80 -39.18
CA TYR F 272 -40.57 57.83 -39.79
C TYR F 272 -40.92 57.52 -41.23
N ILE F 273 -42.04 58.07 -41.70
CA ILE F 273 -42.37 58.07 -43.13
C ILE F 273 -42.62 59.45 -43.69
N GLN F 274 -42.22 59.67 -44.93
CA GLN F 274 -42.69 60.80 -45.74
C GLN F 274 -43.77 60.28 -46.66
N THR F 275 -44.88 60.99 -46.81
CA THR F 275 -45.93 60.53 -47.72
C THR F 275 -46.22 61.60 -48.69
N MET F 276 -46.67 61.19 -49.87
CA MET F 276 -47.00 62.11 -50.94
C MET F 276 -48.14 61.49 -51.73
N THR F 277 -49.12 62.31 -52.15
CA THR F 277 -50.27 61.80 -52.91
C THR F 277 -49.89 61.76 -54.38
N LEU F 278 -50.68 61.03 -55.16
CA LEU F 278 -50.45 60.97 -56.59
C LEU F 278 -50.47 62.36 -57.20
N GLU F 279 -51.40 63.20 -56.71
CA GLU F 279 -51.55 64.54 -57.24
C GLU F 279 -50.38 65.42 -56.92
N GLN F 280 -49.82 65.33 -55.71
CA GLN F 280 -48.62 66.14 -55.38
C GLN F 280 -47.44 65.77 -56.29
N SER F 281 -47.39 64.51 -56.71
CA SER F 281 -46.25 63.97 -57.45
C SER F 281 -46.16 64.56 -58.83
N LYS F 282 -47.31 64.93 -59.37
CA LYS F 282 -47.42 65.54 -60.70
C LYS F 282 -46.82 66.95 -60.76
N LYS F 283 -46.68 67.61 -59.61
CA LYS F 283 -46.19 68.99 -59.59
C LYS F 283 -44.67 69.08 -59.37
N LEU F 284 -44.01 67.94 -59.17
CA LEU F 284 -42.60 67.95 -58.79
C LEU F 284 -41.69 68.08 -59.97
N PRO F 285 -40.56 68.78 -59.80
CA PRO F 285 -39.54 68.89 -60.85
C PRO F 285 -38.66 67.62 -61.03
N PHE F 286 -38.88 66.62 -60.17
CA PHE F 286 -38.24 65.33 -60.30
C PHE F 286 -39.29 64.22 -60.14
N SER F 287 -38.90 62.97 -60.36
CA SER F 287 -39.82 61.83 -60.29
C SER F 287 -39.71 61.10 -58.98
N VAL F 288 -40.82 60.60 -58.49
CA VAL F 288 -40.77 59.77 -57.30
C VAL F 288 -40.11 58.42 -57.57
N PHE F 289 -39.86 58.15 -58.84
CA PHE F 289 -39.34 56.86 -59.24
C PHE F 289 -37.85 56.95 -59.46
N ASP F 290 -37.27 58.09 -59.13
CA ASP F 290 -35.87 58.33 -59.39
C ASP F 290 -35.03 58.16 -58.13
N LEU F 291 -34.32 57.03 -58.07
CA LEU F 291 -33.53 56.66 -56.90
C LEU F 291 -32.38 57.61 -56.60
N THR F 292 -32.04 58.50 -57.53
CA THR F 292 -30.98 59.46 -57.26
C THR F 292 -31.47 60.74 -56.60
N LYS F 293 -32.74 60.74 -56.17
CA LYS F 293 -33.44 61.92 -55.66
C LYS F 293 -33.95 61.72 -54.25
N VAL F 294 -34.03 62.81 -53.49
CA VAL F 294 -34.66 62.84 -52.18
C VAL F 294 -35.85 63.80 -52.23
N TRP F 295 -36.79 63.60 -51.32
CA TRP F 295 -37.90 64.52 -51.11
C TRP F 295 -37.40 65.47 -50.02
N PRO F 296 -37.18 66.77 -50.37
CA PRO F 296 -36.83 67.80 -49.38
C PRO F 296 -37.74 67.81 -48.12
N HIS F 297 -37.11 67.93 -46.94
CA HIS F 297 -37.81 67.83 -45.65
C HIS F 297 -38.86 68.93 -45.47
N LYS F 298 -38.52 70.12 -45.97
CA LYS F 298 -39.39 71.27 -45.95
C LYS F 298 -40.77 70.88 -46.49
N ASP F 299 -40.82 70.25 -47.66
CA ASP F 299 -42.07 70.02 -48.43
C ASP F 299 -42.85 68.76 -48.04
N PHE F 300 -42.13 67.79 -47.48
CA PHE F 300 -42.70 66.53 -47.03
C PHE F 300 -42.12 66.09 -45.69
N PRO F 301 -42.76 66.49 -44.58
CA PRO F 301 -42.19 66.27 -43.26
C PRO F 301 -42.32 64.83 -42.81
N LEU F 302 -41.52 64.44 -41.81
CA LEU F 302 -41.53 63.08 -41.32
C LEU F 302 -42.63 62.87 -40.28
N ARG F 303 -43.30 61.74 -40.35
CA ARG F 303 -44.31 61.39 -39.40
C ARG F 303 -43.78 60.16 -38.69
N HIS F 304 -43.69 60.22 -37.37
CA HIS F 304 -43.22 59.12 -36.54
C HIS F 304 -44.25 57.98 -36.54
N PHE F 305 -43.81 56.72 -36.59
CA PHE F 305 -44.76 55.60 -36.54
C PHE F 305 -44.37 54.39 -35.67
N GLY F 306 -43.09 54.25 -35.32
CA GLY F 306 -42.66 53.07 -34.56
C GLY F 306 -41.20 53.15 -34.22
N ARG F 307 -40.71 52.14 -33.53
CA ARG F 307 -39.28 52.08 -33.22
C ARG F 307 -38.80 50.64 -33.21
N PHE F 308 -37.51 50.43 -33.41
CA PHE F 308 -36.95 49.10 -33.17
C PHE F 308 -35.64 49.11 -32.40
N THR F 309 -35.38 48.00 -31.73
CA THR F 309 -34.20 47.81 -30.92
C THR F 309 -33.62 46.46 -31.30
N LEU F 310 -32.30 46.39 -31.42
CA LEU F 310 -31.62 45.13 -31.63
C LEU F 310 -31.06 44.70 -30.30
N ASN F 311 -31.56 43.58 -29.79
CA ASN F 311 -31.22 43.14 -28.44
C ASN F 311 -30.76 41.71 -28.29
N GLU F 312 -30.46 41.01 -29.38
CA GLU F 312 -30.18 39.58 -29.27
C GLU F 312 -29.23 39.18 -30.34
N ASN F 313 -28.09 38.60 -29.95
CA ASN F 313 -27.14 38.04 -30.92
C ASN F 313 -27.60 36.66 -31.48
N PRO F 314 -27.15 36.32 -32.70
CA PRO F 314 -27.56 35.00 -33.21
C PRO F 314 -26.82 33.93 -32.43
N LYS F 315 -27.23 32.68 -32.57
CA LYS F 315 -26.60 31.62 -31.81
C LYS F 315 -25.51 30.97 -32.64
N ASN F 316 -25.69 30.91 -33.95
CA ASN F 316 -24.65 30.46 -34.87
C ASN F 316 -24.57 31.40 -36.05
N TYR F 317 -23.39 31.96 -36.28
CA TYR F 317 -23.32 33.01 -37.26
C TYR F 317 -23.66 32.52 -38.67
N TYR F 318 -23.03 31.45 -39.11
CA TYR F 318 -23.29 30.99 -40.46
C TYR F 318 -24.76 30.60 -40.63
N ALA F 319 -25.31 29.84 -39.72
CA ALA F 319 -26.69 29.34 -39.90
C ALA F 319 -27.68 30.44 -40.07
N GLU F 320 -27.39 31.59 -39.48
CA GLU F 320 -28.40 32.64 -39.41
C GLU F 320 -27.95 33.86 -40.13
N THR F 321 -26.91 34.52 -39.63
CA THR F 321 -26.46 35.69 -40.33
C THR F 321 -26.07 35.37 -41.78
N GLU F 322 -25.36 34.28 -42.03
CA GLU F 322 -24.86 34.09 -43.37
C GLU F 322 -25.94 33.62 -44.31
N GLN F 323 -26.80 32.72 -43.83
CA GLN F 323 -27.79 32.09 -44.68
C GLN F 323 -29.07 32.91 -44.82
N ILE F 324 -29.23 34.01 -44.09
CA ILE F 324 -30.52 34.67 -44.15
C ILE F 324 -30.68 35.31 -45.50
N ALA F 325 -31.89 35.29 -46.03
CA ALA F 325 -32.14 35.84 -47.36
C ALA F 325 -33.23 36.92 -47.34
N PHE F 326 -32.93 38.11 -47.84
CA PHE F 326 -33.93 39.17 -47.90
C PHE F 326 -34.35 39.41 -49.34
N SER F 327 -35.56 39.88 -49.53
CA SER F 327 -35.90 40.37 -50.84
C SER F 327 -36.96 41.46 -50.70
N PRO F 328 -36.81 42.55 -51.49
CA PRO F 328 -37.82 43.60 -51.54
C PRO F 328 -39.18 43.11 -52.07
N SER F 329 -39.20 42.01 -52.79
CA SER F 329 -40.47 41.39 -53.19
C SER F 329 -41.19 40.59 -52.09
N HIS F 330 -40.49 40.28 -51.00
CA HIS F 330 -41.14 39.76 -49.79
C HIS F 330 -41.86 40.90 -49.07
N THR F 331 -43.14 41.07 -49.36
CA THR F 331 -43.88 42.14 -48.69
C THR F 331 -45.15 41.61 -48.02
N VAL F 332 -45.97 42.49 -47.47
CA VAL F 332 -47.25 42.08 -46.86
C VAL F 332 -48.40 42.92 -47.38
N PRO F 333 -49.66 42.46 -47.16
CA PRO F 333 -50.77 43.28 -47.63
C PRO F 333 -50.72 44.67 -46.98
N GLY F 334 -50.86 45.71 -47.80
CA GLY F 334 -50.74 47.06 -47.27
C GLY F 334 -49.52 47.75 -47.80
N MET F 335 -48.54 46.99 -48.29
CA MET F 335 -47.33 47.57 -48.84
C MET F 335 -46.99 46.91 -50.17
N GLU F 336 -46.90 47.72 -51.22
CA GLU F 336 -46.51 47.28 -52.56
C GLU F 336 -45.33 48.12 -53.06
N PRO F 337 -44.57 47.60 -54.04
CA PRO F 337 -43.45 48.36 -54.62
C PRO F 337 -43.95 49.41 -55.59
N SER F 338 -43.16 50.46 -55.82
CA SER F 338 -43.51 51.46 -56.80
C SER F 338 -42.91 51.10 -58.15
N ASN F 339 -43.00 52.02 -59.11
CA ASN F 339 -42.54 51.79 -60.47
C ASN F 339 -41.10 52.22 -60.66
N ASP F 340 -40.47 52.65 -59.58
CA ASP F 340 -39.02 52.85 -59.57
C ASP F 340 -38.30 51.68 -60.26
N PRO F 341 -37.69 51.93 -61.43
CA PRO F 341 -37.17 50.81 -62.24
C PRO F 341 -36.08 49.98 -61.55
N VAL F 342 -35.25 50.62 -60.73
CA VAL F 342 -34.27 49.88 -59.95
C VAL F 342 -34.96 48.90 -58.98
N LEU F 343 -35.90 49.41 -58.19
CA LEU F 343 -36.65 48.55 -57.29
C LEU F 343 -37.34 47.43 -58.02
N GLN F 344 -37.97 47.74 -59.16
CA GLN F 344 -38.72 46.76 -59.95
C GLN F 344 -37.81 45.57 -60.25
N SER F 345 -36.58 45.85 -60.68
CA SER F 345 -35.65 44.82 -61.07
C SER F 345 -35.14 44.07 -59.82
N ARG F 346 -35.01 44.77 -58.71
CA ARG F 346 -34.66 44.09 -57.46
C ARG F 346 -35.64 42.97 -57.09
N LEU F 347 -36.93 43.18 -57.40
CA LEU F 347 -37.99 42.24 -57.07
C LEU F 347 -37.71 40.88 -57.65
N PHE F 348 -37.03 40.87 -58.79
CA PHE F 348 -36.67 39.61 -59.43
C PHE F 348 -35.29 39.09 -59.02
N SER F 349 -34.27 39.95 -58.97
CA SER F 349 -32.91 39.53 -58.59
C SER F 349 -32.77 38.74 -57.29
N TYR F 350 -33.36 39.26 -56.20
CA TYR F 350 -33.00 38.75 -54.90
C TYR F 350 -33.44 37.30 -54.73
N PRO F 351 -34.71 36.94 -55.02
CA PRO F 351 -35.03 35.53 -54.93
C PRO F 351 -34.22 34.75 -55.96
N ASP F 352 -33.99 35.29 -57.17
CA ASP F 352 -33.17 34.57 -58.16
C ASP F 352 -31.81 34.20 -57.56
N THR F 353 -31.14 35.16 -56.94
CA THR F 353 -29.81 34.93 -56.44
C THR F 353 -29.89 33.92 -55.29
N HIS F 354 -30.97 34.02 -54.49
CA HIS F 354 -31.12 33.13 -53.33
C HIS F 354 -31.07 31.69 -53.82
N ARG F 355 -31.80 31.43 -54.90
CA ARG F 355 -31.87 30.09 -55.43
C ARG F 355 -30.46 29.58 -55.79
N HIS F 356 -29.54 30.49 -56.06
CA HIS F 356 -28.21 30.06 -56.39
C HIS F 356 -27.29 30.02 -55.18
N ARG F 357 -27.30 31.09 -54.38
CA ARG F 357 -26.47 31.15 -53.18
C ARG F 357 -26.78 30.06 -52.17
N LEU F 358 -28.07 29.83 -51.91
CA LEU F 358 -28.51 28.99 -50.82
C LEU F 358 -29.14 27.75 -51.37
N GLY F 359 -30.06 27.88 -52.30
CA GLY F 359 -30.63 26.72 -52.96
C GLY F 359 -32.10 26.86 -53.23
N PRO F 360 -32.64 26.02 -54.14
CA PRO F 360 -34.09 26.10 -54.49
C PRO F 360 -35.01 26.24 -53.29
N ASN F 361 -34.77 25.53 -52.20
CA ASN F 361 -35.68 25.55 -51.09
C ASN F 361 -35.18 26.31 -49.88
N TYR F 362 -34.50 27.42 -50.11
CA TYR F 362 -33.85 28.16 -49.04
C TYR F 362 -34.82 28.73 -47.99
N HIS F 363 -36.09 28.91 -48.37
CA HIS F 363 -37.07 29.45 -47.44
C HIS F 363 -37.38 28.46 -46.31
N GLN F 364 -36.88 27.24 -46.45
CA GLN F 364 -37.03 26.25 -45.38
C GLN F 364 -35.91 26.33 -44.34
N ILE F 365 -34.84 27.07 -44.63
CA ILE F 365 -33.81 27.35 -43.61
C ILE F 365 -34.44 28.16 -42.46
N PRO F 366 -34.32 27.67 -41.22
CA PRO F 366 -34.99 28.37 -40.10
C PRO F 366 -35.06 29.93 -40.12
N VAL F 367 -33.96 30.69 -40.18
CA VAL F 367 -34.11 32.19 -40.23
C VAL F 367 -35.01 32.68 -41.35
N ASN F 368 -35.15 31.88 -42.42
CA ASN F 368 -35.90 32.36 -43.57
C ASN F 368 -37.35 32.01 -43.52
N CYS F 369 -37.72 31.13 -42.59
CA CYS F 369 -39.10 30.68 -42.45
C CYS F 369 -40.05 31.80 -42.11
N PRO F 370 -41.31 31.64 -42.49
CA PRO F 370 -42.29 32.58 -41.96
C PRO F 370 -42.68 32.07 -40.56
N LEU F 371 -41.94 32.45 -39.53
CA LEU F 371 -42.17 31.92 -38.18
C LEU F 371 -43.49 32.37 -37.56
N LYS F 372 -43.88 33.63 -37.75
CA LYS F 372 -45.09 34.10 -37.07
C LYS F 372 -46.38 33.60 -37.75
N SER F 373 -46.47 33.68 -39.08
CA SER F 373 -47.55 33.04 -39.80
C SER F 373 -46.94 31.79 -40.35
N GLY F 374 -47.68 30.70 -40.49
CA GLY F 374 -47.08 29.55 -41.20
C GLY F 374 -47.02 29.82 -42.69
N SER F 375 -46.95 28.76 -43.47
CA SER F 375 -47.31 28.89 -44.87
C SER F 375 -48.21 27.72 -45.23
N PHE F 376 -48.91 27.85 -46.34
CA PHE F 376 -49.58 26.74 -46.94
C PHE F 376 -49.59 27.02 -48.42
N ASN F 377 -48.66 26.39 -49.14
CA ASN F 377 -48.53 26.63 -50.58
C ASN F 377 -48.43 25.33 -51.30
N PRO F 378 -49.55 24.60 -51.38
CA PRO F 378 -49.56 23.21 -51.89
C PRO F 378 -49.12 23.02 -53.37
N ILE F 379 -48.99 24.09 -54.16
CA ILE F 379 -48.47 24.00 -55.52
C ILE F 379 -46.96 23.93 -55.55
N ASN F 380 -46.28 24.50 -54.55
CA ASN F 380 -44.84 24.42 -54.55
C ASN F 380 -44.40 23.17 -53.79
N ARG F 381 -43.94 22.15 -54.53
CA ARG F 381 -43.49 20.86 -53.91
C ARG F 381 -42.12 20.32 -54.39
N ASP F 382 -41.59 19.36 -53.65
CA ASP F 382 -40.31 18.70 -54.01
C ASP F 382 -39.11 19.67 -54.09
N GLY F 383 -38.21 19.43 -55.05
CA GLY F 383 -36.97 20.21 -55.15
C GLY F 383 -35.90 19.72 -54.18
N PRO F 384 -34.66 20.13 -54.39
CA PRO F 384 -33.59 19.66 -53.53
C PRO F 384 -33.77 20.02 -52.07
N MET F 385 -33.26 19.14 -51.19
CA MET F 385 -33.17 19.37 -49.74
C MET F 385 -34.47 19.83 -49.19
N CYS F 386 -35.52 19.12 -49.56
CA CYS F 386 -36.85 19.39 -49.04
C CYS F 386 -36.97 18.79 -47.65
N VAL F 387 -36.87 19.62 -46.62
CA VAL F 387 -36.87 19.15 -45.25
C VAL F 387 -38.10 19.50 -44.42
N ASP F 388 -39.06 20.22 -44.99
CA ASP F 388 -40.26 20.63 -44.21
C ASP F 388 -41.45 19.67 -44.26
N GLY F 389 -41.25 18.46 -44.77
CA GLY F 389 -42.33 17.48 -44.84
C GLY F 389 -43.13 17.51 -46.14
N ASN F 390 -42.91 18.54 -46.97
CA ASN F 390 -43.49 18.58 -48.33
C ASN F 390 -45.01 18.46 -48.33
N LEU F 391 -45.62 18.81 -47.19
CA LEU F 391 -47.07 18.77 -46.96
C LEU F 391 -47.68 17.36 -47.00
N GLY F 392 -46.88 16.32 -46.75
CA GLY F 392 -47.40 14.95 -46.74
C GLY F 392 -48.24 14.75 -47.99
N GLY F 393 -49.42 14.14 -47.84
CA GLY F 393 -50.33 13.86 -48.98
C GLY F 393 -51.30 14.93 -49.49
N THR F 394 -51.19 16.15 -49.02
CA THR F 394 -52.08 17.21 -49.47
C THR F 394 -51.91 17.38 -50.97
N PRO F 395 -53.01 17.40 -51.71
CA PRO F 395 -53.07 17.57 -53.17
C PRO F 395 -52.30 18.79 -53.66
N ASN F 396 -51.72 18.69 -54.86
CA ASN F 396 -50.81 19.72 -55.34
C ASN F 396 -51.37 20.60 -56.44
N TYR F 397 -52.69 20.81 -56.41
CA TYR F 397 -53.37 21.75 -57.34
C TYR F 397 -54.54 22.40 -56.64
N ALA F 398 -54.86 23.62 -57.06
CA ALA F 398 -55.97 24.37 -56.47
C ALA F 398 -57.36 23.80 -56.87
N ASN F 399 -58.29 23.86 -55.91
CA ASN F 399 -59.67 23.35 -56.04
C ASN F 399 -59.70 21.85 -56.32
N ALA F 400 -58.86 21.14 -55.58
CA ALA F 400 -58.96 19.68 -55.59
C ALA F 400 -60.26 19.36 -54.91
N TYR F 401 -60.92 18.33 -55.42
CA TYR F 401 -62.20 17.96 -54.86
C TYR F 401 -62.07 17.53 -53.40
N ASN F 402 -60.89 17.10 -52.97
CA ASN F 402 -60.70 16.56 -51.60
C ASN F 402 -59.77 17.35 -50.65
N CYS F 403 -59.82 18.67 -50.72
CA CYS F 403 -59.00 19.52 -49.84
C CYS F 403 -59.47 20.98 -49.91
N PRO F 404 -60.39 21.37 -48.98
CA PRO F 404 -60.94 22.73 -49.11
C PRO F 404 -59.95 23.77 -48.57
N ILE F 405 -59.86 24.91 -49.29
CA ILE F 405 -58.87 25.97 -49.01
C ILE F 405 -59.43 27.43 -49.00
N GLN F 406 -59.17 28.16 -47.90
CA GLN F 406 -59.49 29.60 -47.75
C GLN F 406 -58.48 30.58 -48.43
N TYR F 407 -59.02 31.56 -49.18
CA TYR F 407 -58.26 32.63 -49.86
C TYR F 407 -58.64 34.02 -49.29
N ALA F 408 -57.64 34.89 -49.07
CA ALA F 408 -57.86 36.31 -48.65
C ALA F 408 -58.89 37.10 -49.49
N VAL F 409 -59.78 37.85 -48.82
CA VAL F 409 -60.88 38.58 -49.48
C VAL F 409 -60.48 39.90 -50.19
N ASN F 416 -61.29 49.43 -53.21
CA ASN F 416 -60.94 49.60 -54.63
C ASN F 416 -61.22 51.02 -55.17
N LYS F 417 -60.17 51.85 -55.21
CA LYS F 417 -60.28 53.27 -55.64
C LYS F 417 -59.29 53.62 -56.79
N PRO F 418 -59.24 54.90 -57.27
CA PRO F 418 -58.36 55.20 -58.44
C PRO F 418 -56.85 54.87 -58.27
N ASP F 419 -56.36 53.89 -59.05
CA ASP F 419 -54.92 53.58 -59.04
C ASP F 419 -54.21 54.34 -60.18
N GLU F 420 -52.95 53.97 -60.48
CA GLU F 420 -52.16 54.61 -61.52
C GLU F 420 -52.65 54.12 -62.87
N LYS F 421 -52.61 55.00 -63.88
CA LYS F 421 -53.03 54.64 -65.24
C LYS F 421 -51.93 54.75 -66.27
N TYR F 422 -51.96 53.84 -67.24
CA TYR F 422 -50.94 53.73 -68.28
C TYR F 422 -51.51 53.96 -69.68
N THR F 423 -50.67 54.50 -70.58
CA THR F 423 -51.00 54.77 -71.98
C THR F 423 -49.74 54.68 -72.80
N GLY F 424 -49.84 54.07 -73.97
CA GLY F 424 -48.74 54.07 -74.94
C GLY F 424 -48.34 52.70 -75.40
N GLU F 425 -47.26 52.66 -76.17
CA GLU F 425 -46.68 51.38 -76.62
C GLU F 425 -45.57 50.93 -75.66
N VAL F 426 -45.21 49.63 -75.74
CA VAL F 426 -44.06 49.11 -75.04
C VAL F 426 -42.91 49.93 -75.54
N VAL F 427 -42.16 50.53 -74.64
CA VAL F 427 -41.11 51.46 -75.04
C VAL F 427 -39.80 51.10 -74.34
N PRO F 428 -38.67 51.16 -75.07
CA PRO F 428 -37.34 50.98 -74.44
C PRO F 428 -36.80 52.31 -73.93
N TYR F 429 -36.34 52.33 -72.70
CA TYR F 429 -35.90 53.59 -72.14
C TYR F 429 -34.63 53.51 -71.31
N HIS F 430 -33.80 54.52 -71.50
CA HIS F 430 -32.65 54.76 -70.68
C HIS F 430 -32.79 56.22 -70.23
N TRP F 431 -33.02 56.42 -68.93
CA TRP F 431 -33.24 57.76 -68.33
C TRP F 431 -32.32 58.85 -68.91
N GLU F 432 -32.92 59.92 -69.43
CA GLU F 432 -32.12 60.92 -70.12
C GLU F 432 -31.90 62.12 -69.23
N HIS F 433 -30.68 62.61 -69.22
CA HIS F 433 -30.27 63.66 -68.32
C HIS F 433 -31.01 64.96 -68.59
N THR F 434 -31.45 65.63 -67.53
CA THR F 434 -31.98 66.99 -67.61
C THR F 434 -31.23 67.88 -66.62
N ASP F 435 -31.43 69.20 -66.72
CA ASP F 435 -30.64 70.16 -65.92
C ASP F 435 -30.85 69.99 -64.42
N TYR F 436 -32.07 69.59 -64.03
CA TYR F 436 -32.41 69.42 -62.61
C TYR F 436 -31.51 68.37 -61.89
N ASP F 437 -31.05 67.36 -62.61
CA ASP F 437 -30.22 66.29 -62.06
C ASP F 437 -28.95 66.81 -61.36
N TYR F 438 -28.46 67.98 -61.76
CA TYR F 438 -27.29 68.59 -61.13
C TYR F 438 -27.65 69.40 -59.89
N PHE F 439 -28.93 69.71 -59.74
CA PHE F 439 -29.38 70.63 -58.70
C PHE F 439 -29.17 70.05 -57.30
N GLN F 440 -29.53 68.80 -57.14
CA GLN F 440 -29.54 68.23 -55.82
C GLN F 440 -28.11 67.93 -55.27
N PRO F 441 -27.18 67.46 -56.12
CA PRO F 441 -25.79 67.46 -55.74
C PRO F 441 -25.35 68.85 -55.33
N LYS F 442 -25.80 69.85 -56.07
CA LYS F 442 -25.46 71.22 -55.72
C LYS F 442 -25.81 71.47 -54.25
N MET F 443 -27.06 71.19 -53.89
CA MET F 443 -27.51 71.47 -52.54
C MET F 443 -26.69 70.70 -51.51
N PHE F 444 -26.30 69.47 -51.83
CA PHE F 444 -25.57 68.66 -50.87
C PHE F 444 -24.22 69.32 -50.60
N TRP F 445 -23.63 69.95 -51.63
CA TRP F 445 -22.40 70.73 -51.41
C TRP F 445 -22.62 71.85 -50.39
N LYS F 446 -23.82 72.46 -50.40
CA LYS F 446 -24.18 73.54 -49.46
C LYS F 446 -24.42 73.02 -48.05
N VAL F 447 -24.95 71.80 -47.95
CA VAL F 447 -25.24 71.20 -46.65
C VAL F 447 -23.96 70.78 -45.93
N LEU F 448 -23.01 70.17 -46.64
CA LEU F 448 -21.66 70.04 -46.10
C LEU F 448 -21.17 71.48 -46.00
N GLY F 449 -20.23 71.76 -45.12
CA GLY F 449 -19.76 73.16 -45.01
C GLY F 449 -20.77 74.09 -44.32
N ARG F 450 -21.86 73.51 -43.86
CA ARG F 450 -22.54 74.01 -42.66
C ARG F 450 -21.85 73.33 -41.49
N THR F 451 -20.93 72.43 -41.81
CA THR F 451 -20.00 71.87 -40.86
C THR F 451 -18.58 72.11 -41.38
N PRO F 452 -17.70 72.64 -40.50
CA PRO F 452 -16.28 72.78 -40.77
C PRO F 452 -15.60 71.43 -41.03
N GLY F 453 -14.74 71.38 -42.05
CA GLY F 453 -13.99 70.16 -42.35
C GLY F 453 -14.66 69.22 -43.34
N GLU F 454 -15.98 69.33 -43.47
CA GLU F 454 -16.75 68.39 -44.25
C GLU F 454 -16.49 68.52 -45.73
N GLN F 455 -16.50 69.76 -46.22
CA GLN F 455 -16.15 70.02 -47.61
C GLN F 455 -14.70 69.69 -47.95
N GLU F 456 -13.79 69.99 -47.04
CA GLU F 456 -12.36 69.73 -47.31
C GLU F 456 -12.05 68.26 -47.22
N SER F 457 -12.86 67.53 -46.46
CA SER F 457 -12.71 66.08 -46.37
C SER F 457 -13.10 65.44 -47.69
N LEU F 458 -14.23 65.90 -48.25
CA LEU F 458 -14.72 65.37 -49.50
C LEU F 458 -13.60 65.46 -50.50
N VAL F 459 -13.03 66.65 -50.59
CA VAL F 459 -11.93 66.92 -51.51
C VAL F 459 -10.75 66.01 -51.26
N LYS F 460 -10.33 65.93 -49.99
CA LYS F 460 -9.18 65.13 -49.57
C LYS F 460 -9.40 63.68 -50.03
N ASN F 461 -10.58 63.16 -49.67
CA ASN F 461 -10.95 61.79 -49.98
C ASN F 461 -10.98 61.46 -51.46
N VAL F 462 -11.64 62.32 -52.24
CA VAL F 462 -11.70 62.13 -53.69
C VAL F 462 -10.30 62.28 -54.27
N ALA F 463 -9.43 63.02 -53.59
CA ALA F 463 -8.12 63.30 -54.13
C ALA F 463 -7.20 62.11 -53.97
N ASN F 464 -7.11 61.59 -52.75
CA ASN F 464 -6.28 60.42 -52.49
C ASN F 464 -6.62 59.22 -53.38
N HIS F 465 -7.92 58.95 -53.53
CA HIS F 465 -8.38 57.86 -54.37
C HIS F 465 -7.98 58.06 -55.84
N VAL F 466 -8.25 59.25 -56.37
CA VAL F 466 -8.04 59.52 -57.79
C VAL F 466 -6.57 59.70 -58.22
N SER F 467 -5.66 59.94 -57.27
CA SER F 467 -4.21 60.15 -57.57
C SER F 467 -3.50 58.97 -58.23
N ALA F 468 -4.04 57.76 -58.05
CA ALA F 468 -3.51 56.57 -58.68
C ALA F 468 -4.06 56.32 -60.09
N ALA F 469 -5.05 57.09 -60.50
CA ALA F 469 -5.60 56.94 -61.84
C ALA F 469 -4.71 57.67 -62.85
N ASP F 470 -4.78 57.27 -64.12
CA ASP F 470 -4.10 57.99 -65.20
C ASP F 470 -4.54 59.47 -65.31
N GLU F 471 -3.71 60.32 -65.90
CA GLU F 471 -4.05 61.75 -66.02
C GLU F 471 -5.39 61.99 -66.70
N PHE F 472 -5.60 61.38 -67.87
CA PHE F 472 -6.73 61.73 -68.73
C PHE F 472 -8.02 61.43 -68.02
N ILE F 473 -7.93 60.54 -67.06
CA ILE F 473 -9.09 60.12 -66.31
C ILE F 473 -9.29 60.95 -65.04
N GLN F 474 -8.19 61.34 -64.40
CA GLN F 474 -8.20 62.40 -63.39
C GLN F 474 -8.94 63.63 -63.93
N ASP F 475 -8.68 63.95 -65.19
CA ASP F 475 -9.26 65.15 -65.80
C ASP F 475 -10.77 65.08 -65.89
N ARG F 476 -11.32 63.93 -66.28
CA ARG F 476 -12.77 63.78 -66.38
C ARG F 476 -13.39 63.85 -65.00
N VAL F 477 -12.64 63.44 -63.98
CA VAL F 477 -13.17 63.46 -62.63
C VAL F 477 -13.33 64.88 -62.11
N TYR F 478 -12.41 65.76 -62.48
CA TYR F 478 -12.57 67.17 -62.13
C TYR F 478 -13.82 67.74 -62.80
N GLU F 479 -13.91 67.61 -64.13
CA GLU F 479 -15.12 67.99 -64.87
C GLU F 479 -16.37 67.53 -64.17
N TYR F 480 -16.34 66.28 -63.68
CA TYR F 480 -17.49 65.58 -63.09
C TYR F 480 -17.99 66.25 -61.82
N PHE F 481 -17.11 66.40 -60.84
CA PHE F 481 -17.51 67.07 -59.63
C PHE F 481 -17.89 68.52 -59.87
N SER F 482 -17.22 69.17 -60.83
CA SER F 482 -17.52 70.56 -61.18
C SER F 482 -18.91 70.76 -61.81
N LYS F 483 -19.59 69.67 -62.20
CA LYS F 483 -20.98 69.73 -62.65
C LYS F 483 -21.92 70.00 -61.49
N ALA F 484 -21.42 69.80 -60.26
CA ALA F 484 -22.21 70.17 -59.09
C ALA F 484 -21.91 71.61 -58.65
N GLU F 485 -20.62 71.92 -58.51
CA GLU F 485 -20.13 73.25 -58.17
C GLU F 485 -18.72 73.40 -58.71
N PRO F 486 -18.53 74.40 -59.56
CA PRO F 486 -17.24 74.54 -60.26
C PRO F 486 -15.99 74.57 -59.37
N ILE F 487 -16.12 75.01 -58.12
CA ILE F 487 -14.98 75.04 -57.20
C ILE F 487 -14.38 73.64 -56.91
N ILE F 488 -15.25 72.64 -56.78
CA ILE F 488 -14.87 71.28 -56.34
C ILE F 488 -13.88 70.61 -57.28
N GLY F 489 -14.16 70.64 -58.59
CA GLY F 489 -13.24 70.14 -59.61
C GLY F 489 -11.89 70.83 -59.46
N ASP F 490 -11.92 72.13 -59.19
CA ASP F 490 -10.70 72.92 -59.03
C ASP F 490 -9.98 72.58 -57.71
N LEU F 491 -10.76 72.42 -56.66
CA LEU F 491 -10.24 72.06 -55.36
C LEU F 491 -9.56 70.70 -55.39
N ILE F 492 -10.22 69.73 -56.01
CA ILE F 492 -9.64 68.41 -56.18
C ILE F 492 -8.36 68.47 -57.01
N ARG F 493 -8.36 69.18 -58.15
CA ARG F 493 -7.15 69.28 -58.99
C ARG F 493 -6.02 69.93 -58.21
N LYS F 494 -6.37 70.85 -57.32
CA LYS F 494 -5.37 71.46 -56.48
C LYS F 494 -4.80 70.47 -55.46
N LYS F 495 -5.66 69.71 -54.78
CA LYS F 495 -5.15 68.75 -53.82
C LYS F 495 -4.64 67.44 -54.45
N VAL F 496 -4.86 67.26 -55.76
CA VAL F 496 -4.22 66.15 -56.48
C VAL F 496 -2.74 66.46 -56.65
N GLN F 497 -2.43 67.67 -57.12
CA GLN F 497 -1.06 68.04 -57.43
C GLN F 497 -0.19 68.29 -56.21
N GLU F 498 -0.80 68.65 -55.07
CA GLU F 498 -0.07 68.67 -53.82
C GLU F 498 0.39 67.26 -53.45
N LEU F 499 -0.39 66.25 -53.82
CA LEU F 499 -0.02 64.84 -53.63
C LEU F 499 1.05 64.35 -54.64
N LYS F 500 0.97 64.82 -55.89
CA LYS F 500 2.01 64.50 -56.89
C LYS F 500 3.35 65.09 -56.46
N ARG F 501 3.32 66.32 -55.94
CA ARG F 501 4.52 67.05 -55.52
C ARG F 501 5.37 66.28 -54.51
N LYS F 502 4.72 65.55 -53.60
CA LYS F 502 5.44 64.74 -52.60
C LYS F 502 6.02 63.43 -53.19
N ALA F 503 6.82 63.55 -54.25
CA ALA F 503 7.45 62.38 -54.91
N PRO G 6 -13.66 45.63 -84.77
CA PRO G 6 -14.77 45.82 -83.80
C PRO G 6 -15.61 44.54 -83.58
N PRO G 7 -16.01 44.26 -82.30
CA PRO G 7 -16.96 43.16 -82.09
C PRO G 7 -18.41 43.68 -82.04
N VAL G 8 -19.36 42.77 -82.22
CA VAL G 8 -20.78 43.13 -82.12
C VAL G 8 -21.34 42.64 -80.78
N PHE G 9 -21.87 43.56 -79.96
CA PHE G 9 -22.46 43.26 -78.64
C PHE G 9 -23.69 42.33 -78.76
N THR G 10 -23.69 41.20 -78.07
CA THR G 10 -24.81 40.25 -78.18
C THR G 10 -25.36 39.79 -76.81
N THR G 11 -26.41 38.96 -76.85
CA THR G 11 -26.88 38.26 -75.67
C THR G 11 -26.05 37.00 -75.54
N SER G 12 -26.24 36.25 -74.46
CA SER G 12 -25.57 34.96 -74.27
C SER G 12 -25.79 34.00 -75.46
N GLN G 13 -26.95 34.12 -76.10
CA GLN G 13 -27.30 33.30 -77.26
C GLN G 13 -26.88 33.85 -78.67
N GLY G 14 -26.14 34.97 -78.70
CA GLY G 14 -25.59 35.51 -79.94
C GLY G 14 -26.45 36.55 -80.67
N CYS G 15 -27.64 36.84 -80.13
CA CYS G 15 -28.54 37.83 -80.74
C CYS G 15 -27.98 39.22 -80.51
N PRO G 16 -27.90 40.05 -81.56
CA PRO G 16 -27.26 41.36 -81.42
C PRO G 16 -28.10 42.31 -80.59
N VAL G 17 -27.46 43.24 -79.90
CA VAL G 17 -28.14 44.14 -78.98
C VAL G 17 -27.84 45.57 -79.41
N SER G 18 -28.85 46.43 -79.41
CA SER G 18 -28.67 47.80 -79.92
C SER G 18 -28.20 48.81 -78.87
N ASP G 19 -28.77 48.68 -77.67
CA ASP G 19 -28.41 49.57 -76.58
C ASP G 19 -28.13 48.73 -75.32
N PRO G 20 -26.95 48.92 -74.69
CA PRO G 20 -26.63 48.14 -73.50
C PRO G 20 -27.46 48.50 -72.24
N PHE G 21 -28.12 49.65 -72.24
CA PHE G 21 -28.67 50.27 -71.05
C PHE G 21 -30.20 50.43 -71.00
N THR G 22 -30.89 50.09 -72.08
CA THR G 22 -32.33 50.32 -72.09
C THR G 22 -33.10 49.14 -71.52
N THR G 23 -34.25 49.40 -70.91
CA THR G 23 -35.19 48.36 -70.50
C THR G 23 -36.59 48.71 -70.94
N GLN G 24 -37.39 47.69 -71.25
CA GLN G 24 -38.75 47.86 -71.73
C GLN G 24 -39.74 48.21 -70.63
N ARG G 25 -40.55 49.23 -70.88
CA ARG G 25 -41.70 49.49 -70.01
C ARG G 25 -42.88 49.98 -70.83
N ILE G 26 -44.08 49.87 -70.25
CA ILE G 26 -45.25 50.55 -70.77
C ILE G 26 -45.41 51.73 -69.85
N PRO G 27 -45.39 52.98 -70.40
CA PRO G 27 -45.28 54.18 -69.57
C PRO G 27 -46.58 54.61 -68.92
N LEU G 28 -46.44 55.40 -67.84
CA LEU G 28 -47.55 56.01 -67.17
C LEU G 28 -48.07 57.16 -68.00
N ASP G 29 -49.38 57.39 -67.91
CA ASP G 29 -50.02 58.54 -68.52
C ASP G 29 -49.31 59.78 -68.04
N SER G 30 -48.97 60.65 -68.98
CA SER G 30 -48.17 61.82 -68.69
C SER G 30 -48.96 63.12 -68.55
N THR G 31 -50.29 63.06 -68.71
CA THR G 31 -51.08 64.27 -68.57
C THR G 31 -51.14 64.75 -67.12
N GLY G 32 -50.71 65.98 -66.89
CA GLY G 32 -50.72 66.56 -65.55
C GLY G 32 -49.34 66.74 -64.93
N TYR G 33 -48.32 66.08 -65.51
CA TYR G 33 -46.96 66.06 -64.95
C TYR G 33 -46.11 67.22 -65.48
N LYS G 34 -45.47 67.95 -64.57
CA LYS G 34 -44.48 68.95 -64.94
C LYS G 34 -43.26 68.27 -65.58
N TYR G 35 -42.93 67.05 -65.12
CA TYR G 35 -41.78 66.29 -65.56
C TYR G 35 -42.23 64.86 -65.77
N ALA G 36 -42.15 64.40 -67.03
CA ALA G 36 -42.79 63.14 -67.42
C ALA G 36 -41.89 62.20 -68.23
N PRO G 37 -40.95 61.51 -67.55
CA PRO G 37 -40.18 60.49 -68.24
C PRO G 37 -41.05 59.24 -68.36
N PRO G 38 -40.80 58.40 -69.37
CA PRO G 38 -41.67 57.23 -69.58
C PRO G 38 -41.39 56.06 -68.62
N ILE G 39 -42.01 56.08 -67.45
CA ILE G 39 -41.74 55.06 -66.44
C ILE G 39 -42.96 54.18 -66.22
N GLY G 40 -42.69 52.89 -65.99
CA GLY G 40 -43.76 51.93 -65.72
C GLY G 40 -43.11 50.62 -65.34
N PRO G 41 -43.93 49.60 -65.03
CA PRO G 41 -43.46 48.29 -64.56
C PRO G 41 -42.65 47.57 -65.62
N LEU G 42 -41.57 46.91 -65.18
CA LEU G 42 -40.68 46.17 -66.04
C LEU G 42 -41.34 44.86 -66.45
N LEU G 43 -41.01 44.38 -67.63
CA LEU G 43 -41.72 43.24 -68.29
C LEU G 43 -40.94 41.93 -68.31
N LEU G 44 -41.66 40.82 -68.09
CA LEU G 44 -41.07 39.50 -68.20
C LEU G 44 -40.43 39.21 -69.52
N GLN G 45 -40.90 39.83 -70.59
CA GLN G 45 -40.39 39.57 -71.92
C GLN G 45 -39.06 40.23 -72.22
N ASP G 46 -38.62 41.12 -71.34
CA ASP G 46 -37.38 41.84 -71.57
C ASP G 46 -36.16 40.91 -71.37
N PHE G 47 -35.89 40.09 -72.38
CA PHE G 47 -34.82 39.11 -72.29
C PHE G 47 -33.47 39.71 -71.90
N LYS G 48 -33.08 40.81 -72.53
CA LYS G 48 -31.79 41.38 -72.27
C LYS G 48 -31.62 41.66 -70.78
N LEU G 49 -32.71 42.09 -70.16
CA LEU G 49 -32.71 42.37 -68.74
C LEU G 49 -32.53 41.09 -67.95
N ILE G 50 -33.42 40.12 -68.11
CA ILE G 50 -33.37 38.92 -67.30
C ILE G 50 -32.09 38.11 -67.54
N ASP G 51 -31.61 38.13 -68.78
CA ASP G 51 -30.43 37.37 -69.12
C ASP G 51 -29.23 38.01 -68.49
N THR G 52 -29.17 39.33 -68.41
CA THR G 52 -27.93 39.83 -67.80
C THR G 52 -28.01 39.85 -66.27
N LEU G 53 -29.20 40.09 -65.70
CA LEU G 53 -29.40 40.04 -64.23
C LEU G 53 -29.24 38.65 -63.64
N SER G 54 -29.85 37.65 -64.26
CA SER G 54 -29.71 36.30 -63.73
C SER G 54 -28.31 35.73 -63.88
N HIS G 55 -27.52 36.19 -64.85
CA HIS G 55 -26.14 35.80 -64.85
C HIS G 55 -25.40 36.49 -63.73
N PHE G 56 -25.58 37.81 -63.59
CA PHE G 56 -24.93 38.55 -62.52
C PHE G 56 -25.20 37.88 -61.14
N ASP G 57 -26.48 37.54 -60.88
CA ASP G 57 -26.89 36.78 -59.70
C ASP G 57 -26.12 35.49 -59.43
N ARG G 58 -25.41 34.95 -60.43
CA ARG G 58 -24.74 33.65 -60.27
C ARG G 58 -23.23 33.72 -60.54
N GLU G 59 -22.65 34.92 -60.43
CA GLU G 59 -21.22 35.05 -60.67
C GLU G 59 -20.36 34.33 -59.66
N ARG G 60 -20.87 34.12 -58.44
CA ARG G 60 -20.06 33.60 -57.34
C ARG G 60 -20.04 32.07 -57.13
N ILE G 61 -18.84 31.49 -56.90
CA ILE G 61 -18.69 30.07 -56.52
C ILE G 61 -18.07 29.99 -55.13
N PRO G 62 -18.05 28.81 -54.49
CA PRO G 62 -17.53 28.87 -53.14
C PRO G 62 -16.05 29.15 -53.17
N GLU G 63 -15.51 29.88 -52.21
CA GLU G 63 -14.05 29.98 -52.11
C GLU G 63 -13.48 28.66 -51.60
N ARG G 64 -12.17 28.47 -51.73
CA ARG G 64 -11.51 27.25 -51.20
C ARG G 64 -11.67 27.22 -49.67
N VAL G 65 -11.91 26.03 -49.08
CA VAL G 65 -12.08 25.97 -47.59
C VAL G 65 -10.87 26.59 -46.89
N VAL G 66 -9.68 26.34 -47.47
CA VAL G 66 -8.46 26.95 -47.01
C VAL G 66 -7.73 27.43 -48.24
N HIS G 67 -6.72 28.28 -48.05
CA HIS G 67 -5.93 28.91 -49.13
C HIS G 67 -6.80 29.73 -50.13
N ALA G 68 -7.86 30.33 -49.62
CA ALA G 68 -8.79 31.01 -50.48
C ALA G 68 -8.15 32.17 -51.26
N LYS G 69 -7.30 32.95 -50.59
CA LYS G 69 -6.79 34.19 -51.18
C LYS G 69 -5.46 33.87 -51.84
N GLY G 70 -5.33 34.18 -53.14
CA GLY G 70 -4.10 33.82 -53.87
C GLY G 70 -3.86 34.51 -55.19
N ALA G 71 -2.71 34.24 -55.80
CA ALA G 71 -2.38 34.76 -57.13
C ALA G 71 -1.56 33.72 -57.88
N GLY G 72 -1.65 33.75 -59.19
CA GLY G 72 -0.91 32.76 -59.94
C GLY G 72 -0.32 33.24 -61.25
N ALA G 73 0.55 32.42 -61.81
CA ALA G 73 1.10 32.71 -63.12
C ALA G 73 1.51 31.43 -63.85
N TYR G 74 1.69 31.55 -65.16
CA TYR G 74 2.26 30.51 -66.01
C TYR G 74 3.77 30.63 -66.11
N GLY G 75 4.41 29.51 -66.46
CA GLY G 75 5.87 29.44 -66.45
C GLY G 75 6.43 28.20 -67.12
N VAL G 76 7.73 28.02 -66.92
CA VAL G 76 8.47 26.94 -67.57
C VAL G 76 9.33 26.25 -66.55
N PHE G 77 9.25 24.93 -66.52
CA PHE G 77 10.19 24.15 -65.76
C PHE G 77 11.21 23.49 -66.68
N GLU G 78 12.47 23.53 -66.30
CA GLU G 78 13.56 22.93 -67.08
C GLU G 78 14.33 21.88 -66.28
N VAL G 79 14.50 20.68 -66.86
CA VAL G 79 15.43 19.66 -66.34
C VAL G 79 16.85 20.11 -66.63
N THR G 80 17.64 20.34 -65.57
CA THR G 80 19.01 20.78 -65.76
C THR G 80 20.07 19.73 -65.42
N ASP G 81 19.70 18.64 -64.77
CA ASP G 81 20.67 17.58 -64.45
C ASP G 81 20.09 16.20 -64.65
N ASP G 82 20.95 15.20 -64.79
CA ASP G 82 20.43 13.85 -64.96
C ASP G 82 20.12 13.23 -63.61
N ILE G 83 18.84 12.90 -63.39
CA ILE G 83 18.43 12.16 -62.19
C ILE G 83 17.59 10.92 -62.51
N THR G 84 17.76 10.40 -63.72
CA THR G 84 17.06 9.20 -64.19
C THR G 84 17.46 7.93 -63.42
N ASP G 85 18.53 8.03 -62.63
CA ASP G 85 18.89 6.96 -61.70
C ASP G 85 17.97 6.94 -60.47
N VAL G 86 17.34 8.08 -60.19
CA VAL G 86 16.37 8.23 -59.12
C VAL G 86 14.91 8.13 -59.64
N CYS G 87 14.58 8.83 -60.72
CA CYS G 87 13.19 8.96 -61.12
C CYS G 87 12.94 8.79 -62.61
N SER G 88 11.93 7.98 -62.93
CA SER G 88 11.63 7.62 -64.31
C SER G 88 10.59 8.49 -64.96
N ALA G 89 10.17 9.55 -64.27
CA ALA G 89 9.16 10.48 -64.78
C ALA G 89 9.58 11.03 -66.16
N LYS G 90 8.67 10.93 -67.13
CA LYS G 90 8.92 11.43 -68.51
C LYS G 90 9.39 12.89 -68.59
N PHE G 91 8.87 13.77 -67.73
CA PHE G 91 9.15 15.19 -67.87
C PHE G 91 10.53 15.50 -67.36
N LEU G 92 11.12 14.53 -66.68
CA LEU G 92 12.54 14.57 -66.26
C LEU G 92 13.49 13.71 -67.12
N ASP G 93 12.91 13.11 -68.17
CA ASP G 93 13.53 12.25 -69.18
C ASP G 93 14.99 12.54 -69.54
N THR G 94 15.20 13.73 -70.10
CA THR G 94 16.42 14.09 -70.79
C THR G 94 16.76 15.54 -70.44
N VAL G 95 18.04 15.84 -70.29
CA VAL G 95 18.48 17.15 -69.87
C VAL G 95 17.93 18.24 -70.80
N GLY G 96 17.49 19.37 -70.24
CA GLY G 96 17.05 20.52 -71.05
C GLY G 96 15.61 20.49 -71.56
N LYS G 97 14.88 19.41 -71.25
CA LYS G 97 13.44 19.29 -71.53
C LYS G 97 12.63 20.32 -70.76
N LYS G 98 11.68 20.93 -71.46
CA LYS G 98 10.93 22.04 -70.91
C LYS G 98 9.47 21.67 -70.74
N THR G 99 8.89 22.08 -69.62
CA THR G 99 7.50 21.78 -69.34
C THR G 99 6.79 23.06 -68.92
N ARG G 100 5.58 23.24 -69.44
CA ARG G 100 4.75 24.35 -69.04
C ARG G 100 4.06 24.12 -67.68
N ILE G 101 4.13 25.15 -66.83
CA ILE G 101 3.61 25.07 -65.46
C ILE G 101 2.70 26.25 -65.10
N PHE G 102 1.84 26.02 -64.11
CA PHE G 102 1.07 27.08 -63.50
C PHE G 102 1.20 26.99 -62.01
N THR G 103 1.46 28.13 -61.38
CA THR G 103 1.76 28.16 -59.95
C THR G 103 0.83 29.12 -59.30
N ARG G 104 0.17 28.66 -58.26
CA ARG G 104 -0.69 29.54 -57.49
C ARG G 104 -0.17 29.65 -56.05
N PHE G 105 0.06 30.88 -55.61
CA PHE G 105 0.52 31.14 -54.26
C PHE G 105 -0.67 31.60 -53.45
N SER G 106 -0.65 31.36 -52.15
CA SER G 106 -1.81 31.67 -51.33
C SER G 106 -1.38 31.83 -49.90
N THR G 107 -2.28 32.39 -49.10
CA THR G 107 -2.19 32.36 -47.65
C THR G 107 -3.06 31.17 -47.20
N VAL G 108 -3.22 30.96 -45.90
CA VAL G 108 -3.92 29.74 -45.48
C VAL G 108 -5.32 29.99 -44.94
N GLY G 109 -5.41 30.78 -43.90
CA GLY G 109 -6.65 30.85 -43.16
C GLY G 109 -7.55 31.97 -43.58
N GLY G 110 -6.98 33.04 -44.12
CA GLY G 110 -7.80 34.16 -44.57
C GLY G 110 -8.80 33.84 -45.70
N GLU G 111 -9.91 34.57 -45.67
CA GLU G 111 -10.90 34.49 -46.73
C GLU G 111 -10.51 35.41 -47.89
N LYS G 112 -11.36 35.44 -48.89
CA LYS G 112 -11.06 36.01 -50.19
C LYS G 112 -10.68 37.50 -50.19
N GLY G 113 -11.25 38.26 -49.25
CA GLY G 113 -11.00 39.68 -49.20
C GLY G 113 -9.92 40.04 -48.23
N SER G 114 -9.30 39.05 -47.61
CA SER G 114 -8.31 39.28 -46.57
C SER G 114 -6.98 39.78 -47.11
N ALA G 115 -6.05 40.05 -46.19
CA ALA G 115 -4.74 40.64 -46.52
C ALA G 115 -3.72 39.65 -47.03
N ASP G 116 -2.96 40.05 -48.04
CA ASP G 116 -1.84 39.26 -48.54
C ASP G 116 -0.68 39.10 -47.52
N THR G 117 -0.51 40.11 -46.66
CA THR G 117 0.56 40.13 -45.66
C THR G 117 0.16 39.68 -44.24
N ALA G 118 -0.97 38.96 -44.14
CA ALA G 118 -1.43 38.37 -42.87
C ALA G 118 -0.45 37.29 -42.48
N ARG G 119 -0.38 37.00 -41.18
CA ARG G 119 0.59 36.02 -40.73
C ARG G 119 0.00 34.66 -40.98
N ASP G 120 0.73 33.84 -41.73
CA ASP G 120 0.25 32.53 -42.17
C ASP G 120 1.38 31.85 -42.90
N PRO G 121 1.27 30.53 -43.05
CA PRO G 121 2.12 29.83 -43.98
C PRO G 121 1.73 30.31 -45.36
N ARG G 122 2.47 29.97 -46.41
CA ARG G 122 2.02 30.32 -47.74
C ARG G 122 2.02 29.07 -48.54
N GLY G 123 0.97 28.91 -49.34
CA GLY G 123 0.87 27.76 -50.21
C GLY G 123 1.63 28.06 -51.50
N PHE G 124 2.09 26.99 -52.16
CA PHE G 124 2.99 27.10 -53.29
C PHE G 124 2.60 25.91 -54.16
N ALA G 125 1.53 26.04 -54.91
CA ALA G 125 1.07 24.90 -55.72
C ALA G 125 1.42 25.05 -57.20
N THR G 126 1.93 23.98 -57.80
CA THR G 126 2.38 24.02 -59.17
C THR G 126 1.88 22.83 -59.91
N LYS G 127 1.25 23.11 -61.04
CA LYS G 127 0.73 22.07 -61.93
C LYS G 127 1.72 21.93 -63.11
N PHE G 128 2.15 20.70 -63.40
CA PHE G 128 3.03 20.47 -64.54
C PHE G 128 2.29 19.69 -65.59
N TYR G 129 2.19 20.25 -66.81
CA TYR G 129 1.50 19.58 -67.92
C TYR G 129 2.49 18.68 -68.67
N THR G 130 2.51 17.41 -68.31
CA THR G 130 3.51 16.52 -68.83
C THR G 130 2.87 15.63 -69.88
N GLU G 131 3.74 14.92 -70.62
CA GLU G 131 3.32 13.94 -71.59
C GLU G 131 2.67 12.73 -70.94
N ASP G 132 2.83 12.62 -69.62
CA ASP G 132 2.28 11.49 -68.89
C ASP G 132 1.09 11.90 -67.98
N GLY G 133 0.55 13.10 -68.21
CA GLY G 133 -0.54 13.61 -67.38
C GLY G 133 -0.16 14.87 -66.65
N ASN G 134 -1.11 15.46 -65.94
CA ASN G 134 -0.74 16.57 -65.07
C ASN G 134 -0.27 16.14 -63.70
N LEU G 135 0.83 16.74 -63.27
CA LEU G 135 1.44 16.44 -61.99
C LEU G 135 1.30 17.64 -61.11
N ASP G 136 0.65 17.46 -59.98
CA ASP G 136 0.48 18.59 -59.06
C ASP G 136 1.48 18.49 -57.95
N LEU G 137 2.29 19.54 -57.77
CA LEU G 137 3.20 19.61 -56.63
C LEU G 137 2.64 20.62 -55.67
N VAL G 138 1.89 20.13 -54.68
CA VAL G 138 1.11 21.04 -53.84
C VAL G 138 1.88 21.32 -52.55
N TYR G 139 2.70 22.37 -52.57
CA TYR G 139 3.71 22.54 -51.54
C TYR G 139 3.34 23.72 -50.70
N ASN G 140 3.92 23.81 -49.50
CA ASN G 140 3.91 25.04 -48.68
C ASN G 140 5.25 25.74 -48.67
N ASN G 141 5.33 26.93 -48.06
CA ASN G 141 6.62 27.61 -47.93
C ASN G 141 7.41 27.21 -46.69
N THR G 142 7.00 26.13 -46.05
CA THR G 142 7.73 25.59 -44.90
C THR G 142 7.93 24.10 -45.10
N PRO G 143 9.03 23.51 -44.55
CA PRO G 143 9.30 22.07 -44.73
C PRO G 143 8.49 21.19 -43.79
N ILE G 144 7.79 21.83 -42.88
CA ILE G 144 7.01 21.13 -41.87
C ILE G 144 5.59 21.71 -41.74
N PHE G 145 4.82 21.17 -40.80
CA PHE G 145 3.45 21.58 -40.62
C PHE G 145 2.98 21.38 -39.17
N PHE G 146 1.80 21.92 -38.89
CA PHE G 146 1.24 21.93 -37.55
C PHE G 146 0.81 20.54 -37.10
N ILE G 147 0.62 19.60 -38.00
CA ILE G 147 -0.01 18.33 -37.60
C ILE G 147 0.63 17.15 -38.27
N ARG G 148 0.44 15.97 -37.68
CA ARG G 148 0.90 14.73 -38.29
C ARG G 148 -0.18 13.66 -38.17
N ASP G 149 -1.34 14.04 -37.65
CA ASP G 149 -2.51 13.18 -37.68
C ASP G 149 -3.51 13.79 -38.62
N PRO G 150 -3.84 13.10 -39.72
CA PRO G 150 -4.66 13.68 -40.79
C PRO G 150 -5.98 14.24 -40.28
N ILE G 151 -6.70 13.49 -39.47
CA ILE G 151 -8.03 13.92 -39.06
C ILE G 151 -8.05 15.15 -38.14
N LYS G 152 -6.89 15.57 -37.68
CA LYS G 152 -6.83 16.78 -36.89
C LYS G 152 -6.99 18.04 -37.73
N PHE G 153 -6.86 17.90 -39.05
CA PHE G 153 -6.90 19.07 -39.93
C PHE G 153 -8.12 20.01 -39.76
N PRO G 154 -9.34 19.48 -39.79
CA PRO G 154 -10.45 20.40 -39.64
C PRO G 154 -10.47 21.06 -38.27
N HIS G 155 -10.01 20.34 -37.24
CA HIS G 155 -9.90 20.93 -35.89
C HIS G 155 -8.90 22.06 -35.93
N PHE G 156 -7.68 21.76 -36.36
CA PHE G 156 -6.72 22.81 -36.43
C PHE G 156 -7.31 24.01 -37.20
N ILE G 157 -7.76 23.78 -38.44
CA ILE G 157 -8.19 24.84 -39.31
C ILE G 157 -9.32 25.61 -38.68
N HIS G 158 -10.26 24.92 -38.06
CA HIS G 158 -11.33 25.64 -37.40
C HIS G 158 -10.86 26.69 -36.40
N THR G 159 -9.85 26.34 -35.59
CA THR G 159 -9.33 27.21 -34.54
C THR G 159 -8.53 28.36 -35.10
N GLN G 160 -8.00 28.19 -36.31
CA GLN G 160 -7.31 29.26 -37.05
C GLN G 160 -8.25 30.29 -37.64
N LYS G 161 -9.53 29.97 -37.68
CA LYS G 161 -10.51 30.85 -38.34
C LYS G 161 -11.41 31.57 -37.36
N ARG G 162 -12.72 31.47 -37.56
CA ARG G 162 -13.62 32.34 -36.83
C ARG G 162 -14.52 31.58 -35.88
N ASN G 163 -14.92 32.28 -34.82
CA ASN G 163 -15.81 31.75 -33.81
C ASN G 163 -17.22 31.48 -34.33
N PRO G 164 -17.71 30.25 -34.15
CA PRO G 164 -19.01 29.88 -34.71
C PRO G 164 -20.13 30.83 -34.33
N ALA G 165 -20.07 31.46 -33.14
CA ALA G 165 -21.09 32.47 -32.76
C ALA G 165 -20.78 33.89 -33.28
N THR G 166 -19.62 34.44 -32.93
CA THR G 166 -19.36 35.81 -33.30
C THR G 166 -18.93 36.05 -34.75
N ASN G 167 -18.34 35.07 -35.39
CA ASN G 167 -17.57 35.29 -36.64
C ASN G 167 -16.29 36.12 -36.51
N LEU G 168 -15.78 36.22 -35.28
CA LEU G 168 -14.54 36.90 -34.96
C LEU G 168 -13.45 35.88 -34.78
N LYS G 169 -12.20 36.24 -35.06
CA LYS G 169 -11.10 35.34 -34.73
C LYS G 169 -11.08 35.27 -33.22
N ASP G 170 -10.70 34.10 -32.70
CA ASP G 170 -10.69 33.93 -31.26
C ASP G 170 -9.32 33.43 -30.80
N PRO G 171 -8.56 34.31 -30.13
CA PRO G 171 -7.22 33.95 -29.68
C PRO G 171 -7.26 32.75 -28.73
N ASN G 172 -8.35 32.63 -27.97
CA ASN G 172 -8.46 31.52 -27.07
C ASN G 172 -8.49 30.21 -27.83
N MET G 173 -9.38 30.04 -28.81
CA MET G 173 -9.42 28.83 -29.66
C MET G 173 -8.03 28.52 -30.17
N PHE G 174 -7.48 29.53 -30.86
CA PHE G 174 -6.21 29.47 -31.50
C PHE G 174 -5.20 28.75 -30.61
N TRP G 175 -4.92 29.29 -29.43
CA TRP G 175 -3.88 28.76 -28.59
C TRP G 175 -4.31 27.52 -27.84
N ASP G 176 -5.57 27.44 -27.49
CA ASP G 176 -6.17 26.24 -26.90
C ASP G 176 -5.88 24.99 -27.75
N TYR G 177 -6.08 25.09 -29.06
CA TYR G 177 -5.77 23.96 -29.92
C TYR G 177 -4.28 23.67 -29.91
N LEU G 178 -3.47 24.69 -30.21
CA LEU G 178 -2.06 24.52 -30.42
C LEU G 178 -1.38 23.95 -29.18
N THR G 179 -1.71 24.52 -28.02
CA THR G 179 -1.10 24.06 -26.77
C THR G 179 -1.55 22.67 -26.34
N ALA G 180 -2.77 22.29 -26.66
CA ALA G 180 -3.21 20.93 -26.36
C ALA G 180 -2.66 19.90 -27.36
N ASN G 181 -2.02 20.34 -28.43
CA ASN G 181 -1.35 19.39 -29.34
C ASN G 181 0.10 19.82 -29.62
N ASP G 182 0.98 19.38 -28.74
CA ASP G 182 2.42 19.66 -28.75
C ASP G 182 3.17 19.66 -30.08
N GLU G 183 2.78 18.73 -30.95
CA GLU G 183 3.55 18.45 -32.12
C GLU G 183 3.52 19.63 -33.07
N SER G 184 2.59 20.57 -32.82
CA SER G 184 2.48 21.80 -33.58
C SER G 184 3.59 22.82 -33.31
N LEU G 185 4.31 22.58 -32.22
CA LEU G 185 5.30 23.52 -31.69
C LEU G 185 6.34 23.93 -32.73
N HIS G 186 6.86 22.95 -33.47
CA HIS G 186 7.86 23.23 -34.47
C HIS G 186 7.36 24.27 -35.50
N GLN G 187 6.24 23.98 -36.15
CA GLN G 187 5.67 24.86 -37.16
C GLN G 187 5.20 26.18 -36.59
N VAL G 188 4.77 26.16 -35.33
CA VAL G 188 4.28 27.39 -34.69
C VAL G 188 5.41 28.35 -34.46
N MET G 189 6.62 27.80 -34.29
CA MET G 189 7.77 28.63 -34.11
C MET G 189 8.11 29.25 -35.43
N TYR G 190 7.97 28.48 -36.50
CA TYR G 190 8.12 29.06 -37.83
C TYR G 190 7.13 30.19 -38.05
N LEU G 191 5.86 29.92 -37.82
CA LEU G 191 4.81 30.89 -38.00
C LEU G 191 5.03 32.18 -37.24
N PHE G 192 5.61 32.16 -36.06
CA PHE G 192 5.76 33.38 -35.28
C PHE G 192 7.10 34.05 -35.36
N SER G 193 8.06 33.34 -35.93
CA SER G 193 9.30 33.92 -36.40
C SER G 193 8.91 34.81 -37.53
N ASN G 194 9.86 35.59 -38.03
CA ASN G 194 9.57 36.50 -39.10
C ASN G 194 9.19 35.81 -40.40
N ARG G 195 9.47 34.52 -40.51
CA ARG G 195 9.13 33.77 -41.72
C ARG G 195 7.61 33.68 -41.93
N GLY G 196 6.83 33.94 -40.89
CA GLY G 196 5.38 33.92 -40.99
C GLY G 196 4.79 35.08 -41.78
N THR G 197 5.66 35.94 -42.27
CA THR G 197 5.29 37.19 -42.92
C THR G 197 6.20 37.53 -44.10
N PRO G 198 6.16 36.70 -45.17
CA PRO G 198 7.00 36.96 -46.34
C PRO G 198 6.77 38.34 -46.95
N ALA G 199 7.83 38.94 -47.51
CA ALA G 199 7.72 40.21 -48.27
C ALA G 199 6.85 40.07 -49.54
N SER G 200 7.09 38.99 -50.30
CA SER G 200 6.35 38.71 -51.50
C SER G 200 6.40 37.23 -51.77
N TYR G 201 5.64 36.75 -52.76
CA TYR G 201 5.72 35.36 -53.17
C TYR G 201 7.01 35.03 -53.90
N ARG G 202 7.67 36.07 -54.41
CA ARG G 202 8.91 35.95 -55.18
C ARG G 202 10.10 35.65 -54.30
N THR G 203 9.95 35.96 -53.01
CA THR G 203 11.04 35.80 -52.07
C THR G 203 10.80 34.73 -50.99
N MET G 204 10.29 33.58 -51.41
CA MET G 204 10.03 32.48 -50.49
C MET G 204 10.32 31.18 -51.17
N ASN G 205 10.58 30.16 -50.36
CA ASN G 205 10.95 28.86 -50.89
C ASN G 205 9.76 27.98 -50.93
N GLY G 206 9.88 26.88 -51.67
CA GLY G 206 8.89 25.81 -51.65
C GLY G 206 9.49 24.55 -51.07
N TYR G 207 8.68 23.77 -50.37
CA TYR G 207 9.13 22.51 -49.84
C TYR G 207 8.00 21.53 -50.01
N SER G 208 8.30 20.26 -50.25
CA SER G 208 7.24 19.25 -50.36
C SER G 208 6.61 18.95 -49.03
N GLY G 209 7.33 19.22 -47.95
CA GLY G 209 6.82 18.92 -46.63
C GLY G 209 6.88 17.43 -46.35
N HIS G 210 5.98 16.70 -46.98
CA HIS G 210 5.94 15.25 -46.88
C HIS G 210 7.12 14.57 -47.55
N THR G 211 7.28 13.30 -47.25
CA THR G 211 8.18 12.45 -47.96
C THR G 211 7.40 11.79 -49.08
N TYR G 212 7.95 11.76 -50.29
CA TYR G 212 7.35 11.04 -51.42
C TYR G 212 8.25 9.87 -51.83
N LYS G 213 7.82 9.07 -52.79
CA LYS G 213 8.65 7.98 -53.27
C LYS G 213 8.87 8.07 -54.77
N TRP G 214 10.13 8.14 -55.18
CA TRP G 214 10.50 8.23 -56.60
C TRP G 214 11.10 6.92 -57.08
N TYR G 215 10.63 6.42 -58.22
CA TYR G 215 11.12 5.17 -58.77
C TYR G 215 11.83 5.40 -60.09
N ASN G 216 12.98 4.76 -60.27
CA ASN G 216 13.67 4.78 -61.56
C ASN G 216 13.14 3.68 -62.48
N SER G 217 13.69 3.57 -63.68
CA SER G 217 13.12 2.65 -64.68
C SER G 217 13.29 1.13 -64.40
N LYS G 218 14.24 0.81 -63.50
CA LYS G 218 14.47 -0.56 -63.04
C LYS G 218 13.51 -0.92 -61.89
N GLY G 219 12.81 0.08 -61.34
CA GLY G 219 11.87 -0.17 -60.22
C GLY G 219 12.49 0.01 -58.84
N GLU G 220 13.68 0.62 -58.79
CA GLU G 220 14.35 0.95 -57.55
C GLU G 220 13.90 2.29 -57.05
N TRP G 221 13.45 2.31 -55.81
CA TRP G 221 12.85 3.50 -55.29
C TRP G 221 13.64 4.04 -54.11
N VAL G 222 13.37 5.31 -53.81
CA VAL G 222 14.03 6.00 -52.75
C VAL G 222 13.01 6.98 -52.18
N TYR G 223 13.10 7.27 -50.89
CA TYR G 223 12.31 8.37 -50.30
C TYR G 223 12.92 9.71 -50.69
N VAL G 224 12.05 10.69 -50.98
CA VAL G 224 12.52 12.05 -51.33
C VAL G 224 11.81 13.18 -50.61
N GLN G 225 12.50 14.32 -50.58
CA GLN G 225 12.01 15.60 -50.07
C GLN G 225 12.40 16.72 -51.03
N VAL G 226 11.41 17.46 -51.55
CA VAL G 226 11.67 18.42 -52.61
C VAL G 226 11.85 19.80 -52.06
N HIS G 227 12.82 20.51 -52.62
CA HIS G 227 13.11 21.92 -52.24
C HIS G 227 13.14 22.84 -53.49
N PHE G 228 12.39 23.93 -53.44
CA PHE G 228 12.45 24.95 -54.46
C PHE G 228 13.00 26.18 -53.80
N ILE G 229 14.14 26.64 -54.25
CA ILE G 229 14.73 27.78 -53.60
C ILE G 229 14.72 28.95 -54.57
N ALA G 230 14.16 30.06 -54.08
CA ALA G 230 14.06 31.29 -54.83
C ALA G 230 15.42 31.93 -55.12
N ASN G 231 15.62 32.26 -56.40
CA ASN G 231 16.80 32.98 -56.85
C ASN G 231 16.74 34.42 -56.42
N GLN G 232 15.57 34.83 -55.94
CA GLN G 232 15.33 36.17 -55.43
C GLN G 232 15.66 36.23 -53.94
N GLY G 233 15.89 35.05 -53.37
CA GLY G 233 16.30 34.89 -51.99
C GLY G 233 15.14 35.02 -51.01
N VAL G 234 15.39 34.63 -49.76
CA VAL G 234 14.38 34.65 -48.70
C VAL G 234 14.32 36.00 -48.02
N HIS G 235 13.30 36.81 -48.31
CA HIS G 235 13.10 38.07 -47.57
C HIS G 235 11.77 38.07 -46.82
N ASN G 236 11.79 38.58 -45.59
CA ASN G 236 10.60 38.64 -44.75
C ASN G 236 10.33 40.02 -44.23
N LEU G 237 9.11 40.25 -43.77
CA LEU G 237 8.73 41.52 -43.17
C LEU G 237 8.58 41.39 -41.66
N LEU G 238 8.81 42.49 -40.96
CA LEU G 238 8.52 42.57 -39.52
C LEU G 238 7.02 42.80 -39.31
N ASP G 239 6.50 42.47 -38.14
CA ASP G 239 5.05 42.55 -37.86
C ASP G 239 4.37 43.93 -38.03
N GLU G 240 5.03 45.01 -37.61
CA GLU G 240 4.49 46.37 -37.79
C GLU G 240 4.32 46.73 -39.28
N GLU G 241 5.28 46.29 -40.11
CA GLU G 241 5.26 46.49 -41.57
C GLU G 241 4.17 45.65 -42.27
N ALA G 242 4.09 44.37 -41.89
CA ALA G 242 3.03 43.45 -42.31
C ALA G 242 1.65 43.97 -41.98
N GLY G 243 1.45 44.38 -40.72
CA GLY G 243 0.20 44.98 -40.27
C GLY G 243 -0.18 46.28 -40.95
N ARG G 244 0.81 47.11 -41.32
CA ARG G 244 0.53 48.38 -41.97
C ARG G 244 0.09 48.15 -43.43
N LEU G 245 0.84 47.31 -44.15
CA LEU G 245 0.52 46.95 -45.53
C LEU G 245 -0.84 46.29 -45.67
N ALA G 246 -1.22 45.43 -44.72
CA ALA G 246 -2.58 44.90 -44.61
C ALA G 246 -3.70 45.98 -44.62
N GLY G 247 -3.42 47.14 -44.03
CA GLY G 247 -4.34 48.28 -44.08
C GLY G 247 -4.24 49.07 -45.38
N GLU G 248 -3.00 49.33 -45.82
CA GLU G 248 -2.77 50.18 -46.99
C GLU G 248 -3.00 49.43 -48.29
N ASP G 249 -2.59 48.15 -48.36
CA ASP G 249 -2.67 47.35 -49.60
C ASP G 249 -2.91 45.85 -49.34
N PRO G 250 -4.17 45.44 -49.23
CA PRO G 250 -4.48 44.07 -48.96
C PRO G 250 -4.08 43.14 -50.12
N ASP G 251 -3.72 43.74 -51.25
CA ASP G 251 -3.43 42.98 -52.47
C ASP G 251 -1.96 43.08 -52.83
N HIS G 252 -1.16 43.40 -51.82
CA HIS G 252 0.28 43.64 -51.99
C HIS G 252 1.04 42.57 -52.73
N SER G 253 0.91 41.31 -52.31
CA SER G 253 1.66 40.23 -52.93
C SER G 253 1.22 39.90 -54.34
N THR G 254 -0.07 40.09 -54.60
CA THR G 254 -0.66 39.82 -55.92
C THR G 254 -0.19 40.84 -56.94
N ARG G 255 -0.23 42.10 -56.54
CA ARG G 255 0.31 43.21 -57.32
C ARG G 255 1.81 43.05 -57.55
N ASP G 256 2.55 42.71 -56.50
CA ASP G 256 3.97 42.44 -56.63
C ASP G 256 4.31 41.40 -57.70
N LEU G 257 3.55 40.31 -57.75
CA LEU G 257 3.79 39.24 -58.70
C LEU G 257 3.34 39.61 -60.08
N TRP G 258 2.22 40.33 -60.18
CA TRP G 258 1.70 40.71 -61.48
C TRP G 258 2.60 41.73 -62.16
N GLU G 259 3.08 42.70 -61.38
CA GLU G 259 3.96 43.74 -61.88
C GLU G 259 5.37 43.28 -62.30
N ALA G 260 5.97 42.42 -61.49
CA ALA G 260 7.26 41.81 -61.81
C ALA G 260 7.23 41.14 -63.18
N ILE G 261 6.25 40.29 -63.40
CA ILE G 261 6.17 39.57 -64.66
C ILE G 261 5.96 40.50 -65.85
N GLU G 262 5.10 41.50 -65.67
CA GLU G 262 4.79 42.43 -66.74
C GLU G 262 6.02 43.29 -67.13
N LYS G 263 6.87 43.61 -66.15
CA LYS G 263 8.16 44.27 -66.39
C LYS G 263 9.27 43.40 -66.99
N GLY G 264 9.11 42.07 -66.91
CA GLY G 264 10.17 41.14 -67.36
C GLY G 264 11.11 40.63 -66.27
N ASP G 265 10.89 41.06 -65.03
CA ASP G 265 11.71 40.68 -63.88
C ASP G 265 11.22 39.33 -63.31
N TYR G 266 11.27 38.31 -64.16
CA TYR G 266 10.67 37.04 -63.87
C TYR G 266 11.34 36.36 -62.70
N PRO G 267 10.55 35.92 -61.69
CA PRO G 267 11.06 35.16 -60.54
C PRO G 267 11.32 33.72 -60.89
N SER G 268 12.27 33.11 -60.20
CA SER G 268 12.66 31.74 -60.54
C SER G 268 13.18 31.03 -59.31
N TRP G 269 13.04 29.72 -59.33
CA TRP G 269 13.42 28.88 -58.23
C TRP G 269 14.27 27.74 -58.77
N GLU G 270 15.27 27.34 -58.00
CA GLU G 270 16.13 26.20 -58.35
C GLU G 270 15.62 24.99 -57.59
N CYS G 271 15.58 23.81 -58.23
CA CYS G 271 14.98 22.62 -57.63
C CYS G 271 15.96 21.53 -57.18
N TYR G 272 15.86 21.17 -55.89
CA TYR G 272 16.67 20.09 -55.32
C TYR G 272 15.83 18.96 -54.69
N ILE G 273 16.43 17.77 -54.57
CA ILE G 273 15.84 16.73 -53.72
C ILE G 273 16.86 16.25 -52.69
N GLN G 274 16.36 15.77 -51.55
CA GLN G 274 17.13 14.92 -50.65
C GLN G 274 16.64 13.52 -50.95
N THR G 275 17.51 12.53 -50.91
CA THR G 275 17.03 11.16 -51.05
C THR G 275 17.52 10.35 -49.89
N MET G 276 16.88 9.21 -49.65
CA MET G 276 17.18 8.39 -48.49
C MET G 276 16.65 7.02 -48.76
N THR G 277 17.44 5.99 -48.48
CA THR G 277 17.01 4.64 -48.84
C THR G 277 16.16 4.09 -47.71
N LEU G 278 15.51 2.97 -47.99
CA LEU G 278 14.72 2.30 -46.96
C LEU G 278 15.59 1.92 -45.78
N GLU G 279 16.79 1.41 -46.05
CA GLU G 279 17.69 1.03 -44.96
C GLU G 279 18.17 2.20 -44.11
N GLN G 280 18.50 3.35 -44.72
CA GLN G 280 18.94 4.50 -43.93
C GLN G 280 17.83 5.01 -43.02
N SER G 281 16.56 4.81 -43.45
CA SER G 281 15.36 5.29 -42.73
C SER G 281 15.17 4.55 -41.42
N LYS G 282 15.59 3.29 -41.42
CA LYS G 282 15.51 2.42 -40.27
C LYS G 282 16.33 2.88 -39.07
N LYS G 283 17.37 3.66 -39.33
CA LYS G 283 18.29 4.07 -38.27
C LYS G 283 17.98 5.42 -37.66
N LEU G 284 16.94 6.09 -38.16
CA LEU G 284 16.67 7.45 -37.73
C LEU G 284 15.91 7.50 -36.42
N PRO G 285 16.14 8.56 -35.63
CA PRO G 285 15.42 8.83 -34.38
C PRO G 285 13.99 9.37 -34.57
N PHE G 286 13.65 9.72 -35.81
CA PHE G 286 12.30 10.14 -36.20
C PHE G 286 11.83 9.38 -37.45
N SER G 287 10.59 9.65 -37.88
CA SER G 287 10.00 8.92 -38.99
C SER G 287 10.05 9.72 -40.27
N VAL G 288 10.16 9.03 -41.41
CA VAL G 288 10.09 9.72 -42.69
C VAL G 288 8.65 10.10 -42.97
N PHE G 289 7.73 9.55 -42.19
CA PHE G 289 6.29 9.81 -42.29
C PHE G 289 5.73 10.83 -41.28
N ASP G 290 6.61 11.59 -40.65
CA ASP G 290 6.20 12.64 -39.76
C ASP G 290 6.42 14.01 -40.41
N LEU G 291 5.33 14.70 -40.67
CA LEU G 291 5.40 15.99 -41.34
C LEU G 291 5.93 17.09 -40.41
N THR G 292 6.13 16.80 -39.14
CA THR G 292 6.60 17.82 -38.20
C THR G 292 8.12 17.87 -38.09
N LYS G 293 8.78 17.07 -38.93
CA LYS G 293 10.23 16.91 -38.90
C LYS G 293 10.82 17.29 -40.25
N VAL G 294 12.09 17.65 -40.22
CA VAL G 294 12.92 17.88 -41.42
C VAL G 294 14.07 16.90 -41.43
N TRP G 295 14.61 16.63 -42.61
CA TRP G 295 15.83 15.85 -42.73
C TRP G 295 16.97 16.86 -42.59
N PRO G 296 17.88 16.64 -41.62
CA PRO G 296 19.06 17.53 -41.48
C PRO G 296 20.02 17.49 -42.71
N HIS G 297 20.52 18.68 -43.06
CA HIS G 297 21.28 18.90 -44.31
C HIS G 297 22.65 18.19 -44.31
N LYS G 298 23.22 18.05 -43.11
CA LYS G 298 24.48 17.33 -42.90
C LYS G 298 24.44 15.85 -43.36
N ASP G 299 23.38 15.13 -43.00
CA ASP G 299 23.29 13.70 -43.29
C ASP G 299 22.65 13.41 -44.63
N PHE G 300 21.79 14.32 -45.09
CA PHE G 300 21.12 14.11 -46.39
C PHE G 300 21.23 15.36 -47.27
N PRO G 301 22.32 15.46 -48.02
CA PRO G 301 22.56 16.68 -48.81
C PRO G 301 21.64 16.85 -50.05
N LEU G 302 21.51 18.11 -50.52
CA LEU G 302 20.64 18.43 -51.64
C LEU G 302 21.29 18.10 -52.97
N ARG G 303 20.54 17.51 -53.89
CA ARG G 303 21.00 17.26 -55.24
C ARG G 303 20.17 18.11 -56.19
N HIS G 304 20.82 19.02 -56.94
CA HIS G 304 20.14 19.90 -57.90
C HIS G 304 19.59 19.11 -59.07
N PHE G 305 18.36 19.40 -59.52
CA PHE G 305 17.85 18.70 -60.69
C PHE G 305 17.22 19.58 -61.73
N GLY G 306 16.84 20.79 -61.35
CA GLY G 306 16.15 21.65 -62.29
C GLY G 306 15.85 23.04 -61.78
N ARG G 307 15.13 23.81 -62.60
CA ARG G 307 14.70 25.14 -62.23
C ARG G 307 13.38 25.43 -62.92
N PHE G 308 12.63 26.37 -62.34
CA PHE G 308 11.48 26.94 -63.04
C PHE G 308 11.42 28.44 -62.89
N THR G 309 10.88 29.08 -63.94
CA THR G 309 10.67 30.52 -64.00
C THR G 309 9.19 30.78 -64.30
N LEU G 310 8.66 31.83 -63.72
CA LEU G 310 7.28 32.22 -63.97
C LEU G 310 7.31 33.49 -64.78
N ASN G 311 6.85 33.37 -66.03
CA ASN G 311 7.02 34.44 -67.02
C ASN G 311 5.73 34.88 -67.76
N GLU G 312 4.57 34.41 -67.30
CA GLU G 312 3.33 34.72 -68.01
C GLU G 312 2.10 34.87 -67.11
N ASN G 313 1.56 36.08 -67.02
CA ASN G 313 0.32 36.32 -66.29
C ASN G 313 -0.90 35.73 -67.01
N PRO G 314 -1.90 35.23 -66.24
CA PRO G 314 -3.07 34.62 -66.84
C PRO G 314 -3.87 35.64 -67.66
N LYS G 315 -4.80 35.20 -68.49
CA LYS G 315 -5.56 36.18 -69.27
C LYS G 315 -6.78 36.66 -68.54
N ASN G 316 -7.39 35.74 -67.81
CA ASN G 316 -8.56 36.00 -66.95
C ASN G 316 -8.35 35.40 -65.56
N TYR G 317 -8.37 36.23 -64.52
CA TYR G 317 -8.06 35.74 -63.20
C TYR G 317 -9.06 34.69 -62.73
N TYR G 318 -10.35 35.00 -62.80
CA TYR G 318 -11.36 34.01 -62.38
C TYR G 318 -11.27 32.67 -63.10
N ALA G 319 -11.23 32.68 -64.43
CA ALA G 319 -11.27 31.45 -65.22
C ALA G 319 -10.02 30.56 -65.04
N GLU G 320 -8.88 31.18 -64.71
CA GLU G 320 -7.61 30.48 -64.60
C GLU G 320 -7.06 30.39 -63.19
N THR G 321 -6.74 31.51 -62.55
CA THR G 321 -6.28 31.46 -61.16
C THR G 321 -7.35 30.98 -60.18
N GLU G 322 -8.60 31.37 -60.38
CA GLU G 322 -9.57 30.98 -59.38
C GLU G 322 -10.06 29.53 -59.52
N GLN G 323 -10.19 29.05 -60.76
CA GLN G 323 -10.82 27.77 -60.97
C GLN G 323 -9.83 26.61 -60.99
N ILE G 324 -8.55 26.93 -60.89
CA ILE G 324 -7.54 25.88 -61.08
C ILE G 324 -7.59 24.96 -59.88
N ALA G 325 -7.55 23.66 -60.10
CA ALA G 325 -7.65 22.64 -59.04
C ALA G 325 -6.41 21.75 -58.92
N PHE G 326 -5.73 21.77 -57.77
CA PHE G 326 -4.54 20.93 -57.57
C PHE G 326 -4.87 19.78 -56.64
N SER G 327 -4.17 18.67 -56.81
CA SER G 327 -4.33 17.56 -55.89
C SER G 327 -3.04 16.77 -55.83
N PRO G 328 -2.60 16.39 -54.62
CA PRO G 328 -1.38 15.62 -54.49
C PRO G 328 -1.52 14.30 -55.18
N SER G 329 -2.76 13.80 -55.29
CA SER G 329 -3.00 12.51 -55.92
C SER G 329 -2.93 12.55 -57.45
N HIS G 330 -2.88 13.77 -58.02
CA HIS G 330 -2.52 13.94 -59.42
C HIS G 330 -1.01 13.75 -59.56
N THR G 331 -0.61 12.53 -59.90
CA THR G 331 0.81 12.22 -60.11
C THR G 331 1.16 11.48 -61.43
N VAL G 332 2.46 11.35 -61.70
CA VAL G 332 2.88 10.65 -62.91
C VAL G 332 3.63 9.35 -62.59
N PRO G 333 3.75 8.43 -63.59
CA PRO G 333 4.60 7.26 -63.35
C PRO G 333 6.03 7.72 -62.99
N GLY G 334 6.54 7.16 -61.90
CA GLY G 334 7.85 7.54 -61.39
C GLY G 334 7.75 8.25 -60.06
N MET G 335 6.56 8.76 -59.74
CA MET G 335 6.36 9.46 -58.48
C MET G 335 5.13 8.93 -57.80
N GLU G 336 5.31 8.44 -56.57
CA GLU G 336 4.22 7.91 -55.79
C GLU G 336 4.23 8.59 -54.41
N PRO G 337 3.07 8.61 -53.70
CA PRO G 337 3.01 9.18 -52.35
C PRO G 337 3.59 8.21 -51.29
N SER G 338 4.13 8.74 -50.19
CA SER G 338 4.58 7.85 -49.10
C SER G 338 3.44 7.49 -48.15
N ASN G 339 3.78 6.83 -47.05
CA ASN G 339 2.78 6.50 -46.08
C ASN G 339 2.49 7.60 -45.06
N ASP G 340 3.09 8.77 -45.21
CA ASP G 340 2.81 9.92 -44.37
C ASP G 340 1.30 10.15 -44.31
N PRO G 341 0.68 9.94 -43.13
CA PRO G 341 -0.79 9.88 -43.06
C PRO G 341 -1.53 11.19 -43.38
N VAL G 342 -0.85 12.33 -43.18
CA VAL G 342 -1.40 13.61 -43.55
C VAL G 342 -1.47 13.67 -45.07
N LEU G 343 -0.37 13.29 -45.73
CA LEU G 343 -0.37 13.18 -47.17
C LEU G 343 -1.44 12.18 -47.65
N GLN G 344 -1.53 11.05 -46.98
CA GLN G 344 -2.43 10.04 -47.47
C GLN G 344 -3.85 10.61 -47.52
N SER G 345 -4.21 11.38 -46.51
CA SER G 345 -5.58 11.83 -46.44
C SER G 345 -5.81 12.95 -47.45
N ARG G 346 -4.76 13.72 -47.76
CA ARG G 346 -4.86 14.73 -48.80
C ARG G 346 -5.18 14.12 -50.16
N LEU G 347 -4.72 12.91 -50.43
CA LEU G 347 -4.99 12.30 -51.72
C LEU G 347 -6.47 12.22 -51.98
N PHE G 348 -7.26 12.14 -50.91
CA PHE G 348 -8.70 12.02 -51.08
C PHE G 348 -9.41 13.36 -51.00
N SER G 349 -8.99 14.20 -50.05
CA SER G 349 -9.58 15.53 -49.88
C SER G 349 -9.71 16.41 -51.10
N TYR G 350 -8.59 16.63 -51.79
CA TYR G 350 -8.55 17.64 -52.81
C TYR G 350 -9.54 17.33 -53.93
N PRO G 351 -9.46 16.16 -54.55
CA PRO G 351 -10.48 15.89 -55.58
C PRO G 351 -11.91 15.93 -55.05
N ASP G 352 -12.11 15.51 -53.80
CA ASP G 352 -13.43 15.58 -53.18
C ASP G 352 -13.93 17.03 -53.09
N THR G 353 -13.05 17.94 -52.66
CA THR G 353 -13.44 19.32 -52.50
C THR G 353 -13.63 19.93 -53.91
N HIS G 354 -12.82 19.53 -54.88
CA HIS G 354 -12.93 20.06 -56.25
C HIS G 354 -14.28 19.82 -56.82
N ARG G 355 -14.78 18.60 -56.64
CA ARG G 355 -16.14 18.27 -57.06
C ARG G 355 -17.20 19.14 -56.40
N HIS G 356 -16.91 19.72 -55.25
CA HIS G 356 -17.89 20.58 -54.63
C HIS G 356 -17.68 22.01 -55.01
N ARG G 357 -16.43 22.47 -55.03
CA ARG G 357 -16.15 23.87 -55.28
C ARG G 357 -16.42 24.20 -56.75
N LEU G 358 -16.04 23.30 -57.65
CA LEU G 358 -16.08 23.64 -59.04
C LEU G 358 -17.15 22.84 -59.69
N GLY G 359 -17.11 21.53 -59.53
CA GLY G 359 -18.21 20.69 -59.94
C GLY G 359 -17.72 19.35 -60.39
N PRO G 360 -18.64 18.41 -60.61
CA PRO G 360 -18.28 17.06 -61.00
C PRO G 360 -17.26 16.97 -62.15
N ASN G 361 -17.42 17.78 -63.19
CA ASN G 361 -16.55 17.71 -64.38
C ASN G 361 -15.50 18.81 -64.44
N TYR G 362 -14.87 19.10 -63.30
CA TYR G 362 -13.98 20.26 -63.18
C TYR G 362 -12.70 20.13 -63.97
N HIS G 363 -12.27 18.89 -64.22
CA HIS G 363 -11.08 18.66 -65.03
C HIS G 363 -11.26 19.15 -66.47
N GLN G 364 -12.52 19.44 -66.87
CA GLN G 364 -12.86 19.90 -68.23
C GLN G 364 -12.67 21.40 -68.42
N ILE G 365 -12.55 22.13 -67.31
CA ILE G 365 -12.19 23.53 -67.38
C ILE G 365 -10.77 23.64 -67.90
N PRO G 366 -10.56 24.43 -68.95
CA PRO G 366 -9.22 24.57 -69.57
C PRO G 366 -7.95 24.52 -68.69
N VAL G 367 -7.77 25.37 -67.68
CA VAL G 367 -6.54 25.21 -66.86
C VAL G 367 -6.33 23.82 -66.28
N ASN G 368 -7.40 23.11 -66.04
CA ASN G 368 -7.32 21.80 -65.39
C ASN G 368 -7.10 20.61 -66.34
N CYS G 369 -7.32 20.84 -67.64
CA CYS G 369 -7.13 19.80 -68.65
C CYS G 369 -5.70 19.26 -68.67
N PRO G 370 -5.56 17.99 -69.02
CA PRO G 370 -4.21 17.53 -69.33
C PRO G 370 -3.87 18.03 -70.76
N LEU G 371 -3.28 19.22 -70.87
CA LEU G 371 -3.06 19.79 -72.21
C LEU G 371 -2.00 19.04 -73.00
N LYS G 372 -0.86 18.73 -72.39
CA LYS G 372 0.24 18.08 -73.14
C LYS G 372 -0.04 16.62 -73.56
N SER G 373 -0.52 15.80 -72.63
CA SER G 373 -1.02 14.46 -72.98
C SER G 373 -2.52 14.58 -73.11
N GLY G 374 -3.16 13.74 -73.90
CA GLY G 374 -4.62 13.87 -73.93
C GLY G 374 -5.16 13.21 -72.68
N SER G 375 -6.40 12.79 -72.78
CA SER G 375 -6.88 11.74 -71.91
C SER G 375 -7.78 10.83 -72.76
N PHE G 376 -7.85 9.58 -72.35
CA PHE G 376 -8.78 8.66 -72.91
C PHE G 376 -9.33 7.79 -71.79
N ASN G 377 -10.45 8.20 -71.23
CA ASN G 377 -11.06 7.48 -70.09
C ASN G 377 -12.52 7.12 -70.37
N PRO G 378 -12.74 6.12 -71.25
CA PRO G 378 -14.09 5.77 -71.66
C PRO G 378 -15.04 5.41 -70.52
N ILE G 379 -14.52 5.07 -69.32
CA ILE G 379 -15.39 4.66 -68.20
C ILE G 379 -16.06 5.81 -67.49
N ASN G 380 -15.44 6.98 -67.50
CA ASN G 380 -16.00 8.18 -66.94
C ASN G 380 -16.81 9.03 -67.92
N ARG G 381 -18.12 8.97 -67.82
CA ARG G 381 -19.02 9.61 -68.80
C ARG G 381 -20.14 10.43 -68.16
N ASP G 382 -20.73 11.36 -68.92
CA ASP G 382 -21.87 12.13 -68.43
C ASP G 382 -21.50 13.06 -67.25
N GLY G 383 -22.44 13.24 -66.33
CA GLY G 383 -22.30 14.22 -65.25
C GLY G 383 -22.54 15.65 -65.72
N PRO G 384 -22.85 16.57 -64.78
CA PRO G 384 -23.22 17.95 -65.08
C PRO G 384 -22.22 18.64 -65.98
N MET G 385 -22.68 19.59 -66.78
CA MET G 385 -21.76 20.46 -67.50
C MET G 385 -20.73 19.67 -68.23
N CYS G 386 -21.15 18.65 -68.94
CA CYS G 386 -20.24 17.87 -69.73
C CYS G 386 -19.97 18.59 -71.05
N VAL G 387 -18.83 19.27 -71.14
CA VAL G 387 -18.50 20.09 -72.32
C VAL G 387 -17.48 19.53 -73.37
N ASP G 388 -16.87 18.40 -73.10
CA ASP G 388 -15.74 17.98 -73.89
C ASP G 388 -16.11 16.93 -74.95
N GLY G 389 -17.40 16.77 -75.21
CA GLY G 389 -17.85 15.86 -76.26
C GLY G 389 -18.22 14.48 -75.76
N ASN G 390 -17.86 14.18 -74.51
CA ASN G 390 -18.24 12.92 -73.83
C ASN G 390 -17.89 11.70 -74.66
N LEU G 391 -16.74 11.81 -75.37
CA LEU G 391 -16.21 10.75 -76.27
C LEU G 391 -17.20 10.21 -77.33
N GLY G 392 -18.15 11.02 -77.80
CA GLY G 392 -19.12 10.52 -78.77
C GLY G 392 -19.54 9.10 -78.43
N GLY G 393 -19.46 8.21 -79.41
CA GLY G 393 -20.06 6.90 -79.23
C GLY G 393 -19.11 5.81 -78.78
N THR G 394 -17.92 6.20 -78.37
CA THR G 394 -16.95 5.24 -77.83
C THR G 394 -17.61 4.45 -76.73
N PRO G 395 -17.49 3.12 -76.77
CA PRO G 395 -18.13 2.23 -75.77
C PRO G 395 -17.63 2.51 -74.33
N ASN G 396 -18.53 2.41 -73.35
CA ASN G 396 -18.20 2.86 -71.99
C ASN G 396 -17.80 1.78 -71.01
N TYR G 397 -17.21 0.71 -71.51
CA TYR G 397 -16.70 -0.40 -70.70
C TYR G 397 -15.44 -1.01 -71.33
N ALA G 398 -14.55 -1.52 -70.48
CA ALA G 398 -13.24 -2.03 -70.92
C ALA G 398 -13.35 -3.37 -71.68
N ASN G 399 -12.49 -3.55 -72.70
CA ASN G 399 -12.49 -4.71 -73.60
C ASN G 399 -13.82 -4.94 -74.26
N ALA G 400 -14.42 -3.83 -74.69
CA ALA G 400 -15.56 -3.88 -75.57
C ALA G 400 -15.10 -4.52 -76.87
N TYR G 401 -15.95 -5.37 -77.45
CA TYR G 401 -15.57 -6.05 -78.67
C TYR G 401 -15.25 -5.13 -79.86
N ASN G 402 -15.75 -3.89 -79.82
CA ASN G 402 -15.57 -2.91 -80.89
C ASN G 402 -14.80 -1.63 -80.52
N CYS G 403 -14.03 -1.69 -79.45
CA CYS G 403 -13.15 -0.60 -79.07
C CYS G 403 -11.83 -1.26 -78.80
N PRO G 404 -10.82 -0.98 -79.65
CA PRO G 404 -9.42 -1.37 -79.35
C PRO G 404 -8.74 -0.41 -78.35
N ILE G 405 -8.57 -0.88 -77.10
CA ILE G 405 -7.83 -0.14 -76.08
C ILE G 405 -6.36 -0.59 -75.97
N GLN G 406 -5.47 0.40 -75.91
CA GLN G 406 -4.08 0.24 -75.48
C GLN G 406 -3.95 0.37 -73.95
N TYR G 407 -3.23 -0.57 -73.33
CA TYR G 407 -2.79 -0.36 -71.94
C TYR G 407 -1.26 -0.20 -71.94
N ALA G 408 -0.71 0.56 -70.98
CA ALA G 408 0.76 0.73 -70.82
C ALA G 408 1.46 -0.53 -70.23
N VAL G 409 2.66 -0.82 -70.74
CA VAL G 409 3.42 -2.06 -70.43
C VAL G 409 3.38 -2.54 -68.94
N LYS G 417 10.62 -5.67 -58.34
CA LYS G 417 11.65 -5.29 -57.35
C LYS G 417 11.12 -4.89 -55.93
N PRO G 418 11.97 -4.94 -54.87
CA PRO G 418 11.50 -5.13 -53.48
C PRO G 418 10.96 -3.90 -52.68
N ASP G 419 9.65 -3.92 -52.40
CA ASP G 419 8.96 -2.76 -51.80
C ASP G 419 8.83 -2.82 -50.26
N GLU G 420 8.03 -1.91 -49.69
CA GLU G 420 7.73 -1.88 -48.26
C GLU G 420 6.89 -3.10 -47.85
N LYS G 421 7.09 -3.59 -46.61
CA LYS G 421 6.29 -4.73 -46.13
C LYS G 421 5.47 -4.43 -44.87
N TYR G 422 4.31 -5.08 -44.77
CA TYR G 422 3.32 -4.84 -43.73
C TYR G 422 3.02 -6.10 -42.93
N THR G 423 2.96 -5.96 -41.59
CA THR G 423 2.55 -7.02 -40.66
C THR G 423 1.68 -6.45 -39.56
N GLY G 424 0.59 -7.14 -39.24
CA GLY G 424 -0.17 -6.81 -38.06
C GLY G 424 -1.64 -6.84 -38.35
N GLU G 425 -2.45 -6.37 -37.40
CA GLU G 425 -3.90 -6.21 -37.60
C GLU G 425 -4.19 -4.77 -38.04
N VAL G 426 -5.44 -4.52 -38.41
CA VAL G 426 -5.91 -3.17 -38.64
C VAL G 426 -5.91 -2.45 -37.28
N VAL G 427 -5.17 -1.36 -37.19
CA VAL G 427 -4.96 -0.69 -35.92
C VAL G 427 -5.38 0.78 -35.95
N PRO G 428 -6.14 1.23 -34.95
CA PRO G 428 -6.37 2.65 -34.83
C PRO G 428 -5.18 3.29 -34.18
N TYR G 429 -4.73 4.41 -34.71
CA TYR G 429 -3.58 5.08 -34.14
C TYR G 429 -3.67 6.60 -34.18
N HIS G 430 -3.21 7.21 -33.11
CA HIS G 430 -3.05 8.64 -33.01
C HIS G 430 -1.61 8.75 -32.53
N TRP G 431 -0.75 9.38 -33.32
CA TRP G 431 0.68 9.45 -33.04
C TRP G 431 0.97 9.91 -31.62
N GLU G 432 1.82 9.15 -30.93
CA GLU G 432 2.10 9.45 -29.52
C GLU G 432 3.42 10.12 -29.33
N HIS G 433 3.38 11.14 -28.50
CA HIS G 433 4.53 11.96 -28.17
C HIS G 433 5.69 11.14 -27.64
N THR G 434 6.89 11.48 -28.10
CA THR G 434 8.15 10.98 -27.56
C THR G 434 9.06 12.18 -27.29
N ASP G 435 10.05 12.05 -26.42
CA ASP G 435 10.95 13.18 -26.10
C ASP G 435 11.59 13.87 -27.30
N TYR G 436 11.81 13.10 -28.37
CA TYR G 436 12.46 13.63 -29.56
C TYR G 436 11.65 14.72 -30.23
N ASP G 437 10.34 14.66 -30.08
CA ASP G 437 9.45 15.63 -30.73
C ASP G 437 9.80 17.04 -30.29
N TYR G 438 10.36 17.23 -29.09
CA TYR G 438 10.78 18.56 -28.68
C TYR G 438 12.16 18.95 -29.19
N PHE G 439 12.90 17.98 -29.71
CA PHE G 439 14.31 18.21 -30.06
C PHE G 439 14.50 19.19 -31.23
N GLN G 440 13.70 19.00 -32.26
CA GLN G 440 13.85 19.80 -33.44
C GLN G 440 13.41 21.27 -33.26
N PRO G 441 12.41 21.52 -32.39
CA PRO G 441 12.13 22.91 -32.06
C PRO G 441 13.24 23.55 -31.25
N LYS G 442 13.92 22.76 -30.43
CA LYS G 442 15.05 23.26 -29.63
C LYS G 442 16.12 23.78 -30.57
N MET G 443 16.39 23.00 -31.60
CA MET G 443 17.37 23.37 -32.61
C MET G 443 16.98 24.61 -33.37
N PHE G 444 15.68 24.80 -33.60
CA PHE G 444 15.23 25.97 -34.35
C PHE G 444 15.38 27.24 -33.56
N TRP G 445 15.29 27.09 -32.24
CA TRP G 445 15.53 28.20 -31.37
C TRP G 445 16.96 28.63 -31.59
N LYS G 446 17.87 27.65 -31.63
CA LYS G 446 19.29 27.91 -31.89
C LYS G 446 19.54 28.45 -33.30
N VAL G 447 18.79 28.02 -34.32
CA VAL G 447 19.02 28.52 -35.67
C VAL G 447 18.68 29.98 -35.80
N LEU G 448 17.55 30.37 -35.19
CA LEU G 448 17.27 31.78 -35.01
C LEU G 448 18.35 32.23 -34.06
N GLY G 449 18.54 33.52 -33.86
CA GLY G 449 19.56 33.91 -32.88
C GLY G 449 20.99 33.54 -33.28
N ARG G 450 21.17 32.98 -34.47
CA ARG G 450 22.43 33.17 -35.16
C ARG G 450 22.25 34.41 -36.01
N THR G 451 21.04 34.97 -36.00
CA THR G 451 20.73 36.18 -36.74
C THR G 451 20.09 37.16 -35.77
N PRO G 452 20.79 38.27 -35.48
CA PRO G 452 20.22 39.28 -34.60
C PRO G 452 18.74 39.60 -34.92
N GLY G 453 17.98 39.80 -33.83
CA GLY G 453 16.59 40.22 -33.92
C GLY G 453 15.57 39.09 -34.07
N GLU G 454 16.05 37.93 -34.50
CA GLU G 454 15.14 36.83 -34.87
C GLU G 454 14.46 36.21 -33.68
N GLN G 455 15.24 35.94 -32.63
CA GLN G 455 14.70 35.46 -31.37
C GLN G 455 13.80 36.49 -30.70
N GLU G 456 14.16 37.76 -30.82
CA GLU G 456 13.43 38.79 -30.14
C GLU G 456 12.14 39.06 -30.89
N SER G 457 12.14 38.75 -32.17
CA SER G 457 10.95 38.89 -32.99
C SER G 457 9.94 37.84 -32.59
N LEU G 458 10.37 36.59 -32.58
CA LEU G 458 9.48 35.49 -32.24
C LEU G 458 8.74 35.80 -30.96
N VAL G 459 9.46 36.14 -29.90
CA VAL G 459 8.82 36.50 -28.64
C VAL G 459 7.87 37.70 -28.75
N LYS G 460 8.26 38.74 -29.50
CA LYS G 460 7.42 39.92 -29.66
C LYS G 460 6.12 39.54 -30.37
N ASN G 461 6.28 38.71 -31.37
CA ASN G 461 5.17 38.29 -32.20
C ASN G 461 4.14 37.42 -31.48
N VAL G 462 4.63 36.37 -30.82
CA VAL G 462 3.77 35.54 -30.04
C VAL G 462 3.11 36.36 -28.95
N ALA G 463 3.77 37.42 -28.50
CA ALA G 463 3.27 38.16 -27.35
C ALA G 463 2.10 39.05 -27.72
N ASN G 464 2.19 39.66 -28.90
CA ASN G 464 1.14 40.56 -29.31
C ASN G 464 -0.12 39.86 -29.69
N HIS G 465 0.04 38.63 -30.16
CA HIS G 465 -1.09 37.81 -30.50
C HIS G 465 -1.74 37.24 -29.24
N VAL G 466 -0.93 36.83 -28.28
CA VAL G 466 -1.44 36.15 -27.09
C VAL G 466 -1.99 37.11 -26.03
N SER G 467 -1.78 38.41 -26.22
CA SER G 467 -2.14 39.37 -25.21
C SER G 467 -3.63 39.63 -25.20
N ALA G 468 -4.31 39.14 -26.24
CA ALA G 468 -5.78 39.20 -26.29
C ALA G 468 -6.49 37.97 -25.68
N ALA G 469 -5.76 36.89 -25.48
CA ALA G 469 -6.25 35.70 -24.81
C ALA G 469 -6.44 35.93 -23.33
N ASP G 470 -7.29 35.16 -22.68
CA ASP G 470 -7.48 35.24 -21.23
C ASP G 470 -6.26 34.67 -20.49
N GLU G 471 -6.05 35.11 -19.26
CA GLU G 471 -4.86 34.73 -18.57
C GLU G 471 -4.64 33.26 -18.56
N PHE G 472 -5.71 32.50 -18.36
CA PHE G 472 -5.57 31.07 -18.04
C PHE G 472 -5.01 30.34 -19.24
N ILE G 473 -5.15 31.02 -20.37
CA ILE G 473 -4.74 30.51 -21.67
C ILE G 473 -3.41 31.10 -22.13
N GLN G 474 -3.12 32.33 -21.72
CA GLN G 474 -1.72 32.81 -21.71
C GLN G 474 -0.78 31.84 -20.98
N ASP G 475 -1.11 31.47 -19.75
CA ASP G 475 -0.29 30.54 -18.97
C ASP G 475 0.08 29.24 -19.68
N ARG G 476 -0.87 28.66 -20.42
CA ARG G 476 -0.64 27.40 -21.14
C ARG G 476 0.30 27.63 -22.31
N VAL G 477 0.28 28.85 -22.84
CA VAL G 477 1.11 29.19 -23.99
C VAL G 477 2.58 29.32 -23.59
N TYR G 478 2.83 29.83 -22.39
CA TYR G 478 4.19 29.92 -21.83
C TYR G 478 4.79 28.52 -21.60
N GLU G 479 4.00 27.63 -21.00
CA GLU G 479 4.39 26.24 -20.81
C GLU G 479 4.74 25.54 -22.13
N TYR G 480 3.99 25.89 -23.16
CA TYR G 480 4.08 25.26 -24.46
C TYR G 480 5.41 25.65 -25.11
N PHE G 481 5.68 26.95 -25.20
CA PHE G 481 6.93 27.38 -25.78
C PHE G 481 8.15 26.93 -24.95
N SER G 482 7.94 26.78 -23.64
CA SER G 482 8.99 26.39 -22.71
C SER G 482 9.36 24.92 -22.84
N LYS G 483 8.56 24.15 -23.55
CA LYS G 483 8.92 22.77 -23.84
C LYS G 483 10.04 22.69 -24.88
N ALA G 484 10.22 23.75 -25.68
CA ALA G 484 11.32 23.80 -26.62
C ALA G 484 12.55 24.25 -25.88
N GLU G 485 12.45 25.42 -25.25
CA GLU G 485 13.49 25.97 -24.39
C GLU G 485 12.78 26.76 -23.32
N PRO G 486 13.08 26.44 -22.06
CA PRO G 486 12.41 27.13 -20.96
C PRO G 486 12.51 28.66 -20.99
N ILE G 487 13.55 29.20 -21.61
CA ILE G 487 13.70 30.63 -21.62
C ILE G 487 12.62 31.33 -22.48
N ILE G 488 12.09 30.62 -23.46
CA ILE G 488 11.06 31.16 -24.35
C ILE G 488 9.76 31.54 -23.62
N GLY G 489 9.24 30.59 -22.85
CA GLY G 489 8.08 30.83 -22.02
C GLY G 489 8.25 32.09 -21.22
N ASP G 490 9.32 32.15 -20.42
CA ASP G 490 9.53 33.25 -19.47
C ASP G 490 9.68 34.59 -20.16
N LEU G 491 10.25 34.55 -21.35
CA LEU G 491 10.49 35.74 -22.12
C LEU G 491 9.17 36.24 -22.70
N ILE G 492 8.29 35.31 -23.04
CA ILE G 492 6.99 35.68 -23.59
C ILE G 492 6.11 36.23 -22.48
N ARG G 493 6.08 35.57 -21.32
CA ARG G 493 5.32 36.07 -20.20
C ARG G 493 5.75 37.48 -19.82
N LYS G 494 7.05 37.73 -19.88
CA LYS G 494 7.58 39.00 -19.43
C LYS G 494 7.17 40.09 -20.42
N LYS G 495 7.27 39.78 -21.70
CA LYS G 495 6.88 40.71 -22.75
C LYS G 495 5.37 40.94 -22.76
N VAL G 496 4.59 39.90 -22.45
CA VAL G 496 3.13 40.02 -22.33
C VAL G 496 2.74 40.93 -21.17
N GLN G 497 3.41 40.80 -20.03
CA GLN G 497 3.14 41.62 -18.84
C GLN G 497 3.54 43.09 -19.04
N GLU G 498 4.63 43.32 -19.77
CA GLU G 498 5.09 44.67 -20.10
C GLU G 498 4.14 45.38 -21.09
N LEU G 499 3.57 44.61 -22.02
CA LEU G 499 2.54 45.14 -22.93
C LEU G 499 1.27 45.55 -22.17
N LYS G 500 0.96 44.81 -21.10
CA LYS G 500 -0.20 45.14 -20.23
C LYS G 500 -0.01 46.46 -19.50
N ARG G 501 1.22 46.75 -19.08
CA ARG G 501 1.60 47.97 -18.33
C ARG G 501 1.17 49.28 -19.05
N LYS G 502 1.37 49.35 -20.37
CA LYS G 502 0.84 50.46 -21.19
C LYS G 502 -0.73 50.46 -21.29
N ALA G 503 -1.37 50.85 -20.19
CA ALA G 503 -2.82 50.78 -20.04
N VAL H 8 -4.02 5.74 -75.75
CA VAL H 8 -3.70 5.18 -74.39
C VAL H 8 -4.77 5.46 -73.33
N PHE H 9 -5.21 4.40 -72.63
CA PHE H 9 -6.13 4.48 -71.48
C PHE H 9 -5.48 5.29 -70.35
N THR H 10 -6.21 6.26 -69.80
CA THR H 10 -5.67 7.12 -68.75
C THR H 10 -6.68 7.46 -67.62
N THR H 11 -6.18 8.16 -66.61
CA THR H 11 -7.02 8.77 -65.56
C THR H 11 -7.54 10.10 -66.08
N SER H 12 -8.55 10.65 -65.41
CA SER H 12 -9.15 11.88 -65.82
C SER H 12 -8.08 12.95 -66.03
N GLN H 13 -6.93 12.77 -65.39
CA GLN H 13 -5.80 13.72 -65.40
C GLN H 13 -4.66 13.39 -66.39
N GLY H 14 -4.83 12.31 -67.13
CA GLY H 14 -3.95 11.97 -68.25
C GLY H 14 -2.83 10.99 -67.96
N CYS H 15 -2.79 10.52 -66.71
CA CYS H 15 -1.83 9.50 -66.29
C CYS H 15 -2.27 8.15 -66.88
N PRO H 16 -1.34 7.45 -67.56
CA PRO H 16 -1.51 6.11 -68.15
C PRO H 16 -1.89 5.05 -67.11
N VAL H 17 -2.75 4.15 -67.51
CA VAL H 17 -3.24 3.15 -66.61
C VAL H 17 -2.95 1.78 -67.21
N SER H 18 -2.34 0.90 -66.43
CA SER H 18 -1.90 -0.37 -67.00
C SER H 18 -3.02 -1.40 -67.10
N ASP H 19 -3.84 -1.49 -66.06
CA ASP H 19 -4.86 -2.53 -65.98
C ASP H 19 -6.17 -1.89 -65.54
N PRO H 20 -7.25 -2.08 -66.30
CA PRO H 20 -8.51 -1.43 -65.98
C PRO H 20 -9.20 -1.99 -64.72
N PHE H 21 -8.78 -3.15 -64.25
CA PHE H 21 -9.59 -3.90 -63.32
C PHE H 21 -8.93 -4.15 -61.98
N THR H 22 -7.70 -3.69 -61.80
CA THR H 22 -7.01 -3.97 -60.57
C THR H 22 -7.32 -2.93 -59.50
N THR H 23 -7.33 -3.35 -58.24
CA THR H 23 -7.37 -2.41 -57.11
C THR H 23 -6.33 -2.80 -56.09
N GLN H 24 -5.71 -1.82 -55.45
CA GLN H 24 -4.70 -2.08 -54.42
C GLN H 24 -5.28 -2.62 -53.12
N ARG H 25 -4.53 -3.55 -52.52
CA ARG H 25 -4.82 -4.06 -51.17
C ARG H 25 -3.57 -4.60 -50.50
N ILE H 26 -3.54 -4.62 -49.17
CA ILE H 26 -2.52 -5.39 -48.44
C ILE H 26 -3.17 -6.69 -48.03
N PRO H 27 -2.51 -7.83 -48.29
CA PRO H 27 -3.26 -9.08 -48.19
C PRO H 27 -3.21 -9.70 -46.81
N LEU H 28 -4.26 -10.42 -46.48
CA LEU H 28 -4.28 -11.23 -45.27
C LEU H 28 -3.15 -12.24 -45.33
N ASP H 29 -2.66 -12.64 -44.15
CA ASP H 29 -1.75 -13.77 -44.08
C ASP H 29 -2.50 -15.00 -44.53
N SER H 30 -1.92 -15.71 -45.49
CA SER H 30 -2.56 -16.86 -46.14
C SER H 30 -2.30 -18.20 -45.45
N THR H 31 -1.41 -18.22 -44.44
CA THR H 31 -1.10 -19.47 -43.71
C THR H 31 -2.31 -20.10 -43.02
N GLY H 32 -2.65 -21.31 -43.48
CA GLY H 32 -3.78 -22.07 -42.95
C GLY H 32 -4.88 -22.21 -43.97
N TYR H 33 -4.82 -21.40 -45.03
CA TYR H 33 -5.89 -21.34 -45.99
C TYR H 33 -5.78 -22.39 -47.10
N LYS H 34 -6.83 -23.20 -47.26
CA LYS H 34 -6.87 -24.11 -48.41
C LYS H 34 -6.90 -23.28 -49.68
N TYR H 35 -7.64 -22.15 -49.63
CA TYR H 35 -7.76 -21.20 -50.73
C TYR H 35 -7.32 -19.81 -50.25
N ALA H 36 -6.24 -19.28 -50.81
CA ALA H 36 -5.65 -18.03 -50.32
C ALA H 36 -5.45 -16.89 -51.36
N PRO H 37 -6.54 -16.34 -51.94
CA PRO H 37 -6.31 -15.14 -52.75
C PRO H 37 -5.88 -13.94 -51.88
N PRO H 38 -5.04 -13.03 -52.43
CA PRO H 38 -4.57 -11.87 -51.64
C PRO H 38 -5.64 -10.80 -51.46
N ILE H 39 -6.42 -10.92 -50.39
CA ILE H 39 -7.56 -10.02 -50.13
C ILE H 39 -7.24 -9.19 -48.90
N GLY H 40 -7.55 -7.92 -48.99
CA GLY H 40 -7.31 -6.95 -47.95
C GLY H 40 -8.21 -5.73 -48.10
N PRO H 41 -8.16 -4.81 -47.11
CA PRO H 41 -9.01 -3.64 -47.16
C PRO H 41 -8.48 -2.71 -48.23
N LEU H 42 -9.39 -2.04 -48.93
CA LEU H 42 -9.05 -1.14 -50.04
C LEU H 42 -8.49 0.16 -49.50
N LEU H 43 -7.64 0.81 -50.28
CA LEU H 43 -6.85 1.91 -49.71
C LEU H 43 -7.22 3.22 -50.29
N LEU H 44 -7.10 4.28 -49.49
CA LEU H 44 -7.42 5.66 -49.92
C LEU H 44 -6.52 6.14 -51.03
N GLN H 45 -5.31 5.60 -51.11
CA GLN H 45 -4.37 6.09 -52.09
C GLN H 45 -4.66 5.52 -53.48
N ASP H 46 -5.61 4.58 -53.56
CA ASP H 46 -5.92 3.96 -54.83
C ASP H 46 -6.69 4.93 -55.72
N PHE H 47 -5.96 5.82 -56.39
CA PHE H 47 -6.58 6.89 -57.18
C PHE H 47 -7.50 6.39 -58.30
N LYS H 48 -7.00 5.49 -59.11
CA LYS H 48 -7.83 4.94 -60.15
C LYS H 48 -9.21 4.54 -59.60
N LEU H 49 -9.23 3.98 -58.39
CA LEU H 49 -10.45 3.47 -57.79
C LEU H 49 -11.34 4.64 -57.50
N ILE H 50 -10.88 5.53 -56.61
CA ILE H 50 -11.65 6.68 -56.18
C ILE H 50 -12.09 7.53 -57.38
N ASP H 51 -11.18 7.69 -58.33
CA ASP H 51 -11.44 8.54 -59.49
C ASP H 51 -12.54 7.97 -60.36
N THR H 52 -12.57 6.66 -60.55
CA THR H 52 -13.59 6.15 -61.44
C THR H 52 -14.95 5.97 -60.79
N LEU H 53 -14.95 5.63 -59.51
CA LEU H 53 -16.18 5.48 -58.74
C LEU H 53 -16.86 6.83 -58.43
N SER H 54 -16.06 7.84 -58.12
CA SER H 54 -16.65 9.11 -57.73
C SER H 54 -17.22 9.78 -58.93
N HIS H 55 -16.65 9.47 -60.10
CA HIS H 55 -17.27 9.92 -61.34
C HIS H 55 -18.59 9.20 -61.58
N PHE H 56 -18.58 7.88 -61.48
CA PHE H 56 -19.77 7.08 -61.61
C PHE H 56 -20.87 7.67 -60.75
N ASP H 57 -20.54 7.91 -59.48
CA ASP H 57 -21.46 8.42 -58.46
C ASP H 57 -22.20 9.67 -58.87
N ARG H 58 -21.67 10.38 -59.86
CA ARG H 58 -22.17 11.72 -60.28
C ARG H 58 -22.69 11.80 -61.74
N GLU H 59 -23.00 10.66 -62.36
CA GLU H 59 -23.34 10.66 -63.78
C GLU H 59 -24.67 11.31 -64.03
N ARG H 60 -25.54 11.36 -63.03
CA ARG H 60 -26.91 11.79 -63.31
C ARG H 60 -27.18 13.28 -63.03
N ILE H 61 -27.94 13.89 -63.94
CA ILE H 61 -28.49 15.24 -63.68
C ILE H 61 -30.03 15.15 -63.61
N PRO H 62 -30.71 16.17 -63.06
CA PRO H 62 -32.16 16.05 -63.01
C PRO H 62 -32.78 15.98 -64.39
N GLU H 63 -33.84 15.20 -64.56
CA GLU H 63 -34.52 15.16 -65.86
C GLU H 63 -35.33 16.41 -66.02
N ARG H 64 -35.74 16.77 -67.24
CA ARG H 64 -36.61 17.91 -67.48
C ARG H 64 -37.93 17.76 -66.66
N VAL H 65 -38.48 18.84 -66.08
CA VAL H 65 -39.73 18.70 -65.31
C VAL H 65 -40.85 18.10 -66.17
N VAL H 66 -40.86 18.50 -67.45
CA VAL H 66 -41.78 17.99 -68.47
C VAL H 66 -40.99 17.68 -69.73
N HIS H 67 -41.52 16.79 -70.57
CA HIS H 67 -40.85 16.39 -71.78
C HIS H 67 -39.49 15.77 -71.49
N ALA H 68 -39.43 14.97 -70.43
CA ALA H 68 -38.20 14.31 -70.04
C ALA H 68 -37.72 13.26 -71.08
N LYS H 69 -38.66 12.53 -71.67
CA LYS H 69 -38.30 11.40 -72.53
C LYS H 69 -38.30 11.86 -73.98
N GLY H 70 -37.20 11.69 -74.68
CA GLY H 70 -37.07 12.31 -75.99
C GLY H 70 -35.93 11.81 -76.83
N ALA H 71 -35.92 12.23 -78.09
CA ALA H 71 -34.88 11.83 -79.02
C ALA H 71 -34.61 12.98 -79.97
N GLY H 72 -33.37 13.10 -80.42
CA GLY H 72 -32.99 14.23 -81.26
C GLY H 72 -32.17 13.92 -82.47
N ALA H 73 -32.01 14.91 -83.35
CA ALA H 73 -31.13 14.77 -84.51
C ALA H 73 -30.76 16.12 -85.14
N TYR H 74 -29.65 16.15 -85.87
CA TYR H 74 -29.24 17.35 -86.53
C TYR H 74 -29.81 17.32 -87.93
N GLY H 75 -29.89 18.48 -88.57
CA GLY H 75 -30.47 18.62 -89.89
C GLY H 75 -30.19 19.95 -90.53
N VAL H 76 -30.90 20.23 -91.62
CA VAL H 76 -30.70 21.43 -92.43
C VAL H 76 -32.06 22.02 -92.70
N PHE H 77 -32.18 23.32 -92.50
CA PHE H 77 -33.35 24.07 -92.95
C PHE H 77 -32.97 24.93 -94.18
N GLU H 78 -33.88 24.96 -95.15
CA GLU H 78 -33.69 25.76 -96.37
C GLU H 78 -34.84 26.75 -96.53
N VAL H 79 -34.52 28.00 -96.84
CA VAL H 79 -35.53 28.98 -97.22
C VAL H 79 -35.89 28.68 -98.67
N THR H 80 -37.17 28.48 -98.95
CA THR H 80 -37.58 28.16 -100.32
C THR H 80 -38.35 29.26 -101.08
N ASP H 81 -38.97 30.19 -100.33
CA ASP H 81 -39.80 31.26 -100.89
C ASP H 81 -39.36 32.59 -100.32
N ASP H 82 -39.63 33.69 -101.02
CA ASP H 82 -39.31 35.02 -100.46
C ASP H 82 -40.41 35.53 -99.50
N ILE H 83 -40.09 35.62 -98.20
CA ILE H 83 -41.05 36.18 -97.24
C ILE H 83 -40.48 37.38 -96.54
N THR H 84 -39.45 37.98 -97.11
CA THR H 84 -38.83 39.17 -96.52
C THR H 84 -39.80 40.32 -96.26
N ASP H 85 -40.98 40.25 -96.89
CA ASP H 85 -42.03 41.27 -96.78
C ASP H 85 -42.76 41.08 -95.46
N VAL H 86 -42.66 39.88 -94.93
CA VAL H 86 -43.22 39.56 -93.64
C VAL H 86 -42.14 39.60 -92.52
N CYS H 87 -40.92 39.13 -92.80
CA CYS H 87 -39.93 38.95 -91.75
C CYS H 87 -38.46 39.22 -92.10
N SER H 88 -37.80 40.02 -91.27
CA SER H 88 -36.44 40.52 -91.58
C SER H 88 -35.31 39.62 -91.10
N ALA H 89 -35.66 38.41 -90.65
CA ALA H 89 -34.69 37.53 -90.05
C ALA H 89 -33.60 37.14 -91.03
N LYS H 90 -32.35 37.45 -90.69
CA LYS H 90 -31.19 37.09 -91.50
C LYS H 90 -31.23 35.69 -92.10
N PHE H 91 -31.76 34.71 -91.39
CA PHE H 91 -31.72 33.34 -91.87
C PHE H 91 -32.85 33.05 -92.82
N LEU H 92 -33.72 34.04 -93.02
CA LEU H 92 -34.70 34.01 -94.13
C LEU H 92 -34.36 35.07 -95.20
N ASP H 93 -33.25 35.78 -95.02
CA ASP H 93 -32.65 36.71 -95.98
C ASP H 93 -32.99 36.49 -97.43
N THR H 94 -32.51 35.37 -97.97
CA THR H 94 -32.46 35.16 -99.40
C THR H 94 -32.82 33.72 -99.69
N VAL H 95 -33.38 33.47 -100.87
CA VAL H 95 -33.82 32.12 -101.26
C VAL H 95 -32.67 31.11 -101.40
N GLY H 96 -32.89 29.90 -100.88
CA GLY H 96 -31.89 28.84 -100.91
C GLY H 96 -30.83 28.91 -99.82
N LYS H 97 -30.99 29.84 -98.86
CA LYS H 97 -30.06 29.93 -97.71
C LYS H 97 -30.24 28.77 -96.73
N LYS H 98 -29.12 28.18 -96.29
CA LYS H 98 -29.18 26.98 -95.45
C LYS H 98 -28.72 27.23 -94.00
N THR H 99 -29.43 26.61 -93.05
CA THR H 99 -29.17 26.81 -91.63
C THR H 99 -29.17 25.47 -90.92
N ARG H 100 -28.11 25.25 -90.13
CA ARG H 100 -27.98 24.04 -89.33
C ARG H 100 -28.98 24.05 -88.17
N ILE H 101 -29.67 22.94 -87.98
CA ILE H 101 -30.64 22.84 -86.89
C ILE H 101 -30.44 21.59 -86.03
N PHE H 102 -31.00 21.63 -84.81
CA PHE H 102 -31.15 20.42 -84.01
C PHE H 102 -32.57 20.34 -83.50
N THR H 103 -33.17 19.17 -83.62
CA THR H 103 -34.52 18.98 -83.22
C THR H 103 -34.59 17.87 -82.24
N ARG H 104 -35.31 18.14 -81.16
CA ARG H 104 -35.63 17.14 -80.18
C ARG H 104 -37.15 16.93 -80.10
N PHE H 105 -37.57 15.69 -80.30
CA PHE H 105 -38.95 15.25 -80.05
C PHE H 105 -39.06 14.64 -78.66
N SER H 106 -40.25 14.75 -78.07
CA SER H 106 -40.51 14.33 -76.68
C SER H 106 -41.97 14.05 -76.51
N THR H 107 -42.28 13.24 -75.49
CA THR H 107 -43.62 13.12 -74.94
C THR H 107 -43.71 14.15 -73.84
N VAL H 108 -44.81 14.20 -73.10
CA VAL H 108 -44.88 15.26 -72.10
C VAL H 108 -44.66 14.78 -70.65
N GLY H 109 -45.64 14.06 -70.11
CA GLY H 109 -45.66 13.76 -68.67
C GLY H 109 -44.77 12.61 -68.24
N GLY H 110 -44.52 11.67 -69.15
CA GLY H 110 -43.65 10.53 -68.84
C GLY H 110 -42.26 10.90 -68.32
N GLU H 111 -41.77 10.09 -67.37
CA GLU H 111 -40.39 10.21 -66.89
C GLU H 111 -39.48 9.41 -67.81
N LYS H 112 -38.21 9.39 -67.44
CA LYS H 112 -37.12 9.07 -68.34
C LYS H 112 -37.13 7.63 -68.83
N GLY H 113 -37.62 6.71 -68.03
CA GLY H 113 -37.72 5.31 -68.51
C GLY H 113 -39.06 4.92 -69.13
N SER H 114 -39.95 5.88 -69.32
CA SER H 114 -41.31 5.59 -69.70
C SER H 114 -41.40 5.31 -71.19
N ALA H 115 -42.61 4.94 -71.64
CA ALA H 115 -42.83 4.48 -73.01
C ALA H 115 -43.00 5.60 -74.03
N ASP H 116 -42.38 5.41 -75.19
CA ASP H 116 -42.37 6.37 -76.27
C ASP H 116 -43.76 6.50 -76.87
N THR H 117 -44.57 5.47 -76.70
CA THR H 117 -45.87 5.40 -77.34
C THR H 117 -47.01 5.65 -76.34
N ALA H 118 -46.66 6.33 -75.25
CA ALA H 118 -47.64 6.74 -74.24
C ALA H 118 -48.58 7.78 -74.82
N ARG H 119 -49.81 7.81 -74.31
CA ARG H 119 -50.77 8.79 -74.79
C ARG H 119 -50.37 10.16 -74.24
N ASP H 120 -50.01 11.08 -75.13
CA ASP H 120 -49.52 12.43 -74.74
C ASP H 120 -49.44 13.38 -75.95
N PRO H 121 -49.37 14.70 -75.70
CA PRO H 121 -48.90 15.57 -76.77
C PRO H 121 -47.48 15.15 -77.12
N ARG H 122 -46.93 15.68 -78.19
CA ARG H 122 -45.52 15.42 -78.44
C ARG H 122 -44.83 16.72 -78.60
N GLY H 123 -43.62 16.83 -78.05
CA GLY H 123 -42.82 18.04 -78.17
C GLY H 123 -42.03 18.05 -79.46
N PHE H 124 -41.82 19.22 -80.02
CA PHE H 124 -41.16 19.33 -81.31
C PHE H 124 -40.34 20.58 -81.19
N ALA H 125 -39.15 20.46 -80.63
CA ALA H 125 -38.31 21.63 -80.39
C ALA H 125 -37.20 21.73 -81.42
N THR H 126 -36.93 22.92 -81.95
CA THR H 126 -35.92 23.04 -82.96
C THR H 126 -35.03 24.24 -82.70
N LYS H 127 -33.71 24.01 -82.66
CA LYS H 127 -32.71 25.07 -82.48
C LYS H 127 -32.07 25.43 -83.84
N PHE H 128 -32.15 26.69 -84.25
CA PHE H 128 -31.56 27.14 -85.50
C PHE H 128 -30.33 27.97 -85.20
N TYR H 129 -29.21 27.57 -85.77
CA TYR H 129 -28.00 28.34 -85.53
C TYR H 129 -27.82 29.42 -86.57
N THR H 130 -28.31 30.62 -86.30
CA THR H 130 -28.29 31.69 -87.29
C THR H 130 -27.13 32.66 -87.09
N GLU H 131 -26.91 33.51 -88.10
CA GLU H 131 -25.90 34.57 -88.06
C GLU H 131 -26.27 35.61 -87.02
N ASP H 132 -27.54 35.60 -86.65
CA ASP H 132 -28.03 36.54 -85.66
C ASP H 132 -28.31 35.90 -84.30
N GLY H 133 -27.75 34.73 -84.04
CA GLY H 133 -27.94 34.08 -82.74
C GLY H 133 -28.80 32.82 -82.86
N ASN H 134 -28.88 32.02 -81.80
CA ASN H 134 -29.64 30.79 -81.89
C ASN H 134 -31.10 31.08 -81.69
N LEU H 135 -31.93 30.54 -82.57
CA LEU H 135 -33.37 30.71 -82.48
C LEU H 135 -34.02 29.39 -82.11
N ASP H 136 -34.75 29.39 -80.99
CA ASP H 136 -35.51 28.19 -80.59
C ASP H 136 -36.97 28.30 -80.98
N LEU H 137 -37.42 27.39 -81.82
CA LEU H 137 -38.84 27.27 -82.07
C LEU H 137 -39.29 26.06 -81.29
N VAL H 138 -39.81 26.33 -80.10
CA VAL H 138 -40.20 25.26 -79.17
C VAL H 138 -41.68 24.96 -79.33
N TYR H 139 -41.97 23.96 -80.15
CA TYR H 139 -43.31 23.68 -80.64
C TYR H 139 -43.83 22.35 -80.09
N ASN H 140 -45.14 22.12 -80.22
CA ASN H 140 -45.77 20.83 -79.96
C ASN H 140 -46.33 20.29 -81.26
N ASN H 141 -46.89 19.08 -81.19
CA ASN H 141 -47.50 18.44 -82.35
C ASN H 141 -49.00 18.76 -82.49
N THR H 142 -49.47 19.68 -81.67
CA THR H 142 -50.84 20.16 -81.78
C THR H 142 -50.74 21.70 -81.93
N PRO H 143 -51.75 22.34 -82.59
CA PRO H 143 -51.81 23.80 -82.75
C PRO H 143 -52.37 24.53 -81.53
N ILE H 144 -52.86 23.74 -80.56
CA ILE H 144 -53.46 24.29 -79.35
C ILE H 144 -52.92 23.65 -78.07
N PHE H 145 -53.45 24.07 -76.90
CA PHE H 145 -53.01 23.51 -75.63
C PHE H 145 -54.08 23.56 -74.55
N PHE H 146 -53.83 22.85 -73.44
CA PHE H 146 -54.78 22.61 -72.34
C PHE H 146 -55.07 23.85 -71.53
N ILE H 147 -54.26 24.89 -71.67
CA ILE H 147 -54.45 26.07 -70.82
C ILE H 147 -54.27 27.39 -71.58
N ARG H 148 -54.73 28.49 -70.98
CA ARG H 148 -54.48 29.82 -71.56
C ARG H 148 -54.17 30.81 -70.45
N ASP H 149 -54.08 30.27 -69.24
CA ASP H 149 -53.65 31.03 -68.07
C ASP H 149 -52.34 30.45 -67.55
N PRO H 150 -51.24 31.22 -67.63
CA PRO H 150 -49.91 30.67 -67.43
C PRO H 150 -49.78 29.89 -66.11
N ILE H 151 -50.23 30.50 -65.03
CA ILE H 151 -49.97 29.97 -63.72
C ILE H 151 -50.72 28.68 -63.43
N LYS H 152 -51.56 28.25 -64.36
CA LYS H 152 -52.23 26.97 -64.24
C LYS H 152 -51.32 25.79 -64.62
N PHE H 153 -50.25 26.11 -65.32
CA PHE H 153 -49.43 25.04 -65.84
C PHE H 153 -48.98 24.04 -64.75
N PRO H 154 -48.47 24.54 -63.60
CA PRO H 154 -48.00 23.52 -62.65
C PRO H 154 -49.14 22.67 -62.10
N HIS H 155 -50.32 23.28 -61.94
CA HIS H 155 -51.53 22.53 -61.51
C HIS H 155 -51.86 21.42 -62.51
N PHE H 156 -51.97 21.83 -63.78
CA PHE H 156 -52.27 20.89 -64.82
C PHE H 156 -51.26 19.75 -64.81
N ILE H 157 -49.98 20.08 -65.01
CA ILE H 157 -48.95 19.06 -65.10
C ILE H 157 -48.91 18.18 -63.84
N HIS H 158 -49.15 18.78 -62.67
CA HIS H 158 -49.21 17.98 -61.45
C HIS H 158 -50.25 16.87 -61.55
N THR H 159 -51.46 17.21 -61.94
CA THR H 159 -52.50 16.18 -62.18
C THR H 159 -52.17 15.18 -63.31
N GLN H 160 -51.42 15.63 -64.32
CA GLN H 160 -50.98 14.71 -65.39
C GLN H 160 -49.98 13.65 -64.89
N LYS H 161 -49.45 13.85 -63.68
CA LYS H 161 -48.35 12.99 -63.21
C LYS H 161 -48.78 12.14 -62.02
N ARG H 162 -47.97 12.14 -60.96
CA ARG H 162 -48.15 11.15 -59.89
C ARG H 162 -48.74 11.73 -58.62
N ASN H 163 -49.55 10.92 -57.93
CA ASN H 163 -50.05 11.29 -56.64
C ASN H 163 -48.92 11.48 -55.63
N PRO H 164 -48.95 12.58 -54.85
CA PRO H 164 -47.88 12.94 -53.89
C PRO H 164 -47.59 11.86 -52.87
N ALA H 165 -48.62 11.12 -52.45
CA ALA H 165 -48.45 10.05 -51.47
C ALA H 165 -48.06 8.70 -52.10
N THR H 166 -48.84 8.25 -53.10
CA THR H 166 -48.65 6.91 -53.68
C THR H 166 -47.52 6.83 -54.70
N ASN H 167 -47.32 7.92 -55.44
CA ASN H 167 -46.47 7.97 -56.63
C ASN H 167 -47.09 7.27 -57.83
N LEU H 168 -48.38 6.93 -57.72
CA LEU H 168 -49.13 6.28 -58.80
C LEU H 168 -49.89 7.33 -59.62
N LYS H 169 -50.17 7.04 -60.90
CA LYS H 169 -51.04 7.93 -61.67
C LYS H 169 -52.42 7.82 -61.05
N ASP H 170 -53.11 8.94 -60.98
CA ASP H 170 -54.43 8.98 -60.39
C ASP H 170 -55.40 9.56 -61.43
N PRO H 171 -56.30 8.71 -61.96
CA PRO H 171 -57.30 9.15 -62.92
C PRO H 171 -58.21 10.22 -62.29
N ASN H 172 -58.48 10.09 -60.99
CA ASN H 172 -59.30 11.07 -60.31
C ASN H 172 -58.74 12.49 -60.51
N MET H 173 -57.52 12.73 -59.97
CA MET H 173 -56.75 13.98 -60.22
C MET H 173 -56.93 14.46 -61.66
N PHE H 174 -56.58 13.53 -62.55
CA PHE H 174 -56.49 13.73 -64.00
C PHE H 174 -57.73 14.45 -64.49
N TRP H 175 -58.87 13.80 -64.28
CA TRP H 175 -60.14 14.34 -64.72
C TRP H 175 -60.61 15.53 -63.87
N ASP H 176 -60.35 15.49 -62.55
CA ASP H 176 -60.80 16.54 -61.64
C ASP H 176 -60.28 17.89 -62.10
N TYR H 177 -59.05 17.92 -62.59
CA TYR H 177 -58.48 19.19 -63.05
C TYR H 177 -59.12 19.62 -64.34
N LEU H 178 -59.15 18.71 -65.31
CA LEU H 178 -59.59 19.03 -66.67
C LEU H 178 -61.08 19.46 -66.72
N THR H 179 -61.90 18.75 -65.95
CA THR H 179 -63.31 19.07 -65.93
C THR H 179 -63.63 20.40 -65.23
N ALA H 180 -62.87 20.74 -64.19
CA ALA H 180 -63.05 22.07 -63.52
C ALA H 180 -62.54 23.26 -64.38
N ASN H 181 -61.84 22.95 -65.47
CA ASN H 181 -61.22 23.98 -66.32
C ASN H 181 -61.56 23.75 -67.81
N ASP H 182 -62.81 24.09 -68.12
CA ASP H 182 -63.39 24.04 -69.45
C ASP H 182 -62.50 24.20 -70.64
N GLU H 183 -61.58 25.16 -70.56
CA GLU H 183 -60.84 25.57 -71.73
C GLU H 183 -59.89 24.46 -72.20
N SER H 184 -59.68 23.45 -71.36
CA SER H 184 -58.94 22.26 -71.72
C SER H 184 -59.64 21.36 -72.76
N LEU H 185 -60.94 21.54 -72.93
CA LEU H 185 -61.75 20.62 -73.73
C LEU H 185 -61.22 20.43 -75.13
N HIS H 186 -60.91 21.53 -75.79
CA HIS H 186 -60.37 21.43 -77.13
C HIS H 186 -59.14 20.52 -77.24
N GLN H 187 -58.13 20.78 -76.43
CA GLN H 187 -56.93 19.97 -76.47
C GLN H 187 -57.10 18.52 -75.97
N VAL H 188 -58.00 18.31 -75.00
CA VAL H 188 -58.25 16.96 -74.48
C VAL H 188 -58.86 16.06 -75.54
N MET H 189 -59.70 16.65 -76.38
CA MET H 189 -60.26 15.97 -77.50
C MET H 189 -59.16 15.46 -78.43
N TYR H 190 -58.23 16.33 -78.83
CA TYR H 190 -57.08 15.89 -79.61
C TYR H 190 -56.38 14.75 -78.91
N LEU H 191 -56.08 14.98 -77.64
CA LEU H 191 -55.33 14.01 -76.87
C LEU H 191 -56.00 12.61 -76.91
N PHE H 192 -57.33 12.58 -76.84
CA PHE H 192 -58.00 11.29 -76.78
C PHE H 192 -58.51 10.78 -78.11
N SER H 193 -58.47 11.65 -79.11
CA SER H 193 -58.49 11.23 -80.49
C SER H 193 -57.22 10.42 -80.75
N ASN H 194 -57.14 9.75 -81.90
CA ASN H 194 -55.97 8.91 -82.18
C ASN H 194 -54.69 9.71 -82.34
N ARG H 195 -54.85 11.03 -82.48
CA ARG H 195 -53.68 11.93 -82.60
C ARG H 195 -52.79 11.98 -81.34
N GLY H 196 -53.34 11.54 -80.19
CA GLY H 196 -52.60 11.38 -78.94
C GLY H 196 -51.61 10.22 -78.94
N THR H 197 -51.56 9.46 -80.02
CA THR H 197 -50.64 8.36 -80.08
C THR H 197 -50.00 8.22 -81.45
N PRO H 198 -49.10 9.15 -81.83
CA PRO H 198 -48.48 9.05 -83.15
C PRO H 198 -47.63 7.78 -83.30
N ALA H 199 -47.45 7.34 -84.55
CA ALA H 199 -46.74 6.10 -84.82
C ALA H 199 -45.23 6.31 -84.68
N SER H 200 -44.78 7.48 -85.09
CA SER H 200 -43.38 7.84 -84.95
C SER H 200 -43.26 9.37 -84.96
N TYR H 201 -42.07 9.88 -84.68
CA TYR H 201 -41.85 11.31 -84.70
C TYR H 201 -41.82 11.78 -86.11
N ARG H 202 -41.55 10.86 -87.04
CA ARG H 202 -41.43 11.20 -88.44
C ARG H 202 -42.79 11.53 -89.05
N THR H 203 -43.85 11.03 -88.42
CA THR H 203 -45.21 11.15 -88.94
C THR H 203 -46.12 12.04 -88.09
N MET H 204 -45.59 13.18 -87.66
CA MET H 204 -46.40 14.19 -86.97
C MET H 204 -46.04 15.56 -87.45
N ASN H 205 -46.96 16.50 -87.23
CA ASN H 205 -46.73 17.85 -87.62
C ASN H 205 -46.19 18.67 -86.44
N GLY H 206 -45.65 19.85 -86.74
CA GLY H 206 -45.29 20.78 -85.71
C GLY H 206 -46.08 22.06 -85.86
N TYR H 207 -46.49 22.63 -84.73
CA TYR H 207 -47.25 23.87 -84.73
C TYR H 207 -46.72 24.81 -83.67
N SER H 208 -46.62 26.08 -84.00
CA SER H 208 -46.19 27.07 -83.04
C SER H 208 -47.15 27.14 -81.83
N GLY H 209 -48.43 26.83 -82.02
CA GLY H 209 -49.45 26.91 -80.95
C GLY H 209 -49.88 28.35 -80.60
N HIS H 210 -48.95 29.10 -79.98
CA HIS H 210 -49.09 30.55 -79.79
C HIS H 210 -48.99 31.33 -81.10
N THR H 211 -49.38 32.58 -81.00
CA THR H 211 -49.17 33.55 -82.04
C THR H 211 -47.86 34.23 -81.76
N TYR H 212 -47.05 34.47 -82.78
CA TYR H 212 -45.85 35.30 -82.61
C TYR H 212 -46.03 36.57 -83.44
N LYS H 213 -45.04 37.45 -83.45
CA LYS H 213 -45.08 38.67 -84.24
C LYS H 213 -43.85 38.80 -85.09
N TRP H 214 -43.98 38.83 -86.41
CA TRP H 214 -42.78 38.98 -87.28
C TRP H 214 -42.72 40.39 -87.88
N TYR H 215 -41.52 40.91 -88.09
CA TYR H 215 -41.32 42.29 -88.50
C TYR H 215 -40.51 42.29 -89.77
N ASN H 216 -40.94 43.06 -90.77
CA ASN H 216 -40.11 43.23 -91.98
C ASN H 216 -39.16 44.39 -91.81
N SER H 217 -38.37 44.69 -92.83
CA SER H 217 -37.28 45.63 -92.59
C SER H 217 -37.74 47.07 -92.44
N LYS H 218 -38.97 47.36 -92.89
CA LYS H 218 -39.53 48.70 -92.73
C LYS H 218 -40.11 48.90 -91.34
N GLY H 219 -40.25 47.81 -90.59
CA GLY H 219 -40.76 47.87 -89.22
C GLY H 219 -42.22 47.47 -89.16
N GLU H 220 -42.76 46.98 -90.29
CA GLU H 220 -44.14 46.52 -90.34
C GLU H 220 -44.29 45.10 -89.84
N TRP H 221 -45.26 44.90 -88.96
CA TRP H 221 -45.40 43.62 -88.30
C TRP H 221 -46.75 43.00 -88.51
N VAL H 222 -46.83 41.70 -88.31
CA VAL H 222 -48.01 40.97 -88.64
C VAL H 222 -48.01 39.84 -87.65
N TYR H 223 -49.16 39.50 -87.09
CA TYR H 223 -49.27 38.31 -86.25
C TYR H 223 -49.08 37.06 -87.08
N VAL H 224 -48.39 36.04 -86.56
CA VAL H 224 -48.14 34.80 -87.32
C VAL H 224 -48.45 33.50 -86.54
N GLN H 225 -48.69 32.43 -87.30
CA GLN H 225 -48.79 31.08 -86.74
C GLN H 225 -47.99 30.18 -87.64
N VAL H 226 -47.12 29.36 -87.06
CA VAL H 226 -46.20 28.53 -87.86
C VAL H 226 -46.68 27.07 -87.93
N HIS H 227 -46.61 26.46 -89.12
CA HIS H 227 -46.97 25.04 -89.28
C HIS H 227 -45.83 24.31 -89.95
N PHE H 228 -45.40 23.21 -89.31
CA PHE H 228 -44.44 22.26 -89.90
C PHE H 228 -45.17 20.97 -90.26
N ILE H 229 -45.22 20.66 -91.57
CA ILE H 229 -45.96 19.51 -92.04
C ILE H 229 -45.04 18.45 -92.61
N ALA H 230 -45.23 17.24 -92.08
CA ALA H 230 -44.49 16.04 -92.45
C ALA H 230 -44.67 15.59 -93.91
N ASN H 231 -43.54 15.45 -94.62
CA ASN H 231 -43.55 14.85 -95.94
C ASN H 231 -43.76 13.36 -95.84
N GLN H 232 -43.76 12.83 -94.62
CA GLN H 232 -44.04 11.39 -94.35
C GLN H 232 -45.54 11.17 -94.03
N GLY H 233 -46.32 12.26 -94.07
CA GLY H 233 -47.74 12.25 -93.72
C GLY H 233 -48.03 11.97 -92.25
N VAL H 234 -49.25 12.33 -91.80
CA VAL H 234 -49.67 12.12 -90.41
C VAL H 234 -50.19 10.69 -90.20
N HIS H 235 -49.39 9.81 -89.58
CA HIS H 235 -49.84 8.44 -89.26
C HIS H 235 -49.91 8.17 -87.74
N ASN H 236 -51.07 7.73 -87.27
CA ASN H 236 -51.26 7.47 -85.84
C ASN H 236 -51.41 6.01 -85.50
N LEU H 237 -51.44 5.71 -84.21
CA LEU H 237 -51.67 4.37 -83.73
C LEU H 237 -53.03 4.28 -83.06
N LEU H 238 -53.58 3.07 -83.01
CA LEU H 238 -54.73 2.81 -82.14
C LEU H 238 -54.25 2.52 -80.71
N ASP H 239 -55.13 2.77 -79.73
CA ASP H 239 -54.80 2.57 -78.32
C ASP H 239 -54.18 1.18 -78.02
N GLU H 240 -54.74 0.12 -78.61
CA GLU H 240 -54.28 -1.25 -78.35
C GLU H 240 -52.83 -1.44 -78.76
N GLU H 241 -52.49 -0.86 -79.91
CA GLU H 241 -51.18 -0.95 -80.53
C GLU H 241 -50.14 -0.19 -79.71
N ALA H 242 -50.46 1.07 -79.40
CA ALA H 242 -49.72 1.91 -78.45
C ALA H 242 -49.35 1.19 -77.14
N GLY H 243 -50.36 0.66 -76.46
CA GLY H 243 -50.22 -0.10 -75.24
C GLY H 243 -49.40 -1.37 -75.40
N ARG H 244 -49.49 -2.04 -76.54
CA ARG H 244 -48.67 -3.21 -76.73
C ARG H 244 -47.21 -2.80 -76.89
N LEU H 245 -46.97 -1.80 -77.76
CA LEU H 245 -45.61 -1.34 -78.03
C LEU H 245 -44.96 -0.77 -76.79
N ALA H 246 -45.77 -0.14 -75.93
CA ALA H 246 -45.30 0.30 -74.62
C ALA H 246 -44.61 -0.82 -73.79
N GLY H 247 -45.14 -2.05 -73.90
CA GLY H 247 -44.55 -3.22 -73.22
C GLY H 247 -43.44 -3.91 -73.98
N GLU H 248 -43.58 -3.99 -75.30
CA GLU H 248 -42.61 -4.67 -76.15
C GLU H 248 -41.35 -3.80 -76.36
N ASP H 249 -41.53 -2.53 -76.73
CA ASP H 249 -40.42 -1.59 -77.03
C ASP H 249 -40.65 -0.14 -76.53
N PRO H 250 -40.28 0.14 -75.25
CA PRO H 250 -40.48 1.47 -74.64
C PRO H 250 -39.76 2.60 -75.40
N ASP H 251 -38.83 2.21 -76.27
CA ASP H 251 -38.01 3.16 -77.03
C ASP H 251 -38.31 3.20 -78.53
N HIS H 252 -39.50 2.70 -78.86
CA HIS H 252 -39.91 2.51 -80.23
C HIS H 252 -39.66 3.73 -81.11
N SER H 253 -40.11 4.90 -80.69
CA SER H 253 -39.97 6.13 -81.46
C SER H 253 -38.52 6.60 -81.59
N THR H 254 -37.74 6.40 -80.53
CA THR H 254 -36.34 6.74 -80.52
C THR H 254 -35.60 5.94 -81.58
N ARG H 255 -35.83 4.62 -81.54
CA ARG H 255 -35.26 3.66 -82.49
C ARG H 255 -35.63 4.07 -83.90
N ASP H 256 -36.92 4.30 -84.11
CA ASP H 256 -37.44 4.59 -85.40
C ASP H 256 -36.69 5.73 -86.01
N LEU H 257 -36.51 6.80 -85.24
CA LEU H 257 -35.84 7.97 -85.75
C LEU H 257 -34.38 7.66 -86.09
N TRP H 258 -33.70 6.96 -85.18
CA TRP H 258 -32.28 6.73 -85.31
C TRP H 258 -32.01 5.90 -86.55
N GLU H 259 -32.85 4.88 -86.74
CA GLU H 259 -32.68 3.91 -87.82
C GLU H 259 -33.03 4.46 -89.16
N ALA H 260 -34.05 5.29 -89.22
CA ALA H 260 -34.40 5.97 -90.43
C ALA H 260 -33.23 6.83 -90.90
N ILE H 261 -32.62 7.59 -90.00
CA ILE H 261 -31.50 8.48 -90.35
C ILE H 261 -30.22 7.74 -90.75
N GLU H 262 -29.92 6.66 -90.04
CA GLU H 262 -28.82 5.81 -90.43
C GLU H 262 -28.95 5.18 -91.83
N LYS H 263 -30.15 4.80 -92.24
CA LYS H 263 -30.41 4.27 -93.57
C LYS H 263 -30.28 5.31 -94.66
N GLY H 264 -30.46 6.58 -94.31
CA GLY H 264 -30.60 7.63 -95.32
C GLY H 264 -32.05 8.02 -95.62
N ASP H 265 -33.01 7.37 -94.97
CA ASP H 265 -34.42 7.68 -95.10
C ASP H 265 -34.77 8.93 -94.31
N TYR H 266 -34.11 10.04 -94.63
CA TYR H 266 -34.25 11.25 -93.86
C TYR H 266 -35.68 11.77 -93.90
N PRO H 267 -36.28 12.06 -92.71
CA PRO H 267 -37.59 12.70 -92.58
C PRO H 267 -37.49 14.20 -92.78
N SER H 268 -38.55 14.78 -93.33
CA SER H 268 -38.55 16.19 -93.66
C SER H 268 -39.94 16.80 -93.42
N TRP H 269 -39.96 18.13 -93.27
CA TRP H 269 -41.16 18.88 -92.99
C TRP H 269 -41.12 20.13 -93.86
N GLU H 270 -42.29 20.49 -94.40
CA GLU H 270 -42.43 21.72 -95.17
C GLU H 270 -42.99 22.77 -94.23
N CYS H 271 -42.50 24.00 -94.36
CA CYS H 271 -42.83 25.06 -93.43
C CYS H 271 -43.76 26.13 -94.01
N TYR H 272 -44.85 26.36 -93.29
CA TYR H 272 -45.80 27.39 -93.66
C TYR H 272 -46.01 28.37 -92.50
N ILE H 273 -46.51 29.58 -92.83
CA ILE H 273 -47.06 30.51 -91.82
C ILE H 273 -48.47 30.96 -92.18
N GLN H 274 -49.31 31.25 -91.18
CA GLN H 274 -50.50 32.07 -91.41
C GLN H 274 -50.18 33.49 -90.97
N THR H 275 -50.68 34.49 -91.68
CA THR H 275 -50.49 35.86 -91.20
C THR H 275 -51.80 36.57 -91.06
N MET H 276 -51.79 37.65 -90.28
CA MET H 276 -52.98 38.37 -89.87
C MET H 276 -52.54 39.71 -89.37
N THR H 277 -53.28 40.74 -89.75
CA THR H 277 -52.88 42.07 -89.35
C THR H 277 -53.57 42.43 -88.05
N LEU H 278 -53.12 43.53 -87.45
CA LEU H 278 -53.75 44.04 -86.26
C LEU H 278 -55.25 44.33 -86.50
N GLU H 279 -55.57 44.92 -87.65
CA GLU H 279 -56.97 45.26 -87.99
C GLU H 279 -57.89 44.07 -88.21
N GLN H 280 -57.39 43.03 -88.88
CA GLN H 280 -58.15 41.79 -89.04
C GLN H 280 -58.39 41.11 -87.69
N SER H 281 -57.47 41.31 -86.73
CA SER H 281 -57.56 40.64 -85.45
C SER H 281 -58.73 41.15 -84.66
N LYS H 282 -58.97 42.45 -84.79
CA LYS H 282 -60.02 43.14 -84.04
C LYS H 282 -61.38 42.59 -84.42
N LYS H 283 -61.50 42.01 -85.60
CA LYS H 283 -62.81 41.55 -86.00
C LYS H 283 -63.13 40.13 -85.55
N LEU H 284 -62.22 39.47 -84.84
CA LEU H 284 -62.43 38.05 -84.55
C LEU H 284 -63.29 37.79 -83.33
N PRO H 285 -64.02 36.67 -83.30
CA PRO H 285 -64.79 36.23 -82.15
C PRO H 285 -63.98 35.62 -81.00
N PHE H 286 -62.69 35.36 -81.25
CA PHE H 286 -61.75 34.84 -80.25
C PHE H 286 -60.49 35.71 -80.27
N SER H 287 -59.58 35.48 -79.32
CA SER H 287 -58.28 36.19 -79.30
C SER H 287 -57.06 35.52 -79.99
N VAL H 288 -56.18 36.31 -80.60
CA VAL H 288 -54.93 35.78 -81.13
C VAL H 288 -54.02 35.34 -79.98
N PHE H 289 -54.40 35.72 -78.75
CA PHE H 289 -53.61 35.48 -77.56
C PHE H 289 -54.09 34.26 -76.79
N ASP H 290 -55.06 33.56 -77.40
CA ASP H 290 -55.67 32.38 -76.79
C ASP H 290 -55.09 31.11 -77.38
N LEU H 291 -54.34 30.42 -76.54
CA LEU H 291 -53.68 29.20 -76.96
C LEU H 291 -54.67 28.04 -77.19
N THR H 292 -55.92 28.16 -76.71
CA THR H 292 -56.97 27.12 -76.96
C THR H 292 -57.70 27.24 -78.31
N LYS H 293 -57.27 28.21 -79.11
CA LYS H 293 -57.86 28.53 -80.39
C LYS H 293 -56.92 28.27 -81.56
N VAL H 294 -57.49 27.93 -82.72
CA VAL H 294 -56.78 27.91 -84.02
C VAL H 294 -57.29 29.02 -84.94
N TRP H 295 -56.52 29.35 -85.96
CA TRP H 295 -56.98 30.25 -87.01
C TRP H 295 -57.55 29.38 -88.13
N PRO H 296 -58.84 29.55 -88.47
CA PRO H 296 -59.43 28.69 -89.52
C PRO H 296 -58.76 28.89 -90.88
N HIS H 297 -58.49 27.80 -91.57
CA HIS H 297 -57.70 27.81 -92.82
C HIS H 297 -58.41 28.56 -93.95
N LYS H 298 -59.74 28.50 -93.93
CA LYS H 298 -60.62 29.25 -94.84
C LYS H 298 -60.29 30.76 -94.90
N ASP H 299 -60.24 31.39 -93.72
CA ASP H 299 -59.97 32.84 -93.60
C ASP H 299 -58.50 33.26 -93.60
N PHE H 300 -57.61 32.36 -93.19
CA PHE H 300 -56.17 32.64 -93.18
C PHE H 300 -55.42 31.45 -93.78
N PRO H 301 -55.18 31.51 -95.10
CA PRO H 301 -54.51 30.40 -95.81
C PRO H 301 -53.02 30.33 -95.51
N LEU H 302 -52.44 29.15 -95.69
CA LEU H 302 -51.03 28.91 -95.37
C LEU H 302 -50.11 29.38 -96.48
N ARG H 303 -49.04 30.06 -96.11
CA ARG H 303 -48.06 30.52 -97.07
C ARG H 303 -46.79 29.71 -96.80
N HIS H 304 -46.24 29.08 -97.84
CA HIS H 304 -45.05 28.24 -97.72
C HIS H 304 -43.81 29.13 -97.64
N PHE H 305 -42.82 28.75 -96.84
CA PHE H 305 -41.58 29.52 -96.82
C PHE H 305 -40.28 28.73 -96.79
N GLY H 306 -40.35 27.51 -96.29
CA GLY H 306 -39.16 26.70 -96.29
C GLY H 306 -39.39 25.26 -96.00
N ARG H 307 -38.29 24.54 -95.85
CA ARG H 307 -38.37 23.15 -95.43
C ARG H 307 -37.16 22.85 -94.55
N PHE H 308 -37.29 21.79 -93.77
CA PHE H 308 -36.16 21.22 -93.09
C PHE H 308 -36.13 19.69 -93.10
N THR H 309 -34.91 19.17 -93.15
CA THR H 309 -34.62 17.74 -93.22
C THR H 309 -33.81 17.39 -91.98
N LEU H 310 -34.10 16.26 -91.33
CA LEU H 310 -33.22 15.76 -90.28
C LEU H 310 -32.33 14.63 -90.78
N ASN H 311 -31.04 14.90 -90.88
CA ASN H 311 -30.12 14.03 -91.60
C ASN H 311 -28.85 13.50 -90.87
N GLU H 312 -28.75 13.75 -89.57
CA GLU H 312 -27.55 13.37 -88.82
C GLU H 312 -27.79 13.05 -87.34
N ASN H 313 -27.53 11.81 -86.95
CA ASN H 313 -27.64 11.45 -85.52
C ASN H 313 -26.54 12.05 -84.66
N PRO H 314 -26.81 12.28 -83.37
CA PRO H 314 -25.79 12.89 -82.51
C PRO H 314 -24.69 11.88 -82.22
N LYS H 315 -23.52 12.34 -81.82
CA LYS H 315 -22.40 11.41 -81.59
C LYS H 315 -22.47 10.81 -80.17
N ASN H 316 -22.90 11.61 -79.21
CA ASN H 316 -23.19 11.16 -77.84
C ASN H 316 -24.55 11.67 -77.38
N TYR H 317 -25.39 10.75 -76.97
CA TYR H 317 -26.77 11.11 -76.66
C TYR H 317 -26.85 12.08 -75.49
N TYR H 318 -26.26 11.69 -74.36
CA TYR H 318 -26.26 12.53 -73.19
C TYR H 318 -25.70 13.91 -73.51
N ALA H 319 -24.50 13.96 -74.09
CA ALA H 319 -23.82 15.23 -74.24
C ALA H 319 -24.62 16.21 -75.09
N GLU H 320 -25.37 15.68 -76.06
CA GLU H 320 -26.03 16.49 -77.06
C GLU H 320 -27.55 16.48 -76.88
N THR H 321 -28.16 15.30 -76.91
CA THR H 321 -29.60 15.26 -76.87
C THR H 321 -30.06 15.65 -75.50
N GLU H 322 -29.38 15.15 -74.48
CA GLU H 322 -29.91 15.29 -73.12
C GLU H 322 -29.68 16.66 -72.56
N GLN H 323 -28.54 17.25 -72.92
CA GLN H 323 -28.09 18.53 -72.38
C GLN H 323 -28.62 19.75 -73.16
N ILE H 324 -29.29 19.54 -74.28
CA ILE H 324 -29.64 20.66 -75.15
C ILE H 324 -30.74 21.43 -74.47
N ALA H 325 -30.70 22.75 -74.63
CA ALA H 325 -31.63 23.68 -73.95
C ALA H 325 -32.34 24.64 -74.90
N PHE H 326 -33.68 24.56 -74.95
CA PHE H 326 -34.45 25.45 -75.82
C PHE H 326 -35.23 26.44 -75.00
N SER H 327 -35.44 27.61 -75.54
CA SER H 327 -36.29 28.57 -74.85
C SER H 327 -36.97 29.46 -75.89
N PRO H 328 -38.30 29.68 -75.73
CA PRO H 328 -39.02 30.55 -76.63
C PRO H 328 -38.47 31.97 -76.58
N SER H 329 -37.85 32.36 -75.48
CA SER H 329 -37.18 33.67 -75.44
C SER H 329 -35.85 33.74 -76.22
N HIS H 330 -35.37 32.60 -76.72
CA HIS H 330 -34.19 32.64 -77.58
C HIS H 330 -34.64 32.95 -79.01
N THR H 331 -34.49 34.21 -79.41
CA THR H 331 -35.05 34.68 -80.69
C THR H 331 -34.09 35.60 -81.47
N VAL H 332 -34.44 35.89 -82.73
CA VAL H 332 -33.57 36.74 -83.57
C VAL H 332 -34.30 38.00 -84.05
N PRO H 333 -33.56 39.10 -84.32
CA PRO H 333 -34.20 40.29 -84.85
C PRO H 333 -35.15 39.92 -85.98
N GLY H 334 -36.41 40.36 -85.89
CA GLY H 334 -37.41 40.03 -86.90
C GLY H 334 -38.51 39.18 -86.32
N MET H 335 -38.23 38.52 -85.21
CA MET H 335 -39.27 37.69 -84.58
C MET H 335 -39.37 38.02 -83.10
N GLU H 336 -40.54 38.48 -82.67
CA GLU H 336 -40.80 38.78 -81.25
C GLU H 336 -41.96 37.93 -80.73
N PRO H 337 -42.10 37.77 -79.41
CA PRO H 337 -43.25 37.04 -78.86
C PRO H 337 -44.48 37.91 -78.77
N SER H 338 -45.67 37.30 -78.75
CA SER H 338 -46.91 38.04 -78.66
C SER H 338 -47.32 38.11 -77.21
N ASN H 339 -48.49 38.69 -76.96
CA ASN H 339 -48.96 38.89 -75.60
C ASN H 339 -49.64 37.68 -75.01
N ASP H 340 -49.71 36.61 -75.81
CA ASP H 340 -50.24 35.33 -75.34
C ASP H 340 -49.65 35.00 -73.96
N PRO H 341 -50.50 35.01 -72.91
CA PRO H 341 -49.97 34.94 -71.56
C PRO H 341 -49.21 33.65 -71.23
N VAL H 342 -49.65 32.51 -71.74
CA VAL H 342 -48.88 31.28 -71.59
C VAL H 342 -47.47 31.43 -72.24
N LEU H 343 -47.40 31.95 -73.47
CA LEU H 343 -46.12 32.23 -74.10
C LEU H 343 -45.27 33.16 -73.24
N GLN H 344 -45.92 34.18 -72.66
CA GLN H 344 -45.21 35.22 -71.91
C GLN H 344 -44.50 34.55 -70.77
N SER H 345 -45.22 33.74 -70.03
CA SER H 345 -44.61 33.06 -68.91
C SER H 345 -43.49 32.07 -69.31
N ARG H 346 -43.62 31.45 -70.48
CA ARG H 346 -42.60 30.55 -70.97
C ARG H 346 -41.27 31.30 -71.20
N LEU H 347 -41.33 32.60 -71.54
CA LEU H 347 -40.14 33.36 -71.76
C LEU H 347 -39.22 33.37 -70.54
N PHE H 348 -39.83 33.31 -69.37
CA PHE H 348 -39.06 33.28 -68.14
C PHE H 348 -38.69 31.87 -67.75
N SER H 349 -39.65 30.93 -67.78
CA SER H 349 -39.44 29.55 -67.31
C SER H 349 -38.29 28.78 -67.84
N TYR H 350 -38.07 28.80 -69.15
CA TYR H 350 -37.14 27.87 -69.76
C TYR H 350 -35.73 28.24 -69.32
N PRO H 351 -35.35 29.52 -69.48
CA PRO H 351 -34.02 29.82 -69.02
C PRO H 351 -33.84 29.57 -67.53
N ASP H 352 -34.87 29.84 -66.74
CA ASP H 352 -34.83 29.59 -65.32
C ASP H 352 -34.59 28.10 -64.99
N THR H 353 -35.34 27.22 -65.65
CA THR H 353 -35.13 25.82 -65.45
C THR H 353 -33.78 25.36 -65.98
N HIS H 354 -33.32 25.92 -67.07
CA HIS H 354 -32.01 25.51 -67.57
C HIS H 354 -30.98 25.70 -66.44
N ARG H 355 -31.06 26.85 -65.80
CA ARG H 355 -30.05 27.23 -64.84
C ARG H 355 -30.04 26.27 -63.68
N HIS H 356 -31.15 25.56 -63.49
CA HIS H 356 -31.23 24.47 -62.48
C HIS H 356 -30.83 23.06 -62.99
N ARG H 357 -31.41 22.66 -64.11
CA ARG H 357 -31.18 21.33 -64.70
C ARG H 357 -29.73 21.15 -65.15
N LEU H 358 -29.17 22.20 -65.74
CA LEU H 358 -27.88 22.10 -66.37
C LEU H 358 -26.88 22.90 -65.55
N GLY H 359 -27.20 24.15 -65.21
CA GLY H 359 -26.29 24.98 -64.42
C GLY H 359 -26.08 26.36 -65.00
N PRO H 360 -25.63 27.30 -64.15
CA PRO H 360 -25.52 28.72 -64.52
C PRO H 360 -24.90 28.99 -65.86
N ASN H 361 -23.89 28.24 -66.27
CA ASN H 361 -23.26 28.51 -67.60
C ASN H 361 -23.54 27.50 -68.70
N TYR H 362 -24.80 27.08 -68.81
CA TYR H 362 -25.19 25.98 -69.69
C TYR H 362 -25.07 26.36 -71.16
N HIS H 363 -25.09 27.66 -71.43
CA HIS H 363 -24.92 28.08 -72.80
C HIS H 363 -23.50 27.77 -73.33
N GLN H 364 -22.60 27.43 -72.41
CA GLN H 364 -21.24 27.07 -72.78
C GLN H 364 -21.18 25.62 -73.29
N ILE H 365 -22.22 24.83 -73.04
CA ILE H 365 -22.22 23.43 -73.48
C ILE H 365 -22.27 23.43 -75.00
N PRO H 366 -21.43 22.63 -75.68
CA PRO H 366 -21.39 22.67 -77.16
C PRO H 366 -22.71 22.80 -77.93
N VAL H 367 -23.69 21.93 -77.73
CA VAL H 367 -24.98 22.09 -78.47
C VAL H 367 -25.70 23.40 -78.21
N ASN H 368 -25.38 24.11 -77.13
CA ASN H 368 -26.18 25.28 -76.78
C ASN H 368 -25.46 26.53 -77.23
N CYS H 369 -24.24 26.35 -77.74
CA CYS H 369 -23.45 27.49 -78.15
C CYS H 369 -24.10 28.15 -79.36
N PRO H 370 -23.95 29.48 -79.46
CA PRO H 370 -24.24 30.10 -80.75
C PRO H 370 -23.12 29.77 -81.74
N LEU H 371 -23.21 28.65 -82.44
CA LEU H 371 -22.09 28.24 -83.32
C LEU H 371 -21.89 29.07 -84.58
N LYS H 372 -22.98 29.46 -85.26
CA LYS H 372 -22.84 30.24 -86.48
C LYS H 372 -22.46 31.71 -86.20
N SER H 373 -23.12 32.38 -85.25
CA SER H 373 -22.68 33.72 -84.84
C SER H 373 -21.84 33.58 -83.58
N GLY H 374 -20.82 34.39 -83.35
CA GLY H 374 -20.17 34.27 -82.01
C GLY H 374 -21.12 34.77 -80.91
N SER H 375 -20.56 35.07 -79.75
CA SER H 375 -21.20 35.99 -78.84
C SER H 375 -20.12 36.90 -78.33
N PHE H 376 -20.52 38.10 -77.96
CA PHE H 376 -19.64 38.98 -77.26
C PHE H 376 -20.57 39.64 -76.24
N ASN H 377 -20.53 39.13 -75.01
CA ASN H 377 -21.33 39.67 -73.90
C ASN H 377 -20.45 39.92 -72.71
N PRO H 378 -19.64 40.99 -72.75
CA PRO H 378 -18.65 41.31 -71.70
C PRO H 378 -19.19 41.52 -70.27
N ILE H 379 -20.51 41.68 -70.11
CA ILE H 379 -21.16 41.89 -68.82
C ILE H 379 -21.44 40.60 -68.06
N ASN H 380 -21.56 39.51 -68.82
CA ASN H 380 -21.84 38.20 -68.26
C ASN H 380 -20.56 37.42 -68.11
N ARG H 381 -20.09 37.30 -66.87
CA ARG H 381 -18.76 36.74 -66.55
C ARG H 381 -18.77 35.85 -65.31
N ASP H 382 -17.72 35.04 -65.18
CA ASP H 382 -17.57 34.12 -64.06
C ASP H 382 -18.73 33.11 -63.98
N GLY H 383 -19.10 32.71 -62.76
CA GLY H 383 -20.14 31.70 -62.54
C GLY H 383 -19.60 30.30 -62.71
N PRO H 384 -20.31 29.31 -62.17
CA PRO H 384 -19.77 27.93 -62.12
C PRO H 384 -19.30 27.34 -63.46
N MET H 385 -18.22 26.55 -63.49
CA MET H 385 -17.88 25.76 -64.68
C MET H 385 -17.77 26.68 -65.84
N CYS H 386 -16.99 27.73 -65.65
CA CYS H 386 -16.74 28.67 -66.72
C CYS H 386 -15.64 28.13 -67.62
N VAL H 387 -16.00 27.61 -68.78
CA VAL H 387 -15.02 26.91 -69.61
C VAL H 387 -14.65 27.60 -70.94
N ASP H 388 -15.33 28.70 -71.26
CA ASP H 388 -15.11 29.36 -72.57
C ASP H 388 -14.00 30.45 -72.63
N GLY H 389 -13.16 30.59 -71.61
CA GLY H 389 -12.14 31.66 -71.58
C GLY H 389 -12.55 32.88 -70.77
N ASN H 390 -13.86 33.07 -70.57
CA ASN H 390 -14.42 34.17 -69.77
C ASN H 390 -13.96 35.54 -70.31
N LEU H 391 -13.64 35.55 -71.61
CA LEU H 391 -13.21 36.72 -72.34
C LEU H 391 -11.83 37.27 -71.93
N GLY H 392 -10.94 36.46 -71.41
CA GLY H 392 -9.69 37.01 -70.94
C GLY H 392 -9.91 38.37 -70.24
N GLY H 393 -9.12 39.37 -70.62
CA GLY H 393 -9.08 40.63 -69.88
C GLY H 393 -9.95 41.75 -70.43
N THR H 394 -10.90 41.40 -71.28
CA THR H 394 -11.89 42.39 -71.75
C THR H 394 -12.73 42.98 -70.62
N PRO H 395 -12.85 44.31 -70.60
CA PRO H 395 -13.50 45.05 -69.56
C PRO H 395 -14.87 44.53 -69.36
N ASN H 396 -15.37 44.58 -68.12
CA ASN H 396 -16.67 43.97 -67.86
C ASN H 396 -17.77 45.00 -67.66
N TYR H 397 -17.63 46.17 -68.28
CA TYR H 397 -18.73 47.14 -68.30
C TYR H 397 -18.83 47.81 -69.66
N ALA H 398 -19.99 48.35 -70.00
CA ALA H 398 -20.19 49.00 -71.30
C ALA H 398 -19.55 50.38 -71.34
N ASN H 399 -19.03 50.77 -72.52
CA ASN H 399 -18.39 52.09 -72.77
C ASN H 399 -17.10 52.28 -71.97
N ALA H 400 -16.32 51.21 -71.92
CA ALA H 400 -15.07 51.22 -71.20
C ALA H 400 -14.11 51.98 -72.05
N TYR H 401 -13.34 52.86 -71.42
CA TYR H 401 -12.43 53.71 -72.17
C TYR H 401 -11.45 52.90 -73.00
N ASN H 402 -11.27 51.62 -72.68
CA ASN H 402 -10.20 50.85 -73.33
C ASN H 402 -10.60 49.62 -74.16
N CYS H 403 -11.82 49.63 -74.70
CA CYS H 403 -12.36 48.51 -75.46
C CYS H 403 -13.61 48.97 -76.23
N PRO H 404 -13.41 49.45 -77.48
CA PRO H 404 -14.55 50.03 -78.25
C PRO H 404 -15.44 48.98 -78.96
N ILE H 405 -16.75 49.11 -78.77
CA ILE H 405 -17.76 48.12 -79.20
C ILE H 405 -18.75 48.76 -80.16
N GLN H 406 -19.27 47.94 -81.08
CA GLN H 406 -20.33 48.33 -82.03
C GLN H 406 -21.66 47.61 -81.70
N TYR H 407 -22.75 48.37 -81.63
CA TYR H 407 -24.02 47.84 -81.12
C TYR H 407 -25.06 47.39 -82.17
N LYS H 417 -43.38 53.98 -86.66
CA LYS H 417 -44.17 52.81 -87.04
C LYS H 417 -45.08 52.27 -85.91
N PRO H 418 -46.42 52.27 -86.13
CA PRO H 418 -47.40 51.90 -85.07
C PRO H 418 -47.28 50.47 -84.55
N ASP H 419 -47.18 50.34 -83.22
CA ASP H 419 -47.29 49.04 -82.54
C ASP H 419 -48.59 48.93 -81.74
N GLU H 420 -48.68 47.90 -80.89
CA GLU H 420 -49.83 47.67 -80.04
C GLU H 420 -49.88 48.80 -79.02
N LYS H 421 -51.09 49.21 -78.61
CA LYS H 421 -51.24 50.27 -77.59
C LYS H 421 -52.05 49.85 -76.35
N TYR H 422 -51.65 50.41 -75.20
CA TYR H 422 -52.15 49.99 -73.88
C TYR H 422 -52.83 51.17 -73.17
N THR H 423 -53.85 50.85 -72.36
CA THR H 423 -54.57 51.85 -71.53
C THR H 423 -55.19 51.17 -70.33
N GLY H 424 -55.07 51.81 -69.17
CA GLY H 424 -55.77 51.32 -68.00
C GLY H 424 -54.84 51.16 -66.83
N GLU H 425 -55.28 50.39 -65.83
CA GLU H 425 -54.54 50.16 -64.61
C GLU H 425 -53.88 48.79 -64.68
N VAL H 426 -53.04 48.46 -63.69
CA VAL H 426 -52.56 47.10 -63.54
C VAL H 426 -53.72 46.26 -63.07
N VAL H 427 -53.94 45.12 -63.73
CA VAL H 427 -55.12 44.33 -63.50
C VAL H 427 -54.74 42.87 -63.30
N PRO H 428 -55.31 42.22 -62.25
CA PRO H 428 -55.29 40.77 -62.10
C PRO H 428 -56.33 40.09 -63.00
N TYR H 429 -55.91 39.10 -63.78
CA TYR H 429 -56.84 38.46 -64.68
C TYR H 429 -56.65 36.97 -64.81
N HIS H 430 -57.79 36.30 -64.83
CA HIS H 430 -57.94 34.88 -65.04
C HIS H 430 -59.00 34.82 -66.13
N TRP H 431 -58.62 34.29 -67.29
CA TRP H 431 -59.48 34.27 -68.47
C TRP H 431 -60.86 33.70 -68.15
N GLU H 432 -61.91 34.47 -68.44
CA GLU H 432 -63.28 34.06 -68.10
C GLU H 432 -63.99 33.47 -69.30
N HIS H 433 -64.76 32.42 -69.01
CA HIS H 433 -65.44 31.64 -70.01
C HIS H 433 -66.54 32.44 -70.76
N THR H 434 -66.59 32.30 -72.08
CA THR H 434 -67.73 32.78 -72.87
C THR H 434 -68.22 31.61 -73.75
N ASP H 435 -69.38 31.83 -74.39
CA ASP H 435 -70.00 30.83 -75.28
C ASP H 435 -69.12 30.32 -76.41
N TYR H 436 -68.36 31.24 -77.02
CA TYR H 436 -67.46 30.86 -78.12
C TYR H 436 -66.49 29.74 -77.78
N ASP H 437 -66.10 29.62 -76.51
CA ASP H 437 -65.08 28.64 -76.10
C ASP H 437 -65.45 27.20 -76.44
N TYR H 438 -66.75 26.91 -76.47
CA TYR H 438 -67.26 25.58 -76.74
C TYR H 438 -67.39 25.30 -78.23
N PHE H 439 -67.30 26.36 -79.02
CA PHE H 439 -67.55 26.29 -80.46
C PHE H 439 -66.50 25.45 -81.18
N GLN H 440 -65.24 25.70 -80.85
CA GLN H 440 -64.15 25.10 -81.60
C GLN H 440 -63.99 23.61 -81.31
N PRO H 441 -64.25 23.20 -80.06
CA PRO H 441 -64.38 21.78 -79.76
C PRO H 441 -65.50 21.13 -80.56
N LYS H 442 -66.56 21.90 -80.81
CA LYS H 442 -67.74 21.46 -81.59
C LYS H 442 -67.32 21.10 -83.00
N MET H 443 -66.64 22.04 -83.67
CA MET H 443 -66.07 21.80 -84.98
C MET H 443 -65.12 20.60 -84.99
N PHE H 444 -64.30 20.47 -83.95
CA PHE H 444 -63.39 19.34 -83.93
C PHE H 444 -64.13 17.98 -83.90
N TRP H 445 -65.26 17.89 -83.20
CA TRP H 445 -66.08 16.68 -83.29
C TRP H 445 -66.55 16.41 -84.72
N LYS H 446 -66.88 17.47 -85.46
CA LYS H 446 -67.26 17.35 -86.88
C LYS H 446 -66.09 16.88 -87.73
N VAL H 447 -64.90 17.37 -87.43
CA VAL H 447 -63.74 17.07 -88.26
C VAL H 447 -63.40 15.60 -88.15
N LEU H 448 -63.43 15.07 -86.93
CA LEU H 448 -63.47 13.63 -86.73
C LEU H 448 -64.79 13.17 -87.37
N GLY H 449 -64.94 11.89 -87.69
CA GLY H 449 -66.24 11.42 -88.23
C GLY H 449 -66.52 11.88 -89.66
N ARG H 450 -65.60 12.67 -90.21
CA ARG H 450 -65.37 12.70 -91.65
C ARG H 450 -64.45 11.52 -92.01
N THR H 451 -63.92 10.86 -90.98
CA THR H 451 -63.10 9.67 -91.14
C THR H 451 -63.71 8.57 -90.28
N PRO H 452 -64.02 7.41 -90.88
CA PRO H 452 -64.61 6.27 -90.13
C PRO H 452 -63.69 5.83 -88.98
N GLY H 453 -64.29 5.50 -87.82
CA GLY H 453 -63.51 4.99 -86.67
C GLY H 453 -62.97 6.04 -85.71
N GLU H 454 -62.77 7.25 -86.22
CA GLU H 454 -62.18 8.36 -85.46
C GLU H 454 -62.98 8.79 -84.23
N GLN H 455 -64.26 9.11 -84.43
CA GLN H 455 -65.15 9.46 -83.34
C GLN H 455 -65.33 8.33 -82.35
N GLU H 456 -65.43 7.10 -82.85
CA GLU H 456 -65.65 5.96 -81.96
C GLU H 456 -64.38 5.61 -81.20
N SER H 457 -63.24 6.06 -81.75
CA SER H 457 -61.92 5.97 -81.09
C SER H 457 -61.79 6.88 -79.89
N LEU H 458 -62.02 8.19 -80.11
CA LEU H 458 -62.10 9.14 -79.00
C LEU H 458 -62.94 8.62 -77.84
N VAL H 459 -64.19 8.25 -78.09
CA VAL H 459 -65.08 7.72 -77.07
C VAL H 459 -64.46 6.51 -76.35
N LYS H 460 -63.98 5.54 -77.14
CA LYS H 460 -63.39 4.31 -76.60
C LYS H 460 -62.17 4.63 -75.71
N ASN H 461 -61.34 5.57 -76.18
CA ASN H 461 -60.14 6.00 -75.47
C ASN H 461 -60.43 6.78 -74.19
N VAL H 462 -61.41 7.69 -74.25
CA VAL H 462 -61.86 8.38 -73.04
C VAL H 462 -62.48 7.42 -72.03
N ALA H 463 -63.04 6.33 -72.53
CA ALA H 463 -63.81 5.43 -71.70
C ALA H 463 -62.89 4.55 -70.86
N ASN H 464 -61.86 3.99 -71.50
CA ASN H 464 -60.89 3.12 -70.82
C ASN H 464 -60.04 3.83 -69.76
N HIS H 465 -59.65 5.06 -70.07
CA HIS H 465 -58.99 5.88 -69.09
C HIS H 465 -59.92 6.15 -67.89
N VAL H 466 -61.12 6.67 -68.18
CA VAL H 466 -62.01 7.10 -67.10
C VAL H 466 -62.62 5.95 -66.24
N SER H 467 -62.61 4.72 -66.73
CA SER H 467 -63.32 3.64 -66.07
C SER H 467 -62.69 3.25 -64.77
N ALA H 468 -61.51 3.82 -64.48
CA ALA H 468 -60.82 3.56 -63.21
C ALA H 468 -61.12 4.66 -62.19
N ALA H 469 -61.70 5.75 -62.65
CA ALA H 469 -62.10 6.86 -61.81
C ALA H 469 -63.31 6.48 -60.97
N ASP H 470 -63.53 7.22 -59.90
CA ASP H 470 -64.73 7.05 -59.08
C ASP H 470 -65.98 7.53 -59.83
N GLU H 471 -67.16 7.11 -59.36
CA GLU H 471 -68.41 7.37 -60.10
C GLU H 471 -68.73 8.85 -60.25
N PHE H 472 -68.72 9.55 -59.12
CA PHE H 472 -69.02 11.00 -59.08
C PHE H 472 -68.15 11.79 -60.07
N ILE H 473 -66.95 11.27 -60.32
CA ILE H 473 -65.99 11.95 -61.19
C ILE H 473 -66.19 11.58 -62.68
N GLN H 474 -66.47 10.29 -62.95
CA GLN H 474 -67.01 9.86 -64.28
C GLN H 474 -68.17 10.75 -64.70
N ASP H 475 -69.16 10.91 -63.82
CA ASP H 475 -70.29 11.80 -64.10
C ASP H 475 -69.85 13.18 -64.61
N ARG H 476 -68.86 13.80 -63.93
CA ARG H 476 -68.33 15.13 -64.32
C ARG H 476 -67.65 15.10 -65.69
N VAL H 477 -67.08 13.94 -66.02
CA VAL H 477 -66.40 13.73 -67.30
C VAL H 477 -67.41 13.68 -68.45
N TYR H 478 -68.60 13.11 -68.18
CA TYR H 478 -69.67 13.07 -69.19
C TYR H 478 -70.14 14.50 -69.51
N GLU H 479 -70.57 15.22 -68.47
CA GLU H 479 -70.93 16.65 -68.60
C GLU H 479 -69.96 17.47 -69.41
N TYR H 480 -68.67 17.22 -69.17
CA TYR H 480 -67.54 17.95 -69.73
C TYR H 480 -67.44 17.82 -71.24
N PHE H 481 -67.40 16.57 -71.70
CA PHE H 481 -67.41 16.33 -73.14
C PHE H 481 -68.72 16.80 -73.75
N SER H 482 -69.85 16.55 -73.05
CA SER H 482 -71.17 16.94 -73.57
C SER H 482 -71.29 18.46 -73.79
N LYS H 483 -70.33 19.20 -73.28
CA LYS H 483 -70.27 20.64 -73.53
C LYS H 483 -69.89 20.96 -74.98
N ALA H 484 -69.25 20.02 -75.69
CA ALA H 484 -68.90 20.23 -77.11
C ALA H 484 -70.03 19.73 -78.03
N GLU H 485 -70.43 18.46 -77.81
CA GLU H 485 -71.61 17.86 -78.41
C GLU H 485 -72.27 16.90 -77.41
N PRO H 486 -73.55 17.16 -77.09
CA PRO H 486 -74.14 16.39 -76.01
C PRO H 486 -74.09 14.84 -76.19
N ILE H 487 -73.98 14.38 -77.45
CA ILE H 487 -73.85 12.96 -77.80
C ILE H 487 -72.67 12.29 -77.08
N ILE H 488 -71.52 12.98 -77.17
CA ILE H 488 -70.25 12.48 -76.66
C ILE H 488 -70.34 12.01 -75.20
N GLY H 489 -70.85 12.86 -74.31
CA GLY H 489 -71.10 12.46 -72.92
C GLY H 489 -71.89 11.16 -72.85
N ASP H 490 -72.94 11.06 -73.67
CA ASP H 490 -73.85 9.91 -73.65
C ASP H 490 -73.23 8.64 -74.22
N LEU H 491 -72.36 8.83 -75.21
CA LEU H 491 -71.59 7.75 -75.83
C LEU H 491 -70.46 7.18 -74.96
N ILE H 492 -69.80 8.05 -74.18
CA ILE H 492 -68.79 7.63 -73.20
C ILE H 492 -69.45 6.88 -72.01
N ARG H 493 -70.53 7.43 -71.44
CA ARG H 493 -71.27 6.75 -70.37
C ARG H 493 -71.69 5.36 -70.81
N LYS H 494 -72.14 5.27 -72.05
CA LYS H 494 -72.52 4.01 -72.68
C LYS H 494 -71.35 3.01 -72.62
N LYS H 495 -70.20 3.41 -73.14
CA LYS H 495 -69.08 2.48 -73.26
C LYS H 495 -68.35 2.28 -71.94
N VAL H 496 -68.66 3.13 -70.95
CA VAL H 496 -68.21 2.85 -69.59
C VAL H 496 -69.07 1.74 -68.97
N GLN H 497 -70.40 1.89 -69.05
CA GLN H 497 -71.35 0.86 -68.60
C GLN H 497 -71.24 -0.44 -69.41
N GLU H 498 -70.87 -0.31 -70.69
CA GLU H 498 -70.53 -1.49 -71.52
C GLU H 498 -69.21 -2.17 -71.11
N LEU H 499 -68.27 -1.42 -70.53
CA LEU H 499 -67.02 -1.99 -69.99
C LEU H 499 -67.27 -2.69 -68.65
N LYS H 500 -68.12 -2.11 -67.81
CA LYS H 500 -68.48 -2.67 -66.50
C LYS H 500 -69.19 -4.03 -66.58
N ARG H 501 -70.05 -4.18 -67.59
CA ARG H 501 -70.78 -5.43 -67.84
C ARG H 501 -69.81 -6.64 -67.89
N LYS H 502 -68.71 -6.47 -68.62
CA LYS H 502 -67.66 -7.50 -68.72
C LYS H 502 -66.79 -7.63 -67.44
N ALA H 503 -67.45 -7.70 -66.27
CA ALA H 503 -66.76 -7.81 -64.98
N PRO I 6 15.05 -37.33 14.46
CA PRO I 6 15.23 -37.54 13.01
C PRO I 6 15.98 -36.37 12.27
N PRO I 7 16.41 -36.60 10.98
CA PRO I 7 17.07 -35.54 10.21
C PRO I 7 16.22 -35.10 8.99
N VAL I 8 16.24 -33.78 8.71
CA VAL I 8 15.51 -33.20 7.58
C VAL I 8 16.47 -32.96 6.42
N PHE I 9 16.13 -33.48 5.23
CA PHE I 9 16.90 -33.31 3.99
C PHE I 9 16.98 -31.83 3.52
N THR I 10 18.21 -31.31 3.37
CA THR I 10 18.46 -29.91 2.99
C THR I 10 19.46 -29.71 1.85
N THR I 11 19.67 -28.45 1.47
CA THR I 11 20.74 -28.06 0.55
C THR I 11 21.97 -27.87 1.42
N SER I 12 23.12 -27.81 0.77
CA SER I 12 24.40 -27.58 1.46
C SER I 12 24.35 -26.41 2.46
N GLN I 13 23.41 -25.47 2.27
CA GLN I 13 23.28 -24.26 3.10
C GLN I 13 22.21 -24.32 4.21
N GLY I 14 21.50 -25.46 4.27
CA GLY I 14 20.58 -25.74 5.37
C GLY I 14 19.12 -25.51 5.04
N CYS I 15 18.84 -25.12 3.81
CA CYS I 15 17.47 -24.87 3.37
C CYS I 15 16.80 -26.23 3.15
N PRO I 16 15.65 -26.47 3.81
CA PRO I 16 14.84 -27.67 3.61
C PRO I 16 14.42 -27.87 2.17
N VAL I 17 14.29 -29.12 1.75
CA VAL I 17 13.95 -29.47 0.38
C VAL I 17 12.71 -30.36 0.40
N SER I 18 11.74 -30.08 -0.46
CA SER I 18 10.52 -30.90 -0.47
C SER I 18 10.65 -32.26 -1.21
N ASP I 19 11.30 -32.26 -2.37
CA ASP I 19 11.35 -33.44 -3.23
C ASP I 19 12.80 -33.52 -3.74
N PRO I 20 13.43 -34.69 -3.63
CA PRO I 20 14.81 -34.86 -4.05
C PRO I 20 15.00 -34.99 -5.57
N PHE I 21 13.91 -35.05 -6.33
CA PHE I 21 14.00 -35.47 -7.72
C PHE I 21 13.42 -34.50 -8.76
N THR I 22 12.80 -33.43 -8.29
CA THR I 22 12.16 -32.49 -9.21
C THR I 22 13.15 -31.45 -9.73
N THR I 23 12.90 -30.95 -10.94
CA THR I 23 13.65 -29.81 -11.51
C THR I 23 12.71 -28.86 -12.21
N GLN I 24 12.98 -27.58 -12.06
CA GLN I 24 12.11 -26.56 -12.60
C GLN I 24 12.20 -26.42 -14.12
N ARG I 25 11.06 -26.15 -14.75
CA ARG I 25 11.06 -25.82 -16.15
C ARG I 25 9.83 -24.98 -16.42
N ILE I 26 9.80 -24.26 -17.56
CA ILE I 26 8.55 -23.74 -18.14
C ILE I 26 8.22 -24.68 -19.30
N PRO I 27 7.01 -25.25 -19.30
CA PRO I 27 6.67 -26.32 -20.23
C PRO I 27 6.33 -25.85 -21.64
N LEU I 28 6.57 -26.71 -22.63
CA LEU I 28 6.10 -26.47 -23.97
C LEU I 28 4.59 -26.44 -23.94
N ASP I 29 3.99 -25.68 -24.85
CA ASP I 29 2.55 -25.70 -25.04
C ASP I 29 2.14 -27.07 -25.57
N SER I 30 1.15 -27.66 -24.90
CA SER I 30 0.76 -29.04 -25.11
C SER I 30 -0.38 -29.31 -26.11
N THR I 31 -0.93 -28.26 -26.75
CA THR I 31 -1.98 -28.46 -27.78
C THR I 31 -1.42 -29.20 -29.01
N GLY I 32 -2.07 -30.33 -29.33
CA GLY I 32 -1.69 -31.13 -30.48
C GLY I 32 -0.99 -32.43 -30.11
N TYR I 33 -0.52 -32.48 -28.86
CA TYR I 33 0.25 -33.62 -28.36
C TYR I 33 -0.63 -34.78 -27.87
N LYS I 34 -0.44 -35.99 -28.40
CA LYS I 34 -1.15 -37.17 -27.90
C LYS I 34 -0.62 -37.48 -26.50
N TYR I 35 0.67 -37.19 -26.25
CA TYR I 35 1.30 -37.35 -24.93
C TYR I 35 1.98 -36.06 -24.57
N ALA I 36 1.60 -35.48 -23.46
CA ALA I 36 2.05 -34.13 -23.14
C ALA I 36 2.60 -33.91 -21.71
N PRO I 37 3.75 -34.52 -21.39
CA PRO I 37 4.39 -34.17 -20.12
C PRO I 37 4.96 -32.78 -20.22
N PRO I 38 4.98 -32.05 -19.10
CA PRO I 38 5.53 -30.70 -19.05
C PRO I 38 7.07 -30.61 -19.12
N ILE I 39 7.61 -30.60 -20.34
CA ILE I 39 9.03 -30.52 -20.60
C ILE I 39 9.36 -29.12 -21.05
N GLY I 40 10.46 -28.59 -20.52
CA GLY I 40 10.97 -27.27 -20.87
C GLY I 40 12.45 -27.12 -20.56
N PRO I 41 13.04 -25.98 -20.93
CA PRO I 41 14.46 -25.87 -20.70
C PRO I 41 14.67 -25.67 -19.20
N LEU I 42 15.80 -26.19 -18.71
CA LEU I 42 16.22 -26.07 -17.32
C LEU I 42 16.78 -24.70 -16.98
N LEU I 43 16.46 -24.26 -15.78
CA LEU I 43 16.68 -22.87 -15.37
C LEU I 43 17.85 -22.65 -14.44
N LEU I 44 18.50 -21.50 -14.62
CA LEU I 44 19.65 -21.14 -13.81
C LEU I 44 19.29 -21.01 -12.36
N GLN I 45 18.05 -20.63 -12.07
CA GLN I 45 17.66 -20.35 -10.69
C GLN I 45 17.42 -21.60 -9.88
N ASP I 46 17.32 -22.75 -10.54
CA ASP I 46 17.02 -24.05 -9.91
C ASP I 46 18.19 -24.45 -9.01
N PHE I 47 18.29 -23.80 -7.86
CA PHE I 47 19.45 -24.01 -6.99
C PHE I 47 19.75 -25.45 -6.57
N LYS I 48 18.70 -26.16 -6.18
CA LYS I 48 18.83 -27.53 -5.83
C LYS I 48 19.55 -28.28 -6.96
N LEU I 49 19.16 -28.00 -8.21
CA LEU I 49 19.83 -28.67 -9.33
C LEU I 49 21.32 -28.36 -9.39
N ILE I 50 21.69 -27.07 -9.52
CA ILE I 50 23.08 -26.63 -9.67
C ILE I 50 23.95 -26.96 -8.45
N ASP I 51 23.39 -26.76 -7.27
CA ASP I 51 24.08 -27.11 -6.04
C ASP I 51 24.46 -28.59 -5.97
N THR I 52 23.58 -29.53 -6.36
CA THR I 52 23.98 -30.91 -6.23
C THR I 52 24.80 -31.35 -7.43
N LEU I 53 24.56 -30.81 -8.61
CA LEU I 53 25.33 -31.23 -9.78
C LEU I 53 26.74 -30.75 -9.68
N SER I 54 26.91 -29.54 -9.20
CA SER I 54 28.28 -29.02 -9.14
C SER I 54 29.07 -29.71 -8.04
N HIS I 55 28.37 -30.29 -7.06
CA HIS I 55 29.09 -31.03 -6.03
C HIS I 55 29.53 -32.36 -6.59
N PHE I 56 28.63 -32.98 -7.32
CA PHE I 56 28.92 -34.24 -7.93
C PHE I 56 30.15 -34.09 -8.81
N ASP I 57 30.12 -33.06 -9.68
CA ASP I 57 31.23 -32.72 -10.57
C ASP I 57 32.58 -32.62 -9.84
N ARG I 58 32.56 -32.35 -8.53
CA ARG I 58 33.79 -32.16 -7.81
C ARG I 58 34.17 -33.24 -6.77
N GLU I 59 33.55 -34.43 -6.87
CA GLU I 59 33.83 -35.46 -5.88
C GLU I 59 35.26 -36.03 -5.89
N ARG I 60 35.98 -35.97 -7.01
CA ARG I 60 37.28 -36.64 -7.10
C ARG I 60 38.54 -35.77 -6.80
N ILE I 61 39.46 -36.36 -6.01
CA ILE I 61 40.75 -35.74 -5.76
C ILE I 61 41.75 -36.68 -6.37
N PRO I 62 43.02 -36.26 -6.50
CA PRO I 62 44.00 -37.19 -7.08
C PRO I 62 44.24 -38.40 -6.19
N GLU I 63 44.46 -39.56 -6.78
CA GLU I 63 44.94 -40.67 -6.00
C GLU I 63 46.42 -40.49 -5.69
N ARG I 64 46.89 -41.20 -4.66
CA ARG I 64 48.29 -41.19 -4.22
C ARG I 64 49.22 -41.61 -5.39
N VAL I 65 50.38 -40.97 -5.59
CA VAL I 65 51.21 -41.35 -6.79
C VAL I 65 51.60 -42.81 -6.75
N VAL I 66 51.73 -43.32 -5.53
CA VAL I 66 52.00 -44.72 -5.31
C VAL I 66 51.13 -45.10 -4.13
N HIS I 67 50.94 -46.40 -3.93
CA HIS I 67 50.04 -46.94 -2.89
C HIS I 67 48.58 -46.48 -2.99
N ALA I 68 48.11 -46.25 -4.22
CA ALA I 68 46.75 -45.71 -4.41
C ALA I 68 45.61 -46.60 -3.90
N LYS I 69 45.75 -47.91 -4.06
CA LYS I 69 44.70 -48.83 -3.69
C LYS I 69 44.98 -49.34 -2.28
N GLY I 70 44.00 -49.22 -1.37
CA GLY I 70 44.16 -49.67 0.02
C GLY I 70 42.92 -49.75 0.92
N ALA I 71 43.15 -50.13 2.17
CA ALA I 71 42.10 -50.28 3.19
C ALA I 71 42.68 -49.97 4.57
N GLY I 72 41.84 -49.48 5.48
CA GLY I 72 42.34 -49.02 6.75
C GLY I 72 41.41 -49.35 7.90
N ALA I 73 41.93 -49.22 9.12
CA ALA I 73 41.14 -49.39 10.34
C ALA I 73 41.78 -48.70 11.51
N TYR I 74 40.96 -48.47 12.53
CA TYR I 74 41.43 -47.90 13.77
C TYR I 74 41.81 -49.05 14.70
N GLY I 75 42.73 -48.79 15.63
CA GLY I 75 43.04 -49.79 16.64
C GLY I 75 43.67 -49.20 17.89
N VAL I 76 44.28 -50.09 18.67
CA VAL I 76 44.92 -49.71 19.93
C VAL I 76 46.27 -50.32 19.93
N PHE I 77 47.27 -49.55 20.36
CA PHE I 77 48.60 -50.07 20.58
C PHE I 77 48.85 -50.04 22.08
N GLU I 78 49.54 -51.06 22.58
CA GLU I 78 49.85 -51.19 24.01
C GLU I 78 51.35 -51.35 24.20
N VAL I 79 51.94 -50.59 25.11
CA VAL I 79 53.33 -50.82 25.49
C VAL I 79 53.29 -51.99 26.43
N THR I 80 54.08 -53.04 26.14
CA THR I 80 54.08 -54.25 26.98
C THR I 80 55.39 -54.53 27.72
N ASP I 81 56.48 -53.94 27.26
CA ASP I 81 57.73 -54.06 27.99
C ASP I 81 58.33 -52.67 28.26
N ASP I 82 59.22 -52.58 29.24
CA ASP I 82 59.85 -51.31 29.48
C ASP I 82 61.06 -51.23 28.56
N ILE I 83 61.04 -50.25 27.66
CA ILE I 83 62.19 -49.98 26.80
C ILE I 83 62.67 -48.54 26.93
N THR I 84 62.39 -47.93 28.07
CA THR I 84 62.77 -46.54 28.28
C THR I 84 64.28 -46.35 28.32
N ASP I 85 65.03 -47.45 28.30
CA ASP I 85 66.49 -47.38 28.30
C ASP I 85 66.97 -47.16 26.89
N VAL I 86 66.09 -47.47 25.96
CA VAL I 86 66.37 -47.30 24.55
C VAL I 86 65.67 -46.05 23.97
N CYS I 87 64.43 -45.79 24.38
CA CYS I 87 63.64 -44.73 23.79
C CYS I 87 62.79 -43.93 24.77
N SER I 88 62.95 -42.61 24.76
CA SER I 88 62.26 -41.70 25.69
C SER I 88 60.88 -41.28 25.24
N ALA I 89 60.32 -41.95 24.23
CA ALA I 89 59.02 -41.54 23.70
C ALA I 89 57.89 -41.60 24.74
N LYS I 90 57.09 -40.54 24.80
CA LYS I 90 55.94 -40.47 25.72
C LYS I 90 54.94 -41.59 25.59
N PHE I 91 54.64 -42.02 24.38
CA PHE I 91 53.66 -43.10 24.27
C PHE I 91 54.19 -44.45 24.75
N LEU I 92 55.51 -44.52 24.95
CA LEU I 92 56.19 -45.71 25.45
C LEU I 92 56.58 -45.59 26.93
N ASP I 93 56.30 -44.42 27.50
CA ASP I 93 56.43 -44.05 28.94
C ASP I 93 56.41 -45.15 29.98
N THR I 94 55.25 -45.77 30.11
CA THR I 94 54.99 -46.71 31.19
C THR I 94 54.24 -47.92 30.62
N VAL I 95 54.57 -49.12 31.09
CA VAL I 95 54.01 -50.32 30.52
C VAL I 95 52.51 -50.29 30.68
N GLY I 96 51.80 -50.78 29.68
CA GLY I 96 50.33 -50.85 29.74
C GLY I 96 49.59 -49.64 29.19
N LYS I 97 50.33 -48.56 28.89
CA LYS I 97 49.77 -47.33 28.30
C LYS I 97 49.24 -47.61 26.89
N LYS I 98 48.07 -47.06 26.60
CA LYS I 98 47.41 -47.29 25.31
C LYS I 98 47.26 -46.04 24.43
N THR I 99 47.55 -46.24 23.17
CA THR I 99 47.51 -45.18 22.20
C THR I 99 46.58 -45.61 21.07
N ARG I 100 45.69 -44.71 20.68
CA ARG I 100 44.86 -44.98 19.50
C ARG I 100 45.64 -44.83 18.18
N ILE I 101 45.45 -45.78 17.29
CA ILE I 101 46.19 -45.78 16.02
C ILE I 101 45.25 -45.94 14.83
N PHE I 102 45.72 -45.51 13.66
CA PHE I 102 45.04 -45.85 12.40
C PHE I 102 46.06 -46.46 11.45
N THR I 103 45.67 -47.55 10.81
CA THR I 103 46.57 -48.25 9.87
C THR I 103 45.93 -48.41 8.51
N ARG I 104 46.69 -48.00 7.50
CA ARG I 104 46.29 -48.16 6.12
C ARG I 104 47.23 -49.12 5.35
N PHE I 105 46.63 -50.18 4.83
CA PHE I 105 47.36 -51.19 4.08
C PHE I 105 47.14 -50.89 2.61
N SER I 106 48.11 -51.19 1.77
CA SER I 106 48.05 -50.78 0.39
C SER I 106 48.90 -51.71 -0.46
N THR I 107 48.66 -51.71 -1.78
CA THR I 107 49.62 -52.26 -2.74
C THR I 107 50.48 -51.10 -3.19
N VAL I 108 51.28 -51.24 -4.24
CA VAL I 108 52.18 -50.14 -4.59
C VAL I 108 51.87 -49.50 -5.92
N GLY I 109 51.96 -50.25 -7.01
CA GLY I 109 51.88 -49.66 -8.35
C GLY I 109 50.48 -49.51 -8.91
N GLY I 110 49.57 -50.37 -8.44
CA GLY I 110 48.21 -50.34 -8.97
C GLY I 110 47.51 -49.02 -8.72
N GLU I 111 46.58 -48.69 -9.64
CA GLU I 111 45.72 -47.52 -9.51
C GLU I 111 44.49 -47.92 -8.79
N LYS I 112 43.63 -46.94 -8.59
CA LYS I 112 42.50 -47.03 -7.69
C LYS I 112 41.49 -48.15 -7.93
N GLY I 113 41.29 -48.54 -9.19
CA GLY I 113 40.37 -49.65 -9.44
C GLY I 113 40.98 -51.06 -9.54
N SER I 114 42.29 -51.15 -9.32
CA SER I 114 43.03 -52.35 -9.63
C SER I 114 42.85 -53.39 -8.54
N ALA I 115 43.46 -54.55 -8.77
CA ALA I 115 43.26 -55.75 -7.94
C ALA I 115 44.07 -55.78 -6.63
N ASP I 116 43.39 -56.08 -5.51
CA ASP I 116 44.02 -56.24 -4.18
C ASP I 116 45.11 -57.33 -4.16
N THR I 117 44.97 -58.33 -5.04
CA THR I 117 45.90 -59.46 -5.07
C THR I 117 46.89 -59.40 -6.24
N ALA I 118 47.19 -58.20 -6.69
CA ALA I 118 48.28 -58.06 -7.65
C ALA I 118 49.62 -58.34 -6.98
N ARG I 119 50.61 -58.69 -7.79
CA ARG I 119 51.95 -58.93 -7.28
C ARG I 119 52.64 -57.59 -6.96
N ASP I 120 52.99 -57.37 -5.69
CA ASP I 120 53.61 -56.11 -5.36
C ASP I 120 54.07 -56.21 -3.91
N PRO I 121 54.89 -55.25 -3.43
CA PRO I 121 55.05 -55.07 -2.00
C PRO I 121 53.71 -54.69 -1.39
N ARG I 122 53.62 -54.57 -0.07
CA ARG I 122 52.40 -54.05 0.52
C ARG I 122 52.80 -53.03 1.51
N GLY I 123 52.10 -51.90 1.49
CA GLY I 123 52.33 -50.84 2.46
C GLY I 123 51.62 -51.15 3.76
N PHE I 124 52.18 -50.66 4.85
CA PHE I 124 51.63 -50.93 6.16
C PHE I 124 52.00 -49.68 6.96
N ALA I 125 51.10 -48.69 6.86
CA ALA I 125 51.31 -47.37 7.48
C ALA I 125 50.42 -47.20 8.68
N THR I 126 50.96 -46.66 9.77
CA THR I 126 50.19 -46.55 11.01
C THR I 126 50.41 -45.19 11.64
N LYS I 127 49.31 -44.58 12.03
CA LYS I 127 49.36 -43.28 12.64
C LYS I 127 49.11 -43.44 14.13
N PHE I 128 50.01 -42.85 14.93
CA PHE I 128 49.92 -42.93 16.37
C PHE I 128 49.58 -41.55 16.92
N TYR I 129 48.45 -41.45 17.62
CA TYR I 129 48.08 -40.20 18.26
C TYR I 129 48.62 -40.09 19.69
N THR I 130 49.82 -39.54 19.84
CA THR I 130 50.42 -39.51 21.14
C THR I 130 50.26 -38.12 21.73
N GLU I 131 50.61 -38.00 23.01
CA GLU I 131 50.51 -36.74 23.72
C GLU I 131 51.62 -35.83 23.22
N ASP I 132 52.58 -36.39 22.50
CA ASP I 132 53.67 -35.60 22.02
C ASP I 132 53.53 -35.39 20.50
N GLY I 133 52.31 -35.56 19.99
CA GLY I 133 52.04 -35.32 18.58
C GLY I 133 51.77 -36.60 17.82
N ASN I 134 51.51 -36.49 16.53
CA ASN I 134 51.30 -37.66 15.70
C ASN I 134 52.60 -38.26 15.15
N LEU I 135 52.70 -39.59 15.33
CA LEU I 135 53.84 -40.40 14.88
C LEU I 135 53.39 -41.28 13.76
N ASP I 136 54.03 -41.13 12.62
CA ASP I 136 53.71 -42.01 11.53
C ASP I 136 54.83 -43.05 11.37
N LEU I 137 54.43 -44.31 11.47
CA LEU I 137 55.35 -45.40 11.16
C LEU I 137 54.96 -45.91 9.78
N VAL I 138 55.68 -45.43 8.77
CA VAL I 138 55.27 -45.70 7.40
C VAL I 138 56.07 -46.86 6.87
N TYR I 139 55.53 -48.06 7.09
CA TYR I 139 56.29 -49.30 6.88
C TYR I 139 55.82 -50.08 5.65
N ASN I 140 56.70 -50.96 5.13
CA ASN I 140 56.32 -51.99 4.13
C ASN I 140 56.23 -53.39 4.73
N ASN I 141 55.76 -54.35 3.93
CA ASN I 141 55.71 -55.75 4.36
C ASN I 141 56.98 -56.52 4.00
N THR I 142 58.05 -55.80 3.67
CA THR I 142 59.37 -56.40 3.47
C THR I 142 60.38 -55.54 4.21
N PRO I 143 61.48 -56.12 4.74
CA PRO I 143 62.46 -55.36 5.53
C PRO I 143 63.52 -54.67 4.66
N ILE I 144 63.33 -54.76 3.35
CA ILE I 144 64.23 -54.13 2.39
C ILE I 144 63.44 -53.46 1.27
N PHE I 145 64.14 -52.89 0.30
CA PHE I 145 63.47 -52.28 -0.84
C PHE I 145 64.31 -52.36 -2.10
N PHE I 146 63.72 -51.94 -3.22
CA PHE I 146 64.35 -51.98 -4.53
C PHE I 146 65.53 -51.02 -4.72
N ILE I 147 65.63 -49.97 -3.91
CA ILE I 147 66.62 -48.93 -4.20
C ILE I 147 67.30 -48.46 -2.95
N ARG I 148 68.44 -47.80 -3.13
CA ARG I 148 69.18 -47.22 -2.02
C ARG I 148 69.71 -45.85 -2.41
N ASP I 149 69.37 -45.43 -3.62
CA ASP I 149 69.58 -44.05 -4.05
C ASP I 149 68.25 -43.35 -4.24
N PRO I 150 67.98 -42.31 -3.44
CA PRO I 150 66.63 -41.72 -3.40
C PRO I 150 66.10 -41.32 -4.77
N ILE I 151 66.87 -40.55 -5.51
CA ILE I 151 66.40 -39.98 -6.77
C ILE I 151 66.05 -41.03 -7.82
N LYS I 152 66.37 -42.28 -7.58
CA LYS I 152 65.98 -43.29 -8.53
C LYS I 152 64.51 -43.64 -8.37
N PHE I 153 63.87 -43.19 -7.29
CA PHE I 153 62.51 -43.64 -6.99
C PHE I 153 61.49 -43.37 -8.14
N PRO I 154 61.55 -42.17 -8.73
CA PRO I 154 60.56 -41.97 -9.75
C PRO I 154 60.86 -42.84 -10.98
N HIS I 155 62.15 -43.05 -11.29
CA HIS I 155 62.56 -43.96 -12.39
C HIS I 155 61.98 -45.35 -12.17
N PHE I 156 62.24 -45.89 -10.99
CA PHE I 156 61.78 -47.21 -10.68
C PHE I 156 60.27 -47.24 -10.84
N ILE I 157 59.59 -46.29 -10.20
CA ILE I 157 58.15 -46.33 -10.14
C ILE I 157 57.53 -46.19 -11.54
N HIS I 158 58.14 -45.35 -12.38
CA HIS I 158 57.68 -45.20 -13.75
C HIS I 158 57.64 -46.55 -14.46
N THR I 159 58.75 -47.29 -14.37
CA THR I 159 58.87 -48.60 -15.00
C THR I 159 57.97 -49.63 -14.35
N GLN I 160 57.53 -49.40 -13.12
CA GLN I 160 56.60 -50.30 -12.48
C GLN I 160 55.20 -50.07 -13.00
N LYS I 161 55.05 -48.95 -13.73
CA LYS I 161 53.72 -48.52 -14.13
C LYS I 161 53.48 -48.65 -15.64
N ARG I 162 52.93 -47.60 -16.27
CA ARG I 162 52.40 -47.71 -17.61
C ARG I 162 53.28 -46.95 -18.56
N ASN I 163 53.29 -47.41 -19.81
CA ASN I 163 54.02 -46.80 -20.90
C ASN I 163 53.44 -45.44 -21.26
N PRO I 164 54.28 -44.41 -21.38
CA PRO I 164 53.82 -43.07 -21.65
C PRO I 164 52.98 -42.92 -22.90
N ALA I 165 53.17 -43.79 -23.90
CA ALA I 165 52.33 -43.74 -25.10
C ALA I 165 51.08 -44.62 -24.99
N THR I 166 51.25 -45.88 -24.56
CA THR I 166 50.17 -46.85 -24.68
C THR I 166 49.24 -46.83 -23.50
N ASN I 167 49.78 -46.50 -22.34
CA ASN I 167 49.09 -46.70 -21.07
C ASN I 167 48.94 -48.17 -20.75
N LEU I 168 49.76 -49.01 -21.38
CA LEU I 168 49.81 -50.43 -21.06
C LEU I 168 50.99 -50.75 -20.12
N LYS I 169 50.91 -51.82 -19.36
CA LYS I 169 52.10 -52.23 -18.65
C LYS I 169 53.10 -52.73 -19.70
N ASP I 170 54.38 -52.45 -19.46
CA ASP I 170 55.41 -52.84 -20.39
C ASP I 170 56.46 -53.64 -19.61
N PRO I 171 56.47 -54.97 -19.80
CA PRO I 171 57.48 -55.82 -19.20
C PRO I 171 58.89 -55.41 -19.61
N ASN I 172 59.07 -54.86 -20.80
CA ASN I 172 60.42 -54.47 -21.18
C ASN I 172 60.99 -53.42 -20.23
N MET I 173 60.25 -52.33 -20.00
CA MET I 173 60.63 -51.29 -19.03
C MET I 173 60.95 -51.92 -17.69
N PHE I 174 60.00 -52.74 -17.25
CA PHE I 174 60.02 -53.34 -15.94
C PHE I 174 61.39 -53.91 -15.65
N TRP I 175 61.81 -54.83 -16.53
CA TRP I 175 63.06 -55.58 -16.39
C TRP I 175 64.24 -54.77 -16.81
N ASP I 176 64.07 -53.93 -17.82
CA ASP I 176 65.14 -53.02 -18.22
C ASP I 176 65.65 -52.23 -17.05
N TYR I 177 64.77 -51.67 -16.23
CA TYR I 177 65.23 -50.90 -15.08
C TYR I 177 65.86 -51.81 -14.02
N LEU I 178 65.14 -52.84 -13.61
CA LEU I 178 65.62 -53.70 -12.56
C LEU I 178 66.98 -54.33 -12.88
N THR I 179 67.16 -54.85 -14.10
CA THR I 179 68.44 -55.48 -14.44
C THR I 179 69.59 -54.48 -14.53
N ALA I 180 69.33 -53.23 -14.93
CA ALA I 180 70.42 -52.24 -14.99
C ALA I 180 70.74 -51.68 -13.63
N ASN I 181 69.94 -52.02 -12.63
CA ASN I 181 70.26 -51.57 -11.28
C ASN I 181 70.28 -52.74 -10.30
N ASP I 182 71.43 -53.41 -10.25
CA ASP I 182 71.73 -54.61 -9.44
C ASP I 182 71.07 -54.69 -8.09
N GLU I 183 71.17 -53.60 -7.33
CA GLU I 183 70.86 -53.62 -5.93
C GLU I 183 69.38 -53.99 -5.72
N SER I 184 68.62 -53.98 -6.81
CA SER I 184 67.22 -54.34 -6.76
C SER I 184 67.01 -55.83 -6.51
N LEU I 185 68.11 -56.58 -6.65
CA LEU I 185 68.04 -58.04 -6.73
C LEU I 185 67.44 -58.65 -5.49
N HIS I 186 67.94 -58.21 -4.36
CA HIS I 186 67.43 -58.68 -3.11
C HIS I 186 65.88 -58.53 -3.01
N GLN I 187 65.37 -57.31 -3.18
CA GLN I 187 63.91 -57.07 -3.10
C GLN I 187 63.10 -57.77 -4.21
N VAL I 188 63.69 -57.87 -5.40
CA VAL I 188 63.00 -58.50 -6.51
C VAL I 188 62.72 -59.98 -6.18
N MET I 189 63.63 -60.56 -5.41
CA MET I 189 63.54 -61.97 -5.03
C MET I 189 62.39 -62.21 -4.06
N TYR I 190 62.23 -61.29 -3.12
CA TYR I 190 61.00 -61.23 -2.32
C TYR I 190 59.78 -61.11 -3.21
N LEU I 191 59.76 -60.08 -4.03
CA LEU I 191 58.62 -59.79 -4.86
C LEU I 191 58.17 -60.98 -5.68
N PHE I 192 59.12 -61.79 -6.14
CA PHE I 192 58.77 -62.85 -7.05
C PHE I 192 58.61 -64.21 -6.39
N SER I 193 59.14 -64.33 -5.17
CA SER I 193 58.73 -65.40 -4.24
C SER I 193 57.21 -65.30 -3.97
N ASN I 194 56.62 -66.28 -3.33
CA ASN I 194 55.21 -66.13 -3.04
C ASN I 194 54.87 -65.03 -2.04
N ARG I 195 55.90 -64.42 -1.47
CA ARG I 195 55.67 -63.28 -0.56
C ARG I 195 55.13 -62.06 -1.32
N GLY I 196 55.39 -62.00 -2.62
CA GLY I 196 54.82 -60.94 -3.44
C GLY I 196 53.31 -61.01 -3.55
N THR I 197 52.69 -62.01 -2.92
CA THR I 197 51.26 -62.24 -3.09
C THR I 197 50.58 -62.68 -1.80
N PRO I 198 50.47 -61.78 -0.80
CA PRO I 198 49.92 -62.14 0.51
C PRO I 198 48.47 -62.53 0.42
N ALA I 199 48.01 -63.39 1.31
CA ALA I 199 46.60 -63.83 1.35
C ALA I 199 45.67 -62.69 1.77
N SER I 200 46.02 -62.01 2.84
CA SER I 200 45.25 -60.90 3.31
C SER I 200 46.21 -59.99 4.01
N TYR I 201 45.73 -58.82 4.38
CA TYR I 201 46.53 -57.89 5.12
C TYR I 201 46.84 -58.43 6.51
N ARG I 202 45.95 -59.30 7.01
CA ARG I 202 46.02 -59.80 8.38
C ARG I 202 47.17 -60.78 8.54
N THR I 203 47.62 -61.34 7.42
CA THR I 203 48.66 -62.36 7.41
C THR I 203 49.95 -61.87 6.75
N MET I 204 50.38 -60.67 7.12
CA MET I 204 51.68 -60.17 6.67
C MET I 204 52.36 -59.44 7.81
N ASN I 205 53.67 -59.27 7.69
CA ASN I 205 54.44 -58.55 8.67
C ASN I 205 54.72 -57.09 8.29
N GLY I 206 55.15 -56.28 9.25
CA GLY I 206 55.48 -54.88 8.97
C GLY I 206 56.90 -54.64 9.41
N TYR I 207 57.68 -53.98 8.56
CA TYR I 207 59.09 -53.72 8.83
C TYR I 207 59.42 -52.27 8.57
N SER I 208 60.21 -51.68 9.44
CA SER I 208 60.62 -50.33 9.25
C SER I 208 61.44 -50.19 7.99
N GLY I 209 62.08 -51.26 7.55
CA GLY I 209 62.89 -51.19 6.34
C GLY I 209 64.16 -50.39 6.57
N HIS I 210 64.01 -49.09 6.78
CA HIS I 210 65.14 -48.22 7.11
C HIS I 210 65.60 -48.40 8.55
N THR I 211 66.79 -47.85 8.84
CA THR I 211 67.26 -47.79 10.18
C THR I 211 66.83 -46.44 10.72
N TYR I 212 66.33 -46.39 11.96
CA TYR I 212 66.02 -45.13 12.62
C TYR I 212 66.93 -44.95 13.81
N LYS I 213 66.87 -43.82 14.49
CA LYS I 213 67.61 -43.62 15.72
C LYS I 213 66.67 -43.29 16.89
N TRP I 214 66.66 -44.11 17.92
CA TRP I 214 65.90 -43.75 19.10
C TRP I 214 66.80 -43.20 20.22
N TYR I 215 66.26 -42.33 21.06
CA TYR I 215 67.02 -41.71 22.10
C TYR I 215 66.33 -42.00 23.44
N ASN I 216 67.10 -42.43 24.46
CA ASN I 216 66.57 -42.52 25.85
C ASN I 216 66.61 -41.14 26.52
N SER I 217 66.04 -41.00 27.71
CA SER I 217 65.99 -39.66 28.30
C SER I 217 67.35 -39.06 28.71
N LYS I 218 68.43 -39.85 28.73
CA LYS I 218 69.78 -39.31 29.02
C LYS I 218 70.47 -38.78 27.76
N GLY I 219 69.88 -39.01 26.60
CA GLY I 219 70.47 -38.56 25.34
C GLY I 219 71.36 -39.61 24.71
N GLU I 220 71.19 -40.85 25.14
CA GLU I 220 71.97 -41.94 24.58
C GLU I 220 71.17 -42.54 23.44
N TRP I 221 71.82 -42.70 22.30
CA TRP I 221 71.09 -43.16 21.16
C TRP I 221 71.64 -44.43 20.59
N VAL I 222 70.83 -45.09 19.77
CA VAL I 222 71.10 -46.42 19.35
C VAL I 222 70.38 -46.57 18.00
N TYR I 223 70.98 -47.25 17.00
CA TYR I 223 70.30 -47.51 15.73
C TYR I 223 69.22 -48.56 15.93
N VAL I 224 68.04 -48.40 15.32
CA VAL I 224 66.98 -49.38 15.51
C VAL I 224 66.35 -49.83 14.21
N GLN I 225 65.75 -51.03 14.20
CA GLN I 225 64.92 -51.52 13.12
C GLN I 225 63.71 -52.12 13.79
N VAL I 226 62.52 -51.81 13.29
CA VAL I 226 61.27 -52.25 13.93
C VAL I 226 60.61 -53.40 13.18
N HIS I 227 60.03 -54.36 13.88
CA HIS I 227 59.39 -55.50 13.25
C HIS I 227 57.97 -55.59 13.82
N PHE I 228 56.97 -55.65 12.97
CA PHE I 228 55.63 -55.97 13.44
C PHE I 228 55.33 -57.35 12.92
N ILE I 229 55.04 -58.27 13.83
CA ILE I 229 54.83 -59.66 13.42
C ILE I 229 53.41 -60.14 13.65
N ALA I 230 52.78 -60.63 12.60
CA ALA I 230 51.35 -60.94 12.63
C ALA I 230 51.05 -62.11 13.51
N ASN I 231 50.10 -61.97 14.43
CA ASN I 231 49.66 -63.07 15.24
C ASN I 231 48.79 -64.04 14.46
N GLN I 232 48.44 -63.66 13.24
CA GLN I 232 47.62 -64.50 12.37
C GLN I 232 48.51 -65.32 11.46
N GLY I 233 49.82 -65.10 11.59
CA GLY I 233 50.83 -65.86 10.81
C GLY I 233 51.02 -65.40 9.37
N VAL I 234 52.16 -65.71 8.78
CA VAL I 234 52.47 -65.34 7.39
C VAL I 234 51.89 -66.36 6.39
N HIS I 235 50.79 -66.02 5.74
CA HIS I 235 50.25 -66.89 4.71
C HIS I 235 50.30 -66.17 3.39
N ASN I 236 50.75 -66.90 2.37
CA ASN I 236 50.81 -66.39 1.01
C ASN I 236 49.91 -67.11 0.05
N LEU I 237 49.76 -66.54 -1.14
CA LEU I 237 49.01 -67.16 -2.21
C LEU I 237 49.95 -67.55 -3.34
N LEU I 238 49.54 -68.54 -4.13
CA LEU I 238 50.27 -68.92 -5.33
C LEU I 238 49.82 -68.05 -6.50
N ASP I 239 50.71 -67.79 -7.45
CA ASP I 239 50.39 -66.92 -8.59
C ASP I 239 49.03 -67.15 -9.26
N GLU I 240 48.75 -68.41 -9.61
CA GLU I 240 47.47 -68.83 -10.17
C GLU I 240 46.31 -68.34 -9.31
N GLU I 241 46.35 -68.60 -8.01
CA GLU I 241 45.29 -68.18 -7.09
C GLU I 241 45.08 -66.65 -7.10
N ALA I 242 46.20 -65.92 -7.08
CA ALA I 242 46.22 -64.46 -7.17
C ALA I 242 45.61 -63.92 -8.47
N GLY I 243 45.99 -64.53 -9.59
CA GLY I 243 45.45 -64.21 -10.91
C GLY I 243 43.96 -64.47 -11.05
N ARG I 244 43.46 -65.54 -10.44
CA ARG I 244 42.02 -65.77 -10.44
C ARG I 244 41.27 -64.73 -9.58
N LEU I 245 41.78 -64.47 -8.36
CA LEU I 245 41.13 -63.56 -7.40
C LEU I 245 41.09 -62.13 -7.90
N ALA I 246 42.11 -61.78 -8.69
CA ALA I 246 42.14 -60.50 -9.41
C ALA I 246 40.93 -60.29 -10.34
N GLY I 247 40.41 -61.40 -10.89
CA GLY I 247 39.24 -61.41 -11.76
C GLY I 247 37.91 -61.60 -11.06
N GLU I 248 37.87 -62.46 -10.03
CA GLU I 248 36.64 -62.70 -9.27
C GLU I 248 36.34 -61.55 -8.30
N ASP I 249 37.36 -61.09 -7.56
CA ASP I 249 37.20 -60.11 -6.46
C ASP I 249 38.42 -59.16 -6.32
N PRO I 250 38.46 -58.08 -7.13
CA PRO I 250 39.54 -57.08 -7.05
C PRO I 250 39.64 -56.36 -5.69
N ASP I 251 38.67 -56.56 -4.80
CA ASP I 251 38.70 -55.94 -3.49
C ASP I 251 38.82 -56.97 -2.35
N HIS I 252 39.40 -58.12 -2.68
CA HIS I 252 39.50 -59.23 -1.78
C HIS I 252 40.07 -58.83 -0.43
N SER I 253 41.20 -58.13 -0.43
CA SER I 253 41.89 -57.83 0.83
C SER I 253 41.11 -56.85 1.68
N THR I 254 40.46 -55.89 1.00
CA THR I 254 39.65 -54.86 1.65
C THR I 254 38.50 -55.54 2.37
N ARG I 255 37.88 -56.50 1.65
CA ARG I 255 36.72 -57.24 2.10
C ARG I 255 37.13 -58.02 3.31
N ASP I 256 38.23 -58.74 3.15
CA ASP I 256 38.77 -59.58 4.21
C ASP I 256 39.00 -58.84 5.50
N LEU I 257 39.65 -57.69 5.44
CA LEU I 257 39.86 -56.92 6.65
C LEU I 257 38.55 -56.38 7.23
N TRP I 258 37.66 -55.88 6.36
CA TRP I 258 36.45 -55.21 6.82
C TRP I 258 35.60 -56.18 7.62
N GLU I 259 35.42 -57.36 7.04
CA GLU I 259 34.62 -58.42 7.61
C GLU I 259 35.24 -58.99 8.89
N ALA I 260 36.55 -59.23 8.88
CA ALA I 260 37.20 -59.71 10.07
C ALA I 260 36.86 -58.81 11.24
N ILE I 261 37.08 -57.51 11.09
CA ILE I 261 36.78 -56.58 12.19
C ILE I 261 35.31 -56.56 12.62
N GLU I 262 34.40 -56.72 11.67
CA GLU I 262 33.00 -56.64 11.99
C GLU I 262 32.54 -57.87 12.78
N LYS I 263 33.17 -59.02 12.50
CA LYS I 263 32.92 -60.28 13.25
C LYS I 263 33.38 -60.31 14.70
N GLY I 264 34.46 -59.58 15.02
CA GLY I 264 35.13 -59.69 16.32
C GLY I 264 36.50 -60.36 16.23
N ASP I 265 36.86 -60.84 15.05
CA ASP I 265 38.13 -61.52 14.79
C ASP I 265 39.28 -60.53 14.49
N TYR I 266 39.47 -59.60 15.39
CA TYR I 266 40.47 -58.56 15.24
C TYR I 266 41.87 -59.12 15.00
N PRO I 267 42.57 -58.65 13.95
CA PRO I 267 43.95 -59.03 13.68
C PRO I 267 44.88 -58.25 14.60
N SER I 268 46.06 -58.81 14.90
CA SER I 268 46.97 -58.12 15.78
C SER I 268 48.42 -58.45 15.43
N TRP I 269 49.32 -57.56 15.82
CA TRP I 269 50.73 -57.69 15.56
C TRP I 269 51.49 -57.48 16.85
N GLU I 270 52.60 -58.20 17.02
CA GLU I 270 53.49 -58.00 18.16
C GLU I 270 54.70 -57.22 17.66
N CYS I 271 55.21 -56.29 18.47
CA CYS I 271 56.26 -55.36 17.99
C CYS I 271 57.61 -55.60 18.61
N TYR I 272 58.64 -55.75 17.78
CA TYR I 272 60.00 -55.97 18.25
C TYR I 272 60.93 -54.91 17.72
N ILE I 273 62.08 -54.73 18.37
CA ILE I 273 63.14 -53.91 17.78
C ILE I 273 64.48 -54.64 17.76
N GLN I 274 65.30 -54.34 16.75
CA GLN I 274 66.71 -54.71 16.77
C GLN I 274 67.49 -53.45 17.05
N THR I 275 68.48 -53.50 17.93
CA THR I 275 69.25 -52.29 18.24
C THR I 275 70.72 -52.56 18.04
N MET I 276 71.52 -51.52 17.88
CA MET I 276 72.91 -51.66 17.54
C MET I 276 73.55 -50.36 17.86
N THR I 277 74.77 -50.39 18.40
CA THR I 277 75.46 -49.16 18.82
C THR I 277 76.25 -48.60 17.67
N LEU I 278 76.72 -47.37 17.83
CA LEU I 278 77.50 -46.73 16.79
C LEU I 278 78.72 -47.59 16.50
N GLU I 279 79.27 -48.18 17.56
CA GLU I 279 80.54 -48.92 17.44
C GLU I 279 80.38 -50.29 16.83
N GLN I 280 79.24 -50.93 17.09
CA GLN I 280 78.99 -52.20 16.45
C GLN I 280 78.85 -51.94 14.98
N SER I 281 78.23 -50.80 14.63
CA SER I 281 77.98 -50.47 13.24
C SER I 281 79.28 -50.39 12.41
N LYS I 282 80.33 -49.84 13.01
CA LYS I 282 81.60 -49.65 12.31
C LYS I 282 82.26 -50.95 11.86
N LYS I 283 81.79 -52.07 12.43
CA LYS I 283 82.40 -53.36 12.20
C LYS I 283 81.72 -54.20 11.12
N LEU I 284 80.63 -53.70 10.56
CA LEU I 284 79.81 -54.49 9.66
C LEU I 284 80.32 -54.41 8.22
N PRO I 285 80.06 -55.47 7.44
CA PRO I 285 80.43 -55.49 6.03
C PRO I 285 79.48 -54.66 5.14
N PHE I 286 78.33 -54.26 5.69
CA PHE I 286 77.35 -53.43 4.98
C PHE I 286 76.98 -52.19 5.78
N SER I 287 76.22 -51.28 5.19
CA SER I 287 75.80 -50.08 5.90
C SER I 287 74.43 -50.19 6.52
N VAL I 288 74.27 -49.66 7.74
CA VAL I 288 72.96 -49.53 8.39
C VAL I 288 72.07 -48.54 7.67
N PHE I 289 72.67 -47.83 6.71
CA PHE I 289 71.97 -46.85 5.90
C PHE I 289 71.53 -47.40 4.56
N ASP I 290 71.68 -48.70 4.37
CA ASP I 290 71.40 -49.34 3.11
C ASP I 290 70.10 -50.09 3.22
N LEU I 291 69.12 -49.64 2.48
CA LEU I 291 67.77 -50.19 2.57
C LEU I 291 67.69 -51.55 1.89
N THR I 292 68.73 -51.92 1.17
CA THR I 292 68.73 -53.20 0.48
C THR I 292 69.30 -54.31 1.36
N LYS I 293 69.53 -53.95 2.63
CA LYS I 293 70.13 -54.85 3.61
C LYS I 293 69.24 -55.09 4.82
N VAL I 294 69.33 -56.31 5.34
CA VAL I 294 68.68 -56.67 6.61
C VAL I 294 69.75 -56.81 7.69
N TRP I 295 69.31 -56.76 8.94
CA TRP I 295 70.19 -57.13 10.06
C TRP I 295 69.97 -58.60 10.41
N PRO I 296 71.02 -59.43 10.25
CA PRO I 296 70.89 -60.86 10.56
C PRO I 296 70.49 -61.13 12.03
N HIS I 297 69.49 -61.99 12.19
CA HIS I 297 68.87 -62.27 13.49
C HIS I 297 69.90 -62.84 14.49
N LYS I 298 70.85 -63.61 13.97
CA LYS I 298 71.95 -64.21 14.75
C LYS I 298 72.71 -63.17 15.58
N ASP I 299 73.12 -62.08 14.92
CA ASP I 299 73.98 -61.05 15.51
C ASP I 299 73.24 -59.88 16.19
N PHE I 300 71.94 -59.74 15.90
CA PHE I 300 71.10 -58.71 16.57
C PHE I 300 69.69 -59.21 16.78
N PRO I 301 69.41 -59.71 18.00
CA PRO I 301 68.15 -60.39 18.29
C PRO I 301 67.04 -59.38 18.57
N LEU I 302 65.82 -59.78 18.23
CA LEU I 302 64.63 -58.98 18.48
C LEU I 302 64.35 -58.84 19.96
N ARG I 303 63.98 -57.65 20.39
CA ARG I 303 63.49 -57.43 21.74
C ARG I 303 62.02 -57.02 21.66
N HIS I 304 61.16 -57.70 22.42
CA HIS I 304 59.73 -57.41 22.40
C HIS I 304 59.42 -56.11 23.13
N PHE I 305 58.52 -55.26 22.61
CA PHE I 305 58.17 -54.01 23.31
C PHE I 305 56.68 -53.63 23.32
N GLY I 306 55.94 -54.11 22.33
CA GLY I 306 54.53 -53.84 22.33
C GLY I 306 53.71 -54.68 21.38
N ARG I 307 52.41 -54.41 21.36
CA ARG I 307 51.48 -55.04 20.45
C ARG I 307 50.39 -54.07 20.02
N PHE I 308 49.88 -54.25 18.80
CA PHE I 308 48.70 -53.49 18.40
C PHE I 308 47.65 -54.36 17.78
N THR I 309 46.40 -53.94 17.93
CA THR I 309 45.22 -54.67 17.47
C THR I 309 44.32 -53.70 16.73
N LEU I 310 43.83 -54.09 15.55
CA LEU I 310 42.90 -53.26 14.77
C LEU I 310 41.47 -53.72 14.98
N ASN I 311 40.68 -52.90 15.67
CA ASN I 311 39.38 -53.36 16.13
C ASN I 311 38.18 -52.50 15.72
N GLU I 312 38.38 -51.55 14.82
CA GLU I 312 37.35 -50.56 14.52
C GLU I 312 37.43 -50.08 13.09
N ASN I 313 36.39 -50.40 12.33
CA ASN I 313 36.24 -49.91 10.97
C ASN I 313 35.91 -48.42 10.94
N PRO I 314 36.37 -47.71 9.89
CA PRO I 314 36.16 -46.27 9.82
C PRO I 314 34.70 -46.06 9.51
N LYS I 315 34.19 -44.86 9.73
CA LYS I 315 32.76 -44.63 9.53
C LYS I 315 32.45 -44.29 8.08
N ASN I 316 33.38 -43.57 7.46
CA ASN I 316 33.32 -43.16 6.07
C ASN I 316 34.68 -43.39 5.46
N TYR I 317 34.71 -44.21 4.43
CA TYR I 317 35.95 -44.58 3.78
C TYR I 317 36.69 -43.40 3.16
N TYR I 318 35.99 -42.62 2.33
CA TYR I 318 36.62 -41.45 1.72
C TYR I 318 37.21 -40.48 2.78
N ALA I 319 36.38 -40.10 3.75
CA ALA I 319 36.75 -39.04 4.69
C ALA I 319 37.94 -39.43 5.52
N GLU I 320 38.12 -40.75 5.67
CA GLU I 320 39.08 -41.28 6.62
C GLU I 320 40.19 -42.09 5.98
N THR I 321 39.83 -43.21 5.37
CA THR I 321 40.85 -44.01 4.73
C THR I 321 41.51 -43.25 3.57
N GLU I 322 40.71 -42.58 2.74
CA GLU I 322 41.23 -41.98 1.51
C GLU I 322 42.07 -40.75 1.78
N GLN I 323 41.63 -39.90 2.73
CA GLN I 323 42.22 -38.59 2.97
C GLN I 323 43.36 -38.61 4.01
N ILE I 324 43.57 -39.73 4.69
CA ILE I 324 44.63 -39.77 5.73
C ILE I 324 45.98 -39.56 5.08
N ALA I 325 46.90 -38.91 5.78
CA ALA I 325 48.22 -38.64 5.23
C ALA I 325 49.31 -39.02 6.21
N PHE I 326 50.27 -39.80 5.75
CA PHE I 326 51.31 -40.28 6.62
C PHE I 326 52.59 -39.65 6.17
N SER I 327 53.52 -39.42 7.07
CA SER I 327 54.84 -39.03 6.65
C SER I 327 55.85 -39.52 7.64
N PRO I 328 56.99 -40.07 7.15
CA PRO I 328 58.08 -40.48 8.03
C PRO I 328 58.61 -39.32 8.84
N SER I 329 58.54 -38.10 8.33
CA SER I 329 59.02 -36.95 9.10
C SER I 329 58.11 -36.55 10.24
N HIS I 330 56.92 -37.13 10.28
CA HIS I 330 56.03 -36.93 11.41
C HIS I 330 56.52 -37.79 12.55
N THR I 331 57.38 -37.24 13.40
CA THR I 331 57.92 -38.02 14.50
C THR I 331 57.65 -37.42 15.93
N VAL I 332 58.08 -38.12 16.99
CA VAL I 332 57.96 -37.59 18.33
C VAL I 332 59.35 -37.46 18.98
N PRO I 333 59.47 -36.73 20.14
CA PRO I 333 60.77 -36.69 20.82
C PRO I 333 61.16 -38.11 21.17
N GLY I 334 62.39 -38.47 20.86
CA GLY I 334 62.86 -39.80 21.19
C GLY I 334 63.05 -40.72 20.00
N MET I 335 62.54 -40.31 18.83
CA MET I 335 62.70 -41.06 17.57
C MET I 335 63.07 -40.13 16.44
N GLU I 336 64.28 -40.25 15.91
CA GLU I 336 64.73 -39.45 14.80
C GLU I 336 64.93 -40.37 13.59
N PRO I 337 65.05 -39.81 12.36
CA PRO I 337 65.44 -40.59 11.19
C PRO I 337 66.95 -40.69 11.07
N SER I 338 67.44 -41.75 10.45
CA SER I 338 68.88 -41.95 10.26
C SER I 338 69.34 -41.25 9.01
N ASN I 339 70.61 -41.42 8.68
CA ASN I 339 71.16 -40.95 7.40
C ASN I 339 70.90 -41.83 6.16
N ASP I 340 70.03 -42.82 6.28
CA ASP I 340 69.63 -43.63 5.15
C ASP I 340 69.05 -42.69 4.09
N PRO I 341 69.71 -42.55 2.92
CA PRO I 341 69.36 -41.46 1.97
C PRO I 341 67.96 -41.61 1.32
N VAL I 342 67.47 -42.85 1.20
CA VAL I 342 66.11 -43.07 0.75
C VAL I 342 65.10 -42.47 1.76
N LEU I 343 65.31 -42.81 3.04
CA LEU I 343 64.48 -42.29 4.08
C LEU I 343 64.63 -40.79 4.10
N GLN I 344 65.84 -40.28 3.96
CA GLN I 344 66.02 -38.81 4.04
C GLN I 344 65.06 -38.12 3.04
N SER I 345 65.08 -38.59 1.80
CA SER I 345 64.28 -37.96 0.79
C SER I 345 62.76 -38.12 1.06
N ARG I 346 62.37 -39.22 1.69
CA ARG I 346 60.97 -39.39 2.03
C ARG I 346 60.54 -38.31 3.00
N LEU I 347 61.46 -37.81 3.83
CA LEU I 347 61.11 -36.80 4.83
C LEU I 347 60.48 -35.57 4.16
N PHE I 348 61.00 -35.31 2.95
CA PHE I 348 60.52 -34.18 2.17
C PHE I 348 59.29 -34.54 1.35
N SER I 349 59.37 -35.63 0.59
CA SER I 349 58.31 -36.07 -0.30
C SER I 349 56.89 -36.08 0.23
N TYR I 350 56.68 -36.69 1.40
CA TYR I 350 55.32 -37.08 1.80
C TYR I 350 54.50 -35.82 2.16
N PRO I 351 55.07 -34.91 2.98
CA PRO I 351 54.39 -33.64 3.20
C PRO I 351 54.17 -32.85 1.89
N ASP I 352 55.17 -32.89 1.00
CA ASP I 352 55.06 -32.21 -0.28
C ASP I 352 53.87 -32.74 -1.10
N THR I 353 53.79 -34.04 -1.29
CA THR I 353 52.68 -34.62 -2.01
C THR I 353 51.34 -34.35 -1.31
N HIS I 354 51.31 -34.38 0.02
CA HIS I 354 50.04 -34.14 0.76
C HIS I 354 49.45 -32.78 0.36
N ARG I 355 50.32 -31.75 0.37
CA ARG I 355 49.95 -30.40 -0.04
C ARG I 355 49.37 -30.39 -1.46
N HIS I 356 49.76 -31.31 -2.32
CA HIS I 356 49.13 -31.41 -3.61
C HIS I 356 47.90 -32.31 -3.62
N ARG I 357 47.98 -33.52 -3.08
CA ARG I 357 46.83 -34.44 -3.13
C ARG I 357 45.62 -33.96 -2.36
N LEU I 358 45.86 -33.34 -1.21
CA LEU I 358 44.77 -33.03 -0.28
C LEU I 358 44.61 -31.53 -0.15
N GLY I 359 45.67 -30.83 0.26
CA GLY I 359 45.62 -29.38 0.16
C GLY I 359 46.55 -28.78 1.15
N PRO I 360 46.86 -27.50 1.00
CA PRO I 360 47.78 -26.84 1.95
C PRO I 360 47.43 -27.07 3.42
N ASN I 361 46.15 -27.20 3.76
CA ASN I 361 45.82 -27.33 5.17
C ASN I 361 45.25 -28.70 5.49
N TYR I 362 45.84 -29.73 4.90
CA TYR I 362 45.37 -31.09 5.08
C TYR I 362 45.41 -31.65 6.52
N HIS I 363 46.36 -31.16 7.33
CA HIS I 363 46.44 -31.51 8.74
C HIS I 363 45.24 -30.99 9.52
N GLN I 364 44.33 -30.28 8.84
CA GLN I 364 43.06 -29.89 9.46
C GLN I 364 41.94 -30.89 9.21
N ILE I 365 42.11 -31.79 8.25
CA ILE I 365 41.16 -32.92 8.10
C ILE I 365 41.19 -33.78 9.33
N PRO I 366 40.02 -34.11 9.89
CA PRO I 366 40.00 -34.84 11.16
C PRO I 366 41.06 -35.98 11.33
N VAL I 367 41.13 -36.99 10.43
CA VAL I 367 42.03 -38.12 10.70
C VAL I 367 43.42 -37.64 10.80
N ASN I 368 43.71 -36.48 10.21
CA ASN I 368 45.06 -36.00 10.22
C ASN I 368 45.42 -35.13 11.40
N CYS I 369 44.43 -34.71 12.19
CA CYS I 369 44.66 -33.84 13.34
C CYS I 369 45.46 -34.51 14.43
N PRO I 370 46.27 -33.73 15.15
CA PRO I 370 46.84 -34.28 16.37
C PRO I 370 45.75 -34.32 17.44
N LEU I 371 44.99 -35.42 17.49
CA LEU I 371 43.89 -35.50 18.44
C LEU I 371 44.28 -35.58 19.93
N LYS I 372 45.32 -36.34 20.30
CA LYS I 372 45.57 -36.53 21.73
C LYS I 372 46.39 -35.41 22.29
N SER I 373 47.27 -34.85 21.48
CA SER I 373 47.95 -33.61 21.86
C SER I 373 47.31 -32.50 21.07
N GLY I 374 47.32 -31.27 21.57
CA GLY I 374 46.82 -30.22 20.69
C GLY I 374 47.83 -29.91 19.59
N SER I 375 47.72 -28.70 19.06
CA SER I 375 48.87 -28.08 18.49
C SER I 375 48.78 -26.62 18.84
N PHE I 376 49.92 -25.98 18.89
CA PHE I 376 49.93 -24.56 18.99
C PHE I 376 51.08 -24.10 18.12
N ASN I 377 50.76 -23.66 16.91
CA ASN I 377 51.79 -23.19 15.99
C ASN I 377 51.41 -21.85 15.40
N PRO I 378 51.65 -20.75 16.15
CA PRO I 378 51.17 -19.40 15.78
C PRO I 378 51.84 -18.83 14.51
N ILE I 379 52.91 -19.47 14.03
CA ILE I 379 53.57 -18.96 12.84
C ILE I 379 52.92 -19.47 11.59
N ASN I 380 52.21 -20.56 11.68
CA ASN I 380 51.54 -21.12 10.53
C ASN I 380 50.10 -20.65 10.45
N ARG I 381 49.82 -19.70 9.57
CA ARG I 381 48.47 -19.19 9.50
C ARG I 381 47.91 -19.16 8.07
N ASP I 382 46.59 -18.94 7.98
CA ASP I 382 45.89 -18.71 6.71
C ASP I 382 45.98 -19.92 5.78
N GLY I 383 46.07 -19.68 4.48
CA GLY I 383 46.08 -20.78 3.51
C GLY I 383 44.68 -21.26 3.19
N PRO I 384 44.51 -21.96 2.08
CA PRO I 384 43.19 -22.43 1.63
C PRO I 384 42.45 -23.24 2.67
N MET I 385 41.12 -23.19 2.64
CA MET I 385 40.28 -24.07 3.46
C MET I 385 40.72 -24.15 4.91
N CYS I 386 40.99 -22.97 5.47
CA CYS I 386 41.37 -22.82 6.87
C CYS I 386 40.15 -22.92 7.81
N VAL I 387 39.95 -24.12 8.34
CA VAL I 387 38.72 -24.46 9.06
C VAL I 387 38.87 -24.60 10.56
N ASP I 388 40.08 -24.48 11.08
CA ASP I 388 40.27 -24.68 12.50
C ASP I 388 40.21 -23.40 13.33
N GLY I 389 39.85 -22.27 12.72
CA GLY I 389 39.71 -21.06 13.49
C GLY I 389 40.95 -20.17 13.47
N ASN I 390 42.05 -20.71 12.92
CA ASN I 390 43.26 -19.92 12.59
C ASN I 390 43.81 -19.25 13.85
N LEU I 391 43.50 -19.85 14.99
CA LEU I 391 43.92 -19.34 16.27
C LEU I 391 43.43 -17.92 16.59
N GLY I 392 42.27 -17.52 16.10
CA GLY I 392 41.78 -16.19 16.44
C GLY I 392 42.85 -15.12 16.38
N GLY I 393 42.96 -14.35 17.45
CA GLY I 393 43.77 -13.13 17.46
C GLY I 393 45.18 -13.30 18.00
N THR I 394 45.58 -14.56 18.14
CA THR I 394 46.92 -14.90 18.64
C THR I 394 47.94 -14.38 17.69
N PRO I 395 48.98 -13.69 18.21
CA PRO I 395 50.02 -13.02 17.44
C PRO I 395 50.78 -14.05 16.65
N ASN I 396 51.25 -13.65 15.47
CA ASN I 396 51.79 -14.63 14.54
C ASN I 396 53.28 -14.55 14.34
N TYR I 397 53.98 -14.14 15.38
CA TYR I 397 55.45 -14.22 15.46
C TYR I 397 55.91 -14.66 16.88
N ALA I 398 57.09 -15.25 16.98
CA ALA I 398 57.63 -15.70 18.27
C ALA I 398 58.27 -14.59 19.13
N ASN I 399 57.97 -14.66 20.43
CA ASN I 399 58.37 -13.64 21.42
C ASN I 399 57.66 -12.32 21.19
N ALA I 400 56.35 -12.39 20.95
CA ALA I 400 55.51 -11.23 20.94
C ALA I 400 55.39 -10.75 22.39
N TYR I 401 55.49 -9.44 22.62
CA TYR I 401 55.28 -8.88 23.95
C TYR I 401 53.99 -9.37 24.62
N ASN I 402 52.96 -9.65 23.84
CA ASN I 402 51.62 -9.97 24.34
C ASN I 402 51.17 -11.41 24.15
N CYS I 403 52.12 -12.31 24.06
CA CYS I 403 51.84 -13.75 23.98
C CYS I 403 53.04 -14.59 24.44
N PRO I 404 53.05 -15.01 25.73
CA PRO I 404 54.12 -15.82 26.29
C PRO I 404 53.93 -17.34 25.99
N ILE I 405 54.96 -17.98 25.46
CA ILE I 405 54.83 -19.35 24.95
C ILE I 405 55.84 -20.21 25.64
N GLN I 406 55.48 -21.47 25.86
CA GLN I 406 56.41 -22.42 26.48
C GLN I 406 57.12 -23.36 25.51
N TYR I 407 58.44 -23.38 25.56
CA TYR I 407 59.24 -24.25 24.73
C TYR I 407 59.65 -25.48 25.55
N ALA I 408 59.62 -26.66 24.93
CA ALA I 408 60.03 -27.92 25.58
C ALA I 408 61.56 -28.04 25.68
N VAL I 409 62.01 -28.88 26.63
CA VAL I 409 63.45 -29.04 26.97
C VAL I 409 64.27 -29.56 25.78
N SER I 410 65.43 -28.92 25.56
CA SER I 410 66.21 -29.13 24.33
C SER I 410 67.10 -30.40 24.30
N LYS I 417 76.83 -35.03 25.14
CA LYS I 417 76.62 -36.39 24.62
C LYS I 417 77.11 -36.57 23.16
N PRO I 418 78.00 -37.58 22.90
CA PRO I 418 78.49 -37.93 21.52
C PRO I 418 77.44 -38.45 20.48
N ASP I 419 77.29 -37.70 19.38
CA ASP I 419 76.45 -38.10 18.23
C ASP I 419 77.38 -38.48 17.05
N GLU I 420 76.84 -38.64 15.84
CA GLU I 420 77.65 -38.96 14.65
C GLU I 420 78.47 -37.75 14.22
N LYS I 421 79.58 -37.98 13.54
CA LYS I 421 80.50 -36.91 13.15
C LYS I 421 80.71 -36.84 11.62
N TYR I 422 80.98 -35.63 11.11
CA TYR I 422 81.08 -35.37 9.67
C TYR I 422 82.38 -34.69 9.27
N THR I 423 82.97 -35.14 8.17
CA THR I 423 84.23 -34.60 7.63
C THR I 423 84.24 -34.68 6.11
N GLY I 424 84.74 -33.64 5.46
CA GLY I 424 84.91 -33.67 4.01
C GLY I 424 84.27 -32.49 3.31
N GLU I 425 84.29 -32.54 1.98
CA GLU I 425 83.64 -31.54 1.16
C GLU I 425 82.23 -32.02 0.86
N VAL I 426 81.39 -31.14 0.28
CA VAL I 426 80.07 -31.57 -0.19
C VAL I 426 80.37 -32.47 -1.37
N VAL I 427 79.78 -33.66 -1.36
CA VAL I 427 80.07 -34.66 -2.39
C VAL I 427 78.80 -35.24 -3.03
N PRO I 428 78.78 -35.27 -4.38
CA PRO I 428 77.73 -35.97 -5.12
C PRO I 428 77.99 -37.46 -5.07
N TYR I 429 76.98 -38.25 -4.77
CA TYR I 429 77.19 -39.72 -4.69
C TYR I 429 76.06 -40.59 -5.20
N HIS I 430 76.48 -41.63 -5.91
CA HIS I 430 75.61 -42.67 -6.39
C HIS I 430 76.22 -43.91 -5.75
N TRP I 431 75.47 -44.62 -4.91
CA TRP I 431 76.00 -45.84 -4.29
C TRP I 431 76.62 -46.84 -5.29
N GLU I 432 77.89 -47.18 -5.06
CA GLU I 432 78.68 -48.03 -5.98
C GLU I 432 78.76 -49.47 -5.49
N HIS I 433 78.60 -50.39 -6.42
CA HIS I 433 78.47 -51.80 -6.10
C HIS I 433 79.78 -52.36 -5.55
N THR I 434 79.67 -53.17 -4.50
CA THR I 434 80.76 -54.04 -4.03
C THR I 434 80.24 -55.47 -3.94
N ASP I 435 81.15 -56.42 -3.85
CA ASP I 435 80.81 -57.83 -3.88
C ASP I 435 79.80 -58.23 -2.84
N TYR I 436 79.80 -57.52 -1.71
CA TYR I 436 78.88 -57.85 -0.63
C TYR I 436 77.39 -57.72 -1.01
N ASP I 437 77.11 -56.82 -1.95
CA ASP I 437 75.74 -56.57 -2.39
C ASP I 437 75.05 -57.84 -2.89
N TYR I 438 75.81 -58.76 -3.49
CA TYR I 438 75.26 -60.02 -4.00
C TYR I 438 75.08 -61.09 -2.91
N PHE I 439 75.75 -60.89 -1.79
CA PHE I 439 75.77 -61.90 -0.75
C PHE I 439 74.38 -62.20 -0.21
N GLN I 440 73.68 -61.17 0.23
CA GLN I 440 72.43 -61.35 0.92
C GLN I 440 71.29 -61.91 0.07
N PRO I 441 71.25 -61.58 -1.26
CA PRO I 441 70.37 -62.33 -2.15
C PRO I 441 70.70 -63.83 -2.23
N LYS I 442 71.99 -64.16 -2.08
CA LYS I 442 72.43 -65.55 -2.07
C LYS I 442 71.74 -66.26 -0.91
N MET I 443 71.84 -65.66 0.27
CA MET I 443 71.27 -66.24 1.49
C MET I 443 69.78 -66.39 1.36
N PHE I 444 69.13 -65.43 0.71
CA PHE I 444 67.69 -65.52 0.50
C PHE I 444 67.35 -66.71 -0.39
N TRP I 445 68.18 -67.00 -1.38
CA TRP I 445 67.96 -68.20 -2.17
C TRP I 445 67.99 -69.44 -1.27
N LYS I 446 68.95 -69.47 -0.35
CA LYS I 446 69.06 -70.59 0.60
C LYS I 446 67.90 -70.68 1.59
N VAL I 447 67.32 -69.55 1.98
CA VAL I 447 66.20 -69.53 2.94
C VAL I 447 64.89 -70.01 2.28
N LEU I 448 64.71 -69.67 1.00
CA LEU I 448 63.72 -70.37 0.19
C LEU I 448 64.33 -71.74 -0.01
N GLY I 449 63.56 -72.75 -0.39
CA GLY I 449 64.15 -74.08 -0.55
C GLY I 449 64.61 -74.68 0.78
N ARG I 450 64.35 -73.96 1.89
CA ARG I 450 64.16 -74.60 3.19
C ARG I 450 62.69 -74.98 3.30
N THR I 451 61.88 -74.42 2.41
CA THR I 451 60.48 -74.80 2.25
C THR I 451 60.25 -75.33 0.85
N PRO I 452 59.73 -76.55 0.76
CA PRO I 452 59.33 -77.12 -0.52
C PRO I 452 58.44 -76.20 -1.37
N GLY I 453 58.79 -76.08 -2.66
CA GLY I 453 57.99 -75.33 -3.61
C GLY I 453 58.31 -73.85 -3.74
N GLU I 454 59.05 -73.30 -2.78
CA GLU I 454 59.32 -71.85 -2.71
C GLU I 454 60.29 -71.39 -3.77
N GLN I 455 61.30 -72.22 -4.04
CA GLN I 455 62.29 -71.94 -5.08
C GLN I 455 61.72 -72.11 -6.47
N GLU I 456 60.94 -73.16 -6.65
CA GLU I 456 60.37 -73.45 -7.95
C GLU I 456 59.26 -72.44 -8.27
N SER I 457 58.69 -71.88 -7.20
CA SER I 457 57.72 -70.79 -7.27
C SER I 457 58.35 -69.50 -7.78
N LEU I 458 59.44 -69.07 -7.14
CA LEU I 458 60.17 -67.91 -7.63
C LEU I 458 60.46 -68.06 -9.13
N VAL I 459 61.04 -69.18 -9.54
CA VAL I 459 61.33 -69.46 -10.95
C VAL I 459 60.10 -69.41 -11.89
N LYS I 460 59.04 -70.10 -11.51
CA LYS I 460 57.78 -70.11 -12.24
C LYS I 460 57.22 -68.68 -12.39
N ASN I 461 57.41 -67.89 -11.34
CA ASN I 461 56.86 -66.58 -11.23
C ASN I 461 57.62 -65.58 -12.04
N VAL I 462 58.94 -65.68 -12.00
CA VAL I 462 59.75 -64.80 -12.78
C VAL I 462 59.62 -65.15 -14.23
N ALA I 463 59.21 -66.38 -14.54
CA ALA I 463 59.22 -66.82 -15.93
C ALA I 463 57.97 -66.38 -16.68
N ASN I 464 56.84 -66.44 -16.01
CA ASN I 464 55.57 -66.03 -16.60
C ASN I 464 55.52 -64.54 -16.93
N HIS I 465 55.91 -63.73 -15.95
CA HIS I 465 56.06 -62.30 -16.14
C HIS I 465 57.00 -62.01 -17.31
N VAL I 466 58.18 -62.63 -17.30
CA VAL I 466 59.22 -62.29 -18.26
C VAL I 466 59.01 -62.82 -19.68
N SER I 467 58.12 -63.80 -19.85
CA SER I 467 57.94 -64.41 -21.15
C SER I 467 57.38 -63.44 -22.20
N ALA I 468 56.76 -62.35 -21.76
CA ALA I 468 56.22 -61.41 -22.71
C ALA I 468 57.24 -60.36 -23.11
N ALA I 469 58.43 -60.39 -22.51
CA ALA I 469 59.47 -59.43 -22.87
C ALA I 469 60.19 -59.91 -24.12
N ASP I 470 60.95 -59.01 -24.73
CA ASP I 470 61.74 -59.28 -25.90
C ASP I 470 62.93 -60.14 -25.53
N GLU I 471 63.46 -60.90 -26.49
CA GLU I 471 64.51 -61.86 -26.16
C GLU I 471 65.77 -61.26 -25.58
N PHE I 472 66.17 -60.08 -26.05
CA PHE I 472 67.42 -59.47 -25.57
C PHE I 472 67.27 -59.06 -24.15
N ILE I 473 66.03 -58.98 -23.70
CA ILE I 473 65.75 -58.51 -22.34
C ILE I 473 65.52 -59.67 -21.35
N GLN I 474 64.86 -60.74 -21.79
CA GLN I 474 64.90 -62.03 -21.08
C GLN I 474 66.35 -62.45 -20.79
N ASP I 475 67.22 -62.37 -21.80
CA ASP I 475 68.66 -62.70 -21.63
C ASP I 475 69.29 -61.93 -20.48
N ARG I 476 69.07 -60.62 -20.42
CA ARG I 476 69.59 -59.81 -19.29
C ARG I 476 69.02 -60.27 -17.94
N VAL I 477 67.77 -60.73 -17.95
CA VAL I 477 67.11 -61.15 -16.70
C VAL I 477 67.73 -62.42 -16.17
N TYR I 478 68.07 -63.36 -17.07
CA TYR I 478 68.76 -64.56 -16.66
C TYR I 478 70.07 -64.19 -15.99
N GLU I 479 70.92 -63.40 -16.65
CA GLU I 479 72.19 -62.93 -16.07
C GLU I 479 72.01 -62.34 -14.70
N TYR I 480 70.90 -61.62 -14.51
CA TYR I 480 70.63 -60.85 -13.31
C TYR I 480 70.39 -61.78 -12.14
N PHE I 481 69.46 -62.71 -12.29
CA PHE I 481 69.19 -63.65 -11.23
C PHE I 481 70.35 -64.58 -10.94
N SER I 482 71.18 -64.85 -11.93
CA SER I 482 72.35 -65.71 -11.74
C SER I 482 73.44 -65.01 -10.91
N LYS I 483 73.31 -63.69 -10.73
CA LYS I 483 74.26 -62.91 -9.89
C LYS I 483 74.11 -63.28 -8.41
N ALA I 484 72.97 -63.88 -8.05
CA ALA I 484 72.76 -64.40 -6.69
C ALA I 484 73.16 -65.89 -6.58
N GLU I 485 72.65 -66.70 -7.51
CA GLU I 485 73.06 -68.11 -7.65
C GLU I 485 72.94 -68.48 -9.11
N PRO I 486 74.03 -69.01 -9.67
CA PRO I 486 74.03 -69.34 -11.10
C PRO I 486 72.89 -70.25 -11.58
N ILE I 487 72.32 -71.09 -10.70
CA ILE I 487 71.26 -72.02 -11.09
C ILE I 487 69.96 -71.32 -11.51
N ILE I 488 69.75 -70.14 -10.93
CA ILE I 488 68.50 -69.40 -11.05
C ILE I 488 68.28 -68.86 -12.45
N GLY I 489 69.32 -68.25 -13.02
CA GLY I 489 69.29 -67.84 -14.41
C GLY I 489 68.85 -69.01 -15.28
N ASP I 490 69.53 -70.15 -15.09
CA ASP I 490 69.34 -71.34 -15.92
C ASP I 490 67.99 -71.98 -15.78
N LEU I 491 67.46 -72.00 -14.57
CA LEU I 491 66.15 -72.55 -14.28
C LEU I 491 65.08 -71.71 -14.90
N ILE I 492 65.27 -70.40 -14.81
CA ILE I 492 64.38 -69.44 -15.41
C ILE I 492 64.35 -69.58 -16.94
N ARG I 493 65.52 -69.60 -17.59
CA ARG I 493 65.59 -69.82 -19.07
C ARG I 493 64.97 -71.14 -19.45
N LYS I 494 65.05 -72.09 -18.53
CA LYS I 494 64.54 -73.42 -18.76
C LYS I 494 63.02 -73.39 -18.85
N LYS I 495 62.38 -72.63 -17.96
CA LYS I 495 60.92 -72.52 -17.94
C LYS I 495 60.35 -71.56 -19.01
N VAL I 496 61.10 -70.53 -19.36
CA VAL I 496 60.74 -69.63 -20.45
C VAL I 496 60.65 -70.40 -21.76
N GLN I 497 61.65 -71.24 -22.03
CA GLN I 497 61.66 -72.06 -23.23
C GLN I 497 60.62 -73.18 -23.16
N GLU I 498 60.26 -73.54 -21.93
CA GLU I 498 59.16 -74.48 -21.68
C GLU I 498 57.77 -73.87 -21.88
N LEU I 499 57.57 -72.64 -21.44
CA LEU I 499 56.30 -71.93 -21.65
C LEU I 499 56.10 -71.59 -23.15
N LYS I 500 57.21 -71.38 -23.85
CA LYS I 500 57.21 -71.23 -25.30
C LYS I 500 56.88 -72.57 -26.00
N ARG I 501 57.42 -73.67 -25.48
CA ARG I 501 57.20 -75.01 -26.04
C ARG I 501 55.72 -75.31 -26.27
N LYS I 502 54.87 -75.01 -25.29
CA LYS I 502 53.42 -75.18 -25.44
C LYS I 502 52.83 -74.28 -26.54
N ALA J 4 49.14 -26.75 28.44
CA ALA J 4 47.95 -25.87 28.35
C ALA J 4 48.10 -24.74 29.38
N ASN J 5 48.47 -23.55 28.90
CA ASN J 5 48.57 -22.33 29.71
C ASN J 5 49.74 -22.27 30.68
N PRO J 6 50.88 -21.71 30.24
CA PRO J 6 51.14 -21.18 28.89
C PRO J 6 51.28 -22.34 27.89
N PRO J 7 50.75 -22.17 26.66
CA PRO J 7 50.72 -23.26 25.66
C PRO J 7 52.10 -23.65 25.17
N VAL J 8 52.22 -24.91 24.75
CA VAL J 8 53.50 -25.47 24.34
C VAL J 8 53.65 -25.36 22.84
N PHE J 9 54.77 -24.83 22.39
CA PHE J 9 54.98 -24.54 20.98
C PHE J 9 55.20 -25.84 20.23
N THR J 10 54.48 -26.04 19.11
CA THR J 10 54.59 -27.31 18.38
C THR J 10 54.72 -27.14 16.86
N THR J 11 54.91 -28.25 16.14
CA THR J 11 54.84 -28.28 14.69
C THR J 11 53.38 -28.40 14.38
N SER J 12 53.03 -28.39 13.10
CA SER J 12 51.66 -28.62 12.66
C SER J 12 51.06 -29.94 13.18
N GLN J 13 51.91 -30.91 13.49
CA GLN J 13 51.48 -32.26 13.86
C GLN J 13 51.47 -32.53 15.37
N GLY J 14 51.96 -31.58 16.16
CA GLY J 14 51.91 -31.69 17.61
C GLY J 14 53.23 -31.94 18.33
N CYS J 15 54.32 -32.12 17.58
CA CYS J 15 55.60 -32.42 18.17
C CYS J 15 56.16 -31.14 18.72
N PRO J 16 56.50 -31.14 20.00
CA PRO J 16 57.07 -30.02 20.72
C PRO J 16 58.35 -29.51 20.10
N VAL J 17 58.61 -28.22 20.27
CA VAL J 17 59.71 -27.53 19.64
C VAL J 17 60.48 -26.85 20.76
N SER J 18 61.79 -26.90 20.69
CA SER J 18 62.60 -26.32 21.75
C SER J 18 63.04 -24.88 21.50
N ASP J 19 63.24 -24.54 20.23
CA ASP J 19 63.70 -23.19 19.88
C ASP J 19 63.04 -22.83 18.58
N PRO J 20 62.41 -21.65 18.53
CA PRO J 20 61.67 -21.25 17.33
C PRO J 20 62.57 -20.79 16.19
N PHE J 21 63.83 -20.52 16.49
CA PHE J 21 64.68 -19.84 15.53
C PHE J 21 65.88 -20.66 15.03
N THR J 22 66.10 -21.85 15.56
CA THR J 22 67.30 -22.59 15.16
C THR J 22 67.02 -23.39 13.91
N THR J 23 68.05 -23.56 13.08
CA THR J 23 68.01 -24.51 11.99
C THR J 23 69.24 -25.39 12.03
N GLN J 24 69.12 -26.62 11.52
CA GLN J 24 70.23 -27.56 11.48
C GLN J 24 71.24 -27.31 10.37
N ARG J 25 72.52 -27.50 10.69
CA ARG J 25 73.58 -27.52 9.69
C ARG J 25 74.76 -28.33 10.20
N ILE J 26 75.65 -28.74 9.28
CA ILE J 26 76.97 -29.31 9.61
C ILE J 26 78.01 -28.24 9.27
N PRO J 27 78.74 -27.77 10.28
CA PRO J 27 79.56 -26.57 10.19
C PRO J 27 80.82 -26.69 9.36
N LEU J 28 81.30 -25.56 8.87
CA LEU J 28 82.57 -25.50 8.17
C LEU J 28 83.66 -25.67 9.23
N ASP J 29 84.79 -26.27 8.82
CA ASP J 29 86.00 -26.26 9.64
C ASP J 29 86.48 -24.83 9.83
N SER J 30 86.57 -24.47 11.11
CA SER J 30 86.86 -23.11 11.53
C SER J 30 88.34 -22.81 11.69
N THR J 31 89.21 -23.81 11.48
CA THR J 31 90.66 -23.56 11.59
C THR J 31 91.09 -22.48 10.61
N GLY J 32 91.74 -21.45 11.16
CA GLY J 32 92.22 -20.33 10.38
C GLY J 32 91.34 -19.09 10.50
N TYR J 33 90.06 -19.27 10.84
CA TYR J 33 89.06 -18.17 10.86
C TYR J 33 89.20 -17.24 12.08
N LYS J 34 89.36 -15.93 11.82
CA LYS J 34 89.33 -14.96 12.90
C LYS J 34 87.96 -15.01 13.54
N TYR J 35 86.92 -15.20 12.71
CA TYR J 35 85.52 -15.30 13.18
C TYR J 35 84.91 -16.56 12.62
N ALA J 36 84.38 -17.39 13.51
CA ALA J 36 83.98 -18.74 13.11
C ALA J 36 82.65 -19.21 13.71
N PRO J 37 81.55 -18.57 13.29
CA PRO J 37 80.27 -19.14 13.66
C PRO J 37 80.06 -20.42 12.83
N PRO J 38 79.32 -21.40 13.38
CA PRO J 38 79.03 -22.69 12.74
C PRO J 38 78.03 -22.62 11.57
N ILE J 39 78.54 -22.41 10.36
CA ILE J 39 77.68 -22.24 9.20
C ILE J 39 77.91 -23.41 8.28
N GLY J 40 76.82 -23.95 7.74
CA GLY J 40 76.88 -25.04 6.79
C GLY J 40 75.60 -25.07 5.99
N PRO J 41 75.50 -25.94 4.96
CA PRO J 41 74.32 -26.02 4.11
C PRO J 41 73.16 -26.52 4.93
N LEU J 42 71.96 -26.09 4.58
CA LEU J 42 70.75 -26.44 5.34
C LEU J 42 70.28 -27.82 4.92
N LEU J 43 69.67 -28.57 5.83
CA LEU J 43 69.36 -29.99 5.59
C LEU J 43 67.89 -30.28 5.28
N LEU J 44 67.65 -31.25 4.40
CA LEU J 44 66.29 -31.72 4.11
C LEU J 44 65.56 -32.24 5.33
N GLN J 45 66.31 -32.81 6.27
CA GLN J 45 65.70 -33.44 7.45
C GLN J 45 65.26 -32.45 8.52
N ASP J 46 65.51 -31.17 8.26
CA ASP J 46 65.16 -30.12 9.20
C ASP J 46 63.66 -29.81 9.11
N PHE J 47 62.84 -30.67 9.70
CA PHE J 47 61.39 -30.59 9.54
C PHE J 47 60.79 -29.26 9.97
N LYS J 48 61.27 -28.71 11.07
CA LYS J 48 60.75 -27.45 11.55
C LYS J 48 60.96 -26.38 10.49
N LEU J 49 62.08 -26.43 9.81
CA LEU J 49 62.33 -25.46 8.77
C LEU J 49 61.30 -25.64 7.66
N ILE J 50 61.23 -26.85 7.09
CA ILE J 50 60.45 -27.13 5.89
C ILE J 50 58.99 -26.91 6.17
N ASP J 51 58.55 -27.35 7.34
CA ASP J 51 57.15 -27.29 7.70
C ASP J 51 56.75 -25.85 7.86
N THR J 52 57.62 -24.99 8.41
CA THR J 52 57.17 -23.63 8.60
C THR J 52 57.35 -22.81 7.34
N LEU J 53 58.41 -23.07 6.59
CA LEU J 53 58.57 -22.37 5.29
C LEU J 53 57.47 -22.73 4.29
N SER J 54 57.14 -24.00 4.22
CA SER J 54 56.24 -24.39 3.17
C SER J 54 54.83 -23.90 3.46
N HIS J 55 54.52 -23.72 4.73
CA HIS J 55 53.24 -23.14 5.02
C HIS J 55 53.21 -21.66 4.65
N PHE J 56 54.20 -20.91 5.11
CA PHE J 56 54.31 -19.50 4.76
C PHE J 56 54.15 -19.33 3.23
N ASP J 57 54.82 -20.19 2.46
CA ASP J 57 54.69 -20.25 1.00
C ASP J 57 53.25 -20.38 0.53
N ARG J 58 52.34 -20.85 1.37
CA ARG J 58 50.98 -21.08 0.89
C ARG J 58 49.90 -20.27 1.59
N GLU J 59 50.29 -19.19 2.30
CA GLU J 59 49.34 -18.36 3.04
C GLU J 59 48.25 -17.72 2.18
N ARG J 60 48.54 -17.40 0.90
CA ARG J 60 47.61 -16.55 0.13
C ARG J 60 46.59 -17.33 -0.67
N ILE J 61 45.36 -16.82 -0.72
CA ILE J 61 44.37 -17.35 -1.68
C ILE J 61 43.98 -16.23 -2.64
N PRO J 62 43.25 -16.54 -3.74
CA PRO J 62 42.81 -15.45 -4.63
C PRO J 62 41.89 -14.49 -3.90
N GLU J 63 42.01 -13.21 -4.20
CA GLU J 63 41.05 -12.23 -3.71
C GLU J 63 39.77 -12.34 -4.55
N ARG J 64 38.64 -11.87 -4.01
CA ARG J 64 37.37 -11.83 -4.73
C ARG J 64 37.57 -11.03 -6.02
N VAL J 65 36.97 -11.49 -7.12
CA VAL J 65 37.11 -10.75 -8.38
C VAL J 65 36.72 -9.27 -8.23
N VAL J 66 35.67 -9.05 -7.44
CA VAL J 66 35.20 -7.73 -7.12
C VAL J 66 34.94 -7.64 -5.62
N HIS J 67 34.97 -6.43 -5.07
CA HIS J 67 34.79 -6.27 -3.64
C HIS J 67 35.95 -6.89 -2.83
N ALA J 68 37.17 -6.80 -3.33
CA ALA J 68 38.29 -7.46 -2.63
C ALA J 68 38.60 -6.87 -1.24
N LYS J 69 38.56 -5.54 -1.15
CA LYS J 69 38.91 -4.80 0.05
C LYS J 69 37.68 -4.70 0.93
N GLY J 70 37.76 -5.16 2.18
CA GLY J 70 36.57 -5.14 3.04
C GLY J 70 36.80 -5.33 4.52
N ALA J 71 35.73 -5.14 5.29
CA ALA J 71 35.77 -5.28 6.75
C ALA J 71 34.48 -5.94 7.18
N GLY J 72 34.53 -6.73 8.28
CA GLY J 72 33.36 -7.49 8.73
C GLY J 72 33.11 -7.39 10.21
N ALA J 73 31.89 -7.71 10.64
CA ALA J 73 31.62 -7.88 12.05
C ALA J 73 30.42 -8.75 12.23
N TYR J 74 30.28 -9.27 13.46
CA TYR J 74 29.12 -10.05 13.83
C TYR J 74 28.13 -9.10 14.49
N GLY J 75 26.84 -9.47 14.43
CA GLY J 75 25.79 -8.65 14.99
C GLY J 75 24.56 -9.45 15.27
N VAL J 76 23.50 -8.75 15.67
CA VAL J 76 22.21 -9.35 16.00
C VAL J 76 21.16 -8.67 15.18
N PHE J 77 20.22 -9.46 14.64
CA PHE J 77 19.05 -8.92 13.97
C PHE J 77 17.84 -9.25 14.82
N GLU J 78 16.98 -8.26 15.05
CA GLU J 78 15.76 -8.47 15.80
C GLU J 78 14.55 -8.18 14.90
N VAL J 79 13.58 -9.09 14.87
CA VAL J 79 12.28 -8.80 14.25
C VAL J 79 11.55 -7.84 15.18
N THR J 80 11.07 -6.72 14.66
CA THR J 80 10.35 -5.76 15.51
C THR J 80 8.87 -5.62 15.20
N ASP J 81 8.44 -6.03 14.00
CA ASP J 81 7.05 -5.90 13.60
C ASP J 81 6.54 -7.23 13.04
N ASP J 82 5.24 -7.42 13.03
CA ASP J 82 4.73 -8.65 12.47
C ASP J 82 4.53 -8.42 10.99
N ILE J 83 5.31 -9.11 10.16
CA ILE J 83 5.13 -9.06 8.71
C ILE J 83 4.82 -10.44 8.13
N THR J 84 4.17 -11.27 8.94
CA THR J 84 3.86 -12.62 8.53
C THR J 84 2.76 -12.70 7.49
N ASP J 85 2.10 -11.57 7.27
CA ASP J 85 1.11 -11.43 6.20
C ASP J 85 1.81 -11.39 4.86
N VAL J 86 3.04 -10.89 4.89
CA VAL J 86 3.92 -10.75 3.74
C VAL J 86 4.85 -11.96 3.53
N CYS J 87 5.50 -12.42 4.59
CA CYS J 87 6.61 -13.37 4.46
C CYS J 87 6.61 -14.49 5.51
N SER J 88 6.66 -15.74 5.05
CA SER J 88 6.57 -16.87 5.97
C SER J 88 7.89 -17.33 6.59
N ALA J 89 8.94 -16.53 6.46
CA ALA J 89 10.30 -16.95 6.87
C ALA J 89 10.41 -17.12 8.37
N LYS J 90 10.93 -18.29 8.75
CA LYS J 90 11.12 -18.65 10.16
C LYS J 90 11.81 -17.59 10.99
N PHE J 91 12.76 -16.86 10.44
CA PHE J 91 13.50 -15.98 11.33
C PHE J 91 12.72 -14.70 11.55
N LEU J 92 11.60 -14.58 10.83
CA LEU J 92 10.66 -13.46 10.98
C LEU J 92 9.37 -13.85 11.72
N ASP J 93 9.21 -15.16 11.94
CA ASP J 93 8.16 -15.84 12.75
C ASP J 93 7.30 -15.08 13.74
N THR J 94 7.95 -14.46 14.71
CA THR J 94 7.25 -13.92 15.87
C THR J 94 8.07 -12.74 16.32
N VAL J 95 7.43 -11.72 16.85
CA VAL J 95 8.15 -10.46 17.14
C VAL J 95 9.11 -10.65 18.31
N GLY J 96 10.27 -10.01 18.21
CA GLY J 96 11.31 -10.10 19.24
C GLY J 96 12.31 -11.23 19.11
N LYS J 97 12.11 -12.13 18.13
CA LYS J 97 13.09 -13.17 17.79
C LYS J 97 14.41 -12.60 17.25
N LYS J 98 15.51 -13.09 17.77
CA LYS J 98 16.79 -12.54 17.37
C LYS J 98 17.58 -13.57 16.58
N THR J 99 18.27 -13.08 15.54
CA THR J 99 19.11 -13.93 14.68
C THR J 99 20.56 -13.42 14.65
N ARG J 100 21.53 -14.32 14.80
CA ARG J 100 22.92 -13.90 14.68
C ARG J 100 23.24 -13.65 13.20
N ILE J 101 24.02 -12.60 12.95
CA ILE J 101 24.39 -12.23 11.60
C ILE J 101 25.87 -11.88 11.51
N PHE J 102 26.40 -11.99 10.28
CA PHE J 102 27.72 -11.46 9.94
C PHE J 102 27.64 -10.54 8.74
N THR J 103 28.27 -9.40 8.87
CA THR J 103 28.18 -8.41 7.82
C THR J 103 29.56 -8.01 7.35
N ARG J 104 29.73 -8.04 6.02
CA ARG J 104 30.97 -7.60 5.44
C ARG J 104 30.73 -6.40 4.52
N PHE J 105 31.41 -5.31 4.79
CA PHE J 105 31.34 -4.13 3.95
C PHE J 105 32.54 -4.14 3.02
N SER J 106 32.43 -3.47 1.86
CA SER J 106 33.47 -3.55 0.83
C SER J 106 33.35 -2.40 -0.13
N THR J 107 34.45 -2.05 -0.79
CA THR J 107 34.40 -1.22 -1.97
C THR J 107 34.25 -2.19 -3.17
N VAL J 108 34.33 -1.68 -4.40
CA VAL J 108 34.07 -2.55 -5.54
C VAL J 108 35.27 -2.91 -6.36
N GLY J 109 35.90 -1.96 -7.01
CA GLY J 109 36.94 -2.30 -7.98
C GLY J 109 38.35 -2.41 -7.43
N GLY J 110 38.64 -1.66 -6.38
CA GLY J 110 39.97 -1.78 -5.82
C GLY J 110 40.34 -3.21 -5.40
N GLU J 111 41.63 -3.49 -5.51
CA GLU J 111 42.22 -4.69 -4.97
C GLU J 111 42.52 -4.59 -3.48
N LYS J 112 43.21 -5.59 -2.95
CA LYS J 112 43.34 -5.83 -1.51
C LYS J 112 44.11 -4.78 -0.69
N GLY J 113 45.00 -4.04 -1.32
CA GLY J 113 45.76 -3.04 -0.57
C GLY J 113 45.31 -1.63 -0.84
N SER J 114 44.25 -1.50 -1.63
CA SER J 114 43.73 -0.20 -2.05
C SER J 114 43.04 0.55 -0.93
N ALA J 115 42.57 1.75 -1.25
CA ALA J 115 42.09 2.67 -0.20
C ALA J 115 40.61 2.49 0.12
N ASP J 116 40.30 2.50 1.41
CA ASP J 116 38.94 2.39 1.88
C ASP J 116 38.11 3.57 1.35
N THR J 117 38.76 4.71 1.13
CA THR J 117 38.07 5.94 0.78
C THR J 117 38.07 6.28 -0.74
N ALA J 118 38.47 5.31 -1.55
CA ALA J 118 38.28 5.41 -2.99
C ALA J 118 36.81 5.68 -3.32
N ARG J 119 36.57 6.35 -4.44
CA ARG J 119 35.21 6.51 -4.95
C ARG J 119 34.74 5.20 -5.60
N ASP J 120 33.66 4.64 -5.05
CA ASP J 120 33.11 3.36 -5.53
C ASP J 120 31.77 3.16 -4.84
N PRO J 121 30.92 2.28 -5.39
CA PRO J 121 29.78 1.84 -4.60
C PRO J 121 30.33 1.13 -3.36
N ARG J 122 29.51 0.79 -2.39
CA ARG J 122 30.02 0.03 -1.25
C ARG J 122 29.15 -1.22 -1.10
N GLY J 123 29.80 -2.35 -0.79
CA GLY J 123 29.08 -3.59 -0.67
C GLY J 123 28.62 -3.76 0.76
N PHE J 124 27.47 -4.40 0.95
CA PHE J 124 26.86 -4.47 2.25
C PHE J 124 26.19 -5.85 2.24
N ALA J 125 27.00 -6.86 2.56
CA ALA J 125 26.50 -8.22 2.54
C ALA J 125 26.33 -8.73 3.96
N THR J 126 25.27 -9.48 4.19
CA THR J 126 24.93 -9.91 5.53
C THR J 126 24.45 -11.35 5.50
N LYS J 127 25.05 -12.17 6.36
CA LYS J 127 24.68 -13.56 6.44
C LYS J 127 23.80 -13.73 7.67
N PHE J 128 22.65 -14.40 7.50
CA PHE J 128 21.71 -14.63 8.59
C PHE J 128 21.63 -16.09 8.82
N TYR J 129 22.03 -16.53 10.02
CA TYR J 129 21.98 -17.96 10.37
C TYR J 129 20.63 -18.34 10.95
N THR J 130 19.72 -18.81 10.10
CA THR J 130 18.39 -19.08 10.56
C THR J 130 18.22 -20.55 10.81
N GLU J 131 17.07 -20.90 11.38
CA GLU J 131 16.73 -22.29 11.66
C GLU J 131 16.44 -23.00 10.35
N ASP J 132 16.18 -22.22 9.30
CA ASP J 132 15.85 -22.76 7.98
C ASP J 132 17.05 -22.65 7.01
N GLY J 133 18.22 -22.35 7.55
CA GLY J 133 19.43 -22.37 6.77
C GLY J 133 20.08 -21.01 6.77
N ASN J 134 21.16 -20.87 6.02
CA ASN J 134 21.73 -19.54 5.90
C ASN J 134 21.09 -18.74 4.78
N LEU J 135 20.84 -17.47 5.08
CA LEU J 135 20.25 -16.50 4.16
C LEU J 135 21.24 -15.37 4.00
N ASP J 136 21.61 -15.15 2.74
CA ASP J 136 22.56 -14.09 2.39
C ASP J 136 21.85 -12.93 1.76
N LEU J 137 21.92 -11.77 2.39
CA LEU J 137 21.35 -10.61 1.76
C LEU J 137 22.54 -9.83 1.28
N VAL J 138 22.83 -10.02 -0.01
CA VAL J 138 24.00 -9.44 -0.63
C VAL J 138 23.64 -8.12 -1.31
N TYR J 139 23.81 -7.02 -0.56
CA TYR J 139 23.28 -5.75 -0.97
C TYR J 139 24.40 -4.77 -1.31
N ASN J 140 24.04 -3.71 -2.03
CA ASN J 140 24.88 -2.48 -2.10
C ASN J 140 24.40 -1.25 -1.30
N ASN J 141 25.19 -0.17 -1.32
CA ASN J 141 24.84 1.06 -0.58
C ASN J 141 24.08 2.04 -1.47
N THR J 142 23.60 1.51 -2.60
CA THR J 142 22.82 2.20 -3.60
C THR J 142 21.62 1.32 -3.99
N PRO J 143 20.46 1.93 -4.31
CA PRO J 143 19.28 1.13 -4.62
C PRO J 143 19.22 0.75 -6.10
N ILE J 144 20.29 1.11 -6.81
CA ILE J 144 20.38 0.82 -8.24
C ILE J 144 21.78 0.30 -8.63
N PHE J 145 22.00 0.12 -9.94
CA PHE J 145 23.31 -0.34 -10.42
C PHE J 145 23.60 -0.03 -11.88
N PHE J 146 24.87 -0.16 -12.27
CA PHE J 146 25.31 0.36 -13.55
C PHE J 146 24.75 -0.39 -14.70
N ILE J 147 24.16 -1.57 -14.48
CA ILE J 147 23.74 -2.41 -15.59
C ILE J 147 22.42 -3.09 -15.33
N ARG J 148 21.77 -3.55 -16.39
CA ARG J 148 20.54 -4.33 -16.29
C ARG J 148 20.56 -5.44 -17.28
N ASP J 149 21.74 -5.64 -17.88
CA ASP J 149 22.01 -6.81 -18.70
C ASP J 149 23.13 -7.62 -18.06
N PRO J 150 22.84 -8.88 -17.66
CA PRO J 150 23.77 -9.62 -16.82
C PRO J 150 25.17 -9.74 -17.42
N ILE J 151 25.24 -10.18 -18.66
CA ILE J 151 26.49 -10.50 -19.29
C ILE J 151 27.34 -9.26 -19.52
N LYS J 152 26.81 -8.10 -19.24
CA LYS J 152 27.64 -6.95 -19.38
C LYS J 152 28.62 -6.83 -18.21
N PHE J 153 28.40 -7.56 -17.14
CA PHE J 153 29.08 -7.23 -15.88
C PHE J 153 30.62 -7.30 -16.02
N PRO J 154 31.14 -8.34 -16.71
CA PRO J 154 32.58 -8.45 -16.87
C PRO J 154 33.17 -7.36 -17.76
N HIS J 155 32.37 -6.89 -18.71
CA HIS J 155 32.76 -5.72 -19.53
C HIS J 155 32.88 -4.47 -18.60
N PHE J 156 31.79 -4.17 -17.88
CA PHE J 156 31.78 -3.02 -17.06
C PHE J 156 32.98 -3.15 -16.13
N ILE J 157 33.07 -4.27 -15.38
CA ILE J 157 34.07 -4.39 -14.30
C ILE J 157 35.50 -4.26 -14.84
N HIS J 158 35.73 -4.84 -16.01
CA HIS J 158 37.02 -4.69 -16.68
C HIS J 158 37.45 -3.25 -16.86
N THR J 159 36.53 -2.45 -17.40
CA THR J 159 36.76 -1.03 -17.61
C THR J 159 36.92 -0.26 -16.28
N GLN J 160 36.32 -0.76 -15.20
CA GLN J 160 36.52 -0.17 -13.88
C GLN J 160 37.92 -0.41 -13.32
N LYS J 161 38.60 -1.41 -13.86
CA LYS J 161 39.89 -1.80 -13.30
C LYS J 161 41.10 -1.37 -14.14
N ARG J 162 41.99 -2.30 -14.49
CA ARG J 162 43.28 -1.89 -15.05
C ARG J 162 43.49 -2.33 -16.49
N ASN J 163 44.23 -1.52 -17.22
CA ASN J 163 44.52 -1.82 -18.60
C ASN J 163 45.28 -3.11 -18.78
N PRO J 164 44.88 -3.99 -19.69
CA PRO J 164 45.52 -5.31 -19.86
C PRO J 164 47.00 -5.24 -20.12
N ALA J 165 47.49 -4.16 -20.72
CA ALA J 165 48.95 -4.00 -20.92
C ALA J 165 49.67 -3.27 -19.78
N THR J 166 49.22 -2.08 -19.40
CA THR J 166 49.98 -1.25 -18.47
C THR J 166 49.79 -1.66 -17.04
N ASN J 167 48.59 -2.14 -16.73
CA ASN J 167 48.14 -2.39 -15.36
C ASN J 167 47.87 -1.08 -14.63
N LEU J 168 47.67 0.00 -15.39
CA LEU J 168 47.16 1.28 -14.87
C LEU J 168 45.65 1.42 -15.06
N LYS J 169 45.01 2.24 -14.23
CA LYS J 169 43.61 2.54 -14.46
C LYS J 169 43.61 3.42 -15.68
N ASP J 170 42.62 3.23 -16.54
CA ASP J 170 42.52 3.96 -17.79
C ASP J 170 41.19 4.70 -17.85
N PRO J 171 41.22 6.03 -17.66
CA PRO J 171 40.02 6.85 -17.76
C PRO J 171 39.30 6.69 -19.13
N ASN J 172 40.04 6.54 -20.23
CA ASN J 172 39.43 6.27 -21.52
C ASN J 172 38.48 5.10 -21.51
N MET J 173 38.95 3.88 -21.21
CA MET J 173 38.08 2.72 -20.94
C MET J 173 36.86 3.09 -20.11
N PHE J 174 37.14 3.75 -18.98
CA PHE J 174 36.20 4.02 -17.94
C PHE J 174 35.00 4.65 -18.54
N TRP J 175 35.22 5.74 -19.27
CA TRP J 175 34.10 6.52 -19.83
C TRP J 175 33.59 5.95 -21.14
N ASP J 176 34.49 5.37 -21.93
CA ASP J 176 34.14 4.71 -23.19
C ASP J 176 33.04 3.70 -22.94
N TYR J 177 33.15 2.87 -21.90
CA TYR J 177 32.10 1.87 -21.59
C TYR J 177 30.84 2.54 -21.15
N LEU J 178 30.95 3.38 -20.12
CA LEU J 178 29.78 3.96 -19.48
C LEU J 178 28.95 4.77 -20.46
N THR J 179 29.61 5.61 -21.27
CA THR J 179 28.92 6.45 -22.24
C THR J 179 28.32 5.65 -23.41
N ALA J 180 28.88 4.49 -23.73
CA ALA J 180 28.27 3.63 -24.77
C ALA J 180 27.11 2.83 -24.20
N ASN J 181 26.91 2.86 -22.89
CA ASN J 181 25.78 2.15 -22.36
C ASN J 181 24.97 3.03 -21.40
N ASP J 182 24.12 3.85 -22.01
CA ASP J 182 23.21 4.81 -21.37
C ASP J 182 22.69 4.49 -19.98
N GLU J 183 22.28 3.24 -19.80
CA GLU J 183 21.46 2.89 -18.67
C GLU J 183 22.25 3.08 -17.40
N SER J 184 23.57 3.12 -17.54
CA SER J 184 24.50 3.38 -16.43
C SER J 184 24.38 4.76 -15.81
N LEU J 185 23.77 5.68 -16.55
CA LEU J 185 23.68 7.09 -16.16
C LEU J 185 23.13 7.32 -14.74
N HIS J 186 22.04 6.64 -14.40
CA HIS J 186 21.50 6.77 -13.07
C HIS J 186 22.57 6.53 -11.98
N GLN J 187 23.16 5.34 -12.03
CA GLN J 187 24.16 4.95 -11.05
C GLN J 187 25.40 5.80 -11.10
N VAL J 188 25.79 6.24 -12.29
CA VAL J 188 27.00 7.06 -12.39
C VAL J 188 26.85 8.35 -11.59
N MET J 189 25.64 8.87 -11.63
CA MET J 189 25.35 10.11 -10.99
C MET J 189 25.51 9.94 -9.49
N TYR J 190 24.95 8.85 -8.97
CA TYR J 190 25.20 8.48 -7.58
C TYR J 190 26.71 8.47 -7.31
N LEU J 191 27.42 7.69 -8.14
CA LEU J 191 28.83 7.47 -7.95
C LEU J 191 29.59 8.81 -7.93
N PHE J 192 29.18 9.77 -8.74
CA PHE J 192 29.98 10.98 -8.77
C PHE J 192 29.44 12.09 -7.92
N SER J 193 28.20 11.91 -7.47
CA SER J 193 27.72 12.65 -6.33
C SER J 193 28.65 12.32 -5.17
N ASN J 194 28.55 13.07 -4.08
CA ASN J 194 29.39 12.81 -2.95
C ASN J 194 29.07 11.47 -2.31
N ARG J 195 27.98 10.84 -2.75
CA ARG J 195 27.56 9.54 -2.20
C ARG J 195 28.55 8.45 -2.59
N GLY J 196 29.31 8.68 -3.64
CA GLY J 196 30.33 7.74 -3.98
C GLY J 196 31.52 7.71 -3.02
N THR J 197 31.49 8.54 -1.99
CA THR J 197 32.57 8.57 -1.03
C THR J 197 32.03 8.66 0.42
N PRO J 198 31.58 7.52 0.98
CA PRO J 198 31.08 7.57 2.35
C PRO J 198 32.18 7.85 3.41
N ALA J 199 31.76 8.37 4.55
CA ALA J 199 32.70 8.70 5.63
C ALA J 199 33.15 7.41 6.30
N SER J 200 32.18 6.54 6.54
CA SER J 200 32.47 5.26 7.14
C SER J 200 31.40 4.29 6.70
N TYR J 201 31.60 3.01 6.95
CA TYR J 201 30.55 2.07 6.66
C TYR J 201 29.38 2.29 7.62
N ARG J 202 29.68 2.97 8.73
CA ARG J 202 28.70 3.17 9.78
C ARG J 202 27.60 4.13 9.32
N THR J 203 27.94 4.94 8.32
CA THR J 203 27.07 6.01 7.89
C THR J 203 26.63 5.84 6.45
N MET J 204 26.15 4.65 6.10
CA MET J 204 25.58 4.40 4.76
C MET J 204 24.44 3.43 4.83
N ASN J 205 23.58 3.48 3.83
CA ASN J 205 22.43 2.62 3.83
C ASN J 205 22.66 1.39 2.99
N GLY J 206 21.78 0.41 3.11
CA GLY J 206 21.91 -0.77 2.28
C GLY J 206 20.59 -1.07 1.64
N TYR J 207 20.65 -1.48 0.39
CA TYR J 207 19.45 -1.60 -0.41
C TYR J 207 19.55 -2.89 -1.17
N SER J 208 18.43 -3.60 -1.28
CA SER J 208 18.43 -4.84 -2.04
C SER J 208 18.84 -4.58 -3.49
N GLY J 209 18.49 -3.41 -3.98
CA GLY J 209 18.78 -3.09 -5.35
C GLY J 209 17.73 -3.77 -6.19
N HIS J 210 17.88 -5.08 -6.37
CA HIS J 210 16.91 -5.87 -7.14
C HIS J 210 15.58 -5.94 -6.42
N THR J 211 14.61 -6.46 -7.13
CA THR J 211 13.34 -6.82 -6.56
C THR J 211 13.36 -8.29 -6.27
N TYR J 212 13.02 -8.67 -5.04
CA TYR J 212 12.80 -10.10 -4.70
C TYR J 212 11.32 -10.45 -4.67
N LYS J 213 10.98 -11.71 -4.42
CA LYS J 213 9.59 -12.11 -4.14
C LYS J 213 9.45 -12.75 -2.76
N TRP J 214 8.64 -12.17 -1.88
CA TRP J 214 8.35 -12.79 -0.56
C TRP J 214 6.99 -13.50 -0.50
N TYR J 215 6.92 -14.62 0.21
CA TYR J 215 5.72 -15.44 0.25
C TYR J 215 5.22 -15.61 1.68
N ASN J 216 3.93 -15.39 1.89
CA ASN J 216 3.31 -15.72 3.18
C ASN J 216 2.93 -17.18 3.24
N SER J 217 2.42 -17.60 4.38
CA SER J 217 2.17 -19.02 4.59
C SER J 217 0.97 -19.53 3.76
N LYS J 218 0.17 -18.64 3.21
CA LYS J 218 -0.93 -19.05 2.33
C LYS J 218 -0.43 -19.29 0.89
N GLY J 219 0.78 -18.83 0.61
CA GLY J 219 1.32 -18.92 -0.74
C GLY J 219 1.06 -17.65 -1.53
N GLU J 220 0.69 -16.60 -0.80
CA GLU J 220 0.43 -15.33 -1.42
C GLU J 220 1.69 -14.48 -1.43
N TRP J 221 2.08 -14.06 -2.64
CA TRP J 221 3.36 -13.40 -2.83
C TRP J 221 3.25 -11.95 -3.28
N VAL J 222 4.30 -11.20 -2.99
CA VAL J 222 4.33 -9.81 -3.27
C VAL J 222 5.80 -9.47 -3.72
N TYR J 223 6.00 -8.57 -4.67
CA TYR J 223 7.36 -8.16 -5.00
C TYR J 223 7.91 -7.26 -3.90
N VAL J 224 9.18 -7.37 -3.57
CA VAL J 224 9.70 -6.51 -2.50
C VAL J 224 11.01 -5.83 -2.81
N GLN J 225 11.29 -4.77 -2.08
CA GLN J 225 12.59 -4.10 -2.12
C GLN J 225 12.98 -3.76 -0.69
N VAL J 226 14.20 -4.08 -0.30
CA VAL J 226 14.54 -3.98 1.09
C VAL J 226 15.39 -2.75 1.35
N HIS J 227 15.17 -2.08 2.46
CA HIS J 227 15.97 -0.92 2.78
C HIS J 227 16.55 -1.05 4.17
N PHE J 228 17.85 -0.82 4.29
CA PHE J 228 18.50 -0.79 5.58
C PHE J 228 18.98 0.64 5.80
N ILE J 229 18.41 1.34 6.78
CA ILE J 229 18.80 2.72 6.98
C ILE J 229 19.60 2.94 8.27
N ALA J 230 20.77 3.53 8.11
CA ALA J 230 21.67 3.81 9.23
C ALA J 230 21.15 4.77 10.31
N ASN J 231 21.08 4.29 11.55
CA ASN J 231 20.72 5.12 12.70
C ASN J 231 21.79 6.15 12.99
N GLN J 232 22.94 6.00 12.34
CA GLN J 232 24.09 6.92 12.50
C GLN J 232 23.94 8.04 11.48
N GLY J 233 22.93 7.90 10.60
CA GLY J 233 22.67 8.87 9.52
C GLY J 233 23.59 8.75 8.31
N VAL J 234 23.22 9.37 7.21
CA VAL J 234 24.03 9.32 5.99
C VAL J 234 25.07 10.45 5.97
N HIS J 235 26.35 10.14 6.12
CA HIS J 235 27.39 11.20 6.05
C HIS J 235 28.43 10.82 5.02
N ASN J 236 28.79 11.79 4.18
CA ASN J 236 29.70 11.53 3.08
C ASN J 236 30.91 12.40 3.17
N LEU J 237 31.91 12.08 2.36
CA LEU J 237 33.13 12.87 2.28
C LEU J 237 33.25 13.65 0.98
N LEU J 238 33.97 14.77 1.01
CA LEU J 238 34.30 15.52 -0.22
C LEU J 238 35.51 14.90 -0.89
N ASP J 239 35.65 15.08 -2.19
CA ASP J 239 36.68 14.39 -2.97
C ASP J 239 38.11 14.60 -2.44
N GLU J 240 38.47 15.85 -2.12
CA GLU J 240 39.83 16.17 -1.64
C GLU J 240 40.15 15.40 -0.34
N GLU J 241 39.19 15.39 0.59
CA GLU J 241 39.28 14.69 1.86
C GLU J 241 39.43 13.18 1.63
N ALA J 242 38.62 12.61 0.72
CA ALA J 242 38.71 11.21 0.33
C ALA J 242 40.12 10.82 -0.16
N GLY J 243 40.65 11.66 -1.05
CA GLY J 243 41.99 11.48 -1.63
C GLY J 243 43.15 11.74 -0.70
N ARG J 244 42.98 12.62 0.29
CA ARG J 244 43.97 12.77 1.36
C ARG J 244 43.94 11.52 2.27
N LEU J 245 42.75 11.11 2.72
CA LEU J 245 42.61 9.92 3.56
C LEU J 245 43.17 8.68 2.87
N ALA J 246 42.97 8.61 1.56
CA ALA J 246 43.59 7.56 0.73
C ALA J 246 45.10 7.46 0.93
N GLY J 247 45.77 8.61 1.04
CA GLY J 247 47.21 8.71 1.32
C GLY J 247 47.62 8.61 2.80
N GLU J 248 46.80 9.17 3.70
CA GLU J 248 47.10 9.11 5.13
C GLU J 248 46.74 7.75 5.78
N ASP J 249 45.57 7.22 5.45
CA ASP J 249 45.06 5.97 6.04
C ASP J 249 44.18 5.20 5.05
N PRO J 250 44.79 4.28 4.30
CA PRO J 250 44.10 3.38 3.37
C PRO J 250 43.10 2.44 4.02
N ASP J 251 43.21 2.26 5.33
CA ASP J 251 42.33 1.35 6.06
C ASP J 251 41.35 2.12 6.96
N HIS J 252 41.11 3.38 6.62
CA HIS J 252 40.29 4.26 7.43
C HIS J 252 38.93 3.67 7.79
N SER J 253 38.23 3.07 6.84
CA SER J 253 36.92 2.51 7.15
C SER J 253 36.97 1.28 8.05
N THR J 254 38.01 0.48 7.82
CA THR J 254 38.23 -0.73 8.56
C THR J 254 38.44 -0.35 10.00
N ARG J 255 39.34 0.59 10.18
CA ARG J 255 39.71 1.08 11.50
C ARG J 255 38.51 1.71 12.21
N ASP J 256 37.74 2.49 11.46
CA ASP J 256 36.54 3.12 11.97
C ASP J 256 35.56 2.12 12.57
N LEU J 257 35.27 1.06 11.84
CA LEU J 257 34.28 0.08 12.28
C LEU J 257 34.84 -0.76 13.43
N TRP J 258 36.14 -1.07 13.35
CA TRP J 258 36.76 -1.90 14.37
C TRP J 258 36.62 -1.15 15.68
N GLU J 259 37.08 0.11 15.67
CA GLU J 259 37.15 0.91 16.86
C GLU J 259 35.79 1.24 17.45
N ALA J 260 34.81 1.44 16.59
CA ALA J 260 33.48 1.69 17.05
C ALA J 260 33.03 0.55 17.94
N ILE J 261 33.23 -0.67 17.45
CA ILE J 261 32.71 -1.83 18.14
C ILE J 261 33.48 -2.10 19.44
N GLU J 262 34.78 -1.82 19.43
CA GLU J 262 35.61 -1.97 20.62
C GLU J 262 35.26 -0.99 21.76
N LYS J 263 34.88 0.24 21.40
CA LYS J 263 34.37 1.21 22.36
C LYS J 263 33.01 0.87 22.89
N GLY J 264 32.15 0.25 22.09
CA GLY J 264 30.78 -0.04 22.50
C GLY J 264 29.82 0.82 21.71
N ASP J 265 30.37 1.67 20.85
CA ASP J 265 29.57 2.51 19.94
C ASP J 265 29.04 1.69 18.76
N TYR J 266 28.23 0.69 19.05
CA TYR J 266 27.74 -0.19 18.01
C TYR J 266 26.85 0.57 17.02
N PRO J 267 27.14 0.45 15.71
CA PRO J 267 26.27 0.91 14.63
C PRO J 267 25.05 0.02 14.41
N SER J 268 23.93 0.65 14.07
CA SER J 268 22.71 -0.08 13.85
C SER J 268 21.99 0.43 12.61
N TRP J 269 21.13 -0.40 12.04
CA TRP J 269 20.32 -0.06 10.88
C TRP J 269 18.89 -0.43 11.15
N GLU J 270 17.94 0.35 10.64
CA GLU J 270 16.54 0.01 10.77
C GLU J 270 16.13 -0.61 9.46
N CYS J 271 15.26 -1.62 9.48
CA CYS J 271 14.94 -2.38 8.28
C CYS J 271 13.52 -2.19 7.83
N TYR J 272 13.37 -1.89 6.53
CA TYR J 272 12.09 -1.68 5.90
C TYR J 272 11.97 -2.41 4.56
N ILE J 273 10.73 -2.67 4.17
CA ILE J 273 10.40 -3.15 2.83
C ILE J 273 9.36 -2.28 2.13
N GLN J 274 9.45 -2.18 0.80
CA GLN J 274 8.38 -1.68 -0.05
C GLN J 274 7.76 -2.91 -0.64
N THR J 275 6.46 -2.92 -0.85
CA THR J 275 5.82 -4.07 -1.48
C THR J 275 4.92 -3.60 -2.61
N MET J 276 4.55 -4.51 -3.49
CA MET J 276 3.84 -4.16 -4.67
C MET J 276 3.29 -5.44 -5.22
N THR J 277 2.02 -5.46 -5.59
CA THR J 277 1.41 -6.70 -6.06
C THR J 277 1.71 -6.87 -7.53
N LEU J 278 1.37 -8.04 -8.06
CA LEU J 278 1.56 -8.29 -9.46
C LEU J 278 0.79 -7.28 -10.29
N GLU J 279 -0.46 -7.02 -9.91
CA GLU J 279 -1.30 -6.11 -10.67
C GLU J 279 -0.82 -4.67 -10.61
N GLN J 280 -0.31 -4.22 -9.46
CA GLN J 280 0.27 -2.90 -9.39
C GLN J 280 1.51 -2.77 -10.29
N SER J 281 2.18 -3.89 -10.57
CA SER J 281 3.38 -3.84 -11.40
C SER J 281 3.05 -3.50 -12.87
N LYS J 282 1.99 -4.14 -13.38
CA LYS J 282 1.50 -3.98 -14.76
C LYS J 282 1.23 -2.54 -15.12
N LYS J 283 1.04 -1.72 -14.11
CA LYS J 283 0.69 -0.34 -14.34
C LYS J 283 1.90 0.59 -14.39
N LEU J 284 3.11 0.06 -14.23
CA LEU J 284 4.26 0.94 -14.12
C LEU J 284 4.87 1.33 -15.47
N PRO J 285 5.45 2.53 -15.55
CA PRO J 285 6.18 2.97 -16.72
C PRO J 285 7.56 2.34 -16.80
N PHE J 286 7.97 1.69 -15.71
CA PHE J 286 9.23 0.93 -15.67
C PHE J 286 9.04 -0.53 -15.17
N SER J 287 10.08 -1.34 -15.29
CA SER J 287 9.99 -2.72 -14.91
C SER J 287 10.52 -2.96 -13.50
N VAL J 288 9.80 -3.79 -12.74
CA VAL J 288 10.26 -4.18 -11.41
C VAL J 288 11.53 -5.02 -11.53
N PHE J 289 11.84 -5.46 -12.75
CA PHE J 289 13.03 -6.25 -13.02
C PHE J 289 14.22 -5.42 -13.48
N ASP J 290 14.09 -4.09 -13.49
CA ASP J 290 15.13 -3.21 -14.01
C ASP J 290 15.97 -2.62 -12.91
N LEU J 291 17.19 -3.15 -12.74
CA LEU J 291 18.04 -2.76 -11.61
C LEU J 291 18.45 -1.24 -11.61
N THR J 292 18.15 -0.54 -12.70
CA THR J 292 18.54 0.86 -12.86
C THR J 292 17.44 1.79 -12.42
N LYS J 293 16.43 1.20 -11.80
CA LYS J 293 15.23 1.91 -11.40
C LYS J 293 14.96 1.76 -9.90
N VAL J 294 14.45 2.83 -9.28
CA VAL J 294 13.91 2.78 -7.93
C VAL J 294 12.38 2.78 -7.98
N TRP J 295 11.77 2.34 -6.89
CA TRP J 295 10.35 2.52 -6.67
C TRP J 295 10.16 3.82 -5.90
N PRO J 296 9.52 4.83 -6.50
CA PRO J 296 9.29 6.07 -5.75
C PRO J 296 8.54 5.90 -4.39
N HIS J 297 9.02 6.64 -3.38
CA HIS J 297 8.52 6.58 -2.01
C HIS J 297 7.08 7.04 -1.88
N LYS J 298 6.74 8.09 -2.62
CA LYS J 298 5.36 8.53 -2.74
C LYS J 298 4.43 7.33 -2.97
N ASP J 299 4.63 6.57 -4.04
CA ASP J 299 3.67 5.52 -4.42
C ASP J 299 3.80 4.19 -3.67
N PHE J 300 4.98 3.92 -3.11
CA PHE J 300 5.24 2.62 -2.42
C PHE J 300 5.99 2.85 -1.11
N PRO J 301 5.26 2.91 0.03
CA PRO J 301 5.89 3.41 1.25
C PRO J 301 6.62 2.30 1.99
N LEU J 302 7.66 2.68 2.72
CA LEU J 302 8.46 1.72 3.51
C LEU J 302 7.73 1.28 4.77
N ARG J 303 7.64 -0.03 4.94
CA ARG J 303 7.04 -0.61 6.12
C ARG J 303 8.20 -1.07 6.98
N HIS J 304 8.28 -0.60 8.21
CA HIS J 304 9.28 -1.08 9.20
C HIS J 304 9.04 -2.55 9.58
N PHE J 305 10.12 -3.31 9.79
CA PHE J 305 9.97 -4.73 10.19
C PHE J 305 11.04 -5.29 11.12
N GLY J 306 12.16 -4.61 11.22
CA GLY J 306 13.20 -5.10 12.08
C GLY J 306 14.36 -4.16 12.20
N ARG J 307 15.34 -4.57 12.99
CA ARG J 307 16.62 -3.86 13.06
C ARG J 307 17.78 -4.81 13.31
N PHE J 308 18.98 -4.33 13.07
CA PHE J 308 20.18 -5.07 13.41
C PHE J 308 21.29 -4.18 13.87
N THR J 309 22.15 -4.75 14.68
CA THR J 309 23.20 -3.99 15.31
C THR J 309 24.46 -4.83 15.23
N LEU J 310 25.58 -4.17 14.96
CA LEU J 310 26.87 -4.84 14.77
C LEU J 310 27.80 -4.68 15.98
N ASN J 311 27.90 -5.73 16.80
CA ASN J 311 28.48 -5.58 18.13
C ASN J 311 29.68 -6.47 18.47
N GLU J 312 30.18 -7.21 17.49
CA GLU J 312 31.23 -8.18 17.78
C GLU J 312 32.23 -8.30 16.63
N ASN J 313 33.43 -7.76 16.85
CA ASN J 313 34.55 -7.99 15.94
C ASN J 313 34.86 -9.50 15.78
N PRO J 314 35.36 -9.93 14.60
CA PRO J 314 35.70 -11.35 14.40
C PRO J 314 36.92 -11.65 15.26
N LYS J 315 37.22 -12.94 15.48
CA LYS J 315 38.39 -13.23 16.28
C LYS J 315 39.64 -13.25 15.42
N ASN J 316 39.53 -13.78 14.21
CA ASN J 316 40.63 -13.78 13.24
C ASN J 316 40.14 -13.25 11.91
N TYR J 317 40.71 -12.17 11.44
CA TYR J 317 40.20 -11.55 10.21
C TYR J 317 40.20 -12.48 8.98
N TYR J 318 41.35 -13.08 8.66
CA TYR J 318 41.43 -14.03 7.53
C TYR J 318 40.40 -15.19 7.57
N ALA J 319 40.28 -15.86 8.71
CA ALA J 319 39.49 -17.09 8.75
C ALA J 319 38.03 -16.76 8.64
N GLU J 320 37.70 -15.52 9.00
CA GLU J 320 36.30 -15.14 9.12
C GLU J 320 35.92 -14.07 8.13
N THR J 321 36.57 -12.93 8.19
CA THR J 321 36.17 -11.90 7.27
C THR J 321 36.55 -12.27 5.85
N GLU J 322 37.74 -12.79 5.67
CA GLU J 322 38.22 -13.05 4.33
C GLU J 322 37.61 -14.28 3.67
N GLN J 323 37.26 -15.31 4.44
CA GLN J 323 36.84 -16.60 3.87
C GLN J 323 35.33 -16.73 3.80
N ILE J 324 34.63 -15.73 4.31
CA ILE J 324 33.18 -15.83 4.31
C ILE J 324 32.69 -15.71 2.90
N ALA J 325 31.64 -16.45 2.59
CA ALA J 325 31.11 -16.51 1.24
C ALA J 325 29.61 -16.23 1.19
N PHE J 326 29.20 -15.16 0.51
CA PHE J 326 27.76 -14.86 0.36
C PHE J 326 27.24 -15.28 -1.00
N SER J 327 26.00 -15.71 -1.06
CA SER J 327 25.37 -15.83 -2.35
C SER J 327 23.87 -15.49 -2.32
N PRO J 328 23.39 -14.70 -3.32
CA PRO J 328 21.97 -14.37 -3.36
C PRO J 328 21.15 -15.61 -3.53
N SER J 329 21.71 -16.67 -4.10
CA SER J 329 20.96 -17.94 -4.15
C SER J 329 20.84 -18.69 -2.81
N HIS J 330 21.61 -18.24 -1.82
CA HIS J 330 21.41 -18.75 -0.48
C HIS J 330 20.20 -18.09 0.17
N THR J 331 19.04 -18.70 -0.06
CA THR J 331 17.81 -18.17 0.51
C THR J 331 17.07 -19.16 1.45
N VAL J 332 15.97 -18.71 2.03
CA VAL J 332 15.17 -19.54 2.93
C VAL J 332 13.71 -19.65 2.47
N PRO J 333 12.95 -20.64 2.99
CA PRO J 333 11.57 -20.69 2.50
C PRO J 333 10.83 -19.41 2.85
N GLY J 334 10.09 -18.90 1.87
CA GLY J 334 9.42 -17.62 2.04
C GLY J 334 10.08 -16.49 1.30
N MET J 335 11.33 -16.66 0.87
CA MET J 335 12.01 -15.64 0.07
C MET J 335 12.59 -16.22 -1.21
N GLU J 336 12.06 -15.78 -2.35
CA GLU J 336 12.54 -16.20 -3.67
C GLU J 336 13.12 -15.02 -4.46
N PRO J 337 14.02 -15.29 -5.41
CA PRO J 337 14.47 -14.23 -6.31
C PRO J 337 13.46 -13.94 -7.45
N SER J 338 13.47 -12.68 -7.94
CA SER J 338 12.68 -12.29 -9.09
C SER J 338 13.38 -12.55 -10.42
N ASN J 339 12.72 -12.20 -11.52
CA ASN J 339 13.24 -12.43 -12.85
C ASN J 339 14.23 -11.37 -13.29
N ASP J 340 14.55 -10.45 -12.39
CA ASP J 340 15.56 -9.43 -12.61
C ASP J 340 16.77 -10.13 -13.16
N PRO J 341 17.12 -9.88 -14.45
CA PRO J 341 18.12 -10.75 -15.09
C PRO J 341 19.51 -10.67 -14.46
N VAL J 342 19.89 -9.49 -13.96
CA VAL J 342 21.15 -9.33 -13.27
C VAL J 342 21.12 -10.25 -12.04
N LEU J 343 20.04 -10.18 -11.26
CA LEU J 343 19.93 -11.05 -10.10
C LEU J 343 20.06 -12.52 -10.53
N GLN J 344 19.32 -12.91 -11.58
CA GLN J 344 19.30 -14.32 -12.01
C GLN J 344 20.71 -14.83 -12.23
N SER J 345 21.56 -14.04 -12.86
CA SER J 345 22.89 -14.51 -13.21
C SER J 345 23.73 -14.55 -11.94
N ARG J 346 23.44 -13.65 -10.99
CA ARG J 346 24.17 -13.65 -9.71
C ARG J 346 23.98 -14.98 -9.00
N LEU J 347 22.79 -15.55 -9.17
CA LEU J 347 22.41 -16.78 -8.51
C LEU J 347 23.43 -17.84 -8.84
N PHE J 348 24.00 -17.75 -10.05
CA PHE J 348 24.97 -18.77 -10.51
C PHE J 348 26.42 -18.40 -10.19
N SER J 349 26.80 -17.18 -10.53
CA SER J 349 28.13 -16.66 -10.24
C SER J 349 28.67 -16.91 -8.87
N TYR J 350 27.88 -16.61 -7.84
CA TYR J 350 28.50 -16.50 -6.52
C TYR J 350 29.05 -17.90 -6.05
N PRO J 351 28.20 -18.94 -6.05
CA PRO J 351 28.64 -20.27 -5.73
C PRO J 351 29.83 -20.70 -6.62
N ASP J 352 29.76 -20.37 -7.91
CA ASP J 352 30.76 -20.76 -8.89
C ASP J 352 32.08 -20.12 -8.54
N THR J 353 32.09 -18.84 -8.23
CA THR J 353 33.32 -18.20 -7.85
C THR J 353 33.81 -18.78 -6.51
N HIS J 354 32.88 -19.10 -5.61
CA HIS J 354 33.28 -19.58 -4.28
C HIS J 354 34.15 -20.83 -4.45
N ARG J 355 33.67 -21.75 -5.28
CA ARG J 355 34.36 -23.02 -5.48
C ARG J 355 35.78 -22.80 -6.02
N HIS J 356 36.08 -21.61 -6.54
CA HIS J 356 37.41 -21.37 -7.05
C HIS J 356 38.17 -20.60 -6.02
N ARG J 357 37.59 -19.52 -5.48
CA ARG J 357 38.27 -18.68 -4.49
C ARG J 357 38.62 -19.46 -3.19
N LEU J 358 37.69 -20.28 -2.71
CA LEU J 358 37.84 -20.95 -1.42
C LEU J 358 38.05 -22.45 -1.60
N GLY J 359 37.16 -23.11 -2.33
CA GLY J 359 37.37 -24.47 -2.73
C GLY J 359 36.03 -25.18 -2.82
N PRO J 360 35.99 -26.36 -3.44
CA PRO J 360 34.78 -27.15 -3.57
C PRO J 360 34.02 -27.32 -2.27
N ASN J 361 34.69 -27.47 -1.13
CA ASN J 361 33.95 -27.67 0.13
C ASN J 361 33.92 -26.48 1.09
N TYR J 362 33.77 -25.30 0.51
CA TYR J 362 33.92 -24.05 1.25
C TYR J 362 32.84 -23.87 2.31
N HIS J 363 31.71 -24.55 2.12
CA HIS J 363 30.64 -24.41 3.08
C HIS J 363 31.01 -25.05 4.43
N GLN J 364 32.12 -25.78 4.47
CA GLN J 364 32.50 -26.43 5.70
C GLN J 364 33.38 -25.52 6.52
N ILE J 365 33.89 -24.45 5.91
CA ILE J 365 34.60 -23.42 6.68
C ILE J 365 33.63 -22.84 7.70
N PRO J 366 34.03 -22.80 8.99
CA PRO J 366 33.13 -22.33 10.05
C PRO J 366 32.16 -21.16 9.75
N VAL J 367 32.63 -19.96 9.34
CA VAL J 367 31.71 -18.82 9.08
C VAL J 367 30.66 -19.11 8.03
N ASN J 368 30.88 -20.16 7.22
CA ASN J 368 29.95 -20.47 6.14
C ASN J 368 29.01 -21.60 6.49
N CYS J 369 29.29 -22.31 7.58
CA CYS J 369 28.38 -23.37 8.05
C CYS J 369 26.97 -22.87 8.36
N PRO J 370 25.95 -23.71 8.11
CA PRO J 370 24.63 -23.42 8.65
C PRO J 370 24.63 -23.65 10.18
N LEU J 371 25.08 -22.68 10.99
CA LEU J 371 25.24 -22.94 12.41
C LEU J 371 23.92 -23.16 13.13
N LYS J 372 22.92 -22.33 12.87
CA LYS J 372 21.68 -22.43 13.65
C LYS J 372 20.83 -23.66 13.25
N SER J 373 20.79 -23.99 11.97
CA SER J 373 20.21 -25.24 11.49
C SER J 373 21.35 -26.17 11.14
N GLY J 374 21.19 -27.48 11.26
CA GLY J 374 22.22 -28.35 10.73
C GLY J 374 22.15 -28.31 9.20
N SER J 375 22.75 -29.29 8.57
CA SER J 375 22.41 -29.65 7.21
C SER J 375 22.41 -31.14 7.19
N PHE J 376 21.67 -31.72 6.25
CA PHE J 376 21.68 -33.13 6.03
C PHE J 376 21.45 -33.34 4.54
N ASN J 377 22.54 -33.43 3.78
CA ASN J 377 22.48 -33.55 2.33
C ASN J 377 23.29 -34.74 1.87
N PRO J 378 22.75 -35.95 2.08
CA PRO J 378 23.49 -37.19 1.82
C PRO J 378 23.97 -37.40 0.40
N ILE J 379 23.51 -36.57 -0.55
CA ILE J 379 23.90 -36.73 -1.97
C ILE J 379 25.23 -36.06 -2.25
N ASN J 380 25.55 -35.03 -1.45
CA ASN J 380 26.77 -34.29 -1.66
C ASN J 380 27.88 -34.82 -0.78
N ARG J 381 28.77 -35.61 -1.36
CA ARG J 381 29.83 -36.28 -0.58
C ARG J 381 31.21 -36.08 -1.17
N ASP J 382 32.25 -36.38 -0.37
CA ASP J 382 33.67 -36.28 -0.77
C ASP J 382 34.12 -34.86 -1.22
N GLY J 383 34.96 -34.81 -2.26
CA GLY J 383 35.53 -33.56 -2.71
C GLY J 383 36.68 -33.14 -1.81
N PRO J 384 37.54 -32.22 -2.30
CA PRO J 384 38.74 -31.81 -1.57
C PRO J 384 38.46 -31.31 -0.16
N MET J 385 39.42 -31.51 0.73
CA MET J 385 39.33 -30.92 2.07
C MET J 385 37.98 -31.15 2.70
N CYS J 386 37.49 -32.37 2.61
CA CYS J 386 36.26 -32.74 3.28
C CYS J 386 36.51 -32.87 4.79
N VAL J 387 36.11 -31.89 5.59
CA VAL J 387 36.44 -31.88 7.03
C VAL J 387 35.30 -32.12 8.05
N ASP J 388 34.09 -32.28 7.55
CA ASP J 388 32.92 -32.42 8.43
C ASP J 388 32.47 -33.87 8.71
N GLY J 389 33.28 -34.86 8.33
CA GLY J 389 32.96 -36.26 8.60
C GLY J 389 32.21 -37.01 7.48
N ASN J 390 31.81 -36.24 6.46
CA ASN J 390 31.27 -36.80 5.21
C ASN J 390 30.07 -37.71 5.48
N LEU J 391 29.40 -37.42 6.60
CA LEU J 391 28.25 -38.18 7.09
C LEU J 391 28.51 -39.67 7.33
N GLY J 392 29.75 -40.03 7.67
CA GLY J 392 30.04 -41.43 7.89
C GLY J 392 29.31 -42.31 6.88
N GLY J 393 28.70 -43.39 7.36
CA GLY J 393 28.19 -44.43 6.49
C GLY J 393 26.78 -44.22 5.97
N THR J 394 26.24 -43.03 6.16
CA THR J 394 24.92 -42.70 5.62
C THR J 394 24.92 -42.89 4.11
N PRO J 395 23.91 -43.59 3.59
CA PRO J 395 23.82 -43.91 2.18
C PRO J 395 23.70 -42.66 1.34
N ASN J 396 24.19 -42.72 0.11
CA ASN J 396 24.39 -41.52 -0.67
C ASN J 396 23.48 -41.50 -1.85
N TYR J 397 22.27 -42.03 -1.64
CA TYR J 397 21.17 -41.85 -2.59
C TYR J 397 19.84 -41.82 -1.85
N ALA J 398 18.85 -41.15 -2.43
CA ALA J 398 17.54 -40.93 -1.82
C ALA J 398 16.65 -42.14 -1.94
N ASN J 399 15.84 -42.36 -0.91
CA ASN J 399 15.02 -43.57 -0.73
C ASN J 399 15.88 -44.85 -0.73
N ALA J 400 16.96 -44.80 0.04
CA ALA J 400 17.71 -45.98 0.34
C ALA J 400 16.80 -46.78 1.25
N TYR J 401 16.69 -48.06 0.97
CA TYR J 401 15.95 -48.96 1.87
C TYR J 401 16.38 -48.91 3.36
N ASN J 402 17.62 -48.54 3.66
CA ASN J 402 18.10 -48.52 5.06
C ASN J 402 18.42 -47.14 5.62
N CYS J 403 17.66 -46.14 5.22
CA CYS J 403 17.84 -44.80 5.77
C CYS J 403 16.52 -44.05 5.61
N PRO J 404 15.82 -43.78 6.73
CA PRO J 404 14.56 -43.02 6.62
C PRO J 404 14.80 -41.49 6.64
N ILE J 405 14.52 -40.83 5.51
CA ILE J 405 14.62 -39.38 5.43
C ILE J 405 13.21 -38.71 5.39
N GLN J 406 13.04 -37.62 6.15
CA GLN J 406 11.85 -36.78 6.03
C GLN J 406 12.15 -35.48 5.25
N TYR J 407 11.26 -35.17 4.30
CA TYR J 407 11.34 -33.96 3.48
C TYR J 407 10.23 -32.98 3.94
N ALA J 408 10.45 -31.67 3.74
CA ALA J 408 9.51 -30.59 4.14
C ALA J 408 8.01 -30.86 3.86
N LYS J 417 -2.14 -21.56 -5.26
CA LYS J 417 -2.11 -20.11 -5.47
C LYS J 417 -1.40 -19.68 -6.78
N PRO J 418 -1.99 -18.69 -7.52
CA PRO J 418 -1.49 -18.22 -8.83
C PRO J 418 -0.12 -17.48 -8.79
N ASP J 419 0.80 -17.89 -9.70
CA ASP J 419 2.14 -17.26 -9.85
C ASP J 419 2.26 -16.54 -11.23
N GLU J 420 3.48 -16.07 -11.58
CA GLU J 420 3.76 -15.44 -12.88
C GLU J 420 3.55 -16.43 -14.04
N LYS J 421 3.07 -15.92 -15.20
CA LYS J 421 2.77 -16.76 -16.39
C LYS J 421 3.64 -16.46 -17.61
N TYR J 422 3.99 -17.49 -18.37
CA TYR J 422 4.96 -17.37 -19.48
C TYR J 422 4.39 -17.81 -20.84
N THR J 423 4.65 -16.99 -21.88
CA THR J 423 4.20 -17.22 -23.27
C THR J 423 5.28 -16.83 -24.24
N GLY J 424 5.46 -17.62 -25.29
CA GLY J 424 6.43 -17.26 -26.32
C GLY J 424 7.48 -18.29 -26.65
N GLU J 425 8.48 -17.89 -27.43
CA GLU J 425 9.61 -18.77 -27.77
C GLU J 425 10.79 -18.37 -26.92
N VAL J 426 11.84 -19.17 -26.95
CA VAL J 426 13.11 -18.76 -26.37
C VAL J 426 13.66 -17.58 -27.17
N VAL J 427 13.96 -16.50 -26.50
CA VAL J 427 14.35 -15.28 -27.18
C VAL J 427 15.65 -14.74 -26.60
N PRO J 428 16.57 -14.28 -27.46
CA PRO J 428 17.76 -13.51 -27.06
C PRO J 428 17.39 -12.06 -26.86
N TYR J 429 17.77 -11.46 -25.75
CA TYR J 429 17.36 -10.09 -25.50
C TYR J 429 18.40 -9.25 -24.81
N HIS J 430 18.59 -8.06 -25.35
CA HIS J 430 19.47 -7.05 -24.82
C HIS J 430 18.53 -5.89 -24.58
N TRP J 431 18.48 -5.40 -23.34
CA TRP J 431 17.44 -4.45 -22.94
C TRP J 431 17.53 -3.23 -23.82
N GLU J 432 16.39 -2.83 -24.39
CA GLU J 432 16.39 -1.70 -25.31
C GLU J 432 15.92 -0.39 -24.65
N HIS J 433 16.65 0.70 -24.91
CA HIS J 433 16.39 2.01 -24.34
C HIS J 433 15.02 2.53 -24.77
N THR J 434 14.29 3.08 -23.80
CA THR J 434 13.13 3.95 -24.07
C THR J 434 13.25 5.28 -23.31
N ASP J 435 12.37 6.22 -23.63
CA ASP J 435 12.52 7.58 -23.16
C ASP J 435 12.61 7.59 -21.67
N TYR J 436 11.81 6.75 -21.03
CA TYR J 436 11.71 6.78 -19.59
C TYR J 436 13.06 6.59 -18.86
N ASP J 437 13.97 5.79 -19.44
CA ASP J 437 15.28 5.51 -18.85
C ASP J 437 16.05 6.77 -18.47
N TYR J 438 15.78 7.89 -19.10
CA TYR J 438 16.47 9.11 -18.74
C TYR J 438 15.71 9.85 -17.63
N PHE J 439 14.46 9.46 -17.39
CA PHE J 439 13.60 10.27 -16.53
C PHE J 439 14.10 10.29 -15.09
N GLN J 440 14.50 9.12 -14.62
CA GLN J 440 14.94 8.96 -13.26
C GLN J 440 16.32 9.60 -12.91
N PRO J 441 17.29 9.60 -13.85
CA PRO J 441 18.45 10.46 -13.66
C PRO J 441 18.09 11.92 -13.56
N LYS J 442 17.09 12.38 -14.33
CA LYS J 442 16.66 13.80 -14.31
C LYS J 442 16.16 14.21 -12.92
N MET J 443 15.33 13.37 -12.32
CA MET J 443 14.81 13.61 -10.99
C MET J 443 15.93 13.65 -9.96
N PHE J 444 16.93 12.81 -10.15
CA PHE J 444 18.01 12.73 -9.20
C PHE J 444 18.79 14.03 -9.23
N TRP J 445 18.92 14.65 -10.40
CA TRP J 445 19.62 15.92 -10.47
C TRP J 445 18.86 16.95 -9.65
N LYS J 446 17.54 16.85 -9.65
CA LYS J 446 16.67 17.78 -8.88
C LYS J 446 16.79 17.52 -7.39
N VAL J 447 16.87 16.25 -7.02
CA VAL J 447 17.02 15.87 -5.63
C VAL J 447 18.34 16.37 -5.05
N LEU J 448 19.44 16.29 -5.80
CA LEU J 448 20.65 17.02 -5.43
C LEU J 448 20.30 18.48 -5.63
N GLY J 449 21.03 19.39 -5.00
CA GLY J 449 20.73 20.81 -5.21
C GLY J 449 19.45 21.30 -4.51
N ARG J 450 18.70 20.38 -3.88
CA ARG J 450 17.87 20.74 -2.73
C ARG J 450 18.84 20.88 -1.56
N THR J 451 20.09 20.52 -1.83
CA THR J 451 21.18 20.71 -0.89
C THR J 451 22.26 21.50 -1.64
N PRO J 452 22.61 22.69 -1.12
CA PRO J 452 23.69 23.51 -1.69
C PRO J 452 24.98 22.70 -1.76
N GLY J 453 25.75 22.93 -2.83
CA GLY J 453 27.04 22.25 -2.99
C GLY J 453 27.00 20.88 -3.63
N GLU J 454 25.88 20.16 -3.49
CA GLU J 454 25.81 18.79 -4.01
C GLU J 454 25.97 18.74 -5.53
N GLN J 455 25.20 19.56 -6.24
CA GLN J 455 25.23 19.58 -7.69
C GLN J 455 26.59 20.01 -8.20
N GLU J 456 27.14 21.05 -7.60
CA GLU J 456 28.43 21.55 -8.05
C GLU J 456 29.51 20.54 -7.67
N SER J 457 29.23 19.70 -6.66
CA SER J 457 30.11 18.59 -6.29
C SER J 457 30.18 17.55 -7.39
N LEU J 458 29.01 17.06 -7.82
CA LEU J 458 28.93 16.12 -8.92
C LEU J 458 29.77 16.60 -10.10
N VAL J 459 29.54 17.85 -10.49
CA VAL J 459 30.28 18.44 -11.59
C VAL J 459 31.77 18.43 -11.32
N LYS J 460 32.20 18.88 -10.14
CA LYS J 460 33.65 18.93 -9.79
C LYS J 460 34.29 17.54 -9.90
N ASN J 461 33.59 16.56 -9.32
CA ASN J 461 34.02 15.18 -9.27
C ASN J 461 34.07 14.50 -10.64
N VAL J 462 33.05 14.72 -11.46
CA VAL J 462 33.10 14.23 -12.81
C VAL J 462 34.23 14.92 -13.57
N ALA J 463 34.60 16.13 -13.17
CA ALA J 463 35.53 16.90 -13.99
C ALA J 463 36.96 16.46 -13.78
N ASN J 464 37.38 16.45 -12.52
CA ASN J 464 38.70 15.95 -12.20
C ASN J 464 38.98 14.58 -12.84
N HIS J 465 38.01 13.69 -12.74
CA HIS J 465 38.17 12.34 -13.26
C HIS J 465 38.31 12.30 -14.78
N VAL J 466 37.53 13.14 -15.46
CA VAL J 466 37.50 13.09 -16.91
C VAL J 466 38.63 13.94 -17.58
N SER J 467 39.27 14.82 -16.80
CA SER J 467 40.30 15.71 -17.33
C SER J 467 41.55 14.98 -17.82
N ALA J 468 41.71 13.74 -17.39
CA ALA J 468 42.84 12.96 -17.85
C ALA J 468 42.48 12.14 -19.09
N ALA J 469 41.22 12.17 -19.51
CA ALA J 469 40.77 11.45 -20.69
C ALA J 469 41.09 12.24 -21.94
N ASP J 470 41.20 11.56 -23.08
CA ASP J 470 41.37 12.23 -24.36
C ASP J 470 40.15 13.09 -24.73
N GLU J 471 40.39 14.15 -25.52
CA GLU J 471 39.33 15.12 -25.81
C GLU J 471 38.09 14.47 -26.39
N PHE J 472 38.29 13.61 -27.37
CA PHE J 472 37.17 13.01 -28.07
C PHE J 472 36.23 12.31 -27.08
N ILE J 473 36.79 11.86 -25.98
CA ILE J 473 36.04 11.04 -25.06
C ILE J 473 35.48 11.88 -23.93
N GLN J 474 36.17 12.98 -23.61
CA GLN J 474 35.55 14.06 -22.82
C GLN J 474 34.22 14.54 -23.42
N ASP J 475 34.26 14.82 -24.73
CA ASP J 475 33.08 15.26 -25.46
C ASP J 475 31.90 14.32 -25.24
N ARG J 476 32.12 13.00 -25.37
CA ARG J 476 31.08 11.97 -25.22
C ARG J 476 30.56 12.03 -23.82
N VAL J 477 31.41 12.40 -22.89
CA VAL J 477 30.98 12.41 -21.49
C VAL J 477 30.03 13.57 -21.24
N TYR J 478 30.26 14.69 -21.94
CA TYR J 478 29.35 15.83 -21.84
C TYR J 478 27.97 15.46 -22.42
N GLU J 479 27.94 14.93 -23.64
CA GLU J 479 26.69 14.48 -24.25
C GLU J 479 25.92 13.57 -23.34
N TYR J 480 26.64 12.69 -22.66
CA TYR J 480 26.07 11.65 -21.82
C TYR J 480 25.35 12.27 -20.62
N PHE J 481 26.06 13.09 -19.85
CA PHE J 481 25.42 13.70 -18.66
C PHE J 481 24.27 14.62 -19.04
N SER J 482 24.39 15.26 -20.20
CA SER J 482 23.35 16.16 -20.67
C SER J 482 22.13 15.35 -21.02
N LYS J 483 22.30 14.02 -21.05
CA LYS J 483 21.19 13.11 -21.29
C LYS J 483 20.26 13.10 -20.11
N ALA J 484 20.70 13.61 -18.97
CA ALA J 484 19.82 13.73 -17.80
C ALA J 484 19.24 15.15 -17.68
N GLU J 485 20.12 16.15 -17.72
CA GLU J 485 19.75 17.56 -17.81
C GLU J 485 20.82 18.26 -18.60
N PRO J 486 20.42 19.00 -19.62
CA PRO J 486 21.44 19.56 -20.50
C PRO J 486 22.54 20.45 -19.85
N ILE J 487 22.22 21.17 -18.77
CA ILE J 487 23.21 22.06 -18.13
C ILE J 487 24.47 21.27 -17.71
N ILE J 488 24.24 20.02 -17.29
CA ILE J 488 25.27 19.22 -16.67
C ILE J 488 26.48 19.04 -17.58
N GLY J 489 26.23 18.65 -18.83
CA GLY J 489 27.30 18.51 -19.81
C GLY J 489 28.06 19.81 -19.94
N ASP J 490 27.30 20.91 -20.00
CA ASP J 490 27.85 22.24 -20.22
C ASP J 490 28.71 22.71 -19.06
N LEU J 491 28.24 22.44 -17.84
CA LEU J 491 28.95 22.78 -16.62
C LEU J 491 30.23 21.94 -16.44
N ILE J 492 30.12 20.65 -16.75
CA ILE J 492 31.27 19.77 -16.74
C ILE J 492 32.28 20.31 -17.75
N ARG J 493 31.87 20.54 -19.00
CA ARG J 493 32.78 21.17 -19.98
C ARG J 493 33.46 22.40 -19.38
N LYS J 494 32.65 23.27 -18.80
CA LYS J 494 33.15 24.51 -18.22
C LYS J 494 34.21 24.18 -17.20
N LYS J 495 33.82 23.40 -16.19
CA LYS J 495 34.72 23.10 -15.09
C LYS J 495 35.91 22.23 -15.49
N VAL J 496 35.81 21.47 -16.58
CA VAL J 496 37.01 20.82 -17.14
C VAL J 496 38.00 21.86 -17.64
N GLN J 497 37.46 22.94 -18.22
CA GLN J 497 38.28 23.96 -18.82
C GLN J 497 38.87 24.96 -17.81
N GLU J 498 38.26 25.05 -16.62
CA GLU J 498 38.85 25.79 -15.50
C GLU J 498 40.06 25.09 -14.87
N LEU J 499 39.99 23.76 -14.78
CA LEU J 499 41.08 22.92 -14.26
C LEU J 499 42.34 22.93 -15.13
N LYS J 500 42.17 23.13 -16.44
CA LYS J 500 43.32 23.40 -17.31
C LYS J 500 43.95 24.75 -16.99
N ARG J 501 43.11 25.79 -16.83
CA ARG J 501 43.59 27.13 -16.47
C ARG J 501 44.49 27.08 -15.21
N LYS J 502 44.09 26.31 -14.21
CA LYS J 502 44.98 25.95 -13.09
C LYS J 502 45.79 24.68 -13.46
N PRO K 6 39.88 -7.89 -40.18
CA PRO K 6 39.26 -7.88 -38.86
C PRO K 6 39.15 -9.31 -38.26
N PRO K 7 39.10 -9.44 -36.92
CA PRO K 7 38.92 -10.80 -36.38
C PRO K 7 37.46 -11.06 -35.95
N VAL K 8 37.07 -12.35 -35.97
CA VAL K 8 35.70 -12.77 -35.61
C VAL K 8 35.59 -13.25 -34.16
N PHE K 9 34.73 -12.57 -33.38
CA PHE K 9 34.42 -12.85 -31.97
C PHE K 9 33.81 -14.25 -31.78
N THR K 10 34.39 -15.05 -30.87
CA THR K 10 33.97 -16.44 -30.62
C THR K 10 33.88 -16.82 -29.13
N THR K 11 33.32 -18.01 -28.85
CA THR K 11 33.42 -18.64 -27.52
C THR K 11 34.83 -19.22 -27.31
N SER K 12 35.12 -19.68 -26.10
CA SER K 12 36.43 -20.21 -25.80
C SER K 12 36.74 -21.31 -26.80
N GLN K 13 35.67 -21.99 -27.23
CA GLN K 13 35.73 -23.18 -28.08
C GLN K 13 35.70 -22.93 -29.60
N GLY K 14 35.71 -21.67 -30.01
CA GLY K 14 35.80 -21.32 -31.42
C GLY K 14 34.49 -21.15 -32.16
N CYS K 15 33.37 -21.23 -31.46
CA CYS K 15 32.06 -21.02 -32.06
C CYS K 15 31.84 -19.52 -32.20
N PRO K 16 31.45 -19.06 -33.41
CA PRO K 16 31.20 -17.65 -33.68
C PRO K 16 30.02 -17.10 -32.88
N VAL K 17 30.12 -15.87 -32.39
CA VAL K 17 29.07 -15.29 -31.55
C VAL K 17 28.49 -14.08 -32.27
N SER K 18 27.16 -13.94 -32.30
CA SER K 18 26.52 -12.87 -33.09
C SER K 18 26.40 -11.51 -32.38
N ASP K 19 26.15 -11.56 -31.08
CA ASP K 19 25.88 -10.37 -30.28
C ASP K 19 26.54 -10.58 -28.92
N PRO K 20 27.44 -9.68 -28.53
CA PRO K 20 28.15 -9.85 -27.30
C PRO K 20 27.30 -9.70 -26.05
N PHE K 21 26.09 -9.16 -26.20
CA PHE K 21 25.30 -8.70 -25.04
C PHE K 21 23.96 -9.38 -24.80
N THR K 22 23.54 -10.28 -25.67
CA THR K 22 22.24 -10.90 -25.46
C THR K 22 22.32 -12.11 -24.56
N THR K 23 21.21 -12.42 -23.90
CA THR K 23 21.06 -13.67 -23.15
C THR K 23 19.65 -14.24 -23.34
N GLN K 24 19.56 -15.55 -23.39
CA GLN K 24 18.29 -16.26 -23.61
C GLN K 24 17.28 -16.25 -22.45
N ARG K 25 16.00 -16.12 -22.79
CA ARG K 25 14.90 -16.22 -21.82
C ARG K 25 13.59 -16.55 -22.51
N ILE K 26 12.65 -17.08 -21.76
CA ILE K 26 11.29 -17.23 -22.25
C ILE K 26 10.55 -16.12 -21.54
N PRO K 27 9.91 -15.22 -22.30
CA PRO K 27 9.37 -14.01 -21.70
C PRO K 27 8.06 -14.24 -20.96
N LEU K 28 7.82 -13.45 -19.93
CA LEU K 28 6.50 -13.39 -19.35
C LEU K 28 5.48 -12.97 -20.41
N ASP K 29 4.25 -13.42 -20.22
CA ASP K 29 3.09 -12.91 -20.95
C ASP K 29 2.91 -11.41 -20.67
N SER K 30 2.77 -10.64 -21.75
CA SER K 30 2.81 -9.19 -21.69
C SER K 30 1.44 -8.50 -21.52
N THR K 31 0.37 -9.28 -21.64
CA THR K 31 -1.01 -8.77 -21.58
C THR K 31 -1.26 -8.02 -20.28
N GLY K 32 -1.61 -6.75 -20.39
CA GLY K 32 -1.88 -5.98 -19.19
C GLY K 32 -0.81 -4.97 -18.82
N TYR K 33 0.43 -5.17 -19.28
CA TYR K 33 1.52 -4.27 -18.91
C TYR K 33 1.60 -2.99 -19.74
N LYS K 34 1.77 -1.85 -19.06
CA LYS K 34 2.04 -0.57 -19.74
C LYS K 34 3.40 -0.63 -20.47
N TYR K 35 4.35 -1.33 -19.85
CA TYR K 35 5.71 -1.51 -20.33
C TYR K 35 5.96 -3.00 -20.32
N ALA K 36 6.30 -3.55 -21.48
CA ALA K 36 6.38 -5.01 -21.63
C ALA K 36 7.61 -5.53 -22.38
N PRO K 37 8.82 -5.31 -21.81
CA PRO K 37 10.02 -5.92 -22.36
C PRO K 37 10.06 -7.43 -22.07
N PRO K 38 10.60 -8.21 -23.01
CA PRO K 38 10.60 -9.67 -22.86
C PRO K 38 11.52 -10.17 -21.74
N ILE K 39 11.00 -10.22 -20.53
CA ILE K 39 11.76 -10.66 -19.37
C ILE K 39 11.30 -12.02 -18.87
N GLY K 40 12.27 -12.86 -18.52
CA GLY K 40 12.01 -14.18 -17.97
C GLY K 40 13.27 -14.71 -17.31
N PRO K 41 13.17 -15.91 -16.71
CA PRO K 41 14.29 -16.57 -16.01
C PRO K 41 15.35 -17.06 -17.00
N LEU K 42 16.63 -16.87 -16.62
CA LEU K 42 17.75 -17.23 -17.47
C LEU K 42 17.86 -18.73 -17.62
N LEU K 43 18.45 -19.20 -18.71
CA LEU K 43 18.42 -20.64 -18.98
C LEU K 43 19.78 -21.31 -18.84
N LEU K 44 19.79 -22.59 -18.45
CA LEU K 44 21.04 -23.33 -18.37
C LEU K 44 21.75 -23.46 -19.72
N GLN K 45 20.97 -23.67 -20.77
CA GLN K 45 21.55 -23.87 -22.09
C GLN K 45 22.20 -22.62 -22.70
N ASP K 46 22.18 -21.49 -21.99
CA ASP K 46 22.79 -20.28 -22.52
C ASP K 46 24.30 -20.35 -22.37
N PHE K 47 24.95 -21.07 -23.28
CA PHE K 47 26.39 -21.32 -23.18
C PHE K 47 27.23 -20.06 -23.08
N LYS K 48 26.94 -19.10 -23.96
CA LYS K 48 27.74 -17.91 -24.02
C LYS K 48 27.68 -17.23 -22.66
N LEU K 49 26.52 -17.33 -22.02
CA LEU K 49 26.35 -16.71 -20.73
C LEU K 49 27.28 -17.41 -19.72
N ILE K 50 27.08 -18.72 -19.56
CA ILE K 50 27.81 -19.51 -18.56
C ILE K 50 29.33 -19.42 -18.82
N ASP K 51 29.70 -19.60 -20.10
CA ASP K 51 31.09 -19.64 -20.51
C ASP K 51 31.78 -18.34 -20.10
N THR K 52 31.15 -17.19 -20.32
CA THR K 52 31.90 -15.98 -20.00
C THR K 52 31.81 -15.65 -18.53
N LEU K 53 30.71 -16.01 -17.88
CA LEU K 53 30.63 -15.76 -16.47
C LEU K 53 31.58 -16.63 -15.66
N SER K 54 31.61 -17.91 -15.98
CA SER K 54 32.41 -18.81 -15.18
C SER K 54 33.90 -18.54 -15.36
N HIS K 55 34.27 -17.96 -16.50
CA HIS K 55 35.65 -17.54 -16.64
C HIS K 55 35.95 -16.28 -15.84
N PHE K 56 35.05 -15.30 -15.93
CA PHE K 56 35.16 -14.12 -15.13
C PHE K 56 35.33 -14.55 -13.67
N ASP K 57 34.53 -15.53 -13.19
CA ASP K 57 34.61 -16.01 -11.81
C ASP K 57 35.99 -16.53 -11.40
N ARG K 58 36.76 -16.98 -12.39
CA ARG K 58 38.11 -17.55 -12.18
C ARG K 58 39.33 -16.68 -12.58
N GLU K 59 39.16 -15.39 -12.82
CA GLU K 59 40.27 -14.53 -13.21
C GLU K 59 41.43 -14.47 -12.23
N ARG K 60 41.17 -14.66 -10.94
CA ARG K 60 42.19 -14.33 -9.95
C ARG K 60 43.01 -15.53 -9.43
N ILE K 61 44.32 -15.31 -9.25
CA ILE K 61 45.19 -16.29 -8.60
C ILE K 61 45.79 -15.61 -7.36
N PRO K 62 46.40 -16.39 -6.46
CA PRO K 62 46.97 -15.70 -5.28
C PRO K 62 48.08 -14.71 -5.65
N GLU K 63 48.13 -13.56 -5.02
CA GLU K 63 49.27 -12.70 -5.22
C GLU K 63 50.50 -13.36 -4.56
N ARG K 64 51.69 -12.82 -4.80
CA ARG K 64 52.91 -13.28 -4.12
C ARG K 64 52.85 -13.04 -2.60
N VAL K 65 53.29 -14.00 -1.76
CA VAL K 65 53.16 -13.77 -0.28
C VAL K 65 53.82 -12.49 0.11
N VAL K 66 54.90 -12.16 -0.62
CA VAL K 66 55.66 -10.90 -0.49
C VAL K 66 56.02 -10.39 -1.89
N HIS K 67 56.41 -9.13 -1.99
CA HIS K 67 56.64 -8.45 -3.27
C HIS K 67 55.44 -8.54 -4.22
N ALA K 68 54.22 -8.50 -3.67
CA ALA K 68 53.01 -8.62 -4.49
C ALA K 68 52.84 -7.53 -5.58
N LYS K 69 53.28 -6.32 -5.27
CA LYS K 69 53.03 -5.18 -6.10
C LYS K 69 54.28 -4.90 -6.91
N GLY K 70 54.14 -4.88 -8.23
CA GLY K 70 55.33 -4.74 -9.06
C GLY K 70 55.05 -4.39 -10.50
N ALA K 71 56.15 -4.18 -11.23
CA ALA K 71 56.13 -3.82 -12.65
C ALA K 71 57.35 -4.40 -13.31
N GLY K 72 57.19 -4.81 -14.57
CA GLY K 72 58.29 -5.46 -15.27
C GLY K 72 58.55 -4.95 -16.68
N ALA K 73 59.72 -5.31 -17.22
CA ALA K 73 60.02 -5.07 -18.61
C ALA K 73 61.03 -6.05 -19.13
N TYR K 74 61.11 -6.14 -20.45
CA TYR K 74 62.12 -6.94 -21.08
C TYR K 74 63.36 -6.05 -21.29
N GLY K 75 64.50 -6.66 -21.58
CA GLY K 75 65.70 -5.90 -21.86
C GLY K 75 66.80 -6.72 -22.48
N VAL K 76 68.01 -6.19 -22.45
CA VAL K 76 69.17 -6.88 -23.02
C VAL K 76 70.37 -6.69 -22.09
N PHE K 77 71.05 -7.78 -21.78
CA PHE K 77 72.29 -7.70 -21.04
C PHE K 77 73.45 -7.96 -22.00
N GLU K 78 74.53 -7.21 -21.82
CA GLU K 78 75.74 -7.36 -22.62
C GLU K 78 76.94 -7.59 -21.72
N VAL K 79 77.75 -8.57 -22.11
CA VAL K 79 79.08 -8.81 -21.55
C VAL K 79 80.09 -7.76 -22.04
N THR K 80 80.63 -6.94 -21.14
CA THR K 80 81.53 -5.90 -21.60
C THR K 80 82.99 -6.12 -21.22
N ASP K 81 83.23 -6.92 -20.18
CA ASP K 81 84.60 -7.25 -19.77
C ASP K 81 84.86 -8.72 -19.65
N ASP K 82 86.11 -9.13 -19.90
CA ASP K 82 86.46 -10.55 -19.83
C ASP K 82 86.59 -10.94 -18.36
N ILE K 83 85.68 -11.78 -17.87
CA ILE K 83 85.80 -12.31 -16.50
C ILE K 83 85.74 -13.84 -16.47
N THR K 84 86.15 -14.46 -17.57
CA THR K 84 86.13 -15.90 -17.66
C THR K 84 87.17 -16.51 -16.70
N ASP K 85 88.08 -15.68 -16.19
CA ASP K 85 89.07 -16.11 -15.22
C ASP K 85 88.42 -16.30 -13.85
N VAL K 86 87.23 -15.71 -13.67
CA VAL K 86 86.46 -15.82 -12.42
C VAL K 86 85.23 -16.74 -12.59
N CYS K 87 84.54 -16.67 -13.74
CA CYS K 87 83.27 -17.42 -13.97
C CYS K 87 83.05 -18.04 -15.37
N SER K 88 82.81 -19.34 -15.40
CA SER K 88 82.74 -20.09 -16.63
C SER K 88 81.36 -20.02 -17.32
N ALA K 89 80.47 -19.17 -16.84
CA ALA K 89 79.09 -19.16 -17.31
C ALA K 89 79.01 -18.82 -18.80
N LYS K 90 78.34 -19.68 -19.57
CA LYS K 90 78.20 -19.51 -21.02
C LYS K 90 77.74 -18.11 -21.47
N PHE K 91 76.86 -17.47 -20.72
CA PHE K 91 76.35 -16.17 -21.16
C PHE K 91 77.37 -15.06 -20.92
N LEU K 92 78.45 -15.37 -20.20
CA LEU K 92 79.61 -14.48 -20.02
C LEU K 92 80.82 -14.90 -20.88
N ASP K 93 80.66 -16.01 -21.60
CA ASP K 93 81.60 -16.57 -22.60
C ASP K 93 82.58 -15.62 -23.25
N THR K 94 82.04 -14.64 -23.95
CA THR K 94 82.83 -13.86 -24.86
C THR K 94 82.31 -12.43 -24.83
N VAL K 95 83.22 -11.47 -24.91
CA VAL K 95 82.85 -10.06 -24.85
C VAL K 95 81.80 -9.70 -25.89
N GLY K 96 80.85 -8.87 -25.50
CA GLY K 96 79.83 -8.36 -26.43
C GLY K 96 78.64 -9.29 -26.66
N LYS K 97 78.65 -10.49 -26.05
CA LYS K 97 77.53 -11.42 -26.15
C LYS K 97 76.29 -10.83 -25.46
N LYS K 98 75.15 -10.94 -26.15
CA LYS K 98 73.90 -10.38 -25.67
C LYS K 98 72.91 -11.47 -25.24
N THR K 99 72.23 -11.21 -24.12
CA THR K 99 71.27 -12.14 -23.53
C THR K 99 69.97 -11.41 -23.23
N ARG K 100 68.85 -11.99 -23.65
CA ARG K 100 67.50 -11.45 -23.38
C ARG K 100 67.15 -11.56 -21.89
N ILE K 101 66.64 -10.48 -21.30
CA ILE K 101 66.33 -10.51 -19.86
C ILE K 101 64.94 -9.97 -19.56
N PHE K 102 64.35 -10.38 -18.43
CA PHE K 102 63.12 -9.78 -17.94
C PHE K 102 63.34 -9.38 -16.53
N THR K 103 62.89 -8.19 -16.18
CA THR K 103 63.14 -7.66 -14.85
C THR K 103 61.80 -7.28 -14.28
N ARG K 104 61.59 -7.65 -13.02
CA ARG K 104 60.43 -7.19 -12.33
C ARG K 104 60.88 -6.49 -11.03
N PHE K 105 60.40 -5.27 -10.85
CA PHE K 105 60.63 -4.49 -9.63
C PHE K 105 59.38 -4.54 -8.75
N SER K 106 59.59 -4.48 -7.44
CA SER K 106 58.51 -4.71 -6.45
C SER K 106 58.76 -3.98 -5.16
N THR K 107 57.72 -3.76 -4.39
CA THR K 107 57.87 -3.38 -2.99
C THR K 107 57.81 -4.67 -2.19
N VAL K 108 57.84 -4.60 -0.86
CA VAL K 108 57.89 -5.85 -0.09
C VAL K 108 56.58 -6.22 0.56
N GLY K 109 56.19 -5.45 1.56
CA GLY K 109 55.03 -5.85 2.36
C GLY K 109 53.69 -5.54 1.72
N GLY K 110 53.62 -4.46 0.95
CA GLY K 110 52.34 -4.08 0.38
C GLY K 110 51.68 -5.18 -0.45
N GLU K 111 50.35 -5.28 -0.32
CA GLU K 111 49.58 -6.13 -1.21
C GLU K 111 49.34 -5.45 -2.55
N LYS K 112 48.46 -6.05 -3.33
CA LYS K 112 48.35 -5.77 -4.75
C LYS K 112 47.86 -4.35 -5.10
N GLY K 113 46.99 -3.79 -4.27
CA GLY K 113 46.47 -2.47 -4.60
C GLY K 113 47.26 -1.35 -3.97
N SER K 114 48.31 -1.69 -3.25
CA SER K 114 48.99 -0.71 -2.40
C SER K 114 49.86 0.26 -3.21
N ALA K 115 50.40 1.28 -2.53
CA ALA K 115 51.17 2.34 -3.20
C ALA K 115 52.58 1.96 -3.61
N ASP K 116 52.97 2.33 -4.82
CA ASP K 116 54.30 2.13 -5.31
C ASP K 116 55.37 2.89 -4.47
N THR K 117 54.96 3.98 -3.81
CA THR K 117 55.90 4.80 -3.04
C THR K 117 55.86 4.55 -1.51
N ALA K 118 55.34 3.41 -1.10
CA ALA K 118 55.37 3.02 0.29
C ALA K 118 56.82 2.79 0.76
N ARG K 119 57.06 3.06 2.03
CA ARG K 119 58.36 2.86 2.64
C ARG K 119 58.66 1.36 2.69
N ASP K 120 59.61 0.90 1.89
CA ASP K 120 59.93 -0.51 1.85
C ASP K 120 61.26 -0.73 1.15
N PRO K 121 61.80 -1.95 1.23
CA PRO K 121 62.87 -2.32 0.30
C PRO K 121 62.26 -2.39 -1.08
N ARG K 122 63.07 -2.44 -2.13
CA ARG K 122 62.54 -2.69 -3.44
C ARG K 122 63.17 -3.94 -4.00
N GLY K 123 62.34 -4.81 -4.55
CA GLY K 123 62.82 -6.02 -5.17
C GLY K 123 63.25 -5.71 -6.59
N PHE K 124 64.26 -6.44 -7.08
CA PHE K 124 64.91 -6.18 -8.36
C PHE K 124 65.32 -7.55 -8.86
N ALA K 125 64.40 -8.27 -9.49
CA ALA K 125 64.62 -9.65 -9.94
C ALA K 125 64.77 -9.75 -11.45
N THR K 126 65.80 -10.45 -11.91
CA THR K 126 66.05 -10.49 -13.32
C THR K 126 66.15 -11.89 -13.76
N LYS K 127 65.44 -12.26 -14.82
CA LYS K 127 65.60 -13.55 -15.41
C LYS K 127 66.47 -13.41 -16.65
N PHE K 128 67.48 -14.28 -16.77
CA PHE K 128 68.35 -14.33 -17.96
C PHE K 128 68.08 -15.63 -18.69
N TYR K 129 67.72 -15.51 -19.96
CA TYR K 129 67.53 -16.65 -20.83
C TYR K 129 68.83 -17.10 -21.52
N THR K 130 69.65 -17.93 -20.85
CA THR K 130 70.97 -18.29 -21.38
C THR K 130 70.94 -19.61 -22.12
N GLU K 131 72.07 -19.97 -22.74
CA GLU K 131 72.17 -21.18 -23.53
C GLU K 131 72.26 -22.37 -22.62
N ASP K 132 72.54 -22.08 -21.36
CA ASP K 132 72.67 -23.12 -20.36
C ASP K 132 71.45 -23.17 -19.43
N GLY K 133 70.34 -22.55 -19.82
CA GLY K 133 69.14 -22.50 -18.98
C GLY K 133 68.86 -21.12 -18.45
N ASN K 134 67.76 -20.96 -17.73
CA ASN K 134 67.43 -19.64 -17.18
C ASN K 134 68.14 -19.38 -15.87
N LEU K 135 68.68 -18.18 -15.77
CA LEU K 135 69.38 -17.79 -14.56
C LEU K 135 68.63 -16.65 -13.87
N ASP K 136 68.19 -16.88 -12.63
CA ASP K 136 67.46 -15.86 -11.90
C ASP K 136 68.36 -15.16 -10.90
N LEU K 137 68.50 -13.85 -11.05
CA LEU K 137 69.22 -13.01 -10.12
C LEU K 137 68.17 -12.24 -9.35
N VAL K 138 67.80 -12.83 -8.22
CA VAL K 138 66.70 -12.31 -7.43
C VAL K 138 67.28 -11.38 -6.35
N TYR K 139 67.51 -10.12 -6.74
CA TYR K 139 68.17 -9.11 -5.88
C TYR K 139 67.21 -8.10 -5.26
N ASN K 140 67.72 -7.41 -4.25
CA ASN K 140 67.01 -6.28 -3.66
C ASN K 140 67.75 -4.99 -4.00
N ASN K 141 67.19 -3.85 -3.60
CA ASN K 141 67.84 -2.57 -3.81
C ASN K 141 68.74 -2.20 -2.62
N THR K 142 68.97 -3.15 -1.74
CA THR K 142 69.86 -2.89 -0.62
C THR K 142 70.84 -4.02 -0.54
N PRO K 143 72.11 -3.73 -0.13
CA PRO K 143 73.17 -4.78 -0.12
C PRO K 143 73.07 -5.76 1.05
N ILE K 144 72.14 -5.46 1.96
CA ILE K 144 71.94 -6.19 3.24
C ILE K 144 70.44 -6.38 3.51
N PHE K 145 70.08 -7.03 4.62
CA PHE K 145 68.68 -7.33 4.86
C PHE K 145 68.44 -7.41 6.33
N PHE K 146 67.18 -7.65 6.72
CA PHE K 146 66.71 -7.54 8.12
C PHE K 146 67.08 -8.74 8.95
N ILE K 147 67.54 -9.81 8.32
CA ILE K 147 67.71 -11.07 9.03
C ILE K 147 68.87 -11.86 8.50
N ARG K 148 69.40 -12.75 9.33
CA ARG K 148 70.44 -13.69 8.90
C ARG K 148 70.13 -15.10 9.35
N ASP K 149 68.96 -15.28 9.97
CA ASP K 149 68.46 -16.61 10.31
C ASP K 149 67.22 -16.93 9.51
N PRO K 150 67.30 -17.93 8.62
CA PRO K 150 66.29 -18.08 7.57
C PRO K 150 64.90 -18.19 8.14
N ILE K 151 64.72 -18.97 9.18
CA ILE K 151 63.37 -19.29 9.67
C ILE K 151 62.73 -18.10 10.40
N LYS K 152 63.47 -17.01 10.53
CA LYS K 152 62.91 -15.78 11.07
C LYS K 152 62.05 -15.05 10.07
N PHE K 153 62.18 -15.40 8.79
CA PHE K 153 61.54 -14.64 7.74
C PHE K 153 60.00 -14.49 7.93
N PRO K 154 59.29 -15.60 8.16
CA PRO K 154 57.85 -15.46 8.31
C PRO K 154 57.50 -14.62 9.51
N HIS K 155 58.34 -14.64 10.54
CA HIS K 155 58.12 -13.83 11.70
C HIS K 155 58.19 -12.38 11.23
N PHE K 156 59.31 -12.03 10.64
CA PHE K 156 59.59 -10.65 10.37
C PHE K 156 58.48 -10.17 9.45
N ILE K 157 58.18 -10.94 8.40
CA ILE K 157 57.21 -10.54 7.38
C ILE K 157 55.83 -10.40 7.99
N HIS K 158 55.47 -11.30 8.90
CA HIS K 158 54.21 -11.16 9.59
C HIS K 158 54.09 -9.80 10.27
N THR K 159 55.19 -9.36 10.90
CA THR K 159 55.12 -8.13 11.68
C THR K 159 55.13 -6.93 10.78
N GLN K 160 55.56 -7.14 9.53
CA GLN K 160 55.61 -6.03 8.57
C GLN K 160 54.23 -5.84 7.99
N LYS K 161 53.37 -6.84 8.16
CA LYS K 161 52.06 -6.76 7.53
C LYS K 161 50.91 -6.46 8.50
N ARG K 162 49.86 -7.27 8.49
CA ARG K 162 48.63 -6.89 9.19
C ARG K 162 48.30 -7.74 10.40
N ASN K 163 47.65 -7.13 11.38
CA ASN K 163 47.31 -7.81 12.61
C ASN K 163 46.30 -8.89 12.29
N PRO K 164 46.44 -10.09 12.89
CA PRO K 164 45.55 -11.22 12.61
C PRO K 164 44.06 -10.93 12.90
N ALA K 165 43.78 -10.02 13.83
CA ALA K 165 42.41 -9.69 14.17
C ALA K 165 41.92 -8.49 13.40
N THR K 166 42.65 -7.37 13.46
CA THR K 166 42.12 -6.15 12.90
C THR K 166 42.26 -6.10 11.39
N ASN K 167 43.28 -6.77 10.88
CA ASN K 167 43.75 -6.52 9.52
C ASN K 167 44.35 -5.10 9.33
N LEU K 168 44.77 -4.45 10.42
CA LEU K 168 45.42 -3.15 10.32
C LEU K 168 46.91 -3.33 10.43
N LYS K 169 47.73 -2.40 9.95
CA LYS K 169 49.16 -2.49 10.29
C LYS K 169 49.31 -2.09 11.73
N ASP K 170 50.24 -2.77 12.41
CA ASP K 170 50.42 -2.61 13.85
C ASP K 170 51.83 -2.13 14.12
N PRO K 171 51.96 -0.85 14.53
CA PRO K 171 53.28 -0.28 14.83
C PRO K 171 53.93 -0.99 16.02
N ASN K 172 53.10 -1.56 16.90
CA ASN K 172 53.57 -2.36 18.04
C ASN K 172 54.30 -3.63 17.63
N MET K 173 53.63 -4.52 16.91
CA MET K 173 54.29 -5.66 16.24
C MET K 173 55.59 -5.24 15.58
N PHE K 174 55.44 -4.26 14.71
CA PHE K 174 56.48 -3.81 13.83
C PHE K 174 57.79 -3.64 14.61
N TRP K 175 57.73 -2.86 15.68
CA TRP K 175 58.90 -2.51 16.44
C TRP K 175 59.22 -3.54 17.51
N ASP K 176 58.19 -4.20 18.01
CA ASP K 176 58.42 -5.30 18.93
C ASP K 176 59.36 -6.34 18.31
N TYR K 177 59.11 -6.74 17.07
CA TYR K 177 60.04 -7.65 16.38
C TYR K 177 61.44 -7.05 16.18
N LEU K 178 61.53 -5.89 15.55
CA LEU K 178 62.81 -5.37 15.13
C LEU K 178 63.72 -5.14 16.34
N THR K 179 63.13 -4.66 17.43
CA THR K 179 63.93 -4.31 18.60
C THR K 179 64.36 -5.58 19.32
N ALA K 180 63.55 -6.62 19.29
CA ALA K 180 63.96 -7.85 19.95
C ALA K 180 65.03 -8.59 19.13
N ASN K 181 65.20 -8.20 17.88
CA ASN K 181 66.18 -8.85 17.02
C ASN K 181 67.19 -7.83 16.44
N ASP K 182 68.18 -7.51 17.28
CA ASP K 182 69.27 -6.57 17.02
C ASP K 182 69.85 -6.49 15.61
N GLU K 183 70.03 -7.66 14.99
CA GLU K 183 70.75 -7.75 13.71
C GLU K 183 70.03 -7.01 12.56
N SER K 184 68.77 -6.63 12.81
CA SER K 184 67.96 -5.92 11.82
C SER K 184 68.38 -4.46 11.74
N LEU K 185 69.11 -3.99 12.75
CA LEU K 185 69.44 -2.57 12.89
C LEU K 185 70.06 -1.96 11.63
N HIS K 186 71.07 -2.64 11.10
CA HIS K 186 71.66 -2.16 9.88
C HIS K 186 70.62 -1.85 8.79
N GLN K 187 69.75 -2.80 8.47
CA GLN K 187 68.81 -2.66 7.35
C GLN K 187 67.68 -1.72 7.66
N VAL K 188 67.32 -1.66 8.94
CA VAL K 188 66.28 -0.75 9.38
C VAL K 188 66.73 0.68 9.17
N MET K 189 68.02 0.93 9.38
CA MET K 189 68.57 2.28 9.18
C MET K 189 68.51 2.73 7.72
N TYR K 190 68.82 1.81 6.80
CA TYR K 190 68.56 2.04 5.39
C TYR K 190 67.08 2.30 5.17
N LEU K 191 66.23 1.45 5.73
CA LEU K 191 64.81 1.57 5.48
C LEU K 191 64.28 2.96 5.90
N PHE K 192 64.76 3.48 7.02
CA PHE K 192 64.18 4.73 7.49
C PHE K 192 64.91 5.98 7.04
N SER K 193 66.11 5.79 6.50
CA SER K 193 66.77 6.83 5.77
C SER K 193 65.90 7.09 4.57
N ASN K 194 66.27 8.05 3.74
CA ASN K 194 65.49 8.30 2.56
C ASN K 194 65.59 7.19 1.53
N ARG K 195 66.54 6.29 1.69
CA ARG K 195 66.69 5.20 0.75
C ARG K 195 65.52 4.24 0.77
N GLY K 196 64.69 4.33 1.81
CA GLY K 196 63.50 3.50 1.86
C GLY K 196 62.35 4.01 1.00
N THR K 197 62.57 5.12 0.29
CA THR K 197 61.55 5.69 -0.55
C THR K 197 62.12 6.20 -1.86
N PRO K 198 62.46 5.27 -2.77
CA PRO K 198 62.99 5.67 -4.08
C PRO K 198 62.01 6.45 -4.93
N ALA K 199 62.54 7.36 -5.75
CA ALA K 199 61.74 8.14 -6.66
C ALA K 199 61.07 7.24 -7.69
N SER K 200 61.85 6.36 -8.31
CA SER K 200 61.33 5.46 -9.32
C SER K 200 62.22 4.23 -9.33
N TYR K 201 61.86 3.20 -10.10
CA TYR K 201 62.67 2.00 -10.18
C TYR K 201 63.91 2.30 -11.00
N ARG K 202 63.82 3.33 -11.84
CA ARG K 202 64.90 3.69 -12.75
C ARG K 202 66.09 4.28 -12.02
N THR K 203 65.86 4.79 -10.80
CA THR K 203 66.89 5.47 -10.04
C THR K 203 67.24 4.71 -8.75
N MET K 204 67.46 3.42 -8.87
CA MET K 204 67.89 2.61 -7.73
C MET K 204 68.89 1.54 -8.20
N ASN K 205 69.72 1.09 -7.29
CA ASN K 205 70.67 0.04 -7.62
C ASN K 205 70.10 -1.34 -7.33
N GLY K 206 70.75 -2.36 -7.86
CA GLY K 206 70.53 -3.73 -7.41
C GLY K 206 71.76 -4.29 -6.73
N TYR K 207 71.55 -5.15 -5.74
CA TYR K 207 72.63 -5.86 -5.04
C TYR K 207 72.25 -7.31 -4.81
N SER K 208 73.21 -8.20 -4.97
CA SER K 208 72.98 -9.60 -4.74
C SER K 208 72.63 -9.84 -3.26
N GLY K 209 73.14 -8.98 -2.39
CA GLY K 209 72.95 -9.15 -0.93
C GLY K 209 73.81 -10.29 -0.38
N HIS K 210 73.40 -11.52 -0.71
CA HIS K 210 74.14 -12.70 -0.33
C HIS K 210 75.47 -12.75 -1.05
N THR K 211 76.40 -13.54 -0.52
CA THR K 211 77.59 -13.96 -1.27
C THR K 211 77.21 -15.13 -2.15
N TYR K 212 77.66 -15.15 -3.41
CA TYR K 212 77.51 -16.35 -4.23
C TYR K 212 78.90 -16.95 -4.49
N LYS K 213 78.98 -18.08 -5.17
CA LYS K 213 80.27 -18.62 -5.54
C LYS K 213 80.35 -18.79 -7.05
N TRP K 214 81.32 -18.14 -7.68
CA TRP K 214 81.52 -18.35 -9.11
C TRP K 214 82.74 -19.23 -9.41
N TYR K 215 82.62 -20.05 -10.45
CA TYR K 215 83.68 -20.99 -10.81
C TYR K 215 84.19 -20.69 -12.22
N ASN K 216 85.51 -20.71 -12.41
CA ASN K 216 86.08 -20.63 -13.76
C ASN K 216 86.31 -22.02 -14.36
N SER K 217 86.70 -22.06 -15.63
CA SER K 217 86.75 -23.33 -16.34
C SER K 217 87.73 -24.35 -15.74
N LYS K 218 88.70 -23.85 -14.96
CA LYS K 218 89.66 -24.71 -14.27
C LYS K 218 89.05 -25.31 -13.00
N GLY K 219 87.89 -24.82 -12.56
CA GLY K 219 87.28 -25.30 -11.30
C GLY K 219 87.67 -24.49 -10.06
N GLU K 220 88.36 -23.37 -10.29
CA GLU K 220 88.76 -22.43 -9.23
C GLU K 220 87.65 -21.46 -8.95
N TRP K 221 87.20 -21.47 -7.70
CA TRP K 221 86.09 -20.65 -7.32
C TRP K 221 86.52 -19.52 -6.42
N VAL K 222 85.60 -18.57 -6.26
CA VAL K 222 85.83 -17.37 -5.50
C VAL K 222 84.48 -16.88 -4.99
N TYR K 223 84.42 -16.40 -3.75
CA TYR K 223 83.20 -15.74 -3.26
C TYR K 223 82.95 -14.41 -4.00
N VAL K 224 81.69 -14.13 -4.36
CA VAL K 224 81.38 -12.90 -5.08
C VAL K 224 80.25 -12.12 -4.46
N GLN K 225 80.21 -10.84 -4.81
CA GLN K 225 79.10 -9.96 -4.47
C GLN K 225 78.75 -9.13 -5.68
N VAL K 226 77.47 -9.13 -6.09
CA VAL K 226 77.09 -8.51 -7.37
C VAL K 226 76.50 -7.13 -7.13
N HIS K 227 76.87 -6.17 -7.97
CA HIS K 227 76.33 -4.81 -7.90
C HIS K 227 75.80 -4.37 -9.26
N PHE K 228 74.56 -3.90 -9.29
CA PHE K 228 73.99 -3.29 -10.48
C PHE K 228 73.81 -1.81 -10.19
N ILE K 229 74.47 -0.94 -10.95
CA ILE K 229 74.37 0.50 -10.65
C ILE K 229 73.58 1.28 -11.72
N ALA K 230 72.56 2.00 -11.28
CA ALA K 230 71.71 2.78 -12.18
C ALA K 230 72.51 3.86 -12.88
N ASN K 231 72.46 3.86 -14.20
CA ASN K 231 73.04 4.93 -14.98
C ASN K 231 72.23 6.20 -14.84
N GLN K 232 71.02 6.07 -14.30
CA GLN K 232 70.11 7.20 -14.08
C GLN K 232 70.39 7.87 -12.73
N GLY K 233 71.29 7.28 -11.95
CA GLY K 233 71.68 7.78 -10.62
C GLY K 233 70.74 7.34 -9.50
N VAL K 234 71.18 7.44 -8.26
CA VAL K 234 70.28 7.16 -7.14
C VAL K 234 69.53 8.44 -6.72
N HIS K 235 68.22 8.52 -6.99
CA HIS K 235 67.39 9.65 -6.50
C HIS K 235 66.22 9.19 -5.61
N ASN K 236 66.19 9.67 -4.36
CA ASN K 236 65.19 9.27 -3.36
C ASN K 236 64.14 10.34 -3.08
N LEU K 237 63.02 9.96 -2.48
CA LEU K 237 61.96 10.89 -2.16
C LEU K 237 61.91 11.12 -0.67
N LEU K 238 61.49 12.32 -0.27
CA LEU K 238 61.22 12.60 1.14
C LEU K 238 59.87 12.01 1.56
N ASP K 239 59.73 11.75 2.86
CA ASP K 239 58.57 11.08 3.43
C ASP K 239 57.27 11.73 2.99
N GLU K 240 57.19 13.07 3.06
CA GLU K 240 55.94 13.81 2.75
C GLU K 240 55.56 13.65 1.29
N GLU K 241 56.58 13.72 0.42
CA GLU K 241 56.44 13.55 -1.02
C GLU K 241 55.94 12.16 -1.35
N ALA K 242 56.64 11.15 -0.81
CA ALA K 242 56.19 9.76 -0.88
C ALA K 242 54.73 9.62 -0.46
N GLY K 243 54.38 10.17 0.71
CA GLY K 243 53.03 10.09 1.27
C GLY K 243 51.98 10.68 0.36
N ARG K 244 52.31 11.83 -0.26
CA ARG K 244 51.35 12.50 -1.10
C ARG K 244 51.08 11.66 -2.34
N LEU K 245 52.17 11.19 -2.97
CA LEU K 245 52.06 10.39 -4.19
C LEU K 245 51.31 9.10 -3.93
N ALA K 246 51.46 8.54 -2.73
CA ALA K 246 50.69 7.38 -2.34
C ALA K 246 49.19 7.63 -2.51
N GLY K 247 48.79 8.89 -2.30
CA GLY K 247 47.39 9.30 -2.44
C GLY K 247 47.04 9.69 -3.85
N GLU K 248 47.84 10.58 -4.44
CA GLU K 248 47.61 11.06 -5.79
C GLU K 248 47.70 9.91 -6.82
N ASP K 249 48.80 9.15 -6.78
CA ASP K 249 49.09 8.09 -7.77
C ASP K 249 49.75 6.83 -7.17
N PRO K 250 48.94 5.81 -6.81
CA PRO K 250 49.47 4.58 -6.21
C PRO K 250 50.34 3.75 -7.17
N ASP K 251 50.27 4.05 -8.46
CA ASP K 251 50.93 3.26 -9.47
C ASP K 251 52.12 4.04 -10.03
N HIS K 252 52.62 4.98 -9.22
CA HIS K 252 53.55 5.99 -9.71
C HIS K 252 54.80 5.43 -10.38
N SER K 253 55.38 4.39 -9.79
CA SER K 253 56.61 3.81 -10.33
C SER K 253 56.35 2.95 -11.57
N THR K 254 55.22 2.25 -11.55
CA THR K 254 54.80 1.46 -12.70
C THR K 254 54.65 2.34 -13.92
N ARG K 255 53.87 3.41 -13.78
CA ARG K 255 53.67 4.43 -14.81
C ARG K 255 55.01 4.99 -15.34
N ASP K 256 55.85 5.40 -14.40
CA ASP K 256 57.18 5.92 -14.69
C ASP K 256 58.05 5.02 -15.54
N LEU K 257 58.03 3.72 -15.25
CA LEU K 257 58.82 2.75 -15.99
C LEU K 257 58.21 2.47 -17.34
N TRP K 258 56.89 2.34 -17.38
CA TRP K 258 56.19 2.12 -18.65
C TRP K 258 56.37 3.28 -19.63
N GLU K 259 56.24 4.50 -19.12
CA GLU K 259 56.34 5.68 -19.97
C GLU K 259 57.76 5.97 -20.44
N ALA K 260 58.75 5.80 -19.57
CA ALA K 260 60.16 5.91 -19.98
C ALA K 260 60.49 5.00 -21.18
N ILE K 261 60.13 3.72 -21.09
CA ILE K 261 60.38 2.76 -22.17
C ILE K 261 59.59 3.04 -23.46
N GLU K 262 58.35 3.51 -23.31
CA GLU K 262 57.57 3.82 -24.50
C GLU K 262 58.15 5.05 -25.23
N LYS K 263 58.70 6.02 -24.49
CA LYS K 263 59.40 7.21 -25.02
C LYS K 263 60.69 6.92 -25.76
N GLY K 264 61.39 5.87 -25.37
CA GLY K 264 62.74 5.63 -25.85
C GLY K 264 63.78 5.98 -24.80
N ASP K 265 63.32 6.36 -23.61
CA ASP K 265 64.23 6.74 -22.53
C ASP K 265 64.68 5.52 -21.68
N TYR K 266 65.29 4.54 -22.34
CA TYR K 266 65.59 3.23 -21.74
C TYR K 266 66.54 3.22 -20.55
N PRO K 267 66.07 2.80 -19.36
CA PRO K 267 66.95 2.78 -18.19
C PRO K 267 68.00 1.67 -18.29
N SER K 268 69.17 1.92 -17.74
CA SER K 268 70.23 0.94 -17.86
C SER K 268 71.03 0.88 -16.58
N TRP K 269 71.75 -0.22 -16.40
CA TRP K 269 72.54 -0.41 -15.20
C TRP K 269 73.88 -0.95 -15.62
N GLU K 270 74.92 -0.54 -14.90
CA GLU K 270 76.27 -1.12 -15.06
C GLU K 270 76.47 -2.20 -13.99
N CYS K 271 77.08 -3.32 -14.39
CA CYS K 271 77.26 -4.45 -13.50
C CYS K 271 78.69 -4.61 -13.01
N TYR K 272 78.83 -4.80 -11.70
CA TYR K 272 80.13 -5.07 -11.09
C TYR K 272 80.05 -6.27 -10.14
N ILE K 273 81.19 -6.89 -9.88
CA ILE K 273 81.32 -7.84 -8.78
C ILE K 273 82.45 -7.50 -7.82
N GLN K 274 82.29 -7.86 -6.54
CA GLN K 274 83.42 -7.91 -5.59
C GLN K 274 83.85 -9.39 -5.43
N THR K 275 85.15 -9.68 -5.54
CA THR K 275 85.59 -11.07 -5.37
C THR K 275 86.53 -11.18 -4.19
N MET K 276 86.64 -12.40 -3.67
CA MET K 276 87.37 -12.66 -2.41
C MET K 276 87.62 -14.15 -2.27
N THR K 277 88.86 -14.51 -1.96
CA THR K 277 89.24 -15.93 -1.89
C THR K 277 88.81 -16.54 -0.56
N LEU K 278 88.81 -17.87 -0.49
CA LEU K 278 88.52 -18.51 0.77
C LEU K 278 89.48 -18.00 1.81
N GLU K 279 90.74 -17.84 1.44
CA GLU K 279 91.77 -17.41 2.39
C GLU K 279 91.60 -16.01 2.93
N GLN K 280 91.23 -15.07 2.06
CA GLN K 280 90.94 -13.71 2.50
C GLN K 280 89.79 -13.74 3.51
N SER K 281 88.83 -14.64 3.29
CA SER K 281 87.60 -14.73 4.12
C SER K 281 87.88 -15.06 5.57
N LYS K 282 88.82 -15.98 5.76
CA LYS K 282 89.29 -16.41 7.07
C LYS K 282 89.83 -15.27 7.95
N LYS K 283 90.23 -14.16 7.33
CA LYS K 283 90.85 -13.06 8.05
C LYS K 283 89.86 -12.01 8.52
N LEU K 284 88.57 -12.22 8.23
CA LEU K 284 87.60 -11.17 8.44
C LEU K 284 86.97 -11.17 9.82
N PRO K 285 86.63 -9.98 10.30
CA PRO K 285 85.90 -9.85 11.57
C PRO K 285 84.40 -10.22 11.49
N PHE K 286 83.87 -10.41 10.27
CA PHE K 286 82.47 -10.85 10.05
C PHE K 286 82.44 -12.05 9.12
N SER K 287 81.24 -12.55 8.80
CA SER K 287 81.14 -13.70 7.92
C SER K 287 80.64 -13.33 6.51
N VAL K 288 81.17 -14.00 5.49
CA VAL K 288 80.68 -13.80 4.12
C VAL K 288 79.29 -14.38 3.98
N PHE K 289 78.85 -15.09 5.00
CA PHE K 289 77.56 -15.74 4.99
C PHE K 289 76.54 -14.94 5.75
N ASP K 290 76.94 -13.73 6.13
CA ASP K 290 76.08 -12.84 6.91
C ASP K 290 75.46 -11.77 6.02
N LEU K 291 74.18 -11.98 5.71
CA LEU K 291 73.43 -11.03 4.91
C LEU K 291 73.37 -9.62 5.51
N THR K 292 73.60 -9.48 6.83
CA THR K 292 73.52 -8.18 7.51
C THR K 292 74.80 -7.34 7.43
N LYS K 293 75.71 -7.80 6.56
CA LYS K 293 77.03 -7.21 6.40
C LYS K 293 77.29 -6.88 4.92
N VAL K 294 78.09 -5.82 4.70
CA VAL K 294 78.60 -5.48 3.37
C VAL K 294 80.10 -5.66 3.36
N TRP K 295 80.67 -5.81 2.17
CA TRP K 295 82.11 -5.90 2.00
C TRP K 295 82.63 -4.48 1.73
N PRO K 296 83.48 -3.94 2.63
CA PRO K 296 84.02 -2.59 2.40
C PRO K 296 84.74 -2.42 1.04
N HIS K 297 84.48 -1.28 0.39
CA HIS K 297 84.96 -1.00 -1.00
C HIS K 297 86.47 -0.81 -1.06
N LYS K 298 87.03 -0.26 0.02
CA LYS K 298 88.49 -0.10 0.20
C LYS K 298 89.26 -1.43 0.06
N ASP K 299 88.79 -2.47 0.74
CA ASP K 299 89.49 -3.77 0.77
C ASP K 299 89.10 -4.69 -0.39
N PHE K 300 87.87 -4.56 -0.88
CA PHE K 300 87.45 -5.35 -2.03
C PHE K 300 86.83 -4.41 -3.04
N PRO K 301 87.59 -4.11 -4.12
CA PRO K 301 87.10 -3.16 -5.14
C PRO K 301 86.13 -3.80 -6.14
N LEU K 302 85.32 -2.96 -6.79
CA LEU K 302 84.40 -3.45 -7.80
C LEU K 302 85.14 -3.68 -9.09
N ARG K 303 84.79 -4.75 -9.80
CA ARG K 303 85.31 -5.01 -11.12
C ARG K 303 84.12 -5.02 -12.06
N HIS K 304 84.17 -4.16 -13.09
CA HIS K 304 83.10 -4.03 -14.07
C HIS K 304 83.03 -5.27 -14.97
N PHE K 305 81.83 -5.72 -15.34
CA PHE K 305 81.74 -6.86 -16.27
C PHE K 305 80.65 -6.78 -17.32
N GLY K 306 79.67 -5.95 -17.09
CA GLY K 306 78.60 -5.86 -18.06
C GLY K 306 77.64 -4.72 -17.84
N ARG K 307 76.68 -4.62 -18.72
CA ARG K 307 75.59 -3.71 -18.46
C ARG K 307 74.34 -4.34 -19.03
N PHE K 308 73.18 -3.95 -18.47
CA PHE K 308 71.91 -4.29 -19.10
C PHE K 308 71.02 -3.07 -19.27
N THR K 309 70.21 -3.11 -20.33
CA THR K 309 69.27 -2.03 -20.59
C THR K 309 67.86 -2.64 -20.63
N LEU K 310 66.86 -1.94 -20.10
CA LEU K 310 65.48 -2.39 -20.24
C LEU K 310 64.78 -1.58 -21.34
N ASN K 311 64.36 -2.24 -22.41
CA ASN K 311 63.89 -1.52 -23.59
C ASN K 311 62.57 -1.99 -24.20
N GLU K 312 61.82 -2.84 -23.51
CA GLU K 312 60.64 -3.44 -24.12
C GLU K 312 59.59 -3.77 -23.09
N ASN K 313 58.42 -3.13 -23.17
CA ASN K 313 57.29 -3.39 -22.29
C ASN K 313 56.61 -4.73 -22.64
N PRO K 314 56.06 -5.45 -21.63
CA PRO K 314 55.39 -6.72 -21.93
C PRO K 314 54.15 -6.48 -22.76
N LYS K 315 53.58 -7.50 -23.33
CA LYS K 315 52.43 -7.30 -24.18
C LYS K 315 51.12 -7.44 -23.41
N ASN K 316 51.11 -8.32 -22.41
CA ASN K 316 50.01 -8.49 -21.47
C ASN K 316 50.57 -8.57 -20.07
N TYR K 317 50.17 -7.65 -19.19
CA TYR K 317 50.77 -7.58 -17.85
C TYR K 317 50.58 -8.85 -17.03
N TYR K 318 49.32 -9.29 -16.92
CA TYR K 318 49.02 -10.54 -16.22
C TYR K 318 49.83 -11.73 -16.70
N ALA K 319 49.73 -12.07 -17.97
CA ALA K 319 50.41 -13.25 -18.49
C ALA K 319 51.91 -13.25 -18.27
N GLU K 320 52.52 -12.07 -18.24
CA GLU K 320 53.97 -11.96 -18.22
C GLU K 320 54.46 -11.41 -16.92
N THR K 321 54.10 -10.18 -16.58
CA THR K 321 54.63 -9.64 -15.36
C THR K 321 54.05 -10.41 -14.18
N GLU K 322 52.76 -10.69 -14.20
CA GLU K 322 52.19 -11.32 -13.03
C GLU K 322 52.62 -12.78 -12.84
N GLN K 323 52.68 -13.53 -13.92
CA GLN K 323 52.89 -14.96 -13.83
C GLN K 323 54.35 -15.35 -13.84
N ILE K 324 55.24 -14.38 -14.00
CA ILE K 324 56.65 -14.75 -14.07
C ILE K 324 57.10 -15.26 -12.70
N ALA K 325 58.02 -16.23 -12.67
CA ALA K 325 58.48 -16.84 -11.42
C ALA K 325 59.99 -16.86 -11.34
N PHE K 326 60.57 -16.29 -10.31
CA PHE K 326 62.03 -16.32 -10.20
C PHE K 326 62.37 -17.18 -9.01
N SER K 327 63.56 -17.78 -9.03
CA SER K 327 64.09 -18.50 -7.87
C SER K 327 65.59 -18.39 -7.86
N PRO K 328 66.21 -18.19 -6.67
CA PRO K 328 67.66 -18.16 -6.56
C PRO K 328 68.25 -19.49 -6.99
N SER K 329 67.54 -20.59 -6.79
CA SER K 329 68.06 -21.91 -7.18
C SER K 329 68.06 -22.15 -8.68
N HIS K 330 67.43 -21.25 -9.45
CA HIS K 330 67.53 -21.29 -10.91
C HIS K 330 68.87 -20.68 -11.35
N THR K 331 69.87 -21.52 -11.54
CA THR K 331 71.20 -21.01 -11.85
C THR K 331 71.81 -21.74 -13.00
N VAL K 332 73.01 -21.33 -13.41
CA VAL K 332 73.67 -21.99 -14.54
C VAL K 332 75.03 -22.50 -14.12
N PRO K 333 75.61 -23.47 -14.88
CA PRO K 333 76.97 -23.96 -14.56
C PRO K 333 77.96 -22.77 -14.45
N GLY K 334 78.75 -22.72 -13.38
CA GLY K 334 79.69 -21.63 -13.18
C GLY K 334 79.26 -20.70 -12.08
N MET K 335 78.01 -20.84 -11.65
CA MET K 335 77.50 -20.03 -10.55
C MET K 335 76.82 -20.96 -9.57
N GLU K 336 77.28 -20.97 -8.32
CA GLU K 336 76.62 -21.71 -7.24
C GLU K 336 76.20 -20.77 -6.09
N PRO K 337 75.19 -21.17 -5.28
CA PRO K 337 74.89 -20.43 -4.05
C PRO K 337 75.88 -20.69 -2.92
N SER K 338 76.07 -19.75 -2.00
CA SER K 338 76.99 -19.95 -0.87
C SER K 338 76.29 -20.57 0.32
N ASN K 339 76.95 -20.60 1.48
CA ASN K 339 76.34 -21.22 2.67
C ASN K 339 75.49 -20.23 3.49
N ASP K 340 75.41 -19.01 2.99
CA ASP K 340 74.53 -18.02 3.57
C ASP K 340 73.18 -18.68 3.86
N PRO K 341 72.88 -18.92 5.14
CA PRO K 341 71.68 -19.69 5.46
C PRO K 341 70.34 -19.06 4.96
N VAL K 342 70.26 -17.74 4.89
CA VAL K 342 69.05 -17.09 4.35
C VAL K 342 68.87 -17.53 2.89
N LEU K 343 69.91 -17.28 2.09
CA LEU K 343 69.94 -17.75 0.73
C LEU K 343 69.63 -19.26 0.64
N GLN K 344 70.30 -20.11 1.41
CA GLN K 344 70.05 -21.54 1.36
C GLN K 344 68.55 -21.83 1.43
N SER K 345 67.83 -21.15 2.32
CA SER K 345 66.41 -21.47 2.52
C SER K 345 65.62 -20.92 1.36
N ARG K 346 66.10 -19.83 0.78
CA ARG K 346 65.42 -19.34 -0.40
C ARG K 346 65.39 -20.40 -1.50
N LEU K 347 66.51 -21.09 -1.71
CA LEU K 347 66.57 -22.16 -2.74
C LEU K 347 65.33 -23.07 -2.75
N PHE K 348 64.78 -23.31 -1.57
CA PHE K 348 63.63 -24.17 -1.54
C PHE K 348 62.34 -23.34 -1.71
N SER K 349 62.24 -22.21 -1.02
CA SER K 349 60.99 -21.49 -0.92
C SER K 349 60.36 -21.12 -2.23
N TYR K 350 61.14 -20.48 -3.10
CA TYR K 350 60.58 -19.90 -4.31
C TYR K 350 59.94 -20.99 -5.18
N PRO K 351 60.68 -22.05 -5.54
CA PRO K 351 59.98 -23.07 -6.31
C PRO K 351 58.76 -23.58 -5.59
N ASP K 352 58.87 -23.78 -4.27
CA ASP K 352 57.75 -24.28 -3.48
C ASP K 352 56.53 -23.36 -3.64
N THR K 353 56.74 -22.06 -3.42
CA THR K 353 55.65 -21.12 -3.53
C THR K 353 55.16 -20.99 -4.97
N HIS K 354 56.03 -21.26 -5.95
CA HIS K 354 55.58 -21.22 -7.35
C HIS K 354 54.56 -22.30 -7.62
N ARG K 355 54.80 -23.49 -7.10
CA ARG K 355 53.87 -24.61 -7.28
C ARG K 355 52.55 -24.32 -6.64
N HIS K 356 52.50 -23.37 -5.71
CA HIS K 356 51.21 -22.94 -5.16
C HIS K 356 50.54 -21.75 -5.87
N ARG K 357 51.29 -20.68 -6.06
CA ARG K 357 50.73 -19.48 -6.70
C ARG K 357 50.29 -19.75 -8.13
N LEU K 358 51.11 -20.45 -8.89
CA LEU K 358 50.87 -20.61 -10.30
C LEU K 358 50.36 -22.01 -10.63
N GLY K 359 51.13 -23.01 -10.22
CA GLY K 359 50.68 -24.37 -10.41
C GLY K 359 51.84 -25.31 -10.64
N PRO K 360 51.59 -26.62 -10.47
CA PRO K 360 52.66 -27.60 -10.57
C PRO K 360 53.54 -27.39 -11.81
N ASN K 361 52.93 -27.07 -12.95
CA ASN K 361 53.68 -27.01 -14.19
C ASN K 361 53.98 -25.58 -14.64
N TYR K 362 54.31 -24.69 -13.72
CA TYR K 362 54.34 -23.28 -14.04
C TYR K 362 55.44 -22.87 -15.01
N HIS K 363 56.44 -23.74 -15.16
CA HIS K 363 57.58 -23.47 -16.03
C HIS K 363 57.14 -23.63 -17.50
N GLN K 364 55.92 -24.13 -17.70
CA GLN K 364 55.33 -24.19 -19.04
C GLN K 364 54.67 -22.87 -19.51
N ILE K 365 54.40 -21.96 -18.59
CA ILE K 365 54.00 -20.61 -18.93
C ILE K 365 55.11 -19.87 -19.70
N PRO K 366 54.78 -19.34 -20.88
CA PRO K 366 55.80 -18.70 -21.72
C PRO K 366 56.95 -17.91 -21.01
N VAL K 367 56.67 -16.91 -20.16
CA VAL K 367 57.78 -16.12 -19.60
C VAL K 367 58.66 -16.98 -18.75
N ASN K 368 58.14 -18.14 -18.35
CA ASN K 368 58.91 -18.98 -17.48
C ASN K 368 59.70 -20.04 -18.24
N CYS K 369 59.45 -20.20 -19.54
CA CYS K 369 60.18 -21.18 -20.36
C CYS K 369 61.68 -20.88 -20.51
N PRO K 370 62.52 -21.94 -20.57
CA PRO K 370 63.89 -21.76 -20.99
C PRO K 370 63.87 -21.52 -22.50
N LEU K 371 63.75 -20.26 -22.90
CA LEU K 371 63.55 -19.93 -24.33
C LEU K 371 64.80 -20.13 -25.14
N LYS K 372 65.97 -19.76 -24.58
CA LYS K 372 67.23 -19.84 -25.35
C LYS K 372 67.78 -21.29 -25.48
N SER K 373 67.75 -22.03 -24.37
CA SER K 373 68.07 -23.44 -24.43
C SER K 373 66.73 -24.12 -24.39
N GLY K 374 66.59 -25.30 -25.00
CA GLY K 374 65.37 -26.06 -24.74
C GLY K 374 65.49 -26.66 -23.33
N SER K 375 64.60 -27.60 -23.05
CA SER K 375 64.80 -28.43 -21.90
C SER K 375 64.47 -29.80 -22.39
N PHE K 376 65.05 -30.81 -21.72
CA PHE K 376 64.74 -32.16 -22.01
C PHE K 376 64.88 -32.84 -20.66
N ASN K 377 63.74 -33.08 -20.01
CA ASN K 377 63.76 -33.71 -18.68
C ASN K 377 62.75 -34.88 -18.60
N PRO K 378 63.04 -35.97 -19.30
CA PRO K 378 62.01 -36.99 -19.47
C PRO K 378 61.54 -37.61 -18.16
N ILE K 379 62.13 -37.23 -17.02
CA ILE K 379 61.72 -37.83 -15.73
C ILE K 379 60.54 -37.12 -15.14
N ASN K 380 60.37 -35.86 -15.53
CA ASN K 380 59.31 -35.05 -15.03
C ASN K 380 58.20 -35.07 -16.06
N ARG K 381 57.10 -35.73 -15.76
CA ARG K 381 55.99 -35.83 -16.70
C ARG K 381 54.65 -35.64 -15.99
N ASP K 382 53.59 -35.46 -16.80
CA ASP K 382 52.18 -35.31 -16.38
C ASP K 382 52.00 -34.12 -15.48
N GLY K 383 51.14 -34.27 -14.47
CA GLY K 383 50.78 -33.15 -13.60
C GLY K 383 49.76 -32.23 -14.24
N PRO K 384 49.07 -31.42 -13.42
CA PRO K 384 48.00 -30.54 -13.94
C PRO K 384 48.43 -29.59 -15.07
N MET K 385 47.52 -29.34 -16.00
CA MET K 385 47.74 -28.31 -17.01
C MET K 385 49.04 -28.56 -17.75
N CYS K 386 49.17 -29.77 -18.24
CA CYS K 386 50.33 -30.13 -19.00
C CYS K 386 50.13 -29.79 -20.48
N VAL K 387 50.77 -28.69 -20.90
CA VAL K 387 50.48 -28.10 -22.22
C VAL K 387 51.62 -28.16 -23.26
N ASP K 388 52.82 -28.56 -22.84
CA ASP K 388 54.02 -28.60 -23.71
C ASP K 388 54.19 -29.91 -24.47
N GLY K 389 53.18 -30.79 -24.44
CA GLY K 389 53.25 -32.05 -25.22
C GLY K 389 53.74 -33.27 -24.44
N ASN K 390 54.32 -33.05 -23.26
CA ASN K 390 54.68 -34.13 -22.33
C ASN K 390 55.67 -35.12 -22.97
N LEU K 391 56.49 -34.58 -23.89
CA LEU K 391 57.52 -35.31 -24.59
C LEU K 391 56.98 -36.54 -25.29
N GLY K 392 55.71 -36.57 -25.63
CA GLY K 392 55.23 -37.71 -26.42
C GLY K 392 55.70 -39.02 -25.83
N GLY K 393 56.18 -39.92 -26.68
CA GLY K 393 56.42 -41.27 -26.24
C GLY K 393 57.81 -41.51 -25.72
N THR K 394 58.56 -40.45 -25.46
CA THR K 394 59.92 -40.57 -24.88
C THR K 394 59.87 -41.24 -23.50
N PRO K 395 60.71 -42.24 -23.29
CA PRO K 395 60.71 -43.04 -22.07
C PRO K 395 61.03 -42.19 -20.85
N ASN K 396 60.39 -42.53 -19.74
CA ASN K 396 60.41 -41.67 -18.59
C ASN K 396 61.29 -42.19 -17.49
N TYR K 397 62.36 -42.90 -17.85
CA TYR K 397 63.43 -43.28 -16.91
C TYR K 397 64.78 -43.23 -17.59
N ALA K 398 65.85 -43.13 -16.80
CA ALA K 398 67.17 -42.87 -17.33
C ALA K 398 67.80 -44.14 -17.84
N ASN K 399 68.64 -44.03 -18.89
CA ASN K 399 69.29 -45.15 -19.57
C ASN K 399 68.28 -46.20 -20.00
N ALA K 400 67.16 -45.74 -20.56
CA ALA K 400 66.24 -46.68 -21.18
C ALA K 400 66.94 -47.22 -22.40
N TYR K 401 66.63 -48.48 -22.71
CA TYR K 401 67.33 -49.17 -23.78
C TYR K 401 67.07 -48.54 -25.16
N ASN K 402 65.91 -47.91 -25.34
CA ASN K 402 65.49 -47.34 -26.63
C ASN K 402 65.42 -45.80 -26.69
N CYS K 403 66.34 -45.16 -26.00
CA CYS K 403 66.45 -43.72 -26.03
C CYS K 403 67.84 -43.37 -25.54
N PRO K 404 68.79 -43.17 -26.47
CA PRO K 404 70.10 -42.63 -26.04
C PRO K 404 69.99 -41.19 -25.48
N ILE K 405 70.66 -40.94 -24.35
CA ILE K 405 70.72 -39.61 -23.72
C ILE K 405 72.18 -39.19 -23.41
N GLN K 406 72.48 -37.95 -23.78
CA GLN K 406 73.75 -37.28 -23.47
C GLN K 406 73.73 -36.59 -22.08
N TYR K 407 74.77 -36.87 -21.27
CA TYR K 407 75.01 -36.19 -19.98
C TYR K 407 76.33 -35.36 -20.03
N ALA K 408 76.33 -34.20 -19.36
CA ALA K 408 77.45 -33.23 -19.49
C ALA K 408 78.89 -33.77 -19.21
N LYS K 417 89.06 -30.17 -7.84
CA LYS K 417 89.66 -29.03 -7.09
C LYS K 417 89.21 -28.88 -5.60
N PRO K 418 90.11 -28.34 -4.74
CA PRO K 418 89.79 -28.04 -3.33
C PRO K 418 88.60 -27.08 -3.11
N ASP K 419 87.58 -27.56 -2.40
CA ASP K 419 86.38 -26.81 -2.04
C ASP K 419 86.39 -26.50 -0.53
N GLU K 420 85.20 -26.20 0.03
CA GLU K 420 85.01 -25.89 1.45
C GLU K 420 84.92 -27.19 2.25
N LYS K 421 85.60 -27.25 3.40
CA LYS K 421 85.61 -28.48 4.23
C LYS K 421 84.87 -28.36 5.57
N TYR K 422 84.19 -29.45 5.96
CA TYR K 422 83.25 -29.43 7.07
C TYR K 422 83.70 -30.39 8.16
N THR K 423 83.50 -30.00 9.43
CA THR K 423 83.85 -30.82 10.61
C THR K 423 82.85 -30.63 11.75
N GLY K 424 82.34 -31.74 12.28
CA GLY K 424 81.49 -31.67 13.46
C GLY K 424 80.26 -32.55 13.39
N GLU K 425 79.38 -32.34 14.37
CA GLU K 425 78.10 -33.04 14.41
C GLU K 425 77.05 -32.15 13.78
N VAL K 426 75.83 -32.68 13.64
CA VAL K 426 74.67 -31.90 13.21
C VAL K 426 74.28 -30.98 14.34
N VAL K 427 74.24 -29.69 14.06
CA VAL K 427 74.07 -28.71 15.11
C VAL K 427 72.92 -27.76 14.78
N PRO K 428 72.05 -27.48 15.77
CA PRO K 428 71.04 -26.44 15.70
C PRO K 428 71.62 -25.09 16.04
N TYR K 429 71.44 -24.10 15.19
CA TYR K 429 72.09 -22.82 15.41
C TYR K 429 71.20 -21.61 15.09
N HIS K 430 71.28 -20.62 15.97
CA HIS K 430 70.60 -19.37 15.83
C HIS K 430 71.70 -18.34 16.08
N TRP K 431 71.99 -17.52 15.07
CA TRP K 431 73.16 -16.63 15.11
C TRP K 431 73.19 -15.82 16.40
N GLU K 432 74.30 -15.94 17.13
CA GLU K 432 74.49 -15.23 18.40
C GLU K 432 75.19 -13.89 18.18
N HIS K 433 74.64 -12.85 18.79
CA HIS K 433 75.16 -11.49 18.68
C HIS K 433 76.61 -11.35 19.21
N THR K 434 77.44 -10.62 18.48
CA THR K 434 78.79 -10.27 18.93
C THR K 434 78.96 -8.76 18.76
N ASP K 435 79.95 -8.18 19.44
CA ASP K 435 80.13 -6.70 19.44
C ASP K 435 80.23 -6.07 18.06
N TYR K 436 80.81 -6.79 17.12
CA TYR K 436 80.98 -6.29 15.76
C TYR K 436 79.65 -6.01 15.07
N ASP K 437 78.61 -6.76 15.42
CA ASP K 437 77.31 -6.56 14.79
C ASP K 437 76.86 -5.09 14.84
N TYR K 438 77.22 -4.36 15.90
CA TYR K 438 76.81 -2.97 16.01
C TYR K 438 77.68 -2.00 15.19
N PHE K 439 78.83 -2.49 14.73
CA PHE K 439 79.86 -1.65 14.12
C PHE K 439 79.40 -1.10 12.76
N GLN K 440 78.78 -1.94 11.95
CA GLN K 440 78.39 -1.51 10.61
C GLN K 440 77.19 -0.54 10.49
N PRO K 441 76.19 -0.66 11.39
CA PRO K 441 75.22 0.41 11.54
C PRO K 441 75.87 1.72 11.98
N LYS K 442 76.89 1.63 12.83
CA LYS K 442 77.62 2.81 13.34
C LYS K 442 78.20 3.56 12.15
N MET K 443 78.91 2.84 11.30
CA MET K 443 79.48 3.41 10.11
C MET K 443 78.43 4.04 9.22
N PHE K 444 77.25 3.42 9.19
CA PHE K 444 76.21 3.92 8.31
C PHE K 444 75.71 5.27 8.81
N TRP K 445 75.69 5.47 10.12
CA TRP K 445 75.28 6.75 10.65
C TRP K 445 76.22 7.84 10.16
N LYS K 446 77.52 7.52 10.10
CA LYS K 446 78.54 8.48 9.63
C LYS K 446 78.50 8.74 8.12
N VAL K 447 78.08 7.75 7.34
CA VAL K 447 77.90 7.90 5.88
C VAL K 447 76.70 8.83 5.55
N LEU K 448 75.58 8.65 6.25
CA LEU K 448 74.57 9.71 6.32
C LEU K 448 75.24 10.85 7.06
N GLY K 449 74.79 12.08 6.85
CA GLY K 449 75.44 13.18 7.57
C GLY K 449 76.80 13.54 7.00
N ARG K 450 77.18 12.84 5.93
CA ARG K 450 78.09 13.42 4.96
C ARG K 450 77.21 14.12 3.94
N THR K 451 75.90 13.99 4.12
CA THR K 451 74.92 14.75 3.38
C THR K 451 73.98 15.45 4.37
N PRO K 452 73.93 16.79 4.31
CA PRO K 452 72.94 17.53 5.10
C PRO K 452 71.51 16.98 4.94
N GLY K 453 70.78 16.92 6.05
CA GLY K 453 69.37 16.50 6.06
C GLY K 453 69.15 15.00 6.17
N GLU K 454 70.16 14.22 5.71
CA GLU K 454 70.04 12.76 5.64
C GLU K 454 69.84 12.14 7.01
N GLN K 455 70.62 12.61 7.96
CA GLN K 455 70.53 12.18 9.34
C GLN K 455 69.22 12.64 9.98
N GLU K 456 68.85 13.88 9.75
CA GLU K 456 67.65 14.41 10.40
C GLU K 456 66.37 13.80 9.82
N SER K 457 66.45 13.34 8.56
CA SER K 457 65.34 12.60 7.91
C SER K 457 65.07 11.23 8.58
N LEU K 458 66.15 10.46 8.73
CA LEU K 458 66.12 9.20 9.47
C LEU K 458 65.38 9.42 10.76
N VAL K 459 65.86 10.35 11.58
CA VAL K 459 65.24 10.66 12.85
C VAL K 459 63.76 10.99 12.68
N LYS K 460 63.45 11.83 11.69
CA LYS K 460 62.09 12.31 11.54
C LYS K 460 61.19 11.16 11.12
N ASN K 461 61.73 10.31 10.24
CA ASN K 461 61.00 9.17 9.69
C ASN K 461 60.69 8.05 10.68
N VAL K 462 61.66 7.75 11.53
CA VAL K 462 61.47 6.83 12.62
C VAL K 462 60.49 7.40 13.63
N ALA K 463 60.41 8.72 13.75
CA ALA K 463 59.60 9.33 14.80
C ALA K 463 58.13 9.47 14.43
N ASN K 464 57.85 9.64 13.14
CA ASN K 464 56.47 9.68 12.71
C ASN K 464 55.82 8.31 12.77
N HIS K 465 56.59 7.29 12.38
CA HIS K 465 56.11 5.91 12.40
C HIS K 465 55.86 5.50 13.83
N VAL K 466 56.86 5.67 14.69
CA VAL K 466 56.81 5.14 16.05
C VAL K 466 55.90 5.92 16.99
N SER K 467 55.39 7.06 16.53
CA SER K 467 54.57 7.89 17.41
C SER K 467 53.22 7.24 17.73
N ALA K 468 52.82 6.26 16.91
CA ALA K 468 51.53 5.58 17.06
C ALA K 468 51.65 4.34 17.94
N ALA K 469 52.89 3.95 18.20
CA ALA K 469 53.19 2.86 19.09
C ALA K 469 53.02 3.33 20.54
N ASP K 470 52.67 2.40 21.42
CA ASP K 470 52.54 2.68 22.85
C ASP K 470 53.89 3.07 23.49
N GLU K 471 53.80 3.79 24.61
CA GLU K 471 55.00 4.33 25.25
C GLU K 471 56.07 3.30 25.51
N PHE K 472 55.68 2.16 26.08
CA PHE K 472 56.61 1.14 26.53
C PHE K 472 57.40 0.54 25.38
N ILE K 473 56.87 0.75 24.18
CA ILE K 473 57.46 0.20 22.98
C ILE K 473 58.31 1.26 22.25
N GLN K 474 57.86 2.52 22.27
CA GLN K 474 58.71 3.67 21.95
C GLN K 474 60.04 3.63 22.69
N ASP K 475 60.00 3.42 24.01
CA ASP K 475 61.22 3.29 24.84
C ASP K 475 62.21 2.24 24.33
N ARG K 476 61.74 1.02 24.02
CA ARG K 476 62.60 -0.01 23.43
C ARG K 476 63.20 0.41 22.08
N VAL K 477 62.46 1.21 21.31
CA VAL K 477 62.95 1.73 20.04
C VAL K 477 64.15 2.69 20.20
N TYR K 478 64.07 3.58 21.18
CA TYR K 478 65.18 4.51 21.45
C TYR K 478 66.42 3.71 21.83
N GLU K 479 66.30 2.80 22.78
CA GLU K 479 67.40 1.88 23.10
C GLU K 479 68.02 1.25 21.86
N TYR K 480 67.17 0.81 20.94
CA TYR K 480 67.56 0.03 19.78
C TYR K 480 68.46 0.83 18.84
N PHE K 481 68.00 2.01 18.48
CA PHE K 481 68.80 2.90 17.64
C PHE K 481 70.09 3.35 18.33
N SER K 482 69.98 3.63 19.63
CA SER K 482 71.11 4.06 20.44
C SER K 482 72.20 2.99 20.59
N LYS K 483 71.92 1.77 20.14
CA LYS K 483 72.95 0.72 20.04
C LYS K 483 73.89 1.00 18.88
N ALA K 484 73.44 1.76 17.88
CA ALA K 484 74.33 2.16 16.79
C ALA K 484 75.18 3.39 17.18
N GLU K 485 74.47 4.45 17.57
CA GLU K 485 75.05 5.67 18.13
C GLU K 485 74.07 6.20 19.17
N PRO K 486 74.57 6.48 20.38
CA PRO K 486 73.63 6.87 21.42
C PRO K 486 72.86 8.16 21.12
N ILE K 487 73.37 9.05 20.26
CA ILE K 487 72.65 10.29 19.97
C ILE K 487 71.27 9.99 19.40
N ILE K 488 71.25 9.01 18.48
CA ILE K 488 70.07 8.65 17.71
C ILE K 488 68.83 8.40 18.58
N GLY K 489 69.02 7.67 19.67
CA GLY K 489 67.93 7.38 20.58
C GLY K 489 67.40 8.70 21.08
N ASP K 490 68.31 9.51 21.60
CA ASP K 490 67.95 10.77 22.25
C ASP K 490 67.24 11.71 21.29
N LEU K 491 67.70 11.72 20.04
CA LEU K 491 67.12 12.59 19.02
C LEU K 491 65.73 12.16 18.57
N ILE K 492 65.53 10.85 18.41
CA ILE K 492 64.22 10.31 18.12
C ILE K 492 63.26 10.59 19.29
N ARG K 493 63.68 10.32 20.53
CA ARG K 493 62.86 10.64 21.69
C ARG K 493 62.44 12.11 21.66
N LYS K 494 63.40 12.96 21.30
CA LYS K 494 63.18 14.39 21.29
C LYS K 494 62.12 14.78 20.26
N LYS K 495 62.19 14.20 19.06
CA LYS K 495 61.20 14.48 18.04
C LYS K 495 59.86 13.75 18.24
N VAL K 496 59.85 12.64 18.98
CA VAL K 496 58.56 12.01 19.35
C VAL K 496 57.84 12.88 20.38
N GLN K 497 58.62 13.35 21.37
CA GLN K 497 58.12 14.25 22.40
C GLN K 497 57.69 15.58 21.77
N GLU K 498 58.41 15.99 20.72
CA GLU K 498 58.02 17.17 19.92
C GLU K 498 56.76 16.96 19.10
N LEU K 499 56.60 15.80 18.45
CA LEU K 499 55.40 15.53 17.65
C LEU K 499 54.15 15.46 18.51
N LYS K 500 54.29 14.98 19.74
CA LYS K 500 53.17 14.85 20.68
C LYS K 500 52.58 16.18 21.12
N ARG K 501 53.47 17.13 21.45
CA ARG K 501 53.12 18.48 21.92
C ARG K 501 51.99 19.11 21.09
N LYS K 502 52.07 18.95 19.76
CA LYS K 502 50.97 19.29 18.86
C LYS K 502 49.77 18.36 19.16
N ALA K 503 48.88 18.78 20.06
CA ALA K 503 47.73 17.99 20.49
N VAL L 8 70.32 -32.93 -25.18
CA VAL L 8 71.00 -32.68 -23.86
C VAL L 8 70.05 -32.68 -22.66
N PHE L 9 70.40 -33.46 -21.64
CA PHE L 9 69.56 -33.71 -20.45
C PHE L 9 69.63 -32.58 -19.38
N THR L 10 68.48 -31.99 -19.05
CA THR L 10 68.42 -30.78 -18.21
C THR L 10 67.44 -30.81 -17.02
N THR L 11 67.49 -29.75 -16.22
CA THR L 11 66.48 -29.46 -15.22
C THR L 11 65.29 -28.82 -15.94
N SER L 12 64.20 -28.56 -15.20
CA SER L 12 62.97 -27.98 -15.76
C SER L 12 63.25 -26.60 -16.31
N GLN L 13 64.32 -25.98 -15.79
CA GLN L 13 64.75 -24.62 -16.15
C GLN L 13 65.84 -24.54 -17.24
N GLY L 14 66.26 -25.68 -17.77
CA GLY L 14 67.19 -25.73 -18.91
C GLY L 14 68.66 -25.84 -18.53
N CYS L 15 68.95 -25.87 -17.24
CA CYS L 15 70.31 -26.11 -16.79
C CYS L 15 70.70 -27.59 -17.03
N PRO L 16 71.79 -27.83 -17.82
CA PRO L 16 72.21 -29.20 -18.17
C PRO L 16 72.58 -30.01 -16.92
N VAL L 17 72.36 -31.33 -16.97
CA VAL L 17 72.68 -32.20 -15.82
C VAL L 17 73.71 -33.29 -16.16
N SER L 18 74.74 -33.43 -15.31
CA SER L 18 75.85 -34.37 -15.57
C SER L 18 75.60 -35.88 -15.25
N ASP L 19 74.89 -36.14 -14.16
CA ASP L 19 74.63 -37.50 -13.76
C ASP L 19 73.21 -37.57 -13.25
N PRO L 20 72.38 -38.47 -13.81
CA PRO L 20 70.96 -38.49 -13.43
C PRO L 20 70.71 -39.02 -12.02
N PHE L 21 71.71 -39.71 -11.45
CA PHE L 21 71.46 -40.48 -10.25
C PHE L 21 72.08 -39.96 -8.98
N THR L 22 72.95 -38.96 -9.06
CA THR L 22 73.68 -38.48 -7.86
C THR L 22 72.87 -37.55 -7.02
N THR L 23 73.11 -37.60 -5.71
CA THR L 23 72.57 -36.59 -4.79
C THR L 23 73.62 -36.07 -3.85
N GLN L 24 73.50 -34.80 -3.47
CA GLN L 24 74.50 -34.14 -2.66
C GLN L 24 74.47 -34.49 -1.18
N ARG L 25 75.64 -34.81 -0.62
CA ARG L 25 75.78 -35.05 0.81
C ARG L 25 77.15 -34.67 1.34
N ILE L 26 77.21 -34.41 2.65
CA ILE L 26 78.48 -34.29 3.39
C ILE L 26 78.67 -35.59 4.13
N PRO L 27 79.79 -36.29 3.87
CA PRO L 27 79.90 -37.65 4.37
C PRO L 27 80.27 -37.72 5.85
N LEU L 28 79.83 -38.78 6.50
CA LEU L 28 80.33 -39.14 7.81
C LEU L 28 81.82 -39.40 7.71
N ASP L 29 82.53 -39.10 8.79
CA ASP L 29 83.90 -39.54 9.01
C ASP L 29 83.99 -41.06 8.89
N SER L 30 84.94 -41.52 8.10
CA SER L 30 85.06 -42.95 7.79
C SER L 30 85.97 -43.76 8.73
N THR L 31 86.70 -43.10 9.64
CA THR L 31 87.67 -43.82 10.47
C THR L 31 86.96 -44.84 11.36
N GLY L 32 87.39 -46.09 11.31
CA GLY L 32 86.78 -47.16 12.12
C GLY L 32 85.87 -48.11 11.35
N TYR L 33 85.51 -47.71 10.12
CA TYR L 33 84.59 -48.47 9.30
C TYR L 33 85.27 -49.52 8.43
N LYS L 34 84.78 -50.76 8.50
CA LYS L 34 85.15 -51.82 7.57
C LYS L 34 84.63 -51.49 6.18
N TYR L 35 83.47 -50.83 6.14
CA TYR L 35 82.78 -50.33 4.94
C TYR L 35 82.45 -48.86 5.14
N ALA L 36 82.94 -48.00 4.25
CA ALA L 36 82.75 -46.55 4.43
C ALA L 36 82.32 -45.78 3.17
N PRO L 37 81.08 -46.04 2.68
CA PRO L 37 80.65 -45.25 1.53
C PRO L 37 80.30 -43.86 2.03
N PRO L 38 80.46 -42.85 1.17
CA PRO L 38 80.25 -41.50 1.64
C PRO L 38 78.78 -41.22 1.86
N ILE L 39 78.32 -41.43 3.09
CA ILE L 39 76.93 -41.18 3.42
C ILE L 39 76.79 -40.03 4.39
N GLY L 40 75.76 -39.22 4.18
CA GLY L 40 75.42 -38.10 5.05
C GLY L 40 74.03 -37.58 4.71
N PRO L 41 73.57 -36.56 5.45
CA PRO L 41 72.24 -36.00 5.30
C PRO L 41 72.12 -35.23 3.99
N LEU L 42 70.97 -35.41 3.33
CA LEU L 42 70.64 -34.78 2.06
C LEU L 42 70.48 -33.28 2.27
N LEU L 43 70.80 -32.49 1.25
CA LEU L 43 70.80 -31.02 1.36
C LEU L 43 69.67 -30.26 0.65
N LEU L 44 69.25 -29.16 1.24
CA LEU L 44 68.21 -28.30 0.62
C LEU L 44 68.67 -27.71 -0.67
N GLN L 45 69.97 -27.49 -0.83
CA GLN L 45 70.50 -26.90 -2.05
C GLN L 45 70.56 -27.90 -3.23
N ASP L 46 70.19 -29.15 -3.00
CA ASP L 46 70.23 -30.13 -4.11
C ASP L 46 69.08 -29.94 -5.08
N PHE L 47 69.18 -28.93 -5.94
CA PHE L 47 68.08 -28.57 -6.80
C PHE L 47 67.59 -29.73 -7.62
N LYS L 48 68.50 -30.46 -8.23
CA LYS L 48 68.10 -31.59 -9.05
C LYS L 48 67.19 -32.55 -8.28
N LEU L 49 67.55 -32.78 -7.03
CA LEU L 49 66.78 -33.67 -6.23
C LEU L 49 65.37 -33.10 -6.03
N ILE L 50 65.28 -31.88 -5.49
CA ILE L 50 63.99 -31.32 -5.10
C ILE L 50 63.13 -31.14 -6.33
N ASP L 51 63.75 -30.67 -7.40
CA ASP L 51 63.02 -30.41 -8.65
C ASP L 51 62.40 -31.68 -9.17
N THR L 52 63.12 -32.79 -9.14
CA THR L 52 62.52 -33.96 -9.77
C THR L 52 61.54 -34.61 -8.82
N LEU L 53 61.84 -34.62 -7.54
CA LEU L 53 60.93 -35.26 -6.62
C LEU L 53 59.61 -34.51 -6.53
N SER L 54 59.67 -33.17 -6.50
CA SER L 54 58.47 -32.41 -6.23
C SER L 54 57.52 -32.47 -7.42
N HIS L 55 58.13 -32.67 -8.60
CA HIS L 55 57.32 -32.91 -9.75
C HIS L 55 56.74 -34.33 -9.67
N PHE L 56 57.54 -35.29 -9.22
CA PHE L 56 57.01 -36.63 -9.10
C PHE L 56 55.80 -36.60 -8.17
N ASP L 57 55.96 -35.92 -7.03
CA ASP L 57 54.86 -35.70 -6.09
C ASP L 57 53.57 -35.18 -6.69
N ARG L 58 53.64 -34.56 -7.87
CA ARG L 58 52.50 -33.85 -8.41
C ARG L 58 51.95 -34.40 -9.72
N GLU L 59 52.32 -35.62 -10.06
CA GLU L 59 51.95 -36.19 -11.34
C GLU L 59 50.47 -36.49 -11.52
N ARG L 60 49.69 -36.59 -10.44
CA ARG L 60 48.31 -37.09 -10.60
C ARG L 60 47.27 -36.02 -10.55
N ILE L 61 46.29 -36.13 -11.43
CA ILE L 61 45.11 -35.24 -11.36
C ILE L 61 43.87 -36.08 -11.08
N PRO L 62 42.74 -35.48 -10.70
CA PRO L 62 41.61 -36.35 -10.44
C PRO L 62 41.19 -37.11 -11.69
N GLU L 63 40.76 -38.36 -11.54
CA GLU L 63 40.09 -39.04 -12.65
C GLU L 63 38.66 -38.48 -12.90
N ARG L 64 38.13 -38.64 -14.10
CA ARG L 64 36.77 -38.20 -14.39
C ARG L 64 35.84 -38.87 -13.40
N VAL L 65 34.83 -38.17 -12.88
CA VAL L 65 33.84 -38.80 -11.94
C VAL L 65 33.17 -40.06 -12.48
N VAL L 66 32.95 -40.07 -13.80
CA VAL L 66 32.47 -41.24 -14.50
C VAL L 66 33.25 -41.36 -15.79
N HIS L 67 33.25 -42.55 -16.40
CA HIS L 67 34.06 -42.84 -17.58
C HIS L 67 35.55 -42.61 -17.36
N ALA L 68 36.03 -42.93 -16.16
CA ALA L 68 37.44 -42.76 -15.84
C ALA L 68 38.39 -43.57 -16.72
N LYS L 69 37.96 -44.77 -17.10
CA LYS L 69 38.80 -45.73 -17.81
C LYS L 69 38.53 -45.67 -19.31
N GLY L 70 39.56 -45.34 -20.09
CA GLY L 70 39.39 -45.11 -21.52
C GLY L 70 40.60 -45.23 -22.43
N ALA L 71 40.34 -45.10 -23.72
CA ALA L 71 41.38 -45.09 -24.73
C ALA L 71 40.91 -44.22 -25.84
N GLY L 72 41.84 -43.52 -26.50
CA GLY L 72 41.53 -42.62 -27.59
C GLY L 72 42.46 -42.72 -28.77
N ALA L 73 42.04 -42.10 -29.88
CA ALA L 73 42.81 -42.02 -31.12
C ALA L 73 42.32 -40.86 -32.01
N TYR L 74 43.21 -40.41 -32.88
CA TYR L 74 42.82 -39.42 -33.83
C TYR L 74 42.28 -40.08 -35.09
N GLY L 75 41.58 -39.32 -35.91
CA GLY L 75 41.01 -39.83 -37.14
C GLY L 75 40.48 -38.71 -38.01
N VAL L 76 39.67 -39.07 -39.00
CA VAL L 76 39.15 -38.15 -39.99
C VAL L 76 37.71 -38.53 -40.19
N PHE L 77 36.88 -37.50 -40.24
CA PHE L 77 35.47 -37.62 -40.69
C PHE L 77 35.30 -37.04 -42.09
N GLU L 78 34.54 -37.74 -42.94
CA GLU L 78 34.26 -37.29 -44.31
C GLU L 78 32.75 -37.21 -44.53
N VAL L 79 32.28 -36.10 -45.13
CA VAL L 79 30.87 -35.96 -45.50
C VAL L 79 30.66 -36.69 -46.81
N THR L 80 29.72 -37.63 -46.84
CA THR L 80 29.53 -38.47 -48.04
C THR L 80 28.24 -38.24 -48.84
N ASP L 81 27.31 -37.51 -48.24
CA ASP L 81 26.03 -37.22 -48.87
C ASP L 81 25.61 -35.78 -48.55
N ASP L 82 24.66 -35.23 -49.33
CA ASP L 82 24.21 -33.86 -49.10
C ASP L 82 23.07 -33.92 -48.12
N ILE L 83 23.29 -33.40 -46.91
CA ILE L 83 22.19 -33.16 -45.96
C ILE L 83 22.02 -31.69 -45.57
N THR L 84 22.45 -30.78 -46.45
CA THR L 84 22.36 -29.36 -46.20
C THR L 84 20.93 -28.87 -46.04
N ASP L 85 20.00 -29.71 -46.50
CA ASP L 85 18.58 -29.44 -46.35
C ASP L 85 18.15 -29.59 -44.90
N VAL L 86 18.87 -30.45 -44.18
CA VAL L 86 18.62 -30.68 -42.76
C VAL L 86 19.49 -29.82 -41.84
N CYS L 87 20.79 -29.64 -42.17
CA CYS L 87 21.75 -28.96 -41.29
C CYS L 87 22.76 -28.01 -41.96
N SER L 88 22.89 -26.78 -41.47
CA SER L 88 23.72 -25.79 -42.14
C SER L 88 25.19 -25.79 -41.72
N ALA L 89 25.56 -26.73 -40.87
CA ALA L 89 26.88 -26.72 -40.24
C ALA L 89 28.00 -26.79 -41.27
N LYS L 90 28.94 -25.86 -41.15
CA LYS L 90 30.06 -25.73 -42.06
C LYS L 90 30.81 -27.01 -42.38
N PHE L 91 30.94 -27.92 -41.40
CA PHE L 91 31.77 -29.12 -41.60
C PHE L 91 31.06 -30.17 -42.47
N LEU L 92 29.75 -29.96 -42.64
CA LEU L 92 28.93 -30.77 -43.53
C LEU L 92 28.57 -30.03 -44.83
N ASP L 93 29.08 -28.80 -44.97
CA ASP L 93 29.04 -27.92 -46.17
C ASP L 93 28.84 -28.54 -47.53
N THR L 94 29.79 -29.38 -47.90
CA THR L 94 29.91 -29.90 -49.24
C THR L 94 30.41 -31.32 -49.13
N VAL L 95 30.02 -32.15 -50.09
CA VAL L 95 30.42 -33.56 -50.12
C VAL L 95 31.92 -33.70 -50.23
N GLY L 96 32.48 -34.66 -49.49
CA GLY L 96 33.91 -34.93 -49.56
C GLY L 96 34.78 -34.09 -48.62
N LYS L 97 34.14 -33.24 -47.81
CA LYS L 97 34.87 -32.44 -46.83
C LYS L 97 35.34 -33.28 -45.64
N LYS L 98 36.60 -33.08 -45.26
CA LYS L 98 37.23 -33.89 -44.24
C LYS L 98 37.52 -33.07 -43.00
N THR L 99 37.23 -33.65 -41.84
CA THR L 99 37.42 -32.95 -40.58
C THR L 99 38.25 -33.84 -39.66
N ARG L 100 39.22 -33.25 -38.96
CA ARG L 100 40.03 -34.05 -38.07
C ARG L 100 39.24 -34.29 -36.81
N ILE L 101 39.31 -35.51 -36.27
CA ILE L 101 38.56 -35.83 -35.06
C ILE L 101 39.40 -36.50 -33.99
N PHE L 102 38.94 -36.45 -32.74
CA PHE L 102 39.53 -37.33 -31.72
C PHE L 102 38.42 -38.08 -30.99
N THR L 103 38.57 -39.40 -30.86
CA THR L 103 37.55 -40.16 -30.18
C THR L 103 38.15 -40.81 -28.95
N ARG L 104 37.41 -40.78 -27.85
CA ARG L 104 37.76 -41.51 -26.63
C ARG L 104 36.64 -42.48 -26.20
N PHE L 105 36.97 -43.77 -26.19
CA PHE L 105 36.05 -44.78 -25.69
C PHE L 105 36.35 -45.06 -24.20
N SER L 106 35.35 -45.54 -23.47
CA SER L 106 35.46 -45.63 -22.03
C SER L 106 34.44 -46.60 -21.53
N THR L 107 34.61 -47.05 -20.29
CA THR L 107 33.52 -47.70 -19.55
C THR L 107 32.92 -46.64 -18.64
N VAL L 108 32.04 -47.01 -17.73
CA VAL L 108 31.34 -45.98 -17.02
C VAL L 108 31.76 -45.92 -15.56
N GLY L 109 31.47 -46.98 -14.82
CA GLY L 109 31.60 -46.98 -13.36
C GLY L 109 33.00 -47.27 -12.84
N GLY L 110 33.66 -48.25 -13.44
CA GLY L 110 35.05 -48.54 -13.09
C GLY L 110 35.93 -47.31 -12.90
N GLU L 111 36.93 -47.46 -12.02
CA GLU L 111 37.93 -46.43 -11.79
C GLU L 111 39.11 -46.73 -12.68
N LYS L 112 40.09 -45.86 -12.62
CA LYS L 112 41.21 -45.82 -13.54
C LYS L 112 42.00 -47.15 -13.75
N GLY L 113 42.11 -47.98 -12.73
CA GLY L 113 42.82 -49.25 -12.86
C GLY L 113 41.97 -50.50 -13.07
N SER L 114 40.67 -50.30 -13.27
CA SER L 114 39.68 -51.38 -13.39
C SER L 114 39.68 -51.97 -14.78
N ALA L 115 38.84 -53.00 -15.01
CA ALA L 115 38.88 -53.83 -16.24
C ALA L 115 38.18 -53.30 -17.47
N ASP L 116 38.86 -53.39 -18.62
CA ASP L 116 38.28 -52.94 -19.88
C ASP L 116 37.02 -53.71 -20.24
N THR L 117 36.92 -54.94 -19.75
CA THR L 117 35.82 -55.80 -20.13
C THR L 117 34.80 -55.95 -19.03
N ALA L 118 34.78 -54.99 -18.12
CA ALA L 118 33.72 -54.92 -17.09
C ALA L 118 32.38 -54.73 -17.74
N ARG L 119 31.33 -55.19 -17.09
CA ARG L 119 29.98 -54.98 -17.61
C ARG L 119 29.61 -53.53 -17.34
N ASP L 120 29.32 -52.79 -18.40
CA ASP L 120 28.97 -51.39 -18.31
C ASP L 120 28.54 -50.89 -19.68
N PRO L 121 27.94 -49.70 -19.75
CA PRO L 121 27.77 -49.14 -21.06
C PRO L 121 29.15 -48.72 -21.55
N ARG L 122 29.28 -48.33 -22.81
CA ARG L 122 30.55 -47.77 -23.29
C ARG L 122 30.32 -46.34 -23.75
N GLY L 123 31.27 -45.46 -23.42
CA GLY L 123 31.20 -44.10 -23.87
C GLY L 123 31.93 -43.98 -25.18
N PHE L 124 31.37 -43.15 -26.07
CA PHE L 124 31.85 -42.98 -27.44
C PHE L 124 31.82 -41.49 -27.71
N ALA L 125 32.90 -40.78 -27.36
CA ALA L 125 32.92 -39.34 -27.44
C ALA L 125 33.84 -38.94 -28.57
N THR L 126 33.43 -37.97 -29.37
CA THR L 126 34.23 -37.55 -30.51
C THR L 126 34.29 -36.01 -30.59
N LYS L 127 35.47 -35.46 -30.77
CA LYS L 127 35.66 -34.04 -30.87
C LYS L 127 35.95 -33.75 -32.33
N PHE L 128 35.19 -32.85 -32.94
CA PHE L 128 35.40 -32.46 -34.36
C PHE L 128 35.97 -31.06 -34.44
N TYR L 129 37.13 -30.92 -35.07
CA TYR L 129 37.74 -29.63 -35.15
C TYR L 129 37.31 -28.94 -36.44
N THR L 130 36.26 -28.14 -36.37
CA THR L 130 35.66 -27.53 -37.57
C THR L 130 36.08 -26.07 -37.67
N GLU L 131 35.72 -25.46 -38.80
CA GLU L 131 35.99 -24.04 -39.07
C GLU L 131 35.14 -23.15 -38.22
N ASP L 132 34.09 -23.71 -37.64
CA ASP L 132 33.18 -22.95 -36.82
C ASP L 132 33.35 -23.32 -35.35
N GLY L 133 34.49 -23.92 -35.00
CA GLY L 133 34.77 -24.27 -33.60
C GLY L 133 34.71 -25.76 -33.33
N ASN L 134 34.91 -26.17 -32.08
CA ASN L 134 34.99 -27.58 -31.77
C ASN L 134 33.62 -28.07 -31.45
N LEU L 135 33.21 -29.14 -32.10
CA LEU L 135 31.96 -29.80 -31.81
C LEU L 135 32.22 -31.11 -31.04
N ASP L 136 31.62 -31.26 -29.86
CA ASP L 136 31.70 -32.52 -29.18
C ASP L 136 30.42 -33.32 -29.36
N LEU L 137 30.53 -34.52 -29.93
CA LEU L 137 29.44 -35.45 -29.93
C LEU L 137 29.73 -36.47 -28.83
N VAL L 138 29.14 -36.24 -27.65
CA VAL L 138 29.39 -37.08 -26.51
C VAL L 138 28.34 -38.20 -26.46
N TYR L 139 28.64 -39.34 -27.07
CA TYR L 139 27.66 -40.38 -27.25
C TYR L 139 27.98 -41.63 -26.43
N ASN L 140 26.97 -42.48 -26.22
CA ASN L 140 27.12 -43.82 -25.67
C ASN L 140 26.91 -44.90 -26.70
N ASN L 141 27.20 -46.15 -26.32
CA ASN L 141 27.07 -47.29 -27.23
C ASN L 141 25.69 -47.90 -27.17
N THR L 142 24.79 -47.17 -26.54
CA THR L 142 23.41 -47.55 -26.45
C THR L 142 22.52 -46.34 -26.84
N PRO L 143 21.36 -46.58 -27.47
CA PRO L 143 20.48 -45.50 -27.90
C PRO L 143 19.62 -44.91 -26.78
N ILE L 144 19.75 -45.51 -25.60
CA ILE L 144 18.99 -45.07 -24.44
C ILE L 144 19.85 -44.96 -23.19
N PHE L 145 19.22 -44.79 -22.03
CA PHE L 145 19.96 -44.71 -20.79
C PHE L 145 19.08 -45.02 -19.57
N PHE L 146 19.70 -45.08 -18.40
CA PHE L 146 19.02 -45.49 -17.16
C PHE L 146 18.08 -44.45 -16.61
N ILE L 147 18.22 -43.20 -17.05
CA ILE L 147 17.40 -42.13 -16.46
C ILE L 147 16.83 -41.13 -17.45
N ARG L 148 15.79 -40.43 -17.01
CA ARG L 148 15.24 -39.38 -17.80
C ARG L 148 14.99 -38.16 -16.94
N ASP L 149 15.41 -38.24 -15.69
CA ASP L 149 15.40 -37.07 -14.81
C ASP L 149 16.83 -36.70 -14.45
N PRO L 150 17.28 -35.50 -14.85
CA PRO L 150 18.69 -35.12 -14.73
C PRO L 150 19.25 -35.29 -13.31
N ILE L 151 18.56 -34.76 -12.31
CA ILE L 151 19.13 -34.78 -10.97
C ILE L 151 19.26 -36.19 -10.36
N LYS L 152 18.68 -37.19 -11.00
CA LYS L 152 18.87 -38.55 -10.51
C LYS L 152 20.25 -39.12 -10.84
N PHE L 153 21.01 -38.44 -11.69
CA PHE L 153 22.25 -39.01 -12.16
C PHE L 153 23.24 -39.29 -10.99
N PRO L 154 23.43 -38.34 -10.06
CA PRO L 154 24.34 -38.68 -8.98
C PRO L 154 23.86 -39.85 -8.10
N HIS L 155 22.55 -39.98 -7.88
CA HIS L 155 21.97 -41.12 -7.16
C HIS L 155 22.28 -42.41 -7.91
N PHE L 156 22.00 -42.43 -9.21
CA PHE L 156 22.22 -43.64 -9.97
C PHE L 156 23.69 -44.03 -9.94
N ILE L 157 24.56 -43.05 -10.23
CA ILE L 157 26.00 -43.31 -10.29
C ILE L 157 26.58 -43.78 -8.97
N HIS L 158 26.12 -43.19 -7.87
CA HIS L 158 26.56 -43.64 -6.54
C HIS L 158 26.33 -45.13 -6.31
N THR L 159 25.10 -45.57 -6.57
CA THR L 159 24.76 -46.98 -6.44
C THR L 159 25.49 -47.88 -7.46
N GLN L 160 25.99 -47.32 -8.56
CA GLN L 160 26.78 -48.14 -9.48
C GLN L 160 28.19 -48.31 -8.96
N LYS L 161 28.54 -47.54 -7.94
CA LYS L 161 29.92 -47.57 -7.45
C LYS L 161 30.08 -48.23 -6.05
N ARG L 162 30.71 -47.52 -5.14
CA ARG L 162 31.15 -48.14 -3.91
C ARG L 162 30.41 -47.65 -2.69
N ASN L 163 30.20 -48.54 -1.74
CA ASN L 163 29.56 -48.23 -0.51
C ASN L 163 30.40 -47.21 0.24
N PRO L 164 29.75 -46.18 0.81
CA PRO L 164 30.45 -45.10 1.51
C PRO L 164 31.35 -45.56 2.67
N ALA L 165 30.94 -46.62 3.38
CA ALA L 165 31.74 -47.14 4.46
C ALA L 165 32.78 -48.13 3.92
N THR L 166 32.34 -49.21 3.25
CA THR L 166 33.24 -50.31 2.91
C THR L 166 34.21 -50.02 1.79
N ASN L 167 33.80 -49.21 0.83
CA ASN L 167 34.48 -49.03 -0.46
C ASN L 167 34.39 -50.24 -1.37
N LEU L 168 33.41 -51.11 -1.09
CA LEU L 168 33.17 -52.34 -1.87
C LEU L 168 31.96 -52.16 -2.72
N LYS L 169 31.85 -52.87 -3.85
CA LYS L 169 30.60 -52.76 -4.61
C LYS L 169 29.51 -53.36 -3.75
N ASP L 170 28.35 -52.72 -3.71
CA ASP L 170 27.23 -53.27 -2.97
C ASP L 170 26.03 -53.60 -3.90
N PRO L 171 25.78 -54.91 -4.18
CA PRO L 171 24.69 -55.33 -5.07
C PRO L 171 23.34 -54.91 -4.53
N ASN L 172 23.21 -54.78 -3.22
CA ASN L 172 21.97 -54.25 -2.68
C ASN L 172 21.67 -52.86 -3.27
N MET L 173 22.56 -51.89 -3.07
CA MET L 173 22.43 -50.51 -3.63
C MET L 173 22.02 -50.54 -5.07
N PHE L 174 22.79 -51.31 -5.81
CA PHE L 174 22.74 -51.40 -7.24
C PHE L 174 21.31 -51.69 -7.71
N TRP L 175 20.68 -52.72 -7.14
CA TRP L 175 19.29 -53.04 -7.48
C TRP L 175 18.25 -52.25 -6.69
N ASP L 176 18.55 -51.87 -5.46
CA ASP L 176 17.61 -51.06 -4.73
C ASP L 176 17.28 -49.79 -5.51
N TYR L 177 18.24 -49.23 -6.24
CA TYR L 177 17.99 -48.00 -7.00
C TYR L 177 17.25 -48.36 -8.26
N LEU L 178 17.82 -49.26 -9.04
CA LEU L 178 17.25 -49.53 -10.32
C LEU L 178 15.80 -49.95 -10.20
N THR L 179 15.47 -50.75 -9.17
CA THR L 179 14.13 -51.32 -9.02
C THR L 179 13.13 -50.28 -8.56
N ALA L 180 13.59 -49.31 -7.79
CA ALA L 180 12.68 -48.28 -7.31
C ALA L 180 12.44 -47.27 -8.42
N ASN L 181 13.25 -47.34 -9.48
CA ASN L 181 13.10 -46.40 -10.57
C ASN L 181 12.90 -47.09 -11.93
N ASP L 182 11.65 -47.55 -12.11
CA ASP L 182 11.14 -48.28 -13.26
C ASP L 182 11.77 -48.00 -14.60
N GLU L 183 11.92 -46.71 -14.89
CA GLU L 183 12.29 -46.28 -16.21
C GLU L 183 13.70 -46.80 -16.60
N SER L 184 14.50 -47.19 -15.62
CA SER L 184 15.78 -47.78 -15.91
C SER L 184 15.66 -49.16 -16.59
N LEU L 185 14.47 -49.73 -16.59
CA LEU L 185 14.34 -51.12 -16.98
C LEU L 185 14.86 -51.33 -18.40
N HIS L 186 14.51 -50.43 -19.30
CA HIS L 186 14.90 -50.61 -20.68
C HIS L 186 16.43 -50.68 -20.82
N GLN L 187 17.10 -49.69 -20.26
CA GLN L 187 18.56 -49.64 -20.33
C GLN L 187 19.21 -50.86 -19.64
N VAL L 188 18.58 -51.33 -18.54
CA VAL L 188 19.12 -52.45 -17.72
C VAL L 188 19.16 -53.75 -18.50
N MET L 189 18.11 -53.93 -19.30
CA MET L 189 17.98 -55.07 -20.16
C MET L 189 19.10 -55.08 -21.18
N TYR L 190 19.51 -53.89 -21.63
CA TYR L 190 20.66 -53.79 -22.55
C TYR L 190 21.92 -54.19 -21.82
N LEU L 191 22.10 -53.62 -20.63
CA LEU L 191 23.27 -53.83 -19.83
C LEU L 191 23.44 -55.31 -19.49
N PHE L 192 22.34 -56.00 -19.16
CA PHE L 192 22.52 -57.40 -18.81
C PHE L 192 22.46 -58.40 -19.94
N SER L 193 22.00 -57.92 -21.09
CA SER L 193 22.17 -58.66 -22.32
C SER L 193 23.67 -58.77 -22.53
N ASN L 194 24.07 -59.53 -23.52
CA ASN L 194 25.47 -59.60 -23.87
C ASN L 194 26.02 -58.27 -24.39
N ARG L 195 25.12 -57.33 -24.64
CA ARG L 195 25.53 -56.03 -25.17
C ARG L 195 26.31 -55.22 -24.13
N GLY L 196 26.06 -55.53 -22.87
CA GLY L 196 26.83 -54.97 -21.77
C GLY L 196 28.31 -55.34 -21.78
N THR L 197 28.69 -56.29 -22.63
CA THR L 197 30.06 -56.79 -22.65
C THR L 197 30.67 -56.84 -24.07
N PRO L 198 31.06 -55.69 -24.66
CA PRO L 198 31.58 -55.72 -26.02
C PRO L 198 32.97 -56.35 -26.12
N ALA L 199 33.28 -56.92 -27.29
CA ALA L 199 34.60 -57.54 -27.53
C ALA L 199 35.71 -56.49 -27.55
N SER L 200 35.44 -55.36 -28.21
CA SER L 200 36.39 -54.27 -28.28
C SER L 200 35.62 -53.00 -28.59
N TYR L 201 36.34 -51.87 -28.67
CA TYR L 201 35.72 -50.62 -29.06
C TYR L 201 35.44 -50.60 -30.56
N ARG L 202 36.15 -51.43 -31.29
CA ARG L 202 36.06 -51.44 -32.72
C ARG L 202 34.77 -52.10 -33.18
N THR L 203 34.09 -52.80 -32.28
CA THR L 203 32.92 -53.58 -32.66
C THR L 203 31.71 -53.17 -31.87
N MET L 204 31.51 -51.87 -31.76
CA MET L 204 30.31 -51.32 -31.14
C MET L 204 29.82 -50.12 -31.93
N ASN L 205 28.58 -49.77 -31.66
CA ASN L 205 28.00 -48.64 -32.31
C ASN L 205 28.06 -47.45 -31.37
N GLY L 206 27.68 -46.29 -31.90
CA GLY L 206 27.51 -45.09 -31.10
C GLY L 206 26.18 -44.49 -31.46
N TYR L 207 25.49 -44.00 -30.44
CA TYR L 207 24.22 -43.38 -30.62
C TYR L 207 24.21 -42.06 -29.86
N SER L 208 23.53 -41.05 -30.40
CA SER L 208 23.37 -39.77 -29.69
C SER L 208 22.62 -39.93 -28.38
N GLY L 209 21.75 -40.94 -28.31
CA GLY L 209 20.90 -41.17 -27.15
C GLY L 209 19.79 -40.15 -27.06
N HIS L 210 20.16 -38.90 -26.76
CA HIS L 210 19.20 -37.78 -26.79
C HIS L 210 18.80 -37.39 -28.21
N THR L 211 17.69 -36.65 -28.29
CA THR L 211 17.34 -35.94 -29.49
C THR L 211 18.01 -34.58 -29.52
N TYR L 212 18.58 -34.20 -30.67
CA TYR L 212 19.13 -32.84 -30.87
C TYR L 212 18.24 -32.08 -31.87
N LYS L 213 18.51 -30.81 -32.09
CA LYS L 213 17.84 -30.07 -33.17
C LYS L 213 18.82 -29.54 -34.20
N TRP L 214 18.63 -29.92 -35.44
CA TRP L 214 19.46 -29.44 -36.53
C TRP L 214 18.70 -28.43 -37.37
N TYR L 215 19.39 -27.36 -37.79
CA TYR L 215 18.84 -26.27 -38.59
C TYR L 215 19.54 -26.15 -39.96
N ASN L 216 18.76 -26.00 -41.02
CA ASN L 216 19.31 -25.70 -42.33
C ASN L 216 19.49 -24.19 -42.49
N SER L 217 19.95 -23.75 -43.66
CA SER L 217 20.28 -22.34 -43.81
C SER L 217 19.05 -21.44 -43.92
N LYS L 218 17.87 -22.00 -44.20
CA LYS L 218 16.64 -21.18 -44.19
C LYS L 218 16.09 -20.95 -42.79
N GLY L 219 16.63 -21.66 -41.79
CA GLY L 219 16.14 -21.57 -40.43
C GLY L 219 15.11 -22.65 -40.13
N GLU L 220 14.98 -23.62 -41.03
CA GLU L 220 14.05 -24.71 -40.82
C GLU L 220 14.71 -25.82 -40.01
N TRP L 221 14.05 -26.23 -38.93
CA TRP L 221 14.59 -27.23 -38.05
C TRP L 221 13.82 -28.52 -37.86
N VAL L 222 14.56 -29.53 -37.47
CA VAL L 222 14.03 -30.87 -37.40
C VAL L 222 14.67 -31.51 -36.17
N TYR L 223 13.96 -32.41 -35.50
CA TYR L 223 14.54 -33.17 -34.40
C TYR L 223 15.36 -34.28 -35.01
N VAL L 224 16.55 -34.58 -34.46
CA VAL L 224 17.36 -35.67 -35.01
C VAL L 224 17.79 -36.71 -33.99
N GLN L 225 18.18 -37.87 -34.49
CA GLN L 225 18.92 -38.88 -33.74
C GLN L 225 20.07 -39.44 -34.58
N VAL L 226 21.28 -39.39 -34.03
CA VAL L 226 22.48 -39.75 -34.78
C VAL L 226 22.83 -41.21 -34.47
N HIS L 227 23.22 -41.97 -35.51
CA HIS L 227 23.72 -43.32 -35.34
C HIS L 227 25.08 -43.44 -35.98
N PHE L 228 26.05 -44.02 -35.27
CA PHE L 228 27.33 -44.40 -35.85
C PHE L 228 27.37 -45.90 -35.83
N ILE L 229 27.53 -46.54 -36.99
CA ILE L 229 27.51 -48.00 -37.07
C ILE L 229 28.86 -48.56 -37.53
N ALA L 230 29.45 -49.40 -36.68
CA ALA L 230 30.79 -49.92 -36.91
C ALA L 230 30.87 -50.78 -38.17
N ASN L 231 31.82 -50.45 -39.04
CA ASN L 231 32.07 -51.28 -40.22
C ASN L 231 32.70 -52.58 -39.83
N GLN L 232 33.05 -52.73 -38.55
CA GLN L 232 33.65 -53.96 -37.99
C GLN L 232 32.58 -54.90 -37.42
N GLY L 233 31.33 -54.44 -37.48
CA GLY L 233 30.19 -55.21 -37.02
C GLY L 233 30.08 -55.18 -35.50
N VAL L 234 28.90 -55.53 -34.98
CA VAL L 234 28.65 -55.65 -33.54
C VAL L 234 29.00 -57.07 -33.08
N HIS L 235 30.09 -57.20 -32.30
CA HIS L 235 30.51 -58.47 -31.68
C HIS L 235 30.58 -58.30 -30.16
N ASN L 236 29.93 -59.22 -29.44
CA ASN L 236 29.90 -59.18 -27.98
C ASN L 236 30.60 -60.35 -27.33
N LEU L 237 30.89 -60.23 -26.05
CA LEU L 237 31.51 -61.30 -25.28
C LEU L 237 30.52 -61.88 -24.30
N LEU L 238 30.71 -63.14 -23.94
CA LEU L 238 29.96 -63.76 -22.85
C LEU L 238 30.57 -63.36 -21.50
N ASP L 239 29.74 -63.37 -20.45
CA ASP L 239 30.12 -63.08 -19.05
C ASP L 239 31.40 -63.79 -18.59
N GLU L 240 31.44 -65.13 -18.79
CA GLU L 240 32.62 -65.98 -18.53
C GLU L 240 33.89 -65.43 -19.19
N GLU L 241 33.77 -65.09 -20.48
CA GLU L 241 34.89 -64.58 -21.28
C GLU L 241 35.30 -63.16 -20.85
N ALA L 242 34.31 -62.32 -20.54
CA ALA L 242 34.58 -61.00 -19.96
C ALA L 242 35.32 -61.16 -18.63
N GLY L 243 34.82 -62.06 -17.79
CA GLY L 243 35.36 -62.31 -16.46
C GLY L 243 36.80 -62.76 -16.49
N ARG L 244 37.16 -63.61 -17.45
CA ARG L 244 38.53 -64.13 -17.54
C ARG L 244 39.51 -63.08 -18.02
N LEU L 245 39.12 -62.30 -19.02
CA LEU L 245 39.97 -61.24 -19.55
C LEU L 245 40.21 -60.16 -18.51
N ALA L 246 39.18 -59.82 -17.74
CA ALA L 246 39.29 -58.89 -16.62
C ALA L 246 40.50 -59.20 -15.71
N GLY L 247 40.79 -60.50 -15.57
CA GLY L 247 41.91 -60.94 -14.77
C GLY L 247 43.15 -61.12 -15.61
N GLU L 248 42.98 -61.64 -16.83
CA GLU L 248 44.12 -61.86 -17.73
C GLU L 248 44.66 -60.55 -18.29
N ASP L 249 43.76 -59.70 -18.78
CA ASP L 249 44.12 -58.41 -19.38
C ASP L 249 43.12 -57.26 -19.08
N PRO L 250 43.36 -56.51 -17.99
CA PRO L 250 42.52 -55.37 -17.67
C PRO L 250 42.47 -54.33 -18.78
N ASP L 251 43.50 -54.33 -19.62
CA ASP L 251 43.63 -53.33 -20.64
C ASP L 251 43.34 -53.92 -22.00
N HIS L 252 42.48 -54.93 -22.04
CA HIS L 252 42.19 -55.62 -23.30
C HIS L 252 41.80 -54.68 -24.46
N SER L 253 40.80 -53.83 -24.23
CA SER L 253 40.23 -52.98 -25.27
C SER L 253 41.16 -51.88 -25.73
N THR L 254 41.88 -51.28 -24.76
CA THR L 254 42.89 -50.26 -25.04
C THR L 254 43.93 -50.85 -25.97
N ARG L 255 44.50 -52.01 -25.61
CA ARG L 255 45.49 -52.74 -26.41
C ARG L 255 44.95 -53.10 -27.82
N ASP L 256 43.71 -53.58 -27.88
CA ASP L 256 43.10 -53.94 -29.13
C ASP L 256 43.12 -52.78 -30.08
N LEU L 257 42.69 -51.62 -29.61
CA LEU L 257 42.60 -50.40 -30.42
C LEU L 257 43.95 -49.91 -30.90
N TRP L 258 44.92 -49.79 -29.98
CA TRP L 258 46.24 -49.26 -30.29
C TRP L 258 46.92 -50.12 -31.31
N GLU L 259 46.72 -51.42 -31.19
CA GLU L 259 47.37 -52.38 -32.06
C GLU L 259 46.77 -52.36 -33.44
N ALA L 260 45.44 -52.34 -33.49
CA ALA L 260 44.74 -52.30 -34.74
C ALA L 260 45.30 -51.15 -35.53
N ILE L 261 45.41 -50.01 -34.88
CA ILE L 261 45.81 -48.79 -35.56
C ILE L 261 47.27 -48.85 -36.02
N GLU L 262 48.13 -49.32 -35.13
CA GLU L 262 49.54 -49.44 -35.48
C GLU L 262 49.75 -50.40 -36.67
N LYS L 263 48.87 -51.41 -36.84
CA LYS L 263 48.91 -52.31 -38.01
C LYS L 263 48.39 -51.67 -39.29
N GLY L 264 47.49 -50.71 -39.17
CA GLY L 264 46.84 -50.16 -40.33
C GLY L 264 45.42 -50.69 -40.47
N ASP L 265 45.01 -51.57 -39.54
CA ASP L 265 43.64 -52.10 -39.57
C ASP L 265 42.61 -51.06 -39.03
N TYR L 266 42.58 -49.89 -39.64
CA TYR L 266 41.83 -48.79 -39.09
C TYR L 266 40.34 -49.04 -38.98
N PRO L 267 39.77 -48.94 -37.78
CA PRO L 267 38.34 -49.11 -37.61
C PRO L 267 37.58 -47.91 -38.16
N SER L 268 36.39 -48.12 -38.67
CA SER L 268 35.58 -47.02 -39.19
C SER L 268 34.10 -47.23 -38.94
N TRP L 269 33.36 -46.13 -38.92
CA TRP L 269 31.94 -46.13 -38.67
C TRP L 269 31.19 -45.38 -39.76
N GLU L 270 30.00 -45.87 -40.16
CA GLU L 270 29.11 -45.15 -41.10
C GLU L 270 28.07 -44.35 -40.34
N CYS L 271 27.84 -43.10 -40.75
CA CYS L 271 27.02 -42.19 -39.99
C CYS L 271 25.65 -41.98 -40.62
N TYR L 272 24.61 -42.16 -39.82
CA TYR L 272 23.23 -41.89 -40.24
C TYR L 272 22.51 -40.95 -39.27
N ILE L 273 21.41 -40.36 -39.71
CA ILE L 273 20.48 -39.69 -38.81
C ILE L 273 19.05 -40.16 -39.04
N GLN L 274 18.25 -40.13 -37.98
CA GLN L 274 16.79 -40.14 -38.10
C GLN L 274 16.27 -38.72 -37.87
N THR L 275 15.26 -38.31 -38.63
CA THR L 275 14.69 -36.98 -38.49
C THR L 275 13.17 -37.07 -38.40
N MET L 276 12.60 -36.03 -37.81
CA MET L 276 11.20 -36.02 -37.45
C MET L 276 10.86 -34.58 -37.25
N THR L 277 9.69 -34.15 -37.76
CA THR L 277 9.28 -32.74 -37.67
C THR L 277 8.51 -32.51 -36.40
N LEU L 278 8.37 -31.25 -36.03
CA LEU L 278 7.60 -30.92 -34.85
C LEU L 278 6.23 -31.57 -34.85
N GLU L 279 5.50 -31.48 -35.97
CA GLU L 279 4.17 -32.07 -36.05
C GLU L 279 4.14 -33.59 -35.90
N GLN L 280 5.09 -34.29 -36.50
CA GLN L 280 5.15 -35.74 -36.34
C GLN L 280 5.32 -36.07 -34.86
N SER L 281 6.01 -35.20 -34.12
CA SER L 281 6.29 -35.43 -32.70
C SER L 281 5.05 -35.34 -31.84
N LYS L 282 4.12 -34.49 -32.24
CA LYS L 282 2.85 -34.39 -31.55
C LYS L 282 1.99 -35.65 -31.68
N LYS L 283 2.29 -36.55 -32.61
CA LYS L 283 1.46 -37.77 -32.79
C LYS L 283 1.95 -39.05 -32.12
N LEU L 284 3.02 -38.94 -31.33
CA LEU L 284 3.68 -40.11 -30.76
C LEU L 284 3.18 -40.47 -29.36
N PRO L 285 3.13 -41.78 -29.06
CA PRO L 285 2.79 -42.20 -27.72
C PRO L 285 3.87 -41.87 -26.67
N PHE L 286 5.09 -41.53 -27.12
CA PHE L 286 6.22 -41.17 -26.22
C PHE L 286 6.85 -39.82 -26.55
N SER L 287 7.77 -39.37 -25.70
CA SER L 287 8.43 -38.08 -25.89
C SER L 287 9.78 -38.16 -26.59
N VAL L 288 10.04 -37.23 -27.51
CA VAL L 288 11.34 -37.13 -28.16
C VAL L 288 12.35 -36.73 -27.10
N PHE L 289 11.83 -36.23 -25.97
CA PHE L 289 12.67 -35.77 -24.89
C PHE L 289 12.92 -36.85 -23.86
N ASP L 290 12.54 -38.08 -24.17
CA ASP L 290 12.68 -39.18 -23.23
C ASP L 290 13.84 -40.06 -23.62
N LEU L 291 14.94 -39.92 -22.88
CA LEU L 291 16.16 -40.66 -23.17
C LEU L 291 15.98 -42.16 -22.91
N THR L 292 14.82 -42.57 -22.40
CA THR L 292 14.62 -44.00 -22.18
C THR L 292 13.92 -44.65 -23.38
N LYS L 293 13.74 -43.88 -24.45
CA LYS L 293 13.02 -44.34 -25.65
C LYS L 293 13.86 -44.27 -26.91
N VAL L 294 13.55 -45.15 -27.87
CA VAL L 294 14.12 -45.07 -29.21
C VAL L 294 13.02 -44.71 -30.21
N TRP L 295 13.43 -44.30 -31.40
CA TRP L 295 12.48 -44.10 -32.45
C TRP L 295 12.55 -45.38 -33.30
N PRO L 296 11.42 -46.11 -33.42
CA PRO L 296 11.37 -47.29 -34.29
C PRO L 296 11.83 -47.01 -35.73
N HIS L 297 12.63 -47.93 -36.26
CA HIS L 297 13.25 -47.80 -37.59
C HIS L 297 12.20 -47.74 -38.71
N LYS L 298 11.08 -48.45 -38.49
CA LYS L 298 9.99 -48.57 -39.46
C LYS L 298 9.36 -47.20 -39.79
N ASP L 299 9.10 -46.42 -38.75
CA ASP L 299 8.45 -45.10 -38.88
C ASP L 299 9.40 -43.96 -39.16
N PHE L 300 10.70 -44.16 -38.83
CA PHE L 300 11.70 -43.12 -39.03
C PHE L 300 13.03 -43.68 -39.55
N PRO L 301 13.12 -43.89 -40.87
CA PRO L 301 14.31 -44.56 -41.43
C PRO L 301 15.61 -43.75 -41.34
N LEU L 302 16.75 -44.44 -41.33
CA LEU L 302 18.04 -43.77 -41.25
C LEU L 302 18.49 -43.20 -42.60
N ARG L 303 19.08 -42.01 -42.56
CA ARG L 303 19.64 -41.39 -43.74
C ARG L 303 21.17 -41.24 -43.62
N HIS L 304 21.89 -41.83 -44.58
CA HIS L 304 23.36 -41.86 -44.58
C HIS L 304 23.91 -40.44 -44.79
N PHE L 305 24.92 -40.02 -44.04
CA PHE L 305 25.48 -38.68 -44.27
C PHE L 305 27.01 -38.56 -44.24
N GLY L 306 27.67 -39.50 -43.59
CA GLY L 306 29.11 -39.50 -43.54
C GLY L 306 29.74 -40.76 -42.98
N ARG L 307 31.05 -40.70 -42.79
CA ARG L 307 31.78 -41.78 -42.15
C ARG L 307 33.01 -41.20 -41.49
N PHE L 308 33.52 -41.91 -40.50
CA PHE L 308 34.81 -41.54 -39.98
C PHE L 308 35.65 -42.76 -39.74
N THR L 309 36.97 -42.56 -39.80
CA THR L 309 37.99 -43.59 -39.65
C THR L 309 38.95 -43.17 -38.54
N LEU L 310 39.29 -44.07 -37.61
CA LEU L 310 40.31 -43.75 -36.61
C LEU L 310 41.66 -44.30 -37.04
N ASN L 311 42.62 -43.41 -37.31
CA ASN L 311 43.83 -43.84 -37.99
C ASN L 311 45.15 -43.37 -37.38
N GLU L 312 45.10 -42.80 -36.18
CA GLU L 312 46.33 -42.27 -35.63
C GLU L 312 46.33 -42.28 -34.12
N ASN L 313 47.25 -43.03 -33.53
CA ASN L 313 47.40 -43.07 -32.08
C ASN L 313 47.98 -41.79 -31.51
N PRO L 314 47.67 -41.47 -30.25
CA PRO L 314 48.16 -40.25 -29.67
C PRO L 314 49.65 -40.37 -29.47
N LYS L 315 50.35 -39.25 -29.27
CA LYS L 315 51.79 -39.36 -29.05
C LYS L 315 52.13 -39.55 -27.60
N ASN L 316 51.39 -38.90 -26.69
CA ASN L 316 51.48 -39.11 -25.23
C ASN L 316 50.12 -39.29 -24.64
N TYR L 317 49.91 -40.38 -23.91
CA TYR L 317 48.56 -40.73 -23.49
C TYR L 317 48.01 -39.73 -22.47
N TYR L 318 48.76 -39.41 -21.44
CA TYR L 318 48.24 -38.51 -20.43
C TYR L 318 47.86 -37.15 -21.01
N ALA L 319 48.77 -36.56 -21.80
CA ALA L 319 48.58 -35.22 -22.32
C ALA L 319 47.40 -35.12 -23.27
N GLU L 320 47.00 -36.23 -23.87
CA GLU L 320 45.97 -36.17 -24.92
C GLU L 320 44.71 -36.98 -24.58
N THR L 321 44.85 -38.29 -24.41
CA THR L 321 43.69 -39.07 -24.01
C THR L 321 43.19 -38.67 -22.63
N GLU L 322 44.10 -38.41 -21.71
CA GLU L 322 43.69 -38.19 -20.33
C GLU L 322 43.13 -36.78 -20.10
N GLN L 323 43.75 -35.81 -20.75
CA GLN L 323 43.48 -34.40 -20.55
C GLN L 323 42.37 -33.86 -21.46
N ILE L 324 41.91 -34.65 -22.43
CA ILE L 324 40.97 -34.13 -23.41
C ILE L 324 39.65 -34.03 -22.71
N ALA L 325 38.88 -33.01 -23.09
CA ALA L 325 37.65 -32.68 -22.40
C ALA L 325 36.55 -32.44 -23.41
N PHE L 326 35.49 -33.27 -23.36
CA PHE L 326 34.30 -33.12 -24.19
C PHE L 326 33.12 -32.50 -23.43
N SER L 327 32.28 -31.76 -24.15
CA SER L 327 31.04 -31.28 -23.56
C SER L 327 29.97 -31.18 -24.62
N PRO L 328 28.72 -31.58 -24.30
CA PRO L 328 27.63 -31.50 -25.26
C PRO L 328 27.35 -30.07 -25.63
N SER L 329 27.69 -29.16 -24.72
CA SER L 329 27.46 -27.75 -25.00
C SER L 329 28.50 -27.15 -25.94
N HIS L 330 29.53 -27.91 -26.28
CA HIS L 330 30.41 -27.42 -27.32
C HIS L 330 29.78 -27.80 -28.65
N THR L 331 29.07 -26.85 -29.24
CA THR L 331 28.39 -27.17 -30.50
C THR L 331 28.75 -26.13 -31.57
N VAL L 332 28.25 -26.32 -32.80
CA VAL L 332 28.48 -25.35 -33.90
C VAL L 332 27.17 -24.78 -34.42
N PRO L 333 27.24 -23.70 -35.25
CA PRO L 333 25.97 -23.21 -35.83
C PRO L 333 25.35 -24.28 -36.72
N GLY L 334 24.09 -24.57 -36.48
CA GLY L 334 23.38 -25.57 -37.25
C GLY L 334 22.92 -26.72 -36.39
N MET L 335 23.48 -26.81 -35.19
CA MET L 335 23.18 -27.90 -34.27
C MET L 335 22.93 -27.35 -32.89
N GLU L 336 21.69 -27.47 -32.41
CA GLU L 336 21.27 -27.03 -31.07
C GLU L 336 20.85 -28.24 -30.20
N PRO L 337 20.88 -28.08 -28.86
CA PRO L 337 20.40 -29.17 -27.99
C PRO L 337 18.88 -29.13 -27.82
N SER L 338 18.24 -30.28 -27.60
CA SER L 338 16.79 -30.35 -27.40
C SER L 338 16.41 -30.07 -25.95
N ASN L 339 15.12 -30.20 -25.62
CA ASN L 339 14.65 -29.98 -24.26
C ASN L 339 14.70 -31.24 -23.41
N ASP L 340 15.29 -32.29 -23.95
CA ASP L 340 15.65 -33.47 -23.18
C ASP L 340 16.34 -33.00 -21.90
N PRO L 341 15.69 -33.19 -20.74
CA PRO L 341 16.17 -32.58 -19.50
C PRO L 341 17.51 -33.16 -19.00
N VAL L 342 17.79 -34.42 -19.33
CA VAL L 342 19.08 -34.99 -19.00
C VAL L 342 20.18 -34.27 -19.80
N LEU L 343 19.97 -34.15 -21.11
CA LEU L 343 20.88 -33.41 -21.97
C LEU L 343 21.02 -31.96 -21.48
N GLN L 344 19.90 -31.35 -21.14
CA GLN L 344 19.93 -29.98 -20.65
C GLN L 344 20.90 -29.86 -19.50
N SER L 345 20.86 -30.79 -18.57
CA SER L 345 21.73 -30.71 -17.41
C SER L 345 23.21 -31.05 -17.76
N ARG L 346 23.40 -31.92 -18.74
CA ARG L 346 24.74 -32.20 -19.25
C ARG L 346 25.43 -30.92 -19.76
N LEU L 347 24.66 -30.00 -20.35
CA LEU L 347 25.22 -28.75 -20.88
C LEU L 347 26.02 -27.99 -19.81
N PHE L 348 25.56 -28.08 -18.57
CA PHE L 348 26.22 -27.37 -17.51
C PHE L 348 27.30 -28.22 -16.85
N SER L 349 27.03 -29.51 -16.60
CA SER L 349 27.99 -30.39 -15.91
C SER L 349 29.36 -30.54 -16.50
N TYR L 350 29.43 -30.83 -17.79
CA TYR L 350 30.72 -31.17 -18.35
C TYR L 350 31.72 -29.99 -18.21
N PRO L 351 31.36 -28.77 -18.69
CA PRO L 351 32.31 -27.66 -18.47
C PRO L 351 32.61 -27.41 -16.98
N ASP L 352 31.61 -27.60 -16.12
CA ASP L 352 31.82 -27.40 -14.69
C ASP L 352 32.87 -28.36 -14.12
N THR L 353 32.77 -29.63 -14.50
CA THR L 353 33.69 -30.63 -14.04
C THR L 353 35.07 -30.44 -14.67
N HIS L 354 35.12 -29.97 -15.92
CA HIS L 354 36.41 -29.71 -16.56
C HIS L 354 37.20 -28.71 -15.73
N ARG L 355 36.51 -27.65 -15.34
CA ARG L 355 37.16 -26.62 -14.57
C ARG L 355 37.78 -27.18 -13.25
N HIS L 356 37.25 -28.30 -12.76
CA HIS L 356 37.78 -28.90 -11.55
C HIS L 356 38.84 -29.94 -11.89
N ARG L 357 38.51 -30.85 -12.82
CA ARG L 357 39.40 -31.94 -13.18
C ARG L 357 40.70 -31.41 -13.78
N LEU L 358 40.62 -30.41 -14.66
CA LEU L 358 41.80 -29.95 -15.40
C LEU L 358 42.24 -28.57 -14.92
N GLY L 359 41.33 -27.60 -14.97
CA GLY L 359 41.60 -26.30 -14.40
C GLY L 359 40.84 -25.24 -15.12
N PRO L 360 40.79 -24.03 -14.54
CA PRO L 360 40.07 -22.93 -15.12
C PRO L 360 40.40 -22.73 -16.60
N ASN L 361 41.67 -22.85 -16.98
CA ASN L 361 42.02 -22.61 -18.38
C ASN L 361 42.23 -23.84 -19.26
N TYR L 362 41.46 -24.89 -19.01
CA TYR L 362 41.71 -26.14 -19.71
C TYR L 362 41.64 -26.09 -21.24
N HIS L 363 40.93 -25.11 -21.78
CA HIS L 363 40.71 -25.08 -23.20
C HIS L 363 41.99 -24.70 -23.93
N GLN L 364 43.00 -24.27 -23.16
CA GLN L 364 44.33 -23.95 -23.69
C GLN L 364 45.23 -25.21 -23.82
N ILE L 365 44.86 -26.33 -23.16
CA ILE L 365 45.55 -27.60 -23.35
C ILE L 365 45.42 -28.03 -24.81
N PRO L 366 46.54 -28.29 -25.51
CA PRO L 366 46.53 -28.62 -26.95
C PRO L 366 45.38 -29.47 -27.56
N VAL L 367 45.02 -30.63 -27.01
CA VAL L 367 43.89 -31.38 -27.61
C VAL L 367 42.57 -30.67 -27.49
N ASN L 368 42.49 -29.68 -26.61
CA ASN L 368 41.24 -29.04 -26.37
C ASN L 368 41.10 -27.76 -27.16
N CYS L 369 42.17 -27.36 -27.84
CA CYS L 369 42.19 -26.10 -28.60
C CYS L 369 41.30 -26.20 -29.81
N PRO L 370 40.60 -25.09 -30.11
CA PRO L 370 39.99 -25.05 -31.40
C PRO L 370 41.14 -24.94 -32.42
N LEU L 371 41.67 -26.07 -32.89
CA LEU L 371 42.76 -26.01 -33.87
C LEU L 371 42.38 -25.46 -35.24
N LYS L 372 41.24 -25.87 -35.81
CA LYS L 372 40.91 -25.46 -37.18
C LYS L 372 40.45 -24.01 -37.28
N SER L 373 39.62 -23.57 -36.33
CA SER L 373 39.21 -22.16 -36.25
C SER L 373 39.95 -21.63 -35.08
N GLY L 374 40.48 -20.42 -35.14
CA GLY L 374 41.11 -19.92 -33.90
C GLY L 374 40.03 -19.71 -32.84
N SER L 375 40.29 -18.74 -31.98
CA SER L 375 39.22 -18.20 -31.20
C SER L 375 39.63 -16.78 -30.96
N PHE L 376 38.64 -15.94 -30.66
CA PHE L 376 38.86 -14.58 -30.31
C PHE L 376 37.77 -14.25 -29.29
N ASN L 377 38.15 -14.31 -28.02
CA ASN L 377 37.25 -14.04 -26.93
C ASN L 377 37.90 -13.04 -25.96
N PRO L 378 37.99 -11.77 -26.37
CA PRO L 378 38.65 -10.76 -25.53
C PRO L 378 38.02 -10.54 -24.14
N ILE L 379 36.84 -11.11 -23.84
CA ILE L 379 36.20 -10.95 -22.52
C ILE L 379 36.70 -11.98 -21.54
N ASN L 380 37.16 -13.12 -22.04
CA ASN L 380 37.74 -14.14 -21.17
C ASN L 380 39.28 -13.99 -21.05
N ARG L 381 39.77 -13.64 -19.85
CA ARG L 381 41.18 -13.30 -19.68
C ARG L 381 41.68 -13.71 -18.34
N ASP L 382 43.00 -13.72 -18.19
CA ASP L 382 43.68 -14.17 -16.96
C ASP L 382 43.26 -15.58 -16.49
N GLY L 383 43.21 -15.76 -15.16
CA GLY L 383 43.01 -17.06 -14.50
C GLY L 383 44.27 -17.93 -14.51
N PRO L 384 44.28 -19.01 -13.70
CA PRO L 384 45.48 -19.83 -13.51
C PRO L 384 46.06 -20.38 -14.82
N MET L 385 47.39 -20.53 -14.87
CA MET L 385 48.03 -21.25 -15.99
C MET L 385 47.60 -20.73 -17.34
N CYS L 386 47.60 -19.41 -17.45
CA CYS L 386 47.30 -18.76 -18.70
C CYS L 386 48.50 -18.82 -19.62
N VAL L 387 48.43 -19.69 -20.61
CA VAL L 387 49.59 -19.95 -21.43
C VAL L 387 49.47 -19.49 -22.88
N ASP L 388 48.32 -18.99 -23.28
CA ASP L 388 48.14 -18.71 -24.70
C ASP L 388 48.49 -17.27 -25.09
N GLY L 389 49.16 -16.51 -24.21
CA GLY L 389 49.43 -15.08 -24.49
C GLY L 389 48.39 -14.12 -23.94
N ASN L 390 47.22 -14.63 -23.50
CA ASN L 390 46.14 -13.82 -22.92
C ASN L 390 45.76 -12.62 -23.80
N LEU L 391 45.96 -12.79 -25.13
CA LEU L 391 45.66 -11.79 -26.12
C LEU L 391 46.44 -10.48 -26.00
N GLY L 392 47.61 -10.48 -25.38
CA GLY L 392 48.38 -9.24 -25.31
C GLY L 392 47.52 -8.07 -24.86
N GLY L 393 47.70 -6.93 -25.53
CA GLY L 393 47.07 -5.66 -25.14
C GLY L 393 45.67 -5.38 -25.69
N THR L 394 45.01 -6.38 -26.28
CA THR L 394 43.64 -6.23 -26.80
C THR L 394 42.67 -5.90 -25.65
N PRO L 395 41.85 -4.86 -25.86
CA PRO L 395 40.87 -4.40 -24.86
C PRO L 395 39.88 -5.53 -24.42
N ASN L 396 39.50 -5.50 -23.14
CA ASN L 396 38.77 -6.62 -22.58
C ASN L 396 37.27 -6.38 -22.42
N TYR L 397 36.69 -5.56 -23.28
CA TYR L 397 35.25 -5.32 -23.31
C TYR L 397 34.76 -5.04 -24.73
N ALA L 398 33.51 -5.37 -25.02
CA ALA L 398 32.98 -5.24 -26.39
C ALA L 398 32.72 -3.80 -26.77
N ASN L 399 32.90 -3.50 -28.05
CA ASN L 399 32.78 -2.15 -28.62
C ASN L 399 33.76 -1.17 -28.00
N ALA L 400 35.00 -1.61 -27.86
CA ALA L 400 36.04 -0.71 -27.39
C ALA L 400 36.26 0.29 -28.50
N TYR L 401 36.42 1.57 -28.17
CA TYR L 401 36.68 2.58 -29.21
C TYR L 401 37.90 2.25 -30.05
N ASN L 402 38.85 1.52 -29.48
CA ASN L 402 40.10 1.26 -30.18
C ASN L 402 40.32 -0.20 -30.51
N CYS L 403 39.26 -0.91 -30.89
CA CYS L 403 39.37 -2.31 -31.30
C CYS L 403 38.11 -2.76 -32.01
N PRO L 404 38.11 -2.70 -33.36
CA PRO L 404 36.88 -3.07 -34.11
C PRO L 404 36.71 -4.61 -34.24
N ILE L 405 35.53 -5.10 -33.86
CA ILE L 405 35.22 -6.54 -33.91
C ILE L 405 34.10 -6.82 -34.94
N GLN L 406 34.22 -7.97 -35.62
CA GLN L 406 33.20 -8.48 -36.53
C GLN L 406 32.36 -9.57 -35.79
N TYR L 407 31.02 -9.45 -35.86
CA TYR L 407 30.07 -10.41 -35.25
C TYR L 407 29.37 -11.28 -36.29
N ALA L 408 29.19 -12.57 -36.01
CA ALA L 408 28.57 -13.55 -36.95
C ALA L 408 27.15 -13.18 -37.46
N VAL L 409 26.88 -13.48 -38.74
CA VAL L 409 25.69 -12.98 -39.49
C VAL L 409 24.39 -12.59 -38.68
N LYS L 417 11.77 -18.06 -38.99
CA LYS L 417 10.96 -19.29 -38.91
C LYS L 417 10.37 -19.70 -37.52
N PRO L 418 9.23 -20.43 -37.50
CA PRO L 418 8.52 -20.74 -36.25
C PRO L 418 9.19 -21.84 -35.39
N ASP L 419 9.52 -21.51 -34.13
CA ASP L 419 10.17 -22.47 -33.24
C ASP L 419 9.14 -23.11 -32.31
N GLU L 420 9.63 -23.68 -31.20
CA GLU L 420 8.77 -24.25 -30.15
C GLU L 420 8.17 -23.14 -29.28
N LYS L 421 6.93 -23.37 -28.79
CA LYS L 421 6.18 -22.39 -27.97
C LYS L 421 5.86 -22.88 -26.56
N TYR L 422 6.07 -22.00 -25.58
CA TYR L 422 5.94 -22.32 -24.16
C TYR L 422 4.76 -21.56 -23.56
N THR L 423 4.07 -22.20 -22.62
CA THR L 423 2.95 -21.59 -21.87
C THR L 423 2.92 -22.16 -20.48
N GLY L 424 2.75 -21.30 -19.50
CA GLY L 424 2.46 -21.78 -18.16
C GLY L 424 3.20 -21.03 -17.10
N GLU L 425 3.23 -21.59 -15.90
CA GLU L 425 4.08 -21.07 -14.83
C GLU L 425 5.37 -21.91 -14.73
N VAL L 426 6.27 -21.50 -13.85
CA VAL L 426 7.42 -22.31 -13.50
C VAL L 426 6.92 -23.48 -12.65
N VAL L 427 7.28 -24.70 -13.05
CA VAL L 427 6.75 -25.92 -12.47
C VAL L 427 7.94 -26.83 -12.12
N PRO L 428 7.98 -27.34 -10.88
CA PRO L 428 8.80 -28.51 -10.49
C PRO L 428 8.24 -29.84 -11.02
N TYR L 429 9.07 -30.67 -11.65
CA TYR L 429 8.58 -31.90 -12.24
C TYR L 429 9.55 -33.05 -12.14
N HIS L 430 8.99 -34.22 -11.85
CA HIS L 430 9.64 -35.51 -11.80
C HIS L 430 8.77 -36.37 -12.73
N TRP L 431 9.36 -36.89 -13.79
CA TRP L 431 8.62 -37.65 -14.81
C TRP L 431 7.81 -38.80 -14.22
N GLU L 432 6.52 -38.82 -14.52
CA GLU L 432 5.60 -39.80 -13.92
C GLU L 432 5.34 -40.95 -14.87
N HIS L 433 5.36 -42.15 -14.30
CA HIS L 433 5.23 -43.35 -15.07
C HIS L 433 3.88 -43.38 -15.76
N THR L 434 3.84 -43.87 -17.01
CA THR L 434 2.57 -44.26 -17.64
C THR L 434 2.74 -45.63 -18.27
N ASP L 435 1.63 -46.21 -18.72
CA ASP L 435 1.62 -47.58 -19.26
C ASP L 435 2.66 -47.81 -20.35
N TYR L 436 2.89 -46.78 -21.17
CA TYR L 436 3.78 -46.93 -22.32
C TYR L 436 5.22 -47.25 -21.93
N ASP L 437 5.63 -46.85 -20.72
CA ASP L 437 7.00 -47.02 -20.29
C ASP L 437 7.50 -48.46 -20.32
N TYR L 438 6.62 -49.42 -20.05
CA TYR L 438 6.99 -50.84 -20.06
C TYR L 438 6.96 -51.45 -21.45
N PHE L 439 6.29 -50.78 -22.39
CA PHE L 439 6.11 -51.36 -23.72
C PHE L 439 7.45 -51.62 -24.38
N GLN L 440 8.35 -50.65 -24.30
CA GLN L 440 9.55 -50.72 -25.11
C GLN L 440 10.59 -51.77 -24.62
N PRO L 441 10.77 -51.92 -23.30
CA PRO L 441 11.50 -53.10 -22.80
C PRO L 441 10.84 -54.42 -23.21
N LYS L 442 9.52 -54.41 -23.40
CA LYS L 442 8.74 -55.58 -23.81
C LYS L 442 9.20 -56.06 -25.18
N MET L 443 9.36 -55.10 -26.10
CA MET L 443 9.83 -55.39 -27.46
C MET L 443 11.27 -55.86 -27.52
N PHE L 444 12.08 -55.36 -26.59
CA PHE L 444 13.48 -55.74 -26.54
C PHE L 444 13.61 -57.20 -26.09
N TRP L 445 12.69 -57.66 -25.26
CA TRP L 445 12.72 -59.06 -24.90
C TRP L 445 12.48 -59.87 -26.15
N LYS L 446 11.52 -59.44 -26.97
CA LYS L 446 11.22 -60.11 -28.24
C LYS L 446 12.40 -60.03 -29.21
N VAL L 447 13.13 -58.91 -29.17
CA VAL L 447 14.24 -58.66 -30.08
C VAL L 447 15.40 -59.63 -29.81
N LEU L 448 15.71 -59.87 -28.54
CA LEU L 448 16.54 -61.03 -28.19
C LEU L 448 15.66 -62.26 -28.42
N GLY L 449 16.28 -63.44 -28.47
CA GLY L 449 15.48 -64.64 -28.71
C GLY L 449 15.02 -64.79 -30.15
N ARG L 450 15.26 -63.75 -30.96
CA ARG L 450 15.35 -63.92 -32.40
C ARG L 450 16.77 -64.42 -32.65
N THR L 451 17.51 -64.53 -31.58
CA THR L 451 18.85 -65.08 -31.60
C THR L 451 18.92 -66.11 -30.48
N PRO L 452 19.40 -67.35 -30.80
CA PRO L 452 19.61 -68.40 -29.79
C PRO L 452 20.56 -67.92 -28.70
N GLY L 453 20.22 -68.22 -27.45
CA GLY L 453 21.11 -67.92 -26.34
C GLY L 453 21.03 -66.53 -25.74
N GLU L 454 20.44 -65.57 -26.46
CA GLU L 454 20.43 -64.17 -25.99
C GLU L 454 19.55 -63.91 -24.78
N GLN L 455 18.33 -64.46 -24.80
CA GLN L 455 17.43 -64.41 -23.64
C GLN L 455 17.93 -65.19 -22.41
N GLU L 456 18.53 -66.36 -22.64
CA GLU L 456 19.08 -67.17 -21.55
C GLU L 456 20.30 -66.48 -20.97
N SER L 457 21.01 -65.70 -21.81
CA SER L 457 22.17 -64.90 -21.39
C SER L 457 21.76 -63.83 -20.42
N LEU L 458 20.75 -63.06 -20.80
CA LEU L 458 20.24 -61.99 -19.95
C LEU L 458 19.91 -62.54 -18.58
N VAL L 459 19.15 -63.63 -18.56
CA VAL L 459 18.73 -64.23 -17.31
C VAL L 459 19.91 -64.75 -16.46
N LYS L 460 20.89 -65.35 -17.14
CA LYS L 460 22.08 -65.87 -16.48
C LYS L 460 22.93 -64.74 -15.89
N ASN L 461 23.01 -63.62 -16.62
CA ASN L 461 23.80 -62.47 -16.20
C ASN L 461 23.15 -61.68 -15.08
N VAL L 462 21.85 -61.54 -15.13
CA VAL L 462 21.16 -60.87 -14.05
C VAL L 462 21.27 -61.73 -12.82
N ALA L 463 21.34 -63.05 -13.04
CA ALA L 463 21.17 -64.01 -11.96
C ALA L 463 22.42 -64.01 -11.12
N ASN L 464 23.55 -64.31 -11.77
CA ASN L 464 24.87 -64.22 -11.13
C ASN L 464 25.11 -62.92 -10.35
N HIS L 465 24.79 -61.77 -10.96
CA HIS L 465 24.92 -60.52 -10.26
C HIS L 465 24.04 -60.52 -9.01
N VAL L 466 22.76 -60.85 -9.16
CA VAL L 466 21.82 -60.64 -8.05
C VAL L 466 21.93 -61.67 -6.90
N SER L 467 22.71 -62.74 -7.12
CA SER L 467 22.80 -63.84 -6.18
C SER L 467 23.52 -63.50 -4.88
N ALA L 468 24.29 -62.41 -4.88
CA ALA L 468 24.92 -61.96 -3.64
C ALA L 468 24.06 -60.94 -2.86
N ALA L 469 22.92 -60.54 -3.42
CA ALA L 469 22.08 -59.57 -2.77
C ALA L 469 21.20 -60.33 -1.80
N ASP L 470 20.70 -59.63 -0.78
CA ASP L 470 19.76 -60.20 0.18
C ASP L 470 18.47 -60.68 -0.49
N GLU L 471 17.78 -61.63 0.12
CA GLU L 471 16.53 -62.17 -0.43
C GLU L 471 15.45 -61.13 -0.74
N PHE L 472 15.15 -60.25 0.22
CA PHE L 472 14.03 -59.31 0.08
C PHE L 472 14.22 -58.40 -1.11
N ILE L 473 15.47 -58.26 -1.53
CA ILE L 473 15.83 -57.40 -2.64
C ILE L 473 15.90 -58.21 -3.94
N GLN L 474 16.33 -59.46 -3.83
CA GLN L 474 16.26 -60.41 -4.93
C GLN L 474 14.81 -60.48 -5.37
N ASP L 475 13.90 -60.33 -4.38
CA ASP L 475 12.47 -60.43 -4.66
C ASP L 475 12.01 -59.29 -5.57
N ARG L 476 12.40 -58.06 -5.21
CA ARG L 476 12.01 -56.85 -5.98
C ARG L 476 12.60 -56.89 -7.39
N VAL L 477 13.74 -57.56 -7.54
CA VAL L 477 14.38 -57.70 -8.85
C VAL L 477 13.53 -58.59 -9.72
N TYR L 478 12.89 -59.58 -9.09
CA TYR L 478 12.03 -60.48 -9.84
C TYR L 478 10.80 -59.75 -10.37
N GLU L 479 10.18 -58.93 -9.50
CA GLU L 479 9.02 -58.11 -9.92
C GLU L 479 9.35 -57.20 -11.07
N TYR L 480 10.53 -56.56 -10.94
CA TYR L 480 11.04 -55.52 -11.83
C TYR L 480 11.17 -56.06 -13.26
N PHE L 481 11.99 -57.09 -13.46
CA PHE L 481 12.14 -57.63 -14.79
C PHE L 481 10.83 -58.17 -15.33
N SER L 482 9.95 -58.64 -14.45
CA SER L 482 8.66 -59.16 -14.88
C SER L 482 7.76 -58.08 -15.48
N LYS L 483 8.04 -56.81 -15.12
CA LYS L 483 7.26 -55.66 -15.63
C LYS L 483 7.44 -55.49 -17.14
N ALA L 484 8.48 -56.11 -17.68
CA ALA L 484 8.64 -56.13 -19.10
C ALA L 484 7.86 -57.33 -19.67
N GLU L 485 8.23 -58.53 -19.22
CA GLU L 485 7.56 -59.79 -19.52
C GLU L 485 7.56 -60.63 -18.23
N PRO L 486 6.37 -61.10 -17.79
CA PRO L 486 6.38 -61.86 -16.52
C PRO L 486 7.30 -63.10 -16.48
N ILE L 487 7.58 -63.76 -17.61
CA ILE L 487 8.44 -64.98 -17.63
C ILE L 487 9.85 -64.71 -17.12
N ILE L 488 10.31 -63.48 -17.34
CA ILE L 488 11.66 -63.06 -17.00
C ILE L 488 11.92 -63.18 -15.48
N GLY L 489 11.09 -62.50 -14.68
CA GLY L 489 11.17 -62.64 -13.21
C GLY L 489 11.36 -64.10 -12.83
N ASP L 490 10.39 -64.92 -13.22
CA ASP L 490 10.37 -66.33 -12.86
C ASP L 490 11.58 -67.10 -13.38
N LEU L 491 12.07 -66.76 -14.57
CA LEU L 491 13.28 -67.40 -15.12
C LEU L 491 14.57 -66.99 -14.39
N ILE L 492 14.56 -65.76 -13.87
CA ILE L 492 15.65 -65.29 -13.03
C ILE L 492 15.59 -65.92 -11.63
N ARG L 493 14.43 -65.88 -10.95
CA ARG L 493 14.24 -66.60 -9.68
C ARG L 493 14.66 -68.08 -9.73
N LYS L 494 14.41 -68.74 -10.85
CA LYS L 494 14.79 -70.14 -11.03
C LYS L 494 16.30 -70.36 -11.17
N LYS L 495 16.98 -69.52 -11.94
CA LYS L 495 18.42 -69.71 -12.09
C LYS L 495 19.19 -69.25 -10.83
N VAL L 496 18.51 -68.47 -9.97
CA VAL L 496 19.06 -68.10 -8.65
C VAL L 496 19.22 -69.35 -7.76
N GLN L 497 18.14 -70.13 -7.64
CA GLN L 497 18.11 -71.34 -6.82
C GLN L 497 19.12 -72.38 -7.28
N GLU L 498 19.30 -72.46 -8.61
CA GLU L 498 20.20 -73.45 -9.24
C GLU L 498 21.69 -73.14 -9.11
N LEU L 499 22.04 -71.86 -9.02
CA LEU L 499 23.41 -71.45 -8.70
C LEU L 499 23.72 -71.50 -7.19
N LYS L 500 22.65 -71.47 -6.37
CA LYS L 500 22.69 -71.63 -4.90
C LYS L 500 22.97 -73.08 -4.45
N ARG L 501 22.59 -74.01 -5.32
CA ARG L 501 22.82 -75.44 -5.19
C ARG L 501 24.30 -75.77 -5.48
N LYS L 502 24.92 -75.02 -6.41
CA LYS L 502 26.31 -75.24 -6.85
C LYS L 502 27.28 -74.17 -6.29
N ALA L 503 28.59 -74.44 -6.30
CA ALA L 503 29.62 -73.46 -5.86
N PRO M 6 48.46 -45.80 38.63
CA PRO M 6 48.14 -45.18 39.92
C PRO M 6 48.24 -43.62 39.93
N PRO M 7 47.64 -42.95 40.97
CA PRO M 7 47.82 -41.51 41.21
C PRO M 7 48.59 -41.20 42.49
N VAL M 8 48.94 -39.92 42.68
CA VAL M 8 49.74 -39.54 43.84
C VAL M 8 48.93 -38.87 44.94
N PHE M 9 49.07 -39.43 46.15
CA PHE M 9 48.45 -38.93 47.36
C PHE M 9 48.94 -37.51 47.71
N THR M 10 48.00 -36.57 47.88
CA THR M 10 48.34 -35.16 48.09
C THR M 10 47.54 -34.48 49.20
N THR M 11 47.90 -33.22 49.48
CA THR M 11 47.09 -32.32 50.32
C THR M 11 46.02 -31.67 49.46
N SER M 12 45.04 -31.02 50.08
CA SER M 12 43.96 -30.37 49.34
C SER M 12 44.47 -29.41 48.24
N GLN M 13 45.73 -28.95 48.37
CA GLN M 13 46.37 -27.98 47.42
C GLN M 13 47.37 -28.60 46.42
N GLY M 14 47.48 -29.93 46.43
CA GLY M 14 48.22 -30.61 45.37
C GLY M 14 49.64 -30.94 45.71
N CYS M 15 50.04 -30.62 46.94
CA CYS M 15 51.36 -31.01 47.47
C CYS M 15 51.41 -32.48 47.87
N PRO M 16 52.31 -33.26 47.23
CA PRO M 16 52.45 -34.71 47.45
C PRO M 16 52.74 -35.03 48.92
N VAL M 17 52.24 -36.18 49.38
CA VAL M 17 52.44 -36.58 50.76
C VAL M 17 53.15 -37.94 50.79
N SER M 18 54.21 -38.03 51.61
CA SER M 18 55.00 -39.26 51.68
C SER M 18 54.36 -40.36 52.56
N ASP M 19 53.84 -39.98 53.72
CA ASP M 19 53.29 -40.97 54.61
C ASP M 19 51.96 -40.45 55.11
N PRO M 20 50.91 -41.29 55.07
CA PRO M 20 49.59 -40.85 55.51
C PRO M 20 49.46 -40.72 57.03
N PHE M 21 50.34 -41.35 57.79
CA PHE M 21 50.13 -41.51 59.25
C PHE M 21 51.08 -40.78 60.19
N THR M 22 52.11 -40.14 59.65
CA THR M 22 53.08 -39.45 60.49
C THR M 22 52.67 -38.04 60.85
N THR M 23 52.95 -37.66 62.10
CA THR M 23 52.83 -36.26 62.54
C THR M 23 54.14 -35.73 63.13
N GLN M 24 54.40 -34.43 62.96
CA GLN M 24 55.63 -33.80 63.47
C GLN M 24 55.68 -33.67 64.99
N ARG M 25 56.82 -34.03 65.57
CA ARG M 25 57.09 -33.72 66.98
C ARG M 25 58.57 -33.55 67.30
N ILE M 26 58.83 -32.79 68.36
CA ILE M 26 60.15 -32.66 68.98
C ILE M 26 60.09 -33.57 70.20
N PRO M 27 60.93 -34.61 70.22
CA PRO M 27 60.80 -35.67 71.20
C PRO M 27 61.33 -35.29 72.57
N LEU M 28 60.80 -35.92 73.61
CA LEU M 28 61.40 -35.83 74.93
C LEU M 28 62.78 -36.47 74.91
N ASP M 29 63.66 -35.97 75.79
CA ASP M 29 64.94 -36.62 76.04
C ASP M 29 64.60 -38.02 76.50
N SER M 30 65.33 -39.01 75.99
CA SER M 30 65.07 -40.43 76.29
C SER M 30 65.97 -41.05 77.35
N THR M 31 66.90 -40.27 77.88
CA THR M 31 67.84 -40.79 78.89
C THR M 31 67.09 -41.17 80.17
N GLY M 32 67.19 -42.46 80.53
CA GLY M 32 66.53 -43.01 81.70
C GLY M 32 65.39 -43.96 81.37
N TYR M 33 64.83 -43.85 80.16
CA TYR M 33 63.63 -44.59 79.77
C TYR M 33 63.91 -46.03 79.34
N LYS M 34 63.16 -46.96 79.94
CA LYS M 34 63.20 -48.35 79.52
C LYS M 34 62.65 -48.38 78.10
N TYR M 35 61.55 -47.64 77.88
CA TYR M 35 60.87 -47.53 76.57
C TYR M 35 60.81 -46.05 76.16
N ALA M 36 61.42 -45.72 75.02
CA ALA M 36 61.54 -44.30 74.63
C ALA M 36 61.16 -44.03 73.18
N PRO M 37 59.85 -44.10 72.87
CA PRO M 37 59.40 -43.71 71.56
C PRO M 37 59.44 -42.19 71.47
N PRO M 38 59.61 -41.64 70.24
CA PRO M 38 59.80 -40.20 70.16
C PRO M 38 58.49 -39.40 70.30
N ILE M 39 58.16 -39.02 71.53
CA ILE M 39 56.91 -38.33 71.81
C ILE M 39 57.17 -36.91 72.23
N GLY M 40 56.29 -36.01 71.83
CA GLY M 40 56.35 -34.61 72.21
C GLY M 40 55.13 -33.87 71.71
N PRO M 41 55.05 -32.59 72.03
CA PRO M 41 53.89 -31.83 71.66
C PRO M 41 53.78 -31.71 70.13
N LEU M 42 52.54 -31.61 69.63
CA LEU M 42 52.24 -31.44 68.20
C LEU M 42 52.44 -29.99 67.78
N LEU M 43 52.81 -29.82 66.51
CA LEU M 43 53.26 -28.52 65.96
C LEU M 43 52.26 -27.79 65.03
N LEU M 44 52.19 -26.47 65.17
CA LEU M 44 51.33 -25.70 64.28
C LEU M 44 51.74 -25.83 62.84
N GLN M 45 53.01 -26.08 62.58
CA GLN M 45 53.47 -26.11 61.21
C GLN M 45 53.13 -27.42 60.48
N ASP M 46 52.65 -28.42 61.21
CA ASP M 46 52.29 -29.69 60.62
C ASP M 46 51.02 -29.60 59.77
N PHE M 47 51.20 -29.15 58.53
CA PHE M 47 50.09 -28.75 57.69
C PHE M 47 49.20 -29.97 57.36
N LYS M 48 49.84 -31.11 57.11
CA LYS M 48 49.08 -32.29 56.81
C LYS M 48 48.07 -32.53 57.93
N LEU M 49 48.53 -32.40 59.17
CA LEU M 49 47.69 -32.69 60.29
C LEU M 49 46.49 -31.73 60.32
N ILE M 50 46.75 -30.44 60.52
CA ILE M 50 45.68 -29.43 60.54
C ILE M 50 44.74 -29.54 59.31
N ASP M 51 45.30 -29.70 58.11
CA ASP M 51 44.52 -29.64 56.90
C ASP M 51 43.61 -30.85 56.84
N THR M 52 44.04 -32.01 57.35
CA THR M 52 43.13 -33.14 57.30
C THR M 52 42.15 -33.08 58.46
N LEU M 53 42.64 -32.82 59.67
CA LEU M 53 41.71 -32.63 60.79
C LEU M 53 40.64 -31.56 60.55
N SER M 54 41.02 -30.39 60.09
CA SER M 54 40.06 -29.31 60.04
C SER M 54 38.99 -29.59 59.02
N HIS M 55 39.34 -30.38 57.99
CA HIS M 55 38.33 -30.79 57.03
C HIS M 55 37.42 -31.85 57.62
N PHE M 56 37.99 -32.78 58.38
CA PHE M 56 37.19 -33.74 59.08
C PHE M 56 36.17 -33.00 59.96
N ASP M 57 36.66 -31.99 60.70
CA ASP M 57 35.81 -31.14 61.56
C ASP M 57 34.57 -30.52 60.88
N ARG M 58 34.56 -30.47 59.54
CA ARG M 58 33.52 -29.76 58.82
C ARG M 58 32.78 -30.63 57.84
N GLU M 59 32.82 -31.96 58.01
CA GLU M 59 32.19 -32.88 57.08
C GLU M 59 30.68 -32.74 56.99
N ARG M 60 30.04 -32.28 58.07
CA ARG M 60 28.57 -32.41 58.16
C ARG M 60 27.81 -31.15 57.77
N ILE M 61 26.67 -31.34 57.12
CA ILE M 61 25.78 -30.22 56.84
C ILE M 61 24.43 -30.53 57.47
N PRO M 62 23.56 -29.50 57.57
CA PRO M 62 22.33 -29.83 58.28
C PRO M 62 21.54 -30.85 57.49
N GLU M 63 20.90 -31.80 58.14
CA GLU M 63 20.00 -32.69 57.41
C GLU M 63 18.71 -31.93 56.99
N ARG M 64 17.92 -32.49 56.10
CA ARG M 64 16.70 -31.80 55.69
C ARG M 64 15.75 -31.70 56.88
N VAL M 65 15.02 -30.58 57.06
CA VAL M 65 14.13 -30.49 58.24
C VAL M 65 13.19 -31.70 58.32
N VAL M 66 12.72 -32.12 57.12
CA VAL M 66 11.88 -33.29 56.93
C VAL M 66 12.43 -34.14 55.77
N HIS M 67 12.03 -35.41 55.71
CA HIS M 67 12.50 -36.35 54.67
C HIS M 67 14.02 -36.52 54.73
N ALA M 68 14.57 -36.47 55.94
CA ALA M 68 16.02 -36.50 56.12
C ALA M 68 16.63 -37.77 55.61
N LYS M 69 15.94 -38.89 55.79
CA LYS M 69 16.52 -40.22 55.55
C LYS M 69 16.05 -40.67 54.20
N GLY M 70 16.98 -41.06 53.32
CA GLY M 70 16.64 -41.27 51.91
C GLY M 70 17.62 -42.05 51.05
N ALA M 71 17.16 -42.48 49.88
CA ALA M 71 18.02 -43.12 48.87
C ALA M 71 17.60 -42.67 47.48
N GLY M 72 18.55 -42.67 46.56
CA GLY M 72 18.26 -42.15 45.23
C GLY M 72 19.00 -42.89 44.14
N ALA M 73 18.54 -42.66 42.91
CA ALA M 73 19.13 -43.26 41.72
C ALA M 73 18.84 -42.47 40.48
N TYR M 74 19.73 -42.63 39.50
CA TYR M 74 19.56 -42.04 38.18
C TYR M 74 18.73 -42.98 37.32
N GLY M 75 18.13 -42.44 36.26
CA GLY M 75 17.38 -43.24 35.30
C GLY M 75 16.93 -42.47 34.07
N VAL M 76 15.93 -43.02 33.39
CA VAL M 76 15.45 -42.46 32.13
C VAL M 76 13.92 -42.32 32.13
N PHE M 77 13.43 -41.20 31.62
CA PHE M 77 12.01 -41.07 31.36
C PHE M 77 11.73 -41.08 29.85
N GLU M 78 10.70 -41.82 29.44
CA GLU M 78 10.29 -41.85 28.03
C GLU M 78 8.86 -41.40 27.84
N VAL M 79 8.65 -40.52 26.86
CA VAL M 79 7.30 -40.17 26.45
C VAL M 79 6.78 -41.27 25.54
N THR M 80 5.59 -41.81 25.84
CA THR M 80 5.05 -42.97 25.10
C THR M 80 3.72 -42.71 24.40
N ASP M 81 3.11 -41.56 24.65
CA ASP M 81 1.88 -41.20 23.98
C ASP M 81 1.89 -39.72 23.68
N ASP M 82 1.04 -39.31 22.75
CA ASP M 82 0.94 -37.89 22.43
C ASP M 82 -0.02 -37.23 23.41
N ILE M 83 0.48 -36.35 24.27
CA ILE M 83 -0.44 -35.55 25.11
C ILE M 83 -0.33 -34.06 24.85
N THR M 84 0.28 -33.70 23.72
CA THR M 84 0.55 -32.30 23.38
C THR M 84 -0.72 -31.48 23.25
N ASP M 85 -1.86 -32.14 23.35
CA ASP M 85 -3.16 -31.48 23.38
C ASP M 85 -3.49 -31.04 24.80
N VAL M 86 -2.76 -31.61 25.75
CA VAL M 86 -2.91 -31.20 27.14
C VAL M 86 -1.76 -30.28 27.54
N CYS M 87 -0.53 -30.63 27.14
CA CYS M 87 0.70 -30.03 27.70
C CYS M 87 1.87 -29.73 26.73
N SER M 88 2.27 -28.46 26.69
CA SER M 88 3.26 -27.98 25.70
C SER M 88 4.73 -28.22 26.07
N ALA M 89 4.98 -28.85 27.22
CA ALA M 89 6.34 -29.04 27.71
C ALA M 89 7.24 -29.72 26.70
N LYS M 90 8.38 -29.11 26.44
CA LYS M 90 9.37 -29.66 25.55
C LYS M 90 9.79 -31.10 25.84
N PHE M 91 9.94 -31.50 27.08
CA PHE M 91 10.42 -32.86 27.29
C PHE M 91 9.37 -33.89 26.89
N LEU M 92 8.14 -33.40 26.68
CA LEU M 92 6.99 -34.21 26.27
C LEU M 92 6.62 -34.03 24.80
N ASP M 93 7.39 -33.17 24.13
CA ASP M 93 7.32 -32.83 22.69
C ASP M 93 6.82 -33.87 21.72
N THR M 94 7.46 -35.03 21.73
CA THR M 94 7.33 -35.99 20.67
C THR M 94 7.52 -37.41 21.22
N VAL M 95 6.78 -38.37 20.69
CA VAL M 95 6.80 -39.73 21.23
C VAL M 95 8.20 -40.36 21.21
N GLY M 96 8.50 -41.19 22.21
CA GLY M 96 9.81 -41.83 22.33
C GLY M 96 10.98 -40.96 22.79
N LYS M 97 10.75 -39.65 23.07
CA LYS M 97 11.78 -38.75 23.63
C LYS M 97 12.20 -39.12 25.07
N LYS M 98 13.52 -39.17 25.28
CA LYS M 98 14.10 -39.58 26.55
C LYS M 98 14.78 -38.43 27.32
N THR M 99 14.56 -38.43 28.64
CA THR M 99 15.06 -37.39 29.52
C THR M 99 15.72 -38.06 30.72
N ARG M 100 16.92 -37.58 31.05
CA ARG M 100 17.63 -38.09 32.23
C ARG M 100 16.93 -37.62 33.52
N ILE M 101 16.82 -38.51 34.50
CA ILE M 101 16.15 -38.15 35.75
C ILE M 101 16.93 -38.62 36.99
N PHE M 102 16.71 -37.93 38.10
CA PHE M 102 17.20 -38.43 39.38
C PHE M 102 16.01 -38.48 40.31
N THR M 103 15.88 -39.58 41.05
CA THR M 103 14.77 -39.76 41.98
C THR M 103 15.28 -40.05 43.37
N ARG M 104 14.74 -39.31 44.34
CA ARG M 104 15.11 -39.56 45.73
C ARG M 104 13.91 -40.02 46.52
N PHE M 105 14.05 -41.16 47.19
CA PHE M 105 13.00 -41.69 48.03
C PHE M 105 13.40 -41.44 49.48
N SER M 106 12.42 -41.34 50.36
CA SER M 106 12.61 -40.84 51.72
C SER M 106 11.43 -41.21 52.56
N THR M 107 11.67 -41.28 53.87
CA THR M 107 10.61 -41.25 54.89
C THR M 107 10.45 -39.79 55.31
N VAL M 108 9.58 -39.50 56.29
CA VAL M 108 9.24 -38.09 56.57
C VAL M 108 9.85 -37.56 57.87
N GLY M 109 9.40 -38.11 58.98
CA GLY M 109 9.78 -37.59 60.27
C GLY M 109 11.16 -38.04 60.71
N GLY M 110 11.48 -39.30 60.45
CA GLY M 110 12.77 -39.88 60.88
C GLY M 110 14.01 -39.07 60.51
N GLU M 111 14.89 -38.90 61.50
CA GLU M 111 16.18 -38.24 61.28
C GLU M 111 17.15 -39.19 60.58
N LYS M 112 18.36 -38.71 60.37
CA LYS M 112 19.31 -39.34 59.47
C LYS M 112 19.72 -40.78 59.79
N GLY M 113 19.67 -41.19 61.05
CA GLY M 113 20.07 -42.56 61.35
C GLY M 113 18.93 -43.53 61.55
N SER M 114 17.70 -43.01 61.41
CA SER M 114 16.49 -43.75 61.73
C SER M 114 16.23 -44.86 60.72
N ALA M 115 15.18 -45.65 60.99
CA ALA M 115 14.86 -46.82 60.19
C ALA M 115 14.09 -46.54 58.90
N ASP M 116 14.53 -47.16 57.81
CA ASP M 116 13.87 -47.12 56.50
C ASP M 116 12.43 -47.64 56.56
N THR M 117 12.17 -48.59 57.45
CA THR M 117 10.86 -49.23 57.59
C THR M 117 10.00 -48.69 58.74
N ALA M 118 10.31 -47.48 59.21
CA ALA M 118 9.46 -46.81 60.20
C ALA M 118 8.13 -46.37 59.53
N ARG M 119 7.08 -46.21 60.34
CA ARG M 119 5.76 -45.90 59.81
C ARG M 119 5.73 -44.42 59.40
N ASP M 120 5.42 -44.15 58.14
CA ASP M 120 5.45 -42.78 57.58
C ASP M 120 4.93 -42.80 56.15
N PRO M 121 4.52 -41.64 55.60
CA PRO M 121 4.39 -41.55 54.15
C PRO M 121 5.78 -41.72 53.57
N ARG M 122 5.87 -41.82 52.25
CA ARG M 122 7.16 -41.91 51.64
C ARG M 122 7.26 -40.82 50.59
N GLY M 123 8.45 -40.24 50.49
CA GLY M 123 8.70 -39.15 49.54
C GLY M 123 9.21 -39.73 48.25
N PHE M 124 8.82 -39.13 47.14
CA PHE M 124 9.12 -39.67 45.82
C PHE M 124 9.41 -38.46 44.96
N ALA M 125 10.65 -37.97 45.00
CA ALA M 125 11.00 -36.72 44.28
C ALA M 125 11.88 -36.97 43.06
N THR M 126 11.49 -36.38 41.93
CA THR M 126 12.18 -36.67 40.70
C THR M 126 12.57 -35.38 40.03
N LYS M 127 13.84 -35.32 39.63
CA LYS M 127 14.38 -34.19 38.91
C LYS M 127 14.50 -34.54 37.44
N PHE M 128 13.88 -33.74 36.58
CA PHE M 128 13.93 -33.94 35.14
C PHE M 128 14.79 -32.89 34.45
N TYR M 129 15.89 -33.33 33.86
CA TYR M 129 16.79 -32.43 33.18
C TYR M 129 16.33 -32.18 31.76
N THR M 130 15.45 -31.20 31.58
CA THR M 130 14.88 -30.92 30.25
C THR M 130 15.65 -29.83 29.47
N GLU M 131 15.33 -29.67 28.18
CA GLU M 131 15.94 -28.63 27.36
C GLU M 131 15.41 -27.29 27.80
N ASP M 132 14.30 -27.30 28.55
CA ASP M 132 13.66 -26.12 29.08
C ASP M 132 13.95 -25.89 30.57
N GLY M 133 14.97 -26.54 31.10
CA GLY M 133 15.36 -26.33 32.47
C GLY M 133 15.10 -27.57 33.28
N ASN M 134 15.33 -27.50 34.60
CA ASN M 134 15.07 -28.62 35.47
C ASN M 134 13.65 -28.54 36.00
N LEU M 135 12.93 -29.64 35.89
CA LEU M 135 11.59 -29.75 36.45
C LEU M 135 11.64 -30.73 37.59
N ASP M 136 11.10 -30.30 38.74
CA ASP M 136 11.06 -31.13 39.93
C ASP M 136 9.63 -31.59 40.16
N LEU M 137 9.43 -32.91 40.15
CA LEU M 137 8.15 -33.47 40.59
C LEU M 137 8.30 -34.02 42.02
N VAL M 138 7.87 -33.22 42.97
CA VAL M 138 8.17 -33.54 44.37
C VAL M 138 6.93 -34.17 44.96
N TYR M 139 6.83 -35.49 44.82
CA TYR M 139 5.58 -36.22 45.11
C TYR M 139 5.68 -37.09 46.35
N ASN M 140 4.53 -37.39 46.94
CA ASN M 140 4.47 -38.43 47.98
C ASN M 140 3.89 -39.75 47.47
N ASN M 141 3.89 -40.77 48.34
CA ASN M 141 3.40 -42.10 47.95
C ASN M 141 1.94 -42.27 48.32
N THR M 142 1.28 -41.15 48.55
CA THR M 142 -0.14 -41.12 48.82
C THR M 142 -0.71 -39.94 48.03
N PRO M 143 -1.93 -40.06 47.50
CA PRO M 143 -2.58 -38.99 46.71
C PRO M 143 -3.16 -37.84 47.58
N ILE M 144 -2.94 -37.92 48.88
CA ILE M 144 -3.49 -36.91 49.80
C ILE M 144 -2.52 -36.59 50.93
N PHE M 145 -2.94 -35.72 51.86
CA PHE M 145 -2.04 -35.33 52.95
C PHE M 145 -2.78 -34.89 54.18
N PHE M 146 -2.02 -34.68 55.26
CA PHE M 146 -2.54 -34.43 56.59
C PHE M 146 -3.11 -33.04 56.74
N ILE M 147 -2.79 -32.15 55.79
CA ILE M 147 -3.18 -30.74 55.93
C ILE M 147 -3.61 -30.08 54.64
N ARG M 148 -4.32 -28.96 54.75
CA ARG M 148 -4.76 -28.19 53.59
C ARG M 148 -4.72 -26.72 53.97
N ASP M 149 -4.07 -26.43 55.09
CA ASP M 149 -3.71 -25.06 55.42
C ASP M 149 -2.20 -25.00 55.57
N PRO M 150 -1.54 -24.19 54.73
CA PRO M 150 -0.09 -24.26 54.58
C PRO M 150 0.61 -24.03 55.89
N ILE M 151 0.24 -22.97 56.59
CA ILE M 151 0.90 -22.63 57.86
C ILE M 151 0.80 -23.71 58.95
N LYS M 152 -0.05 -24.73 58.79
CA LYS M 152 -0.14 -25.73 59.83
C LYS M 152 1.04 -26.69 59.74
N PHE M 153 1.77 -26.64 58.65
CA PHE M 153 2.82 -27.63 58.44
C PHE M 153 3.80 -27.74 59.62
N PRO M 154 4.37 -26.61 60.08
CA PRO M 154 5.38 -26.78 61.14
C PRO M 154 4.76 -27.31 62.42
N HIS M 155 3.50 -26.96 62.66
CA HIS M 155 2.81 -27.48 63.81
C HIS M 155 2.76 -28.98 63.62
N PHE M 156 2.20 -29.42 62.50
CA PHE M 156 1.98 -30.84 62.30
C PHE M 156 3.32 -31.54 62.45
N ILE M 157 4.31 -31.14 61.66
CA ILE M 157 5.60 -31.83 61.67
C ILE M 157 6.22 -31.85 63.07
N HIS M 158 5.98 -30.79 63.87
CA HIS M 158 6.53 -30.73 65.24
C HIS M 158 5.99 -31.88 66.10
N THR M 159 4.68 -32.08 66.05
CA THR M 159 4.05 -33.14 66.82
C THR M 159 4.37 -34.55 66.29
N GLN M 160 4.85 -34.64 65.04
CA GLN M 160 5.34 -35.90 64.48
C GLN M 160 6.73 -36.29 64.97
N LYS M 161 7.45 -35.35 65.58
CA LYS M 161 8.86 -35.55 65.93
C LYS M 161 9.08 -35.63 67.43
N ARG M 162 10.02 -34.88 67.98
CA ARG M 162 10.37 -35.06 69.38
C ARG M 162 9.90 -33.94 70.29
N ASN M 163 9.61 -34.29 71.55
CA ASN M 163 9.31 -33.32 72.58
C ASN M 163 10.47 -32.35 72.80
N PRO M 164 10.19 -31.03 72.81
CA PRO M 164 11.23 -29.98 73.00
C PRO M 164 12.14 -30.21 74.22
N ALA M 165 11.58 -30.81 75.28
CA ALA M 165 12.33 -31.05 76.48
C ALA M 165 13.04 -32.39 76.42
N THR M 166 12.29 -33.49 76.31
CA THR M 166 12.89 -34.83 76.47
C THR M 166 13.70 -35.27 75.27
N ASN M 167 13.30 -34.84 74.06
CA ASN M 167 13.81 -35.37 72.78
C ASN M 167 13.29 -36.79 72.45
N LEU M 168 12.26 -37.23 73.17
CA LEU M 168 11.56 -38.47 72.85
C LEU M 168 10.29 -38.19 72.03
N LYS M 169 9.84 -39.18 71.25
CA LYS M 169 8.54 -39.06 70.56
C LYS M 169 7.45 -39.02 71.61
N ASP M 170 6.44 -38.21 71.38
CA ASP M 170 5.42 -38.00 72.38
C ASP M 170 4.07 -38.34 71.75
N PRO M 171 3.52 -39.52 72.13
CA PRO M 171 2.23 -39.98 71.61
C PRO M 171 1.14 -38.99 71.93
N ASN M 172 1.28 -38.27 73.04
CA ASN M 172 0.30 -37.28 73.39
C ASN M 172 0.25 -36.14 72.37
N MET M 173 1.39 -35.52 72.06
CA MET M 173 1.48 -34.53 70.99
C MET M 173 0.86 -35.01 69.69
N PHE M 174 1.39 -36.15 69.27
CA PHE M 174 1.09 -36.80 68.01
C PHE M 174 -0.40 -36.79 67.75
N TRP M 175 -1.17 -37.25 68.73
CA TRP M 175 -2.62 -37.44 68.59
C TRP M 175 -3.41 -36.21 68.94
N ASP M 176 -2.86 -35.38 69.84
CA ASP M 176 -3.48 -34.07 70.20
C ASP M 176 -3.61 -33.21 68.97
N TYR M 177 -2.53 -33.10 68.19
CA TYR M 177 -2.60 -32.39 66.95
C TYR M 177 -3.62 -33.01 66.01
N LEU M 178 -3.47 -34.27 65.64
CA LEU M 178 -4.32 -34.87 64.59
C LEU M 178 -5.81 -34.80 64.94
N THR M 179 -6.14 -35.12 66.20
CA THR M 179 -7.53 -35.14 66.63
C THR M 179 -8.13 -33.73 66.70
N ALA M 180 -7.29 -32.72 66.93
CA ALA M 180 -7.77 -31.35 66.96
C ALA M 180 -7.96 -30.81 65.56
N ASN M 181 -7.38 -31.48 64.57
CA ASN M 181 -7.51 -31.00 63.20
C ASN M 181 -8.04 -32.11 62.29
N ASP M 182 -9.38 -32.17 62.25
CA ASP M 182 -10.16 -33.16 61.53
C ASP M 182 -9.64 -33.60 60.19
N GLU M 183 -9.21 -32.64 59.38
CA GLU M 183 -8.92 -32.88 57.99
C GLU M 183 -7.84 -33.92 57.78
N SER M 184 -7.03 -34.12 58.81
CA SER M 184 -5.99 -35.14 58.81
C SER M 184 -6.49 -36.59 58.79
N LEU M 185 -7.80 -36.79 59.00
CA LEU M 185 -8.40 -38.13 59.16
C LEU M 185 -8.12 -39.03 57.96
N HIS M 186 -8.44 -38.54 56.77
CA HIS M 186 -8.18 -39.28 55.56
C HIS M 186 -6.76 -39.84 55.46
N GLN M 187 -5.76 -38.98 55.61
CA GLN M 187 -4.35 -39.39 55.49
C GLN M 187 -3.85 -40.24 56.65
N VAL M 188 -4.45 -40.03 57.82
CA VAL M 188 -4.07 -40.78 59.00
C VAL M 188 -4.47 -42.23 58.83
N MET M 189 -5.64 -42.43 58.22
CA MET M 189 -6.12 -43.77 57.88
C MET M 189 -5.18 -44.53 56.91
N TYR M 190 -4.73 -43.86 55.84
CA TYR M 190 -3.65 -44.44 55.02
C TYR M 190 -2.45 -44.76 55.92
N LEU M 191 -2.05 -43.80 56.75
CA LEU M 191 -0.82 -43.98 57.52
C LEU M 191 -0.90 -45.22 58.41
N PHE M 192 -2.08 -45.49 58.97
CA PHE M 192 -2.18 -46.61 59.91
C PHE M 192 -2.64 -47.91 59.29
N SER M 193 -3.20 -47.82 58.09
CA SER M 193 -3.34 -48.97 57.21
C SER M 193 -1.95 -49.53 56.95
N ASN M 194 -1.88 -50.69 56.31
CA ASN M 194 -0.59 -51.28 55.98
C ASN M 194 0.20 -50.49 54.92
N ARG M 195 -0.47 -49.53 54.27
CA ARG M 195 0.22 -48.67 53.31
C ARG M 195 1.28 -47.76 53.95
N GLY M 196 1.12 -47.52 55.25
CA GLY M 196 2.11 -46.82 56.05
C GLY M 196 3.45 -47.51 56.18
N THR M 197 3.54 -48.74 55.72
CA THR M 197 4.75 -49.49 55.88
C THR M 197 5.18 -50.23 54.61
N PRO M 198 5.66 -49.50 53.58
CA PRO M 198 6.01 -50.16 52.32
C PRO M 198 7.18 -51.12 52.47
N ALA M 199 7.14 -52.23 51.72
CA ALA M 199 8.22 -53.19 51.76
C ALA M 199 9.52 -52.55 51.26
N SER M 200 9.43 -51.89 50.11
CA SER M 200 10.55 -51.23 49.49
C SER M 200 10.07 -50.04 48.67
N TYR M 201 10.99 -49.17 48.27
CA TYR M 201 10.62 -48.04 47.45
C TYR M 201 10.17 -48.52 46.06
N ARG M 202 10.64 -49.71 45.68
CA ARG M 202 10.40 -50.22 44.35
C ARG M 202 8.93 -50.59 44.21
N THR M 203 8.28 -50.78 45.36
CA THR M 203 6.92 -51.28 45.42
C THR M 203 5.92 -50.27 45.98
N MET M 204 6.05 -49.03 45.54
CA MET M 204 5.11 -47.99 45.96
C MET M 204 4.81 -47.07 44.80
N ASN M 205 3.67 -46.41 44.88
CA ASN M 205 3.29 -45.49 43.85
C ASN M 205 3.74 -44.06 44.13
N GLY M 206 3.69 -43.22 43.11
CA GLY M 206 3.92 -41.80 43.29
C GLY M 206 2.70 -41.02 42.86
N TYR M 207 2.33 -40.01 43.65
CA TYR M 207 1.19 -39.17 43.34
C TYR M 207 1.57 -37.72 43.47
N SER M 208 1.12 -36.87 42.56
CA SER M 208 1.35 -35.44 42.68
C SER M 208 0.71 -34.88 43.95
N GLY M 209 -0.34 -35.54 44.41
CA GLY M 209 -1.11 -35.06 45.54
C GLY M 209 -1.89 -33.80 45.17
N HIS M 210 -1.16 -32.71 44.91
CA HIS M 210 -1.81 -31.45 44.57
C HIS M 210 -2.32 -31.55 43.18
N THR M 211 -3.16 -30.58 42.83
CA THR M 211 -3.58 -30.34 41.48
C THR M 211 -2.60 -29.35 40.88
N TYR M 212 -2.18 -29.57 39.65
CA TYR M 212 -1.36 -28.58 38.95
C TYR M 212 -2.14 -28.10 37.75
N LYS M 213 -1.58 -27.21 36.96
CA LYS M 213 -2.20 -26.74 35.73
C LYS M 213 -1.30 -26.94 34.55
N TRP M 214 -1.78 -27.67 33.56
CA TRP M 214 -1.02 -27.86 32.33
C TRP M 214 -1.62 -27.02 31.17
N TYR M 215 -0.75 -26.52 30.29
CA TYR M 215 -1.14 -25.66 29.19
C TYR M 215 -0.67 -26.31 27.90
N ASN M 216 -1.55 -26.43 26.90
CA ASN M 216 -1.13 -26.80 25.54
C ASN M 216 -0.67 -25.57 24.78
N SER M 217 -0.19 -25.75 23.55
CA SER M 217 0.50 -24.65 22.87
C SER M 217 -0.43 -23.58 22.38
N LYS M 218 -1.72 -23.86 22.36
CA LYS M 218 -2.73 -22.83 22.01
C LYS M 218 -3.08 -21.98 23.23
N GLY M 219 -2.63 -22.42 24.41
CA GLY M 219 -2.88 -21.65 25.62
C GLY M 219 -4.13 -22.12 26.34
N GLU M 220 -4.62 -23.29 25.95
CA GLU M 220 -5.73 -23.93 26.66
C GLU M 220 -5.20 -24.76 27.83
N TRP M 221 -5.77 -24.56 29.00
CA TRP M 221 -5.27 -25.24 30.21
C TRP M 221 -6.30 -26.12 30.90
N VAL M 222 -5.81 -27.11 31.65
CA VAL M 222 -6.64 -28.09 32.29
C VAL M 222 -6.03 -28.39 33.67
N TYR M 223 -6.86 -28.71 34.69
CA TYR M 223 -6.36 -29.16 36.01
C TYR M 223 -5.86 -30.58 35.83
N VAL M 224 -4.73 -30.94 36.45
CA VAL M 224 -4.22 -32.31 36.35
C VAL M 224 -3.77 -32.91 37.67
N GLN M 225 -3.77 -34.23 37.75
CA GLN M 225 -3.26 -34.96 38.90
C GLN M 225 -2.43 -36.08 38.32
N VAL M 226 -1.20 -36.28 38.81
CA VAL M 226 -0.26 -37.17 38.18
C VAL M 226 -0.12 -38.42 39.02
N HIS M 227 -0.13 -39.60 38.40
CA HIS M 227 0.07 -40.88 39.09
C HIS M 227 1.28 -41.59 38.52
N PHE M 228 2.19 -42.05 39.36
CA PHE M 228 3.23 -42.93 38.88
C PHE M 228 2.94 -44.29 39.51
N ILE M 229 2.77 -45.32 38.69
CA ILE M 229 2.36 -46.61 39.22
C ILE M 229 3.41 -47.69 39.01
N ALA M 230 3.76 -48.34 40.10
CA ALA M 230 4.83 -49.33 40.14
C ALA M 230 4.62 -50.56 39.24
N ASN M 231 5.52 -50.77 38.27
CA ASN M 231 5.52 -52.03 37.54
C ASN M 231 5.92 -53.21 38.43
N GLN M 232 6.42 -52.90 39.62
CA GLN M 232 6.76 -53.93 40.58
C GLN M 232 5.62 -54.27 41.55
N GLY M 233 4.48 -53.60 41.35
CA GLY M 233 3.28 -53.82 42.18
C GLY M 233 3.36 -53.24 43.60
N VAL M 234 2.21 -52.92 44.17
CA VAL M 234 2.10 -52.40 45.54
C VAL M 234 2.20 -53.52 46.59
N HIS M 235 3.36 -53.71 47.22
CA HIS M 235 3.45 -54.63 48.37
C HIS M 235 3.77 -53.86 49.66
N ASN M 236 3.08 -54.22 50.74
CA ASN M 236 3.30 -53.58 52.05
C ASN M 236 3.73 -54.55 53.15
N LEU M 237 4.34 -54.01 54.21
CA LEU M 237 4.71 -54.80 55.38
C LEU M 237 3.69 -54.66 56.51
N LEU M 238 3.58 -55.71 57.33
CA LEU M 238 2.82 -55.65 58.58
C LEU M 238 3.68 -55.02 59.66
N ASP M 239 3.03 -54.42 60.64
CA ASP M 239 3.74 -53.74 61.71
C ASP M 239 4.89 -54.56 62.34
N GLU M 240 4.61 -55.78 62.80
CA GLU M 240 5.63 -56.71 63.40
C GLU M 240 6.90 -56.78 62.53
N GLU M 241 6.70 -56.98 61.23
CA GLU M 241 7.75 -57.18 60.27
C GLU M 241 8.53 -55.89 60.05
N ALA M 242 7.84 -54.77 59.86
CA ALA M 242 8.52 -53.49 59.74
C ALA M 242 9.33 -53.20 61.01
N GLY M 243 8.76 -53.52 62.17
CA GLY M 243 9.40 -53.34 63.46
C GLY M 243 10.67 -54.15 63.60
N ARG M 244 10.62 -55.40 63.18
CA ARG M 244 11.79 -56.25 63.30
C ARG M 244 12.92 -55.69 62.42
N LEU M 245 12.58 -55.38 61.18
CA LEU M 245 13.51 -54.84 60.19
C LEU M 245 14.15 -53.54 60.67
N ALA M 246 13.38 -52.68 61.32
CA ALA M 246 13.93 -51.48 61.99
C ALA M 246 15.13 -51.77 62.88
N GLY M 247 15.15 -52.97 63.47
CA GLY M 247 16.24 -53.42 64.34
C GLY M 247 17.33 -54.23 63.63
N GLU M 248 16.93 -55.15 62.76
CA GLU M 248 17.88 -55.97 62.02
C GLU M 248 18.61 -55.18 60.92
N ASP M 249 17.86 -54.38 60.16
CA ASP M 249 18.42 -53.57 59.06
C ASP M 249 17.73 -52.20 58.85
N PRO M 250 18.28 -51.14 59.50
CA PRO M 250 17.74 -49.78 59.38
C PRO M 250 17.84 -49.21 57.96
N ASP M 251 18.72 -49.81 57.15
CA ASP M 251 18.97 -49.32 55.81
C ASP M 251 18.34 -50.21 54.72
N HIS M 252 17.46 -51.10 55.18
CA HIS M 252 16.79 -52.05 54.31
C HIS M 252 16.39 -51.51 52.93
N SER M 253 15.61 -50.43 52.88
CA SER M 253 15.08 -49.96 51.62
C SER M 253 16.22 -49.43 50.75
N THR M 254 17.20 -48.81 51.42
CA THR M 254 18.35 -48.23 50.74
C THR M 254 19.07 -49.37 50.03
N ARG M 255 19.33 -50.42 50.79
CA ARG M 255 20.03 -51.60 50.33
C ARG M 255 19.24 -52.27 49.21
N ASP M 256 17.95 -52.45 49.43
CA ASP M 256 17.07 -53.02 48.44
C ASP M 256 17.21 -52.36 47.06
N LEU M 257 17.09 -51.02 47.01
CA LEU M 257 17.15 -50.24 45.76
C LEU M 257 18.52 -50.23 45.09
N TRP M 258 19.58 -50.16 45.90
CA TRP M 258 20.95 -50.17 45.41
C TRP M 258 21.26 -51.51 44.72
N GLU M 259 20.95 -52.61 45.41
CA GLU M 259 21.24 -53.96 44.90
C GLU M 259 20.39 -54.27 43.67
N ALA M 260 19.09 -53.98 43.76
CA ALA M 260 18.22 -54.19 42.61
C ALA M 260 18.93 -53.64 41.38
N ILE M 261 19.41 -52.41 41.48
CA ILE M 261 20.04 -51.73 40.35
C ILE M 261 21.37 -52.38 39.98
N GLU M 262 22.16 -52.81 40.96
CA GLU M 262 23.47 -53.40 40.66
C GLU M 262 23.29 -54.75 39.99
N LYS M 263 22.16 -55.42 40.26
CA LYS M 263 21.79 -56.70 39.60
C LYS M 263 21.27 -56.58 38.15
N GLY M 264 20.63 -55.46 37.82
CA GLY M 264 19.97 -55.29 36.52
C GLY M 264 18.45 -55.28 36.67
N ASP M 265 17.97 -55.50 37.90
CA ASP M 265 16.52 -55.57 38.18
C ASP M 265 15.91 -54.17 38.30
N TYR M 266 15.99 -53.42 37.21
CA TYR M 266 15.65 -52.01 37.27
C TYR M 266 14.17 -51.83 37.52
N PRO M 267 13.81 -51.21 38.64
CA PRO M 267 12.39 -50.94 38.86
C PRO M 267 11.96 -49.87 37.86
N SER M 268 10.67 -49.84 37.53
CA SER M 268 10.08 -48.81 36.63
C SER M 268 8.64 -48.44 37.01
N TRP M 269 8.20 -47.29 36.53
CA TRP M 269 6.88 -46.77 36.86
C TRP M 269 6.22 -46.36 35.58
N GLU M 270 4.88 -46.47 35.57
CA GLU M 270 4.07 -46.06 34.45
C GLU M 270 3.37 -44.78 34.90
N CYS M 271 3.33 -43.77 34.02
CA CYS M 271 2.86 -42.46 34.36
C CYS M 271 1.54 -42.10 33.68
N TYR M 272 0.54 -41.77 34.49
CA TYR M 272 -0.77 -41.33 34.00
C TYR M 272 -1.09 -39.92 34.47
N ILE M 273 -2.14 -39.32 33.92
CA ILE M 273 -2.69 -38.11 34.48
C ILE M 273 -4.19 -38.20 34.52
N GLN M 274 -4.82 -37.50 35.46
CA GLN M 274 -6.24 -37.20 35.37
C GLN M 274 -6.37 -35.76 34.96
N THR M 275 -7.33 -35.43 34.12
CA THR M 275 -7.50 -34.06 33.71
C THR M 275 -8.92 -33.65 33.97
N MET M 276 -9.16 -32.35 34.10
CA MET M 276 -10.47 -31.80 34.43
C MET M 276 -10.52 -30.36 33.96
N THR M 277 -11.66 -29.90 33.47
CA THR M 277 -11.75 -28.53 32.99
C THR M 277 -12.20 -27.65 34.12
N LEU M 278 -12.14 -26.35 33.88
CA LEU M 278 -12.59 -25.38 34.84
C LEU M 278 -14.08 -25.53 35.10
N GLU M 279 -14.86 -25.73 34.03
CA GLU M 279 -16.33 -25.92 34.15
C GLU M 279 -16.66 -27.16 34.96
N GLN M 280 -15.97 -28.26 34.66
CA GLN M 280 -16.18 -29.49 35.39
C GLN M 280 -15.92 -29.31 36.89
N SER M 281 -14.95 -28.47 37.24
CA SER M 281 -14.52 -28.30 38.61
C SER M 281 -15.59 -27.62 39.41
N LYS M 282 -16.32 -26.71 38.78
CA LYS M 282 -17.40 -25.96 39.42
C LYS M 282 -18.55 -26.82 39.98
N LYS M 283 -18.68 -28.06 39.50
CA LYS M 283 -19.84 -28.87 39.87
C LYS M 283 -19.51 -29.92 40.93
N LEU M 284 -18.30 -29.87 41.47
CA LEU M 284 -17.89 -30.86 42.45
C LEU M 284 -18.31 -30.48 43.86
N PRO M 285 -18.48 -31.50 44.70
CA PRO M 285 -18.74 -31.35 46.13
C PRO M 285 -17.48 -30.99 46.93
N PHE M 286 -16.30 -31.14 46.33
CA PHE M 286 -15.03 -30.75 46.96
C PHE M 286 -14.20 -29.83 46.04
N SER M 287 -13.12 -29.24 46.59
CA SER M 287 -12.25 -28.34 45.82
C SER M 287 -11.05 -29.05 45.23
N VAL M 288 -10.71 -28.70 44.00
CA VAL M 288 -9.49 -29.20 43.36
C VAL M 288 -8.25 -28.70 44.10
N PHE M 289 -8.48 -27.77 45.02
CA PHE M 289 -7.40 -27.14 45.75
C PHE M 289 -7.24 -27.75 47.13
N ASP M 290 -7.94 -28.85 47.40
CA ASP M 290 -7.94 -29.46 48.70
C ASP M 290 -7.05 -30.68 48.68
N LEU M 291 -5.97 -30.59 49.43
CA LEU M 291 -4.98 -31.65 49.37
C LEU M 291 -5.46 -32.90 50.11
N THR M 292 -6.58 -32.80 50.80
CA THR M 292 -7.13 -33.95 51.56
C THR M 292 -8.13 -34.80 50.78
N LYS M 293 -8.20 -34.54 49.48
CA LYS M 293 -9.19 -35.13 48.62
C LYS M 293 -8.53 -35.84 47.44
N VAL M 294 -9.24 -36.84 46.89
CA VAL M 294 -8.87 -37.49 45.64
C VAL M 294 -9.94 -37.25 44.60
N TRP M 295 -9.57 -37.49 43.34
CA TRP M 295 -10.51 -37.41 42.25
C TRP M 295 -10.94 -38.83 41.98
N PRO M 296 -12.23 -39.16 42.22
CA PRO M 296 -12.78 -40.51 41.94
C PRO M 296 -12.50 -41.04 40.51
N HIS M 297 -11.97 -42.26 40.43
CA HIS M 297 -11.50 -42.88 39.17
C HIS M 297 -12.61 -43.11 38.15
N LYS M 298 -13.81 -43.32 38.67
CA LYS M 298 -15.03 -43.43 37.88
C LYS M 298 -15.30 -42.18 37.04
N ASP M 299 -15.19 -41.01 37.67
CA ASP M 299 -15.50 -39.75 36.99
C ASP M 299 -14.33 -39.14 36.24
N PHE M 300 -13.10 -39.36 36.70
CA PHE M 300 -11.93 -38.85 35.99
C PHE M 300 -10.89 -39.93 35.78
N PRO M 301 -10.98 -40.64 34.64
CA PRO M 301 -10.07 -41.77 34.39
C PRO M 301 -8.60 -41.34 34.12
N LEU M 302 -7.68 -42.29 34.28
CA LEU M 302 -6.26 -42.05 34.03
C LEU M 302 -5.92 -42.17 32.55
N ARG M 303 -5.10 -41.24 32.06
CA ARG M 303 -4.63 -41.28 30.70
C ARG M 303 -3.12 -41.48 30.71
N HIS M 304 -2.66 -42.53 30.04
CA HIS M 304 -1.26 -42.91 30.02
C HIS M 304 -0.48 -41.90 29.20
N PHE M 305 0.77 -41.63 29.63
CA PHE M 305 1.58 -40.71 28.86
C PHE M 305 3.08 -41.04 28.79
N GLY M 306 3.57 -41.85 29.72
CA GLY M 306 5.01 -42.13 29.74
C GLY M 306 5.40 -43.16 30.76
N ARG M 307 6.69 -43.40 30.89
CA ARG M 307 7.17 -44.28 31.93
C ARG M 307 8.58 -43.87 32.24
N PHE M 308 9.07 -44.31 33.38
CA PHE M 308 10.47 -44.11 33.68
C PHE M 308 11.00 -45.31 34.38
N THR M 309 12.31 -45.47 34.29
CA THR M 309 13.00 -46.62 34.81
C THR M 309 14.22 -46.08 35.53
N LEU M 310 14.57 -46.69 36.67
CA LEU M 310 15.73 -46.29 37.47
C LEU M 310 16.84 -47.34 37.38
N ASN M 311 17.94 -46.98 36.71
CA ASN M 311 18.95 -47.94 36.26
C ASN M 311 20.37 -47.64 36.66
N GLU M 312 20.63 -46.51 37.31
CA GLU M 312 22.02 -46.10 37.56
C GLU M 312 22.22 -45.53 38.94
N ASN M 313 22.99 -46.24 39.75
CA ASN M 313 23.33 -45.76 41.06
C ASN M 313 24.23 -44.50 40.97
N PRO M 314 24.16 -43.60 42.00
CA PRO M 314 25.03 -42.41 41.99
C PRO M 314 26.47 -42.84 42.26
N LYS M 315 27.44 -42.00 41.94
CA LYS M 315 28.84 -42.39 42.16
C LYS M 315 29.35 -42.15 43.56
N ASN M 316 28.85 -41.09 44.20
CA ASN M 316 29.09 -40.80 45.61
C ASN M 316 27.78 -40.32 46.26
N TYR M 317 27.46 -40.91 47.39
CA TYR M 317 26.16 -40.66 48.00
C TYR M 317 25.99 -39.21 48.47
N TYR M 318 26.94 -38.76 49.28
CA TYR M 318 26.86 -37.41 49.81
C TYR M 318 26.73 -36.38 48.68
N ALA M 319 27.68 -36.41 47.75
CA ALA M 319 27.76 -35.39 46.73
C ALA M 319 26.50 -35.31 45.92
N GLU M 320 25.83 -36.43 45.71
CA GLU M 320 24.65 -36.44 44.84
C GLU M 320 23.32 -36.65 45.56
N THR M 321 23.17 -37.79 46.25
CA THR M 321 21.89 -38.04 46.92
C THR M 321 21.63 -37.04 48.04
N GLU M 322 22.65 -36.74 48.83
CA GLU M 322 22.47 -35.89 50.00
C GLU M 322 22.27 -34.43 49.62
N GLN M 323 23.04 -33.93 48.65
CA GLN M 323 23.07 -32.51 48.32
C GLN M 323 22.04 -32.12 47.27
N ILE M 324 21.31 -33.10 46.75
CA ILE M 324 20.36 -32.77 45.67
C ILE M 324 19.23 -31.98 46.28
N ALA M 325 18.68 -31.04 45.51
CA ALA M 325 17.64 -30.16 46.01
C ALA M 325 16.49 -30.07 45.02
N PHE M 326 15.29 -30.42 45.49
CA PHE M 326 14.10 -30.31 44.66
C PHE M 326 13.21 -29.19 45.17
N SER M 327 12.46 -28.55 44.27
CA SER M 327 11.41 -27.64 44.65
C SER M 327 10.27 -27.68 43.64
N PRO M 328 9.01 -27.60 44.10
CA PRO M 328 7.87 -27.61 43.23
C PRO M 328 7.89 -26.38 42.37
N SER M 329 8.59 -25.34 42.80
CA SER M 329 8.67 -24.11 41.99
C SER M 329 9.72 -24.18 40.88
N HIS M 330 10.50 -25.24 40.87
CA HIS M 330 11.30 -25.59 39.70
C HIS M 330 10.44 -26.28 38.62
N THR M 331 9.96 -25.51 37.66
CA THR M 331 9.08 -26.06 36.65
C THR M 331 9.50 -25.59 35.26
N VAL M 332 8.77 -26.03 34.23
CA VAL M 332 9.08 -25.67 32.83
C VAL M 332 7.85 -25.05 32.19
N PRO M 333 8.03 -24.33 31.05
CA PRO M 333 6.83 -23.84 30.32
C PRO M 333 5.91 -25.02 29.93
N GLY M 334 4.60 -24.80 30.13
CA GLY M 334 3.59 -25.86 29.97
C GLY M 334 2.99 -26.39 31.27
N MET M 335 3.68 -26.17 32.38
CA MET M 335 3.22 -26.67 33.67
C MET M 335 3.24 -25.51 34.70
N GLU M 336 2.09 -25.15 35.21
CA GLU M 336 2.04 -24.18 36.28
C GLU M 336 1.54 -24.83 37.56
N PRO M 337 1.73 -24.18 38.73
CA PRO M 337 1.11 -24.69 39.96
C PRO M 337 -0.29 -24.14 40.08
N SER M 338 -1.17 -24.84 40.81
CA SER M 338 -2.54 -24.39 41.12
C SER M 338 -2.62 -23.53 42.37
N ASN M 339 -3.85 -23.12 42.71
CA ASN M 339 -4.07 -22.33 43.91
C ASN M 339 -4.20 -23.15 45.21
N ASP M 340 -3.93 -24.44 45.15
CA ASP M 340 -3.85 -25.29 46.35
C ASP M 340 -2.89 -24.61 47.32
N PRO M 341 -3.39 -24.10 48.45
CA PRO M 341 -2.58 -23.21 49.26
C PRO M 341 -1.35 -23.91 49.86
N VAL M 342 -1.44 -25.22 50.10
CA VAL M 342 -0.30 -25.99 50.58
C VAL M 342 0.80 -25.95 49.53
N LEU M 343 0.46 -26.35 48.31
CA LEU M 343 1.40 -26.25 47.21
C LEU M 343 1.99 -24.82 47.10
N GLN M 344 1.12 -23.80 47.18
CA GLN M 344 1.56 -22.42 47.00
C GLN M 344 2.70 -22.08 47.96
N SER M 345 2.54 -22.47 49.22
CA SER M 345 3.56 -22.14 50.20
C SER M 345 4.83 -22.97 49.93
N ARG M 346 4.63 -24.17 49.41
CA ARG M 346 5.76 -25.03 49.11
C ARG M 346 6.65 -24.33 48.10
N LEU M 347 6.06 -23.51 47.24
CA LEU M 347 6.79 -22.75 46.20
C LEU M 347 7.88 -21.88 46.81
N PHE M 348 7.59 -21.31 47.96
CA PHE M 348 8.58 -20.53 48.66
C PHE M 348 9.54 -21.36 49.55
N SER M 349 9.01 -22.27 50.36
CA SER M 349 9.85 -23.06 51.29
C SER M 349 11.10 -23.75 50.73
N TYR M 350 10.93 -24.48 49.65
CA TYR M 350 11.94 -25.41 49.27
C TYR M 350 13.21 -24.64 48.90
N PRO M 351 13.13 -23.67 47.94
CA PRO M 351 14.34 -22.86 47.68
C PRO M 351 14.85 -22.18 48.97
N ASP M 352 13.96 -21.74 49.84
CA ASP M 352 14.39 -21.04 51.05
C ASP M 352 15.24 -21.97 51.92
N THR M 353 14.74 -23.17 52.16
CA THR M 353 15.48 -24.12 52.93
C THR M 353 16.77 -24.56 52.21
N HIS M 354 16.75 -24.68 50.89
CA HIS M 354 18.00 -25.01 50.16
C HIS M 354 19.12 -23.99 50.46
N ARG M 355 18.78 -22.70 50.39
CA ARG M 355 19.75 -21.67 50.70
C ARG M 355 20.36 -21.86 52.07
N HIS M 356 19.65 -22.49 53.01
CA HIS M 356 20.21 -22.73 54.35
C HIS M 356 20.92 -24.09 54.43
N ARG M 357 20.27 -25.17 54.03
CA ARG M 357 20.88 -26.49 54.11
C ARG M 357 22.18 -26.58 53.29
N LEU M 358 22.17 -26.05 52.06
CA LEU M 358 23.29 -26.21 51.11
C LEU M 358 24.11 -24.92 50.97
N GLY M 359 23.43 -23.85 50.61
CA GLY M 359 24.06 -22.54 50.63
C GLY M 359 23.53 -21.68 49.51
N PRO M 360 23.82 -20.37 49.57
CA PRO M 360 23.26 -19.48 48.56
C PRO M 360 23.39 -20.02 47.11
N ASN M 361 24.52 -20.61 46.74
CA ASN M 361 24.68 -20.98 45.35
C ASN M 361 24.55 -22.50 45.12
N TYR M 362 23.58 -23.11 45.80
CA TYR M 362 23.43 -24.55 45.74
C TYR M 362 23.12 -25.11 44.35
N HIS M 363 22.55 -24.28 43.48
CA HIS M 363 22.35 -24.69 42.09
C HIS M 363 23.67 -24.92 41.33
N GLN M 364 24.80 -24.51 41.89
CA GLN M 364 26.08 -24.72 41.22
C GLN M 364 26.63 -26.10 41.50
N ILE M 365 26.06 -26.79 42.50
CA ILE M 365 26.45 -28.19 42.77
C ILE M 365 26.04 -29.01 41.56
N PRO M 366 26.93 -29.90 41.10
CA PRO M 366 26.62 -30.72 39.91
C PRO M 366 25.21 -31.31 39.79
N VAL M 367 24.73 -32.13 40.74
CA VAL M 367 23.36 -32.70 40.60
C VAL M 367 22.30 -31.64 40.44
N ASN M 368 22.52 -30.44 40.94
CA ASN M 368 21.48 -29.42 40.91
C ASN M 368 21.54 -28.55 39.65
N CYS M 369 22.56 -28.79 38.82
CA CYS M 369 22.75 -28.01 37.60
C CYS M 369 21.71 -28.28 36.54
N PRO M 370 21.32 -27.24 35.77
CA PRO M 370 20.52 -27.52 34.59
C PRO M 370 21.41 -28.12 33.53
N LEU M 371 21.67 -29.43 33.57
CA LEU M 371 22.60 -30.07 32.64
C LEU M 371 22.17 -30.09 31.16
N LYS M 372 20.86 -30.21 30.90
CA LYS M 372 20.47 -30.40 29.50
C LYS M 372 20.37 -29.06 28.81
N SER M 373 19.82 -28.08 29.50
CA SER M 373 19.82 -26.71 29.00
C SER M 373 20.88 -26.01 29.81
N GLY M 374 21.51 -24.98 29.28
CA GLY M 374 22.39 -24.20 30.16
C GLY M 374 21.57 -23.33 31.12
N SER M 375 22.18 -22.29 31.64
CA SER M 375 21.41 -21.18 32.15
C SER M 375 22.14 -19.94 31.73
N PHE M 376 21.44 -18.84 31.70
CA PHE M 376 22.09 -17.61 31.45
C PHE M 376 21.26 -16.61 32.22
N ASN M 377 21.72 -16.31 33.43
CA ASN M 377 21.00 -15.37 34.29
C ASN M 377 21.93 -14.28 34.77
N PRO M 378 22.21 -13.28 33.92
CA PRO M 378 23.23 -12.28 34.23
C PRO M 378 22.92 -11.45 35.47
N ILE M 379 21.68 -11.46 35.95
CA ILE M 379 21.32 -10.67 37.14
C ILE M 379 21.67 -11.33 38.47
N ASN M 380 21.76 -12.65 38.51
CA ASN M 380 22.18 -13.34 39.73
C ASN M 380 23.66 -13.58 39.76
N ARG M 381 24.37 -12.76 40.55
CA ARG M 381 25.85 -12.79 40.56
C ARG M 381 26.47 -12.90 41.97
N ASP M 382 27.76 -13.28 42.04
CA ASP M 382 28.51 -13.33 43.28
C ASP M 382 27.85 -14.28 44.30
N GLY M 383 27.91 -13.93 45.58
CA GLY M 383 27.47 -14.83 46.66
C GLY M 383 28.49 -15.90 47.00
N PRO M 384 28.39 -16.51 48.19
CA PRO M 384 29.36 -17.51 48.67
C PRO M 384 29.60 -18.67 47.74
N MET M 385 30.84 -19.15 47.71
CA MET M 385 31.19 -20.36 46.99
C MET M 385 30.75 -20.33 45.53
N CYS M 386 30.98 -19.20 44.86
CA CYS M 386 30.65 -19.04 43.45
C CYS M 386 31.68 -19.77 42.54
N VAL M 387 31.31 -20.93 42.02
CA VAL M 387 32.31 -21.78 41.37
C VAL M 387 32.15 -21.93 39.85
N ASP M 388 31.10 -21.31 39.30
CA ASP M 388 30.70 -21.58 37.94
C ASP M 388 31.24 -20.53 36.99
N GLY M 389 32.20 -19.72 37.46
CA GLY M 389 32.80 -18.65 36.64
C GLY M 389 32.13 -17.29 36.69
N ASN M 390 30.94 -17.24 37.30
CA ASN M 390 30.25 -15.97 37.54
C ASN M 390 30.08 -15.13 36.25
N LEU M 391 30.04 -15.82 35.11
CA LEU M 391 29.80 -15.27 33.77
C LEU M 391 30.87 -14.27 33.33
N GLY M 392 32.06 -14.37 33.89
CA GLY M 392 33.10 -13.40 33.58
C GLY M 392 32.53 -11.99 33.47
N GLY M 393 32.89 -11.29 32.40
CA GLY M 393 32.62 -9.87 32.33
C GLY M 393 31.25 -9.50 31.84
N THR M 394 30.34 -10.47 31.77
CA THR M 394 29.01 -10.20 31.20
C THR M 394 28.29 -9.20 32.07
N PRO M 395 27.75 -8.13 31.45
CA PRO M 395 27.02 -7.09 32.15
C PRO M 395 25.92 -7.66 33.05
N ASN M 396 25.70 -7.03 34.20
CA ASN M 396 24.78 -7.62 35.18
C ASN M 396 23.44 -6.94 35.30
N TYR M 397 23.00 -6.25 34.24
CA TYR M 397 21.64 -5.70 34.16
C TYR M 397 21.08 -5.92 32.77
N ALA M 398 19.75 -5.91 32.67
CA ALA M 398 19.02 -6.22 31.43
C ALA M 398 18.92 -5.03 30.49
N ASN M 399 19.07 -5.32 29.20
CA ASN M 399 19.16 -4.29 28.18
C ASN M 399 20.43 -3.44 28.32
N ALA M 400 21.55 -4.13 28.56
CA ALA M 400 22.82 -3.47 28.59
C ALA M 400 23.19 -3.14 27.15
N TYR M 401 23.67 -1.92 26.88
CA TYR M 401 24.00 -1.55 25.50
C TYR M 401 24.93 -2.56 24.85
N ASN M 402 25.70 -3.25 25.67
CA ASN M 402 26.76 -4.12 25.18
C ASN M 402 26.60 -5.59 25.49
N CYS M 403 25.37 -6.02 25.67
CA CYS M 403 25.05 -7.43 25.79
C CYS M 403 23.63 -7.66 25.31
N PRO M 404 23.47 -8.16 24.06
CA PRO M 404 22.15 -8.50 23.54
C PRO M 404 21.74 -9.89 23.99
N ILE M 405 20.51 -10.03 24.48
CA ILE M 405 20.05 -11.26 25.07
C ILE M 405 18.76 -11.62 24.37
N GLN M 406 18.53 -12.93 24.24
CA GLN M 406 17.28 -13.43 23.73
C GLN M 406 16.30 -13.83 24.82
N TYR M 407 15.05 -13.36 24.71
CA TYR M 407 13.96 -13.75 25.61
C TYR M 407 13.04 -14.71 24.86
N ALA M 408 12.37 -15.63 25.53
CA ALA M 408 11.46 -16.54 24.80
C ALA M 408 10.05 -15.94 24.58
N VAL M 409 9.40 -16.30 23.45
CA VAL M 409 8.03 -15.84 23.12
C VAL M 409 7.06 -15.99 24.31
N SER M 410 6.26 -14.94 24.54
CA SER M 410 5.39 -14.81 25.73
C SER M 410 4.75 -16.13 26.29
N PRO M 418 -8.80 -17.39 28.09
CA PRO M 418 -9.39 -17.34 29.44
C PRO M 418 -8.49 -17.99 30.48
N ASP M 419 -8.51 -17.45 31.70
CA ASP M 419 -7.87 -18.10 32.83
C ASP M 419 -8.73 -17.87 34.09
N GLU M 420 -8.22 -18.24 35.25
CA GLU M 420 -8.99 -18.11 36.47
C GLU M 420 -9.20 -16.61 36.75
N LYS M 421 -10.38 -16.26 37.27
CA LYS M 421 -10.72 -14.86 37.63
C LYS M 421 -10.97 -14.67 39.11
N TYR M 422 -10.63 -13.49 39.63
CA TYR M 422 -10.64 -13.22 41.07
C TYR M 422 -11.56 -12.05 41.41
N THR M 423 -12.27 -12.15 42.53
CA THR M 423 -13.07 -11.03 43.02
C THR M 423 -13.00 -10.95 44.53
N GLY M 424 -13.08 -9.72 45.07
CA GLY M 424 -13.20 -9.56 46.51
C GLY M 424 -12.06 -8.78 47.14
N GLU M 425 -12.02 -8.78 48.46
CA GLU M 425 -10.96 -8.10 49.22
C GLU M 425 -9.85 -9.09 49.58
N VAL M 426 -8.77 -8.59 50.19
CA VAL M 426 -7.77 -9.49 50.75
C VAL M 426 -8.34 -10.12 52.02
N VAL M 427 -8.32 -11.45 52.10
CA VAL M 427 -9.04 -12.15 53.13
C VAL M 427 -8.17 -13.22 53.80
N PRO M 428 -8.16 -13.24 55.15
CA PRO M 428 -7.51 -14.26 55.96
C PRO M 428 -8.39 -15.51 56.09
N TYR M 429 -7.85 -16.68 55.78
CA TYR M 429 -8.69 -17.86 55.74
C TYR M 429 -8.00 -19.10 56.25
N HIS M 430 -8.77 -19.85 57.02
CA HIS M 430 -8.37 -21.12 57.59
C HIS M 430 -9.50 -22.06 57.13
N TRP M 431 -9.16 -23.12 56.40
CA TRP M 431 -10.20 -23.97 55.80
C TRP M 431 -11.22 -24.49 56.80
N GLU M 432 -12.50 -24.21 56.58
CA GLU M 432 -13.54 -24.56 57.57
C GLU M 432 -14.26 -25.86 57.22
N HIS M 433 -14.46 -26.70 58.23
CA HIS M 433 -15.01 -28.03 58.05
C HIS M 433 -16.44 -27.97 57.56
N THR M 434 -16.75 -28.84 56.60
CA THR M 434 -18.13 -29.10 56.17
C THR M 434 -18.36 -30.59 56.23
N ASP M 435 -19.61 -31.02 56.06
CA ASP M 435 -19.96 -32.44 56.16
C ASP M 435 -19.19 -33.36 55.21
N TYR M 436 -18.94 -32.90 53.99
CA TYR M 436 -18.30 -33.72 52.98
C TYR M 436 -16.87 -34.17 53.35
N ASP M 437 -16.24 -33.45 54.28
CA ASP M 437 -14.89 -33.76 54.70
C ASP M 437 -14.74 -35.13 55.38
N TYR M 438 -15.85 -35.66 55.89
CA TYR M 438 -15.83 -36.99 56.49
C TYR M 438 -16.11 -38.09 55.49
N PHE M 439 -16.69 -37.71 54.35
CA PHE M 439 -17.19 -38.67 53.35
C PHE M 439 -16.11 -39.54 52.70
N GLN M 440 -14.96 -38.91 52.43
CA GLN M 440 -13.88 -39.61 51.74
C GLN M 440 -13.12 -40.61 52.63
N PRO M 441 -12.87 -40.27 53.90
CA PRO M 441 -12.42 -41.27 54.87
C PRO M 441 -13.39 -42.44 55.07
N LYS M 442 -14.70 -42.17 55.00
CA LYS M 442 -15.75 -43.22 55.07
C LYS M 442 -15.57 -44.27 53.97
N MET M 443 -15.37 -43.79 52.75
CA MET M 443 -15.15 -44.64 51.57
C MET M 443 -13.87 -45.44 51.66
N PHE M 444 -12.84 -44.85 52.28
CA PHE M 444 -11.57 -45.55 52.42
C PHE M 444 -11.70 -46.69 53.42
N TRP M 445 -12.56 -46.52 54.40
CA TRP M 445 -12.86 -47.64 55.29
C TRP M 445 -13.44 -48.80 54.47
N LYS M 446 -14.34 -48.47 53.54
CA LYS M 446 -14.98 -49.46 52.67
C LYS M 446 -14.00 -50.10 51.69
N VAL M 447 -13.05 -49.31 51.18
CA VAL M 447 -11.98 -49.80 50.29
C VAL M 447 -11.03 -50.83 50.97
N LEU M 448 -10.62 -50.58 52.20
CA LEU M 448 -9.99 -51.62 52.99
C LEU M 448 -11.11 -52.59 53.27
N GLY M 449 -10.78 -53.79 53.72
CA GLY M 449 -11.84 -54.76 54.05
C GLY M 449 -12.62 -55.18 52.81
N ARG M 450 -12.12 -54.77 51.64
CA ARG M 450 -12.33 -55.50 50.40
C ARG M 450 -11.15 -56.45 50.31
N THR M 451 -10.20 -56.24 51.23
CA THR M 451 -9.11 -57.16 51.45
C THR M 451 -9.18 -57.65 52.89
N PRO M 452 -9.11 -58.97 53.08
CA PRO M 452 -8.99 -59.56 54.40
C PRO M 452 -7.74 -59.05 55.12
N GLY M 453 -7.93 -58.64 56.37
CA GLY M 453 -6.79 -58.27 57.22
C GLY M 453 -6.49 -56.78 57.25
N GLU M 454 -7.04 -56.02 56.31
CA GLU M 454 -6.67 -54.62 56.17
C GLU M 454 -7.29 -53.72 57.23
N GLN M 455 -8.60 -53.89 57.42
CA GLN M 455 -9.32 -53.19 58.47
C GLN M 455 -8.79 -53.59 59.84
N GLU M 456 -8.61 -54.87 60.06
CA GLU M 456 -8.14 -55.29 61.36
C GLU M 456 -6.74 -54.78 61.63
N SER M 457 -5.96 -54.59 60.57
CA SER M 457 -4.60 -54.07 60.67
C SER M 457 -4.60 -52.62 61.16
N LEU M 458 -5.42 -51.80 60.51
CA LEU M 458 -5.56 -50.40 60.88
C LEU M 458 -5.82 -50.31 62.37
N VAL M 459 -6.77 -51.08 62.84
CA VAL M 459 -7.18 -51.02 64.22
C VAL M 459 -6.05 -51.45 65.13
N LYS M 460 -5.38 -52.54 64.81
CA LYS M 460 -4.31 -53.04 65.64
C LYS M 460 -3.14 -52.07 65.63
N ASN M 461 -2.89 -51.43 64.50
CA ASN M 461 -1.82 -50.46 64.40
C ASN M 461 -2.04 -49.17 65.20
N VAL M 462 -3.25 -48.62 65.04
CA VAL M 462 -3.63 -47.40 65.75
C VAL M 462 -3.61 -47.67 67.24
N ALA M 463 -3.83 -48.92 67.62
CA ALA M 463 -4.02 -49.27 69.03
C ALA M 463 -2.70 -49.42 69.73
N ASN M 464 -1.73 -50.01 69.08
CA ASN M 464 -0.44 -50.15 69.70
C ASN M 464 0.19 -48.78 69.87
N HIS M 465 0.05 -47.93 68.86
CA HIS M 465 0.56 -46.59 68.95
C HIS M 465 -0.10 -45.86 70.14
N VAL M 466 -1.44 -45.84 70.15
CA VAL M 466 -2.21 -45.01 71.09
C VAL M 466 -2.18 -45.48 72.57
N SER M 467 -1.81 -46.73 72.80
CA SER M 467 -1.83 -47.29 74.15
C SER M 467 -0.83 -46.65 75.12
N ALA M 468 0.18 -45.96 74.58
CA ALA M 468 1.16 -45.25 75.42
C ALA M 468 0.71 -43.83 75.77
N ALA M 469 -0.39 -43.38 75.17
CA ALA M 469 -0.95 -42.07 75.42
C ALA M 469 -1.78 -42.12 76.68
N ASP M 470 -1.98 -40.97 77.31
CA ASP M 470 -2.80 -40.91 78.49
C ASP M 470 -4.25 -41.16 78.14
N GLU M 471 -5.02 -41.60 79.13
CA GLU M 471 -6.40 -41.96 78.87
C GLU M 471 -7.27 -40.87 78.21
N PHE M 472 -7.21 -39.64 78.73
CA PHE M 472 -8.10 -38.58 78.27
C PHE M 472 -7.87 -38.33 76.80
N ILE M 473 -6.69 -38.75 76.33
CA ILE M 473 -6.31 -38.49 74.95
C ILE M 473 -6.65 -39.67 74.03
N GLN M 474 -6.45 -40.90 74.53
CA GLN M 474 -7.01 -42.07 73.88
C GLN M 474 -8.48 -41.83 73.54
N ASP M 475 -9.24 -41.24 74.48
CA ASP M 475 -10.67 -41.00 74.25
C ASP M 475 -10.94 -40.14 73.01
N ARG M 476 -10.10 -39.14 72.80
CA ARG M 476 -10.30 -38.21 71.69
C ARG M 476 -9.95 -38.90 70.39
N VAL M 477 -9.08 -39.89 70.45
CA VAL M 477 -8.71 -40.63 69.24
C VAL M 477 -9.84 -41.52 68.80
N TYR M 478 -10.51 -42.17 69.75
CA TYR M 478 -11.72 -42.97 69.45
C TYR M 478 -12.75 -42.09 68.75
N GLU M 479 -13.10 -40.97 69.37
CA GLU M 479 -14.04 -40.02 68.80
C GLU M 479 -13.69 -39.68 67.36
N TYR M 480 -12.40 -39.50 67.13
CA TYR M 480 -11.84 -38.99 65.90
C TYR M 480 -12.07 -40.02 64.79
N PHE M 481 -11.52 -41.21 64.97
CA PHE M 481 -11.70 -42.21 63.96
C PHE M 481 -13.16 -42.56 63.74
N SER M 482 -13.98 -42.39 64.78
CA SER M 482 -15.42 -42.67 64.72
C SER M 482 -16.16 -41.68 63.82
N LYS M 483 -15.53 -40.55 63.51
CA LYS M 483 -16.15 -39.58 62.64
C LYS M 483 -16.21 -40.13 61.21
N ALA M 484 -15.34 -41.10 60.93
CA ALA M 484 -15.35 -41.77 59.64
C ALA M 484 -16.42 -42.87 59.61
N GLU M 485 -16.24 -43.87 60.46
CA GLU M 485 -17.22 -44.91 60.73
C GLU M 485 -17.25 -45.20 62.22
N PRO M 486 -18.42 -45.04 62.86
CA PRO M 486 -18.48 -45.23 64.30
C PRO M 486 -17.84 -46.51 64.82
N ILE M 487 -17.92 -47.62 64.08
CA ILE M 487 -17.29 -48.87 64.56
C ILE M 487 -15.79 -48.74 64.88
N ILE M 488 -15.11 -47.86 64.17
CA ILE M 488 -13.65 -47.78 64.25
C ILE M 488 -13.21 -47.38 65.64
N GLY M 489 -13.78 -46.28 66.17
CA GLY M 489 -13.46 -45.84 67.53
C GLY M 489 -13.69 -46.95 68.53
N ASP M 490 -14.78 -47.66 68.33
CA ASP M 490 -15.17 -48.75 69.22
C ASP M 490 -14.17 -49.90 69.13
N LEU M 491 -13.86 -50.31 67.90
CA LEU M 491 -12.91 -51.38 67.69
C LEU M 491 -11.54 -51.03 68.23
N ILE M 492 -11.14 -49.79 68.02
CA ILE M 492 -9.87 -49.33 68.56
C ILE M 492 -9.93 -49.34 70.09
N ARG M 493 -11.01 -48.83 70.68
CA ARG M 493 -11.15 -48.88 72.13
C ARG M 493 -11.09 -50.30 72.65
N LYS M 494 -11.78 -51.20 71.95
CA LYS M 494 -11.86 -52.60 72.32
C LYS M 494 -10.51 -53.29 72.26
N LYS M 495 -9.67 -52.88 71.32
CA LYS M 495 -8.31 -53.42 71.19
C LYS M 495 -7.36 -52.80 72.21
N VAL M 496 -7.52 -51.51 72.48
CA VAL M 496 -6.65 -50.84 73.47
C VAL M 496 -6.73 -51.55 74.81
N GLN M 497 -7.96 -51.88 75.23
CA GLN M 497 -8.14 -52.49 76.54
C GLN M 497 -7.75 -53.97 76.57
N GLU M 498 -7.88 -54.67 75.45
CA GLU M 498 -7.26 -56.00 75.28
C GLU M 498 -5.75 -55.96 75.50
N LEU M 499 -5.08 -54.97 74.90
CA LEU M 499 -3.65 -54.79 75.10
C LEU M 499 -3.34 -54.50 76.58
N LYS M 500 -4.13 -53.63 77.23
CA LYS M 500 -3.96 -53.35 78.67
C LYS M 500 -4.27 -54.54 79.58
N ARG M 501 -5.17 -55.42 79.14
CA ARG M 501 -5.56 -56.61 79.90
C ARG M 501 -4.32 -57.45 80.20
N LYS M 502 -3.44 -57.59 79.19
CA LYS M 502 -2.18 -58.32 79.32
C LYS M 502 -1.14 -57.59 80.23
N ALA M 503 -1.50 -57.35 81.49
CA ALA M 503 -0.60 -56.68 82.46
N ALA N 4 24.08 -21.58 22.23
CA ALA N 4 23.22 -20.76 21.31
C ALA N 4 23.48 -19.24 21.45
N ASN N 5 23.71 -18.57 20.31
CA ASN N 5 24.08 -17.15 20.27
C ASN N 5 23.09 -16.34 19.42
N PRO N 6 22.42 -15.31 19.99
CA PRO N 6 22.50 -14.76 21.35
C PRO N 6 21.94 -15.74 22.42
N PRO N 7 22.47 -15.69 23.65
CA PRO N 7 22.09 -16.65 24.70
C PRO N 7 20.64 -16.42 25.12
N VAL N 8 19.98 -17.44 25.66
CA VAL N 8 18.55 -17.37 26.07
C VAL N 8 18.48 -16.98 27.54
N PHE N 9 17.62 -16.03 27.89
CA PHE N 9 17.49 -15.60 29.30
C PHE N 9 16.66 -16.56 30.17
N THR N 10 17.29 -17.11 31.21
CA THR N 10 16.66 -18.11 32.06
C THR N 10 16.72 -17.82 33.56
N THR N 11 15.99 -18.61 34.33
CA THR N 11 16.13 -18.60 35.76
C THR N 11 17.37 -19.40 36.10
N SER N 12 17.69 -19.47 37.39
CA SER N 12 18.85 -20.19 37.91
C SER N 12 18.77 -21.68 37.59
N GLN N 13 17.55 -22.14 37.34
CA GLN N 13 17.28 -23.55 37.06
C GLN N 13 17.07 -23.84 35.58
N GLY N 14 17.24 -22.83 34.73
CA GLY N 14 17.29 -23.03 33.28
C GLY N 14 15.98 -22.85 32.53
N CYS N 15 14.97 -22.40 33.23
CA CYS N 15 13.68 -22.12 32.62
C CYS N 15 13.69 -20.75 31.91
N PRO N 16 13.31 -20.70 30.61
CA PRO N 16 13.36 -19.49 29.80
C PRO N 16 12.39 -18.45 30.34
N VAL N 17 12.77 -17.18 30.24
CA VAL N 17 11.96 -16.10 30.79
C VAL N 17 11.65 -15.14 29.66
N SER N 18 10.42 -14.61 29.66
CA SER N 18 9.95 -13.78 28.57
C SER N 18 10.25 -12.31 28.74
N ASP N 19 10.20 -11.84 29.98
CA ASP N 19 10.36 -10.43 30.27
C ASP N 19 11.20 -10.27 31.53
N PRO N 20 12.29 -9.47 31.47
CA PRO N 20 13.14 -9.31 32.67
C PRO N 20 12.56 -8.42 33.77
N PHE N 21 11.50 -7.67 33.45
CA PHE N 21 11.02 -6.62 34.35
C PHE N 21 9.60 -6.83 34.88
N THR N 22 8.87 -7.83 34.38
CA THR N 22 7.50 -8.00 34.83
C THR N 22 7.38 -8.76 36.15
N THR N 23 6.36 -8.43 36.92
CA THR N 23 6.00 -9.18 38.11
C THR N 23 4.52 -9.41 38.14
N GLN N 24 4.12 -10.55 38.67
CA GLN N 24 2.75 -10.96 38.72
C GLN N 24 1.93 -10.25 39.79
N ARG N 25 0.73 -9.78 39.43
CA ARG N 25 -0.22 -9.28 40.42
C ARG N 25 -1.67 -9.61 40.03
N ILE N 26 -2.61 -9.45 40.96
CA ILE N 26 -4.04 -9.41 40.62
C ILE N 26 -4.46 -7.96 40.80
N PRO N 27 -4.99 -7.32 39.75
CA PRO N 27 -5.18 -5.87 39.85
C PRO N 27 -6.36 -5.45 40.71
N LEU N 28 -6.28 -4.25 41.28
CA LEU N 28 -7.43 -3.63 41.90
C LEU N 28 -8.50 -3.36 40.86
N ASP N 29 -9.76 -3.30 41.29
CA ASP N 29 -10.84 -2.89 40.39
C ASP N 29 -10.61 -1.45 39.93
N SER N 30 -10.79 -1.21 38.62
CA SER N 30 -10.48 0.08 38.01
C SER N 30 -11.66 1.06 37.87
N THR N 31 -12.86 0.65 38.26
CA THR N 31 -14.01 1.56 38.15
C THR N 31 -13.85 2.80 39.02
N GLY N 32 -13.82 3.95 38.36
CA GLY N 32 -13.81 5.24 39.04
C GLY N 32 -12.50 5.97 38.90
N TYR N 33 -11.43 5.25 38.54
CA TYR N 33 -10.08 5.84 38.46
C TYR N 33 -9.83 6.68 37.19
N LYS N 34 -9.32 7.89 37.36
CA LYS N 34 -8.90 8.67 36.19
C LYS N 34 -7.68 8.00 35.58
N TYR N 35 -6.87 7.38 36.45
CA TYR N 35 -5.67 6.64 36.03
C TYR N 35 -5.72 5.26 36.68
N ALA N 36 -5.67 4.22 35.86
CA ALA N 36 -5.91 2.86 36.32
C ALA N 36 -4.95 1.81 35.79
N PRO N 37 -3.66 1.92 36.15
CA PRO N 37 -2.75 0.82 35.87
C PRO N 37 -3.08 -0.43 36.71
N PRO N 38 -2.80 -1.62 36.16
CA PRO N 38 -3.01 -2.86 36.92
C PRO N 38 -2.07 -3.08 38.13
N ILE N 39 -2.52 -2.61 39.31
CA ILE N 39 -1.73 -2.72 40.52
C ILE N 39 -2.39 -3.61 41.55
N GLY N 40 -1.59 -4.45 42.17
CA GLY N 40 -2.07 -5.31 43.23
C GLY N 40 -0.93 -5.89 44.03
N PRO N 41 -1.26 -6.70 45.04
CA PRO N 41 -0.29 -7.31 45.92
C PRO N 41 0.55 -8.35 45.17
N LEU N 42 1.84 -8.44 45.48
CA LEU N 42 2.74 -9.35 44.78
C LEU N 42 2.50 -10.74 45.31
N LEU N 43 2.81 -11.77 44.50
CA LEU N 43 2.46 -13.15 44.83
C LEU N 43 3.65 -14.04 45.10
N LEU N 44 3.48 -14.94 46.05
CA LEU N 44 4.47 -15.92 46.41
C LEU N 44 4.88 -16.79 45.27
N GLN N 45 3.95 -17.07 44.35
CA GLN N 45 4.26 -17.96 43.22
C GLN N 45 5.15 -17.31 42.13
N ASP N 46 5.38 -16.00 42.21
CA ASP N 46 6.23 -15.32 41.24
C ASP N 46 7.68 -15.75 41.41
N PHE N 47 8.05 -16.87 40.81
CA PHE N 47 9.38 -17.43 41.05
C PHE N 47 10.48 -16.50 40.57
N LYS N 48 10.24 -15.84 39.43
CA LYS N 48 11.28 -15.02 38.83
C LYS N 48 11.66 -13.94 39.82
N LEU N 49 10.64 -13.42 40.52
CA LEU N 49 10.83 -12.35 41.46
C LEU N 49 11.60 -12.83 42.64
N ILE N 50 11.11 -13.87 43.32
CA ILE N 50 11.79 -14.37 44.54
C ILE N 50 13.20 -14.86 44.21
N ASP N 51 13.31 -15.57 43.10
CA ASP N 51 14.59 -16.15 42.67
C ASP N 51 15.63 -15.03 42.51
N THR N 52 15.27 -13.93 41.85
CA THR N 52 16.27 -12.92 41.62
C THR N 52 16.51 -12.01 42.81
N LEU N 53 15.46 -11.66 43.55
CA LEU N 53 15.65 -10.93 44.79
C LEU N 53 16.45 -11.69 45.87
N SER N 54 16.19 -12.98 46.00
CA SER N 54 16.80 -13.69 47.08
C SER N 54 18.27 -13.90 46.81
N HIS N 55 18.66 -13.87 45.55
CA HIS N 55 20.07 -14.05 45.24
C HIS N 55 20.78 -12.73 45.42
N PHE N 56 20.17 -11.65 44.92
CA PHE N 56 20.63 -10.28 45.24
C PHE N 56 20.84 -10.15 46.73
N ASP N 57 19.88 -10.62 47.54
CA ASP N 57 19.98 -10.51 48.99
C ASP N 57 21.23 -11.17 49.55
N ARG N 58 21.86 -12.04 48.77
CA ARG N 58 23.02 -12.84 49.24
C ARG N 58 24.32 -12.62 48.44
N GLU N 59 24.46 -11.47 47.79
CA GLU N 59 25.65 -11.22 46.96
C GLU N 59 26.93 -11.13 47.78
N ARG N 60 26.82 -10.74 49.04
CA ARG N 60 28.00 -10.27 49.79
C ARG N 60 28.61 -11.35 50.65
N ILE N 61 29.94 -11.37 50.72
CA ILE N 61 30.64 -12.24 51.69
C ILE N 61 31.55 -11.38 52.58
N PRO N 62 32.00 -11.93 53.71
CA PRO N 62 32.92 -11.11 54.52
C PRO N 62 34.12 -10.63 53.72
N GLU N 63 34.50 -9.36 53.82
CA GLU N 63 35.81 -8.94 53.29
C GLU N 63 36.93 -9.57 54.13
N ARG N 64 38.15 -9.65 53.60
CA ARG N 64 39.32 -10.14 54.39
C ARG N 64 39.49 -9.31 55.69
N VAL N 65 39.83 -9.92 56.83
CA VAL N 65 40.04 -9.14 58.08
C VAL N 65 41.05 -8.00 57.92
N VAL N 66 42.10 -8.29 57.15
CA VAL N 66 43.08 -7.29 56.71
C VAL N 66 43.32 -7.42 55.19
N HIS N 67 43.89 -6.39 54.57
CA HIS N 67 44.13 -6.36 53.12
C HIS N 67 42.83 -6.51 52.33
N ALA N 68 41.76 -5.87 52.81
CA ALA N 68 40.44 -6.05 52.18
C ALA N 68 40.33 -5.41 50.79
N LYS N 69 41.07 -4.32 50.60
CA LYS N 69 41.10 -3.58 49.34
C LYS N 69 42.29 -4.06 48.50
N GLY N 70 41.99 -4.62 47.33
CA GLY N 70 43.01 -5.18 46.43
C GLY N 70 42.68 -5.17 44.93
N ALA N 71 43.71 -5.47 44.13
CA ALA N 71 43.53 -5.75 42.71
C ALA N 71 44.44 -6.91 42.28
N GLY N 72 43.99 -7.69 41.30
CA GLY N 72 44.73 -8.88 40.84
C GLY N 72 44.96 -8.99 39.34
N ALA N 73 45.95 -9.80 38.96
CA ALA N 73 46.16 -10.20 37.57
C ALA N 73 46.89 -11.51 37.47
N TYR N 74 46.80 -12.13 36.29
CA TYR N 74 47.46 -13.39 36.06
C TYR N 74 48.75 -13.04 35.36
N GLY N 75 49.77 -13.89 35.48
CA GLY N 75 51.00 -13.65 34.74
C GLY N 75 51.75 -14.95 34.51
N VAL N 76 53.02 -14.80 34.15
CA VAL N 76 53.92 -15.94 33.94
C VAL N 76 55.23 -15.72 34.68
N PHE N 77 55.67 -16.71 35.45
CA PHE N 77 56.96 -16.63 36.07
C PHE N 77 57.91 -17.51 35.27
N GLU N 78 59.14 -17.03 35.07
CA GLU N 78 60.17 -17.81 34.37
C GLU N 78 61.40 -18.08 35.24
N VAL N 79 61.90 -19.32 35.27
CA VAL N 79 63.19 -19.60 35.90
C VAL N 79 64.23 -19.08 34.91
N THR N 80 65.16 -18.27 35.39
CA THR N 80 66.18 -17.75 34.48
C THR N 80 67.61 -18.24 34.79
N ASP N 81 67.83 -18.76 36.00
CA ASP N 81 69.15 -19.24 36.43
C ASP N 81 69.04 -20.61 37.10
N ASP N 82 70.17 -21.30 37.18
CA ASP N 82 70.17 -22.56 37.86
C ASP N 82 70.37 -22.31 39.36
N ILE N 83 69.37 -22.68 40.19
CA ILE N 83 69.56 -22.67 41.66
C ILE N 83 69.22 -24.01 42.35
N THR N 84 69.33 -25.10 41.59
CA THR N 84 69.01 -26.45 42.08
C THR N 84 69.95 -26.96 43.17
N ASP N 85 71.09 -26.28 43.35
CA ASP N 85 72.04 -26.54 44.43
C ASP N 85 71.50 -25.99 45.73
N VAL N 86 70.60 -25.02 45.62
CA VAL N 86 69.89 -24.45 46.78
C VAL N 86 68.48 -25.06 46.95
N CYS N 87 67.72 -25.22 45.87
CA CYS N 87 66.30 -25.60 45.97
C CYS N 87 65.75 -26.66 44.95
N SER N 88 65.23 -27.76 45.48
CA SER N 88 64.72 -28.88 44.67
C SER N 88 63.29 -28.69 44.10
N ALA N 89 62.76 -27.49 44.22
CA ALA N 89 61.39 -27.23 43.78
C ALA N 89 61.25 -27.43 42.28
N LYS N 90 60.28 -28.30 41.92
CA LYS N 90 60.01 -28.69 40.53
C LYS N 90 59.80 -27.52 39.60
N PHE N 91 59.13 -26.49 40.09
CA PHE N 91 58.83 -25.39 39.22
C PHE N 91 60.10 -24.58 38.97
N LEU N 92 61.17 -24.92 39.69
CA LEU N 92 62.49 -24.31 39.53
C LEU N 92 63.47 -25.26 38.80
N ASP N 93 63.04 -26.54 38.71
CA ASP N 93 63.71 -27.65 37.97
C ASP N 93 64.80 -27.32 36.93
N THR N 94 64.40 -26.62 35.86
CA THR N 94 65.24 -26.47 34.70
C THR N 94 65.07 -25.05 34.15
N VAL N 95 66.12 -24.49 33.57
CA VAL N 95 66.10 -23.10 33.14
C VAL N 95 65.12 -22.93 32.02
N GLY N 96 64.42 -21.80 32.02
CA GLY N 96 63.40 -21.47 31.02
C GLY N 96 61.97 -21.97 31.29
N LYS N 97 61.78 -22.77 32.36
CA LYS N 97 60.46 -23.33 32.73
C LYS N 97 59.50 -22.23 33.20
N LYS N 98 58.30 -22.27 32.66
CA LYS N 98 57.29 -21.23 32.92
C LYS N 98 56.13 -21.73 33.76
N THR N 99 55.71 -20.91 34.71
CA THR N 99 54.66 -21.29 35.62
C THR N 99 53.64 -20.19 35.66
N ARG N 100 52.38 -20.60 35.64
CA ARG N 100 51.29 -19.64 35.65
C ARG N 100 51.07 -19.18 37.08
N ILE N 101 50.90 -17.86 37.25
CA ILE N 101 50.73 -17.26 38.55
C ILE N 101 49.57 -16.26 38.58
N PHE N 102 49.00 -16.09 39.77
CA PHE N 102 48.07 -14.98 39.97
C PHE N 102 48.57 -14.16 41.13
N THR N 103 48.52 -12.83 40.97
CA THR N 103 49.00 -11.92 41.99
C THR N 103 47.92 -10.98 42.47
N ARG N 104 47.80 -10.89 43.78
CA ARG N 104 46.95 -9.89 44.37
C ARG N 104 47.75 -8.79 45.12
N PHE N 105 47.50 -7.54 44.75
CA PHE N 105 48.05 -6.38 45.45
C PHE N 105 46.94 -5.75 46.31
N SER N 106 47.31 -5.21 47.48
CA SER N 106 46.37 -4.74 48.49
C SER N 106 47.01 -3.74 49.45
N THR N 107 46.16 -2.91 50.04
CA THR N 107 46.56 -2.09 51.18
C THR N 107 46.19 -2.92 52.40
N VAL N 108 46.43 -2.42 53.63
CA VAL N 108 46.34 -3.31 54.78
C VAL N 108 45.12 -3.09 55.66
N GLY N 109 45.04 -1.96 56.34
CA GLY N 109 43.94 -1.75 57.28
C GLY N 109 42.63 -1.26 56.68
N GLY N 110 42.71 -0.57 55.54
CA GLY N 110 41.52 -0.01 54.88
C GLY N 110 40.51 -1.10 54.60
N GLU N 111 39.23 -0.70 54.61
CA GLU N 111 38.14 -1.61 54.25
C GLU N 111 37.93 -1.51 52.74
N LYS N 112 36.89 -2.19 52.29
CA LYS N 112 36.59 -2.39 50.87
C LYS N 112 36.33 -1.14 50.02
N GLY N 113 35.73 -0.11 50.60
CA GLY N 113 35.51 1.11 49.82
C GLY N 113 36.58 2.19 49.92
N SER N 114 37.65 1.87 50.65
CA SER N 114 38.65 2.86 51.02
C SER N 114 39.59 3.15 49.88
N ALA N 115 40.49 4.10 50.12
CA ALA N 115 41.37 4.63 49.08
C ALA N 115 42.61 3.76 48.79
N ASP N 116 42.93 3.59 47.49
CA ASP N 116 44.07 2.80 47.06
C ASP N 116 45.36 3.50 47.54
N THR N 117 45.29 4.84 47.59
CA THR N 117 46.46 5.66 47.95
C THR N 117 46.50 6.08 49.44
N ALA N 118 45.85 5.32 50.30
CA ALA N 118 46.00 5.51 51.74
C ALA N 118 47.44 5.17 52.12
N ARG N 119 47.89 5.70 53.26
CA ARG N 119 49.20 5.35 53.79
C ARG N 119 49.13 3.99 54.50
N ASP N 120 49.80 2.99 53.94
CA ASP N 120 49.81 1.61 54.48
C ASP N 120 50.93 0.84 53.83
N PRO N 121 51.32 -0.28 54.43
CA PRO N 121 52.17 -1.21 53.71
C PRO N 121 51.34 -1.70 52.53
N ARG N 122 51.96 -2.42 51.61
CA ARG N 122 51.19 -2.96 50.51
C ARG N 122 51.42 -4.45 50.49
N GLY N 123 50.34 -5.22 50.32
CA GLY N 123 50.46 -6.66 50.14
C GLY N 123 50.84 -7.02 48.71
N PHE N 124 51.54 -8.13 48.59
CA PHE N 124 52.04 -8.56 47.31
C PHE N 124 51.98 -10.07 47.35
N ALA N 125 50.79 -10.61 47.06
CA ALA N 125 50.60 -12.07 47.12
C ALA N 125 50.56 -12.74 45.74
N THR N 126 51.27 -13.86 45.63
CA THR N 126 51.31 -14.57 44.36
C THR N 126 51.12 -16.05 44.59
N LYS N 127 50.23 -16.63 43.77
CA LYS N 127 49.95 -18.07 43.76
C LYS N 127 50.70 -18.67 42.56
N PHE N 128 51.54 -19.67 42.79
CA PHE N 128 52.18 -20.42 41.71
C PHE N 128 51.55 -21.80 41.55
N TYR N 129 50.96 -22.03 40.37
CA TYR N 129 50.43 -23.34 40.06
C TYR N 129 51.53 -24.27 39.55
N THR N 130 52.17 -25.04 40.45
CA THR N 130 53.23 -25.93 40.03
C THR N 130 52.76 -27.38 39.88
N GLU N 131 53.62 -28.24 39.35
CA GLU N 131 53.31 -29.66 39.18
C GLU N 131 53.31 -30.36 40.50
N ASP N 132 53.85 -29.68 41.52
CA ASP N 132 53.93 -30.24 42.86
C ASP N 132 52.93 -29.58 43.80
N GLY N 133 51.96 -28.85 43.23
CA GLY N 133 50.88 -28.25 44.00
C GLY N 133 50.92 -26.73 43.98
N ASN N 134 49.99 -26.08 44.69
CA ASN N 134 49.95 -24.63 44.70
C ASN N 134 50.89 -24.02 45.73
N LEU N 135 51.73 -23.08 45.27
CA LEU N 135 52.66 -22.37 46.14
C LEU N 135 52.23 -20.93 46.34
N ASP N 136 51.92 -20.53 47.58
CA ASP N 136 51.64 -19.12 47.87
C ASP N 136 52.85 -18.39 48.48
N LEU N 137 53.24 -17.30 47.83
CA LEU N 137 54.33 -16.44 48.30
C LEU N 137 53.68 -15.16 48.75
N VAL N 138 53.37 -15.16 50.05
CA VAL N 138 52.53 -14.11 50.60
C VAL N 138 53.43 -13.01 51.16
N TYR N 139 53.76 -12.07 50.29
CA TYR N 139 54.77 -11.09 50.58
C TYR N 139 54.20 -9.69 50.86
N ASN N 140 55.03 -8.85 51.48
CA ASN N 140 54.71 -7.43 51.60
C ASN N 140 55.68 -6.60 50.80
N ASN N 141 55.34 -5.33 50.57
CA ASN N 141 56.21 -4.37 49.88
C ASN N 141 57.36 -3.78 50.74
N THR N 142 57.54 -4.34 51.91
CA THR N 142 58.62 -3.99 52.82
C THR N 142 59.27 -5.27 53.40
N PRO N 143 60.60 -5.26 53.63
CA PRO N 143 61.35 -6.46 54.01
C PRO N 143 61.24 -6.73 55.47
N ILE N 144 60.50 -5.86 56.15
CA ILE N 144 60.26 -6.00 57.60
C ILE N 144 58.80 -5.71 58.03
N PHE N 145 58.50 -5.84 59.32
CA PHE N 145 57.14 -5.60 59.78
C PHE N 145 57.09 -4.99 61.18
N PHE N 146 55.88 -4.61 61.61
CA PHE N 146 55.63 -3.95 62.89
C PHE N 146 55.84 -4.85 64.09
N ILE N 147 55.81 -6.16 63.90
CA ILE N 147 55.82 -7.03 65.08
C ILE N 147 56.71 -8.26 64.94
N ARG N 148 57.15 -8.80 66.06
CA ARG N 148 57.88 -10.07 66.01
C ARG N 148 57.32 -11.07 67.00
N ASP N 149 56.21 -10.68 67.62
CA ASP N 149 55.44 -11.58 68.48
C ASP N 149 54.06 -11.79 67.85
N PRO N 150 53.72 -13.06 67.52
CA PRO N 150 52.56 -13.33 66.68
C PRO N 150 51.27 -12.79 67.31
N ILE N 151 51.08 -13.10 68.58
CA ILE N 151 49.81 -12.85 69.18
C ILE N 151 49.58 -11.37 69.37
N LYS N 152 50.59 -10.56 69.07
CA LYS N 152 50.37 -9.10 69.06
C LYS N 152 49.58 -8.60 67.83
N PHE N 153 49.47 -9.44 66.78
CA PHE N 153 48.87 -8.98 65.52
C PHE N 153 47.46 -8.37 65.69
N PRO N 154 46.57 -9.06 66.39
CA PRO N 154 45.25 -8.46 66.52
C PRO N 154 45.28 -7.10 67.25
N HIS N 155 46.18 -6.96 68.24
CA HIS N 155 46.30 -5.71 68.98
C HIS N 155 46.74 -4.65 68.01
N PHE N 156 47.80 -4.95 67.29
CA PHE N 156 48.32 -4.01 66.33
C PHE N 156 47.21 -3.61 65.38
N ILE N 157 46.62 -4.61 64.73
CA ILE N 157 45.60 -4.37 63.68
C ILE N 157 44.36 -3.61 64.22
N HIS N 158 43.94 -3.94 65.44
CA HIS N 158 42.86 -3.20 66.03
C HIS N 158 43.14 -1.72 66.07
N THR N 159 44.34 -1.35 66.54
CA THR N 159 44.69 0.07 66.72
C THR N 159 44.92 0.77 65.40
N GLN N 160 45.22 -0.01 64.35
CA GLN N 160 45.32 0.55 62.98
C GLN N 160 43.96 0.87 62.38
N LYS N 161 42.89 0.40 63.03
CA LYS N 161 41.57 0.47 62.41
C LYS N 161 40.64 1.44 63.13
N ARG N 162 39.41 1.00 63.39
CA ARG N 162 38.39 1.86 64.02
C ARG N 162 38.10 1.64 65.53
N ASN N 163 37.81 2.76 66.19
CA ASN N 163 37.42 2.77 67.59
C ASN N 163 36.16 2.00 67.83
N PRO N 164 36.15 1.11 68.83
CA PRO N 164 35.01 0.21 69.11
C PRO N 164 33.70 0.91 69.37
N ALA N 165 33.75 2.15 69.86
CA ALA N 165 32.55 2.95 70.06
C ALA N 165 32.21 3.80 68.85
N THR N 166 33.15 4.61 68.35
CA THR N 166 32.82 5.63 67.38
C THR N 166 32.78 5.08 65.97
N ASN N 167 33.63 4.08 65.71
CA ASN N 167 33.92 3.62 64.36
C ASN N 167 34.78 4.62 63.59
N LEU N 168 35.46 5.52 64.32
CA LEU N 168 36.37 6.48 63.70
C LEU N 168 37.80 6.04 63.89
N LYS N 169 38.70 6.50 63.03
CA LYS N 169 40.10 6.13 63.28
C LYS N 169 40.53 6.95 64.45
N ASP N 170 41.40 6.40 65.29
CA ASP N 170 41.77 7.06 66.51
C ASP N 170 43.30 7.17 66.57
N PRO N 171 43.84 8.37 66.22
CA PRO N 171 45.28 8.56 66.24
C PRO N 171 45.86 8.26 67.63
N ASN N 172 45.09 8.45 68.71
CA ASN N 172 45.56 8.10 70.07
C ASN N 172 45.96 6.63 70.12
N MET N 173 44.98 5.74 69.85
CA MET N 173 45.18 4.28 69.69
C MET N 173 46.43 3.92 68.88
N PHE N 174 46.43 4.45 67.67
CA PHE N 174 47.41 4.20 66.67
C PHE N 174 48.79 4.28 67.26
N TRP N 175 49.10 5.44 67.84
CA TRP N 175 50.41 5.65 68.41
C TRP N 175 50.61 5.03 69.82
N ASP N 176 49.56 5.01 70.64
CA ASP N 176 49.64 4.38 71.95
C ASP N 176 50.19 2.99 71.80
N TYR N 177 49.73 2.26 70.78
CA TYR N 177 50.23 0.91 70.59
C TYR N 177 51.68 0.99 70.17
N LEU N 178 51.95 1.71 69.07
CA LEU N 178 53.25 1.70 68.42
C LEU N 178 54.36 2.13 69.35
N THR N 179 54.14 3.22 70.08
CA THR N 179 55.10 3.66 71.06
C THR N 179 55.30 2.68 72.24
N ALA N 180 54.27 1.97 72.69
CA ALA N 180 54.48 0.99 73.76
C ALA N 180 55.23 -0.25 73.31
N ASN N 181 55.40 -0.40 72.00
CA ASN N 181 56.09 -1.58 71.45
C ASN N 181 57.18 -1.17 70.47
N ASP N 182 58.33 -0.86 71.06
CA ASP N 182 59.57 -0.41 70.41
C ASP N 182 59.94 -1.02 69.09
N GLU N 183 59.76 -2.34 68.99
CA GLU N 183 60.26 -3.06 67.84
C GLU N 183 59.56 -2.65 66.52
N SER N 184 58.43 -1.95 66.64
CA SER N 184 57.71 -1.38 65.51
C SER N 184 58.45 -0.24 64.80
N LEU N 185 59.34 0.42 65.53
CA LEU N 185 60.02 1.63 65.04
C LEU N 185 60.61 1.49 63.62
N HIS N 186 61.32 0.39 63.37
CA HIS N 186 61.88 0.17 62.05
C HIS N 186 60.81 0.28 60.93
N GLN N 187 59.77 -0.55 61.03
CA GLN N 187 58.69 -0.56 60.03
C GLN N 187 57.94 0.79 59.92
N VAL N 188 57.73 1.43 61.08
CA VAL N 188 56.97 2.70 61.17
C VAL N 188 57.71 3.79 60.39
N MET N 189 59.03 3.73 60.47
CA MET N 189 59.83 4.64 59.69
C MET N 189 59.56 4.44 58.20
N TYR N 190 59.61 3.19 57.74
CA TYR N 190 59.22 2.84 56.37
C TYR N 190 57.86 3.42 56.03
N LEU N 191 56.89 3.07 56.86
CA LEU N 191 55.52 3.50 56.70
C LEU N 191 55.43 5.02 56.57
N PHE N 192 56.21 5.77 57.35
CA PHE N 192 56.08 7.22 57.32
C PHE N 192 56.95 7.95 56.36
N SER N 193 58.01 7.28 55.92
CA SER N 193 58.76 7.71 54.76
C SER N 193 57.79 7.76 53.60
N ASN N 194 58.23 8.26 52.47
CA ASN N 194 57.33 8.30 51.32
C ASN N 194 56.95 6.90 50.81
N ARG N 195 57.72 5.88 51.22
CA ARG N 195 57.49 4.54 50.69
C ARG N 195 56.17 3.99 51.17
N GLY N 196 55.62 4.57 52.23
CA GLY N 196 54.29 4.20 52.66
C GLY N 196 53.20 4.63 51.69
N THR N 197 53.58 5.32 50.61
CA THR N 197 52.60 5.84 49.68
C THR N 197 53.01 5.60 48.22
N PRO N 198 52.94 4.34 47.75
CA PRO N 198 53.40 4.08 46.40
C PRO N 198 52.55 4.78 45.36
N ALA N 199 53.17 5.05 44.21
CA ALA N 199 52.46 5.64 43.08
C ALA N 199 51.51 4.59 42.48
N SER N 200 52.00 3.35 42.34
CA SER N 200 51.17 2.26 41.85
C SER N 200 51.73 0.93 42.34
N TYR N 201 50.99 -0.14 42.10
CA TYR N 201 51.50 -1.43 42.46
C TYR N 201 52.61 -1.84 41.52
N ARG N 202 52.65 -1.19 40.35
CA ARG N 202 53.65 -1.53 39.35
C ARG N 202 55.01 -1.08 39.85
N THR N 203 54.99 -0.07 40.71
CA THR N 203 56.22 0.60 41.14
C THR N 203 56.61 0.35 42.60
N MET N 204 56.54 -0.91 43.01
CA MET N 204 56.97 -1.33 44.34
C MET N 204 57.60 -2.71 44.28
N ASN N 205 58.38 -3.04 45.29
CA ASN N 205 59.01 -4.33 45.29
C ASN N 205 58.20 -5.25 46.16
N GLY N 206 58.60 -6.52 46.17
CA GLY N 206 58.02 -7.47 47.13
C GLY N 206 59.15 -8.12 47.88
N TYR N 207 58.92 -8.49 49.12
CA TYR N 207 59.97 -9.07 49.95
C TYR N 207 59.30 -10.13 50.76
N SER N 208 59.99 -11.25 50.98
CA SER N 208 59.45 -12.36 51.75
C SER N 208 59.26 -11.96 53.21
N GLY N 209 59.96 -10.92 53.62
CA GLY N 209 59.95 -10.45 54.99
C GLY N 209 60.61 -11.46 55.88
N HIS N 210 59.90 -12.56 56.14
CA HIS N 210 60.41 -13.67 56.96
C HIS N 210 61.59 -14.34 56.28
N THR N 211 62.27 -15.17 57.06
CA THR N 211 63.24 -16.11 56.53
C THR N 211 62.54 -17.44 56.30
N TYR N 212 62.75 -18.07 55.15
CA TYR N 212 62.26 -19.44 54.94
C TYR N 212 63.48 -20.38 54.84
N LYS N 213 63.25 -21.68 54.65
CA LYS N 213 64.34 -22.65 54.49
C LYS N 213 64.10 -23.40 53.21
N TRP N 214 65.06 -23.35 52.28
CA TRP N 214 64.97 -24.12 51.05
C TRP N 214 65.88 -25.35 51.10
N TYR N 215 65.39 -26.45 50.52
CA TYR N 215 66.13 -27.69 50.47
C TYR N 215 66.57 -28.02 49.03
N ASN N 216 67.84 -28.34 48.83
CA ASN N 216 68.29 -28.95 47.58
C ASN N 216 68.06 -30.47 47.58
N SER N 217 68.27 -31.13 46.45
CA SER N 217 67.86 -32.54 46.32
C SER N 217 68.64 -33.51 47.21
N LYS N 218 69.84 -33.10 47.62
CA LYS N 218 70.66 -33.89 48.56
C LYS N 218 70.09 -33.82 49.98
N GLY N 219 69.23 -32.82 50.21
CA GLY N 219 68.66 -32.58 51.54
C GLY N 219 69.48 -31.58 52.35
N GLU N 220 70.27 -30.77 51.67
CA GLU N 220 71.03 -29.74 52.37
C GLU N 220 70.24 -28.47 52.30
N TRP N 221 70.07 -27.83 53.45
CA TRP N 221 69.27 -26.63 53.48
C TRP N 221 70.04 -25.37 53.84
N VAL N 222 69.38 -24.23 53.63
CA VAL N 222 69.97 -22.93 53.81
C VAL N 222 68.80 -21.97 54.11
N TYR N 223 69.00 -20.98 54.97
CA TYR N 223 67.97 -19.95 55.21
C TYR N 223 67.94 -19.05 54.00
N VAL N 224 66.75 -18.54 53.64
CA VAL N 224 66.63 -17.64 52.50
C VAL N 224 65.75 -16.41 52.77
N GLN N 225 65.93 -15.40 51.92
CA GLN N 225 65.11 -14.20 51.90
C GLN N 225 64.94 -13.87 50.44
N VAL N 226 63.70 -13.60 50.04
CA VAL N 226 63.35 -13.47 48.63
C VAL N 226 63.07 -12.01 48.34
N HIS N 227 63.56 -11.51 47.21
CA HIS N 227 63.26 -10.14 46.82
C HIS N 227 62.75 -10.10 45.41
N PHE N 228 61.70 -9.35 45.20
CA PHE N 228 61.11 -9.19 43.91
C PHE N 228 61.25 -7.71 43.63
N ILE N 229 61.93 -7.37 42.54
CA ILE N 229 62.25 -5.96 42.27
C ILE N 229 61.65 -5.50 40.98
N ALA N 230 60.83 -4.45 41.10
CA ALA N 230 60.11 -3.90 39.98
C ALA N 230 61.05 -3.38 38.87
N ASN N 231 60.89 -3.93 37.65
CA ASN N 231 61.61 -3.44 36.47
C ASN N 231 61.08 -2.08 36.13
N GLN N 232 59.98 -1.69 36.77
CA GLN N 232 59.38 -0.38 36.53
C GLN N 232 59.92 0.68 37.49
N GLY N 233 60.84 0.24 38.36
CA GLY N 233 61.50 1.11 39.33
C GLY N 233 60.59 1.44 40.51
N VAL N 234 61.19 1.89 41.62
CA VAL N 234 60.43 2.22 42.83
C VAL N 234 60.04 3.71 42.85
N HIS N 235 58.77 3.99 42.53
CA HIS N 235 58.25 5.37 42.53
C HIS N 235 57.20 5.55 43.62
N ASN N 236 57.35 6.63 44.38
CA ASN N 236 56.45 6.95 45.47
C ASN N 236 55.72 8.25 45.25
N LEU N 237 54.74 8.52 46.11
CA LEU N 237 53.98 9.77 46.09
C LEU N 237 54.28 10.57 47.33
N LEU N 238 54.01 11.87 47.25
CA LEU N 238 54.00 12.74 48.43
C LEU N 238 52.63 12.74 49.10
N ASP N 239 52.63 12.90 50.42
CA ASP N 239 51.41 12.86 51.21
C ASP N 239 50.26 13.64 50.59
N GLU N 240 50.51 14.89 50.21
CA GLU N 240 49.50 15.78 49.60
C GLU N 240 48.85 15.13 48.37
N GLU N 241 49.69 14.63 47.47
CA GLU N 241 49.24 13.97 46.25
C GLU N 241 48.40 12.75 46.64
N ALA N 242 48.95 11.93 47.54
CA ALA N 242 48.27 10.76 48.10
C ALA N 242 46.88 11.08 48.66
N GLY N 243 46.77 12.21 49.36
CA GLY N 243 45.50 12.70 49.86
C GLY N 243 44.54 13.26 48.81
N ARG N 244 45.06 13.91 47.77
CA ARG N 244 44.15 14.44 46.75
C ARG N 244 43.58 13.29 45.96
N LEU N 245 44.47 12.40 45.49
CA LEU N 245 44.05 11.22 44.74
C LEU N 245 43.01 10.42 45.50
N ALA N 246 43.16 10.36 46.82
CA ALA N 246 42.22 9.67 47.72
C ALA N 246 40.77 10.14 47.54
N GLY N 247 40.61 11.43 47.28
CA GLY N 247 39.31 12.03 47.00
C GLY N 247 38.93 11.93 45.53
N GLU N 248 39.86 12.24 44.64
CA GLU N 248 39.58 12.21 43.21
C GLU N 248 39.30 10.77 42.71
N ASP N 249 40.24 9.85 42.96
CA ASP N 249 40.11 8.48 42.45
C ASP N 249 40.54 7.45 43.50
N PRO N 250 39.58 6.97 44.32
CA PRO N 250 39.91 6.00 45.36
C PRO N 250 40.30 4.64 44.79
N ASP N 251 40.22 4.50 43.47
CA ASP N 251 40.52 3.23 42.82
C ASP N 251 41.72 3.37 41.92
N HIS N 252 42.52 4.37 42.22
CA HIS N 252 43.60 4.77 41.36
C HIS N 252 44.59 3.64 41.03
N SER N 253 44.98 2.83 42.01
CA SER N 253 45.96 1.76 41.79
C SER N 253 45.40 0.57 41.03
N THR N 254 44.11 0.30 41.26
CA THR N 254 43.38 -0.74 40.56
C THR N 254 43.26 -0.36 39.11
N ARG N 255 42.83 0.87 38.84
CA ARG N 255 42.68 1.35 37.48
C ARG N 255 44.03 1.39 36.79
N ASP N 256 45.06 1.79 37.52
CA ASP N 256 46.41 1.82 36.96
C ASP N 256 46.88 0.46 36.48
N LEU N 257 46.62 -0.59 37.25
CA LEU N 257 47.07 -1.92 36.93
C LEU N 257 46.30 -2.48 35.76
N TRP N 258 44.98 -2.31 35.78
CA TRP N 258 44.12 -2.90 34.79
C TRP N 258 44.49 -2.35 33.42
N GLU N 259 44.66 -1.03 33.39
CA GLU N 259 44.88 -0.30 32.16
C GLU N 259 46.24 -0.59 31.56
N ALA N 260 47.25 -0.73 32.42
CA ALA N 260 48.57 -1.06 31.97
C ALA N 260 48.55 -2.40 31.24
N ILE N 261 47.88 -3.39 31.84
CA ILE N 261 47.75 -4.72 31.23
C ILE N 261 46.94 -4.71 29.93
N GLU N 262 45.82 -3.98 29.92
CA GLU N 262 45.01 -3.88 28.73
C GLU N 262 45.75 -3.20 27.56
N LYS N 263 46.65 -2.27 27.88
CA LYS N 263 47.52 -1.65 26.88
C LYS N 263 48.65 -2.54 26.43
N GLY N 264 49.03 -3.50 27.26
CA GLY N 264 50.19 -4.38 26.99
C GLY N 264 51.49 -3.91 27.62
N ASP N 265 51.41 -2.84 28.39
CA ASP N 265 52.52 -2.34 29.15
C ASP N 265 52.64 -3.19 30.39
N TYR N 266 52.93 -4.47 30.18
CA TYR N 266 52.99 -5.41 31.28
C TYR N 266 54.11 -5.03 32.25
N PRO N 267 53.79 -4.83 33.55
CA PRO N 267 54.79 -4.73 34.60
C PRO N 267 55.46 -6.08 34.91
N SER N 268 56.72 -6.02 35.30
CA SER N 268 57.45 -7.22 35.63
C SER N 268 58.37 -7.02 36.84
N TRP N 269 58.80 -8.13 37.46
CA TRP N 269 59.68 -8.15 38.64
C TRP N 269 60.78 -9.17 38.45
N GLU N 270 62.01 -8.81 38.80
CA GLU N 270 63.11 -9.78 38.77
C GLU N 270 63.22 -10.39 40.17
N CYS N 271 63.52 -11.67 40.25
CA CYS N 271 63.54 -12.35 41.53
C CYS N 271 64.93 -12.71 42.00
N TYR N 272 65.23 -12.36 43.25
CA TYR N 272 66.51 -12.68 43.87
C TYR N 272 66.34 -13.38 45.23
N ILE N 273 67.35 -14.14 45.64
CA ILE N 273 67.41 -14.64 47.00
C ILE N 273 68.73 -14.32 47.72
N GLN N 274 68.66 -14.14 49.04
CA GLN N 274 69.84 -14.13 49.88
C GLN N 274 69.92 -15.48 50.53
N THR N 275 71.11 -16.00 50.69
CA THR N 275 71.20 -17.27 51.39
C THR N 275 72.12 -17.16 52.57
N MET N 276 71.96 -18.08 53.52
CA MET N 276 72.69 -18.05 54.76
C MET N 276 72.68 -19.41 55.40
N THR N 277 73.84 -19.88 55.82
CA THR N 277 73.94 -21.21 56.40
C THR N 277 73.66 -21.12 57.87
N LEU N 278 73.45 -22.28 58.48
CA LEU N 278 73.21 -22.37 59.91
C LEU N 278 74.35 -21.75 60.68
N GLU N 279 75.57 -22.15 60.34
CA GLU N 279 76.75 -21.60 61.01
C GLU N 279 76.88 -20.07 60.87
N GLN N 280 76.67 -19.54 59.66
CA GLN N 280 76.77 -18.11 59.47
C GLN N 280 75.79 -17.42 60.38
N SER N 281 74.62 -18.05 60.59
CA SER N 281 73.52 -17.51 61.41
C SER N 281 73.87 -17.36 62.90
N LYS N 282 74.74 -18.25 63.38
CA LYS N 282 75.20 -18.25 64.76
C LYS N 282 76.02 -17.00 65.11
N LYS N 283 76.59 -16.36 64.12
CA LYS N 283 77.52 -15.28 64.42
C LYS N 283 76.87 -13.92 64.37
N LEU N 284 75.56 -13.89 64.12
CA LEU N 284 74.88 -12.62 63.87
C LEU N 284 74.48 -11.90 65.15
N PRO N 285 74.48 -10.54 65.12
CA PRO N 285 73.98 -9.74 66.25
C PRO N 285 72.45 -9.75 66.40
N PHE N 286 71.74 -10.31 65.41
CA PHE N 286 70.29 -10.42 65.44
C PHE N 286 69.87 -11.82 65.04
N SER N 287 68.59 -12.14 65.16
CA SER N 287 68.08 -13.45 64.75
C SER N 287 67.54 -13.47 63.32
N VAL N 288 67.75 -14.59 62.64
CA VAL N 288 67.15 -14.79 61.34
C VAL N 288 65.62 -14.90 61.48
N PHE N 289 65.17 -15.08 62.73
CA PHE N 289 63.75 -15.27 63.06
C PHE N 289 63.04 -13.99 63.48
N ASP N 290 63.72 -12.86 63.31
CA ASP N 290 63.19 -11.58 63.71
C ASP N 290 62.79 -10.76 62.46
N LEU N 291 61.47 -10.63 62.31
CA LEU N 291 60.86 -9.98 61.15
C LEU N 291 61.08 -8.47 61.18
N THR N 292 61.57 -7.94 62.29
CA THR N 292 61.93 -6.51 62.35
C THR N 292 63.34 -6.22 61.79
N LYS N 293 64.00 -7.25 61.27
CA LYS N 293 65.39 -7.18 60.84
C LYS N 293 65.51 -7.46 59.35
N VAL N 294 66.44 -6.76 58.68
CA VAL N 294 66.92 -7.13 57.35
C VAL N 294 68.32 -7.71 57.41
N TRP N 295 68.64 -8.48 56.38
CA TRP N 295 69.99 -8.97 56.17
C TRP N 295 70.72 -7.93 55.31
N PRO N 296 71.87 -7.42 55.82
CA PRO N 296 72.61 -6.37 55.10
C PRO N 296 73.22 -6.86 53.76
N HIS N 297 73.02 -6.06 52.72
CA HIS N 297 73.36 -6.42 51.34
C HIS N 297 74.86 -6.69 51.12
N LYS N 298 75.70 -5.99 51.89
CA LYS N 298 77.14 -6.18 51.86
C LYS N 298 77.57 -7.61 52.21
N ASP N 299 76.96 -8.18 53.25
CA ASP N 299 77.39 -9.50 53.75
C ASP N 299 76.66 -10.66 53.10
N PHE N 300 75.44 -10.40 52.62
CA PHE N 300 74.66 -11.44 51.94
C PHE N 300 74.11 -10.89 50.61
N PRO N 301 74.87 -11.06 49.51
CA PRO N 301 74.45 -10.50 48.22
C PRO N 301 73.30 -11.30 47.56
N LEU N 302 72.50 -10.57 46.76
CA LEU N 302 71.35 -11.14 46.04
C LEU N 302 71.78 -11.96 44.83
N ARG N 303 71.21 -13.15 44.72
CA ARG N 303 71.50 -14.07 43.63
C ARG N 303 70.22 -14.19 42.76
N HIS N 304 70.33 -13.81 41.49
CA HIS N 304 69.20 -13.76 40.55
C HIS N 304 68.74 -15.15 40.18
N PHE N 305 67.43 -15.38 40.10
CA PHE N 305 66.95 -16.73 39.79
C PHE N 305 65.74 -16.79 38.85
N GLY N 306 65.05 -15.69 38.71
CA GLY N 306 63.89 -15.68 37.82
C GLY N 306 63.29 -14.32 37.59
N ARG N 307 62.19 -14.30 36.89
CA ARG N 307 61.41 -13.10 36.80
C ARG N 307 59.96 -13.52 36.69
N PHE N 308 59.06 -12.56 36.88
CA PHE N 308 57.69 -12.79 36.50
C PHE N 308 57.08 -11.55 35.93
N THR N 309 56.06 -11.76 35.11
CA THR N 309 55.41 -10.68 34.42
C THR N 309 53.92 -10.90 34.63
N LEU N 310 53.17 -9.81 34.78
CA LEU N 310 51.70 -9.88 34.90
C LEU N 310 51.03 -9.37 33.63
N ASN N 311 50.47 -10.31 32.86
CA ASN N 311 50.04 -9.99 31.52
C ASN N 311 48.56 -10.26 31.22
N GLU N 312 47.77 -10.55 32.25
CA GLU N 312 46.36 -10.97 32.01
C GLU N 312 45.42 -10.56 33.12
N ASN N 313 44.47 -9.69 32.79
CA ASN N 313 43.45 -9.33 33.76
C ASN N 313 42.47 -10.46 33.96
N PRO N 314 41.79 -10.50 35.14
CA PRO N 314 40.81 -11.57 35.42
C PRO N 314 39.53 -11.36 34.58
N LYS N 315 38.75 -12.41 34.37
CA LYS N 315 37.54 -12.29 33.56
C LYS N 315 36.41 -11.72 34.39
N ASN N 316 36.26 -12.22 35.62
CA ASN N 316 35.33 -11.70 36.64
C ASN N 316 36.04 -11.37 37.96
N TYR N 317 35.87 -10.12 38.42
CA TYR N 317 36.66 -9.67 39.58
C TYR N 317 36.31 -10.40 40.86
N TYR N 318 35.03 -10.43 41.18
CA TYR N 318 34.57 -11.17 42.36
C TYR N 318 35.02 -12.61 42.36
N ALA N 319 34.80 -13.32 41.24
CA ALA N 319 35.02 -14.78 41.18
C ALA N 319 36.47 -15.13 41.36
N GLU N 320 37.33 -14.21 40.97
CA GLU N 320 38.72 -14.54 40.91
C GLU N 320 39.49 -13.70 41.89
N THR N 321 39.48 -12.39 41.73
CA THR N 321 40.27 -11.55 42.63
C THR N 321 39.74 -11.66 44.05
N GLU N 322 38.44 -11.58 44.21
CA GLU N 322 37.91 -11.44 45.54
C GLU N 322 37.99 -12.72 46.30
N GLN N 323 37.72 -13.85 45.63
CA GLN N 323 37.66 -15.18 46.28
C GLN N 323 38.98 -15.94 46.38
N ILE N 324 40.05 -15.40 45.80
CA ILE N 324 41.31 -16.12 45.80
C ILE N 324 41.79 -16.19 47.21
N ALA N 325 42.42 -17.30 47.57
CA ALA N 325 42.90 -17.49 48.93
C ALA N 325 44.35 -17.89 48.95
N PHE N 326 45.18 -17.08 49.63
CA PHE N 326 46.59 -17.41 49.80
C PHE N 326 46.89 -17.85 51.24
N SER N 327 47.86 -18.74 51.41
CA SER N 327 48.39 -19.06 52.72
C SER N 327 49.87 -19.44 52.63
N PRO N 328 50.71 -18.93 53.55
CA PRO N 328 52.14 -19.28 53.62
C PRO N 328 52.34 -20.74 53.89
N SER N 329 51.33 -21.41 54.45
CA SER N 329 51.46 -22.86 54.63
C SER N 329 51.20 -23.65 53.34
N HIS N 330 50.72 -22.97 52.30
CA HIS N 330 50.58 -23.61 50.99
C HIS N 330 51.97 -23.61 50.32
N THR N 331 52.69 -24.70 50.49
CA THR N 331 54.05 -24.78 49.95
C THR N 331 54.30 -26.07 49.11
N VAL N 332 55.46 -26.15 48.48
CA VAL N 332 55.87 -27.34 47.72
C VAL N 332 57.09 -28.00 48.37
N PRO N 333 57.41 -29.25 47.96
CA PRO N 333 58.70 -29.85 48.39
C PRO N 333 59.90 -29.00 47.93
N GLY N 334 60.86 -28.81 48.83
CA GLY N 334 62.00 -27.94 48.55
C GLY N 334 61.93 -26.59 49.23
N MET N 335 60.74 -26.22 49.71
CA MET N 335 60.51 -25.01 50.47
C MET N 335 59.74 -25.26 51.79
N GLU N 336 60.39 -25.05 52.93
CA GLU N 336 59.72 -25.10 54.23
C GLU N 336 59.68 -23.71 54.90
N PRO N 337 58.83 -23.53 55.92
CA PRO N 337 58.88 -22.30 56.73
C PRO N 337 59.96 -22.35 57.83
N SER N 338 60.46 -21.18 58.23
CA SER N 338 61.39 -21.10 59.37
C SER N 338 60.69 -20.99 60.74
N ASN N 339 61.48 -20.96 61.80
CA ASN N 339 60.94 -20.78 63.15
C ASN N 339 60.51 -19.35 63.47
N ASP N 340 60.58 -18.44 62.49
CA ASP N 340 60.06 -17.09 62.67
C ASP N 340 58.65 -17.21 63.27
N PRO N 341 58.48 -16.80 64.55
CA PRO N 341 57.19 -17.04 65.22
C PRO N 341 55.98 -16.36 64.58
N VAL N 342 56.20 -15.19 63.96
CA VAL N 342 55.12 -14.53 63.23
C VAL N 342 54.69 -15.41 62.04
N LEU N 343 55.64 -15.79 61.20
CA LEU N 343 55.40 -16.74 60.12
C LEU N 343 54.73 -18.03 60.62
N GLN N 344 55.21 -18.58 61.74
CA GLN N 344 54.66 -19.78 62.33
C GLN N 344 53.17 -19.65 62.60
N SER N 345 52.76 -18.55 63.21
CA SER N 345 51.33 -18.37 63.45
C SER N 345 50.55 -18.15 62.15
N ARG N 346 51.15 -17.44 61.19
CA ARG N 346 50.51 -17.29 59.86
C ARG N 346 50.13 -18.63 59.18
N LEU N 347 50.89 -19.69 59.47
CA LEU N 347 50.63 -21.00 58.89
C LEU N 347 49.24 -21.45 59.29
N PHE N 348 48.86 -21.11 60.51
CA PHE N 348 47.57 -21.54 60.98
C PHE N 348 46.49 -20.55 60.54
N SER N 349 46.77 -19.26 60.73
CA SER N 349 45.76 -18.23 60.48
C SER N 349 45.07 -18.28 59.16
N TYR N 350 45.85 -18.32 58.08
CA TYR N 350 45.29 -18.07 56.74
C TYR N 350 44.22 -19.13 56.35
N PRO N 351 44.55 -20.44 56.50
CA PRO N 351 43.56 -21.51 56.25
C PRO N 351 42.30 -21.35 57.12
N ASP N 352 42.55 -21.09 58.39
CA ASP N 352 41.48 -20.86 59.33
C ASP N 352 40.55 -19.75 58.84
N THR N 353 41.10 -18.61 58.41
CA THR N 353 40.26 -17.46 58.03
C THR N 353 39.52 -17.79 56.74
N HIS N 354 40.18 -18.54 55.87
CA HIS N 354 39.61 -18.93 54.58
C HIS N 354 38.30 -19.68 54.81
N ARG N 355 38.34 -20.60 55.77
CA ARG N 355 37.19 -21.46 56.00
C ARG N 355 36.00 -20.65 56.46
N HIS N 356 36.26 -19.43 56.91
CA HIS N 356 35.20 -18.53 57.37
C HIS N 356 34.80 -17.51 56.31
N ARG N 357 35.80 -16.89 55.66
CA ARG N 357 35.55 -15.90 54.62
C ARG N 357 34.85 -16.50 53.41
N LEU N 358 35.26 -17.71 53.02
CA LEU N 358 34.80 -18.35 51.80
C LEU N 358 33.98 -19.59 52.13
N GLY N 359 34.56 -20.50 52.91
CA GLY N 359 33.82 -21.63 53.43
C GLY N 359 34.70 -22.85 53.48
N PRO N 360 34.22 -23.91 54.14
CA PRO N 360 34.98 -25.15 54.29
C PRO N 360 35.61 -25.65 53.00
N ASN N 361 34.92 -25.59 51.86
CA ASN N 361 35.51 -26.18 50.66
C ASN N 361 35.98 -25.16 49.65
N TYR N 362 36.63 -24.12 50.15
CA TYR N 362 37.06 -23.03 49.31
C TYR N 362 38.11 -23.41 48.26
N HIS N 363 38.85 -24.46 48.54
CA HIS N 363 39.86 -24.91 47.60
C HIS N 363 39.22 -25.43 46.31
N GLN N 364 37.92 -25.72 46.32
CA GLN N 364 37.23 -26.14 45.08
C GLN N 364 36.80 -24.97 44.20
N ILE N 365 36.89 -23.74 44.71
CA ILE N 365 36.70 -22.57 43.85
C ILE N 365 37.81 -22.58 42.80
N PRO N 366 37.45 -22.41 41.53
CA PRO N 366 38.47 -22.40 40.46
C PRO N 366 39.84 -21.73 40.78
N VAL N 367 39.93 -20.42 41.07
CA VAL N 367 41.27 -19.81 41.23
C VAL N 367 42.04 -20.51 42.30
N ASN N 368 41.35 -21.22 43.20
CA ASN N 368 42.03 -21.78 44.31
C ASN N 368 42.45 -23.21 44.05
N CYS N 369 42.07 -23.75 42.88
CA CYS N 369 42.37 -25.17 42.56
C CYS N 369 43.84 -25.37 42.23
N PRO N 370 44.40 -26.55 42.59
CA PRO N 370 45.73 -26.88 42.09
C PRO N 370 45.61 -27.24 40.60
N LEU N 371 45.58 -26.25 39.71
CA LEU N 371 45.21 -26.48 38.30
C LEU N 371 46.22 -27.33 37.54
N LYS N 372 47.51 -27.04 37.73
CA LYS N 372 48.59 -27.77 37.05
C LYS N 372 48.80 -29.20 37.64
N SER N 373 48.83 -29.36 38.96
CA SER N 373 48.83 -30.72 39.51
C SER N 373 47.40 -31.05 39.88
N GLY N 374 46.97 -32.29 39.77
CA GLY N 374 45.64 -32.58 40.32
C GLY N 374 45.76 -32.54 41.84
N SER N 375 44.75 -33.09 42.52
CA SER N 375 44.93 -33.45 43.90
C SER N 375 44.35 -34.82 44.02
N PHE N 376 44.75 -35.54 45.06
CA PHE N 376 44.10 -36.77 45.41
C PHE N 376 44.17 -36.92 46.91
N ASN N 377 43.12 -36.49 47.59
CA ASN N 377 43.12 -36.57 49.05
C ASN N 377 41.89 -37.31 49.57
N PRO N 378 41.86 -38.65 49.40
CA PRO N 378 40.64 -39.43 49.70
C PRO N 378 40.17 -39.36 51.16
N ILE N 379 41.01 -38.81 52.05
CA ILE N 379 40.60 -38.64 53.45
C ILE N 379 39.68 -37.44 53.61
N ASN N 380 39.83 -36.43 52.75
CA ASN N 380 39.08 -35.19 52.89
C ASN N 380 37.78 -35.21 52.06
N ARG N 381 36.62 -35.38 52.70
CA ARG N 381 35.38 -35.54 51.91
C ARG N 381 34.19 -34.74 52.47
N ASP N 382 33.11 -34.69 51.69
CA ASP N 382 31.85 -34.07 52.10
C ASP N 382 32.09 -32.64 52.47
N GLY N 383 31.34 -32.15 53.46
CA GLY N 383 31.40 -30.73 53.81
C GLY N 383 30.63 -29.86 52.82
N PRO N 384 30.29 -28.61 53.24
CA PRO N 384 29.38 -27.73 52.48
C PRO N 384 29.79 -27.53 51.01
N MET N 385 28.82 -27.21 50.14
CA MET N 385 29.11 -26.85 48.75
C MET N 385 30.22 -27.70 48.16
N CYS N 386 30.07 -29.02 48.33
CA CYS N 386 30.98 -29.97 47.73
C CYS N 386 30.68 -30.15 46.25
N VAL N 387 31.47 -29.52 45.39
CA VAL N 387 31.13 -29.46 43.97
C VAL N 387 32.05 -30.24 43.06
N ASP N 388 33.07 -30.91 43.61
CA ASP N 388 34.10 -31.47 42.73
C ASP N 388 33.85 -32.95 42.43
N GLY N 389 32.72 -33.49 42.89
CA GLY N 389 32.43 -34.92 42.66
C GLY N 389 32.77 -35.78 43.86
N ASN N 390 33.43 -35.19 44.86
CA ASN N 390 33.69 -35.86 46.15
C ASN N 390 34.38 -37.19 45.92
N LEU N 391 35.18 -37.27 44.86
CA LEU N 391 35.89 -38.51 44.47
C LEU N 391 35.00 -39.76 44.30
N GLY N 392 33.75 -39.58 43.85
CA GLY N 392 32.85 -40.73 43.72
C GLY N 392 33.12 -41.84 44.76
N GLY N 393 33.29 -43.08 44.27
CA GLY N 393 33.29 -44.25 45.12
C GLY N 393 34.62 -44.63 45.75
N THR N 394 35.64 -43.80 45.54
CA THR N 394 36.96 -44.00 46.16
C THR N 394 36.93 -44.02 47.69
N PRO N 395 37.58 -45.05 48.27
CA PRO N 395 37.56 -45.25 49.73
C PRO N 395 38.14 -44.05 50.47
N ASN N 396 37.61 -43.81 51.67
CA ASN N 396 37.97 -42.63 52.42
C ASN N 396 38.90 -42.98 53.57
N TYR N 397 39.80 -43.94 53.34
CA TYR N 397 40.83 -44.22 54.32
C TYR N 397 42.04 -44.82 53.64
N ALA N 398 43.21 -44.68 54.27
CA ALA N 398 44.45 -45.09 53.62
C ALA N 398 44.76 -46.57 53.81
N ASN N 399 45.44 -47.13 52.79
CA ASN N 399 45.76 -48.56 52.65
C ASN N 399 44.47 -49.32 52.70
N ALA N 400 43.53 -48.90 51.82
CA ALA N 400 42.28 -49.61 51.64
C ALA N 400 42.60 -50.83 50.82
N TYR N 401 42.10 -51.99 51.24
CA TYR N 401 42.39 -53.24 50.52
C TYR N 401 42.06 -53.09 49.04
N ASN N 402 41.02 -52.32 48.72
CA ASN N 402 40.56 -52.21 47.34
C ASN N 402 40.94 -50.92 46.63
N CYS N 403 42.08 -50.32 46.97
CA CYS N 403 42.51 -49.11 46.27
C CYS N 403 43.99 -48.80 46.47
N PRO N 404 44.86 -49.21 45.52
CA PRO N 404 46.30 -48.96 45.68
C PRO N 404 46.63 -47.46 45.58
N ILE N 405 47.42 -46.97 46.52
CA ILE N 405 47.85 -45.58 46.51
C ILE N 405 49.39 -45.50 46.42
N GLN N 406 49.85 -44.37 45.90
CA GLN N 406 51.27 -44.08 45.70
C GLN N 406 51.71 -42.91 46.59
N TYR N 407 52.83 -43.09 47.31
CA TYR N 407 53.34 -42.05 48.23
C TYR N 407 54.73 -41.56 47.80
N ALA N 408 54.81 -40.31 47.33
CA ALA N 408 56.07 -39.73 46.81
C ALA N 408 57.21 -39.67 47.86
N VAL N 409 58.34 -40.29 47.51
CA VAL N 409 59.49 -40.53 48.42
C VAL N 409 60.40 -39.29 48.64
N SER N 410 60.74 -39.03 49.91
CA SER N 410 61.50 -37.83 50.35
C SER N 410 62.83 -37.61 49.60
N ASP N 419 70.21 -30.86 60.42
CA ASP N 419 69.09 -29.97 60.68
C ASP N 419 69.24 -29.28 62.06
N GLU N 420 68.31 -28.38 62.37
CA GLU N 420 68.29 -27.61 63.62
C GLU N 420 68.11 -28.56 64.82
N LYS N 421 68.64 -28.17 65.99
CA LYS N 421 68.48 -28.99 67.20
C LYS N 421 67.79 -28.21 68.34
N TYR N 422 67.01 -28.92 69.14
CA TYR N 422 66.24 -28.28 70.21
C TYR N 422 66.60 -28.84 71.58
N THR N 423 66.63 -27.97 72.60
CA THR N 423 66.95 -28.36 73.98
C THR N 423 66.21 -27.49 74.97
N GLY N 424 65.66 -28.11 76.01
CA GLY N 424 65.02 -27.38 77.09
C GLY N 424 63.61 -27.83 77.47
N GLU N 425 62.90 -26.97 78.19
CA GLU N 425 61.51 -27.20 78.55
C GLU N 425 60.60 -26.41 77.61
N VAL N 426 59.28 -26.59 77.76
CA VAL N 426 58.31 -25.74 77.07
C VAL N 426 58.38 -24.36 77.74
N VAL N 427 58.53 -23.30 76.95
CA VAL N 427 58.75 -21.99 77.56
C VAL N 427 57.83 -20.92 76.96
N PRO N 428 57.17 -20.11 77.80
CA PRO N 428 56.42 -18.94 77.30
C PRO N 428 57.36 -17.76 76.99
N TYR N 429 57.31 -17.23 75.79
CA TYR N 429 58.22 -16.16 75.51
C TYR N 429 57.60 -14.97 74.83
N HIS N 430 57.99 -13.81 75.35
CA HIS N 430 57.71 -12.52 74.75
C HIS N 430 59.11 -11.98 74.43
N TRP N 431 59.40 -11.73 73.16
CA TRP N 431 60.71 -11.27 72.75
C TRP N 431 61.10 -9.99 73.54
N GLU N 432 62.28 -10.01 74.16
CA GLU N 432 62.78 -8.87 74.96
C GLU N 432 63.79 -7.97 74.23
N HIS N 433 63.56 -6.67 74.37
CA HIS N 433 64.37 -5.65 73.75
C HIS N 433 65.83 -5.72 74.19
N THR N 434 66.75 -5.66 73.22
CA THR N 434 68.19 -5.40 73.51
C THR N 434 68.65 -4.20 72.70
N ASP N 435 69.90 -3.80 72.92
CA ASP N 435 70.40 -2.52 72.41
C ASP N 435 70.44 -2.49 70.92
N TYR N 436 70.64 -3.67 70.33
CA TYR N 436 70.74 -3.80 68.88
C TYR N 436 69.44 -3.42 68.15
N ASP N 437 68.29 -3.55 68.82
CA ASP N 437 67.00 -3.30 68.17
C ASP N 437 66.89 -1.90 67.58
N TYR N 438 67.49 -0.92 68.25
CA TYR N 438 67.47 0.44 67.75
C TYR N 438 68.44 0.71 66.60
N PHE N 439 69.45 -0.15 66.45
CA PHE N 439 70.56 0.06 65.50
C PHE N 439 70.13 0.23 64.04
N GLN N 440 69.29 -0.70 63.57
CA GLN N 440 68.88 -0.74 62.17
C GLN N 440 67.93 0.40 61.78
N PRO N 441 66.97 0.76 62.65
CA PRO N 441 66.27 2.01 62.39
C PRO N 441 67.23 3.18 62.24
N LYS N 442 68.35 3.13 62.96
CA LYS N 442 69.38 4.18 62.91
C LYS N 442 70.02 4.25 61.53
N MET N 443 70.35 3.08 60.99
CA MET N 443 70.86 3.00 59.64
C MET N 443 69.86 3.50 58.61
N PHE N 444 68.59 3.14 58.80
CA PHE N 444 67.52 3.57 57.91
C PHE N 444 67.46 5.11 57.81
N TRP N 445 67.56 5.78 58.97
CA TRP N 445 67.64 7.25 58.98
C TRP N 445 68.78 7.79 58.11
N LYS N 446 69.95 7.15 58.16
CA LYS N 446 71.08 7.49 57.30
C LYS N 446 70.81 7.18 55.84
N VAL N 447 70.14 6.05 55.57
CA VAL N 447 69.78 5.70 54.20
C VAL N 447 68.85 6.75 53.56
N LEU N 448 67.82 7.20 54.27
CA LEU N 448 67.11 8.38 53.79
C LEU N 448 68.13 9.51 53.91
N GLY N 449 67.86 10.66 53.31
CA GLY N 449 68.80 11.79 53.45
C GLY N 449 70.09 11.58 52.68
N ARG N 450 70.25 10.38 52.13
CA ARG N 450 71.08 10.17 50.94
C ARG N 450 70.34 10.72 49.74
N THR N 451 69.04 10.96 49.93
CA THR N 451 68.18 11.61 48.94
C THR N 451 67.51 12.85 49.54
N PRO N 452 67.68 14.01 48.89
CA PRO N 452 67.04 15.25 49.34
C PRO N 452 65.54 15.08 49.48
N GLY N 453 65.01 15.59 50.59
CA GLY N 453 63.58 15.67 50.81
C GLY N 453 62.98 14.43 51.47
N GLU N 454 63.79 13.37 51.59
CA GLU N 454 63.30 12.12 52.14
C GLU N 454 63.14 12.17 53.66
N GLN N 455 64.15 12.72 54.33
CA GLN N 455 64.13 12.88 55.78
C GLN N 455 63.08 13.90 56.22
N GLU N 456 63.02 15.04 55.54
CA GLU N 456 61.99 16.04 55.87
C GLU N 456 60.57 15.47 55.69
N SER N 457 60.40 14.66 54.63
CA SER N 457 59.15 14.00 54.34
C SER N 457 58.68 13.20 55.54
N LEU N 458 59.47 12.17 55.91
CA LEU N 458 59.14 11.36 57.08
C LEU N 458 58.67 12.26 58.21
N VAL N 459 59.44 13.28 58.52
CA VAL N 459 59.07 14.25 59.55
C VAL N 459 57.72 14.90 59.24
N LYS N 460 57.55 15.40 58.02
CA LYS N 460 56.31 16.06 57.60
C LYS N 460 55.10 15.11 57.81
N ASN N 461 55.31 13.85 57.43
CA ASN N 461 54.29 12.86 57.42
C ASN N 461 53.88 12.43 58.82
N VAL N 462 54.87 12.17 59.66
CA VAL N 462 54.61 11.84 61.05
C VAL N 462 53.89 12.99 61.77
N ALA N 463 54.18 14.22 61.34
CA ALA N 463 53.68 15.36 62.08
C ALA N 463 52.19 15.56 61.80
N ASN N 464 51.82 15.46 60.51
CA ASN N 464 50.45 15.64 60.09
C ASN N 464 49.53 14.58 60.69
N HIS N 465 50.05 13.36 60.73
CA HIS N 465 49.30 12.30 61.30
C HIS N 465 49.20 12.54 62.83
N VAL N 466 50.29 12.92 63.48
CA VAL N 466 50.27 12.96 64.95
C VAL N 466 49.61 14.21 65.56
N SER N 467 49.45 15.28 64.78
CA SER N 467 48.92 16.54 65.28
C SER N 467 47.47 16.49 65.74
N ALA N 468 46.81 15.37 65.49
CA ALA N 468 45.44 15.18 65.92
C ALA N 468 45.38 14.39 67.23
N ALA N 469 46.52 13.84 67.65
CA ALA N 469 46.56 13.11 68.92
C ALA N 469 46.59 14.09 70.09
N ASP N 470 46.13 13.64 71.25
CA ASP N 470 46.31 14.40 72.46
C ASP N 470 47.80 14.71 72.75
N GLU N 471 48.10 15.83 73.38
CA GLU N 471 49.49 16.19 73.71
C GLU N 471 50.33 15.05 74.35
N PHE N 472 49.79 14.42 75.42
CA PHE N 472 50.58 13.47 76.21
C PHE N 472 51.14 12.35 75.35
N ILE N 473 50.46 12.11 74.25
CA ILE N 473 50.75 10.99 73.37
C ILE N 473 51.67 11.42 72.23
N GLN N 474 51.51 12.66 71.79
CA GLN N 474 52.50 13.33 70.94
C GLN N 474 53.89 13.28 71.56
N ASP N 475 54.01 13.68 72.84
CA ASP N 475 55.28 13.58 73.58
C ASP N 475 55.90 12.18 73.45
N ARG N 476 55.08 11.13 73.66
CA ARG N 476 55.54 9.73 73.64
C ARG N 476 56.03 9.40 72.25
N VAL N 477 55.43 10.04 71.25
CA VAL N 477 55.84 9.81 69.88
C VAL N 477 57.21 10.43 69.62
N TYR N 478 57.50 11.56 70.24
CA TYR N 478 58.79 12.22 70.05
C TYR N 478 59.93 11.37 70.62
N GLU N 479 59.77 10.96 71.87
CA GLU N 479 60.65 10.01 72.54
C GLU N 479 60.95 8.80 71.66
N TYR N 480 59.93 8.31 70.96
CA TYR N 480 59.95 7.02 70.27
C TYR N 480 60.85 7.10 69.05
N PHE N 481 60.58 8.09 68.19
CA PHE N 481 61.43 8.32 67.03
C PHE N 481 62.85 8.66 67.43
N SER N 482 62.99 9.32 68.58
CA SER N 482 64.30 9.72 69.09
C SER N 482 65.09 8.52 69.50
N LYS N 483 64.44 7.37 69.64
CA LYS N 483 65.14 6.15 70.00
C LYS N 483 65.99 5.67 68.84
N ALA N 484 65.70 6.20 67.65
CA ALA N 484 66.50 5.87 66.46
C ALA N 484 67.60 6.91 66.26
N GLU N 485 67.18 8.19 66.25
CA GLU N 485 68.08 9.34 66.21
C GLU N 485 67.44 10.51 66.95
N PRO N 486 68.20 11.13 67.87
CA PRO N 486 67.59 12.14 68.73
C PRO N 486 67.00 13.32 67.98
N ILE N 487 67.58 13.66 66.82
CA ILE N 487 67.10 14.82 66.05
C ILE N 487 65.65 14.65 65.59
N ILE N 488 65.26 13.41 65.33
CA ILE N 488 63.97 13.10 64.75
C ILE N 488 62.85 13.57 65.68
N GLY N 489 62.93 13.18 66.96
CA GLY N 489 61.95 13.59 67.95
C GLY N 489 61.80 15.09 67.91
N ASP N 490 62.94 15.77 67.92
CA ASP N 490 62.97 17.23 68.02
C ASP N 490 62.48 17.89 66.72
N LEU N 491 62.75 17.24 65.59
CA LEU N 491 62.29 17.73 64.29
C LEU N 491 60.79 17.57 64.06
N ILE N 492 60.25 16.46 64.55
CA ILE N 492 58.83 16.26 64.55
C ILE N 492 58.16 17.26 65.52
N ARG N 493 58.70 17.39 66.74
CA ARG N 493 58.15 18.40 67.69
C ARG N 493 58.13 19.76 67.02
N LYS N 494 59.16 20.04 66.23
CA LYS N 494 59.33 21.33 65.56
C LYS N 494 58.27 21.59 64.47
N LYS N 495 58.15 20.67 63.52
CA LYS N 495 57.12 20.79 62.48
C LYS N 495 55.69 20.57 63.02
N VAL N 496 55.56 19.94 64.20
CA VAL N 496 54.26 19.84 64.84
C VAL N 496 53.72 21.24 65.09
N GLN N 497 54.57 22.13 65.58
CA GLN N 497 54.15 23.51 65.86
C GLN N 497 54.04 24.35 64.62
N GLU N 498 55.01 24.24 63.70
CA GLU N 498 54.89 24.97 62.43
C GLU N 498 53.53 24.77 61.77
N LEU N 499 52.93 23.60 62.04
CA LEU N 499 51.58 23.28 61.59
C LEU N 499 50.55 23.96 62.49
N LYS N 500 50.78 23.90 63.81
CA LYS N 500 49.87 24.48 64.81
C LYS N 500 49.74 26.00 64.66
N ARG N 501 50.62 26.61 63.86
CA ARG N 501 50.72 28.07 63.76
C ARG N 501 50.37 28.65 62.37
N LYS N 502 49.87 27.85 61.45
CA LYS N 502 49.56 28.35 60.09
C LYS N 502 48.21 29.12 59.92
N PRO O 6 39.06 -3.64 89.56
CA PRO O 6 39.75 -4.28 88.43
C PRO O 6 39.06 -5.59 87.98
N PRO O 7 39.00 -5.84 86.65
CA PRO O 7 38.49 -7.13 86.15
C PRO O 7 39.66 -8.02 85.72
N VAL O 8 39.45 -9.33 85.72
CA VAL O 8 40.55 -10.25 85.41
C VAL O 8 40.53 -10.72 83.95
N PHE O 9 41.61 -10.38 83.24
CA PHE O 9 41.83 -10.77 81.84
C PHE O 9 41.83 -12.31 81.70
N THR O 10 40.90 -12.84 80.90
CA THR O 10 40.71 -14.30 80.71
C THR O 10 40.63 -14.70 79.24
N THR O 11 40.54 -16.02 79.00
CA THR O 11 40.21 -16.60 77.69
C THR O 11 38.70 -16.55 77.52
N SER O 12 38.24 -16.86 76.31
CA SER O 12 36.81 -16.85 75.99
C SER O 12 36.02 -17.73 76.96
N GLN O 13 36.72 -18.72 77.54
CA GLN O 13 36.18 -19.70 78.51
C GLN O 13 36.38 -19.35 80.01
N GLY O 14 36.90 -18.16 80.31
CA GLY O 14 36.94 -17.70 81.69
C GLY O 14 38.20 -18.09 82.45
N CYS O 15 39.14 -18.74 81.77
CA CYS O 15 40.41 -19.10 82.40
C CYS O 15 41.27 -17.86 82.47
N PRO O 16 41.91 -17.61 83.63
CA PRO O 16 42.74 -16.42 83.79
C PRO O 16 44.04 -16.57 83.03
N VAL O 17 44.56 -15.43 82.58
CA VAL O 17 45.72 -15.36 81.68
C VAL O 17 46.79 -14.44 82.29
N SER O 18 48.01 -14.93 82.43
CA SER O 18 49.02 -14.14 83.16
C SER O 18 49.69 -13.04 82.34
N ASP O 19 49.91 -13.32 81.05
CA ASP O 19 50.63 -12.42 80.13
C ASP O 19 49.94 -12.39 78.78
N PRO O 20 49.55 -11.19 78.31
CA PRO O 20 48.76 -11.11 77.08
C PRO O 20 49.60 -11.38 75.82
N PHE O 21 50.93 -11.35 75.96
CA PHE O 21 51.81 -11.33 74.80
C PHE O 21 52.65 -12.58 74.57
N THR O 22 52.68 -13.50 75.54
CA THR O 22 53.56 -14.65 75.43
C THR O 22 52.96 -15.76 74.60
N THR O 23 53.81 -16.55 73.95
CA THR O 23 53.39 -17.76 73.25
C THR O 23 54.34 -18.89 73.55
N GLN O 24 53.83 -20.11 73.55
CA GLN O 24 54.64 -21.29 73.86
C GLN O 24 55.59 -21.75 72.74
N ARG O 25 56.81 -22.08 73.12
CA ARG O 25 57.76 -22.73 72.20
C ARG O 25 58.78 -23.60 72.95
N ILE O 26 59.40 -24.52 72.22
CA ILE O 26 60.57 -25.23 72.72
C ILE O 26 61.72 -24.58 71.99
N PRO O 27 62.74 -24.11 72.72
CA PRO O 27 63.84 -23.33 72.12
C PRO O 27 64.90 -24.17 71.41
N LEU O 28 65.45 -23.63 70.32
CA LEU O 28 66.63 -24.19 69.68
C LEU O 28 67.79 -24.16 70.65
N ASP O 29 68.70 -25.13 70.52
CA ASP O 29 69.93 -25.14 71.30
C ASP O 29 70.74 -23.87 71.00
N SER O 30 71.17 -23.20 72.08
CA SER O 30 71.78 -21.87 71.98
C SER O 30 73.29 -21.84 71.71
N THR O 31 73.93 -23.02 71.77
CA THR O 31 75.39 -23.14 71.71
C THR O 31 75.98 -22.65 70.40
N GLY O 32 76.86 -21.67 70.48
CA GLY O 32 77.48 -21.08 69.30
C GLY O 32 76.93 -19.72 68.92
N TYR O 33 75.73 -19.39 69.42
CA TYR O 33 75.04 -18.17 69.03
C TYR O 33 75.55 -16.91 69.74
N LYS O 34 75.97 -15.90 68.99
CA LYS O 34 76.29 -14.61 69.57
C LYS O 34 75.02 -13.97 70.16
N TYR O 35 73.86 -14.31 69.58
CA TYR O 35 72.54 -13.87 70.08
C TYR O 35 71.57 -15.05 70.09
N ALA O 36 71.11 -15.42 71.29
CA ALA O 36 70.32 -16.65 71.48
C ALA O 36 69.00 -16.47 72.22
N PRO O 37 68.02 -15.78 71.59
CA PRO O 37 66.71 -15.70 72.24
C PRO O 37 66.03 -17.05 72.04
N PRO O 38 65.19 -17.47 73.00
CA PRO O 38 64.55 -18.80 72.93
C PRO O 38 63.43 -18.90 71.87
N ILE O 39 63.81 -19.29 70.66
CA ILE O 39 62.87 -19.40 69.55
C ILE O 39 62.66 -20.88 69.19
N GLY O 40 61.46 -21.23 68.80
CA GLY O 40 61.16 -22.58 68.36
C GLY O 40 59.80 -22.61 67.69
N PRO O 41 59.43 -23.78 67.12
CA PRO O 41 58.12 -23.94 66.48
C PRO O 41 56.97 -23.69 67.46
N LEU O 42 55.88 -23.11 66.97
CA LEU O 42 54.73 -22.82 67.80
C LEU O 42 53.95 -24.10 68.00
N LEU O 43 53.31 -24.24 69.16
CA LEU O 43 52.64 -25.48 69.56
C LEU O 43 51.14 -25.47 69.40
N LEU O 44 50.59 -26.64 69.06
CA LEU O 44 49.13 -26.81 68.99
C LEU O 44 48.42 -26.57 70.32
N GLN O 45 49.12 -26.87 71.42
CA GLN O 45 48.56 -26.81 72.78
C GLN O 45 48.51 -25.40 73.35
N ASP O 46 49.03 -24.42 72.61
CA ASP O 46 48.95 -23.03 73.03
C ASP O 46 47.55 -22.45 72.84
N PHE O 47 46.66 -22.72 73.78
CA PHE O 47 45.26 -22.38 73.63
C PHE O 47 45.05 -20.88 73.53
N LYS O 48 45.84 -20.13 74.31
CA LYS O 48 45.71 -18.68 74.30
C LYS O 48 45.92 -18.16 72.87
N LEU O 49 46.97 -18.68 72.23
CA LEU O 49 47.25 -18.34 70.84
C LEU O 49 46.07 -18.65 69.92
N ILE O 50 45.75 -19.94 69.81
CA ILE O 50 44.72 -20.37 68.88
C ILE O 50 43.38 -19.71 69.15
N ASP O 51 43.02 -19.60 70.44
CA ASP O 51 41.74 -18.99 70.81
C ASP O 51 41.65 -17.54 70.32
N THR O 52 42.73 -16.77 70.45
CA THR O 52 42.62 -15.34 70.09
C THR O 52 42.81 -15.10 68.60
N LEU O 53 43.68 -15.87 67.99
CA LEU O 53 43.85 -15.79 66.55
C LEU O 53 42.62 -16.28 65.78
N SER O 54 41.99 -17.34 66.28
CA SER O 54 40.90 -17.94 65.53
C SER O 54 39.67 -17.09 65.63
N HIS O 55 39.60 -16.30 66.69
CA HIS O 55 38.50 -15.39 66.78
C HIS O 55 38.75 -14.22 65.84
N PHE O 56 40.00 -13.75 65.83
CA PHE O 56 40.40 -12.61 65.00
C PHE O 56 40.08 -12.98 63.55
N ASP O 57 40.40 -14.22 63.19
CA ASP O 57 40.07 -14.75 61.88
C ASP O 57 38.62 -14.55 61.45
N ARG O 58 37.72 -14.47 62.45
CA ARG O 58 36.27 -14.48 62.21
C ARG O 58 35.58 -13.19 62.62
N GLU O 59 36.31 -12.09 62.73
CA GLU O 59 35.66 -10.84 63.08
C GLU O 59 34.62 -10.34 62.06
N ARG O 60 34.81 -10.65 60.77
CA ARG O 60 34.00 -9.97 59.78
C ARG O 60 32.73 -10.70 59.37
N ILE O 61 31.67 -9.93 59.09
CA ILE O 61 30.44 -10.49 58.54
C ILE O 61 30.18 -9.70 57.25
N PRO O 62 29.27 -10.20 56.39
CA PRO O 62 29.07 -9.45 55.15
C PRO O 62 28.51 -8.08 55.43
N GLU O 63 28.87 -7.10 54.61
CA GLU O 63 28.21 -5.80 54.70
C GLU O 63 26.80 -5.84 54.02
N ARG O 64 25.91 -4.92 54.39
CA ARG O 64 24.64 -4.79 53.69
C ARG O 64 24.88 -4.64 52.16
N VAL O 65 24.05 -5.27 51.32
CA VAL O 65 24.23 -5.19 49.84
C VAL O 65 24.10 -3.76 49.42
N VAL O 66 23.28 -3.02 50.16
CA VAL O 66 23.15 -1.58 49.96
C VAL O 66 23.02 -0.86 51.32
N HIS O 67 23.34 0.43 51.34
CA HIS O 67 23.42 1.17 52.58
C HIS O 67 24.47 0.63 53.57
N ALA O 68 25.59 0.12 53.05
CA ALA O 68 26.61 -0.50 53.89
C ALA O 68 27.25 0.48 54.86
N LYS O 69 27.36 1.74 54.45
CA LYS O 69 28.10 2.75 55.22
C LYS O 69 27.15 3.62 55.99
N GLY O 70 27.27 3.61 57.32
CA GLY O 70 26.28 4.33 58.13
C GLY O 70 26.61 4.65 59.59
N ALA O 71 25.71 5.40 60.21
CA ALA O 71 25.87 5.84 61.59
C ALA O 71 24.52 5.82 62.28
N GLY O 72 24.51 5.43 63.56
CA GLY O 72 23.29 5.30 64.32
C GLY O 72 23.31 5.96 65.68
N ALA O 73 22.13 6.13 66.27
CA ALA O 73 21.99 6.66 67.61
C ALA O 73 20.65 6.28 68.20
N TYR O 74 20.60 6.24 69.53
CA TYR O 74 19.36 6.01 70.23
C TYR O 74 18.64 7.35 70.39
N GLY O 75 17.32 7.30 70.54
CA GLY O 75 16.54 8.49 70.82
C GLY O 75 15.18 8.23 71.46
N VAL O 76 14.36 9.27 71.48
CA VAL O 76 13.03 9.20 72.06
C VAL O 76 12.02 9.84 71.13
N PHE O 77 10.93 9.10 70.90
CA PHE O 77 9.81 9.58 70.14
C PHE O 77 8.67 9.95 71.07
N GLU O 78 8.04 11.10 70.79
CA GLU O 78 6.90 11.60 71.55
C GLU O 78 5.71 11.97 70.64
N VAL O 79 4.54 11.44 71.02
CA VAL O 79 3.25 11.81 70.42
C VAL O 79 2.87 13.19 70.93
N THR O 80 2.66 14.13 70.01
CA THR O 80 2.32 15.50 70.42
C THR O 80 0.90 15.96 70.07
N ASP O 81 0.21 15.23 69.20
CA ASP O 81 -1.17 15.52 68.81
C ASP O 81 -2.00 14.24 68.75
N ASP O 82 -3.31 14.36 68.95
CA ASP O 82 -4.17 13.19 68.88
C ASP O 82 -4.51 12.87 67.41
N ILE O 83 -3.95 11.75 66.90
CA ILE O 83 -4.31 11.26 65.55
C ILE O 83 -4.96 9.89 65.61
N THR O 84 -5.57 9.59 66.76
CA THR O 84 -6.23 8.33 66.98
C THR O 84 -7.45 8.16 66.05
N ASP O 85 -7.83 9.25 65.39
CA ASP O 85 -8.92 9.21 64.41
C ASP O 85 -8.43 8.66 63.07
N VAL O 86 -7.11 8.67 62.89
CA VAL O 86 -6.45 8.15 61.71
C VAL O 86 -5.76 6.79 61.96
N CYS O 87 -5.16 6.64 63.15
CA CYS O 87 -4.32 5.47 63.46
C CYS O 87 -4.45 4.93 64.91
N SER O 88 -4.80 3.65 65.02
CA SER O 88 -5.01 2.95 66.32
C SER O 88 -3.74 2.46 67.04
N ALA O 89 -2.57 2.71 66.46
CA ALA O 89 -1.32 2.12 66.96
C ALA O 89 -1.09 2.49 68.40
N LYS O 90 -0.74 1.49 69.21
CA LYS O 90 -0.47 1.66 70.64
C LYS O 90 0.52 2.76 71.00
N PHE O 91 1.59 2.92 70.24
CA PHE O 91 2.59 3.92 70.64
C PHE O 91 2.11 5.35 70.41
N LEU O 92 1.02 5.47 69.67
CA LEU O 92 0.38 6.76 69.39
C LEU O 92 -0.91 6.92 70.20
N ASP O 93 -1.20 5.93 71.05
CA ASP O 93 -2.32 5.90 72.02
C ASP O 93 -2.81 7.22 72.60
N THR O 94 -1.90 7.93 73.26
CA THR O 94 -2.27 9.02 74.13
C THR O 94 -1.19 10.08 74.05
N VAL O 95 -1.58 11.35 74.16
CA VAL O 95 -0.67 12.46 73.96
C VAL O 95 0.39 12.46 75.04
N GLY O 96 1.65 12.72 74.67
CA GLY O 96 2.78 12.69 75.60
C GLY O 96 3.49 11.35 75.76
N LYS O 97 3.02 10.31 75.08
CA LYS O 97 3.62 8.97 75.27
C LYS O 97 4.97 8.92 74.62
N LYS O 98 5.94 8.32 75.33
CA LYS O 98 7.32 8.28 74.84
C LYS O 98 7.79 6.85 74.53
N THR O 99 8.53 6.71 73.42
CA THR O 99 8.94 5.40 72.95
C THR O 99 10.41 5.51 72.66
N ARG O 100 11.14 4.47 73.06
CA ARG O 100 12.57 4.40 72.74
C ARG O 100 12.80 4.01 71.24
N ILE O 101 13.73 4.71 70.58
CA ILE O 101 14.01 4.46 69.17
C ILE O 101 15.49 4.31 68.87
N PHE O 102 15.81 3.71 67.72
CA PHE O 102 17.16 3.75 67.20
C PHE O 102 17.10 4.13 65.75
N THR O 103 17.95 5.05 65.35
CA THR O 103 17.98 5.46 63.98
C THR O 103 19.34 5.19 63.40
N ARG O 104 19.36 4.72 62.14
CA ARG O 104 20.61 4.54 61.43
C ARG O 104 20.51 5.27 60.11
N PHE O 105 21.50 6.12 59.86
CA PHE O 105 21.58 6.95 58.64
C PHE O 105 22.62 6.33 57.78
N SER O 106 22.49 6.48 56.47
CA SER O 106 23.33 5.73 55.52
C SER O 106 23.37 6.39 54.18
N THR O 107 24.39 6.01 53.40
CA THR O 107 24.44 6.31 51.97
C THR O 107 23.99 5.06 51.26
N VAL O 108 23.85 5.09 49.94
CA VAL O 108 23.30 3.92 49.27
C VAL O 108 24.33 2.96 48.69
N GLY O 109 25.08 3.41 47.69
CA GLY O 109 25.91 2.51 46.88
C GLY O 109 27.30 2.21 47.42
N GLY O 110 27.86 3.16 48.14
CA GLY O 110 29.20 2.96 48.65
C GLY O 110 29.35 1.80 49.63
N GLU O 111 30.49 1.13 49.49
CA GLU O 111 30.88 0.08 50.43
C GLU O 111 31.32 0.67 51.80
N LYS O 112 31.77 -0.22 52.66
CA LYS O 112 32.00 0.09 54.04
C LYS O 112 33.04 1.21 54.21
N GLY O 113 34.08 1.19 53.38
CA GLY O 113 35.17 2.15 53.58
C GLY O 113 34.98 3.47 52.87
N SER O 114 33.88 3.61 52.17
CA SER O 114 33.70 4.73 51.27
C SER O 114 33.38 6.01 52.04
N ALA O 115 33.25 7.12 51.31
CA ALA O 115 33.03 8.43 51.91
C ALA O 115 31.57 8.74 52.27
N ASP O 116 31.39 9.32 53.46
CA ASP O 116 30.08 9.81 53.93
C ASP O 116 29.51 10.89 53.01
N THR O 117 30.39 11.64 52.34
CA THR O 117 29.98 12.77 51.49
C THR O 117 29.91 12.42 49.99
N ALA O 118 29.87 11.13 49.71
CA ALA O 118 29.53 10.65 48.39
C ALA O 118 28.15 11.15 47.99
N ARG O 119 28.00 11.45 46.70
CA ARG O 119 26.70 11.74 46.09
C ARG O 119 25.83 10.47 46.10
N ASP O 120 24.70 10.52 46.80
CA ASP O 120 23.81 9.39 46.96
C ASP O 120 22.56 9.84 47.69
N PRO O 121 21.45 9.09 47.57
CA PRO O 121 20.35 9.34 48.50
C PRO O 121 20.92 9.10 49.89
N ARG O 122 20.15 9.40 50.93
CA ARG O 122 20.56 8.96 52.28
C ARG O 122 19.46 8.14 52.89
N GLY O 123 19.86 7.07 53.59
CA GLY O 123 18.93 6.20 54.30
C GLY O 123 18.64 6.76 55.68
N PHE O 124 17.43 6.52 56.17
CA PHE O 124 16.95 7.11 57.40
C PHE O 124 16.05 6.04 58.03
N ALA O 125 16.64 5.07 58.69
CA ALA O 125 15.83 4.00 59.23
C ALA O 125 15.66 4.09 60.75
N THR O 126 14.44 3.93 61.23
CA THR O 126 14.22 4.07 62.65
C THR O 126 13.41 2.94 63.19
N LYS O 127 13.91 2.36 64.27
CA LYS O 127 13.28 1.23 64.93
C LYS O 127 12.61 1.74 66.21
N PHE O 128 11.30 1.52 66.31
CA PHE O 128 10.50 1.89 67.47
C PHE O 128 10.16 0.63 68.29
N TYR O 129 10.55 0.65 69.57
CA TYR O 129 10.26 -0.44 70.52
C TYR O 129 8.90 -0.24 71.19
N THR O 130 7.81 -0.61 70.53
CA THR O 130 6.50 -0.37 71.07
C THR O 130 5.96 -1.55 71.89
N GLU O 131 4.85 -1.33 72.60
CA GLU O 131 4.19 -2.38 73.37
C GLU O 131 3.50 -3.44 72.47
N ASP O 132 3.34 -3.14 71.21
CA ASP O 132 2.76 -4.11 70.29
C ASP O 132 3.79 -4.73 69.32
N GLY O 133 5.08 -4.67 69.66
CA GLY O 133 6.17 -5.15 68.81
C GLY O 133 7.09 -4.04 68.32
N ASN O 134 8.16 -4.41 67.61
CA ASN O 134 9.05 -3.44 66.95
C ASN O 134 8.48 -2.97 65.64
N LEU O 135 8.49 -1.64 65.45
CA LEU O 135 8.05 -1.04 64.21
C LEU O 135 9.27 -0.48 63.51
N ASP O 136 9.54 -0.91 62.28
CA ASP O 136 10.62 -0.27 61.52
C ASP O 136 10.04 0.71 60.50
N LEU O 137 10.47 1.95 60.59
CA LEU O 137 10.15 2.91 59.54
C LEU O 137 11.41 3.11 58.71
N VAL O 138 11.47 2.36 57.62
CA VAL O 138 12.65 2.36 56.78
C VAL O 138 12.49 3.40 55.64
N TYR O 139 12.97 4.61 55.92
CA TYR O 139 12.79 5.76 55.01
C TYR O 139 14.07 6.22 54.30
N ASN O 140 13.89 6.97 53.22
CA ASN O 140 15.01 7.67 52.58
C ASN O 140 14.92 9.18 52.82
N ASN O 141 15.91 9.92 52.33
CA ASN O 141 15.94 11.39 52.49
C ASN O 141 15.26 12.16 51.36
N THR O 142 14.55 11.42 50.54
CA THR O 142 13.85 11.94 49.39
C THR O 142 12.48 11.28 49.41
N PRO O 143 11.45 12.00 48.94
CA PRO O 143 10.08 11.46 48.98
C PRO O 143 9.81 10.51 47.82
N ILE O 144 10.80 10.34 46.93
CA ILE O 144 10.64 9.52 45.75
C ILE O 144 11.84 8.62 45.53
N PHE O 145 11.85 7.86 44.43
CA PHE O 145 12.97 6.98 44.16
C PHE O 145 13.14 6.72 42.68
N PHE O 146 14.24 6.04 42.34
CA PHE O 146 14.60 5.73 40.97
C PHE O 146 13.66 4.78 40.24
N ILE O 147 12.86 3.99 40.97
CA ILE O 147 12.14 2.90 40.34
C ILE O 147 10.74 2.76 40.86
N ARG O 148 9.90 2.05 40.11
CA ARG O 148 8.55 1.74 40.55
C ARG O 148 8.18 0.31 40.14
N ASP O 149 9.15 -0.45 39.64
CA ASP O 149 8.97 -1.87 39.34
C ASP O 149 9.97 -2.66 40.18
N PRO O 150 9.47 -3.50 41.08
CA PRO O 150 10.33 -4.01 42.15
C PRO O 150 11.57 -4.74 41.63
N ILE O 151 11.38 -5.61 40.66
CA ILE O 151 12.45 -6.50 40.20
C ILE O 151 13.55 -5.74 39.48
N LYS O 152 13.31 -4.47 39.14
CA LYS O 152 14.35 -3.66 38.57
C LYS O 152 15.47 -3.32 39.57
N PHE O 153 15.23 -3.52 40.86
CA PHE O 153 16.18 -3.02 41.88
C PHE O 153 17.61 -3.56 41.73
N PRO O 154 17.76 -4.88 41.58
CA PRO O 154 19.13 -5.37 41.45
C PRO O 154 19.82 -4.86 40.18
N HIS O 155 19.05 -4.68 39.08
CA HIS O 155 19.54 -4.04 37.86
C HIS O 155 20.07 -2.65 38.18
N PHE O 156 19.20 -1.82 38.77
CA PHE O 156 19.57 -0.45 39.06
C PHE O 156 20.82 -0.45 39.97
N ILE O 157 20.70 -1.13 41.11
CA ILE O 157 21.81 -1.12 42.04
C ILE O 157 23.07 -1.53 41.35
N HIS O 158 23.03 -2.60 40.54
CA HIS O 158 24.27 -3.08 39.92
C HIS O 158 25.02 -2.00 39.17
N THR O 159 24.25 -1.21 38.42
CA THR O 159 24.80 -0.17 37.58
C THR O 159 25.29 0.99 38.41
N GLN O 160 24.83 1.09 39.66
CA GLN O 160 25.26 2.16 40.57
C GLN O 160 26.59 1.78 41.16
N LYS O 161 26.95 0.51 40.99
CA LYS O 161 28.11 0.01 41.69
C LYS O 161 29.26 -0.27 40.76
N ARG O 162 29.84 -1.46 40.85
CA ARG O 162 31.09 -1.69 40.16
C ARG O 162 30.96 -2.65 39.03
N ASN O 163 31.77 -2.40 38.00
CA ASN O 163 31.88 -3.26 36.82
C ASN O 163 32.38 -4.65 37.14
N PRO O 164 31.66 -5.65 36.67
CA PRO O 164 31.96 -7.06 36.96
C PRO O 164 33.41 -7.47 36.68
N ALA O 165 34.00 -6.90 35.63
CA ALA O 165 35.38 -7.25 35.39
C ALA O 165 36.35 -6.35 36.18
N THR O 166 36.26 -5.03 36.01
CA THR O 166 37.29 -4.12 36.50
C THR O 166 37.22 -3.91 38.02
N ASN O 167 35.99 -3.85 38.51
CA ASN O 167 35.68 -3.43 39.88
C ASN O 167 35.79 -1.92 40.05
N LEU O 168 35.73 -1.22 38.92
CA LEU O 168 35.68 0.23 38.89
C LEU O 168 34.25 0.70 38.68
N LYS O 169 33.93 1.91 39.13
CA LYS O 169 32.62 2.43 38.75
C LYS O 169 32.67 2.67 37.24
N ASP O 170 31.51 2.54 36.59
CA ASP O 170 31.45 2.63 35.14
C ASP O 170 30.34 3.60 34.69
N PRO O 171 30.73 4.80 34.26
CA PRO O 171 29.71 5.83 34.03
C PRO O 171 28.85 5.45 32.85
N ASN O 172 29.34 4.53 32.04
CA ASN O 172 28.54 3.99 30.94
C ASN O 172 27.34 3.20 31.45
N MET O 173 27.58 2.17 32.28
CA MET O 173 26.50 1.47 32.96
C MET O 173 25.50 2.41 33.64
N PHE O 174 26.07 3.28 34.48
CA PHE O 174 25.33 4.22 35.29
C PHE O 174 24.24 4.89 34.45
N TRP O 175 24.64 5.50 33.35
CA TRP O 175 23.72 6.29 32.57
C TRP O 175 22.90 5.45 31.60
N ASP O 176 23.52 4.36 31.14
CA ASP O 176 22.87 3.40 30.27
C ASP O 176 21.56 2.99 30.93
N TYR O 177 21.63 2.60 32.21
CA TYR O 177 20.43 2.16 32.91
C TYR O 177 19.43 3.30 33.06
N LEU O 178 19.84 4.38 33.72
CA LEU O 178 18.90 5.46 34.00
C LEU O 178 18.24 5.91 32.72
N THR O 179 19.00 6.13 31.66
CA THR O 179 18.43 6.69 30.41
C THR O 179 17.46 5.75 29.70
N ALA O 180 17.71 4.44 29.83
CA ALA O 180 16.82 3.44 29.27
C ALA O 180 15.52 3.31 30.06
N ASN O 181 15.52 3.80 31.31
CA ASN O 181 14.34 3.74 32.18
C ASN O 181 13.92 5.11 32.68
N ASP O 182 13.25 5.85 31.79
CA ASP O 182 12.61 7.13 32.06
C ASP O 182 12.14 7.47 33.47
N GLU O 183 11.48 6.54 34.13
CA GLU O 183 10.82 6.87 35.37
C GLU O 183 11.81 7.40 36.44
N SER O 184 13.09 7.11 36.25
CA SER O 184 14.15 7.49 37.19
C SER O 184 14.47 8.97 37.11
N LEU O 185 13.98 9.62 36.06
CA LEU O 185 14.34 11.00 35.83
C LEU O 185 14.05 11.89 37.06
N HIS O 186 12.85 11.78 37.64
CA HIS O 186 12.49 12.58 38.84
C HIS O 186 13.55 12.49 39.94
N GLN O 187 13.82 11.27 40.40
CA GLN O 187 14.80 11.04 41.46
C GLN O 187 16.21 11.37 41.06
N VAL O 188 16.53 11.32 39.77
CA VAL O 188 17.90 11.54 39.33
C VAL O 188 18.18 13.00 39.36
N MET O 189 17.12 13.77 39.15
CA MET O 189 17.21 15.21 39.27
C MET O 189 17.55 15.62 40.73
N TYR O 190 16.90 14.97 41.68
CA TYR O 190 17.20 15.22 43.08
C TYR O 190 18.66 14.90 43.28
N LEU O 191 19.06 13.73 42.81
CA LEU O 191 20.38 13.21 43.08
C LEU O 191 21.48 14.15 42.61
N PHE O 192 21.25 14.82 41.49
CA PHE O 192 22.30 15.65 40.94
C PHE O 192 22.12 17.12 41.27
N SER O 193 20.98 17.48 41.85
CA SER O 193 20.85 18.79 42.44
C SER O 193 21.72 18.68 43.68
N ASN O 194 21.83 19.76 44.44
CA ASN O 194 22.70 19.73 45.57
C ASN O 194 22.16 18.86 46.69
N ARG O 195 20.93 18.40 46.56
CA ARG O 195 20.33 17.55 47.59
C ARG O 195 20.90 16.13 47.68
N GLY O 196 21.58 15.70 46.63
CA GLY O 196 22.34 14.46 46.72
C GLY O 196 23.59 14.54 47.60
N THR O 197 23.94 15.74 48.09
CA THR O 197 25.11 15.94 48.94
C THR O 197 24.78 16.71 50.25
N PRO O 198 24.10 16.05 51.20
CA PRO O 198 23.78 16.78 52.44
C PRO O 198 25.03 17.07 53.24
N ALA O 199 24.95 18.07 54.13
CA ALA O 199 26.06 18.51 55.00
C ALA O 199 26.30 17.50 56.09
N SER O 200 25.23 17.12 56.77
CA SER O 200 25.31 16.09 57.76
C SER O 200 24.02 15.31 57.71
N TYR O 201 23.92 14.25 58.51
CA TYR O 201 22.64 13.61 58.74
C TYR O 201 21.66 14.47 59.55
N ARG O 202 22.18 15.40 60.35
CA ARG O 202 21.33 16.21 61.21
C ARG O 202 20.49 17.16 60.36
N THR O 203 20.97 17.46 59.16
CA THR O 203 20.36 18.46 58.29
C THR O 203 19.69 17.87 57.02
N MET O 204 18.99 16.77 57.20
CA MET O 204 18.19 16.16 56.14
C MET O 204 16.82 15.71 56.64
N ASN O 205 15.85 15.66 55.74
CA ASN O 205 14.53 15.18 56.08
C ASN O 205 14.34 13.70 55.81
N GLY O 206 13.33 13.09 56.42
CA GLY O 206 13.03 11.70 56.13
C GLY O 206 11.64 11.63 55.55
N TYR O 207 11.47 10.77 54.56
CA TYR O 207 10.17 10.55 53.92
C TYR O 207 9.86 9.07 53.73
N SER O 208 8.59 8.72 53.89
CA SER O 208 8.20 7.33 53.76
C SER O 208 8.44 6.92 52.33
N GLY O 209 8.42 7.88 51.43
CA GLY O 209 8.52 7.57 50.01
C GLY O 209 7.22 6.92 49.52
N HIS O 210 6.99 5.69 49.98
CA HIS O 210 5.80 4.89 49.69
C HIS O 210 4.54 5.43 50.34
N THR O 211 3.39 4.98 49.84
CA THR O 211 2.12 5.14 50.53
C THR O 211 1.86 3.95 51.43
N TYR O 212 1.54 4.19 52.70
CA TYR O 212 1.16 3.16 53.66
C TYR O 212 -0.35 3.28 53.92
N LYS O 213 -0.92 2.37 54.70
CA LYS O 213 -2.32 2.44 55.07
C LYS O 213 -2.43 2.38 56.57
N TRP O 214 -3.11 3.36 57.15
CA TRP O 214 -3.26 3.45 58.59
C TRP O 214 -4.72 3.23 58.99
N TYR O 215 -4.94 2.51 60.07
CA TYR O 215 -6.28 2.15 60.49
C TYR O 215 -6.58 2.69 61.89
N ASN O 216 -7.71 3.37 62.05
CA ASN O 216 -8.14 3.79 63.38
C ASN O 216 -8.87 2.61 64.02
N SER O 217 -9.40 2.82 65.23
CA SER O 217 -9.97 1.68 65.94
C SER O 217 -11.35 1.24 65.45
N LYS O 218 -12.02 2.06 64.66
CA LYS O 218 -13.30 1.64 64.07
C LYS O 218 -13.08 0.76 62.83
N GLY O 219 -11.83 0.72 62.36
CA GLY O 219 -11.48 -0.04 61.15
C GLY O 219 -11.46 0.80 59.89
N GLU O 220 -11.57 2.12 60.05
CA GLU O 220 -11.51 3.07 58.93
C GLU O 220 -10.08 3.40 58.60
N TRP O 221 -9.72 3.24 57.33
CA TRP O 221 -8.33 3.37 56.87
C TRP O 221 -8.19 4.47 55.87
N VAL O 222 -7.02 5.07 55.88
CA VAL O 222 -6.73 6.18 55.01
C VAL O 222 -5.31 5.96 54.51
N TYR O 223 -5.03 6.36 53.28
CA TYR O 223 -3.67 6.27 52.74
C TYR O 223 -2.81 7.35 53.36
N VAL O 224 -1.56 7.03 53.73
CA VAL O 224 -0.65 8.03 54.31
C VAL O 224 0.72 8.13 53.66
N GLN O 225 1.35 9.28 53.85
CA GLN O 225 2.72 9.57 53.45
C GLN O 225 3.35 10.27 54.65
N VAL O 226 4.51 9.79 55.12
CA VAL O 226 5.03 10.31 56.38
C VAL O 226 6.22 11.23 56.13
N HIS O 227 6.32 12.32 56.89
CA HIS O 227 7.40 13.30 56.71
C HIS O 227 8.14 13.56 58.04
N PHE O 228 9.46 13.39 58.04
CA PHE O 228 10.24 13.79 59.20
C PHE O 228 11.02 15.03 58.82
N ILE O 229 10.74 16.17 59.45
CA ILE O 229 11.40 17.40 59.03
C ILE O 229 12.39 17.95 60.05
N ALA O 230 13.64 18.08 59.63
CA ALA O 230 14.74 18.40 60.52
C ALA O 230 14.60 19.78 61.15
N ASN O 231 14.62 19.84 62.48
CA ASN O 231 14.57 21.10 63.23
C ASN O 231 15.84 21.90 63.06
N GLN O 232 16.85 21.23 62.51
CA GLN O 232 18.15 21.80 62.23
C GLN O 232 18.16 22.35 60.80
N GLY O 233 17.01 22.28 60.12
CA GLY O 233 16.88 22.73 58.72
C GLY O 233 17.62 21.89 57.68
N VAL O 234 17.26 22.06 56.40
CA VAL O 234 17.87 21.31 55.30
C VAL O 234 19.07 22.04 54.69
N HIS O 235 20.28 21.53 54.94
CA HIS O 235 21.47 22.17 54.43
C HIS O 235 22.29 21.24 53.57
N ASN O 236 22.68 21.72 52.39
CA ASN O 236 23.44 20.91 51.44
C ASN O 236 24.84 21.42 51.14
N LEU O 237 25.70 20.55 50.61
CA LEU O 237 27.05 20.93 50.22
C LEU O 237 27.12 21.09 48.71
N LEU O 238 28.09 21.84 48.21
CA LEU O 238 28.32 21.85 46.76
C LEU O 238 29.29 20.71 46.40
N ASP O 239 29.30 20.31 45.14
CA ASP O 239 30.11 19.17 44.70
C ASP O 239 31.55 19.19 45.18
N GLU O 240 32.24 20.28 44.89
CA GLU O 240 33.67 20.46 45.21
C GLU O 240 33.94 20.26 46.70
N GLU O 241 33.08 20.80 47.54
CA GLU O 241 33.19 20.64 48.97
C GLU O 241 33.05 19.16 49.36
N ALA O 242 32.02 18.49 48.82
CA ALA O 242 31.78 17.07 49.11
C ALA O 242 32.98 16.25 48.72
N GLY O 243 33.51 16.52 47.54
CA GLY O 243 34.66 15.80 47.00
C GLY O 243 35.91 15.98 47.83
N ARG O 244 36.12 17.19 48.37
CA ARG O 244 37.31 17.47 49.15
C ARG O 244 37.21 16.75 50.46
N LEU O 245 36.06 16.91 51.15
CA LEU O 245 35.75 16.20 52.39
C LEU O 245 35.92 14.69 52.24
N ALA O 246 35.54 14.16 51.07
CA ALA O 246 35.71 12.76 50.74
C ALA O 246 37.15 12.27 50.87
N GLY O 247 38.11 13.19 50.64
CA GLY O 247 39.54 12.89 50.79
C GLY O 247 40.10 13.23 52.16
N GLU O 248 39.59 14.33 52.73
CA GLU O 248 40.00 14.80 54.06
C GLU O 248 39.38 13.94 55.18
N ASP O 249 38.06 13.74 55.14
CA ASP O 249 37.39 12.98 56.21
C ASP O 249 36.28 12.10 55.63
N PRO O 250 36.62 10.85 55.28
CA PRO O 250 35.60 9.95 54.73
C PRO O 250 34.47 9.69 55.73
N ASP O 251 34.76 9.91 57.01
CA ASP O 251 33.79 9.62 58.06
C ASP O 251 33.17 10.90 58.61
N HIS O 252 33.11 11.93 57.76
CA HIS O 252 32.62 13.24 58.17
C HIS O 252 31.27 13.21 58.87
N SER O 253 30.28 12.60 58.22
CA SER O 253 28.93 12.58 58.74
C SER O 253 28.81 11.78 60.03
N THR O 254 29.58 10.71 60.11
CA THR O 254 29.57 9.87 61.28
C THR O 254 30.06 10.64 62.49
N ARG O 255 31.22 11.30 62.33
CA ARG O 255 31.86 12.09 63.36
C ARG O 255 30.90 13.19 63.83
N ASP O 256 30.30 13.86 62.85
CA ASP O 256 29.41 14.97 63.10
C ASP O 256 28.29 14.55 64.02
N LEU O 257 27.68 13.39 63.74
CA LEU O 257 26.55 12.96 64.53
C LEU O 257 26.99 12.54 65.91
N TRP O 258 28.12 11.84 66.00
CA TRP O 258 28.58 11.35 67.28
C TRP O 258 28.92 12.51 68.21
N GLU O 259 29.61 13.52 67.66
CA GLU O 259 30.02 14.72 68.40
C GLU O 259 28.88 15.61 68.85
N ALA O 260 27.91 15.84 67.96
CA ALA O 260 26.72 16.58 68.31
C ALA O 260 26.07 15.98 69.55
N ILE O 261 25.85 14.67 69.56
CA ILE O 261 25.19 14.03 70.69
C ILE O 261 26.02 14.06 71.99
N GLU O 262 27.34 13.90 71.85
CA GLU O 262 28.24 13.95 73.02
C GLU O 262 28.34 15.37 73.68
N LYS O 263 28.20 16.41 72.85
CA LYS O 263 28.00 17.79 73.29
C LYS O 263 26.67 18.07 73.98
N GLY O 264 25.62 17.34 73.61
CA GLY O 264 24.27 17.67 74.07
C GLY O 264 23.46 18.44 73.02
N ASP O 265 24.10 18.78 71.91
CA ASP O 265 23.40 19.37 70.77
C ASP O 265 22.54 18.34 70.02
N TYR O 266 21.59 17.74 70.71
CA TYR O 266 20.79 16.66 70.15
C TYR O 266 19.93 17.12 68.99
N PRO O 267 20.04 16.44 67.82
CA PRO O 267 19.28 16.76 66.61
C PRO O 267 17.89 16.21 66.72
N SER O 268 16.91 16.86 66.10
CA SER O 268 15.53 16.40 66.20
C SER O 268 14.72 16.65 64.94
N TRP O 269 13.60 15.94 64.86
CA TRP O 269 12.73 15.96 63.71
C TRP O 269 11.30 16.07 64.21
N GLU O 270 10.48 16.86 63.53
CA GLU O 270 9.04 16.94 63.77
C GLU O 270 8.33 16.05 62.77
N CYS O 271 7.32 15.32 63.20
CA CYS O 271 6.71 14.32 62.33
C CYS O 271 5.32 14.74 61.86
N TYR O 272 5.07 14.63 60.56
CA TYR O 272 3.76 14.91 59.96
C TYR O 272 3.27 13.77 59.09
N ILE O 273 1.98 13.77 58.80
CA ILE O 273 1.47 12.86 57.77
C ILE O 273 0.61 13.60 56.74
N GLN O 274 0.56 13.11 55.51
CA GLN O 274 -0.45 13.53 54.55
C GLN O 274 -1.46 12.42 54.46
N THR O 275 -2.75 12.72 54.43
CA THR O 275 -3.69 11.63 54.34
C THR O 275 -4.50 11.84 53.10
N MET O 276 -5.22 10.78 52.70
CA MET O 276 -6.03 10.77 51.49
C MET O 276 -6.97 9.58 51.54
N THR O 277 -8.23 9.77 51.16
CA THR O 277 -9.19 8.66 51.19
C THR O 277 -9.11 7.91 49.89
N LEU O 278 -9.59 6.67 49.90
CA LEU O 278 -9.72 5.89 48.67
C LEU O 278 -10.41 6.68 47.56
N GLU O 279 -11.52 7.34 47.89
CA GLU O 279 -12.32 8.09 46.91
C GLU O 279 -11.50 9.21 46.28
N GLN O 280 -10.70 9.87 47.11
CA GLN O 280 -9.83 10.94 46.63
C GLN O 280 -8.79 10.40 45.66
N SER O 281 -8.37 9.14 45.86
CA SER O 281 -7.30 8.55 45.06
C SER O 281 -7.74 8.27 43.66
N LYS O 282 -9.03 7.92 43.52
CA LYS O 282 -9.64 7.62 42.23
C LYS O 282 -9.64 8.79 41.25
N LYS O 283 -9.47 10.00 41.75
CA LYS O 283 -9.54 11.18 40.90
C LYS O 283 -8.18 11.73 40.47
N LEU O 284 -7.08 11.14 40.96
CA LEU O 284 -5.74 11.67 40.67
C LEU O 284 -5.20 11.29 39.28
N PRO O 285 -4.35 12.15 38.70
CA PRO O 285 -3.70 11.83 37.41
C PRO O 285 -2.52 10.85 37.55
N PHE O 286 -2.18 10.47 38.79
CA PHE O 286 -1.11 9.51 39.10
C PHE O 286 -1.54 8.52 40.18
N SER O 287 -0.74 7.49 40.43
CA SER O 287 -1.08 6.46 41.42
C SER O 287 -0.46 6.72 42.79
N VAL O 288 -1.22 6.42 43.84
CA VAL O 288 -0.68 6.44 45.19
C VAL O 288 0.37 5.34 45.34
N PHE O 289 0.40 4.42 44.39
CA PHE O 289 1.30 3.29 44.47
C PHE O 289 2.59 3.50 43.69
N ASP O 290 2.77 4.72 43.16
CA ASP O 290 3.92 5.06 42.33
C ASP O 290 5.00 5.77 43.16
N LEU O 291 6.10 5.05 43.40
CA LEU O 291 7.20 5.59 44.20
C LEU O 291 7.91 6.76 43.53
N THR O 292 7.63 6.98 42.24
CA THR O 292 8.26 8.09 41.52
C THR O 292 7.47 9.41 41.58
N LYS O 293 6.45 9.45 42.42
CA LYS O 293 5.59 10.61 42.54
C LYS O 293 5.53 11.08 43.98
N VAL O 294 5.22 12.38 44.15
CA VAL O 294 4.89 12.99 45.44
C VAL O 294 3.46 13.45 45.43
N TRP O 295 2.91 13.74 46.60
CA TRP O 295 1.56 14.30 46.74
C TRP O 295 1.69 15.82 46.90
N PRO O 296 1.19 16.62 45.93
CA PRO O 296 1.27 18.08 46.05
C PRO O 296 0.71 18.65 47.39
N HIS O 297 1.49 19.56 47.99
CA HIS O 297 1.22 20.09 49.33
C HIS O 297 -0.07 20.90 49.36
N LYS O 298 -0.31 21.61 48.26
CA LYS O 298 -1.55 22.35 48.07
C LYS O 298 -2.77 21.47 48.37
N ASP O 299 -2.87 20.34 47.68
CA ASP O 299 -4.07 19.48 47.74
C ASP O 299 -4.16 18.60 48.99
N PHE O 300 -3.00 18.16 49.52
CA PHE O 300 -2.99 17.32 50.72
C PHE O 300 -2.01 17.90 51.73
N PRO O 301 -2.53 18.69 52.68
CA PRO O 301 -1.71 19.40 53.66
C PRO O 301 -1.17 18.48 54.74
N LEU O 302 -0.02 18.85 55.32
CA LEU O 302 0.60 18.04 56.34
C LEU O 302 -0.11 18.24 57.65
N ARG O 303 -0.19 17.18 58.45
CA ARG O 303 -0.80 17.17 59.77
C ARG O 303 0.26 16.72 60.78
N HIS O 304 0.53 17.56 61.76
CA HIS O 304 1.56 17.30 62.77
C HIS O 304 1.08 16.25 63.78
N PHE O 305 1.95 15.31 64.16
CA PHE O 305 1.55 14.29 65.11
C PHE O 305 2.62 13.92 66.14
N GLY O 306 3.86 14.28 65.92
CA GLY O 306 4.87 13.87 66.88
C GLY O 306 6.22 14.49 66.64
N ARG O 307 7.18 14.07 67.45
CA ARG O 307 8.57 14.47 67.28
C ARG O 307 9.48 13.42 67.85
N PHE O 308 10.69 13.32 67.31
CA PHE O 308 11.69 12.51 67.97
C PHE O 308 13.00 13.25 68.05
N THR O 309 13.80 12.86 69.03
CA THR O 309 15.10 13.47 69.24
C THR O 309 16.07 12.34 69.41
N LEU O 310 17.25 12.48 68.82
CA LEU O 310 18.36 11.53 69.03
C LEU O 310 19.32 12.04 70.09
N ASN O 311 19.43 11.31 71.18
CA ASN O 311 20.14 11.79 72.35
C ASN O 311 21.11 10.81 72.99
N GLU O 312 21.38 9.67 72.35
CA GLU O 312 22.24 8.63 72.97
C GLU O 312 23.05 7.77 71.99
N ASN O 313 24.38 7.91 72.06
CA ASN O 313 25.25 7.14 71.22
C ASN O 313 25.25 5.70 71.67
N PRO O 314 25.50 4.76 70.74
CA PRO O 314 25.53 3.34 71.08
C PRO O 314 26.73 3.04 71.96
N LYS O 315 26.75 1.91 72.64
CA LYS O 315 27.91 1.59 73.48
C LYS O 315 29.05 0.90 72.73
N ASN O 316 28.65 0.02 71.82
CA ASN O 316 29.57 -0.63 70.93
C ASN O 316 29.02 -0.56 69.50
N TYR O 317 29.78 0.03 68.57
CA TYR O 317 29.28 0.26 67.21
C TYR O 317 28.93 -1.06 66.50
N TYR O 318 29.86 -1.99 66.44
CA TYR O 318 29.58 -3.22 65.75
C TYR O 318 28.31 -3.88 66.27
N ALA O 319 28.24 -4.02 67.58
CA ALA O 319 27.19 -4.83 68.19
C ALA O 319 25.83 -4.20 67.97
N GLU O 320 25.82 -2.88 67.86
CA GLU O 320 24.58 -2.13 67.83
C GLU O 320 24.30 -1.49 66.50
N THR O 321 25.15 -0.57 66.06
CA THR O 321 24.93 0.03 64.71
C THR O 321 25.07 -0.99 63.57
N GLU O 322 26.08 -1.84 63.63
CA GLU O 322 26.35 -2.68 62.49
C GLU O 322 25.32 -3.79 62.34
N GLN O 323 24.93 -4.41 63.48
CA GLN O 323 24.08 -5.61 63.51
C GLN O 323 22.58 -5.32 63.47
N ILE O 324 22.20 -4.06 63.56
CA ILE O 324 20.78 -3.77 63.67
C ILE O 324 20.09 -4.08 62.34
N ALA O 325 18.89 -4.62 62.41
CA ALA O 325 18.23 -5.04 61.20
C ALA O 325 16.84 -4.44 61.09
N PHE O 326 16.60 -3.66 60.04
CA PHE O 326 15.27 -3.11 59.83
C PHE O 326 14.50 -3.83 58.71
N SER O 327 13.17 -3.85 58.81
CA SER O 327 12.36 -4.30 57.69
C SER O 327 11.00 -3.64 57.66
N PRO O 328 10.61 -3.13 56.47
CA PRO O 328 9.31 -2.52 56.35
C PRO O 328 8.21 -3.47 56.75
N SER O 329 8.45 -4.78 56.75
CA SER O 329 7.38 -5.71 57.15
C SER O 329 7.32 -5.87 58.66
N HIS O 330 8.26 -5.25 59.37
CA HIS O 330 8.13 -5.18 60.80
C HIS O 330 7.17 -4.05 61.13
N THR O 331 5.91 -4.40 61.34
CA THR O 331 4.93 -3.36 61.64
C THR O 331 4.09 -3.65 62.90
N VAL O 332 3.19 -2.72 63.24
CA VAL O 332 2.25 -2.89 64.36
C VAL O 332 0.77 -2.74 63.96
N PRO O 333 -0.15 -3.36 64.74
CA PRO O 333 -1.57 -3.13 64.47
C PRO O 333 -1.84 -1.63 64.36
N GLY O 334 -2.59 -1.25 63.31
CA GLY O 334 -2.84 0.13 63.00
C GLY O 334 -2.10 0.57 61.74
N MET O 335 -1.05 -0.14 61.36
CA MET O 335 -0.24 0.27 60.19
C MET O 335 0.04 -0.87 59.26
N GLU O 336 -0.44 -0.79 58.03
CA GLU O 336 -0.25 -1.85 57.04
C GLU O 336 0.47 -1.27 55.82
N PRO O 337 1.15 -2.13 55.02
CA PRO O 337 1.73 -1.63 53.76
C PRO O 337 0.68 -1.46 52.67
N SER O 338 0.99 -0.68 51.65
CA SER O 338 0.12 -0.51 50.50
C SER O 338 0.49 -1.47 49.38
N ASN O 339 -0.23 -1.36 48.27
CA ASN O 339 0.05 -2.16 47.09
C ASN O 339 1.21 -1.65 46.25
N ASP O 340 1.84 -0.55 46.68
CA ASP O 340 3.09 -0.07 46.07
C ASP O 340 3.99 -1.29 45.83
N PRO O 341 4.24 -1.66 44.56
CA PRO O 341 4.93 -2.91 44.28
C PRO O 341 6.36 -2.92 44.79
N VAL O 342 7.01 -1.76 44.80
CA VAL O 342 8.36 -1.68 45.36
C VAL O 342 8.32 -2.03 46.85
N LEU O 343 7.50 -1.30 47.60
CA LEU O 343 7.31 -1.61 48.99
C LEU O 343 6.97 -3.10 49.17
N GLN O 344 6.03 -3.61 48.36
CA GLN O 344 5.61 -5.01 48.50
C GLN O 344 6.84 -5.90 48.50
N SER O 345 7.69 -5.74 47.50
CA SER O 345 8.86 -6.61 47.42
C SER O 345 9.82 -6.40 48.60
N ARG O 346 9.92 -5.18 49.08
CA ARG O 346 10.76 -4.94 50.25
C ARG O 346 10.29 -5.80 51.42
N LEU O 347 8.99 -6.00 51.57
CA LEU O 347 8.44 -6.83 52.66
C LEU O 347 9.14 -8.19 52.75
N PHE O 348 9.49 -8.73 51.60
CA PHE O 348 10.18 -10.01 51.59
C PHE O 348 11.72 -9.86 51.74
N SER O 349 12.30 -8.89 51.02
CA SER O 349 13.74 -8.74 50.89
C SER O 349 14.54 -8.62 52.17
N TYR O 350 14.04 -7.76 53.06
CA TYR O 350 14.87 -7.35 54.16
C TYR O 350 15.01 -8.52 55.10
N PRO O 351 13.90 -9.11 55.56
CA PRO O 351 14.10 -10.26 56.44
C PRO O 351 14.92 -11.38 55.80
N ASP O 352 14.82 -11.51 54.46
CA ASP O 352 15.58 -12.51 53.72
C ASP O 352 17.06 -12.18 53.80
N THR O 353 17.41 -10.95 53.53
CA THR O 353 18.82 -10.61 53.57
C THR O 353 19.37 -10.74 55.01
N HIS O 354 18.56 -10.37 56.00
CA HIS O 354 19.01 -10.41 57.39
C HIS O 354 19.43 -11.83 57.71
N ARG O 355 18.59 -12.79 57.34
CA ARG O 355 18.92 -14.18 57.56
C ARG O 355 20.25 -14.56 56.98
N HIS O 356 20.71 -13.84 55.96
CA HIS O 356 22.02 -14.12 55.38
C HIS O 356 23.12 -13.28 56.01
N ARG O 357 22.89 -11.98 56.14
CA ARG O 357 23.91 -11.07 56.69
C ARG O 357 24.25 -11.36 58.15
N LEU O 358 23.24 -11.63 58.98
CA LEU O 358 23.40 -11.79 60.43
C LEU O 358 23.19 -13.23 60.86
N GLY O 359 22.08 -13.85 60.44
CA GLY O 359 21.92 -15.27 60.65
C GLY O 359 20.48 -15.59 60.90
N PRO O 360 20.12 -16.89 60.85
CA PRO O 360 18.75 -17.37 61.07
C PRO O 360 18.07 -16.78 62.29
N ASN O 361 18.82 -16.65 63.40
CA ASN O 361 18.27 -16.14 64.66
C ASN O 361 18.72 -14.73 65.05
N TYR O 362 18.79 -13.85 64.05
CA TYR O 362 19.20 -12.46 64.23
C TYR O 362 18.29 -11.61 65.12
N HIS O 363 17.02 -11.94 65.21
CA HIS O 363 16.19 -11.19 66.11
C HIS O 363 16.64 -11.32 67.56
N GLN O 364 17.42 -12.33 67.88
CA GLN O 364 17.89 -12.55 69.26
C GLN O 364 19.05 -11.64 69.63
N ILE O 365 19.67 -11.00 68.65
CA ILE O 365 20.68 -9.99 68.96
C ILE O 365 20.02 -8.82 69.69
N PRO O 366 20.54 -8.41 70.85
CA PRO O 366 19.94 -7.32 71.64
C PRO O 366 19.25 -6.16 70.84
N VAL O 367 19.95 -5.44 69.95
CA VAL O 367 19.29 -4.29 69.25
C VAL O 367 18.02 -4.67 68.51
N ASN O 368 17.93 -5.95 68.15
CA ASN O 368 16.86 -6.40 67.32
C ASN O 368 15.70 -7.00 68.09
N CYS O 369 15.93 -7.29 69.38
CA CYS O 369 14.86 -7.78 70.27
C CYS O 369 13.68 -6.84 70.32
N PRO O 370 12.49 -7.39 70.51
CA PRO O 370 11.38 -6.58 70.99
C PRO O 370 11.58 -6.34 72.50
N LEU O 371 12.23 -5.24 72.87
CA LEU O 371 12.51 -4.97 74.29
C LEU O 371 11.28 -4.49 75.05
N LYS O 372 10.42 -3.67 74.44
CA LYS O 372 9.26 -3.15 75.20
C LYS O 372 8.11 -4.16 75.36
N SER O 373 7.71 -4.85 74.30
CA SER O 373 6.81 -6.03 74.42
C SER O 373 7.67 -7.27 74.41
N GLY O 374 7.23 -8.36 74.99
CA GLY O 374 8.11 -9.53 74.87
C GLY O 374 7.87 -10.12 73.50
N SER O 375 8.18 -11.39 73.37
CA SER O 375 7.59 -12.14 72.32
C SER O 375 7.31 -13.52 72.86
N PHE O 376 6.33 -14.17 72.26
CA PHE O 376 6.01 -15.52 72.61
C PHE O 376 5.59 -16.17 71.29
N ASN O 377 6.54 -16.85 70.67
CA ASN O 377 6.26 -17.48 69.41
C ASN O 377 6.66 -18.92 69.47
N PRO O 378 5.86 -19.77 70.14
CA PRO O 378 6.24 -21.18 70.36
C PRO O 378 6.45 -22.03 69.09
N ILE O 379 6.02 -21.55 67.93
CA ILE O 379 6.23 -22.28 66.67
C ILE O 379 7.62 -22.12 66.12
N ASN O 380 8.25 -21.00 66.43
CA ASN O 380 9.59 -20.75 65.94
C ASN O 380 10.63 -21.21 66.94
N ARG O 381 11.27 -22.35 66.66
CA ARG O 381 12.27 -22.90 67.58
C ARG O 381 13.57 -23.33 66.92
N ASP O 382 14.58 -23.55 67.75
CA ASP O 382 15.88 -24.07 67.29
C ASP O 382 16.55 -23.09 66.30
N GLY O 383 17.29 -23.62 65.33
CA GLY O 383 18.06 -22.80 64.39
C GLY O 383 19.41 -22.45 65.00
N PRO O 384 20.41 -22.13 64.17
CA PRO O 384 21.77 -21.80 64.67
C PRO O 384 21.78 -20.73 65.75
N MET O 385 22.74 -20.81 66.65
CA MET O 385 22.99 -19.73 67.60
C MET O 385 21.73 -19.33 68.37
N CYS O 386 21.05 -20.34 68.89
CA CYS O 386 19.85 -20.10 69.65
C CYS O 386 20.18 -19.74 71.10
N VAL O 387 20.09 -18.46 71.43
CA VAL O 387 20.61 -17.96 72.69
C VAL O 387 19.56 -17.49 73.73
N ASP O 388 18.29 -17.43 73.32
CA ASP O 388 17.26 -16.84 74.19
C ASP O 388 16.56 -17.87 75.09
N GLY O 389 17.14 -19.08 75.18
CA GLY O 389 16.54 -20.20 75.93
C GLY O 389 15.58 -21.13 75.21
N ASN O 390 15.17 -20.75 73.99
CA ASN O 390 14.33 -21.59 73.13
C ASN O 390 13.02 -22.00 73.80
N LEU O 391 12.55 -21.14 74.72
CA LEU O 391 11.27 -21.32 75.42
C LEU O 391 11.27 -22.61 76.23
N GLY O 392 12.42 -23.11 76.64
CA GLY O 392 12.43 -24.30 77.48
C GLY O 392 11.46 -25.31 76.92
N GLY O 393 10.63 -25.91 77.78
CA GLY O 393 9.72 -27.02 77.40
C GLY O 393 8.31 -26.65 76.92
N THR O 394 8.08 -25.38 76.60
CA THR O 394 6.80 -24.96 76.01
C THR O 394 6.58 -25.72 74.70
N PRO O 395 5.45 -26.44 74.61
CA PRO O 395 5.04 -27.16 73.40
C PRO O 395 5.19 -26.29 72.15
N ASN O 396 5.61 -26.86 71.02
CA ASN O 396 5.89 -26.08 69.81
C ASN O 396 4.83 -26.13 68.75
N TYR O 397 3.57 -26.28 69.16
CA TYR O 397 2.41 -26.21 68.28
C TYR O 397 1.24 -25.49 68.96
N ALA O 398 0.40 -24.83 68.17
CA ALA O 398 -0.74 -24.08 68.69
C ALA O 398 -1.87 -24.99 69.19
N ASN O 399 -2.49 -24.57 70.30
CA ASN O 399 -3.59 -25.28 70.92
C ASN O 399 -3.15 -26.64 71.43
N ALA O 400 -1.93 -26.68 71.98
CA ALA O 400 -1.41 -27.85 72.68
C ALA O 400 -2.24 -28.01 73.93
N TYR O 401 -2.52 -29.26 74.33
CA TYR O 401 -3.53 -29.51 75.37
C TYR O 401 -3.04 -28.99 76.70
N ASN O 402 -1.73 -28.94 76.84
CA ASN O 402 -1.09 -28.59 78.08
C ASN O 402 -0.34 -27.26 78.06
N CYS O 403 -0.82 -26.32 77.24
CA CYS O 403 -0.26 -24.98 77.16
C CYS O 403 -1.33 -24.01 76.72
N PRO O 404 -1.99 -23.37 77.69
CA PRO O 404 -3.03 -22.39 77.44
C PRO O 404 -2.44 -21.09 76.89
N ILE O 405 -3.05 -20.55 75.83
CA ILE O 405 -2.49 -19.40 75.13
C ILE O 405 -3.58 -18.33 74.89
N GLN O 406 -3.17 -17.06 74.83
CA GLN O 406 -4.06 -15.96 74.48
C GLN O 406 -3.74 -15.48 73.08
N TYR O 407 -4.77 -15.09 72.32
CA TYR O 407 -4.55 -14.40 71.04
C TYR O 407 -5.17 -13.00 71.10
N ALA O 408 -4.74 -12.09 70.23
CA ALA O 408 -5.31 -10.75 70.23
C ALA O 408 -6.72 -10.70 69.59
N VAL O 409 -7.63 -9.89 70.18
CA VAL O 409 -9.03 -9.69 69.71
C VAL O 409 -9.10 -9.21 68.24
N SER O 410 -9.90 -9.90 67.42
CA SER O 410 -9.89 -9.70 65.96
C SER O 410 -9.97 -8.21 65.50
N ASN O 416 -14.98 -4.80 61.02
CA ASN O 416 -14.60 -4.65 59.60
C ASN O 416 -15.33 -3.48 58.86
N LYS O 417 -14.70 -2.98 57.80
CA LYS O 417 -15.27 -1.95 56.92
C LYS O 417 -14.85 -2.21 55.45
N PRO O 418 -15.45 -1.47 54.47
CA PRO O 418 -14.99 -1.67 53.09
C PRO O 418 -13.49 -1.41 52.90
N ASP O 419 -12.80 -2.36 52.28
CA ASP O 419 -11.40 -2.21 51.91
C ASP O 419 -11.25 -2.11 50.39
N GLU O 420 -10.03 -2.36 49.90
CA GLU O 420 -9.75 -2.35 48.47
C GLU O 420 -10.40 -3.58 47.83
N LYS O 421 -10.88 -3.44 46.59
CA LYS O 421 -11.49 -4.58 45.89
C LYS O 421 -10.77 -4.97 44.60
N TYR O 422 -10.70 -6.27 44.33
CA TYR O 422 -9.91 -6.79 43.24
C TYR O 422 -10.76 -7.57 42.23
N THR O 423 -10.40 -7.46 40.94
CA THR O 423 -11.13 -8.07 39.80
C THR O 423 -10.18 -8.42 38.69
N GLY O 424 -10.22 -9.66 38.21
CA GLY O 424 -9.53 -10.01 36.99
C GLY O 424 -8.76 -11.30 37.10
N GLU O 425 -7.78 -11.49 36.22
CA GLU O 425 -6.87 -12.65 36.24
C GLU O 425 -5.52 -12.24 36.82
N VAL O 426 -4.67 -13.24 37.07
CA VAL O 426 -3.28 -13.02 37.42
C VAL O 426 -2.58 -12.42 36.21
N VAL O 427 -2.00 -11.25 36.37
CA VAL O 427 -1.43 -10.50 35.24
C VAL O 427 0.05 -10.19 35.50
N PRO O 428 0.88 -10.31 34.45
CA PRO O 428 2.27 -9.86 34.49
C PRO O 428 2.33 -8.42 34.05
N TYR O 429 2.92 -7.54 34.86
CA TYR O 429 2.92 -6.10 34.57
C TYR O 429 4.26 -5.42 34.85
N HIS O 430 4.63 -4.55 33.92
CA HIS O 430 5.82 -3.70 33.99
C HIS O 430 5.24 -2.32 33.70
N TRP O 431 5.35 -1.41 34.66
CA TRP O 431 4.70 -0.11 34.54
C TRP O 431 5.00 0.55 33.19
N GLU O 432 3.94 0.93 32.46
CA GLU O 432 4.04 1.53 31.09
C GLU O 432 3.90 3.06 31.06
N HIS O 433 4.79 3.70 30.32
CA HIS O 433 4.98 5.13 30.39
C HIS O 433 3.74 5.88 29.88
N THR O 434 3.36 6.95 30.58
CA THR O 434 2.37 7.91 30.07
C THR O 434 2.96 9.30 30.18
N ASP O 435 2.41 10.27 29.45
CA ASP O 435 2.98 11.63 29.41
C ASP O 435 3.10 12.33 30.78
N TYR O 436 2.23 11.96 31.74
CA TYR O 436 2.29 12.55 33.07
C TYR O 436 3.60 12.27 33.83
N ASP O 437 4.29 11.19 33.46
CA ASP O 437 5.53 10.80 34.11
C ASP O 437 6.59 11.87 34.00
N TYR O 438 6.57 12.64 32.92
CA TYR O 438 7.51 13.74 32.76
C TYR O 438 7.14 15.03 33.49
N PHE O 439 5.88 15.14 33.93
CA PHE O 439 5.33 16.40 34.44
C PHE O 439 5.95 16.84 35.76
N GLN O 440 6.13 15.88 36.66
CA GLN O 440 6.64 16.20 37.96
C GLN O 440 8.13 16.52 37.95
N PRO O 441 8.94 15.82 37.11
CA PRO O 441 10.29 16.32 36.87
C PRO O 441 10.31 17.74 36.32
N LYS O 442 9.36 18.06 35.44
CA LYS O 442 9.30 19.40 34.83
C LYS O 442 9.08 20.42 35.95
N MET O 443 8.14 20.13 36.84
CA MET O 443 7.89 20.97 37.99
C MET O 443 9.09 21.15 38.91
N PHE O 444 9.94 20.13 39.00
CA PHE O 444 11.07 20.19 39.94
C PHE O 444 12.15 21.10 39.40
N TRP O 445 12.18 21.27 38.08
CA TRP O 445 13.08 22.22 37.47
C TRP O 445 12.71 23.66 37.84
N LYS O 446 11.41 23.94 37.83
CA LYS O 446 10.88 25.22 38.26
C LYS O 446 11.12 25.47 39.73
N VAL O 447 11.00 24.43 40.55
CA VAL O 447 11.23 24.56 41.99
C VAL O 447 12.71 24.90 42.30
N LEU O 448 13.67 24.21 41.67
CA LEU O 448 15.03 24.74 41.62
C LEU O 448 14.92 25.99 40.75
N GLY O 449 15.87 26.90 40.84
CA GLY O 449 15.76 28.12 40.03
C GLY O 449 14.75 29.14 40.57
N ARG O 450 14.05 28.75 41.63
CA ARG O 450 13.49 29.72 42.56
C ARG O 450 14.57 30.03 43.57
N THR O 451 15.71 29.34 43.46
CA THR O 451 16.87 29.64 44.27
C THR O 451 18.03 29.79 43.30
N PRO O 452 18.70 30.93 43.35
CA PRO O 452 19.87 31.15 42.50
C PRO O 452 20.87 30.00 42.67
N GLY O 453 21.46 29.55 41.56
CA GLY O 453 22.56 28.58 41.63
C GLY O 453 22.16 27.12 41.68
N GLU O 454 20.90 26.85 42.01
CA GLU O 454 20.44 25.47 42.14
C GLU O 454 20.42 24.77 40.79
N GLN O 455 19.76 25.40 39.82
CA GLN O 455 19.68 24.90 38.46
C GLN O 455 21.06 24.73 37.82
N GLU O 456 21.91 25.74 37.92
CA GLU O 456 23.24 25.66 37.32
C GLU O 456 24.09 24.57 37.99
N SER O 457 23.79 24.26 39.26
CA SER O 457 24.46 23.20 39.97
C SER O 457 24.14 21.83 39.41
N LEU O 458 22.84 21.55 39.23
CA LEU O 458 22.41 20.29 38.65
C LEU O 458 23.11 20.07 37.32
N VAL O 459 23.12 21.09 36.47
CA VAL O 459 23.82 21.05 35.18
C VAL O 459 25.31 20.72 35.35
N LYS O 460 25.99 21.40 36.27
CA LYS O 460 27.42 21.18 36.49
C LYS O 460 27.71 19.79 37.04
N ASN O 461 26.83 19.32 37.91
CA ASN O 461 27.00 18.04 38.56
C ASN O 461 26.80 16.89 37.60
N VAL O 462 25.75 16.99 36.78
CA VAL O 462 25.44 15.99 35.75
C VAL O 462 26.53 16.04 34.69
N ALA O 463 27.08 17.24 34.47
CA ALA O 463 28.09 17.40 33.44
C ALA O 463 29.43 16.76 33.83
N ASN O 464 29.85 16.92 35.08
CA ASN O 464 31.14 16.40 35.51
C ASN O 464 31.19 14.89 35.63
N HIS O 465 30.05 14.33 36.04
CA HIS O 465 29.86 12.90 36.08
C HIS O 465 29.83 12.31 34.69
N VAL O 466 29.09 12.93 33.76
CA VAL O 466 28.86 12.35 32.44
C VAL O 466 29.99 12.57 31.41
N SER O 467 30.98 13.37 31.77
CA SER O 467 32.11 13.67 30.89
C SER O 467 33.10 12.52 30.77
N ALA O 468 32.99 11.52 31.64
CA ALA O 468 33.82 10.36 31.54
C ALA O 468 33.15 9.24 30.72
N ALA O 469 31.88 9.44 30.38
CA ALA O 469 31.14 8.49 29.60
C ALA O 469 31.58 8.66 28.15
N ASP O 470 31.41 7.61 27.34
CA ASP O 470 31.67 7.74 25.91
C ASP O 470 30.65 8.70 25.28
N GLU O 471 31.02 9.32 24.16
CA GLU O 471 30.12 10.22 23.45
C GLU O 471 28.70 9.69 23.20
N PHE O 472 28.60 8.43 22.74
CA PHE O 472 27.33 7.90 22.23
C PHE O 472 26.30 7.83 23.35
N ILE O 473 26.84 7.71 24.55
CA ILE O 473 26.05 7.57 25.74
C ILE O 473 25.78 8.95 26.36
N GLN O 474 26.76 9.85 26.29
CA GLN O 474 26.51 11.24 26.62
C GLN O 474 25.28 11.76 25.86
N ASP O 475 25.19 11.41 24.57
CA ASP O 475 24.08 11.87 23.74
C ASP O 475 22.74 11.46 24.29
N ARG O 476 22.64 10.22 24.76
CA ARG O 476 21.39 9.72 25.33
C ARG O 476 21.01 10.46 26.63
N VAL O 477 22.04 10.90 27.36
CA VAL O 477 21.82 11.65 28.59
C VAL O 477 21.19 13.03 28.35
N TYR O 478 21.61 13.70 27.28
CA TYR O 478 21.02 15.01 26.96
C TYR O 478 19.56 14.84 26.64
N GLU O 479 19.24 13.80 25.86
CA GLU O 479 17.86 13.49 25.47
C GLU O 479 17.03 13.26 26.69
N TYR O 480 17.66 12.60 27.67
CA TYR O 480 17.00 12.13 28.89
C TYR O 480 16.53 13.33 29.75
N PHE O 481 17.49 14.20 30.12
CA PHE O 481 17.16 15.42 30.87
C PHE O 481 16.25 16.33 30.10
N SER O 482 16.42 16.36 28.78
CA SER O 482 15.56 17.16 27.91
C SER O 482 14.09 16.66 27.88
N LYS O 483 13.84 15.49 28.46
CA LYS O 483 12.49 15.00 28.59
C LYS O 483 11.74 15.74 29.69
N ALA O 484 12.47 16.39 30.59
CA ALA O 484 11.83 17.18 31.64
C ALA O 484 11.62 18.59 31.16
N GLU O 485 12.72 19.19 30.70
CA GLU O 485 12.72 20.50 30.10
C GLU O 485 13.81 20.49 29.04
N PRO O 486 13.44 20.80 27.79
CA PRO O 486 14.45 20.78 26.72
C PRO O 486 15.78 21.52 27.00
N ILE O 487 15.73 22.66 27.67
CA ILE O 487 16.93 23.45 27.88
C ILE O 487 18.00 22.65 28.59
N ILE O 488 17.57 21.64 29.34
CA ILE O 488 18.48 20.96 30.26
C ILE O 488 19.49 20.10 29.53
N GLY O 489 19.05 19.36 28.51
CA GLY O 489 20.01 18.65 27.68
C GLY O 489 21.05 19.61 27.13
N ASP O 490 20.53 20.68 26.51
CA ASP O 490 21.37 21.62 25.79
C ASP O 490 22.37 22.25 26.72
N LEU O 491 21.92 22.61 27.94
CA LEU O 491 22.78 23.21 28.95
C LEU O 491 23.82 22.26 29.47
N ILE O 492 23.45 20.97 29.50
CA ILE O 492 24.39 19.94 29.90
C ILE O 492 25.37 19.67 28.76
N ARG O 493 24.86 19.51 27.54
CA ARG O 493 25.75 19.35 26.40
C ARG O 493 26.71 20.53 26.29
N LYS O 494 26.19 21.75 26.46
CA LYS O 494 27.02 22.95 26.38
C LYS O 494 28.18 22.88 27.37
N LYS O 495 27.88 22.64 28.65
CA LYS O 495 28.87 22.61 29.73
C LYS O 495 29.78 21.40 29.66
N VAL O 496 29.34 20.31 29.06
CA VAL O 496 30.20 19.14 28.90
C VAL O 496 31.26 19.42 27.85
N GLN O 497 30.85 20.15 26.82
CA GLN O 497 31.72 20.50 25.72
C GLN O 497 32.73 21.57 26.13
N GLU O 498 32.29 22.50 26.98
CA GLU O 498 33.19 23.48 27.57
C GLU O 498 34.10 22.86 28.64
N LEU O 499 33.74 21.70 29.17
CA LEU O 499 34.61 21.02 30.12
C LEU O 499 35.66 20.23 29.35
N LYS O 500 35.21 19.56 28.27
CA LYS O 500 36.12 18.87 27.34
C LYS O 500 37.18 19.84 26.82
N ARG O 501 36.74 21.05 26.49
CA ARG O 501 37.59 22.17 26.01
C ARG O 501 38.97 22.29 26.70
N LYS O 502 39.04 22.06 28.02
CA LYS O 502 40.33 22.16 28.74
C LYS O 502 41.14 20.82 28.75
N ALA O 503 42.11 20.72 27.83
CA ALA O 503 42.90 19.51 27.61
N PRO P 6 -1.32 -15.83 81.58
CA PRO P 6 -1.36 -16.52 80.28
C PRO P 6 -0.63 -15.66 79.21
N PRO P 7 0.16 -16.29 78.34
CA PRO P 7 0.94 -15.56 77.31
C PRO P 7 0.14 -15.14 76.07
N VAL P 8 0.65 -14.14 75.34
CA VAL P 8 0.05 -13.67 74.09
C VAL P 8 0.93 -14.07 72.93
N PHE P 9 0.32 -14.78 71.97
CA PHE P 9 1.01 -15.33 70.82
C PHE P 9 1.42 -14.22 69.84
N THR P 10 2.70 -14.15 69.52
CA THR P 10 3.23 -13.04 68.73
C THR P 10 4.06 -13.48 67.54
N THR P 11 4.44 -12.54 66.66
CA THR P 11 5.53 -12.79 65.71
C THR P 11 6.89 -12.82 66.43
N SER P 12 7.96 -13.15 65.71
CA SER P 12 9.33 -13.05 66.23
C SER P 12 9.65 -11.63 66.69
N GLN P 13 8.96 -10.65 66.11
CA GLN P 13 9.16 -9.24 66.39
C GLN P 13 8.21 -8.63 67.43
N GLY P 14 7.31 -9.46 67.97
CA GLY P 14 6.47 -9.10 69.10
C GLY P 14 5.06 -8.60 68.78
N CYS P 15 4.77 -8.44 67.50
CA CYS P 15 3.46 -8.04 67.07
C CYS P 15 2.50 -9.17 67.38
N PRO P 16 1.36 -8.88 68.05
CA PRO P 16 0.37 -9.88 68.46
C PRO P 16 -0.32 -10.47 67.25
N VAL P 17 -0.72 -11.72 67.38
CA VAL P 17 -1.38 -12.50 66.31
C VAL P 17 -2.79 -12.93 66.77
N SER P 18 -3.78 -12.75 65.90
CA SER P 18 -5.16 -13.09 66.29
C SER P 18 -5.56 -14.54 66.00
N ASP P 19 -5.01 -15.13 64.94
CA ASP P 19 -5.30 -16.51 64.57
C ASP P 19 -4.00 -17.17 64.08
N PRO P 20 -3.59 -18.29 64.69
CA PRO P 20 -2.37 -18.98 64.31
C PRO P 20 -2.41 -19.72 62.99
N PHE P 21 -3.60 -19.87 62.39
CA PHE P 21 -3.75 -20.73 61.24
C PHE P 21 -4.12 -20.06 59.92
N THR P 22 -4.52 -18.79 59.93
CA THR P 22 -5.01 -18.16 58.71
C THR P 22 -3.90 -17.67 57.81
N THR P 23 -4.15 -17.65 56.51
CA THR P 23 -3.23 -17.03 55.58
C THR P 23 -4.01 -16.18 54.61
N GLN P 24 -3.38 -15.14 54.09
CA GLN P 24 -4.02 -14.12 53.26
C GLN P 24 -4.13 -14.57 51.82
N ARG P 25 -5.30 -14.37 51.22
CA ARG P 25 -5.47 -14.62 49.80
C ARG P 25 -6.50 -13.67 49.21
N ILE P 26 -6.47 -13.48 47.89
CA ILE P 26 -7.58 -12.83 47.20
C ILE P 26 -8.32 -13.95 46.52
N PRO P 27 -9.62 -14.11 46.82
CA PRO P 27 -10.31 -15.34 46.42
C PRO P 27 -10.76 -15.34 44.97
N LEU P 28 -10.90 -16.54 44.41
CA LEU P 28 -11.49 -16.71 43.09
C LEU P 28 -12.96 -16.33 43.17
N ASP P 29 -13.43 -15.74 42.07
CA ASP P 29 -14.85 -15.53 41.85
C ASP P 29 -15.60 -16.86 41.98
N SER P 30 -16.69 -16.81 42.76
CA SER P 30 -17.45 -18.00 43.18
C SER P 30 -18.79 -18.27 42.45
N THR P 31 -19.16 -17.41 41.49
CA THR P 31 -20.34 -17.66 40.64
C THR P 31 -20.24 -18.97 39.84
N GLY P 32 -21.20 -19.86 40.07
CA GLY P 32 -21.25 -21.15 39.36
C GLY P 32 -20.74 -22.36 40.13
N TYR P 33 -19.98 -22.15 41.20
CA TYR P 33 -19.45 -23.27 41.96
C TYR P 33 -20.51 -23.87 42.90
N LYS P 34 -20.56 -25.20 43.00
CA LYS P 34 -21.42 -25.85 43.99
C LYS P 34 -20.74 -25.72 45.36
N TYR P 35 -19.41 -25.88 45.38
CA TYR P 35 -18.61 -25.70 46.61
C TYR P 35 -17.60 -24.57 46.44
N ALA P 36 -17.74 -23.50 47.23
CA ALA P 36 -16.99 -22.27 46.99
C ALA P 36 -16.24 -21.72 48.19
N PRO P 37 -15.16 -22.40 48.61
CA PRO P 37 -14.37 -21.78 49.64
C PRO P 37 -13.52 -20.64 49.06
N PRO P 38 -13.14 -19.64 49.88
CA PRO P 38 -12.31 -18.55 49.35
C PRO P 38 -10.82 -18.92 49.16
N ILE P 39 -10.49 -19.41 47.96
CA ILE P 39 -9.14 -19.81 47.59
C ILE P 39 -8.53 -18.83 46.58
N GLY P 40 -7.24 -18.57 46.77
CA GLY P 40 -6.47 -17.72 45.86
C GLY P 40 -4.98 -17.85 46.11
N PRO P 41 -4.17 -17.22 45.24
CA PRO P 41 -2.75 -17.29 45.43
C PRO P 41 -2.36 -16.65 46.76
N LEU P 42 -1.34 -17.21 47.39
CA LEU P 42 -0.77 -16.64 48.60
C LEU P 42 0.01 -15.36 48.29
N LEU P 43 0.01 -14.43 49.24
CA LEU P 43 0.66 -13.11 49.05
C LEU P 43 2.02 -12.92 49.74
N LEU P 44 2.91 -12.18 49.09
CA LEU P 44 4.20 -11.80 49.72
C LEU P 44 4.06 -11.09 51.05
N GLN P 45 3.01 -10.28 51.18
CA GLN P 45 2.79 -9.46 52.37
C GLN P 45 2.28 -10.22 53.60
N ASP P 46 2.09 -11.53 53.46
CA ASP P 46 1.63 -12.36 54.58
C ASP P 46 2.76 -12.64 55.57
N PHE P 47 3.07 -11.64 56.41
CA PHE P 47 4.27 -11.71 57.21
C PHE P 47 4.26 -12.94 58.10
N LYS P 48 3.09 -13.22 58.68
CA LYS P 48 3.01 -14.32 59.61
C LYS P 48 3.37 -15.62 58.92
N LEU P 49 2.98 -15.74 57.65
CA LEU P 49 3.30 -16.91 56.83
C LEU P 49 4.80 -17.09 56.58
N ILE P 50 5.42 -16.03 56.04
CA ILE P 50 6.85 -16.04 55.69
C ILE P 50 7.71 -16.14 56.94
N ASP P 51 7.35 -15.37 57.95
CA ASP P 51 8.12 -15.43 59.18
C ASP P 51 8.17 -16.84 59.80
N THR P 52 7.00 -17.53 59.90
CA THR P 52 7.05 -18.86 60.52
C THR P 52 7.59 -19.94 59.60
N LEU P 53 7.36 -19.84 58.30
CA LEU P 53 7.92 -20.84 57.37
C LEU P 53 9.43 -20.70 57.28
N SER P 54 9.91 -19.48 57.11
CA SER P 54 11.35 -19.34 56.89
C SER P 54 12.11 -19.79 58.12
N HIS P 55 11.53 -19.59 59.30
CA HIS P 55 12.19 -20.09 60.49
C HIS P 55 12.18 -21.62 60.50
N PHE P 56 11.02 -22.21 60.19
CA PHE P 56 10.91 -23.65 60.09
C PHE P 56 12.00 -24.18 59.16
N ASP P 57 12.16 -23.50 58.01
CA ASP P 57 13.15 -23.88 57.03
C ASP P 57 14.56 -23.90 57.63
N ARG P 58 14.76 -23.20 58.75
CA ARG P 58 16.11 -23.10 59.29
C ARG P 58 16.38 -23.79 60.65
N GLU P 59 15.48 -24.68 61.06
CA GLU P 59 15.63 -25.30 62.37
C GLU P 59 16.90 -26.13 62.54
N ARG P 60 17.48 -26.65 61.47
CA ARG P 60 18.51 -27.69 61.65
C ARG P 60 19.91 -27.14 61.57
N ILE P 61 20.77 -27.62 62.47
CA ILE P 61 22.23 -27.36 62.37
C ILE P 61 23.00 -28.67 62.15
N PRO P 62 24.29 -28.61 61.84
CA PRO P 62 24.89 -29.92 61.61
C PRO P 62 24.99 -30.76 62.88
N GLU P 63 24.80 -32.07 62.73
CA GLU P 63 25.10 -32.94 63.87
C GLU P 63 26.63 -33.06 64.07
N ARG P 64 27.05 -33.37 65.29
CA ARG P 64 28.47 -33.59 65.58
C ARG P 64 29.08 -34.64 64.62
N VAL P 65 30.31 -34.43 64.13
CA VAL P 65 30.87 -35.44 63.19
C VAL P 65 30.83 -36.83 63.82
N VAL P 66 31.07 -36.86 65.14
CA VAL P 66 31.04 -38.08 65.93
C VAL P 66 30.30 -37.82 67.25
N HIS P 67 29.84 -38.88 67.91
CA HIS P 67 28.97 -38.78 69.08
C HIS P 67 27.68 -37.95 68.83
N ALA P 68 27.08 -38.17 67.67
CA ALA P 68 25.95 -37.32 67.27
C ALA P 68 24.72 -37.57 68.17
N LYS P 69 24.55 -38.83 68.54
CA LYS P 69 23.35 -39.28 69.26
C LYS P 69 23.65 -39.26 70.76
N GLY P 70 22.89 -38.47 71.53
CA GLY P 70 23.19 -38.33 72.96
C GLY P 70 22.11 -37.80 73.87
N ALA P 71 22.38 -37.84 75.17
CA ALA P 71 21.48 -37.33 76.21
C ALA P 71 22.25 -36.56 77.31
N GLY P 72 21.61 -35.56 77.92
CA GLY P 72 22.33 -34.74 78.90
C GLY P 72 21.55 -34.41 80.14
N ALA P 73 22.27 -34.00 81.20
CA ALA P 73 21.68 -33.57 82.46
C ALA P 73 22.60 -32.71 83.26
N TYR P 74 22.02 -31.89 84.12
CA TYR P 74 22.77 -31.08 85.04
C TYR P 74 22.93 -31.85 86.34
N GLY P 75 24.05 -31.60 87.02
CA GLY P 75 24.27 -32.18 88.32
C GLY P 75 25.12 -31.31 89.22
N VAL P 76 25.64 -31.93 90.26
CA VAL P 76 26.49 -31.25 91.21
C VAL P 76 27.71 -32.15 91.42
N PHE P 77 28.88 -31.53 91.42
CA PHE P 77 30.10 -32.22 91.86
C PHE P 77 30.53 -31.74 93.27
N GLU P 78 30.98 -32.68 94.10
CA GLU P 78 31.48 -32.40 95.46
C GLU P 78 32.90 -32.92 95.66
N VAL P 79 33.75 -32.08 96.29
CA VAL P 79 35.09 -32.49 96.71
C VAL P 79 34.95 -33.18 98.05
N THR P 80 35.44 -34.42 98.13
CA THR P 80 35.22 -35.20 99.35
C THR P 80 36.48 -35.51 100.14
N ASP P 81 37.64 -35.28 99.54
CA ASP P 81 38.92 -35.50 100.20
C ASP P 81 39.85 -34.37 99.84
N ASP P 82 40.90 -34.20 100.62
CA ASP P 82 41.87 -33.17 100.27
C ASP P 82 42.92 -33.72 99.29
N ILE P 83 42.92 -33.15 98.08
CA ILE P 83 43.95 -33.47 97.08
C ILE P 83 44.78 -32.26 96.63
N THR P 84 44.78 -31.20 97.43
CA THR P 84 45.59 -30.02 97.14
C THR P 84 47.11 -30.28 97.07
N ASP P 85 47.57 -31.43 97.58
CA ASP P 85 48.98 -31.80 97.45
C ASP P 85 49.31 -32.25 96.02
N VAL P 86 48.28 -32.69 95.30
CA VAL P 86 48.41 -33.07 93.88
C VAL P 86 47.97 -31.94 92.92
N CYS P 87 46.89 -31.23 93.24
CA CYS P 87 46.25 -30.33 92.28
C CYS P 87 45.75 -28.99 92.85
N SER P 88 46.23 -27.88 92.29
CA SER P 88 45.90 -26.52 92.80
C SER P 88 44.57 -25.90 92.35
N ALA P 89 43.76 -26.67 91.60
CA ALA P 89 42.56 -26.12 90.99
C ALA P 89 41.56 -25.63 92.04
N LYS P 90 41.02 -24.44 91.79
CA LYS P 90 40.09 -23.80 92.71
C LYS P 90 38.88 -24.63 93.05
N PHE P 91 38.39 -25.40 92.09
CA PHE P 91 37.15 -26.15 92.36
C PHE P 91 37.39 -27.38 93.25
N LEU P 92 38.67 -27.70 93.47
CA LEU P 92 39.08 -28.74 94.43
C LEU P 92 39.69 -28.15 95.73
N ASP P 93 39.83 -26.81 95.77
CA ASP P 93 40.17 -25.97 96.96
C ASP P 93 40.10 -26.57 98.35
N THR P 94 38.87 -26.84 98.80
CA THR P 94 38.62 -27.17 100.19
C THR P 94 37.56 -28.28 100.20
N VAL P 95 37.57 -29.12 101.23
CA VAL P 95 36.60 -30.22 101.32
C VAL P 95 35.17 -29.68 101.42
N GLY P 96 34.23 -30.37 100.78
CA GLY P 96 32.81 -29.98 100.78
C GLY P 96 32.32 -29.02 99.67
N LYS P 97 33.26 -28.52 98.85
CA LYS P 97 32.98 -27.52 97.80
C LYS P 97 32.18 -28.09 96.59
N LYS P 98 31.05 -27.43 96.30
CA LYS P 98 30.13 -27.87 95.22
C LYS P 98 30.22 -27.06 93.94
N THR P 99 30.29 -27.78 92.82
CA THR P 99 30.42 -27.15 91.52
C THR P 99 29.32 -27.70 90.61
N ARG P 100 28.57 -26.78 89.98
CA ARG P 100 27.53 -27.18 89.02
C ARG P 100 28.18 -27.78 87.75
N ILE P 101 27.59 -28.86 87.22
CA ILE P 101 28.10 -29.49 86.00
C ILE P 101 27.01 -29.78 85.01
N PHE P 102 27.43 -30.03 83.78
CA PHE P 102 26.56 -30.66 82.81
C PHE P 102 27.24 -31.83 82.11
N THR P 103 26.53 -32.93 82.02
CA THR P 103 27.12 -34.11 81.45
C THR P 103 26.33 -34.52 80.24
N ARG P 104 27.05 -34.87 79.17
CA ARG P 104 26.41 -35.41 77.95
C ARG P 104 26.93 -36.82 77.62
N PHE P 105 26.01 -37.76 77.55
CA PHE P 105 26.36 -39.12 77.20
C PHE P 105 26.02 -39.33 75.73
N SER P 106 26.77 -40.21 75.07
CA SER P 106 26.66 -40.41 73.62
C SER P 106 27.12 -41.78 73.21
N THR P 107 26.69 -42.22 72.03
CA THR P 107 27.36 -43.31 71.29
C THR P 107 28.38 -42.66 70.37
N VAL P 108 29.10 -43.41 69.55
CA VAL P 108 30.13 -42.78 68.71
C VAL P 108 29.75 -42.61 67.23
N GLY P 109 29.50 -43.72 66.53
CA GLY P 109 29.42 -43.69 65.08
C GLY P 109 28.04 -43.40 64.54
N GLY P 110 27.04 -43.74 65.35
CA GLY P 110 25.64 -43.52 64.97
C GLY P 110 25.26 -42.05 64.81
N GLU P 111 24.47 -41.79 63.76
CA GLU P 111 23.94 -40.47 63.48
C GLU P 111 22.71 -40.27 64.33
N LYS P 112 22.09 -39.13 64.14
CA LYS P 112 21.11 -38.58 65.06
C LYS P 112 19.82 -39.41 65.29
N GLY P 113 19.39 -40.19 64.30
CA GLY P 113 18.20 -41.01 64.46
C GLY P 113 18.48 -42.44 64.87
N SER P 114 19.76 -42.77 65.00
CA SER P 114 20.21 -44.14 65.25
C SER P 114 19.93 -44.59 66.68
N ALA P 115 20.19 -45.87 66.94
CA ALA P 115 19.79 -46.53 68.19
C ALA P 115 20.74 -46.34 69.40
N ASP P 116 20.16 -46.05 70.56
CA ASP P 116 20.93 -45.88 71.78
C ASP P 116 21.75 -47.13 72.10
N THR P 117 21.17 -48.30 71.79
CA THR P 117 21.77 -49.56 72.21
C THR P 117 22.66 -50.22 71.16
N ALA P 118 23.03 -49.45 70.14
CA ALA P 118 23.99 -49.90 69.14
C ALA P 118 25.29 -50.22 69.86
N ARG P 119 26.08 -51.12 69.29
CA ARG P 119 27.40 -51.43 69.82
C ARG P 119 28.38 -50.28 69.48
N ASP P 120 28.97 -49.70 70.52
CA ASP P 120 29.92 -48.60 70.37
C ASP P 120 30.58 -48.35 71.72
N PRO P 121 31.67 -47.55 71.76
CA PRO P 121 32.07 -46.95 73.05
C PRO P 121 30.96 -46.01 73.44
N ARG P 122 31.00 -45.45 74.63
CA ARG P 122 30.04 -44.40 74.94
C ARG P 122 30.82 -43.21 75.38
N GLY P 123 30.37 -42.01 74.98
CA GLY P 123 31.00 -40.75 75.38
C GLY P 123 30.44 -40.34 76.71
N PHE P 124 31.28 -39.70 77.51
CA PHE P 124 30.94 -39.34 78.88
C PHE P 124 31.59 -37.96 79.14
N ALA P 125 30.94 -36.91 78.64
CA ALA P 125 31.54 -35.58 78.70
C ALA P 125 30.89 -34.67 79.74
N THR P 126 31.74 -34.01 80.53
CA THR P 126 31.29 -33.24 81.69
C THR P 126 31.87 -31.81 81.66
N LYS P 127 31.00 -30.82 81.78
CA LYS P 127 31.42 -29.44 81.86
C LYS P 127 31.30 -29.00 83.31
N PHE P 128 32.40 -28.48 83.86
CA PHE P 128 32.46 -27.92 85.21
C PHE P 128 32.55 -26.40 85.16
N TYR P 129 31.58 -25.72 85.74
CA TYR P 129 31.59 -24.26 85.82
C TYR P 129 32.33 -23.82 87.06
N THR P 130 33.64 -23.57 86.96
CA THR P 130 34.41 -23.22 88.17
C THR P 130 34.64 -21.72 88.29
N GLU P 131 35.26 -21.29 89.40
CA GLU P 131 35.58 -19.85 89.60
C GLU P 131 36.75 -19.39 88.68
N ASP P 132 37.38 -20.39 88.07
CA ASP P 132 38.53 -20.18 87.23
C ASP P 132 38.25 -20.48 85.77
N GLY P 133 36.98 -20.59 85.41
CA GLY P 133 36.60 -20.95 84.04
C GLY P 133 35.92 -22.32 83.86
N ASN P 134 35.47 -22.60 82.64
CA ASN P 134 34.85 -23.89 82.35
C ASN P 134 35.86 -25.00 82.11
N LEU P 135 35.69 -26.10 82.82
CA LEU P 135 36.59 -27.23 82.66
C LEU P 135 35.79 -28.34 82.02
N ASP P 136 36.26 -28.82 80.87
CA ASP P 136 35.60 -29.94 80.19
C ASP P 136 36.41 -31.24 80.39
N LEU P 137 35.78 -32.22 81.02
CA LEU P 137 36.42 -33.52 81.13
C LEU P 137 35.75 -34.42 80.10
N VAL P 138 36.37 -34.46 78.92
CA VAL P 138 35.79 -35.15 77.78
C VAL P 138 36.30 -36.57 77.74
N TYR P 139 35.53 -37.44 78.43
CA TYR P 139 35.89 -38.82 78.67
C TYR P 139 35.10 -39.84 77.82
N ASN P 140 35.67 -41.04 77.70
CA ASN P 140 34.93 -42.23 77.25
C ASN P 140 34.61 -43.22 78.40
N ASN P 141 33.76 -44.22 78.11
CA ASN P 141 33.39 -45.30 79.05
C ASN P 141 34.39 -46.47 78.99
N THR P 142 35.52 -46.22 78.35
CA THR P 142 36.60 -47.17 78.33
C THR P 142 37.88 -46.40 78.68
N PRO P 143 38.84 -47.05 79.36
CA PRO P 143 40.09 -46.40 79.75
C PRO P 143 41.12 -46.38 78.60
N ILE P 144 40.77 -47.00 77.48
CA ILE P 144 41.62 -46.95 76.29
C ILE P 144 40.85 -46.59 75.02
N PHE P 145 41.54 -46.64 73.88
CA PHE P 145 40.92 -46.33 72.61
C PHE P 145 41.58 -47.02 71.41
N PHE P 146 40.96 -46.89 70.24
CA PHE P 146 41.37 -47.60 69.05
C PHE P 146 42.67 -47.09 68.48
N ILE P 147 43.08 -45.88 68.84
CA ILE P 147 44.22 -45.30 68.15
C ILE P 147 45.20 -44.55 69.06
N ARG P 148 46.45 -44.44 68.61
CA ARG P 148 47.48 -43.68 69.35
C ARG P 148 48.30 -42.75 68.43
N ASP P 149 47.92 -42.73 67.16
CA ASP P 149 48.41 -41.74 66.22
C ASP P 149 47.21 -40.84 65.85
N PRO P 150 47.36 -39.53 66.06
CA PRO P 150 46.19 -38.64 65.99
C PRO P 150 45.57 -38.60 64.60
N ILE P 151 46.41 -38.55 63.58
CA ILE P 151 45.86 -38.31 62.24
C ILE P 151 45.11 -39.53 61.69
N LYS P 152 45.20 -40.64 62.40
CA LYS P 152 44.46 -41.84 61.97
C LYS P 152 42.98 -41.72 62.25
N PHE P 153 42.60 -40.79 63.11
CA PHE P 153 41.23 -40.71 63.58
C PHE P 153 40.19 -40.68 62.43
N PRO P 154 40.38 -39.79 61.43
CA PRO P 154 39.34 -39.73 60.38
C PRO P 154 39.26 -41.05 59.60
N HIS P 155 40.42 -41.69 59.41
CA HIS P 155 40.48 -42.96 58.70
C HIS P 155 39.63 -43.91 59.54
N PHE P 156 40.01 -44.06 60.80
CA PHE P 156 39.28 -44.92 61.67
C PHE P 156 37.77 -44.61 61.60
N ILE P 157 37.39 -43.36 61.90
CA ILE P 157 35.97 -43.03 62.00
C ILE P 157 35.22 -43.30 60.70
N HIS P 158 35.86 -42.98 59.57
CA HIS P 158 35.27 -43.24 58.25
C HIS P 158 34.85 -44.72 58.03
N THR P 159 35.80 -45.63 58.23
CA THR P 159 35.52 -47.07 58.19
C THR P 159 34.50 -47.52 59.24
N GLN P 160 34.29 -46.73 60.31
CA GLN P 160 33.26 -47.07 61.31
C GLN P 160 31.88 -46.68 60.82
N LYS P 161 31.82 -45.90 59.74
CA LYS P 161 30.56 -45.32 59.33
C LYS P 161 30.06 -45.94 58.04
N ARG P 162 29.74 -45.08 57.05
CA ARG P 162 29.07 -45.55 55.83
C ARG P 162 29.91 -45.50 54.56
N ASN P 163 29.61 -46.37 53.63
CA ASN P 163 30.31 -46.40 52.36
C ASN P 163 30.06 -45.16 51.48
N PRO P 164 31.13 -44.55 50.96
CA PRO P 164 30.99 -43.34 50.16
C PRO P 164 29.98 -43.46 49.03
N ALA P 165 29.79 -44.65 48.48
CA ALA P 165 28.85 -44.80 47.35
C ALA P 165 27.48 -45.28 47.83
N THR P 166 27.45 -46.35 48.62
CA THR P 166 26.15 -46.95 49.01
C THR P 166 25.43 -46.22 50.14
N ASN P 167 26.21 -45.58 51.02
CA ASN P 167 25.70 -45.08 52.29
C ASN P 167 25.27 -46.19 53.25
N LEU P 168 25.71 -47.42 52.97
CA LEU P 168 25.53 -48.55 53.91
C LEU P 168 26.76 -48.77 54.79
N LYS P 169 26.57 -49.40 55.95
CA LYS P 169 27.73 -49.80 56.73
C LYS P 169 28.45 -50.90 55.94
N ASP P 170 29.78 -50.93 56.03
CA ASP P 170 30.55 -51.89 55.25
C ASP P 170 31.47 -52.64 56.19
N PRO P 171 31.14 -53.92 56.47
CA PRO P 171 31.96 -54.73 57.38
C PRO P 171 33.36 -54.92 56.81
N ASN P 172 33.50 -54.79 55.48
CA ASN P 172 34.81 -54.90 54.84
C ASN P 172 35.74 -53.80 55.30
N MET P 173 35.37 -52.54 55.03
CA MET P 173 36.06 -51.37 55.62
C MET P 173 36.37 -51.62 57.09
N PHE P 174 35.29 -51.88 57.84
CA PHE P 174 35.34 -51.94 59.28
C PHE P 174 36.60 -52.71 59.72
N TRP P 175 36.71 -53.94 59.21
CA TRP P 175 37.75 -54.89 59.63
C TRP P 175 39.04 -54.69 58.87
N ASP P 176 38.94 -54.21 57.63
CA ASP P 176 40.11 -53.88 56.83
C ASP P 176 40.98 -52.84 57.56
N TYR P 177 40.34 -51.83 58.18
CA TYR P 177 41.09 -50.82 58.92
C TYR P 177 41.68 -51.42 60.21
N LEU P 178 40.80 -51.91 61.08
CA LEU P 178 41.24 -52.42 62.39
C LEU P 178 42.38 -53.46 62.32
N THR P 179 42.27 -54.44 61.43
CA THR P 179 43.30 -55.48 61.27
C THR P 179 44.61 -54.93 60.71
N ALA P 180 44.52 -53.93 59.84
CA ALA P 180 45.73 -53.28 59.31
C ALA P 180 46.45 -52.45 60.37
N ASN P 181 45.74 -52.15 61.46
CA ASN P 181 46.29 -51.31 62.52
C ASN P 181 46.22 -51.96 63.92
N ASP P 182 47.22 -52.80 64.20
CA ASP P 182 47.29 -53.69 65.36
C ASP P 182 46.87 -53.12 66.67
N GLU P 183 47.20 -51.85 66.85
CA GLU P 183 47.12 -51.25 68.16
C GLU P 183 45.66 -51.11 68.60
N SER P 184 44.76 -51.26 67.64
CA SER P 184 43.34 -51.22 67.90
C SER P 184 42.82 -52.44 68.72
N LEU P 185 43.62 -53.49 68.74
CA LEU P 185 43.17 -54.78 69.25
C LEU P 185 42.60 -54.69 70.67
N HIS P 186 43.32 -53.96 71.54
CA HIS P 186 42.91 -53.82 72.94
C HIS P 186 41.47 -53.27 73.07
N GLN P 187 41.23 -52.14 72.42
CA GLN P 187 39.93 -51.50 72.46
C GLN P 187 38.87 -52.33 71.76
N VAL P 188 39.24 -52.97 70.64
CA VAL P 188 38.26 -53.74 69.89
C VAL P 188 37.75 -54.90 70.73
N MET P 189 38.63 -55.45 71.57
CA MET P 189 38.25 -56.51 72.49
C MET P 189 37.23 -56.03 73.50
N TYR P 190 37.38 -54.79 73.99
CA TYR P 190 36.33 -54.16 74.79
C TYR P 190 35.02 -54.00 74.00
N LEU P 191 35.14 -53.40 72.83
CA LEU P 191 34.01 -53.10 71.98
C LEU P 191 33.21 -54.37 71.67
N PHE P 192 33.89 -55.50 71.54
CA PHE P 192 33.16 -56.72 71.21
C PHE P 192 32.85 -57.65 72.40
N SER P 193 33.43 -57.32 73.55
CA SER P 193 32.97 -57.87 74.81
C SER P 193 31.57 -57.32 75.01
N ASN P 194 30.88 -57.78 76.06
CA ASN P 194 29.56 -57.24 76.33
C ASN P 194 29.60 -55.79 76.81
N ARG P 195 30.81 -55.31 77.11
CA ARG P 195 31.00 -53.89 77.47
C ARG P 195 30.70 -52.92 76.31
N GLY P 196 30.82 -53.41 75.08
CA GLY P 196 30.33 -52.66 73.93
C GLY P 196 28.85 -52.37 73.91
N THR P 197 28.11 -52.87 74.91
CA THR P 197 26.67 -52.73 74.89
C THR P 197 26.06 -52.45 76.28
N PRO P 198 26.19 -51.20 76.78
CA PRO P 198 25.72 -50.92 78.11
C PRO P 198 24.21 -50.98 78.17
N ALA P 199 23.67 -51.32 79.33
CA ALA P 199 22.25 -51.33 79.59
C ALA P 199 21.68 -49.90 79.57
N SER P 200 22.37 -48.99 80.26
CA SER P 200 21.96 -47.60 80.34
C SER P 200 23.21 -46.73 80.54
N TYR P 201 23.05 -45.40 80.54
CA TYR P 201 24.20 -44.55 80.81
C TYR P 201 24.46 -44.52 82.29
N ARG P 202 23.45 -44.87 83.08
CA ARG P 202 23.55 -44.85 84.53
C ARG P 202 24.45 -45.95 85.06
N THR P 203 24.66 -46.98 84.23
CA THR P 203 25.43 -48.15 84.64
C THR P 203 26.75 -48.32 83.86
N MET P 204 27.50 -47.23 83.71
CA MET P 204 28.81 -47.31 83.05
C MET P 204 29.79 -46.39 83.75
N ASN P 205 31.06 -46.67 83.51
CA ASN P 205 32.10 -45.87 84.08
C ASN P 205 32.63 -44.81 83.11
N GLY P 206 33.27 -43.76 83.65
CA GLY P 206 33.96 -42.78 82.85
C GLY P 206 35.44 -42.87 83.13
N TYR P 207 36.26 -42.77 82.08
CA TYR P 207 37.71 -42.81 82.22
C TYR P 207 38.32 -41.69 81.37
N SER P 208 39.30 -40.99 81.94
CA SER P 208 39.99 -39.95 81.20
C SER P 208 40.65 -40.51 79.95
N GLY P 209 40.94 -41.82 79.95
CA GLY P 209 41.64 -42.45 78.83
C GLY P 209 43.08 -41.96 78.78
N HIS P 210 43.28 -40.71 78.36
CA HIS P 210 44.62 -40.12 78.28
C HIS P 210 45.20 -39.91 79.66
N THR P 211 46.47 -39.58 79.71
CA THR P 211 47.08 -39.10 80.94
C THR P 211 47.12 -37.59 80.91
N TYR P 212 46.74 -36.97 82.01
CA TYR P 212 46.84 -35.53 82.11
C TYR P 212 47.96 -35.21 83.08
N LYS P 213 48.23 -33.92 83.27
CA LYS P 213 49.19 -33.46 84.25
C LYS P 213 48.55 -32.52 85.23
N TRP P 214 48.56 -32.88 86.50
CA TRP P 214 48.04 -31.98 87.53
C TRP P 214 49.20 -31.33 88.33
N TYR P 215 49.00 -30.07 88.73
CA TYR P 215 50.00 -29.28 89.43
C TYR P 215 49.45 -28.89 90.81
N ASN P 216 50.28 -28.96 91.86
CA ASN P 216 49.92 -28.42 93.15
C ASN P 216 50.47 -27.00 93.28
N SER P 217 50.11 -26.31 94.36
CA SER P 217 50.42 -24.89 94.48
C SER P 217 51.91 -24.56 94.53
N LYS P 218 52.75 -25.57 94.77
CA LYS P 218 54.19 -25.35 94.79
C LYS P 218 54.72 -25.47 93.38
N GLY P 219 53.92 -26.02 92.47
CA GLY P 219 54.33 -26.18 91.09
C GLY P 219 54.84 -27.58 90.83
N GLU P 220 54.66 -28.45 91.82
CA GLU P 220 54.96 -29.87 91.66
C GLU P 220 53.82 -30.54 90.93
N TRP P 221 54.20 -31.32 89.92
CA TRP P 221 53.24 -31.96 89.07
C TRP P 221 53.42 -33.44 89.05
N VAL P 222 52.40 -34.11 88.55
CA VAL P 222 52.36 -35.54 88.53
C VAL P 222 51.46 -35.92 87.36
N TYR P 223 51.72 -37.06 86.74
CA TYR P 223 50.85 -37.58 85.70
C TYR P 223 49.63 -38.16 86.39
N VAL P 224 48.45 -37.96 85.79
CA VAL P 224 47.18 -38.53 86.34
C VAL P 224 46.35 -39.33 85.35
N GLN P 225 45.45 -40.15 85.92
CA GLN P 225 44.43 -40.88 85.16
C GLN P 225 43.17 -40.86 86.02
N VAL P 226 42.06 -40.45 85.43
CA VAL P 226 40.87 -40.13 86.22
C VAL P 226 39.89 -41.26 86.02
N HIS P 227 39.27 -41.69 87.12
CA HIS P 227 38.24 -42.71 87.08
C HIS P 227 36.95 -42.23 87.71
N PHE P 228 35.85 -42.42 86.97
CA PHE P 228 34.51 -42.14 87.46
C PHE P 228 33.79 -43.48 87.53
N ILE P 229 33.46 -43.92 88.74
CA ILE P 229 32.83 -45.23 88.91
C ILE P 229 31.37 -45.13 89.34
N ALA P 230 30.52 -45.77 88.55
CA ALA P 230 29.07 -45.74 88.74
C ALA P 230 28.64 -46.37 90.06
N ASN P 231 28.00 -45.61 90.95
CA ASN P 231 27.37 -46.18 92.14
C ASN P 231 26.21 -47.12 91.81
N GLN P 232 25.83 -47.15 90.53
CA GLN P 232 24.72 -47.97 90.06
C GLN P 232 25.26 -49.29 89.55
N GLY P 233 26.58 -49.45 89.64
CA GLY P 233 27.27 -50.67 89.20
C GLY P 233 27.40 -50.79 87.69
N VAL P 234 28.31 -51.64 87.23
CA VAL P 234 28.50 -51.85 85.79
C VAL P 234 27.56 -52.94 85.31
N HIS P 235 26.49 -52.58 84.59
CA HIS P 235 25.61 -53.58 83.97
C HIS P 235 25.59 -53.42 82.47
N ASN P 236 25.71 -54.55 81.77
CA ASN P 236 25.75 -54.63 80.31
C ASN P 236 24.54 -55.37 79.72
N LEU P 237 24.35 -55.28 78.42
CA LEU P 237 23.31 -56.03 77.73
C LEU P 237 23.93 -57.12 76.87
N LEU P 238 23.19 -58.18 76.56
CA LEU P 238 23.65 -59.14 75.57
C LEU P 238 23.30 -58.64 74.18
N ASP P 239 24.10 -59.02 73.18
CA ASP P 239 23.86 -58.59 71.79
C ASP P 239 22.41 -58.78 71.30
N GLU P 240 21.80 -59.92 71.64
CA GLU P 240 20.40 -60.25 71.25
C GLU P 240 19.41 -59.18 71.75
N GLU P 241 19.58 -58.81 73.03
CA GLU P 241 18.77 -57.80 73.71
C GLU P 241 18.94 -56.40 73.10
N ALA P 242 20.20 -55.96 72.99
CA ALA P 242 20.59 -54.68 72.37
C ALA P 242 20.01 -54.49 70.95
N GLY P 243 20.04 -55.56 70.15
CA GLY P 243 19.45 -55.59 68.82
C GLY P 243 17.94 -55.49 68.87
N ARG P 244 17.29 -56.11 69.88
CA ARG P 244 15.84 -55.98 70.03
C ARG P 244 15.46 -54.55 70.44
N LEU P 245 16.14 -54.06 71.48
CA LEU P 245 15.94 -52.70 71.96
C LEU P 245 16.08 -51.67 70.83
N ALA P 246 17.14 -51.78 70.03
CA ALA P 246 17.32 -50.91 68.87
C ALA P 246 16.06 -50.81 68.00
N GLY P 247 15.29 -51.90 67.95
CA GLY P 247 14.07 -51.92 67.13
C GLY P 247 12.84 -51.38 67.86
N GLU P 248 12.66 -51.85 69.10
CA GLU P 248 11.52 -51.44 69.91
C GLU P 248 11.65 -50.00 70.44
N ASP P 249 12.85 -49.64 70.90
CA ASP P 249 13.11 -48.31 71.48
C ASP P 249 14.49 -47.75 71.16
N PRO P 250 14.64 -47.08 70.00
CA PRO P 250 15.94 -46.51 69.67
C PRO P 250 16.34 -45.38 70.62
N ASP P 251 15.45 -45.00 71.54
CA ASP P 251 15.72 -43.92 72.50
C ASP P 251 15.75 -44.43 73.96
N HIS P 252 16.12 -45.70 74.10
CA HIS P 252 16.11 -46.41 75.37
C HIS P 252 16.94 -45.77 76.48
N SER P 253 18.13 -45.33 76.13
CA SER P 253 19.06 -44.81 77.11
C SER P 253 18.73 -43.39 77.47
N THR P 254 18.24 -42.66 76.47
CA THR P 254 17.75 -41.30 76.63
C THR P 254 16.55 -41.27 77.57
N ARG P 255 15.58 -42.15 77.30
CA ARG P 255 14.41 -42.32 78.15
C ARG P 255 14.77 -42.76 79.59
N ASP P 256 15.71 -43.70 79.69
CA ASP P 256 16.16 -44.23 80.95
C ASP P 256 16.70 -43.15 81.88
N LEU P 257 17.57 -42.29 81.32
CA LEU P 257 18.17 -41.18 82.05
C LEU P 257 17.16 -40.10 82.45
N TRP P 258 16.32 -39.71 81.50
CA TRP P 258 15.35 -38.67 81.75
C TRP P 258 14.35 -39.11 82.81
N GLU P 259 13.99 -40.39 82.78
CA GLU P 259 13.01 -40.93 83.71
C GLU P 259 13.54 -41.15 85.12
N ALA P 260 14.79 -41.61 85.19
CA ALA P 260 15.43 -41.78 86.46
C ALA P 260 15.41 -40.46 87.22
N ILE P 261 15.82 -39.39 86.52
CA ILE P 261 15.96 -38.08 87.14
C ILE P 261 14.61 -37.47 87.54
N GLU P 262 13.62 -37.62 86.69
CA GLU P 262 12.32 -37.13 87.05
C GLU P 262 11.75 -37.88 88.27
N LYS P 263 12.03 -39.19 88.38
CA LYS P 263 11.62 -40.02 89.52
C LYS P 263 12.38 -39.75 90.78
N GLY P 264 13.57 -39.18 90.66
CA GLY P 264 14.38 -38.93 91.81
C GLY P 264 15.36 -40.05 92.01
N ASP P 265 15.49 -40.93 91.05
CA ASP P 265 16.54 -41.94 91.12
C ASP P 265 17.84 -41.38 90.51
N TYR P 266 18.39 -40.35 91.15
CA TYR P 266 19.55 -39.67 90.62
C TYR P 266 20.75 -40.59 90.63
N PRO P 267 21.33 -40.85 89.45
CA PRO P 267 22.59 -41.60 89.37
C PRO P 267 23.77 -40.82 89.93
N SER P 268 24.80 -41.51 90.37
CA SER P 268 26.00 -40.82 90.83
C SER P 268 27.24 -41.61 90.49
N TRP P 269 28.38 -40.93 90.48
CA TRP P 269 29.65 -41.59 90.24
C TRP P 269 30.64 -41.19 91.32
N GLU P 270 31.51 -42.12 91.73
CA GLU P 270 32.60 -41.75 92.63
C GLU P 270 33.86 -41.46 91.82
N CYS P 271 34.62 -40.42 92.19
CA CYS P 271 35.82 -39.99 91.43
C CYS P 271 37.16 -40.38 92.06
N TYR P 272 38.02 -41.02 91.25
CA TYR P 272 39.34 -41.47 91.70
C TYR P 272 40.40 -41.03 90.72
N ILE P 273 41.62 -40.89 91.23
CA ILE P 273 42.79 -40.68 90.39
C ILE P 273 43.87 -41.73 90.60
N GLN P 274 44.61 -42.03 89.55
CA GLN P 274 45.87 -42.72 89.66
C GLN P 274 46.93 -41.64 89.49
N THR P 275 48.00 -41.67 90.26
CA THR P 275 49.08 -40.70 90.09
C THR P 275 50.39 -41.42 89.93
N MET P 276 51.35 -40.74 89.31
CA MET P 276 52.62 -41.34 88.88
C MET P 276 53.63 -40.23 88.58
N THR P 277 54.82 -40.34 89.15
CA THR P 277 55.82 -39.27 88.99
C THR P 277 56.60 -39.48 87.71
N LEU P 278 57.41 -38.48 87.37
CA LEU P 278 58.19 -38.57 86.14
C LEU P 278 59.15 -39.72 86.23
N GLU P 279 59.84 -39.81 87.37
CA GLU P 279 60.81 -40.89 87.61
C GLU P 279 60.13 -42.24 87.37
N GLN P 280 59.00 -42.45 88.04
CA GLN P 280 58.26 -43.70 87.95
C GLN P 280 57.98 -44.06 86.50
N SER P 281 57.56 -43.08 85.71
CA SER P 281 57.20 -43.35 84.32
C SER P 281 58.36 -43.92 83.52
N LYS P 282 59.58 -43.55 83.89
CA LYS P 282 60.77 -43.92 83.12
C LYS P 282 61.05 -45.43 83.17
N LYS P 283 60.44 -46.09 84.16
CA LYS P 283 60.70 -47.51 84.41
C LYS P 283 59.65 -48.44 83.83
N LEU P 284 58.71 -47.90 83.04
CA LEU P 284 57.60 -48.70 82.50
C LEU P 284 57.86 -49.30 81.13
N PRO P 285 57.38 -50.55 80.90
CA PRO P 285 57.43 -51.22 79.58
C PRO P 285 56.51 -50.59 78.51
N PHE P 286 55.66 -49.64 78.93
CA PHE P 286 54.81 -48.84 78.01
C PHE P 286 54.90 -47.34 78.33
N SER P 287 54.39 -46.51 77.42
CA SER P 287 54.41 -45.06 77.61
C SER P 287 53.15 -44.58 78.32
N VAL P 288 53.28 -43.53 79.12
CA VAL P 288 52.10 -42.90 79.72
C VAL P 288 51.29 -42.16 78.64
N PHE P 289 51.92 -41.94 77.48
CA PHE P 289 51.34 -41.20 76.37
C PHE P 289 50.64 -42.10 75.34
N ASP P 290 50.48 -43.37 75.71
CA ASP P 290 49.86 -44.34 74.85
C ASP P 290 48.41 -44.55 75.30
N LEU P 291 47.51 -44.18 74.42
CA LEU P 291 46.10 -44.24 74.76
C LEU P 291 45.56 -45.68 74.72
N THR P 292 46.33 -46.57 74.11
CA THR P 292 45.92 -47.97 74.01
C THR P 292 46.37 -48.76 75.24
N LYS P 293 46.86 -48.03 76.26
CA LYS P 293 47.37 -48.65 77.47
C LYS P 293 46.60 -48.23 78.74
N VAL P 294 46.54 -49.13 79.73
CA VAL P 294 46.02 -48.80 81.06
C VAL P 294 47.13 -48.91 82.12
N TRP P 295 46.90 -48.24 83.24
CA TRP P 295 47.81 -48.32 84.37
C TRP P 295 47.28 -49.48 85.23
N PRO P 296 48.03 -50.60 85.32
CA PRO P 296 47.53 -51.66 86.19
C PRO P 296 47.32 -51.17 87.63
N HIS P 297 46.21 -51.63 88.22
CA HIS P 297 45.72 -51.19 89.53
C HIS P 297 46.60 -51.63 90.71
N LYS P 298 47.19 -52.82 90.57
CA LYS P 298 48.15 -53.35 91.52
C LYS P 298 49.34 -52.36 91.71
N ASP P 299 49.84 -51.82 90.60
CA ASP P 299 51.01 -50.93 90.60
C ASP P 299 50.69 -49.45 90.98
N PHE P 300 49.55 -48.94 90.47
CA PHE P 300 49.13 -47.55 90.75
C PHE P 300 47.71 -47.52 91.28
N PRO P 301 47.56 -47.40 92.61
CA PRO P 301 46.26 -47.53 93.25
C PRO P 301 45.42 -46.28 93.12
N LEU P 302 44.09 -46.49 93.06
CA LEU P 302 43.12 -45.41 92.98
C LEU P 302 43.04 -44.63 94.28
N ARG P 303 43.00 -43.30 94.17
CA ARG P 303 42.81 -42.38 95.30
C ARG P 303 41.50 -41.58 95.10
N HIS P 304 40.54 -41.76 96.01
CA HIS P 304 39.23 -41.10 95.97
C HIS P 304 39.41 -39.61 96.17
N PHE P 305 38.72 -38.79 95.38
CA PHE P 305 38.76 -37.33 95.58
C PHE P 305 37.42 -36.63 95.51
N GLY P 306 36.42 -37.28 94.94
CA GLY P 306 35.11 -36.67 94.88
C GLY P 306 34.01 -37.53 94.34
N ARG P 307 32.81 -36.96 94.26
CA ARG P 307 31.69 -37.64 93.63
C ARG P 307 30.83 -36.62 92.91
N PHE P 308 30.08 -37.09 91.92
CA PHE P 308 29.06 -36.22 91.34
C PHE P 308 27.75 -36.96 91.15
N THR P 309 26.67 -36.19 91.18
CA THR P 309 25.29 -36.69 91.07
C THR P 309 24.62 -35.92 89.96
N LEU P 310 23.86 -36.60 89.12
CA LEU P 310 23.13 -35.89 88.09
C LEU P 310 21.69 -35.82 88.52
N ASN P 311 21.17 -34.61 88.68
CA ASN P 311 19.88 -34.44 89.36
C ASN P 311 18.92 -33.46 88.70
N GLU P 312 19.15 -33.11 87.44
CA GLU P 312 18.32 -32.06 86.86
C GLU P 312 18.31 -32.15 85.36
N ASN P 313 17.12 -32.38 84.80
CA ASN P 313 16.97 -32.46 83.36
C ASN P 313 17.07 -31.08 82.77
N PRO P 314 17.54 -30.95 81.52
CA PRO P 314 17.53 -29.64 80.86
C PRO P 314 16.13 -29.11 80.64
N LYS P 315 16.00 -27.83 80.36
CA LYS P 315 14.67 -27.32 80.13
C LYS P 315 14.22 -27.46 78.66
N ASN P 316 15.18 -27.27 77.76
CA ASN P 316 14.97 -27.42 76.32
C ASN P 316 16.10 -28.26 75.79
N TYR P 317 15.79 -29.36 75.12
CA TYR P 317 16.86 -30.29 74.74
C TYR P 317 17.81 -29.72 73.69
N TYR P 318 17.27 -29.13 72.63
CA TYR P 318 18.11 -28.54 71.60
C TYR P 318 19.01 -27.43 72.14
N ALA P 319 18.41 -26.55 72.94
CA ALA P 319 19.11 -25.33 73.34
C ALA P 319 20.27 -25.64 74.26
N GLU P 320 20.12 -26.72 75.04
CA GLU P 320 21.11 -27.12 76.02
C GLU P 320 21.90 -28.36 75.62
N THR P 321 21.22 -29.49 75.50
CA THR P 321 21.90 -30.74 75.21
C THR P 321 22.50 -30.83 73.80
N GLU P 322 21.84 -30.22 72.83
CA GLU P 322 22.34 -30.31 71.47
C GLU P 322 23.41 -29.28 71.18
N GLN P 323 23.29 -28.09 71.77
CA GLN P 323 24.22 -26.99 71.48
C GLN P 323 25.45 -26.93 72.38
N ILE P 324 25.48 -27.74 73.43
CA ILE P 324 26.63 -27.69 74.33
C ILE P 324 27.90 -28.12 73.61
N ALA P 325 29.03 -27.50 73.95
CA ALA P 325 30.30 -27.74 73.29
C ALA P 325 31.43 -27.95 74.30
N PHE P 326 32.00 -29.17 74.29
CA PHE P 326 33.08 -29.54 75.20
C PHE P 326 34.42 -29.54 74.47
N SER P 327 35.49 -29.29 75.20
CA SER P 327 36.80 -29.40 74.58
C SER P 327 37.83 -29.71 75.61
N PRO P 328 38.70 -30.70 75.34
CA PRO P 328 39.77 -31.00 76.30
C PRO P 328 40.66 -29.77 76.56
N SER P 329 40.82 -28.87 75.56
CA SER P 329 41.60 -27.65 75.77
C SER P 329 40.91 -26.61 76.65
N HIS P 330 39.65 -26.81 76.97
CA HIS P 330 39.06 -26.00 78.04
C HIS P 330 39.46 -26.57 79.40
N THR P 331 40.53 -26.03 79.95
CA THR P 331 41.00 -26.50 81.26
C THR P 331 41.11 -25.33 82.26
N VAL P 332 41.49 -25.63 83.51
CA VAL P 332 41.71 -24.59 84.52
C VAL P 332 43.15 -24.60 85.08
N PRO P 333 43.54 -23.55 85.86
CA PRO P 333 44.87 -23.62 86.49
C PRO P 333 45.00 -24.84 87.41
N GLY P 334 46.05 -25.62 87.19
CA GLY P 334 46.23 -26.84 87.94
C GLY P 334 46.05 -28.12 87.13
N MET P 335 45.45 -28.02 85.94
CA MET P 335 45.35 -29.19 85.08
C MET P 335 45.78 -28.83 83.65
N GLU P 336 46.83 -29.50 83.18
CA GLU P 336 47.35 -29.33 81.83
C GLU P 336 47.18 -30.65 81.08
N PRO P 337 47.22 -30.61 79.73
CA PRO P 337 47.25 -31.84 78.92
C PRO P 337 48.66 -32.42 78.83
N SER P 338 48.76 -33.73 78.64
CA SER P 338 50.07 -34.40 78.50
C SER P 338 50.52 -34.42 77.05
N ASN P 339 51.65 -35.06 76.77
CA ASN P 339 52.11 -35.17 75.39
C ASN P 339 51.43 -36.27 74.57
N ASP P 340 50.46 -36.95 75.18
CA ASP P 340 49.67 -37.97 74.50
C ASP P 340 49.21 -37.36 73.19
N PRO P 341 49.73 -37.86 72.05
CA PRO P 341 49.56 -37.10 70.81
C PRO P 341 48.12 -37.11 70.30
N VAL P 342 47.34 -38.15 70.63
CA VAL P 342 45.90 -38.10 70.36
C VAL P 342 45.25 -36.90 71.10
N LEU P 343 45.41 -36.86 72.44
CA LEU P 343 44.93 -35.75 73.22
C LEU P 343 45.44 -34.45 72.66
N GLN P 344 46.75 -34.35 72.41
CA GLN P 344 47.29 -33.15 71.77
C GLN P 344 46.37 -32.75 70.60
N SER P 345 46.11 -33.66 69.67
CA SER P 345 45.35 -33.23 68.50
C SER P 345 43.92 -32.84 68.81
N ARG P 346 43.40 -33.40 69.91
CA ARG P 346 42.05 -33.06 70.32
C ARG P 346 41.99 -31.57 70.72
N LEU P 347 43.07 -31.05 71.32
CA LEU P 347 43.07 -29.64 71.80
C LEU P 347 42.71 -28.66 70.70
N PHE P 348 43.07 -29.05 69.46
CA PHE P 348 42.75 -28.25 68.29
C PHE P 348 41.33 -28.53 67.72
N SER P 349 41.03 -29.80 67.46
CA SER P 349 39.76 -30.19 66.81
C SER P 349 38.47 -29.69 67.42
N TYR P 350 38.32 -29.82 68.73
CA TYR P 350 37.03 -29.58 69.31
C TYR P 350 36.65 -28.07 69.11
N PRO P 351 37.54 -27.14 69.53
CA PRO P 351 37.15 -25.75 69.24
C PRO P 351 36.97 -25.53 67.75
N ASP P 352 37.77 -26.22 66.92
CA ASP P 352 37.70 -26.02 65.50
C ASP P 352 36.33 -26.43 64.98
N THR P 353 35.91 -27.62 65.39
CA THR P 353 34.65 -28.11 64.90
C THR P 353 33.50 -27.29 65.48
N HIS P 354 33.59 -26.86 66.75
CA HIS P 354 32.56 -25.97 67.33
C HIS P 354 32.27 -24.77 66.46
N ARG P 355 33.32 -24.15 65.95
CA ARG P 355 33.16 -22.95 65.17
C ARG P 355 32.39 -23.23 63.88
N HIS P 356 32.35 -24.51 63.48
CA HIS P 356 31.60 -24.89 62.30
C HIS P 356 30.19 -25.39 62.66
N ARG P 357 30.09 -26.33 63.58
CA ARG P 357 28.78 -26.81 64.02
C ARG P 357 27.88 -25.67 64.56
N LEU P 358 28.39 -24.89 65.51
CA LEU P 358 27.56 -23.93 66.19
C LEU P 358 27.74 -22.53 65.61
N GLY P 359 28.98 -22.07 65.50
CA GLY P 359 29.25 -20.75 64.93
C GLY P 359 30.39 -20.05 65.68
N PRO P 360 31.04 -19.06 65.03
CA PRO P 360 32.18 -18.37 65.62
C PRO P 360 32.01 -17.96 67.10
N ASN P 361 30.83 -17.52 67.52
CA ASN P 361 30.66 -17.05 68.88
C ASN P 361 29.88 -18.00 69.77
N TYR P 362 30.20 -19.28 69.68
CA TYR P 362 29.34 -20.30 70.29
C TYR P 362 29.44 -20.29 71.77
N HIS P 363 30.47 -19.60 72.27
CA HIS P 363 30.71 -19.51 73.71
C HIS P 363 29.72 -18.54 74.35
N GLN P 364 29.04 -17.76 73.51
CA GLN P 364 27.94 -16.93 73.98
C GLN P 364 26.58 -17.65 74.13
N ILE P 365 26.45 -18.89 73.63
CA ILE P 365 25.25 -19.69 73.93
C ILE P 365 25.20 -20.05 75.41
N PRO P 366 24.03 -19.87 76.05
CA PRO P 366 24.03 -20.01 77.50
C PRO P 366 24.79 -21.20 78.06
N VAL P 367 24.50 -22.44 77.64
CA VAL P 367 25.16 -23.58 78.30
C VAL P 367 26.66 -23.46 78.21
N ASN P 368 27.12 -22.75 77.17
CA ASN P 368 28.55 -22.65 76.91
C ASN P 368 29.28 -21.52 77.65
N CYS P 369 28.50 -20.62 78.24
CA CYS P 369 29.04 -19.52 79.01
C CYS P 369 29.86 -19.97 80.21
N PRO P 370 30.89 -19.19 80.56
CA PRO P 370 31.52 -19.38 81.86
C PRO P 370 30.61 -18.81 82.94
N LEU P 371 29.64 -19.57 83.44
CA LEU P 371 28.65 -18.98 84.35
C LEU P 371 29.21 -18.55 85.73
N LYS P 372 30.04 -19.38 86.35
CA LYS P 372 30.47 -19.10 87.73
C LYS P 372 31.51 -17.97 87.79
N SER P 373 32.52 -18.04 86.91
CA SER P 373 33.44 -16.92 86.64
C SER P 373 32.95 -16.17 85.41
N GLY P 374 33.11 -14.85 85.36
CA GLY P 374 32.79 -14.18 84.10
C GLY P 374 33.84 -14.53 83.02
N SER P 375 33.89 -13.71 81.99
CA SER P 375 35.07 -13.61 81.14
C SER P 375 35.34 -12.13 80.87
N PHE P 376 36.59 -11.82 80.57
CA PHE P 376 36.93 -10.50 80.17
C PHE P 376 38.07 -10.69 79.23
N ASN P 377 37.73 -10.75 77.94
CA ASN P 377 38.74 -10.98 76.92
C ASN P 377 38.66 -9.92 75.84
N PRO P 378 39.07 -8.66 76.16
CA PRO P 378 38.88 -7.48 75.29
C PRO P 378 39.50 -7.60 73.87
N ILE P 379 40.33 -8.61 73.62
CA ILE P 379 40.94 -8.78 72.28
C ILE P 379 39.99 -9.53 71.37
N ASN P 380 39.15 -10.37 71.94
CA ASN P 380 38.17 -11.10 71.15
C ASN P 380 36.86 -10.33 70.95
N ARG P 381 36.67 -9.77 69.74
CA ARG P 381 35.51 -8.88 69.48
C ARG P 381 34.78 -9.16 68.17
N ASP P 382 33.57 -8.62 68.03
CA ASP P 382 32.80 -8.82 66.78
C ASP P 382 32.57 -10.30 66.43
N GLY P 383 32.54 -10.60 65.13
CA GLY P 383 32.07 -11.90 64.63
C GLY P 383 30.53 -12.01 64.57
N PRO P 384 30.01 -12.97 63.77
CA PRO P 384 28.57 -13.18 63.59
C PRO P 384 27.87 -13.41 64.91
N MET P 385 26.59 -13.05 64.97
CA MET P 385 25.79 -13.38 66.14
C MET P 385 26.45 -13.02 67.46
N CYS P 386 27.02 -11.82 67.52
CA CYS P 386 27.57 -11.28 68.74
C CYS P 386 26.43 -10.80 69.66
N VAL P 387 26.08 -11.57 70.68
CA VAL P 387 24.91 -11.24 71.51
C VAL P 387 25.17 -10.79 72.96
N ASP P 388 26.44 -10.84 73.36
CA ASP P 388 26.83 -10.58 74.76
C ASP P 388 27.20 -9.10 75.02
N GLY P 389 26.94 -8.21 74.06
CA GLY P 389 27.19 -6.78 74.28
C GLY P 389 28.55 -6.33 73.78
N ASN P 390 29.45 -7.29 73.51
CA ASN P 390 30.72 -7.02 72.81
C ASN P 390 31.55 -6.00 73.64
N LEU P 391 31.38 -6.11 74.96
CA LEU P 391 32.10 -5.28 75.91
C LEU P 391 31.93 -3.77 75.72
N GLY P 392 30.85 -3.31 75.12
CA GLY P 392 30.73 -1.88 74.85
C GLY P 392 32.03 -1.26 74.34
N GLY P 393 32.42 -0.20 75.04
CA GLY P 393 33.48 0.71 74.60
C GLY P 393 34.88 0.34 75.08
N THR P 394 34.99 -0.74 75.83
CA THR P 394 36.29 -1.22 76.27
C THR P 394 37.24 -1.33 75.08
N PRO P 395 38.44 -0.74 75.19
CA PRO P 395 39.48 -0.80 74.18
C PRO P 395 39.84 -2.23 73.86
N ASN P 396 40.27 -2.46 72.62
CA ASN P 396 40.46 -3.82 72.16
C ASN P 396 41.91 -4.19 71.94
N TYR P 397 42.83 -3.56 72.70
CA TYR P 397 44.21 -4.03 72.79
C TYR P 397 44.74 -3.91 74.21
N ALA P 398 45.73 -4.75 74.56
CA ALA P 398 46.24 -4.84 75.94
C ALA P 398 47.11 -3.62 76.22
N ASN P 399 47.11 -3.16 77.48
CA ASN P 399 47.89 -2.00 77.97
C ASN P 399 47.53 -0.72 77.23
N ALA P 400 46.23 -0.62 76.95
CA ALA P 400 45.64 0.63 76.50
C ALA P 400 45.85 1.66 77.61
N TYR P 401 46.10 2.90 77.22
CA TYR P 401 46.32 3.93 78.22
C TYR P 401 45.10 4.21 79.11
N ASN P 402 43.90 3.91 78.62
CA ASN P 402 42.67 4.24 79.33
C ASN P 402 41.85 3.02 79.79
N CYS P 403 42.55 1.93 80.09
CA CYS P 403 41.90 0.70 80.47
C CYS P 403 42.88 -0.15 81.27
N PRO P 404 42.91 0.02 82.62
CA PRO P 404 43.87 -0.76 83.43
C PRO P 404 43.33 -2.19 83.71
N ILE P 405 44.20 -3.19 83.51
CA ILE P 405 43.82 -4.60 83.66
C ILE P 405 44.74 -5.38 84.63
N GLN P 406 44.14 -6.07 85.60
CA GLN P 406 44.90 -7.01 86.46
C GLN P 406 45.08 -8.36 85.75
N TYR P 407 46.28 -8.94 85.85
CA TYR P 407 46.55 -10.29 85.34
C TYR P 407 46.88 -11.24 86.52
N ALA P 408 46.63 -12.55 86.36
CA ALA P 408 46.88 -13.56 87.44
C ALA P 408 48.35 -13.62 87.91
N VAL P 409 48.55 -13.93 89.19
CA VAL P 409 49.87 -13.85 89.83
C VAL P 409 50.91 -14.87 89.29
N LYS P 417 59.97 -24.92 89.29
CA LYS P 417 60.21 -26.36 89.51
C LYS P 417 60.54 -27.14 88.21
N PRO P 418 61.21 -28.31 88.32
CA PRO P 418 61.60 -28.99 87.07
C PRO P 418 60.44 -29.64 86.29
N ASP P 419 60.25 -29.21 85.02
CA ASP P 419 59.25 -29.81 84.14
C ASP P 419 59.94 -30.72 83.11
N GLU P 420 59.18 -31.25 82.15
CA GLU P 420 59.69 -32.16 81.12
C GLU P 420 60.81 -31.53 80.28
N LYS P 421 61.74 -32.34 79.78
CA LYS P 421 62.87 -31.83 78.95
C LYS P 421 63.02 -32.46 77.56
N TYR P 422 63.33 -31.63 76.56
CA TYR P 422 63.31 -32.05 75.15
C TYR P 422 64.67 -31.89 74.45
N THR P 423 64.97 -32.78 73.50
CA THR P 423 66.24 -32.78 72.73
C THR P 423 66.03 -33.44 71.38
N GLY P 424 66.65 -32.89 70.35
CA GLY P 424 66.71 -33.57 69.06
C GLY P 424 66.30 -32.65 67.94
N GLU P 425 65.97 -33.24 66.79
CA GLU P 425 65.40 -32.46 65.69
C GLU P 425 63.88 -32.67 65.62
N VAL P 426 63.21 -31.82 64.82
CA VAL P 426 61.81 -32.04 64.51
C VAL P 426 61.76 -33.37 63.76
N VAL P 427 60.89 -34.27 64.20
CA VAL P 427 60.88 -35.62 63.68
C VAL P 427 59.46 -36.11 63.37
N PRO P 428 59.25 -36.59 62.11
CA PRO P 428 57.98 -37.23 61.75
C PRO P 428 57.87 -38.65 62.31
N TYR P 429 56.82 -38.90 63.09
CA TYR P 429 56.66 -40.19 63.72
C TYR P 429 55.28 -40.81 63.58
N HIS P 430 55.30 -42.11 63.38
CA HIS P 430 54.13 -42.97 63.37
C HIS P 430 54.47 -44.11 64.31
N TRP P 431 53.64 -44.30 65.33
CA TRP P 431 54.01 -45.20 66.40
C TRP P 431 54.28 -46.62 65.90
N GLU P 432 55.49 -47.11 66.19
CA GLU P 432 55.95 -48.41 65.70
C GLU P 432 55.73 -49.53 66.74
N HIS P 433 55.23 -50.65 66.22
CA HIS P 433 54.84 -51.80 67.03
C HIS P 433 56.02 -52.47 67.73
N THR P 434 55.85 -52.74 69.02
CA THR P 434 56.78 -53.57 69.78
C THR P 434 55.99 -54.71 70.42
N ASP P 435 56.72 -55.72 70.88
CA ASP P 435 56.10 -56.93 71.40
C ASP P 435 55.08 -56.69 72.50
N TYR P 436 55.32 -55.67 73.32
CA TYR P 436 54.46 -55.41 74.46
C TYR P 436 53.02 -55.03 74.10
N ASP P 437 52.85 -54.42 72.92
CA ASP P 437 51.53 -54.01 72.45
C ASP P 437 50.48 -55.13 72.56
N TYR P 438 50.86 -56.37 72.25
CA TYR P 438 49.94 -57.51 72.30
C TYR P 438 49.74 -58.04 73.69
N PHE P 439 50.56 -57.60 74.64
CA PHE P 439 50.53 -58.17 75.98
C PHE P 439 49.25 -57.79 76.74
N GLN P 440 48.80 -56.54 76.58
CA GLN P 440 47.68 -56.09 77.37
C GLN P 440 46.35 -56.68 76.86
N PRO P 441 46.16 -56.75 75.52
CA PRO P 441 45.07 -57.56 74.93
C PRO P 441 45.02 -59.00 75.46
N LYS P 442 46.20 -59.61 75.65
CA LYS P 442 46.30 -60.96 76.19
C LYS P 442 45.66 -60.99 77.57
N MET P 443 46.05 -60.03 78.43
CA MET P 443 45.56 -59.98 79.81
C MET P 443 44.05 -59.76 79.90
N PHE P 444 43.53 -58.93 79.00
CA PHE P 444 42.10 -58.67 78.96
C PHE P 444 41.31 -59.96 78.65
N TRP P 445 41.92 -60.87 77.89
CA TRP P 445 41.29 -62.18 77.60
C TRP P 445 41.18 -63.01 78.84
N LYS P 446 42.22 -62.97 79.66
CA LYS P 446 42.21 -63.60 80.97
C LYS P 446 41.23 -62.94 81.92
N VAL P 447 41.03 -61.62 81.80
CA VAL P 447 40.10 -60.89 82.68
C VAL P 447 38.67 -61.33 82.37
N LEU P 448 38.33 -61.41 81.08
CA LEU P 448 37.10 -62.09 80.65
C LEU P 448 37.28 -63.57 80.93
N GLY P 449 36.20 -64.33 80.97
CA GLY P 449 36.34 -65.74 81.35
C GLY P 449 36.79 -65.99 82.79
N ARG P 450 37.00 -64.91 83.55
CA ARG P 450 36.90 -65.01 85.00
C ARG P 450 35.40 -64.91 85.28
N THR P 451 34.65 -64.58 84.22
CA THR P 451 33.20 -64.58 84.25
C THR P 451 32.68 -65.53 83.16
N PRO P 452 31.82 -66.50 83.57
CA PRO P 452 31.14 -67.41 82.64
C PRO P 452 30.37 -66.65 81.56
N GLY P 453 30.56 -67.06 80.30
CA GLY P 453 29.82 -66.45 79.18
C GLY P 453 30.48 -65.25 78.51
N GLU P 454 31.34 -64.55 79.26
CA GLU P 454 32.00 -63.37 78.71
C GLU P 454 32.80 -63.65 77.44
N GLN P 455 33.69 -64.64 77.53
CA GLN P 455 34.56 -65.03 76.43
C GLN P 455 33.78 -65.56 75.24
N GLU P 456 32.77 -66.39 75.51
CA GLU P 456 31.95 -66.97 74.45
C GLU P 456 31.15 -65.88 73.76
N SER P 457 30.82 -64.84 74.52
CA SER P 457 30.12 -63.67 74.01
C SER P 457 30.98 -62.92 73.02
N LEU P 458 32.23 -62.64 73.41
CA LEU P 458 33.14 -61.92 72.54
C LEU P 458 33.20 -62.58 71.20
N VAL P 459 33.33 -63.92 71.21
CA VAL P 459 33.43 -64.73 70.00
C VAL P 459 32.14 -64.67 69.17
N LYS P 460 31.01 -64.73 69.86
CA LYS P 460 29.69 -64.68 69.22
C LYS P 460 29.49 -63.36 68.51
N ASN P 461 29.80 -62.29 69.23
CA ASN P 461 29.65 -60.92 68.77
C ASN P 461 30.55 -60.57 67.59
N VAL P 462 31.80 -61.03 67.64
CA VAL P 462 32.76 -60.84 66.53
C VAL P 462 32.40 -61.68 65.31
N ALA P 463 31.82 -62.86 65.55
CA ALA P 463 31.45 -63.72 64.44
C ALA P 463 30.23 -63.22 63.66
N ASN P 464 29.18 -62.80 64.37
CA ASN P 464 27.95 -62.25 63.76
C ASN P 464 28.24 -61.03 62.91
N HIS P 465 29.04 -60.13 63.46
CA HIS P 465 29.41 -58.96 62.73
C HIS P 465 30.23 -59.35 61.50
N VAL P 466 31.19 -60.27 61.65
CA VAL P 466 32.18 -60.53 60.57
C VAL P 466 31.71 -61.50 59.49
N SER P 467 30.62 -62.22 59.74
CA SER P 467 30.11 -63.21 58.78
C SER P 467 29.68 -62.62 57.46
N ALA P 468 29.34 -61.32 57.47
CA ALA P 468 28.91 -60.64 56.24
C ALA P 468 30.12 -60.20 55.41
N ALA P 469 31.31 -60.21 56.03
CA ALA P 469 32.53 -59.85 55.33
C ALA P 469 32.93 -60.95 54.34
N ASP P 470 33.71 -60.56 53.33
CA ASP P 470 34.22 -61.51 52.35
C ASP P 470 35.20 -62.42 53.06
N GLU P 471 35.39 -63.62 52.52
CA GLU P 471 36.26 -64.62 53.13
C GLU P 471 37.69 -64.13 53.40
N PHE P 472 38.29 -63.49 52.39
CA PHE P 472 39.69 -63.11 52.47
C PHE P 472 39.98 -62.18 53.65
N ILE P 473 38.94 -61.43 54.03
CA ILE P 473 39.00 -60.44 55.11
C ILE P 473 38.62 -61.09 56.45
N GLN P 474 37.67 -62.02 56.44
CA GLN P 474 37.41 -62.86 57.63
C GLN P 474 38.71 -63.50 58.12
N ASP P 475 39.45 -64.05 57.15
CA ASP P 475 40.77 -64.64 57.39
C ASP P 475 41.72 -63.71 58.17
N ARG P 476 41.81 -62.44 57.75
CA ARG P 476 42.67 -61.43 58.44
C ARG P 476 42.22 -61.20 59.87
N VAL P 477 40.90 -61.25 60.07
CA VAL P 477 40.31 -60.98 61.36
C VAL P 477 40.73 -62.07 62.32
N TYR P 478 40.69 -63.33 61.85
CA TYR P 478 41.09 -64.45 62.70
C TYR P 478 42.54 -64.20 63.13
N GLU P 479 43.42 -63.98 62.14
CA GLU P 479 44.82 -63.66 62.41
C GLU P 479 44.93 -62.64 63.52
N TYR P 480 44.12 -61.59 63.37
CA TYR P 480 44.19 -60.39 64.18
C TYR P 480 43.91 -60.71 65.66
N PHE P 481 42.78 -61.35 65.93
CA PHE P 481 42.48 -61.66 67.32
C PHE P 481 43.45 -62.66 67.92
N SER P 482 43.98 -63.55 67.08
CA SER P 482 44.94 -64.59 67.52
C SER P 482 46.24 -63.98 68.02
N LYS P 483 46.49 -62.73 67.64
CA LYS P 483 47.66 -61.98 68.09
C LYS P 483 47.57 -61.69 69.58
N ALA P 484 46.38 -61.93 70.15
CA ALA P 484 46.18 -61.74 71.59
C ALA P 484 46.26 -63.08 72.33
N GLU P 485 45.47 -64.04 71.82
CA GLU P 485 45.52 -65.44 72.22
C GLU P 485 45.15 -66.30 71.01
N PRO P 486 45.98 -67.31 70.70
CA PRO P 486 45.76 -68.08 69.48
C PRO P 486 44.37 -68.77 69.36
N ILE P 487 43.80 -69.18 70.49
CA ILE P 487 42.51 -69.90 70.49
C ILE P 487 41.33 -69.04 69.98
N ILE P 488 41.46 -67.74 70.18
CA ILE P 488 40.39 -66.81 69.86
C ILE P 488 40.08 -66.85 68.37
N GLY P 489 41.10 -66.64 67.53
CA GLY P 489 40.92 -66.68 66.07
C GLY P 489 40.22 -67.97 65.63
N ASP P 490 40.66 -69.07 66.24
CA ASP P 490 40.19 -70.43 65.94
C ASP P 490 38.76 -70.65 66.42
N LEU P 491 38.41 -70.01 67.53
CA LEU P 491 37.05 -70.05 68.08
C LEU P 491 36.06 -69.24 67.25
N ILE P 492 36.54 -68.09 66.79
CA ILE P 492 35.77 -67.23 65.89
C ILE P 492 35.55 -67.95 64.56
N ARG P 493 36.64 -68.45 63.95
CA ARG P 493 36.48 -69.26 62.71
C ARG P 493 35.49 -70.43 62.88
N LYS P 494 35.52 -71.06 64.06
CA LYS P 494 34.58 -72.13 64.45
C LYS P 494 33.15 -71.63 64.38
N LYS P 495 32.85 -70.52 65.06
CA LYS P 495 31.49 -70.00 65.05
C LYS P 495 31.11 -69.39 63.71
N VAL P 496 32.07 -68.77 63.02
CA VAL P 496 31.80 -68.25 61.68
C VAL P 496 31.27 -69.37 60.78
N GLN P 497 31.96 -70.50 60.79
CA GLN P 497 31.55 -71.67 60.05
C GLN P 497 30.13 -72.07 60.48
N GLU P 498 29.93 -72.26 61.79
CA GLU P 498 28.64 -72.73 62.33
C GLU P 498 27.47 -71.88 61.85
N LEU P 499 27.67 -70.56 61.85
CA LEU P 499 26.63 -69.59 61.52
C LEU P 499 26.36 -69.65 60.01
N LYS P 500 27.42 -69.87 59.24
CA LYS P 500 27.35 -70.00 57.78
C LYS P 500 26.56 -71.23 57.34
N ARG P 501 26.71 -72.31 58.12
CA ARG P 501 26.00 -73.59 57.92
C ARG P 501 24.46 -73.43 57.92
N LYS P 502 23.95 -72.67 58.89
CA LYS P 502 22.51 -72.39 59.03
C LYS P 502 22.07 -71.19 58.15
N ALA P 503 21.46 -71.47 57.00
CA ALA P 503 21.03 -70.44 56.05
CHA HEM Q . -24.68 21.25 6.05
CHB HEM Q . -25.53 18.63 9.97
CHC HEM Q . -20.73 17.87 10.45
CHD HEM Q . -20.22 19.27 5.85
C1A HEM Q . -25.36 20.68 7.08
C2A HEM Q . -26.79 20.79 7.37
C3A HEM Q . -27.00 20.06 8.46
C4A HEM Q . -25.75 19.46 8.90
CMA HEM Q . -28.34 19.84 9.17
CAA HEM Q . -27.78 21.62 6.53
CBA HEM Q . -28.19 20.74 5.36
CGA HEM Q . -29.33 21.34 4.58
O1A HEM Q . -29.99 22.27 5.11
O2A HEM Q . -29.59 20.88 3.43
C1B HEM Q . -24.30 18.20 10.49
C2B HEM Q . -24.09 17.47 11.72
C3B HEM Q . -22.76 17.26 11.86
C4B HEM Q . -22.08 17.86 10.72
CMB HEM Q . -25.22 17.02 12.69
CAB HEM Q . -22.01 16.53 12.99
CBB HEM Q . -22.65 15.77 13.88
C1C HEM Q . -20.17 18.04 9.19
C2C HEM Q . -18.89 17.53 8.68
C3C HEM Q . -18.76 17.94 7.41
C4C HEM Q . -19.95 18.70 7.07
CMC HEM Q . -17.84 16.69 9.47
CAC HEM Q . -17.58 17.65 6.45
CBC HEM Q . -16.79 16.59 6.69
C1D HEM Q . -21.32 20.02 5.52
C2D HEM Q . -21.40 20.89 4.36
C3D HEM Q . -22.82 21.51 4.45
C4D HEM Q . -23.43 20.94 5.62
CMD HEM Q . -20.32 21.13 3.28
CAD HEM Q . -23.48 22.48 3.46
CBD HEM Q . -23.96 21.52 2.42
CGD HEM Q . -24.64 22.29 1.34
O1D HEM Q . -23.95 23.13 0.66
O2D HEM Q . -25.87 21.98 1.20
NA HEM Q . -24.78 19.86 8.02
NB HEM Q . -23.08 18.41 9.92
NC HEM Q . -20.76 18.74 8.17
ND HEM Q . -22.51 20.10 6.23
FE HEM Q . -22.77 19.27 8.05
CHA HEM R . -42.29 44.43 6.54
CHB HEM R . -44.99 44.20 2.54
CHC HEM R . -44.29 48.91 1.96
CHD HEM R . -42.70 49.29 6.47
C1A HEM R . -43.01 43.93 5.49
C2A HEM R . -43.24 42.52 5.19
C3A HEM R . -44.01 42.49 4.07
C4A HEM R . -44.25 43.84 3.63
CMA HEM R . -44.58 41.29 3.31
CAA HEM R . -42.72 41.34 6.06
CBA HEM R . -43.54 41.24 7.36
CGA HEM R . -43.32 39.94 8.09
O1A HEM R . -42.77 39.07 7.38
O2A HEM R . -43.68 39.76 9.31
C1B HEM R . -45.08 45.46 2.02
C2B HEM R . -45.84 45.87 0.85
C3B HEM R . -45.63 47.19 0.70
C4B HEM R . -44.75 47.64 1.76
CMB HEM R . -46.71 44.94 -0.05
CAB HEM R . -46.17 48.14 -0.37
CBB HEM R . -47.03 47.75 -1.31
C1C HEM R . -43.96 49.43 3.19
C2C HEM R . -44.18 50.77 3.61
C3C HEM R . -43.73 50.89 4.86
C4C HEM R . -43.22 49.62 5.26
CMC HEM R . -44.81 51.86 2.74
CAC HEM R . -43.74 52.14 5.74
CBC HEM R . -44.91 52.53 6.25
C1D HEM R . -42.40 48.03 6.87
C2D HEM R . -41.77 47.72 8.11
C3D HEM R . -41.63 46.21 8.13
C4D HEM R . -42.21 45.75 6.90
CMD HEM R . -41.34 48.74 9.18
CAD HEM R . -41.03 45.35 9.24
CBD HEM R . -41.98 45.24 10.42
CGD HEM R . -41.21 44.35 11.35
O1D HEM R . -40.16 44.85 11.84
O2D HEM R . -41.63 43.17 11.55
NA HEM R . -43.65 44.69 4.53
NB HEM R . -44.46 46.56 2.55
NC HEM R . -43.39 48.74 4.23
ND HEM R . -42.64 46.85 6.19
FE HEM R . -43.56 46.71 4.43
CHA HEM S . -50.37 5.27 15.09
CHB HEM S . -46.32 3.97 12.73
CHC HEM S . -47.24 -0.59 14.11
CHD HEM S . -50.11 1.08 17.60
C1A HEM S . -49.26 5.35 14.29
C2A HEM S . -48.80 6.49 13.52
C3A HEM S . -47.69 6.12 12.88
C4A HEM S . -47.38 4.74 13.19
CMA HEM S . -46.84 7.01 11.94
CAA HEM S . -49.45 7.91 13.51
CBA HEM S . -49.17 8.54 14.87
CGA HEM S . -49.38 10.05 14.97
O1A HEM S . -49.45 10.71 13.87
O2A HEM S . -49.47 10.60 16.13
C1B HEM S . -46.17 2.60 12.84
C2B HEM S . -45.17 1.70 12.28
C3B HEM S . -45.47 0.44 12.67
C4B HEM S . -46.63 0.49 13.51
CMB HEM S . -44.02 2.14 11.37
CAB HEM S . -44.78 -0.90 12.38
CBB HEM S . -43.60 -0.97 11.76
C1C HEM S . -48.03 -0.55 15.25
C2C HEM S . -48.30 -1.64 16.16
C3C HEM S . -49.10 -1.19 17.13
C4C HEM S . -49.36 0.20 16.87
CMC HEM S . -47.76 -3.08 16.02
CAC HEM S . -49.60 -2.03 18.30
CBC HEM S . -48.89 -2.02 19.43
C1D HEM S . -50.56 2.34 17.20
C2D HEM S . -51.64 3.06 17.80
C3D HEM S . -51.72 4.35 17.00
C4D HEM S . -50.68 4.31 16.02
CMD HEM S . -52.50 2.61 19.00
CAD HEM S . -52.68 5.49 17.26
CBD HEM S . -51.93 6.46 18.14
CGD HEM S . -52.95 7.53 18.45
O1D HEM S . -54.05 7.13 18.96
O2D HEM S . -52.68 8.73 18.20
NA HEM S . -48.36 4.33 14.05
NB HEM S . -47.02 1.81 13.58
NC HEM S . -48.71 0.54 15.74
ND HEM S . -50.03 3.11 16.17
FE HEM S . -48.56 2.51 14.91
CHA HEM T . -27.85 1.69 -54.82
CHB HEM T . -23.12 1.76 -55.71
CHC HEM T . -23.31 -3.05 -55.46
CHD HEM T . -27.68 -3.01 -53.38
C1A HEM T . -26.61 2.14 -55.16
C2A HEM T . -26.20 3.49 -55.51
C3A HEM T . -24.90 3.49 -55.74
C4A HEM T . -24.42 2.17 -55.55
CMA HEM T . -24.01 4.64 -56.14
CAA HEM T . -27.15 4.71 -55.55
CBA HEM T . -27.40 5.06 -54.08
CGA HEM T . -28.14 6.35 -53.84
O1A HEM T . -28.22 7.20 -54.77
O2A HEM T . -28.65 6.53 -52.69
C1B HEM T . -22.72 0.46 -55.74
C2B HEM T . -21.39 -0.04 -55.99
C3B HEM T . -21.47 -1.39 -55.93
C4B HEM T . -22.82 -1.76 -55.61
CMB HEM T . -20.17 0.86 -56.27
CAB HEM T . -20.36 -2.47 -56.11
CBB HEM T . -19.10 -2.17 -56.46
C1C HEM T . -24.41 -3.46 -54.75
C2C HEM T . -24.59 -4.75 -54.11
C3C HEM T . -25.81 -4.77 -53.53
C4C HEM T . -26.45 -3.49 -53.77
CMC HEM T . -23.53 -5.88 -54.13
CAC HEM T . -26.37 -5.94 -52.70
CBC HEM T . -26.04 -6.01 -51.41
C1D HEM T . -28.15 -1.72 -53.60
C2D HEM T . -29.45 -1.23 -53.25
C3D HEM T . -29.49 0.22 -53.69
C4D HEM T . -28.21 0.49 -54.28
CMD HEM T . -30.60 -1.97 -52.56
CAD HEM T . -30.64 1.20 -53.56
CBD HEM T . -30.86 1.54 -52.11
CGD HEM T . -32.06 2.45 -52.08
O1D HEM T . -33.20 1.98 -52.42
O2D HEM T . -31.88 3.65 -51.74
NA HEM T . -25.49 1.38 -55.18
NB HEM T . -23.55 -0.59 -55.51
NC HEM T . -25.57 -2.73 -54.52
ND HEM T . -27.47 -0.67 -54.21
FE HEM T . -25.55 -0.61 -54.82
CHA HEM U . -27.87 42.57 -51.59
CHB HEM U . -29.02 43.00 -56.26
CHC HEM U . -29.72 47.71 -55.66
CHD HEM U . -29.69 47.05 -50.80
C1A HEM U . -28.09 42.26 -52.90
C2A HEM U . -27.90 40.98 -53.51
C3A HEM U . -28.22 41.11 -54.82
C4A HEM U . -28.60 42.47 -55.06
CMA HEM U . -28.19 40.00 -55.88
CAA HEM U . -27.44 39.70 -52.76
CBA HEM U . -28.63 39.02 -52.06
CGA HEM U . -28.21 37.66 -51.58
O1A HEM U . -27.25 37.05 -52.16
O2A HEM U . -28.81 37.14 -50.60
C1B HEM U . -29.26 44.32 -56.55
C2B HEM U . -29.48 44.91 -57.87
C3B HEM U . -29.68 46.23 -57.69
C4B HEM U . -29.60 46.50 -56.29
CMB HEM U . -29.51 44.11 -59.20
CAB HEM U . -29.97 47.29 -58.76
CBB HEM U . -30.68 47.06 -59.89
C1C HEM U . -29.85 47.91 -54.30
C2C HEM U . -30.38 49.11 -53.69
C3C HEM U . -30.38 48.95 -52.36
C4C HEM U . -29.85 47.63 -52.05
CMC HEM U . -30.85 50.35 -54.47
CAC HEM U . -30.87 50.00 -51.36
CBC HEM U . -32.18 50.25 -51.38
C1D HEM U . -29.14 45.81 -50.54
C2D HEM U . -28.77 45.28 -49.25
C3D HEM U . -28.19 43.89 -49.53
C4D HEM U . -28.27 43.71 -50.95
CMD HEM U . -28.93 45.94 -47.88
CAD HEM U . -27.66 42.85 -48.57
CBD HEM U . -28.87 42.15 -47.99
CGD HEM U . -28.35 41.14 -46.99
O1D HEM U . -27.78 41.57 -45.95
O2D HEM U . -28.49 39.91 -47.26
NA HEM U . -28.52 43.13 -53.87
NB HEM U . -29.35 45.32 -55.64
NC HEM U . -29.54 47.04 -53.26
ND HEM U . -28.81 44.87 -51.51
FE HEM U . -29.06 45.08 -53.54
CHA HEM V . -5.52 23.68 -50.42
CHB HEM V . -7.12 20.07 -47.60
CHC HEM V . -2.74 19.96 -45.54
CHD HEM V . -0.89 22.71 -49.05
C1A HEM V . -6.37 22.77 -49.82
C2A HEM V . -7.78 22.67 -50.03
C3A HEM V . -8.22 21.69 -49.24
C4A HEM V . -7.10 21.12 -48.52
CMA HEM V . -9.69 21.22 -49.17
CAA HEM V . -8.61 23.55 -51.00
CBA HEM V . -8.56 22.89 -52.38
CGA HEM V . -9.53 23.50 -53.36
O1A HEM V . -10.63 23.98 -52.91
O2A HEM V . -9.22 23.52 -54.60
C1B HEM V . -6.08 19.69 -46.75
C2B HEM V . -6.07 18.65 -45.71
C3B HEM V . -4.85 18.65 -45.16
C4B HEM V . -4.04 19.64 -45.82
CMB HEM V . -7.23 17.74 -45.28
CAB HEM V . -4.39 17.73 -44.01
CBB HEM V . -4.75 16.44 -44.02
C1C HEM V . -1.84 20.59 -46.36
C2C HEM V . -0.42 20.52 -46.22
C3C HEM V . 0.13 21.26 -47.19
C4C HEM V . -0.94 21.85 -47.97
CMC HEM V . 0.31 19.70 -45.15
CAC HEM V . 1.65 21.44 -47.40
CBC HEM V . 2.27 20.71 -48.31
C1D HEM V . -1.96 23.30 -49.70
C2D HEM V . -1.92 24.33 -50.71
C3D HEM V . -3.36 24.60 -51.12
C4D HEM V . -4.15 23.72 -50.33
CMD HEM V . -0.70 25.03 -51.32
CAD HEM V . -3.87 25.60 -52.16
CBD HEM V . -3.92 24.90 -53.50
CGD HEM V . -4.60 25.82 -54.47
O1D HEM V . -4.21 27.02 -54.51
O2D HEM V . -5.52 25.31 -55.17
NA HEM V . -6.00 21.82 -48.93
NB HEM V . -4.81 20.25 -46.77
NC HEM V . -2.12 21.40 -47.42
ND HEM V . -3.30 22.98 -49.54
FE HEM V . -4.02 21.62 -48.20
CHA HEM W . -40.28 21.75 -71.92
CHB HEM W . -42.34 25.05 -68.99
CHC HEM W . -46.21 25.08 -71.95
CHD HEM W . -43.58 22.92 -75.38
C1A HEM W . -40.50 22.60 -70.84
C2A HEM W . -39.67 22.72 -69.67
C3A HEM W . -40.23 23.62 -68.86
C4A HEM W . -41.45 24.10 -69.48
CMA HEM W . -39.66 24.06 -67.49
CAA HEM W . -38.37 21.95 -69.45
CBA HEM W . -37.20 22.65 -70.15
CGA HEM W . -35.87 22.10 -69.67
O1A HEM W . -35.80 21.59 -68.49
O2A HEM W . -34.89 22.19 -70.45
C1B HEM W . -43.60 25.35 -69.51
C2B HEM W . -44.60 26.23 -68.94
C3B HEM W . -45.66 26.24 -69.76
C4B HEM W . -45.37 25.37 -70.88
CMB HEM W . -44.45 27.01 -67.61
CAB HEM W . -46.99 27.02 -69.60
CBB HEM W . -47.10 28.10 -68.82
C1C HEM W . -45.79 24.68 -73.19
C2C HEM W . -46.36 25.01 -74.47
C3C HEM W . -45.64 24.43 -75.41
C4C HEM W . -44.58 23.68 -74.79
CMC HEM W . -47.60 25.91 -74.70
CAC HEM W . -45.90 24.54 -76.94
CBC HEM W . -45.69 25.72 -77.54
C1D HEM W . -42.46 22.35 -74.77
C2D HEM W . -41.49 21.47 -75.40
C3D HEM W . -40.47 21.09 -74.32
C4D HEM W . -40.92 21.79 -73.14
CMD HEM W . -41.48 21.01 -76.88
CAD HEM W . -39.23 20.21 -74.46
CBD HEM W . -38.03 21.03 -74.86
CGD HEM W . -36.90 20.09 -75.15
O1D HEM W . -37.12 19.15 -75.96
O2D HEM W . -35.78 20.28 -74.58
NA HEM W . -41.56 23.46 -70.67
NB HEM W . -44.13 24.86 -70.68
NC HEM W . -44.71 23.88 -73.43
ND HEM W . -42.09 22.50 -73.45
FE HEM W . -43.11 23.68 -72.09
CHA HEM X . 53.22 -43.54 -0.10
CHB HEM X . 57.13 -41.43 -1.89
CHC HEM X . 59.84 -45.19 -0.70
CHD HEM X . 56.12 -47.01 1.86
C1A HEM X . 54.00 -42.62 -0.74
C2A HEM X . 53.62 -41.41 -1.44
C3A HEM X . 54.73 -40.83 -1.94
C4A HEM X . 55.83 -41.68 -1.56
CMA HEM X . 54.89 -39.52 -2.75
CAA HEM X . 52.19 -40.85 -1.57
CBA HEM X . 51.88 -40.06 -0.32
CGA HEM X . 50.47 -39.63 -0.32
O1A HEM X . 49.89 -39.34 -1.40
O2A HEM X . 49.94 -39.56 0.83
C1B HEM X . 58.20 -42.27 -1.73
C2B HEM X . 59.54 -41.92 -2.14
C3B HEM X . 60.34 -42.94 -1.82
C4B HEM X . 59.49 -43.96 -1.20
CMB HEM X . 59.94 -40.59 -2.81
CAB HEM X . 61.87 -43.03 -2.06
CBB HEM X . 62.69 -41.98 -2.23
C1C HEM X . 59.10 -45.89 0.23
C2C HEM X . 59.67 -46.75 1.23
C3C HEM X . 58.65 -47.26 1.95
C4C HEM X . 57.41 -46.74 1.42
CMC HEM X . 61.20 -46.97 1.35
CAC HEM X . 58.73 -48.24 3.12
CBC HEM X . 59.62 -48.05 4.08
C1D HEM X . 54.99 -46.28 1.55
C2D HEM X . 53.65 -46.55 2.00
C3D HEM X . 52.76 -45.48 1.37
C4D HEM X . 53.64 -44.64 0.60
CMD HEM X . 53.20 -47.69 2.92
CAD HEM X . 51.24 -45.30 1.55
CBD HEM X . 50.94 -44.28 2.63
CGD HEM X . 49.47 -44.36 2.94
O1D HEM X . 48.99 -45.52 3.13
O2D HEM X . 48.80 -43.30 2.98
NA HEM X . 55.35 -42.74 -0.83
NB HEM X . 58.20 -43.50 -1.16
NC HEM X . 57.73 -45.91 0.36
ND HEM X . 54.93 -45.15 0.73
FE HEM X . 56.56 -44.39 -0.18
CHA HEM Y . 30.65 -9.89 -4.90
CHB HEM Y . 29.37 -11.28 -9.32
CHC HEM Y . 26.32 -7.54 -9.38
CHD HEM Y . 26.96 -6.73 -4.66
C1A HEM Y . 30.63 -10.57 -6.08
C2A HEM Y . 31.51 -11.64 -6.46
C3A HEM Y . 31.17 -12.02 -7.70
C4A HEM Y . 30.05 -11.21 -8.12
CMA HEM Y . 31.82 -13.14 -8.53
CAA HEM Y . 32.63 -12.19 -5.56
CBA HEM Y . 32.11 -13.33 -4.70
CGA HEM Y . 33.29 -14.00 -4.02
O1A HEM Y . 34.42 -13.94 -4.59
O2A HEM Y . 33.09 -14.59 -2.91
C1B HEM Y . 28.42 -10.38 -9.77
C2B HEM Y . 27.77 -10.39 -11.05
C3B HEM Y . 26.91 -9.34 -11.08
C4B HEM Y . 27.02 -8.66 -9.79
CMB HEM Y . 28.06 -11.44 -12.15
CAB HEM Y . 25.96 -8.89 -12.21
CBB HEM Y . 25.89 -9.47 -13.43
C1C HEM Y . 26.10 -7.12 -8.07
C2C HEM Y . 24.94 -6.41 -7.56
C3C HEM Y . 25.10 -6.17 -6.25
C4C HEM Y . 26.38 -6.72 -5.89
CMC HEM Y . 23.71 -5.97 -8.39
CAC HEM Y . 24.11 -5.42 -5.32
CBC HEM Y . 22.88 -5.91 -5.12
C1D HEM Y . 28.06 -7.47 -4.30
C2D HEM Y . 28.69 -7.43 -3.01
C3D HEM Y . 29.84 -8.44 -3.10
C4D HEM Y . 29.78 -8.96 -4.42
CMD HEM Y . 28.25 -6.57 -1.80
CAD HEM Y . 30.87 -8.85 -2.03
CBD HEM Y . 30.19 -9.63 -0.94
CGD HEM Y . 31.28 -10.12 -0.04
O1D HEM Y . 31.95 -9.27 0.65
O2D HEM Y . 31.47 -11.38 -0.08
NA HEM Y . 29.75 -10.35 -7.11
NB HEM Y . 27.94 -9.33 -9.04
NC HEM Y . 26.95 -7.29 -6.99
ND HEM Y . 28.72 -8.38 -5.09
FE HEM Y . 28.35 -8.84 -7.00
CHA HEM Z . 59.75 -12.88 -3.42
CHB HEM Z . 60.69 -16.07 0.03
CHC HEM Z . 64.36 -13.21 1.45
CHD HEM Z . 64.08 -10.72 -2.71
C1A HEM Z . 59.63 -13.95 -2.61
C2A HEM Z . 58.55 -14.89 -2.60
C3A HEM Z . 58.78 -15.80 -1.63
C4A HEM Z . 60.04 -15.43 -1.01
CMA HEM Z . 57.90 -17.01 -1.27
CAA HEM Z . 57.38 -14.86 -3.61
CBA HEM Z . 57.95 -15.49 -4.88
CGA HEM Z . 56.87 -15.92 -5.82
O1A HEM Z . 55.72 -16.14 -5.30
O2A HEM Z . 57.12 -16.01 -7.06
C1B HEM Z . 61.76 -15.57 0.75
C2B HEM Z . 62.35 -16.16 1.91
C3B HEM Z . 63.36 -15.37 2.31
C4B HEM Z . 63.45 -14.25 1.39
CMB HEM Z . 61.81 -17.47 2.51
CAB HEM Z . 64.34 -15.51 3.52
CBB HEM Z . 64.42 -16.61 4.27
C1C HEM Z . 64.71 -12.38 0.40
C2C HEM Z . 65.96 -11.68 0.21
C3C HEM Z . 65.86 -11.01 -0.94
C4C HEM Z . 64.56 -11.22 -1.52
CMC HEM Z . 67.19 -11.71 1.14
CAC HEM Z . 66.95 -10.13 -1.57
CBC HEM Z . 67.76 -10.76 -2.44
C1D HEM Z . 62.89 -11.07 -3.31
C2D HEM Z . 62.37 -10.56 -4.58
C3D HEM Z . 61.01 -11.27 -4.75
C4D HEM Z . 60.86 -12.10 -3.60
CMD HEM Z . 63.01 -9.56 -5.58
CAD HEM Z . 59.97 -11.16 -5.84
CBD HEM Z . 60.55 -11.57 -7.16
CGD HEM Z . 59.52 -11.08 -8.13
O1D HEM Z . 59.51 -9.85 -8.42
O2D HEM Z . 58.69 -11.94 -8.55
NA HEM Z . 60.52 -14.30 -1.64
NB HEM Z . 62.46 -14.42 0.45
NC HEM Z . 63.90 -12.07 -0.67
ND HEM Z . 61.97 -11.95 -2.79
FE HEM Z . 62.21 -13.21 -1.18
CHA HEM AA . 31.58 -38.25 -19.07
CHB HEM AA . 28.20 -36.09 -16.36
CHC HEM AA . 24.85 -38.74 -18.61
CHD HEM AA . 28.03 -39.90 -22.00
C1A HEM AA . 31.00 -37.46 -18.08
C2A HEM AA . 31.63 -36.61 -17.08
C3A HEM AA . 30.65 -36.05 -16.35
C4A HEM AA . 29.40 -36.50 -16.86
CMA HEM AA . 30.77 -35.07 -15.16
CAA HEM AA . 33.14 -36.39 -16.86
CBA HEM AA . 33.63 -35.52 -17.99
CGA HEM AA . 35.05 -35.05 -17.78
O1A HEM AA . 35.55 -34.99 -16.60
O2A HEM AA . 35.71 -34.74 -18.81
C1B HEM AA . 26.99 -36.58 -16.73
C2B HEM AA . 25.70 -36.19 -16.22
C3B HEM AA . 24.78 -36.95 -16.85
C4B HEM AA . 25.46 -37.81 -17.78
CMB HEM AA . 25.49 -35.11 -15.14
CAB HEM AA . 23.25 -36.98 -16.72
CBB HEM AA . 22.62 -36.02 -16.06
C1C HEM AA . 25.37 -39.17 -19.80
C2C HEM AA . 24.64 -39.65 -20.96
C3C HEM AA . 25.53 -39.96 -21.90
C4C HEM AA . 26.84 -39.71 -21.37
CMC HEM AA . 23.11 -39.79 -21.08
CAC HEM AA . 25.24 -40.52 -23.30
CBC HEM AA . 25.04 -39.67 -24.29
C1D HEM AA . 29.28 -39.64 -21.48
C2D HEM AA . 30.50 -40.07 -22.11
C3D HEM AA . 31.63 -39.58 -21.22
C4D HEM AA . 30.97 -38.89 -20.13
CMD HEM AA . 30.65 -40.86 -23.43
CAD HEM AA . 33.10 -39.84 -21.55
CBD HEM AA . 33.72 -38.61 -22.17
CGD HEM AA . 35.21 -38.74 -22.12
O1D HEM AA . 35.74 -39.81 -22.54
O2D HEM AA . 35.86 -37.76 -21.64
NA HEM AA . 29.65 -37.35 -17.91
NB HEM AA . 26.81 -37.56 -17.67
NC HEM AA . 26.70 -39.24 -20.10
ND HEM AA . 29.61 -38.96 -20.31
FE HEM AA . 28.27 -38.27 -19.00
CHA HEM BA . 10.97 -32.13 51.71
CHB HEM BA . 8.61 -28.18 53.21
CHC HEM BA . 4.47 -30.49 52.18
CHD HEM BA . 6.85 -33.85 49.59
C1A HEM BA . 10.76 -30.88 52.23
C2A HEM BA . 11.73 -29.92 52.71
C3A HEM BA . 11.05 -28.82 53.13
C4A HEM BA . 9.64 -29.05 52.91
CMA HEM BA . 11.63 -27.51 53.73
CAA HEM BA . 13.29 -30.14 52.74
CBA HEM BA . 13.89 -30.06 51.34
CGA HEM BA . 15.34 -29.66 51.40
O1A HEM BA . 15.81 -29.39 52.55
O2A HEM BA . 16.05 -29.62 50.35
C1B HEM BA . 7.28 -28.46 53.13
C2B HEM BA . 6.18 -27.65 53.58
C3B HEM BA . 5.04 -28.28 53.30
C4B HEM BA . 5.37 -29.53 52.64
CMB HEM BA . 6.32 -26.26 54.27
CAB HEM BA . 3.59 -27.83 53.58
CBB HEM BA . 3.22 -26.58 53.37
C1C HEM BA . 4.70 -31.51 51.27
C2C HEM BA . 3.75 -32.20 50.43
C3C HEM BA . 4.41 -33.14 49.72
C4C HEM BA . 5.80 -33.08 50.07
CMC HEM BA . 2.23 -31.92 50.39
CAC HEM BA . 3.82 -34.12 48.69
CBC HEM BA . 3.59 -33.63 47.48
C1D HEM BA . 8.17 -33.74 49.99
C2D HEM BA . 9.21 -34.67 49.66
C3D HEM BA . 10.49 -34.16 50.31
C4D HEM BA . 10.11 -32.93 50.98
CMD HEM BA . 9.09 -35.95 48.81
CAD HEM BA . 11.87 -34.81 50.21
CBD HEM BA . 12.51 -34.31 48.91
CGD HEM BA . 13.90 -34.87 48.82
O1D HEM BA . 14.12 -36.10 49.08
O2D HEM BA . 14.79 -34.06 48.48
NA HEM BA . 9.51 -30.30 52.37
NB HEM BA . 6.74 -29.59 52.57
NC HEM BA . 5.93 -32.07 51.01
ND HEM BA . 8.74 -32.75 50.77
FE HEM BA . 7.73 -31.19 51.65
CHA HEM CA . 46.13 -11.43 54.73
CHB HEM CA . 46.87 -13.01 59.23
CHC HEM CA . 51.22 -10.82 59.11
CHD HEM CA . 50.88 -10.30 54.31
C1A HEM CA . 45.89 -11.97 55.94
C2A HEM CA . 44.61 -12.44 56.42
C3A HEM CA . 44.80 -12.87 57.68
C4A HEM CA . 46.21 -12.70 58.04
CMA HEM CA . 43.71 -13.48 58.58
CAA HEM CA . 43.32 -12.43 55.56
CBA HEM CA . 43.44 -13.49 54.46
CGA HEM CA . 42.08 -13.86 53.87
O1A HEM CA . 41.07 -13.30 54.40
O2A HEM CA . 42.03 -14.68 52.90
C1B HEM CA . 48.12 -12.53 59.63
C2B HEM CA . 48.77 -12.67 60.93
C3B HEM CA . 49.96 -12.06 60.87
C4B HEM CA . 50.13 -11.52 59.57
CMB HEM CA . 48.18 -13.40 62.15
CAB HEM CA . 51.03 -11.91 61.96
CBB HEM CA . 51.04 -12.69 63.05
C1C HEM CA . 51.57 -10.64 57.80
C2C HEM CA . 52.88 -10.45 57.29
C3C HEM CA . 52.81 -10.30 55.97
C4C HEM CA . 51.44 -10.39 55.58
CMC HEM CA . 54.12 -10.44 58.19
CAC HEM CA . 54.02 -10.09 55.02
CBC HEM CA . 54.95 -11.06 54.93
C1D HEM CA . 49.55 -10.47 53.97
C2D HEM CA . 48.93 -10.23 52.68
C3D HEM CA . 47.45 -10.58 52.85
C4D HEM CA . 47.33 -11.02 54.21
CMD HEM CA . 49.59 -9.73 51.38
CAD HEM CA . 46.31 -10.54 51.83
CBD HEM CA . 46.51 -11.65 50.80
CGD HEM CA . 45.34 -11.72 49.88
O1D HEM CA . 45.17 -10.78 49.06
O2D HEM CA . 44.60 -12.74 50.03
NA HEM CA . 46.82 -12.14 56.94
NB HEM CA . 49.00 -11.82 58.84
NC HEM CA . 50.71 -10.59 56.73
ND HEM CA . 48.55 -10.92 54.84
FE HEM CA . 48.77 -11.35 56.80
CHA HEM DA . 18.59 -1.47 52.85
CHB HEM DA . 16.32 -4.03 49.43
CHC HEM DA . 14.18 0.05 47.98
CHD HEM DA . 15.56 2.28 52.07
C1A HEM DA . 18.23 -2.49 52.05
C2A HEM DA . 18.84 -3.80 52.06
C3A HEM DA . 18.21 -4.52 51.10
C4A HEM DA . 17.19 -3.69 50.47
CMA HEM DA . 18.50 -5.99 50.74
CAA HEM DA . 19.99 -4.29 53.02
CBA HEM DA . 19.38 -4.50 54.43
CGA HEM DA . 20.21 -5.34 55.38
O1A HEM DA . 21.15 -6.05 54.86
O2A HEM DA . 19.94 -5.34 56.63
C1B HEM DA . 15.54 -3.16 48.70
C2B HEM DA . 14.71 -3.47 47.55
C3B HEM DA . 14.12 -2.34 47.15
C4B HEM DA . 14.54 -1.27 48.02
CMB HEM DA . 14.56 -4.86 46.92
CAB HEM DA . 13.16 -2.15 45.98
CBB HEM DA . 12.43 -3.17 45.53
C1C HEM DA . 14.25 0.98 49.00
C2C HEM DA . 13.46 2.17 49.18
C3C HEM DA . 13.84 2.77 50.30
C4C HEM DA . 14.89 2.00 50.89
CMC HEM DA . 12.37 2.67 48.20
CAC HEM DA . 13.24 4.05 50.87
CBC HEM DA . 11.96 3.95 51.26
C1D HEM DA . 16.56 1.52 52.65
C2D HEM DA . 17.32 1.85 53.84
C3D HEM DA . 18.26 0.67 54.07
C4D HEM DA . 17.97 -0.25 53.01
CMD HEM DA . 17.23 3.11 54.73
CAD HEM DA . 19.30 0.54 55.20
CBD HEM DA . 18.65 0.19 56.53
CGD HEM DA . 19.73 0.21 57.59
O1D HEM DA . 20.11 1.37 57.97
O2D HEM DA . 20.19 -0.91 57.98
NA HEM DA . 17.25 -2.46 51.08
NB HEM DA . 15.39 -1.82 48.95
NC HEM DA . 15.11 0.91 50.08
ND HEM DA . 16.98 0.27 52.20
FE HEM DA . 16.16 -0.77 50.57
CHA HEM EA . 33.11 -35.56 70.21
CHB HEM EA . 37.10 -35.31 67.49
CHC HEM EA . 39.05 -38.84 70.09
CHD HEM EA . 35.56 -38.40 73.36
C1A HEM EA . 33.99 -35.17 69.23
C2A HEM EA . 33.79 -34.17 68.19
C3A HEM EA . 34.90 -34.12 67.45
C4A HEM EA . 35.85 -35.08 67.99
CMA HEM EA . 35.17 -33.22 66.22
CAA HEM EA . 32.53 -33.32 67.95
CBA HEM EA . 32.51 -32.20 68.98
CGA HEM EA . 31.38 -31.24 68.70
O1A HEM EA . 30.78 -31.30 67.57
O2A HEM EA . 31.08 -30.41 69.62
C1B HEM EA . 37.99 -36.23 67.94
C2B HEM EA . 39.34 -36.48 67.44
C3B HEM EA . 39.88 -37.46 68.16
C4B HEM EA . 38.91 -37.85 69.15
CMB HEM EA . 40.00 -35.71 66.27
CAB HEM EA . 41.29 -38.09 68.02
CBB HEM EA . 42.36 -37.39 67.62
C1C HEM EA . 38.34 -38.96 71.26
C2C HEM EA . 38.79 -39.63 72.45
C3C HEM EA . 37.83 -39.52 73.36
C4C HEM EA . 36.74 -38.75 72.79
CMC HEM EA . 40.13 -40.37 72.66
CAC HEM EA . 37.94 -40.10 74.78
CBC HEM EA . 38.80 -39.48 75.61
C1D HEM EA . 34.56 -37.65 72.80
C2D HEM EA . 33.28 -37.42 73.42
C3D HEM EA . 32.53 -36.53 72.43
C4D HEM EA . 33.41 -36.32 71.32
CMD HEM EA . 32.80 -37.96 74.79
CAD HEM EA . 31.11 -35.98 72.59
CBD HEM EA . 31.11 -34.83 73.57
CGD HEM EA . 29.77 -34.20 73.36
O1D HEM EA . 28.74 -34.85 73.75
O2D HEM EA . 29.74 -33.09 72.76
NA HEM EA . 35.26 -35.68 69.08
NB HEM EA . 37.78 -37.08 68.99
NC HEM EA . 37.08 -38.43 71.52
ND HEM EA . 34.60 -36.98 71.58
FE HEM EA . 36.17 -37.02 70.35
#